data_8P2M
#
_entry.id   8P2M
#
_cell.length_a   1.00
_cell.length_b   1.00
_cell.length_c   1.00
_cell.angle_alpha   90.00
_cell.angle_beta   90.00
_cell.angle_gamma   90.00
#
_symmetry.space_group_name_H-M   'P 1'
#
_entity_poly.entity_id   1
_entity_poly.type   'polypeptide(L)'
_entity_poly.pdbx_seq_one_letter_code
;MSYHHHHHHDYDIPTTENLYFQGAMGSHMDELSPVDQRSTSGTARFLIQQDSVVNPSTKMSNTEQVAMMHTLKTKLSKYQ
AMMDKAFEEIAKVEDANIIEGCTIVRKLMRKVWNTPKVSADLANALCDYLRDRDYFDKLIKMFISPNTAACDQVRMECGK
VLEECTSSANLEYIVNKSYTKKIMIVAMKLNKTPDQQRLSLSLIGNLFKHSNAVSLSLIETDVIDHIILTFKRAPECPDI
LRHAALALANILLYTCFEGKKKIIQKKIPEWLFFLASQADDVTRYYACIAVCTIVSVKEFEPLVRKSDTMKLVEPFLQVH
DPATFARDYHKYAQGNTKEWLERLLPMLQPSRRREARSVAAFHFTLEATIKKEQNKLDVFQEIGAIQALKEVASSPDEVA
AKFASEALTVIGEEVPYKLAQQVPGWTCADVQYWVKKIGFEEYVEKFAKQMVDGDLLLQLTENDLKHDVGMISGLHRKRF
LRELQTLKVAADYSSVDESNLDNFLMGLSPELSVYTYQMLTNGVNRSLLSSLTDEMMQNACGITNPIHRLKLTQAFETAK
HPDDVEVAMLSKQIDVFISYRRSTGNQLASLIKVLLQLRGYRVFIDVDKLYAGKFDSSLLKNIQAAKHFILVLTPNSLDR
LLNDDNCEDWVHKELKCAFEHQKNIIPIFDTAFEFPTKEDQIPNDIRMITKYNGVKWVHDYQDACMAKVVRFITGELNRT
TPTTKEMPSISRKTTQQR
;
_entity_poly.pdbx_strand_id   A,B,C,D,E,F,G,H,I
#
# COMPACT_ATOMS: atom_id res chain seq x y z
N MET A 60 15.73 -72.24 42.23
CA MET A 60 16.42 -72.97 43.33
C MET A 60 15.36 -73.53 44.30
N SER A 61 15.56 -74.80 44.72
CA SER A 61 14.56 -75.49 45.55
C SER A 61 14.65 -75.10 47.04
N ASN A 62 13.59 -75.40 47.80
CA ASN A 62 13.67 -75.36 49.26
C ASN A 62 14.68 -76.41 49.78
N THR A 63 14.79 -77.58 49.13
CA THR A 63 15.82 -78.56 49.45
C THR A 63 17.19 -77.88 49.39
N GLU A 64 17.41 -77.04 48.37
CA GLU A 64 18.63 -76.26 48.24
C GLU A 64 18.72 -75.14 49.30
N GLN A 65 17.63 -74.47 49.67
CA GLN A 65 17.64 -73.53 50.78
C GLN A 65 18.13 -74.22 52.06
N VAL A 66 17.57 -75.40 52.32
CA VAL A 66 17.97 -76.26 53.43
C VAL A 66 19.44 -76.66 53.30
N ALA A 67 19.86 -77.13 52.13
CA ALA A 67 21.24 -77.55 51.89
C ALA A 67 22.21 -76.37 52.11
N MET A 68 21.84 -75.18 51.65
CA MET A 68 22.60 -73.98 51.87
C MET A 68 22.69 -73.66 53.35
N MET A 69 21.58 -73.59 54.07
CA MET A 69 21.54 -73.36 55.49
C MET A 69 22.42 -74.38 56.24
N HIS A 70 22.26 -75.66 55.89
CA HIS A 70 23.07 -76.74 56.45
C HIS A 70 24.57 -76.52 56.21
N THR A 71 24.90 -76.28 54.94
CA THR A 71 26.28 -76.04 54.53
C THR A 71 26.84 -74.82 55.27
N LEU A 72 26.07 -73.74 55.31
CA LEU A 72 26.42 -72.50 56.00
C LEU A 72 26.74 -72.82 57.46
N LYS A 73 25.82 -73.40 58.22
CA LYS A 73 26.03 -73.77 59.60
C LYS A 73 27.27 -74.65 59.77
N THR A 74 27.41 -75.66 58.90
CA THR A 74 28.52 -76.61 58.93
C THR A 74 29.86 -75.89 58.76
N LYS A 75 30.00 -75.20 57.61
CA LYS A 75 31.25 -74.55 57.26
C LYS A 75 31.53 -73.36 58.17
N LEU A 76 30.48 -72.69 58.66
CA LEU A 76 30.64 -71.67 59.68
C LEU A 76 31.31 -72.28 60.91
N SER A 77 30.78 -73.37 61.46
CA SER A 77 31.38 -74.07 62.59
C SER A 77 32.85 -74.38 62.33
N LYS A 78 33.13 -74.97 61.16
CA LYS A 78 34.50 -75.30 60.75
C LYS A 78 35.42 -74.07 60.72
N TYR A 79 35.01 -73.05 59.98
CA TYR A 79 35.82 -71.86 59.75
C TYR A 79 35.94 -70.99 61.00
N GLN A 80 34.95 -71.04 61.91
CA GLN A 80 35.07 -70.42 63.23
C GLN A 80 36.25 -71.04 63.97
N ALA A 81 36.31 -72.38 64.01
CA ALA A 81 37.40 -73.10 64.68
C ALA A 81 38.75 -72.77 64.04
N MET A 82 38.82 -72.82 62.70
CA MET A 82 40.06 -72.51 61.99
C MET A 82 40.50 -71.06 62.22
N MET A 83 39.53 -70.14 62.21
CA MET A 83 39.77 -68.74 62.52
C MET A 83 40.30 -68.58 63.95
N ASP A 84 39.75 -69.32 64.92
CA ASP A 84 40.27 -69.32 66.29
C ASP A 84 41.74 -69.70 66.31
N LYS A 85 42.12 -70.79 65.61
CA LYS A 85 43.51 -71.21 65.52
C LYS A 85 44.40 -70.10 64.97
N ALA A 86 43.95 -69.47 63.88
CA ALA A 86 44.66 -68.35 63.29
C ALA A 86 44.75 -67.17 64.26
N PHE A 87 43.68 -66.91 65.04
CA PHE A 87 43.68 -65.88 66.05
C PHE A 87 44.57 -66.20 67.25
N GLU A 88 44.77 -67.49 67.56
CA GLU A 88 45.75 -67.89 68.56
C GLU A 88 47.17 -67.55 68.10
N GLU A 89 47.47 -67.70 66.80
CA GLU A 89 48.73 -67.26 66.23
C GLU A 89 48.89 -65.73 66.30
N ILE A 90 47.82 -64.99 65.98
CA ILE A 90 47.82 -63.54 66.08
C ILE A 90 48.04 -63.11 67.54
N ALA A 91 47.33 -63.76 68.48
CA ALA A 91 47.38 -63.47 69.90
C ALA A 91 48.74 -63.75 70.58
N LYS A 92 49.65 -64.46 69.89
CA LYS A 92 51.03 -64.60 70.36
C LYS A 92 51.78 -63.27 70.31
N VAL A 93 51.33 -62.34 69.43
CA VAL A 93 51.95 -61.04 69.18
C VAL A 93 53.43 -61.20 68.83
N GLU A 94 53.70 -62.14 67.91
CA GLU A 94 55.00 -62.36 67.30
C GLU A 94 54.87 -62.33 65.79
N ASP A 95 55.82 -61.66 65.10
CA ASP A 95 55.67 -61.24 63.72
C ASP A 95 55.17 -62.34 62.79
N ALA A 96 55.92 -63.43 62.73
CA ALA A 96 55.63 -64.57 61.86
C ALA A 96 54.27 -65.22 62.19
N ASN A 97 53.91 -65.26 63.48
CA ASN A 97 52.66 -65.83 63.95
C ASN A 97 51.46 -64.97 63.54
N ILE A 98 51.59 -63.64 63.68
CA ILE A 98 50.55 -62.73 63.23
C ILE A 98 50.41 -62.84 61.70
N ILE A 99 51.53 -62.82 60.97
CA ILE A 99 51.59 -62.98 59.52
C ILE A 99 50.91 -64.29 59.08
N GLU A 100 51.27 -65.41 59.69
CA GLU A 100 50.72 -66.73 59.37
C GLU A 100 49.22 -66.79 59.70
N GLY A 101 48.82 -66.39 60.93
CA GLY A 101 47.43 -66.33 61.32
C GLY A 101 46.60 -65.50 60.34
N CYS A 102 47.04 -64.27 60.06
CA CYS A 102 46.39 -63.40 59.10
C CYS A 102 46.35 -64.02 57.70
N THR A 103 47.44 -64.68 57.27
CA THR A 103 47.49 -65.41 56.01
C THR A 103 46.40 -66.47 55.95
N ILE A 104 46.26 -67.27 57.02
CA ILE A 104 45.22 -68.28 57.15
C ILE A 104 43.83 -67.64 57.07
N VAL A 105 43.59 -66.57 57.84
CA VAL A 105 42.31 -65.87 57.83
C VAL A 105 41.99 -65.34 56.43
N ARG A 106 43.00 -64.76 55.76
CA ARG A 106 42.88 -64.24 54.39
C ARG A 106 42.47 -65.36 53.43
N LYS A 107 43.21 -66.48 53.44
CA LYS A 107 42.92 -67.65 52.61
C LYS A 107 41.51 -68.16 52.86
N LEU A 108 41.16 -68.33 54.15
CA LEU A 108 39.85 -68.76 54.62
C LEU A 108 38.77 -67.83 54.05
N MET A 109 38.91 -66.50 54.23
CA MET A 109 37.90 -65.55 53.80
C MET A 109 37.70 -65.56 52.29
N ARG A 110 38.80 -65.71 51.54
CA ARG A 110 38.74 -65.82 50.09
C ARG A 110 38.08 -67.13 49.66
N LYS A 111 38.46 -68.26 50.29
CA LYS A 111 37.85 -69.56 50.05
C LYS A 111 36.35 -69.51 50.34
N VAL A 112 35.97 -68.85 51.46
CA VAL A 112 34.59 -68.60 51.82
C VAL A 112 33.88 -67.82 50.71
N TRP A 113 34.48 -66.72 50.24
CA TRP A 113 33.89 -65.96 49.15
C TRP A 113 33.81 -66.74 47.84
N ASN A 114 34.72 -67.67 47.61
CA ASN A 114 34.73 -68.56 46.45
C ASN A 114 33.80 -69.77 46.60
N THR A 115 33.17 -69.96 47.78
CA THR A 115 32.24 -71.04 48.03
C THR A 115 30.99 -70.82 47.20
N PRO A 116 30.57 -71.80 46.34
CA PRO A 116 29.67 -71.54 45.22
C PRO A 116 28.38 -70.75 45.52
N LYS A 117 27.69 -71.07 46.63
CA LYS A 117 26.36 -70.58 46.90
C LYS A 117 26.27 -69.82 48.23
N VAL A 118 26.84 -70.42 49.29
CA VAL A 118 26.67 -69.87 50.64
C VAL A 118 27.62 -68.69 50.93
N SER A 119 28.48 -68.35 49.99
CA SER A 119 29.62 -67.44 50.14
C SER A 119 29.28 -66.17 50.93
N ALA A 120 28.24 -65.44 50.49
CA ALA A 120 27.89 -64.15 51.10
C ALA A 120 27.44 -64.34 52.56
N ASP A 121 26.54 -65.28 52.80
CA ASP A 121 26.02 -65.55 54.14
C ASP A 121 27.15 -65.99 55.07
N LEU A 122 28.01 -66.89 54.57
CA LEU A 122 29.13 -67.42 55.32
C LEU A 122 30.14 -66.34 55.67
N ALA A 123 30.45 -65.48 54.69
CA ALA A 123 31.26 -64.29 54.92
C ALA A 123 30.62 -63.40 56.00
N ASN A 124 29.33 -63.10 55.88
CA ASN A 124 28.61 -62.25 56.84
C ASN A 124 28.68 -62.84 58.24
N ALA A 125 28.36 -64.13 58.37
CA ALA A 125 28.39 -64.83 59.64
C ALA A 125 29.79 -64.79 60.28
N LEU A 126 30.84 -64.95 59.45
CA LEU A 126 32.21 -64.84 59.93
C LEU A 126 32.58 -63.40 60.28
N CYS A 127 32.11 -62.39 59.54
CA CYS A 127 32.28 -60.98 59.90
C CYS A 127 31.65 -60.70 61.27
N ASP A 128 30.45 -61.28 61.51
CA ASP A 128 29.79 -61.18 62.80
C ASP A 128 30.62 -61.85 63.88
N TYR A 129 31.05 -63.10 63.63
CA TYR A 129 31.90 -63.82 64.56
C TYR A 129 33.17 -63.04 64.90
N LEU A 130 33.82 -62.44 63.90
CA LEU A 130 35.02 -61.61 64.11
C LEU A 130 34.74 -60.44 65.06
N ARG A 131 33.57 -59.78 64.93
CA ARG A 131 33.20 -58.73 65.87
C ARG A 131 32.91 -59.31 67.26
N ASP A 132 32.13 -60.40 67.31
CA ASP A 132 31.68 -61.06 68.54
C ASP A 132 32.84 -61.59 69.37
N ARG A 133 33.89 -62.09 68.70
CA ARG A 133 35.12 -62.59 69.30
C ARG A 133 36.13 -61.48 69.59
N ASP A 134 35.80 -60.23 69.23
CA ASP A 134 36.69 -59.07 69.26
C ASP A 134 37.90 -59.22 68.35
N TYR A 135 37.98 -60.31 67.57
CA TYR A 135 39.01 -60.57 66.57
C TYR A 135 39.17 -59.39 65.61
N PHE A 136 38.03 -58.84 65.16
CA PHE A 136 38.01 -57.67 64.27
C PHE A 136 38.67 -56.44 64.92
N ASP A 137 38.29 -56.22 66.19
CA ASP A 137 38.78 -55.12 67.00
C ASP A 137 40.28 -55.22 67.22
N LYS A 138 40.74 -56.44 67.55
CA LYS A 138 42.13 -56.80 67.75
C LYS A 138 42.93 -56.55 66.48
N LEU A 139 42.45 -57.02 65.30
CA LEU A 139 43.07 -56.74 64.03
C LEU A 139 43.24 -55.24 63.79
N ILE A 140 42.18 -54.46 64.02
CA ILE A 140 42.21 -53.01 63.85
C ILE A 140 43.33 -52.38 64.69
N LYS A 141 43.31 -52.71 66.01
CA LYS A 141 44.27 -52.20 66.97
C LYS A 141 45.69 -52.58 66.60
N MET A 142 45.90 -53.86 66.23
CA MET A 142 47.20 -54.36 65.82
C MET A 142 47.71 -53.79 64.49
N PHE A 143 46.76 -53.35 63.65
CA PHE A 143 47.05 -52.75 62.34
C PHE A 143 47.50 -51.31 62.52
N ILE A 144 46.73 -50.54 63.34
CA ILE A 144 47.04 -49.12 63.54
C ILE A 144 48.22 -48.90 64.52
N SER A 145 48.58 -49.92 65.33
CA SER A 145 49.73 -49.85 66.21
C SER A 145 51.06 -49.36 65.60
N PRO A 146 51.72 -48.33 66.20
CA PRO A 146 52.97 -47.78 65.64
C PRO A 146 54.15 -48.76 65.71
N ASN A 147 54.09 -49.67 66.69
CA ASN A 147 55.07 -50.72 66.91
C ASN A 147 55.21 -51.65 65.70
N THR A 148 54.16 -51.71 64.85
CA THR A 148 54.10 -52.53 63.65
C THR A 148 55.24 -52.20 62.66
N ALA A 149 55.91 -51.04 62.79
CA ALA A 149 57.10 -50.72 61.97
C ALA A 149 58.26 -51.74 62.15
N ALA A 150 58.21 -52.55 63.22
CA ALA A 150 59.12 -53.67 63.44
C ALA A 150 59.07 -54.69 62.29
N CYS A 151 57.89 -54.85 61.66
CA CYS A 151 57.68 -55.70 60.50
C CYS A 151 56.43 -55.25 59.72
N ASP A 152 56.64 -54.55 58.60
CA ASP A 152 55.56 -54.01 57.80
C ASP A 152 54.65 -55.12 57.24
N GLN A 153 55.22 -56.33 57.06
CA GLN A 153 54.45 -57.49 56.60
C GLN A 153 53.36 -57.88 57.59
N VAL A 154 53.54 -57.63 58.90
CA VAL A 154 52.47 -57.77 59.89
C VAL A 154 51.30 -56.84 59.54
N ARG A 155 51.60 -55.55 59.32
CA ARG A 155 50.60 -54.57 58.95
C ARG A 155 49.90 -54.98 57.66
N MET A 156 50.69 -55.47 56.67
CA MET A 156 50.15 -55.94 55.40
C MET A 156 49.12 -57.06 55.60
N GLU A 157 49.49 -58.14 56.30
CA GLU A 157 48.60 -59.28 56.47
C GLU A 157 47.37 -58.90 57.31
N CYS A 158 47.55 -58.13 58.40
CA CYS A 158 46.43 -57.58 59.16
C CYS A 158 45.47 -56.81 58.26
N GLY A 159 46.06 -55.90 57.44
CA GLY A 159 45.30 -55.07 56.52
C GLY A 159 44.56 -55.87 55.47
N LYS A 160 45.21 -56.88 54.85
CA LYS A 160 44.56 -57.76 53.87
C LYS A 160 43.35 -58.45 54.47
N VAL A 161 43.50 -58.99 55.68
CA VAL A 161 42.38 -59.60 56.40
C VAL A 161 41.26 -58.58 56.63
N LEU A 162 41.62 -57.41 57.15
CA LEU A 162 40.65 -56.32 57.35
C LEU A 162 39.91 -55.99 56.05
N GLU A 163 40.65 -55.90 54.94
CA GLU A 163 40.12 -55.74 53.58
C GLU A 163 39.07 -56.81 53.28
N GLU A 164 39.36 -58.10 53.48
CA GLU A 164 38.39 -59.18 53.29
C GLU A 164 37.17 -58.98 54.18
N CYS A 165 37.38 -58.46 55.39
CA CYS A 165 36.38 -58.38 56.44
C CYS A 165 35.62 -57.05 56.45
N THR A 166 35.87 -56.15 55.49
CA THR A 166 35.18 -54.88 55.36
C THR A 166 33.73 -55.03 54.82
N SER A 167 32.93 -55.90 55.45
CA SER A 167 31.48 -55.95 55.27
C SER A 167 30.86 -54.64 55.74
N SER A 168 29.62 -54.32 55.28
CA SER A 168 28.94 -53.08 55.62
C SER A 168 28.85 -52.88 57.13
N ALA A 169 28.50 -53.94 57.88
CA ALA A 169 28.40 -53.93 59.33
C ALA A 169 29.76 -53.74 60.01
N ASN A 170 30.83 -54.30 59.42
CA ASN A 170 32.21 -54.13 59.89
C ASN A 170 32.72 -52.70 59.66
N LEU A 171 32.40 -52.12 58.52
CA LEU A 171 32.68 -50.71 58.26
C LEU A 171 31.90 -49.79 59.19
N GLU A 172 30.63 -50.13 59.43
CA GLU A 172 29.83 -49.46 60.42
C GLU A 172 30.42 -49.54 61.82
N TYR A 173 30.92 -50.71 62.21
CA TYR A 173 31.66 -50.92 63.46
C TYR A 173 32.87 -49.98 63.55
N ILE A 174 33.69 -49.94 62.49
CA ILE A 174 34.83 -49.03 62.38
C ILE A 174 34.43 -47.58 62.62
N VAL A 175 33.32 -47.15 62.02
CA VAL A 175 32.75 -45.81 62.14
C VAL A 175 32.23 -45.55 63.57
N ASN A 176 31.50 -46.53 64.14
CA ASN A 176 30.97 -46.46 65.50
C ASN A 176 32.07 -46.34 66.56
N LYS A 177 33.20 -47.03 66.35
CA LYS A 177 34.38 -46.98 67.21
C LYS A 177 35.36 -45.84 66.82
N SER A 178 35.03 -45.07 65.77
CA SER A 178 35.77 -43.92 65.27
C SER A 178 37.21 -44.25 64.82
N TYR A 179 37.47 -45.51 64.45
CA TYR A 179 38.79 -45.93 63.98
C TYR A 179 39.13 -45.39 62.58
N THR A 180 38.13 -44.80 61.89
CA THR A 180 38.12 -44.52 60.44
C THR A 180 39.38 -43.77 60.00
N LYS A 181 39.66 -42.60 60.60
CA LYS A 181 40.79 -41.76 60.23
C LYS A 181 42.14 -42.40 60.60
N LYS A 182 42.20 -43.13 61.70
CA LYS A 182 43.36 -43.89 62.15
C LYS A 182 43.73 -44.91 61.06
N ILE A 183 42.76 -45.71 60.62
CA ILE A 183 42.93 -46.69 59.55
C ILE A 183 43.35 -45.99 58.25
N MET A 184 42.69 -44.88 57.89
CA MET A 184 42.97 -44.12 56.69
C MET A 184 44.43 -43.66 56.63
N ILE A 185 44.92 -43.00 57.70
CA ILE A 185 46.29 -42.51 57.78
C ILE A 185 47.29 -43.67 57.64
N VAL A 186 47.01 -44.78 58.34
CA VAL A 186 47.86 -45.96 58.31
C VAL A 186 47.85 -46.63 56.92
N ALA A 187 46.70 -46.60 56.21
CA ALA A 187 46.64 -46.97 54.80
C ALA A 187 47.52 -46.03 53.95
N MET A 188 47.48 -44.72 54.19
CA MET A 188 48.34 -43.77 53.48
C MET A 188 49.84 -44.02 53.77
N LYS A 189 50.17 -44.54 54.97
CA LYS A 189 51.52 -44.97 55.33
C LYS A 189 51.94 -46.27 54.63
N LEU A 190 50.96 -47.14 54.26
CA LEU A 190 51.23 -48.28 53.42
C LEU A 190 51.52 -47.89 51.98
N ASN A 191 52.80 -47.54 51.72
CA ASN A 191 53.13 -46.94 50.42
C ASN A 191 54.46 -47.41 49.84
N LYS A 192 55.24 -48.21 50.59
CA LYS A 192 56.64 -48.53 50.29
C LYS A 192 56.78 -49.48 49.10
N THR A 193 55.72 -50.27 48.78
CA THR A 193 55.75 -51.20 47.66
C THR A 193 54.42 -51.19 46.91
N PRO A 194 54.33 -51.66 45.64
CA PRO A 194 53.05 -51.83 44.96
C PRO A 194 52.02 -52.68 45.72
N ASP A 195 52.48 -53.67 46.49
CA ASP A 195 51.61 -54.47 47.35
C ASP A 195 50.98 -53.60 48.44
N GLN A 196 51.80 -52.83 49.15
CA GLN A 196 51.34 -51.89 50.17
C GLN A 196 50.34 -50.90 49.57
N GLN A 197 50.69 -50.36 48.40
CA GLN A 197 49.88 -49.40 47.65
C GLN A 197 48.53 -49.99 47.25
N ARG A 198 48.50 -51.24 46.76
CA ARG A 198 47.26 -51.94 46.43
C ARG A 198 46.40 -52.13 47.67
N LEU A 199 46.99 -52.65 48.74
CA LEU A 199 46.29 -52.84 50.00
C LEU A 199 45.72 -51.51 50.53
N SER A 200 46.55 -50.48 50.48
CA SER A 200 46.19 -49.12 50.86
C SER A 200 44.93 -48.67 50.09
N LEU A 201 45.01 -48.64 48.76
CA LEU A 201 43.90 -48.29 47.89
C LEU A 201 42.67 -49.17 48.17
N SER A 202 42.88 -50.45 48.51
CA SER A 202 41.81 -51.35 48.89
C SER A 202 41.09 -50.88 50.14
N LEU A 203 41.85 -50.73 51.25
CA LEU A 203 41.26 -50.31 52.52
C LEU A 203 40.58 -48.95 52.38
N ILE A 204 41.25 -48.00 51.72
CA ILE A 204 40.73 -46.70 51.36
C ILE A 204 39.38 -46.83 50.62
N GLY A 205 39.37 -47.59 49.53
CA GLY A 205 38.15 -47.86 48.77
C GLY A 205 37.04 -48.55 49.54
N ASN A 206 37.43 -49.41 50.47
CA ASN A 206 36.48 -50.10 51.34
C ASN A 206 35.84 -49.15 52.34
N LEU A 207 36.63 -48.24 52.95
CA LEU A 207 36.10 -47.18 53.80
C LEU A 207 35.07 -46.33 53.04
N PHE A 208 35.34 -46.08 51.76
CA PHE A 208 34.43 -45.36 50.87
C PHE A 208 33.13 -46.11 50.53
N LYS A 209 32.85 -47.27 51.15
CA LYS A 209 31.60 -47.97 50.93
C LYS A 209 30.56 -47.70 52.02
N HIS A 210 30.51 -46.48 52.48
CA HIS A 210 29.78 -46.08 53.71
C HIS A 210 29.25 -44.64 53.47
N SER A 211 28.21 -44.30 54.26
CA SER A 211 27.31 -43.18 54.09
C SER A 211 27.99 -41.82 53.89
N ASN A 212 27.27 -40.87 53.25
CA ASN A 212 27.82 -39.65 52.62
C ASN A 212 28.78 -38.89 53.57
N ALA A 213 28.36 -38.68 54.83
CA ALA A 213 29.09 -37.94 55.83
C ALA A 213 30.49 -38.51 56.08
N VAL A 214 30.62 -39.84 56.10
CA VAL A 214 31.88 -40.54 56.30
C VAL A 214 32.83 -40.27 55.12
N SER A 215 32.35 -40.48 53.88
CA SER A 215 33.11 -40.20 52.68
C SER A 215 33.58 -38.75 52.64
N LEU A 216 32.67 -37.80 52.92
CA LEU A 216 32.96 -36.36 52.96
C LEU A 216 34.04 -36.05 54.00
N SER A 217 33.92 -36.63 55.21
CA SER A 217 34.91 -36.52 56.28
C SER A 217 36.29 -37.02 55.83
N LEU A 218 36.31 -38.13 55.07
CA LEU A 218 37.56 -38.68 54.56
C LEU A 218 38.17 -37.86 53.43
N ILE A 219 37.36 -37.12 52.65
CA ILE A 219 37.89 -36.18 51.66
C ILE A 219 38.84 -35.16 52.30
N GLU A 220 38.58 -34.77 53.57
CA GLU A 220 39.43 -33.83 54.28
C GLU A 220 40.89 -34.31 54.47
N THR A 221 41.14 -35.62 54.29
CA THR A 221 42.47 -36.20 54.39
C THR A 221 43.31 -35.96 53.13
N ASP A 222 42.68 -35.48 52.04
CA ASP A 222 43.33 -35.27 50.74
C ASP A 222 43.87 -36.59 50.15
N VAL A 223 43.32 -37.74 50.63
CA VAL A 223 43.81 -39.04 50.17
C VAL A 223 43.65 -39.21 48.65
N ILE A 224 42.75 -38.44 48.02
CA ILE A 224 42.56 -38.44 46.57
C ILE A 224 43.88 -38.15 45.84
N ASP A 225 44.64 -37.16 46.33
CA ASP A 225 45.95 -36.82 45.78
C ASP A 225 46.94 -37.97 46.00
N HIS A 226 46.89 -38.62 47.17
CA HIS A 226 47.67 -39.80 47.48
C HIS A 226 47.32 -40.96 46.52
N ILE A 227 46.03 -41.16 46.21
CA ILE A 227 45.54 -42.17 45.28
C ILE A 227 46.14 -41.90 43.90
N ILE A 228 45.98 -40.65 43.43
CA ILE A 228 46.47 -40.21 42.13
C ILE A 228 47.97 -40.48 42.04
N LEU A 229 48.74 -39.97 43.01
CA LEU A 229 50.16 -40.20 43.07
C LEU A 229 50.53 -41.69 43.10
N THR A 230 49.75 -42.52 43.81
CA THR A 230 49.98 -43.96 43.92
C THR A 230 49.88 -44.65 42.55
N PHE A 231 48.78 -44.45 41.83
CA PHE A 231 48.64 -45.07 40.51
C PHE A 231 49.57 -44.42 39.47
N LYS A 232 49.88 -43.14 39.62
CA LYS A 232 50.85 -42.42 38.79
C LYS A 232 52.28 -42.99 38.96
N ARG A 233 52.62 -43.38 40.19
CA ARG A 233 53.89 -44.01 40.55
C ARG A 233 53.97 -45.43 39.98
N ALA A 234 52.88 -46.21 40.09
CA ALA A 234 52.90 -47.65 39.82
C ALA A 234 51.80 -48.10 38.83
N PRO A 235 51.74 -47.55 37.59
CA PRO A 235 50.78 -47.99 36.58
C PRO A 235 51.10 -49.39 36.03
N GLU A 236 52.29 -49.92 36.36
CA GLU A 236 52.73 -51.28 36.10
C GLU A 236 51.85 -52.35 36.76
N CYS A 237 51.09 -51.97 37.80
CA CYS A 237 50.21 -52.88 38.50
C CYS A 237 48.74 -52.66 38.14
N PRO A 238 48.09 -53.59 37.39
CA PRO A 238 46.65 -53.52 37.12
C PRO A 238 45.82 -53.49 38.40
N ASP A 239 46.27 -54.21 39.44
CA ASP A 239 45.54 -54.32 40.69
C ASP A 239 45.49 -52.99 41.44
N ILE A 240 46.54 -52.15 41.32
CA ILE A 240 46.54 -50.79 41.82
C ILE A 240 45.46 -49.98 41.10
N LEU A 241 45.43 -50.05 39.76
CA LEU A 241 44.45 -49.35 38.96
C LEU A 241 43.03 -49.80 39.31
N ARG A 242 42.82 -51.10 39.55
CA ARG A 242 41.55 -51.68 40.02
C ARG A 242 41.14 -51.04 41.34
N HIS A 243 42.03 -51.10 42.35
CA HIS A 243 41.67 -50.62 43.68
C HIS A 243 41.50 -49.08 43.70
N ALA A 244 42.23 -48.37 42.82
CA ALA A 244 42.03 -46.94 42.60
C ALA A 244 40.65 -46.67 42.00
N ALA A 245 40.34 -47.29 40.87
CA ALA A 245 39.08 -47.12 40.16
C ALA A 245 37.90 -47.50 41.06
N LEU A 246 38.06 -48.61 41.83
CA LEU A 246 37.17 -49.03 42.90
C LEU A 246 36.94 -47.90 43.93
N ALA A 247 38.04 -47.35 44.48
CA ALA A 247 37.98 -46.29 45.47
C ALA A 247 37.21 -45.09 44.95
N LEU A 248 37.50 -44.69 43.71
CA LEU A 248 36.83 -43.58 43.03
C LEU A 248 35.36 -43.86 42.79
N ALA A 249 35.03 -45.05 42.28
CA ALA A 249 33.64 -45.46 42.08
C ALA A 249 32.87 -45.42 43.41
N ASN A 250 33.44 -46.04 44.45
CA ASN A 250 32.85 -46.12 45.77
C ASN A 250 32.63 -44.72 46.34
N ILE A 251 33.67 -43.89 46.41
CA ILE A 251 33.54 -42.57 47.02
C ILE A 251 32.51 -41.73 46.28
N LEU A 252 32.52 -41.72 44.94
CA LEU A 252 31.56 -40.98 44.15
C LEU A 252 30.13 -41.46 44.41
N LEU A 253 29.94 -42.78 44.49
CA LEU A 253 28.65 -43.38 44.75
C LEU A 253 28.16 -43.12 46.19
N TYR A 254 29.11 -42.95 47.13
CA TYR A 254 28.85 -42.77 48.54
C TYR A 254 29.23 -41.36 49.05
N THR A 255 28.97 -40.32 48.23
CA THR A 255 29.20 -38.94 48.66
C THR A 255 28.12 -37.98 48.14
N CYS A 256 27.89 -36.89 48.89
CA CYS A 256 27.04 -35.76 48.58
C CYS A 256 27.59 -34.92 47.41
N PHE A 257 26.78 -33.91 47.01
CA PHE A 257 27.13 -32.94 45.98
C PHE A 257 28.42 -32.20 46.29
N GLU A 258 28.58 -31.73 47.53
CA GLU A 258 29.74 -30.98 47.99
C GLU A 258 31.04 -31.77 47.85
N GLY A 259 31.01 -33.02 48.32
CA GLY A 259 32.12 -33.95 48.21
C GLY A 259 32.47 -34.29 46.74
N LYS A 260 31.43 -34.52 45.92
CA LYS A 260 31.56 -34.72 44.48
C LYS A 260 32.28 -33.53 43.85
N LYS A 261 31.85 -32.30 44.19
CA LYS A 261 32.49 -31.06 43.75
C LYS A 261 33.96 -31.01 44.13
N LYS A 262 34.32 -31.34 45.38
CA LYS A 262 35.70 -31.45 45.85
C LYS A 262 36.53 -32.47 45.04
N ILE A 263 35.95 -33.65 44.77
CA ILE A 263 36.56 -34.71 43.97
C ILE A 263 36.83 -34.20 42.54
N ILE A 264 35.87 -33.50 41.95
CA ILE A 264 36.00 -32.84 40.64
C ILE A 264 37.14 -31.81 40.67
N GLN A 265 37.26 -31.05 41.75
CA GLN A 265 38.33 -30.06 41.98
C GLN A 265 39.70 -30.76 42.05
N LYS A 266 39.76 -32.03 42.49
CA LYS A 266 40.99 -32.84 42.29
C LYS A 266 41.14 -33.36 40.86
N LYS A 267 40.33 -32.94 39.94
CA LYS A 267 40.33 -33.21 38.49
C LYS A 267 40.33 -34.71 38.16
N ILE A 268 39.50 -35.39 38.95
CA ILE A 268 39.23 -36.81 38.81
C ILE A 268 38.62 -37.18 37.46
N PRO A 269 37.73 -36.41 36.79
CA PRO A 269 37.32 -36.71 35.42
C PRO A 269 38.47 -36.97 34.45
N GLU A 270 39.54 -36.12 34.52
CA GLU A 270 40.76 -36.40 33.74
C GLU A 270 41.48 -37.72 34.05
N TRP A 271 41.62 -37.99 35.35
CA TRP A 271 42.20 -39.24 35.82
C TRP A 271 41.34 -40.45 35.48
N LEU A 272 39.99 -40.26 35.44
CA LEU A 272 39.10 -41.28 34.97
C LEU A 272 39.24 -41.56 33.49
N PHE A 273 39.62 -40.58 32.67
CA PHE A 273 40.04 -40.84 31.30
C PHE A 273 41.22 -41.81 31.25
N PHE A 274 42.26 -41.50 32.02
CA PHE A 274 43.44 -42.35 32.19
C PHE A 274 43.02 -43.75 32.59
N LEU A 275 42.24 -43.89 33.68
CA LEU A 275 41.77 -45.16 34.21
C LEU A 275 40.93 -45.95 33.20
N ALA A 276 39.98 -45.30 32.52
CA ALA A 276 39.15 -45.92 31.47
C ALA A 276 39.96 -46.29 30.23
N SER A 277 41.13 -45.67 30.05
CA SER A 277 42.09 -45.99 28.98
C SER A 277 43.09 -47.05 29.40
N GLN A 278 43.10 -47.57 30.61
CA GLN A 278 43.87 -48.76 30.99
C GLN A 278 43.39 -49.99 30.22
N ALA A 279 44.29 -50.95 29.95
CA ALA A 279 43.93 -52.17 29.22
C ALA A 279 43.07 -53.15 30.07
N ASP A 280 43.12 -52.96 31.39
CA ASP A 280 42.40 -53.76 32.37
C ASP A 280 40.90 -53.46 32.38
N ASP A 281 40.11 -54.47 32.00
CA ASP A 281 38.65 -54.37 31.97
C ASP A 281 38.03 -54.08 33.34
N VAL A 282 38.63 -54.53 34.44
CA VAL A 282 38.08 -54.29 35.77
C VAL A 282 38.26 -52.83 36.18
N THR A 283 39.48 -52.29 35.96
CA THR A 283 39.73 -50.86 36.07
C THR A 283 38.77 -50.07 35.18
N ARG A 284 38.61 -50.47 33.92
CA ARG A 284 37.73 -49.77 32.99
C ARG A 284 36.27 -49.79 33.46
N TYR A 285 35.78 -50.96 33.92
CA TYR A 285 34.45 -51.09 34.49
C TYR A 285 34.21 -50.09 35.63
N TYR A 286 35.10 -50.11 36.63
CA TYR A 286 35.01 -49.18 37.74
C TYR A 286 35.12 -47.72 37.29
N ALA A 287 36.03 -47.43 36.34
CA ALA A 287 36.21 -46.08 35.81
C ALA A 287 34.95 -45.60 35.09
N CYS A 288 34.31 -46.48 34.30
CA CYS A 288 33.06 -46.19 33.62
C CYS A 288 31.93 -45.89 34.62
N ILE A 289 31.83 -46.71 35.70
CA ILE A 289 30.89 -46.47 36.77
C ILE A 289 31.14 -45.10 37.43
N ALA A 290 32.41 -44.84 37.81
CA ALA A 290 32.82 -43.62 38.48
C ALA A 290 32.46 -42.39 37.62
N VAL A 291 32.85 -42.39 36.33
CA VAL A 291 32.56 -41.25 35.49
C VAL A 291 31.07 -41.12 35.24
N CYS A 292 30.36 -42.26 35.05
CA CYS A 292 28.93 -42.19 34.86
C CYS A 292 28.18 -41.70 36.11
N THR A 293 28.76 -41.92 37.30
CA THR A 293 28.26 -41.35 38.54
C THR A 293 28.37 -39.81 38.48
N ILE A 294 29.51 -39.30 37.99
CA ILE A 294 29.72 -37.87 37.77
C ILE A 294 28.74 -37.32 36.72
N VAL A 295 28.65 -38.01 35.55
CA VAL A 295 27.81 -37.68 34.41
C VAL A 295 26.32 -37.66 34.78
N SER A 296 25.93 -38.41 35.84
CA SER A 296 24.56 -38.39 36.33
C SER A 296 24.15 -37.04 36.93
N VAL A 297 25.14 -36.11 37.15
CA VAL A 297 24.86 -34.74 37.54
C VAL A 297 25.10 -33.79 36.35
N LYS A 298 24.05 -33.03 35.96
CA LYS A 298 24.04 -32.09 34.84
C LYS A 298 25.27 -31.20 34.76
N GLU A 299 25.62 -30.53 35.88
CA GLU A 299 26.69 -29.54 36.00
C GLU A 299 28.08 -30.09 35.70
N PHE A 300 28.22 -31.42 35.75
CA PHE A 300 29.53 -32.07 35.61
C PHE A 300 29.67 -32.79 34.26
N GLU A 301 28.57 -32.94 33.49
CA GLU A 301 28.65 -33.48 32.13
C GLU A 301 29.67 -32.72 31.27
N PRO A 302 29.70 -31.36 31.22
CA PRO A 302 30.71 -30.63 30.45
C PRO A 302 32.15 -30.92 30.90
N LEU A 303 32.35 -31.14 32.21
CA LEU A 303 33.67 -31.41 32.77
C LEU A 303 34.16 -32.80 32.32
N VAL A 304 33.24 -33.78 32.29
CA VAL A 304 33.55 -35.11 31.76
C VAL A 304 33.68 -35.08 30.24
N ARG A 305 32.91 -34.24 29.53
CA ARG A 305 33.05 -34.05 28.09
C ARG A 305 34.45 -33.52 27.76
N LYS A 306 34.94 -32.54 28.56
CA LYS A 306 36.29 -32.01 28.50
C LYS A 306 37.36 -33.07 28.81
N SER A 307 37.05 -34.03 29.68
CA SER A 307 37.89 -35.19 29.92
C SER A 307 37.90 -36.21 28.75
N ASP A 308 36.91 -36.13 27.87
CA ASP A 308 36.61 -37.09 26.80
C ASP A 308 36.13 -38.47 27.28
N THR A 309 36.08 -38.71 28.61
CA THR A 309 35.91 -40.08 29.12
C THR A 309 34.63 -40.77 28.68
N MET A 310 33.51 -40.01 28.48
CA MET A 310 32.25 -40.57 28.03
C MET A 310 32.40 -41.38 26.73
N LYS A 311 33.36 -40.95 25.86
CA LYS A 311 33.58 -41.55 24.55
C LYS A 311 34.14 -42.97 24.65
N LEU A 312 34.84 -43.31 25.75
CA LEU A 312 35.32 -44.66 26.01
C LEU A 312 34.21 -45.62 26.49
N VAL A 313 33.18 -45.08 27.14
CA VAL A 313 32.19 -45.82 27.95
C VAL A 313 31.46 -46.85 27.09
N GLU A 314 30.72 -46.40 26.07
CA GLU A 314 29.90 -47.32 25.30
C GLU A 314 30.75 -48.36 24.56
N PRO A 315 31.89 -48.00 23.88
CA PRO A 315 32.82 -48.98 23.34
C PRO A 315 33.29 -50.03 24.33
N PHE A 316 33.63 -49.61 25.55
CA PHE A 316 34.01 -50.53 26.61
C PHE A 316 32.91 -51.56 26.90
N LEU A 317 31.64 -51.09 26.99
CA LEU A 317 30.51 -51.97 27.20
C LEU A 317 30.30 -52.90 25.99
N GLN A 318 30.40 -52.35 24.77
CA GLN A 318 30.15 -53.05 23.52
C GLN A 318 31.07 -54.26 23.32
N VAL A 319 32.33 -54.18 23.77
CA VAL A 319 33.32 -55.24 23.63
C VAL A 319 33.24 -56.29 24.77
N HIS A 320 32.17 -56.27 25.57
CA HIS A 320 31.93 -57.22 26.64
C HIS A 320 30.50 -57.76 26.66
N ASP A 321 30.44 -59.01 27.21
CA ASP A 321 29.14 -59.55 27.61
C ASP A 321 29.07 -59.61 29.14
N PRO A 322 28.03 -59.02 29.78
CA PRO A 322 28.02 -58.89 31.23
C PRO A 322 28.24 -60.18 32.01
N ALA A 323 27.74 -61.34 31.53
CA ALA A 323 27.94 -62.61 32.21
C ALA A 323 29.40 -63.09 32.11
N THR A 324 30.05 -62.89 30.96
CA THR A 324 31.46 -63.21 30.79
C THR A 324 32.31 -62.33 31.70
N PHE A 325 31.99 -61.03 31.72
CA PHE A 325 32.68 -60.09 32.59
C PHE A 325 32.42 -60.42 34.06
N ALA A 326 31.21 -60.85 34.42
CA ALA A 326 30.88 -61.30 35.77
C ALA A 326 31.82 -62.42 36.21
N ARG A 327 32.06 -63.41 35.35
CA ARG A 327 32.94 -64.53 35.62
C ARG A 327 34.39 -64.10 35.74
N ASP A 328 34.80 -63.05 35.04
CA ASP A 328 36.13 -62.45 35.14
C ASP A 328 36.28 -61.66 36.45
N TYR A 329 35.22 -60.92 36.77
CA TYR A 329 35.14 -59.96 37.86
C TYR A 329 34.90 -60.65 39.21
N HIS A 330 34.45 -61.92 39.22
CA HIS A 330 33.93 -62.58 40.43
C HIS A 330 34.74 -62.33 41.70
N LYS A 331 36.07 -62.51 41.63
CA LYS A 331 36.95 -62.32 42.80
C LYS A 331 36.88 -60.92 43.40
N TYR A 332 36.45 -59.94 42.59
CA TYR A 332 36.23 -58.55 43.02
C TYR A 332 34.74 -58.22 43.22
N ALA A 333 33.86 -59.00 42.59
CA ALA A 333 32.42 -58.92 42.77
C ALA A 333 31.98 -59.38 44.16
N GLN A 334 32.77 -60.29 44.77
CA GLN A 334 32.58 -60.74 46.13
C GLN A 334 32.46 -59.56 47.10
N GLY A 335 31.28 -59.40 47.73
CA GLY A 335 31.05 -58.25 48.61
C GLY A 335 30.42 -57.00 47.98
N ASN A 336 29.97 -57.08 46.72
CA ASN A 336 29.05 -56.08 46.14
C ASN A 336 27.73 -56.07 46.93
N THR A 337 27.15 -54.90 47.21
CA THR A 337 26.19 -54.70 48.30
C THR A 337 24.86 -54.05 47.87
N LYS A 338 23.80 -54.33 48.63
CA LYS A 338 22.43 -53.88 48.32
C LYS A 338 22.38 -52.35 48.25
N GLU A 339 22.89 -51.66 49.30
CA GLU A 339 22.84 -50.21 49.38
C GLU A 339 23.63 -49.55 48.24
N TRP A 340 24.72 -50.18 47.82
CA TRP A 340 25.55 -49.76 46.73
C TRP A 340 24.79 -49.92 45.39
N LEU A 341 23.99 -50.97 45.26
CA LEU A 341 23.00 -51.11 44.18
C LEU A 341 21.91 -50.03 44.24
N GLU A 342 21.33 -49.76 45.42
CA GLU A 342 20.30 -48.75 45.62
C GLU A 342 20.81 -47.36 45.18
N ARG A 343 22.10 -47.09 45.37
CA ARG A 343 22.74 -45.85 44.96
C ARG A 343 23.03 -45.81 43.45
N LEU A 344 23.21 -46.99 42.82
CA LEU A 344 23.37 -47.10 41.37
C LEU A 344 22.03 -47.04 40.63
N LEU A 345 20.92 -47.43 41.28
CA LEU A 345 19.59 -47.45 40.70
C LEU A 345 19.20 -46.14 39.98
N PRO A 346 19.38 -44.94 40.59
CA PRO A 346 19.16 -43.66 39.90
C PRO A 346 19.84 -43.47 38.55
N MET A 347 20.92 -44.19 38.27
CA MET A 347 21.65 -44.09 37.00
C MET A 347 20.91 -44.79 35.85
N LEU A 348 19.90 -45.63 36.14
CA LEU A 348 18.98 -46.18 35.14
C LEU A 348 17.95 -45.16 34.69
N GLN A 349 17.72 -44.07 35.43
CA GLN A 349 16.56 -43.19 35.20
C GLN A 349 16.59 -42.49 33.84
N PRO A 350 15.43 -42.32 33.16
CA PRO A 350 15.29 -41.57 31.92
C PRO A 350 15.87 -40.16 31.84
N SER A 351 16.13 -39.55 33.02
CA SER A 351 16.78 -38.24 33.11
C SER A 351 18.27 -38.29 32.76
N ARG A 352 18.90 -39.46 32.96
CA ARG A 352 20.35 -39.62 32.89
C ARG A 352 20.83 -39.80 31.44
N ARG A 353 22.14 -39.63 31.22
CA ARG A 353 22.78 -39.90 29.94
C ARG A 353 22.59 -41.34 29.47
N ARG A 354 22.54 -41.53 28.13
CA ARG A 354 22.58 -42.85 27.52
C ARG A 354 23.77 -43.68 28.01
N GLU A 355 24.95 -43.05 28.17
CA GLU A 355 26.15 -43.68 28.68
C GLU A 355 25.89 -44.27 30.07
N ALA A 356 25.42 -43.43 31.01
CA ALA A 356 25.15 -43.81 32.39
C ALA A 356 24.09 -44.92 32.45
N ARG A 357 23.00 -44.79 31.69
CA ARG A 357 21.97 -45.82 31.59
C ARG A 357 22.54 -47.13 31.04
N SER A 358 23.44 -47.07 30.04
CA SER A 358 24.10 -48.24 29.46
C SER A 358 25.00 -48.93 30.50
N VAL A 359 25.83 -48.18 31.22
CA VAL A 359 26.69 -48.69 32.28
C VAL A 359 25.84 -49.33 33.37
N ALA A 360 24.82 -48.62 33.85
CA ALA A 360 23.90 -49.10 34.88
C ALA A 360 23.23 -50.40 34.43
N ALA A 361 22.70 -50.43 33.21
CA ALA A 361 22.05 -51.62 32.66
C ALA A 361 23.03 -52.80 32.61
N PHE A 362 24.21 -52.63 32.02
CA PHE A 362 25.27 -53.64 31.95
C PHE A 362 25.60 -54.15 33.36
N HIS A 363 25.81 -53.23 34.28
CA HIS A 363 26.09 -53.50 35.69
C HIS A 363 24.99 -54.31 36.36
N PHE A 364 23.74 -53.94 36.19
CA PHE A 364 22.60 -54.71 36.69
C PHE A 364 22.49 -56.10 36.05
N THR A 365 22.90 -56.25 34.80
CA THR A 365 23.03 -57.59 34.21
C THR A 365 24.09 -58.42 34.93
N LEU A 366 25.25 -57.81 35.17
CA LEU A 366 26.35 -58.42 35.89
C LEU A 366 25.88 -58.85 37.29
N GLU A 367 25.23 -57.95 38.02
CA GLU A 367 24.68 -58.21 39.35
C GLU A 367 23.62 -59.27 39.31
N ALA A 368 22.70 -59.23 38.36
CA ALA A 368 21.72 -60.31 38.18
C ALA A 368 22.43 -61.66 38.05
N THR A 369 23.51 -61.71 37.24
CA THR A 369 24.31 -62.91 37.06
C THR A 369 24.82 -63.43 38.42
N ILE A 370 25.47 -62.53 39.17
CA ILE A 370 26.12 -62.85 40.44
C ILE A 370 25.08 -63.20 41.51
N LYS A 371 23.95 -62.50 41.55
CA LYS A 371 22.86 -62.78 42.46
C LYS A 371 22.12 -64.04 42.07
N LYS A 372 22.15 -64.50 40.83
CA LYS A 372 21.67 -65.84 40.49
C LYS A 372 22.54 -66.88 41.18
N GLU A 373 23.86 -66.73 41.03
CA GLU A 373 24.85 -67.64 41.63
C GLU A 373 24.68 -67.70 43.15
N GLN A 374 24.57 -66.55 43.79
CA GLN A 374 24.32 -66.41 45.24
C GLN A 374 22.86 -66.70 45.62
N ASN A 375 21.99 -66.84 44.67
CA ASN A 375 20.55 -67.05 44.80
C ASN A 375 19.87 -65.99 45.67
N LYS A 376 20.08 -64.72 45.27
CA LYS A 376 19.50 -63.56 45.92
C LYS A 376 18.96 -62.54 44.91
N LEU A 377 18.28 -63.04 43.89
CA LEU A 377 17.69 -62.24 42.81
C LEU A 377 16.54 -61.38 43.34
N ASP A 378 15.95 -61.77 44.50
CA ASP A 378 14.91 -61.04 45.19
C ASP A 378 15.26 -59.57 45.40
N VAL A 379 16.56 -59.26 45.59
CA VAL A 379 17.04 -57.89 45.80
C VAL A 379 16.50 -56.91 44.75
N PHE A 380 16.44 -57.31 43.46
CA PHE A 380 16.01 -56.43 42.39
C PHE A 380 14.50 -56.14 42.46
N GLN A 381 13.71 -57.07 43.02
CA GLN A 381 12.31 -56.85 43.34
C GLN A 381 12.18 -55.93 44.55
N GLU A 382 13.01 -56.16 45.60
CA GLU A 382 12.98 -55.38 46.84
C GLU A 382 13.25 -53.90 46.56
N ILE A 383 14.28 -53.60 45.75
CA ILE A 383 14.64 -52.23 45.39
C ILE A 383 13.79 -51.71 44.21
N GLY A 384 12.95 -52.56 43.61
CA GLY A 384 12.06 -52.20 42.50
C GLY A 384 12.77 -51.99 41.15
N ALA A 385 14.05 -52.39 41.05
CA ALA A 385 14.87 -52.18 39.86
C ALA A 385 14.30 -52.86 38.61
N ILE A 386 13.52 -53.94 38.81
CA ILE A 386 12.89 -54.70 37.73
C ILE A 386 12.05 -53.78 36.84
N GLN A 387 11.31 -52.83 37.46
CA GLN A 387 10.49 -51.89 36.74
C GLN A 387 11.36 -50.96 35.85
N ALA A 388 12.43 -50.39 36.42
CA ALA A 388 13.34 -49.53 35.69
C ALA A 388 14.04 -50.30 34.55
N LEU A 389 14.39 -51.57 34.78
CA LEU A 389 14.95 -52.43 33.74
C LEU A 389 13.93 -52.66 32.61
N LYS A 390 12.66 -52.87 32.94
CA LYS A 390 11.60 -53.01 31.94
C LYS A 390 11.46 -51.71 31.11
N GLU A 391 11.45 -50.55 31.78
CA GLU A 391 11.44 -49.24 31.13
C GLU A 391 12.62 -49.07 30.17
N VAL A 392 13.84 -49.41 30.61
CA VAL A 392 15.03 -49.31 29.76
C VAL A 392 14.96 -50.32 28.63
N ALA A 393 14.49 -51.56 28.87
CA ALA A 393 14.31 -52.56 27.83
C ALA A 393 13.34 -52.09 26.75
N SER A 394 12.26 -51.36 27.13
CA SER A 394 11.30 -50.73 26.23
C SER A 394 11.76 -49.28 26.01
N SER A 395 13.01 -49.10 25.57
CA SER A 395 13.54 -47.76 25.27
C SER A 395 14.37 -47.74 23.99
N PRO A 396 14.51 -46.58 23.30
CA PRO A 396 15.45 -46.45 22.19
C PRO A 396 16.93 -46.35 22.58
N ASP A 397 17.24 -46.38 23.90
CA ASP A 397 18.62 -46.54 24.38
C ASP A 397 19.12 -47.98 24.15
N GLU A 398 19.38 -48.32 22.89
CA GLU A 398 19.41 -49.69 22.41
C GLU A 398 20.38 -50.58 23.19
N VAL A 399 21.57 -50.06 23.46
CA VAL A 399 22.63 -50.69 24.24
C VAL A 399 22.16 -51.00 25.65
N ALA A 400 21.66 -49.97 26.36
CA ALA A 400 21.07 -50.09 27.69
C ALA A 400 19.88 -51.07 27.65
N ALA A 401 19.00 -50.94 26.66
CA ALA A 401 17.82 -51.78 26.45
C ALA A 401 18.18 -53.26 26.34
N LYS A 402 19.23 -53.56 25.54
CA LYS A 402 19.76 -54.91 25.41
C LYS A 402 20.20 -55.46 26.78
N PHE A 403 21.09 -54.74 27.44
CA PHE A 403 21.59 -55.13 28.76
C PHE A 403 20.48 -55.27 29.78
N ALA A 404 19.49 -54.36 29.78
CA ALA A 404 18.34 -54.44 30.67
C ALA A 404 17.49 -55.68 30.38
N SER A 405 17.28 -55.99 29.08
CA SER A 405 16.59 -57.20 28.66
C SER A 405 17.34 -58.44 29.15
N GLU A 406 18.66 -58.43 28.98
CA GLU A 406 19.53 -59.50 29.44
C GLU A 406 19.48 -59.65 30.96
N ALA A 407 19.49 -58.54 31.70
CA ALA A 407 19.35 -58.52 33.15
C ALA A 407 18.05 -59.20 33.57
N LEU A 408 16.91 -58.76 32.94
CA LEU A 408 15.61 -59.36 33.20
C LEU A 408 15.61 -60.86 32.86
N THR A 409 16.34 -61.25 31.79
CA THR A 409 16.49 -62.65 31.39
C THR A 409 17.16 -63.47 32.49
N VAL A 410 18.21 -62.88 33.10
CA VAL A 410 18.97 -63.54 34.16
C VAL A 410 18.15 -63.57 35.45
N ILE A 411 17.34 -62.53 35.70
CA ILE A 411 16.35 -62.50 36.81
C ILE A 411 15.25 -63.53 36.52
N GLY A 412 14.97 -63.86 35.26
CA GLY A 412 13.88 -64.75 34.87
C GLY A 412 12.60 -63.95 34.81
N GLU A 413 12.68 -62.63 34.60
CA GLU A 413 11.56 -61.74 34.32
C GLU A 413 11.25 -61.61 32.82
N GLU A 414 10.04 -61.15 32.50
CA GLU A 414 9.63 -60.84 31.12
C GLU A 414 10.40 -59.66 30.53
N VAL A 415 10.58 -59.74 29.18
CA VAL A 415 11.29 -58.70 28.45
C VAL A 415 10.24 -58.00 27.60
N PRO A 416 9.93 -56.68 27.87
CA PRO A 416 8.91 -55.98 27.10
C PRO A 416 9.43 -55.69 25.69
N TYR A 417 8.56 -55.08 24.89
CA TYR A 417 8.81 -54.79 23.49
C TYR A 417 9.98 -53.86 23.28
N LYS A 418 10.88 -54.32 22.43
CA LYS A 418 12.08 -53.59 22.10
C LYS A 418 11.83 -52.45 21.13
N LEU A 419 12.69 -51.43 21.19
CA LEU A 419 12.63 -50.27 20.28
C LEU A 419 13.98 -49.94 19.67
N ALA A 420 14.01 -49.77 18.35
CA ALA A 420 15.20 -49.55 17.58
C ALA A 420 15.51 -48.06 17.43
N GLN A 421 16.76 -47.66 17.64
CA GLN A 421 17.17 -46.27 17.52
C GLN A 421 16.90 -45.67 16.13
N GLN A 422 16.92 -46.61 15.13
CA GLN A 422 16.56 -46.23 13.77
C GLN A 422 15.05 -46.09 13.63
N VAL A 423 14.49 -45.08 14.27
CA VAL A 423 13.05 -44.92 14.34
C VAL A 423 12.42 -44.75 12.96
N PRO A 424 13.09 -44.17 11.91
CA PRO A 424 12.45 -44.12 10.60
C PRO A 424 12.01 -45.50 10.11
N GLY A 425 12.74 -46.55 10.54
CA GLY A 425 12.42 -47.91 10.16
C GLY A 425 11.20 -48.48 10.89
N TRP A 426 10.60 -47.75 11.83
CA TRP A 426 9.53 -48.32 12.63
C TRP A 426 8.30 -48.71 11.83
N THR A 427 7.78 -49.88 12.19
CA THR A 427 6.46 -50.35 11.79
C THR A 427 5.36 -49.59 12.54
N CYS A 428 4.14 -49.69 12.05
CA CYS A 428 3.02 -49.14 12.78
C CYS A 428 2.89 -49.79 14.17
N ALA A 429 3.24 -51.08 14.29
CA ALA A 429 3.26 -51.73 15.59
C ALA A 429 4.19 -51.03 16.58
N ASP A 430 5.37 -50.63 16.11
CA ASP A 430 6.29 -49.86 16.93
C ASP A 430 5.66 -48.54 17.37
N VAL A 431 5.07 -47.81 16.42
CA VAL A 431 4.45 -46.54 16.76
C VAL A 431 3.39 -46.76 17.84
N GLN A 432 2.54 -47.78 17.62
CA GLN A 432 1.46 -48.09 18.53
C GLN A 432 2.04 -48.31 19.92
N TYR A 433 3.07 -49.15 20.00
CA TYR A 433 3.71 -49.47 21.25
C TYR A 433 4.27 -48.24 21.94
N TRP A 434 4.91 -47.36 21.18
CA TRP A 434 5.48 -46.13 21.71
C TRP A 434 4.39 -45.24 22.28
N VAL A 435 3.37 -44.94 21.46
CA VAL A 435 2.22 -44.15 21.86
C VAL A 435 1.61 -44.71 23.15
N LYS A 436 1.42 -46.02 23.17
CA LYS A 436 0.95 -46.74 24.34
C LYS A 436 1.78 -46.39 25.53
N LYS A 437 3.08 -46.59 25.43
CA LYS A 437 4.03 -46.46 26.53
C LYS A 437 4.11 -45.03 27.06
N ILE A 438 4.06 -44.05 26.15
CA ILE A 438 4.05 -42.66 26.56
C ILE A 438 2.65 -42.23 27.04
N GLY A 439 1.71 -43.14 27.16
CA GLY A 439 0.49 -42.95 27.93
C GLY A 439 -0.70 -42.48 27.12
N PHE A 440 -0.59 -42.38 25.79
CA PHE A 440 -1.61 -41.91 24.90
C PHE A 440 -2.50 -43.03 24.36
N GLU A 441 -2.76 -44.01 25.24
CA GLU A 441 -3.33 -45.32 24.90
C GLU A 441 -4.64 -45.17 24.13
N GLU A 442 -5.49 -44.23 24.56
CA GLU A 442 -6.79 -44.02 23.97
C GLU A 442 -6.72 -43.68 22.49
N TYR A 443 -5.55 -43.22 22.00
CA TYR A 443 -5.41 -42.87 20.60
C TYR A 443 -4.90 -44.02 19.74
N VAL A 444 -4.44 -45.10 20.37
CA VAL A 444 -3.66 -46.13 19.69
C VAL A 444 -4.46 -46.71 18.53
N GLU A 445 -5.72 -46.99 18.77
CA GLU A 445 -6.67 -47.46 17.75
C GLU A 445 -6.70 -46.52 16.54
N LYS A 446 -6.66 -45.22 16.80
CA LYS A 446 -6.71 -44.23 15.74
C LYS A 446 -5.38 -44.21 14.98
N PHE A 447 -4.25 -44.30 15.70
CA PHE A 447 -2.97 -44.46 15.04
C PHE A 447 -2.94 -45.68 14.12
N ALA A 448 -3.49 -46.80 14.61
CA ALA A 448 -3.58 -48.03 13.85
C ALA A 448 -4.45 -47.82 12.60
N LYS A 449 -5.63 -47.22 12.80
CA LYS A 449 -6.54 -46.91 11.72
C LYS A 449 -5.89 -45.98 10.68
N GLN A 450 -5.11 -45.01 11.17
CA GLN A 450 -4.38 -44.10 10.32
C GLN A 450 -3.09 -44.70 9.76
N MET A 451 -2.73 -45.91 10.16
CA MET A 451 -1.58 -46.65 9.65
C MET A 451 -0.28 -45.84 9.75
N VAL A 452 -0.08 -45.17 10.89
CA VAL A 452 1.09 -44.31 11.07
C VAL A 452 2.34 -45.17 11.27
N ASP A 453 3.46 -44.77 10.61
CA ASP A 453 4.68 -45.53 10.66
C ASP A 453 5.85 -44.65 11.15
N GLY A 454 7.03 -45.23 11.16
CA GLY A 454 8.28 -44.59 11.45
C GLY A 454 8.57 -43.39 10.60
N ASP A 455 8.19 -43.36 9.33
CA ASP A 455 8.30 -42.13 8.55
C ASP A 455 7.28 -41.11 9.10
N LEU A 456 6.00 -41.53 9.07
CA LEU A 456 4.94 -40.55 9.16
C LEU A 456 4.92 -39.91 10.55
N LEU A 457 5.22 -40.68 11.59
CA LEU A 457 5.41 -40.13 12.92
C LEU A 457 6.30 -38.91 12.92
N LEU A 458 7.41 -38.99 12.23
CA LEU A 458 8.40 -37.93 12.26
C LEU A 458 7.89 -36.64 11.63
N GLN A 459 6.85 -36.73 10.80
CA GLN A 459 6.27 -35.54 10.22
C GLN A 459 5.18 -34.91 11.08
N LEU A 460 4.72 -35.53 12.16
CA LEU A 460 3.40 -35.13 12.70
C LEU A 460 3.37 -33.68 13.18
N THR A 461 2.71 -32.78 12.52
CA THR A 461 2.34 -31.45 12.93
C THR A 461 1.13 -31.52 13.84
N GLU A 462 0.86 -30.42 14.55
CA GLU A 462 -0.24 -30.45 15.51
C GLU A 462 -1.57 -30.75 14.78
N ASN A 463 -1.68 -30.28 13.53
CA ASN A 463 -2.91 -30.42 12.76
C ASN A 463 -3.29 -31.87 12.58
N ASP A 464 -2.28 -32.70 12.31
CA ASP A 464 -2.52 -34.10 12.06
C ASP A 464 -3.05 -34.76 13.34
N LEU A 465 -2.49 -34.35 14.49
CA LEU A 465 -3.01 -34.83 15.76
C LEU A 465 -4.43 -34.34 15.96
N LYS A 466 -4.63 -33.05 15.76
CA LYS A 466 -5.89 -32.36 16.00
C LYS A 466 -7.02 -32.99 15.19
N HIS A 467 -6.73 -33.30 13.93
CA HIS A 467 -7.74 -33.78 13.00
C HIS A 467 -7.74 -35.29 12.86
N ASP A 468 -6.68 -35.88 12.32
CA ASP A 468 -6.69 -37.29 11.96
C ASP A 468 -6.55 -38.21 13.17
N VAL A 469 -5.82 -37.76 14.20
CA VAL A 469 -5.82 -38.48 15.46
C VAL A 469 -6.98 -38.02 16.34
N GLY A 470 -7.59 -36.87 16.02
CA GLY A 470 -8.72 -36.33 16.76
C GLY A 470 -8.33 -35.92 18.16
N MET A 471 -7.05 -35.50 18.35
CA MET A 471 -6.59 -35.15 19.65
C MET A 471 -6.92 -33.67 19.83
N ILE A 472 -8.07 -33.42 20.49
CA ILE A 472 -8.70 -32.12 20.56
C ILE A 472 -8.03 -31.17 21.55
N SER A 473 -7.56 -31.73 22.67
CA SER A 473 -6.79 -31.02 23.66
C SER A 473 -5.45 -30.52 23.11
N GLY A 474 -5.33 -29.19 23.06
CA GLY A 474 -4.05 -28.57 22.79
C GLY A 474 -3.00 -29.01 23.77
N LEU A 475 -3.38 -29.10 25.04
CA LEU A 475 -2.44 -29.55 26.06
C LEU A 475 -1.98 -30.96 25.76
N HIS A 476 -2.91 -31.87 25.44
CA HIS A 476 -2.50 -33.20 25.04
C HIS A 476 -1.53 -33.13 23.87
N ARG A 477 -1.82 -32.27 22.88
CA ARG A 477 -0.92 -32.09 21.76
C ARG A 477 0.46 -31.63 22.22
N LYS A 478 0.53 -30.61 23.07
CA LYS A 478 1.80 -30.10 23.60
C LYS A 478 2.60 -31.25 24.19
N ARG A 479 1.96 -31.96 25.10
CA ARG A 479 2.53 -33.09 25.82
C ARG A 479 3.07 -34.12 24.83
N PHE A 480 2.23 -34.51 23.89
CA PHE A 480 2.61 -35.46 22.86
C PHE A 480 3.83 -35.00 22.08
N LEU A 481 3.78 -33.75 21.62
CA LEU A 481 4.84 -33.19 20.79
C LEU A 481 6.14 -33.13 21.55
N ARG A 482 6.11 -32.82 22.84
CA ARG A 482 7.29 -32.86 23.67
C ARG A 482 7.96 -34.24 23.59
N GLU A 483 7.16 -35.30 23.72
CA GLU A 483 7.72 -36.65 23.61
C GLU A 483 8.26 -36.89 22.23
N LEU A 484 7.51 -36.49 21.22
CA LEU A 484 7.96 -36.66 19.84
C LEU A 484 9.27 -35.93 19.58
N GLN A 485 9.41 -34.70 20.09
CA GLN A 485 10.65 -33.95 19.98
C GLN A 485 11.79 -34.71 20.66
N THR A 486 11.52 -35.22 21.86
CA THR A 486 12.49 -35.99 22.59
C THR A 486 12.95 -37.17 21.72
N LEU A 487 11.99 -37.90 21.18
CA LEU A 487 12.25 -39.04 20.33
C LEU A 487 13.06 -38.64 19.11
N LYS A 488 12.64 -37.57 18.44
CA LYS A 488 13.34 -37.01 17.29
C LYS A 488 14.81 -36.74 17.62
N VAL A 489 15.05 -36.14 18.77
CA VAL A 489 16.42 -35.86 19.16
C VAL A 489 17.17 -37.18 19.35
N ALA A 490 16.53 -38.12 20.04
CA ALA A 490 17.12 -39.38 20.45
C ALA A 490 17.47 -40.29 19.27
N ALA A 491 16.66 -40.23 18.21
CA ALA A 491 16.72 -41.17 17.10
C ALA A 491 18.06 -41.14 16.36
N ASP A 492 18.41 -42.30 15.77
CA ASP A 492 19.49 -42.47 14.83
C ASP A 492 19.03 -42.34 13.36
N TYR A 493 19.73 -41.48 12.61
CA TYR A 493 19.41 -41.26 11.20
C TYR A 493 20.55 -41.67 10.25
N SER A 494 21.54 -42.39 10.76
CA SER A 494 22.54 -43.07 9.95
C SER A 494 21.91 -44.10 9.00
N SER A 495 20.70 -44.56 9.31
CA SER A 495 19.80 -45.28 8.42
C SER A 495 19.70 -44.66 7.01
N VAL A 496 19.86 -43.32 6.91
CA VAL A 496 19.59 -42.55 5.71
C VAL A 496 20.72 -41.54 5.42
N ASP A 497 21.40 -41.06 6.48
CA ASP A 497 22.30 -39.92 6.33
C ASP A 497 23.66 -40.32 5.79
N GLU A 498 23.78 -40.29 4.46
CA GLU A 498 25.01 -40.52 3.74
C GLU A 498 26.06 -39.44 4.04
N SER A 499 25.58 -38.24 4.38
CA SER A 499 26.40 -37.03 4.42
C SER A 499 26.94 -36.72 5.81
N ASN A 500 26.47 -37.49 6.83
CA ASN A 500 26.76 -37.23 8.23
C ASN A 500 26.36 -35.82 8.64
N LEU A 501 25.30 -35.30 7.99
CA LEU A 501 24.62 -34.09 8.36
C LEU A 501 24.21 -34.11 9.84
N ASP A 502 23.68 -35.24 10.29
CA ASP A 502 23.25 -35.38 11.68
C ASP A 502 24.44 -35.16 12.60
N ASN A 503 25.57 -35.78 12.29
CA ASN A 503 26.81 -35.61 13.03
C ASN A 503 27.23 -34.15 13.04
N PHE A 504 27.15 -33.51 11.87
CA PHE A 504 27.48 -32.09 11.74
C PHE A 504 26.61 -31.25 12.69
N LEU A 505 25.29 -31.47 12.61
CA LEU A 505 24.33 -30.75 13.44
C LEU A 505 24.61 -31.00 14.92
N MET A 506 24.84 -32.24 15.29
CA MET A 506 25.20 -32.63 16.66
C MET A 506 26.43 -31.87 17.11
N GLY A 507 27.44 -31.76 16.29
CA GLY A 507 28.60 -30.93 16.57
C GLY A 507 28.26 -29.47 16.92
N LEU A 508 27.29 -28.87 16.24
CA LEU A 508 26.78 -27.56 16.63
C LEU A 508 26.05 -27.68 17.96
N SER A 509 24.97 -28.47 17.98
CA SER A 509 24.32 -28.99 19.20
C SER A 509 23.41 -30.15 18.83
N PRO A 510 23.42 -31.29 19.55
CA PRO A 510 22.43 -32.35 19.39
C PRO A 510 20.98 -31.94 19.39
N GLU A 511 20.60 -30.86 20.09
CA GLU A 511 19.29 -30.21 20.03
C GLU A 511 18.77 -30.07 18.57
N LEU A 512 19.68 -29.68 17.71
CA LEU A 512 19.36 -29.40 16.30
C LEU A 512 18.89 -30.66 15.59
N SER A 513 19.23 -31.81 16.12
CA SER A 513 18.85 -33.09 15.54
C SER A 513 17.34 -33.18 15.38
N VAL A 514 16.54 -32.36 16.05
CA VAL A 514 15.09 -32.28 15.82
C VAL A 514 14.79 -32.04 14.33
N TYR A 515 15.63 -31.23 13.70
CA TYR A 515 15.40 -30.84 12.31
C TYR A 515 15.93 -31.86 11.32
N THR A 516 16.77 -32.78 11.77
CA THR A 516 17.51 -33.68 10.90
C THR A 516 16.57 -34.33 9.90
N TYR A 517 15.55 -34.99 10.40
CA TYR A 517 14.76 -35.83 9.53
C TYR A 517 14.03 -34.99 8.48
N GLN A 518 13.49 -33.86 8.92
CA GLN A 518 12.83 -32.93 8.01
C GLN A 518 13.79 -32.54 6.91
N MET A 519 14.95 -32.01 7.26
CA MET A 519 15.90 -31.51 6.29
C MET A 519 16.34 -32.64 5.37
N LEU A 520 16.62 -33.81 5.94
CA LEU A 520 17.07 -34.95 5.16
C LEU A 520 16.01 -35.34 4.12
N THR A 521 14.75 -35.43 4.58
CA THR A 521 13.67 -35.79 3.69
C THR A 521 13.36 -34.69 2.67
N ASN A 522 13.68 -33.45 3.01
CA ASN A 522 13.55 -32.35 2.08
C ASN A 522 14.71 -32.33 1.11
N GLY A 523 15.67 -33.29 1.22
CA GLY A 523 16.76 -33.39 0.26
C GLY A 523 18.00 -32.60 0.65
N VAL A 524 18.05 -32.04 1.86
CA VAL A 524 19.25 -31.39 2.36
C VAL A 524 20.32 -32.45 2.63
N ASN A 525 21.57 -32.04 2.42
CA ASN A 525 22.74 -32.83 2.82
C ASN A 525 23.82 -31.85 3.29
N ARG A 526 24.83 -32.39 3.98
CA ARG A 526 25.90 -31.66 4.63
C ARG A 526 26.58 -30.63 3.71
N SER A 527 26.72 -30.96 2.42
CA SER A 527 27.40 -30.09 1.47
C SER A 527 26.59 -28.81 1.14
N LEU A 528 25.28 -28.88 1.25
CA LEU A 528 24.41 -27.81 0.80
C LEU A 528 24.32 -26.68 1.84
N LEU A 529 24.68 -26.98 3.11
CA LEU A 529 24.15 -26.16 4.20
C LEU A 529 24.59 -24.71 4.13
N SER A 530 25.80 -24.45 3.65
CA SER A 530 26.31 -23.10 3.49
C SER A 530 25.41 -22.20 2.65
N SER A 531 24.65 -22.84 1.74
CA SER A 531 23.89 -22.11 0.74
C SER A 531 22.47 -21.73 1.19
N LEU A 532 22.05 -22.15 2.38
CA LEU A 532 20.70 -21.90 2.84
C LEU A 532 20.49 -20.44 3.29
N THR A 533 19.36 -19.86 2.90
CA THR A 533 18.88 -18.59 3.43
C THR A 533 18.08 -18.81 4.70
N ASP A 534 17.91 -17.75 5.49
CA ASP A 534 17.04 -17.74 6.64
C ASP A 534 15.65 -18.28 6.30
N GLU A 535 15.14 -17.87 5.14
CA GLU A 535 13.88 -18.33 4.60
C GLU A 535 13.87 -19.85 4.43
N MET A 536 14.89 -20.40 3.75
CA MET A 536 14.97 -21.84 3.51
C MET A 536 15.01 -22.60 4.84
N MET A 537 15.84 -22.12 5.75
CA MET A 537 15.95 -22.67 7.08
C MET A 537 14.59 -22.65 7.78
N GLN A 538 14.00 -21.47 7.86
CA GLN A 538 12.72 -21.24 8.51
C GLN A 538 11.63 -22.13 7.98
N ASN A 539 11.54 -22.20 6.68
CA ASN A 539 10.35 -22.72 5.97
C ASN A 539 10.56 -24.16 5.55
N ALA A 540 11.52 -24.34 4.65
CA ALA A 540 11.80 -25.66 4.10
C ALA A 540 12.32 -26.59 5.19
N CYS A 541 13.15 -26.09 6.10
CA CYS A 541 13.61 -26.88 7.22
C CYS A 541 12.81 -26.68 8.49
N GLY A 542 11.79 -25.83 8.46
CA GLY A 542 10.81 -25.73 9.55
C GLY A 542 11.43 -25.15 10.85
N ILE A 543 12.63 -24.58 10.76
CA ILE A 543 13.31 -24.00 11.87
C ILE A 543 12.75 -22.63 12.22
N THR A 544 11.53 -22.60 12.77
CA THR A 544 10.84 -21.37 13.12
C THR A 544 11.53 -20.62 14.26
N ASN A 545 12.20 -21.38 15.15
CA ASN A 545 13.05 -20.83 16.20
C ASN A 545 14.19 -20.01 15.59
N PRO A 546 14.18 -18.68 15.74
CA PRO A 546 15.23 -17.86 15.11
C PRO A 546 16.57 -18.07 15.78
N ILE A 547 16.57 -18.46 17.04
CA ILE A 547 17.82 -18.68 17.78
C ILE A 547 18.53 -19.86 17.10
N HIS A 548 17.83 -20.95 16.85
CA HIS A 548 18.42 -22.07 16.15
C HIS A 548 18.91 -21.62 14.77
N ARG A 549 18.14 -20.81 14.06
CA ARG A 549 18.57 -20.32 12.77
C ARG A 549 19.86 -19.51 12.90
N LEU A 550 19.92 -18.66 13.94
CA LEU A 550 21.13 -17.90 14.22
C LEU A 550 22.30 -18.85 14.43
N LYS A 551 22.13 -19.89 15.22
CA LYS A 551 23.19 -20.87 15.46
C LYS A 551 23.76 -21.39 14.16
N LEU A 552 22.92 -21.91 13.28
CA LEU A 552 23.37 -22.41 11.98
C LEU A 552 24.03 -21.30 11.13
N THR A 553 23.46 -20.10 11.23
CA THR A 553 24.07 -18.94 10.59
C THR A 553 25.53 -18.77 11.06
N GLN A 554 25.76 -18.93 12.35
CA GLN A 554 27.07 -18.80 12.99
C GLN A 554 28.00 -19.86 12.45
N ALA A 555 27.55 -21.03 12.02
CA ALA A 555 28.41 -21.96 11.32
C ALA A 555 28.96 -21.28 10.05
N PHE A 556 28.07 -20.89 9.13
CA PHE A 556 28.49 -20.47 7.79
C PHE A 556 29.01 -19.02 7.74
N GLU A 557 28.80 -18.27 8.81
CA GLU A 557 29.52 -17.04 9.09
C GLU A 557 31.05 -17.21 9.09
N THR A 558 31.56 -18.36 9.51
CA THR A 558 33.01 -18.56 9.61
C THR A 558 33.66 -18.97 8.28
N ALA A 559 32.92 -19.73 7.46
CA ALA A 559 33.45 -20.28 6.23
C ALA A 559 32.34 -20.85 5.35
N LYS A 560 32.66 -21.13 4.07
CA LYS A 560 31.74 -21.40 2.98
C LYS A 560 31.48 -22.92 2.78
N HIS A 561 32.30 -23.74 3.45
CA HIS A 561 32.28 -25.20 3.30
C HIS A 561 32.25 -25.90 4.63
N PRO A 562 31.45 -26.99 4.80
CA PRO A 562 31.33 -27.67 6.09
C PRO A 562 32.61 -28.18 6.71
N ASP A 563 33.58 -28.63 5.91
CA ASP A 563 34.87 -29.04 6.42
C ASP A 563 35.65 -27.84 6.96
N ASP A 564 35.61 -26.71 6.23
CA ASP A 564 36.28 -25.48 6.64
C ASP A 564 35.67 -24.93 7.93
N VAL A 565 34.33 -24.96 8.00
CA VAL A 565 33.56 -24.60 9.18
C VAL A 565 33.93 -25.51 10.36
N GLU A 566 33.91 -26.83 10.18
CA GLU A 566 34.21 -27.77 11.25
C GLU A 566 35.66 -27.67 11.70
N VAL A 567 36.63 -27.53 10.79
CA VAL A 567 38.02 -27.32 11.17
C VAL A 567 38.19 -26.02 11.96
N ALA A 568 37.51 -24.94 11.54
CA ALA A 568 37.46 -23.69 12.29
C ALA A 568 36.91 -23.91 13.71
N MET A 569 35.77 -24.61 13.84
CA MET A 569 35.19 -24.96 15.13
C MET A 569 36.20 -25.74 15.98
N LEU A 570 36.61 -26.90 15.44
CA LEU A 570 37.49 -27.86 16.10
C LEU A 570 38.76 -27.20 16.64
N SER A 571 39.29 -26.16 15.95
CA SER A 571 40.47 -25.45 16.41
C SER A 571 40.28 -24.85 17.80
N LYS A 572 39.02 -24.49 18.10
CA LYS A 572 38.62 -23.91 19.38
C LYS A 572 38.29 -24.99 20.42
N GLN A 573 38.40 -26.27 20.04
CA GLN A 573 38.23 -27.43 20.91
C GLN A 573 39.49 -28.29 21.02
N ILE A 574 40.48 -28.07 20.13
CA ILE A 574 41.73 -28.85 20.07
C ILE A 574 42.97 -27.94 20.10
N ASP A 575 43.75 -27.99 21.17
CA ASP A 575 45.12 -27.48 21.20
C ASP A 575 46.04 -28.56 20.63
N VAL A 576 45.95 -29.79 21.18
CA VAL A 576 46.90 -30.86 20.91
C VAL A 576 46.18 -32.11 20.38
N PHE A 577 46.73 -32.68 19.31
CA PHE A 577 46.38 -34.05 18.91
C PHE A 577 47.50 -35.01 19.34
N ILE A 578 47.12 -36.18 19.87
CA ILE A 578 48.07 -37.23 20.26
C ILE A 578 47.93 -38.41 19.29
N SER A 579 48.96 -38.71 18.52
CA SER A 579 49.12 -39.99 17.82
C SER A 579 49.99 -40.92 18.66
N TYR A 580 49.68 -42.22 18.64
CA TYR A 580 50.49 -43.26 19.27
C TYR A 580 50.12 -44.62 18.65
N ARG A 581 50.98 -45.63 18.89
CA ARG A 581 50.68 -46.99 18.52
C ARG A 581 49.75 -47.65 19.55
N ARG A 582 48.56 -48.09 19.12
CA ARG A 582 47.48 -48.57 19.97
C ARG A 582 47.88 -49.73 20.87
N SER A 583 48.76 -50.64 20.34
CA SER A 583 49.08 -51.86 21.08
C SER A 583 50.16 -51.65 22.14
N THR A 584 50.73 -50.45 22.26
CA THR A 584 51.91 -50.21 23.09
C THR A 584 51.81 -48.89 23.87
N GLY A 585 51.22 -47.85 23.22
CA GLY A 585 51.38 -46.49 23.73
C GLY A 585 50.19 -45.99 24.52
N ASN A 586 49.10 -46.79 24.53
CA ASN A 586 47.80 -46.39 25.06
C ASN A 586 47.88 -45.68 26.42
N GLN A 587 48.40 -46.37 27.41
CA GLN A 587 48.53 -45.88 28.78
C GLN A 587 49.34 -44.59 28.88
N LEU A 588 50.52 -44.53 28.24
CA LEU A 588 51.42 -43.37 28.29
C LEU A 588 50.78 -42.18 27.58
N ALA A 589 50.22 -42.41 26.37
CA ALA A 589 49.54 -41.39 25.58
C ALA A 589 48.39 -40.79 26.39
N SER A 590 47.61 -41.65 27.07
CA SER A 590 46.53 -41.22 27.94
C SER A 590 47.04 -40.45 29.13
N LEU A 591 48.13 -40.89 29.78
CA LEU A 591 48.73 -40.18 30.90
C LEU A 591 49.14 -38.77 30.45
N ILE A 592 49.81 -38.67 29.29
CA ILE A 592 50.22 -37.42 28.67
C ILE A 592 49.01 -36.51 28.42
N LYS A 593 47.96 -37.09 27.80
CA LYS A 593 46.71 -36.39 27.54
C LYS A 593 46.14 -35.81 28.83
N VAL A 594 46.04 -36.62 29.87
CA VAL A 594 45.48 -36.27 31.17
C VAL A 594 46.30 -35.18 31.85
N LEU A 595 47.64 -35.30 31.81
CA LEU A 595 48.53 -34.33 32.43
C LEU A 595 48.44 -32.99 31.72
N LEU A 596 48.34 -33.00 30.37
CA LEU A 596 48.14 -31.78 29.61
C LEU A 596 46.74 -31.17 29.85
N GLN A 597 45.72 -31.99 30.00
CA GLN A 597 44.35 -31.56 30.34
C GLN A 597 44.32 -30.98 31.76
N LEU A 598 45.11 -31.53 32.69
CA LEU A 598 45.30 -31.01 34.04
C LEU A 598 46.03 -29.67 34.00
N ARG A 599 46.90 -29.48 33.00
CA ARG A 599 47.55 -28.21 32.69
C ARG A 599 46.71 -27.31 31.77
N GLY A 600 45.45 -27.69 31.51
CA GLY A 600 44.49 -26.82 30.86
C GLY A 600 44.39 -26.93 29.34
N TYR A 601 45.25 -27.71 28.71
CA TYR A 601 45.31 -27.87 27.26
C TYR A 601 44.21 -28.81 26.79
N ARG A 602 43.54 -28.44 25.68
CA ARG A 602 42.50 -29.28 25.07
C ARG A 602 43.19 -30.36 24.24
N VAL A 603 43.13 -31.62 24.70
CA VAL A 603 43.85 -32.69 24.01
C VAL A 603 42.87 -33.66 23.36
N PHE A 604 43.03 -33.89 22.05
CA PHE A 604 42.37 -34.96 21.30
C PHE A 604 43.30 -36.17 21.22
N ILE A 605 42.70 -37.38 21.20
CA ILE A 605 43.46 -38.62 21.06
C ILE A 605 42.57 -39.67 20.38
N ASP A 606 43.21 -40.61 19.66
CA ASP A 606 42.59 -41.81 19.13
C ASP A 606 42.66 -42.98 20.12
N VAL A 607 41.79 -42.95 21.17
CA VAL A 607 41.64 -44.09 22.10
C VAL A 607 40.46 -45.01 21.74
N ASP A 608 39.30 -44.43 21.53
CA ASP A 608 38.05 -45.11 21.27
C ASP A 608 38.22 -45.94 19.99
N LYS A 609 38.08 -47.27 20.09
CA LYS A 609 38.34 -48.15 18.94
C LYS A 609 37.35 -47.91 17.80
N LEU A 610 37.85 -47.62 16.60
CA LEU A 610 37.12 -47.75 15.34
C LEU A 610 36.96 -49.24 14.99
N TYR A 611 35.93 -49.56 14.22
CA TYR A 611 35.64 -50.90 13.71
C TYR A 611 36.56 -51.26 12.55
N ALA A 612 36.26 -52.43 11.97
CA ALA A 612 36.96 -53.05 10.84
C ALA A 612 36.91 -52.17 9.60
N GLY A 613 38.05 -51.75 9.01
CA GLY A 613 38.04 -50.81 7.89
C GLY A 613 37.59 -49.39 8.27
N LYS A 614 36.97 -48.67 7.33
CA LYS A 614 36.06 -47.55 7.59
C LYS A 614 36.67 -46.48 8.50
N PHE A 615 37.94 -46.13 8.22
CA PHE A 615 38.72 -45.19 8.99
C PHE A 615 38.09 -43.79 9.05
N ASP A 616 38.24 -43.14 10.22
CA ASP A 616 37.75 -41.80 10.44
C ASP A 616 38.67 -40.77 9.80
N SER A 617 38.33 -40.27 8.62
CA SER A 617 39.04 -39.14 8.00
C SER A 617 38.91 -37.86 8.84
N SER A 618 37.90 -37.81 9.71
CA SER A 618 37.73 -36.67 10.61
C SER A 618 38.86 -36.63 11.63
N LEU A 619 39.49 -37.73 11.95
CA LEU A 619 40.76 -37.76 12.68
C LEU A 619 41.86 -36.87 12.09
N LEU A 620 41.96 -36.81 10.78
CA LEU A 620 42.90 -35.93 10.09
C LEU A 620 42.43 -34.47 10.13
N LYS A 621 41.12 -34.23 10.07
CA LYS A 621 40.52 -32.92 10.29
C LYS A 621 40.80 -32.44 11.72
N ASN A 622 40.79 -33.33 12.71
CA ASN A 622 41.16 -33.04 14.09
C ASN A 622 42.63 -32.59 14.18
N ILE A 623 43.50 -33.25 13.41
CA ILE A 623 44.91 -32.85 13.31
C ILE A 623 45.02 -31.48 12.63
N GLN A 624 44.24 -31.24 11.57
CA GLN A 624 44.28 -29.98 10.87
C GLN A 624 43.80 -28.84 11.77
N ALA A 625 42.82 -29.11 12.63
CA ALA A 625 42.25 -28.15 13.54
C ALA A 625 43.18 -27.89 14.73
N ALA A 626 43.99 -28.90 15.11
CA ALA A 626 44.93 -28.80 16.22
C ALA A 626 46.03 -27.78 15.92
N LYS A 627 46.58 -27.16 16.94
CA LYS A 627 47.81 -26.36 16.87
C LYS A 627 49.04 -27.27 16.88
N HIS A 628 48.97 -28.33 17.71
CA HIS A 628 50.14 -29.12 18.06
C HIS A 628 49.86 -30.59 17.81
N PHE A 629 50.90 -31.36 17.45
CA PHE A 629 50.79 -32.78 17.22
C PHE A 629 51.88 -33.52 17.99
N ILE A 630 51.45 -34.45 18.85
CA ILE A 630 52.34 -35.35 19.56
C ILE A 630 52.39 -36.71 18.86
N LEU A 631 53.56 -37.27 18.63
CA LEU A 631 53.75 -38.68 18.29
C LEU A 631 54.42 -39.41 19.46
N VAL A 632 53.68 -40.30 20.14
CA VAL A 632 54.23 -41.13 21.18
C VAL A 632 55.04 -42.29 20.57
N LEU A 633 56.35 -42.13 20.63
CA LEU A 633 57.31 -43.12 20.15
C LEU A 633 57.58 -44.14 21.25
N THR A 634 56.77 -45.17 21.32
CA THR A 634 57.03 -46.38 22.10
C THR A 634 58.08 -47.22 21.38
N PRO A 635 58.69 -48.24 22.05
CA PRO A 635 59.14 -49.46 21.36
C PRO A 635 58.09 -49.93 20.35
N ASN A 636 58.55 -50.31 19.15
CA ASN A 636 57.73 -50.82 18.06
C ASN A 636 56.77 -49.80 17.46
N SER A 637 56.82 -48.52 17.85
CA SER A 637 55.80 -47.53 17.50
C SER A 637 55.73 -47.26 15.99
N LEU A 638 56.93 -47.20 15.39
CA LEU A 638 57.06 -46.88 13.96
C LEU A 638 57.08 -48.14 13.07
N ASP A 639 57.12 -49.32 13.68
CA ASP A 639 57.41 -50.56 12.97
C ASP A 639 56.32 -50.89 11.96
N ARG A 640 55.05 -50.63 12.27
CA ARG A 640 54.00 -50.91 11.30
C ARG A 640 53.96 -49.90 10.17
N LEU A 641 54.73 -48.81 10.28
CA LEU A 641 54.84 -47.85 9.19
C LEU A 641 55.87 -48.36 8.17
N LEU A 642 56.67 -49.38 8.50
CA LEU A 642 57.72 -49.84 7.61
C LEU A 642 57.14 -50.35 6.28
N ASN A 643 57.64 -49.78 5.18
CA ASN A 643 57.27 -50.07 3.79
C ASN A 643 55.81 -49.71 3.54
N ASP A 644 55.20 -48.90 4.40
CA ASP A 644 53.83 -48.44 4.25
C ASP A 644 53.76 -47.26 3.29
N ASP A 645 54.30 -47.40 2.06
CA ASP A 645 54.34 -46.31 1.08
C ASP A 645 52.95 -45.87 0.64
N ASN A 646 51.99 -46.79 0.75
CA ASN A 646 50.61 -46.50 0.35
C ASN A 646 49.81 -45.84 1.48
N CYS A 647 50.48 -45.52 2.60
CA CYS A 647 49.88 -44.85 3.73
C CYS A 647 48.61 -45.57 4.21
N GLU A 648 48.71 -46.89 4.40
CA GLU A 648 47.63 -47.72 4.90
C GLU A 648 47.54 -47.68 6.43
N ASP A 649 48.70 -47.48 7.11
CA ASP A 649 48.75 -47.38 8.55
C ASP A 649 48.13 -46.06 9.02
N TRP A 650 47.22 -46.08 9.98
CA TRP A 650 46.59 -44.86 10.48
C TRP A 650 47.59 -43.98 11.25
N VAL A 651 48.58 -44.55 11.95
CA VAL A 651 49.69 -43.79 12.49
C VAL A 651 50.40 -43.00 11.36
N HIS A 652 50.55 -43.62 10.18
CA HIS A 652 51.12 -42.96 9.02
C HIS A 652 50.23 -41.83 8.52
N LYS A 653 48.93 -42.06 8.39
CA LYS A 653 47.94 -41.03 8.00
C LYS A 653 48.00 -39.84 8.95
N GLU A 654 48.00 -40.11 10.26
CA GLU A 654 48.09 -39.11 11.31
C GLU A 654 49.39 -38.28 11.18
N LEU A 655 50.54 -38.96 11.09
CA LEU A 655 51.85 -38.32 11.07
C LEU A 655 52.03 -37.55 9.73
N LYS A 656 51.59 -38.12 8.61
CA LYS A 656 51.63 -37.45 7.33
C LYS A 656 50.84 -36.13 7.38
N CYS A 657 49.63 -36.19 7.96
CA CYS A 657 48.78 -35.01 8.14
C CYS A 657 49.48 -33.96 9.01
N ALA A 658 50.12 -34.42 10.07
CA ALA A 658 50.86 -33.53 10.98
C ALA A 658 51.96 -32.80 10.21
N PHE A 659 52.72 -33.53 9.37
CA PHE A 659 53.77 -32.95 8.55
C PHE A 659 53.20 -31.96 7.52
N GLU A 660 52.09 -32.34 6.86
CA GLU A 660 51.48 -31.51 5.83
C GLU A 660 51.03 -30.14 6.36
N HIS A 661 50.88 -30.01 7.67
CA HIS A 661 50.35 -28.81 8.29
C HIS A 661 51.32 -28.23 9.30
N GLN A 662 52.51 -28.80 9.46
CA GLN A 662 53.54 -28.33 10.38
C GLN A 662 53.01 -28.05 11.79
N LYS A 663 52.21 -28.95 12.33
CA LYS A 663 51.63 -28.76 13.64
C LYS A 663 52.55 -28.88 14.82
N ASN A 664 53.49 -27.94 15.07
CA ASN A 664 54.35 -27.96 16.26
C ASN A 664 54.81 -29.37 16.72
N ILE A 665 55.35 -30.18 15.85
CA ILE A 665 55.41 -31.65 15.89
C ILE A 665 56.37 -32.15 17.01
N ILE A 666 55.88 -33.09 17.83
CA ILE A 666 56.53 -33.48 19.09
C ILE A 666 56.71 -35.00 19.08
N PRO A 667 57.89 -35.54 18.69
CA PRO A 667 58.25 -36.90 19.09
C PRO A 667 58.41 -36.98 20.61
N ILE A 668 57.67 -37.95 21.22
CA ILE A 668 57.91 -38.21 22.64
C ILE A 668 58.45 -39.62 22.70
N PHE A 669 59.74 -39.77 23.04
CA PHE A 669 60.41 -41.04 23.15
C PHE A 669 60.07 -41.66 24.50
N ASP A 670 59.36 -42.80 24.48
CA ASP A 670 59.18 -43.64 25.62
C ASP A 670 60.54 -44.08 26.20
N THR A 671 60.56 -44.41 27.49
CA THR A 671 61.79 -44.60 28.25
C THR A 671 62.70 -45.66 27.62
N ALA A 672 62.15 -46.67 26.93
CA ALA A 672 62.87 -47.76 26.28
C ALA A 672 63.08 -47.57 24.76
N PHE A 673 62.65 -46.43 24.20
CA PHE A 673 62.44 -46.32 22.76
C PHE A 673 63.75 -46.26 21.97
N GLU A 674 63.73 -46.88 20.78
CA GLU A 674 64.71 -46.69 19.72
C GLU A 674 64.00 -46.65 18.36
N PHE A 675 64.51 -45.80 17.44
CA PHE A 675 64.07 -45.75 16.06
C PHE A 675 64.30 -47.09 15.38
N PRO A 676 63.51 -47.42 14.31
CA PRO A 676 63.77 -48.56 13.43
C PRO A 676 65.17 -48.58 12.82
N THR A 677 65.66 -49.81 12.61
CA THR A 677 66.98 -50.15 12.14
C THR A 677 67.25 -49.56 10.75
N LYS A 678 66.21 -49.50 9.89
CA LYS A 678 66.38 -49.21 8.46
C LYS A 678 65.58 -47.99 8.01
N GLU A 679 66.13 -46.77 8.07
CA GLU A 679 65.37 -45.54 7.89
C GLU A 679 64.72 -45.46 6.51
N ASP A 680 65.34 -46.04 5.49
CA ASP A 680 64.83 -46.07 4.13
C ASP A 680 63.51 -46.83 4.02
N GLN A 681 63.24 -47.71 5.01
CA GLN A 681 62.00 -48.47 5.04
C GLN A 681 60.88 -47.69 5.74
N ILE A 682 61.22 -46.65 6.52
CA ILE A 682 60.18 -45.67 6.94
C ILE A 682 59.87 -44.87 5.66
N PRO A 683 58.57 -44.72 5.27
CA PRO A 683 58.19 -44.01 4.05
C PRO A 683 58.81 -42.60 3.98
N ASN A 684 59.13 -42.18 2.72
CA ASN A 684 59.91 -41.00 2.40
C ASN A 684 59.27 -39.73 2.97
N ASP A 685 57.92 -39.68 3.01
CA ASP A 685 57.20 -38.51 3.42
C ASP A 685 57.35 -38.23 4.91
N ILE A 686 57.50 -39.29 5.75
CA ILE A 686 57.52 -39.17 7.21
C ILE A 686 58.89 -39.52 7.80
N ARG A 687 59.84 -39.99 6.96
CA ARG A 687 61.16 -40.44 7.37
C ARG A 687 61.91 -39.36 8.13
N MET A 688 61.63 -38.09 7.78
CA MET A 688 62.29 -36.93 8.36
C MET A 688 62.17 -36.90 9.89
N ILE A 689 61.15 -37.56 10.46
CA ILE A 689 60.89 -37.61 11.89
C ILE A 689 62.07 -38.16 12.68
N THR A 690 62.90 -39.01 12.06
CA THR A 690 64.11 -39.54 12.66
C THR A 690 65.18 -38.45 12.91
N LYS A 691 65.02 -37.25 12.32
CA LYS A 691 65.89 -36.13 12.54
C LYS A 691 65.37 -35.09 13.53
N TYR A 692 64.13 -35.24 13.99
CA TYR A 692 63.50 -34.27 14.89
C TYR A 692 64.01 -34.41 16.33
N ASN A 693 64.10 -33.29 17.07
CA ASN A 693 64.12 -33.32 18.54
C ASN A 693 62.82 -33.90 19.11
N GLY A 694 62.87 -34.47 20.26
CA GLY A 694 61.72 -34.93 21.03
C GLY A 694 62.02 -35.06 22.53
N VAL A 695 60.94 -35.27 23.31
CA VAL A 695 61.00 -35.42 24.77
C VAL A 695 61.30 -36.89 25.07
N LYS A 696 62.43 -37.18 25.74
CA LYS A 696 62.56 -38.49 26.36
C LYS A 696 61.68 -38.52 27.60
N TRP A 697 60.66 -39.37 27.57
CA TRP A 697 59.90 -39.71 28.77
C TRP A 697 60.76 -40.51 29.75
N VAL A 698 60.61 -40.14 31.05
CA VAL A 698 61.17 -40.86 32.17
C VAL A 698 60.06 -40.89 33.24
N HIS A 699 59.68 -42.12 33.62
CA HIS A 699 58.60 -42.35 34.56
C HIS A 699 58.85 -41.71 35.91
N ASP A 700 60.12 -41.63 36.32
CA ASP A 700 60.54 -41.02 37.58
C ASP A 700 60.47 -39.50 37.54
N TYR A 701 60.60 -38.92 36.32
CA TYR A 701 60.69 -37.47 36.15
C TYR A 701 59.55 -36.92 35.31
N GLN A 702 58.36 -37.52 35.50
CA GLN A 702 57.13 -37.25 34.77
C GLN A 702 56.87 -35.73 34.65
N ASP A 703 57.07 -35.00 35.75
CA ASP A 703 56.77 -33.58 35.85
C ASP A 703 57.71 -32.74 34.96
N ALA A 704 59.01 -33.11 34.95
CA ALA A 704 60.00 -32.45 34.11
C ALA A 704 59.79 -32.81 32.64
N CYS A 705 59.47 -34.08 32.37
CA CYS A 705 59.17 -34.55 31.02
C CYS A 705 57.97 -33.79 30.47
N MET A 706 56.92 -33.62 31.27
CA MET A 706 55.74 -32.87 30.89
C MET A 706 56.05 -31.38 30.69
N ALA A 707 56.91 -30.80 31.53
CA ALA A 707 57.40 -29.44 31.30
C ALA A 707 58.07 -29.32 29.92
N LYS A 708 58.87 -30.32 29.55
CA LYS A 708 59.51 -30.39 28.25
C LYS A 708 58.50 -30.53 27.10
N VAL A 709 57.45 -31.33 27.31
CA VAL A 709 56.34 -31.47 26.37
C VAL A 709 55.68 -30.13 26.14
N VAL A 710 55.42 -29.36 27.21
CA VAL A 710 54.87 -28.01 27.13
C VAL A 710 55.79 -27.08 26.30
N ARG A 711 57.12 -27.23 26.44
CA ARG A 711 58.07 -26.46 25.65
C ARG A 711 57.94 -26.78 24.15
N PHE A 712 57.77 -28.08 23.82
CA PHE A 712 57.57 -28.47 22.44
C PHE A 712 56.20 -27.99 21.90
N ILE A 713 55.19 -27.94 22.76
CA ILE A 713 53.85 -27.42 22.43
C ILE A 713 53.88 -25.91 22.16
N THR A 714 54.61 -25.14 23.01
CA THR A 714 54.91 -23.75 22.80
C THR A 714 56.02 -23.48 21.76
N GLY A 715 56.33 -24.52 20.95
CA GLY A 715 57.09 -24.48 19.71
C GLY A 715 58.57 -24.20 19.97
N GLU A 716 59.09 -24.47 21.17
CA GLU A 716 60.38 -23.97 21.63
C GLU A 716 61.55 -24.91 21.28
N LEU A 717 61.27 -26.18 20.94
CA LEU A 717 62.29 -27.24 20.92
C LEU A 717 62.27 -28.11 19.66
N ASN A 718 61.17 -28.01 18.89
CA ASN A 718 60.79 -28.86 17.77
C ASN A 718 61.79 -28.75 16.60
N MET B 60 5.78 -62.37 -3.89
CA MET B 60 6.55 -61.09 -3.82
C MET B 60 5.60 -59.91 -4.09
N SER B 61 5.69 -58.83 -3.27
CA SER B 61 4.76 -57.73 -3.30
C SER B 61 5.03 -56.75 -4.46
N ASN B 62 3.99 -55.95 -4.77
CA ASN B 62 4.17 -54.82 -5.67
C ASN B 62 5.11 -53.78 -5.05
N THR B 63 5.09 -53.60 -3.72
CA THR B 63 6.07 -52.77 -3.03
C THR B 63 7.49 -53.20 -3.41
N GLU B 64 7.72 -54.51 -3.45
CA GLU B 64 8.99 -55.05 -3.88
C GLU B 64 9.23 -54.89 -5.39
N GLN B 65 8.20 -55.04 -6.24
CA GLN B 65 8.36 -54.73 -7.66
C GLN B 65 8.86 -53.30 -7.83
N VAL B 66 8.20 -52.37 -7.13
CA VAL B 66 8.57 -50.97 -7.11
C VAL B 66 9.98 -50.81 -6.57
N ALA B 67 10.31 -51.42 -5.43
CA ALA B 67 11.62 -51.29 -4.82
C ALA B 67 12.72 -51.80 -5.75
N MET B 68 12.45 -52.94 -6.43
CA MET B 68 13.39 -53.49 -7.38
C MET B 68 13.57 -52.54 -8.55
N MET B 69 12.49 -52.12 -9.18
CA MET B 69 12.51 -51.19 -10.30
C MET B 69 13.24 -49.91 -9.92
N HIS B 70 12.91 -49.36 -8.74
CA HIS B 70 13.52 -48.16 -8.18
C HIS B 70 15.02 -48.36 -8.03
N THR B 71 15.40 -49.45 -7.36
CA THR B 71 16.80 -49.76 -7.12
C THR B 71 17.53 -49.91 -8.45
N LEU B 72 16.93 -50.66 -9.38
CA LEU B 72 17.47 -50.88 -10.70
C LEU B 72 17.75 -49.53 -11.39
N LYS B 73 16.73 -48.69 -11.54
CA LYS B 73 16.88 -47.38 -12.15
C LYS B 73 17.96 -46.55 -11.45
N THR B 74 17.93 -46.55 -10.11
CA THR B 74 18.86 -45.80 -9.28
C THR B 74 20.30 -46.23 -9.53
N LYS B 75 20.57 -47.51 -9.29
CA LYS B 75 21.91 -48.05 -9.36
C LYS B 75 22.40 -48.10 -10.80
N LEU B 76 21.49 -48.30 -11.77
CA LEU B 76 21.85 -48.17 -13.16
C LEU B 76 22.41 -46.77 -13.45
N SER B 77 21.66 -45.73 -13.08
CA SER B 77 22.11 -44.35 -13.23
C SER B 77 23.49 -44.13 -12.62
N LYS B 78 23.65 -44.58 -11.36
CA LYS B 78 24.90 -44.48 -10.63
C LYS B 78 26.06 -45.20 -11.35
N TYR B 79 25.86 -46.47 -11.67
CA TYR B 79 26.90 -47.30 -12.25
C TYR B 79 27.20 -46.93 -13.69
N GLN B 80 26.25 -46.36 -14.42
CA GLN B 80 26.53 -45.77 -15.73
C GLN B 80 27.59 -44.66 -15.58
N ALA B 81 27.35 -43.75 -14.62
CA ALA B 81 28.28 -42.65 -14.36
C ALA B 81 29.66 -43.18 -13.91
N MET B 82 29.68 -44.14 -12.99
CA MET B 82 30.93 -44.73 -12.50
C MET B 82 31.67 -45.47 -13.60
N MET B 83 30.92 -46.20 -14.45
CA MET B 83 31.47 -46.85 -15.63
C MET B 83 32.08 -45.82 -16.58
N ASP B 84 31.42 -44.67 -16.79
CA ASP B 84 31.99 -43.59 -17.58
C ASP B 84 33.35 -43.14 -17.02
N LYS B 85 33.45 -42.93 -15.70
CA LYS B 85 34.70 -42.58 -15.05
C LYS B 85 35.79 -43.61 -15.32
N ALA B 86 35.45 -44.88 -15.16
CA ALA B 86 36.37 -45.97 -15.47
C ALA B 86 36.75 -45.98 -16.96
N PHE B 87 35.79 -45.68 -17.84
CA PHE B 87 36.05 -45.54 -19.27
C PHE B 87 36.88 -44.33 -19.64
N GLU B 88 36.84 -43.27 -18.85
CA GLU B 88 37.75 -42.14 -19.01
C GLU B 88 39.20 -42.57 -18.74
N GLU B 89 39.42 -43.44 -17.75
CA GLU B 89 40.73 -44.04 -17.50
C GLU B 89 41.16 -44.93 -18.65
N ILE B 90 40.24 -45.76 -19.18
CA ILE B 90 40.50 -46.59 -20.35
C ILE B 90 40.86 -45.70 -21.56
N ALA B 91 40.06 -44.66 -21.80
CA ALA B 91 40.14 -43.77 -22.96
C ALA B 91 41.41 -42.91 -22.99
N LYS B 92 42.16 -42.84 -21.86
CA LYS B 92 43.48 -42.23 -21.83
C LYS B 92 44.48 -43.02 -22.68
N VAL B 93 44.22 -44.33 -22.88
CA VAL B 93 45.10 -45.26 -23.60
C VAL B 93 46.52 -45.24 -23.00
N GLU B 94 46.56 -45.32 -21.66
CA GLU B 94 47.79 -45.44 -20.89
C GLU B 94 47.65 -46.65 -19.96
N ASP B 95 48.70 -47.49 -19.89
CA ASP B 95 48.62 -48.86 -19.41
C ASP B 95 47.92 -48.97 -18.04
N ALA B 96 48.45 -48.25 -17.05
CA ALA B 96 47.95 -48.27 -15.68
C ALA B 96 46.50 -47.77 -15.59
N ASN B 97 46.13 -46.78 -16.42
CA ASN B 97 44.80 -46.20 -16.46
C ASN B 97 43.80 -47.20 -17.06
N ILE B 98 44.17 -47.88 -18.14
CA ILE B 98 43.32 -48.93 -18.72
C ILE B 98 43.15 -50.06 -17.68
N ILE B 99 44.26 -50.52 -17.08
CA ILE B 99 44.27 -51.55 -16.05
C ILE B 99 43.36 -51.18 -14.88
N GLU B 100 43.53 -49.98 -14.33
CA GLU B 100 42.75 -49.48 -13.20
C GLU B 100 41.28 -49.32 -13.57
N GLY B 101 40.98 -48.65 -14.69
CA GLY B 101 39.61 -48.52 -15.20
C GLY B 101 38.91 -49.86 -15.35
N CYS B 102 39.56 -50.81 -16.06
CA CYS B 102 39.05 -52.17 -16.22
C CYS B 102 38.89 -52.87 -14.87
N THR B 103 39.84 -52.68 -13.93
CA THR B 103 39.75 -53.22 -12.58
C THR B 103 38.49 -52.70 -11.87
N ILE B 104 38.24 -51.38 -11.97
CA ILE B 104 37.05 -50.77 -11.41
C ILE B 104 35.79 -51.34 -12.05
N VAL B 105 35.74 -51.45 -13.40
CA VAL B 105 34.60 -52.03 -14.11
C VAL B 105 34.37 -53.47 -13.65
N ARG B 106 35.44 -54.25 -13.51
CA ARG B 106 35.39 -55.64 -13.06
C ARG B 106 34.77 -55.72 -11.65
N LYS B 107 35.31 -54.93 -10.70
CA LYS B 107 34.81 -54.85 -9.34
C LYS B 107 33.32 -54.48 -9.31
N LEU B 108 32.98 -53.42 -10.06
CA LEU B 108 31.62 -52.94 -10.24
C LEU B 108 30.72 -54.05 -10.77
N MET B 109 31.09 -54.72 -11.87
CA MET B 109 30.31 -55.80 -12.47
C MET B 109 30.07 -56.94 -11.49
N ARG B 110 31.07 -57.30 -10.68
CA ARG B 110 30.94 -58.35 -9.69
C ARG B 110 30.02 -57.91 -8.55
N LYS B 111 30.19 -56.68 -8.05
CA LYS B 111 29.32 -56.08 -7.05
C LYS B 111 27.86 -56.02 -7.54
N VAL B 112 27.69 -55.64 -8.81
CA VAL B 112 26.41 -55.67 -9.53
C VAL B 112 25.84 -57.08 -9.53
N TRP B 113 26.62 -58.07 -9.92
CA TRP B 113 26.17 -59.46 -9.89
C TRP B 113 25.85 -59.95 -8.47
N ASN B 114 26.49 -59.39 -7.44
CA ASN B 114 26.23 -59.70 -6.05
C ASN B 114 25.06 -58.89 -5.45
N THR B 115 24.45 -57.98 -6.24
CA THR B 115 23.34 -57.14 -5.80
C THR B 115 22.11 -58.00 -5.50
N PRO B 116 21.45 -57.82 -4.32
CA PRO B 116 20.57 -58.82 -3.73
C PRO B 116 19.55 -59.54 -4.61
N LYS B 117 18.85 -58.81 -5.48
CA LYS B 117 17.96 -59.44 -6.45
C LYS B 117 17.92 -58.81 -7.83
N VAL B 118 18.23 -57.51 -7.93
CA VAL B 118 18.26 -56.75 -9.17
C VAL B 118 19.47 -57.09 -10.06
N SER B 119 20.42 -57.90 -9.51
CA SER B 119 21.71 -58.19 -10.10
C SER B 119 21.66 -58.48 -11.60
N ALA B 120 20.81 -59.43 -12.03
CA ALA B 120 20.76 -59.86 -13.41
C ALA B 120 20.37 -58.71 -14.36
N ASP B 121 19.27 -57.99 -14.01
CA ASP B 121 18.80 -56.89 -14.81
C ASP B 121 19.84 -55.78 -14.90
N LEU B 122 20.45 -55.45 -13.74
CA LEU B 122 21.43 -54.38 -13.68
C LEU B 122 22.69 -54.75 -14.49
N ALA B 123 23.15 -56.01 -14.38
CA ALA B 123 24.22 -56.52 -15.21
C ALA B 123 23.89 -56.40 -16.69
N ASN B 124 22.68 -56.85 -17.08
CA ASN B 124 22.24 -56.81 -18.47
C ASN B 124 22.23 -55.38 -18.99
N ALA B 125 21.60 -54.47 -18.22
CA ALA B 125 21.50 -53.06 -18.59
C ALA B 125 22.88 -52.41 -18.73
N LEU B 126 23.83 -52.77 -17.87
CA LEU B 126 25.20 -52.27 -18.00
C LEU B 126 25.92 -52.88 -19.20
N CYS B 127 25.70 -54.18 -19.49
CA CYS B 127 26.20 -54.81 -20.70
C CYS B 127 25.68 -54.11 -21.96
N ASP B 128 24.40 -53.74 -21.94
CA ASP B 128 23.77 -52.95 -22.99
C ASP B 128 24.44 -51.58 -23.10
N TYR B 129 24.55 -50.87 -21.97
CA TYR B 129 25.17 -49.57 -21.90
C TYR B 129 26.59 -49.61 -22.46
N LEU B 130 27.38 -50.64 -22.12
CA LEU B 130 28.70 -50.85 -22.71
C LEU B 130 28.70 -50.90 -24.24
N ARG B 131 27.72 -51.57 -24.85
CA ARG B 131 27.57 -51.61 -26.29
C ARG B 131 27.14 -50.24 -26.83
N ASP B 132 26.14 -49.64 -26.18
CA ASP B 132 25.53 -48.36 -26.56
C ASP B 132 26.56 -47.22 -26.55
N ARG B 133 27.47 -47.25 -25.57
CA ARG B 133 28.55 -46.30 -25.38
C ARG B 133 29.79 -46.64 -26.22
N ASP B 134 29.76 -47.77 -26.95
CA ASP B 134 30.90 -48.36 -27.67
C ASP B 134 32.09 -48.71 -26.76
N TYR B 135 31.89 -48.62 -25.44
CA TYR B 135 32.82 -49.08 -24.42
C TYR B 135 33.22 -50.54 -24.67
N PHE B 136 32.23 -51.39 -25.01
CA PHE B 136 32.44 -52.78 -25.35
C PHE B 136 33.35 -52.96 -26.57
N ASP B 137 33.08 -52.16 -27.61
CA ASP B 137 33.85 -52.15 -28.85
C ASP B 137 35.32 -51.75 -28.58
N LYS B 138 35.49 -50.70 -27.77
CA LYS B 138 36.78 -50.21 -27.32
C LYS B 138 37.55 -51.30 -26.57
N LEU B 139 36.90 -51.97 -25.59
CA LEU B 139 37.50 -53.09 -24.88
C LEU B 139 37.97 -54.19 -25.83
N ILE B 140 37.11 -54.58 -26.81
CA ILE B 140 37.44 -55.60 -27.79
C ILE B 140 38.71 -55.21 -28.56
N LYS B 141 38.74 -53.98 -29.11
CA LYS B 141 39.87 -53.48 -29.87
C LYS B 141 41.14 -53.43 -29.01
N MET B 142 41.03 -52.91 -27.79
CA MET B 142 42.13 -52.81 -26.84
C MET B 142 42.50 -54.16 -26.20
N PHE B 143 41.79 -55.23 -26.55
CA PHE B 143 42.13 -56.61 -26.19
C PHE B 143 42.84 -57.30 -27.37
N ILE B 144 42.25 -57.24 -28.57
CA ILE B 144 42.73 -57.96 -29.75
C ILE B 144 43.94 -57.26 -30.41
N SER B 145 44.14 -55.95 -30.18
CA SER B 145 45.18 -55.17 -30.84
C SER B 145 46.58 -55.73 -30.53
N PRO B 146 47.47 -55.87 -31.54
CA PRO B 146 48.84 -56.34 -31.32
C PRO B 146 49.70 -55.39 -30.48
N ASN B 147 49.35 -54.08 -30.49
CA ASN B 147 50.04 -53.09 -29.68
C ASN B 147 49.91 -53.35 -28.18
N THR B 148 48.84 -54.07 -27.78
CA THR B 148 48.59 -54.43 -26.39
C THR B 148 49.70 -55.34 -25.82
N ALA B 149 50.53 -55.95 -26.68
CA ALA B 149 51.70 -56.72 -26.26
C ALA B 149 52.72 -55.91 -25.46
N ALA B 150 52.64 -54.56 -25.54
CA ALA B 150 53.43 -53.64 -24.73
C ALA B 150 53.19 -53.85 -23.22
N CYS B 151 51.96 -54.27 -22.86
CA CYS B 151 51.61 -54.65 -21.50
C CYS B 151 50.43 -55.63 -21.51
N ASP B 152 50.73 -56.92 -21.36
CA ASP B 152 49.73 -57.99 -21.40
C ASP B 152 48.71 -57.82 -20.28
N GLN B 153 49.05 -57.15 -19.17
CA GLN B 153 48.12 -56.87 -18.09
C GLN B 153 46.97 -55.97 -18.54
N VAL B 154 47.19 -55.09 -19.54
CA VAL B 154 46.10 -54.35 -20.18
C VAL B 154 45.12 -55.32 -20.83
N ARG B 155 45.63 -56.26 -21.64
CA ARG B 155 44.81 -57.27 -22.30
C ARG B 155 44.07 -58.11 -21.25
N MET B 156 44.74 -58.49 -20.17
CA MET B 156 44.15 -59.23 -19.06
C MET B 156 42.94 -58.51 -18.47
N GLU B 157 43.12 -57.25 -18.04
CA GLU B 157 42.02 -56.51 -17.42
C GLU B 157 40.87 -56.25 -18.41
N CYS B 158 41.19 -55.88 -19.65
CA CYS B 158 40.20 -55.77 -20.72
C CYS B 158 39.43 -57.08 -20.88
N GLY B 159 40.16 -58.20 -20.95
CA GLY B 159 39.60 -59.53 -21.09
C GLY B 159 38.70 -59.94 -19.95
N LYS B 160 39.12 -59.68 -18.69
CA LYS B 160 38.31 -59.98 -17.52
C LYS B 160 36.99 -59.22 -17.57
N VAL B 161 37.05 -57.93 -17.91
CA VAL B 161 35.85 -57.12 -18.08
C VAL B 161 34.96 -57.70 -19.19
N LEU B 162 35.56 -58.01 -20.36
CA LEU B 162 34.82 -58.64 -21.46
C LEU B 162 34.13 -59.93 -21.00
N GLU B 163 34.84 -60.77 -20.23
CA GLU B 163 34.32 -61.97 -19.57
C GLU B 163 33.06 -61.62 -18.76
N GLU B 164 33.12 -60.62 -17.85
CA GLU B 164 31.96 -60.20 -17.08
C GLU B 164 30.80 -59.79 -18.00
N CYS B 165 31.14 -59.15 -19.14
CA CYS B 165 30.18 -58.46 -19.98
C CYS B 165 29.70 -59.31 -21.16
N THR B 166 30.10 -60.59 -21.23
CA THR B 166 29.67 -61.52 -22.27
C THR B 166 28.21 -62.00 -22.09
N SER B 167 27.27 -61.04 -22.06
CA SER B 167 25.84 -61.30 -22.22
C SER B 167 25.56 -61.91 -23.59
N SER B 168 24.37 -62.53 -23.77
CA SER B 168 23.94 -63.02 -25.08
C SER B 168 24.02 -61.94 -26.17
N ALA B 169 23.57 -60.71 -25.85
CA ALA B 169 23.61 -59.58 -26.77
C ALA B 169 25.03 -59.08 -27.05
N ASN B 170 25.94 -59.21 -26.08
CA ASN B 170 27.35 -58.88 -26.23
C ASN B 170 28.08 -59.91 -27.11
N LEU B 171 27.77 -61.19 -26.92
CA LEU B 171 28.28 -62.25 -27.77
C LEU B 171 27.74 -62.11 -29.19
N GLU B 172 26.45 -61.77 -29.33
CA GLU B 172 25.83 -61.44 -30.60
C GLU B 172 26.54 -60.27 -31.28
N TYR B 173 26.88 -59.21 -30.52
CA TYR B 173 27.65 -58.09 -31.03
C TYR B 173 29.00 -58.56 -31.60
N ILE B 174 29.74 -59.36 -30.81
CA ILE B 174 31.01 -59.95 -31.22
C ILE B 174 30.88 -60.69 -32.56
N VAL B 175 29.82 -61.51 -32.69
CA VAL B 175 29.52 -62.30 -33.87
C VAL B 175 29.14 -61.41 -35.05
N ASN B 176 28.27 -60.41 -34.83
CA ASN B 176 27.81 -59.46 -35.85
C ASN B 176 28.98 -58.64 -36.43
N LYS B 177 29.94 -58.27 -35.57
CA LYS B 177 31.15 -57.54 -35.95
C LYS B 177 32.30 -58.46 -36.38
N SER B 178 32.08 -59.79 -36.34
CA SER B 178 33.03 -60.83 -36.74
C SER B 178 34.35 -60.82 -35.96
N TYR B 179 34.34 -60.27 -34.74
CA TYR B 179 35.50 -60.29 -33.85
C TYR B 179 35.78 -61.69 -33.28
N THR B 180 34.89 -62.66 -33.52
CA THR B 180 34.84 -63.95 -32.83
C THR B 180 36.18 -64.69 -32.87
N LYS B 181 36.72 -64.92 -34.08
CA LYS B 181 37.95 -65.68 -34.25
C LYS B 181 39.17 -64.90 -33.76
N LYS B 182 39.17 -63.56 -33.89
CA LYS B 182 40.22 -62.69 -33.36
C LYS B 182 40.32 -62.84 -31.84
N ILE B 183 39.17 -62.72 -31.17
CA ILE B 183 39.06 -62.89 -29.72
C ILE B 183 39.49 -64.31 -29.32
N MET B 184 39.02 -65.34 -30.05
CA MET B 184 39.36 -66.73 -29.79
C MET B 184 40.88 -66.94 -29.82
N ILE B 185 41.55 -66.53 -30.91
CA ILE B 185 42.99 -66.70 -31.08
C ILE B 185 43.73 -65.93 -29.98
N VAL B 186 43.29 -64.71 -29.66
CA VAL B 186 43.90 -63.92 -28.60
C VAL B 186 43.70 -64.55 -27.21
N ALA B 187 42.54 -65.18 -26.97
CA ALA B 187 42.35 -66.03 -25.79
C ALA B 187 43.32 -67.22 -25.79
N MET B 188 43.53 -67.88 -26.94
CA MET B 188 44.49 -68.97 -27.04
C MET B 188 45.93 -68.49 -26.78
N LYS B 189 46.25 -67.22 -27.11
CA LYS B 189 47.52 -66.58 -26.77
C LYS B 189 47.65 -66.24 -25.30
N LEU B 190 46.52 -66.03 -24.59
CA LEU B 190 46.52 -65.90 -23.14
C LEU B 190 46.74 -67.27 -22.49
N ASN B 191 48.03 -67.63 -22.33
CA ASN B 191 48.43 -68.95 -21.85
C ASN B 191 49.62 -68.91 -20.89
N LYS B 192 50.23 -67.73 -20.65
CA LYS B 192 51.55 -67.59 -20.02
C LYS B 192 51.56 -67.94 -18.52
N THR B 193 50.40 -67.83 -17.86
CA THR B 193 50.24 -68.06 -16.42
C THR B 193 48.88 -68.73 -16.18
N PRO B 194 48.65 -69.38 -15.00
CA PRO B 194 47.32 -69.90 -14.64
C PRO B 194 46.19 -68.86 -14.71
N ASP B 195 46.49 -67.59 -14.42
CA ASP B 195 45.53 -66.50 -14.55
C ASP B 195 45.12 -66.30 -16.02
N GLN B 196 46.13 -66.21 -16.92
CA GLN B 196 45.90 -66.12 -18.34
C GLN B 196 45.07 -67.30 -18.84
N GLN B 197 45.46 -68.51 -18.42
CA GLN B 197 44.82 -69.76 -18.78
C GLN B 197 43.36 -69.80 -18.32
N ARG B 198 43.07 -69.37 -17.08
CA ARG B 198 41.71 -69.30 -16.58
C ARG B 198 40.87 -68.31 -17.39
N LEU B 199 41.40 -67.09 -17.60
CA LEU B 199 40.73 -66.08 -18.38
C LEU B 199 40.47 -66.57 -19.81
N SER B 200 41.49 -67.20 -20.41
CA SER B 200 41.41 -67.81 -21.72
C SER B 200 40.24 -68.78 -21.80
N LEU B 201 40.25 -69.82 -20.95
CA LEU B 201 39.17 -70.80 -20.87
C LEU B 201 37.82 -70.15 -20.60
N SER B 202 37.80 -69.05 -19.83
CA SER B 202 36.59 -68.28 -19.60
C SER B 202 36.05 -67.67 -20.89
N LEU B 203 36.88 -66.85 -21.58
CA LEU B 203 36.46 -66.19 -22.81
C LEU B 203 36.05 -67.22 -23.86
N ILE B 204 36.87 -68.28 -24.01
CA ILE B 204 36.60 -69.44 -24.85
C ILE B 204 35.21 -70.01 -24.53
N GLY B 205 34.98 -70.37 -23.26
CA GLY B 205 33.70 -70.90 -22.81
C GLY B 205 32.53 -69.94 -22.99
N ASN B 206 32.78 -68.63 -22.88
CA ASN B 206 31.77 -67.61 -23.10
C ASN B 206 31.38 -67.51 -24.59
N LEU B 207 32.37 -67.56 -25.50
CA LEU B 207 32.10 -67.64 -26.93
C LEU B 207 31.23 -68.86 -27.26
N PHE B 208 31.50 -69.98 -26.57
CA PHE B 208 30.72 -71.21 -26.70
C PHE B 208 29.29 -71.12 -26.11
N LYS B 209 28.84 -69.94 -25.69
CA LYS B 209 27.43 -69.73 -25.34
C LYS B 209 26.60 -69.21 -26.52
N HIS B 210 27.26 -68.93 -27.66
CA HIS B 210 26.53 -68.55 -28.87
C HIS B 210 26.15 -69.75 -29.72
N SER B 211 25.21 -69.57 -30.67
CA SER B 211 24.52 -70.60 -31.46
C SER B 211 25.43 -71.63 -32.13
N ASN B 212 24.85 -72.79 -32.52
CA ASN B 212 25.54 -73.97 -33.07
C ASN B 212 26.62 -73.63 -34.12
N ALA B 213 26.27 -72.79 -35.10
CA ALA B 213 27.15 -72.43 -36.21
C ALA B 213 28.46 -71.79 -35.73
N VAL B 214 28.35 -70.92 -34.72
CA VAL B 214 29.49 -70.23 -34.13
C VAL B 214 30.40 -71.24 -33.41
N SER B 215 29.83 -72.09 -32.55
CA SER B 215 30.57 -73.15 -31.88
C SER B 215 31.30 -74.05 -32.88
N LEU B 216 30.60 -74.50 -33.92
CA LEU B 216 31.16 -75.35 -34.97
C LEU B 216 32.32 -74.65 -35.70
N SER B 217 32.14 -73.37 -36.05
CA SER B 217 33.19 -72.54 -36.63
C SER B 217 34.42 -72.44 -35.72
N LEU B 218 34.20 -72.34 -34.41
CA LEU B 218 35.30 -72.27 -33.44
C LEU B 218 35.98 -73.64 -33.22
N ILE B 219 35.28 -74.77 -33.42
CA ILE B 219 35.90 -76.11 -33.41
C ILE B 219 37.00 -76.18 -34.46
N GLU B 220 36.84 -75.48 -35.60
CA GLU B 220 37.81 -75.48 -36.69
C GLU B 220 39.15 -74.86 -36.27
N THR B 221 39.21 -74.15 -35.15
CA THR B 221 40.47 -73.64 -34.58
C THR B 221 41.26 -74.71 -33.84
N ASP B 222 40.65 -75.88 -33.56
CA ASP B 222 41.18 -76.94 -32.72
C ASP B 222 41.50 -76.46 -31.29
N VAL B 223 40.82 -75.41 -30.85
CA VAL B 223 40.90 -74.91 -29.47
C VAL B 223 40.66 -75.99 -28.42
N ILE B 224 39.94 -77.08 -28.76
CA ILE B 224 39.70 -78.16 -27.81
C ILE B 224 41.02 -78.77 -27.35
N ASP B 225 42.00 -78.94 -28.24
CA ASP B 225 43.35 -79.37 -27.90
C ASP B 225 44.07 -78.37 -27.00
N HIS B 226 43.90 -77.07 -27.26
CA HIS B 226 44.39 -75.99 -26.41
C HIS B 226 43.77 -76.07 -25.02
N ILE B 227 42.44 -76.34 -24.94
CA ILE B 227 41.70 -76.49 -23.69
C ILE B 227 42.31 -77.66 -22.89
N ILE B 228 42.44 -78.81 -23.56
CA ILE B 228 42.98 -80.04 -22.98
C ILE B 228 44.38 -79.76 -22.41
N LEU B 229 45.27 -79.22 -23.25
CA LEU B 229 46.61 -78.83 -22.82
C LEU B 229 46.59 -77.84 -21.65
N THR B 230 45.66 -76.88 -21.66
CA THR B 230 45.55 -75.88 -20.59
C THR B 230 45.22 -76.50 -19.23
N PHE B 231 44.18 -77.34 -19.16
CA PHE B 231 43.85 -78.00 -17.89
C PHE B 231 44.90 -79.06 -17.51
N LYS B 232 45.51 -79.72 -18.50
CA LYS B 232 46.57 -80.70 -18.31
C LYS B 232 47.83 -80.05 -17.71
N ARG B 233 48.13 -78.80 -18.13
CA ARG B 233 49.23 -77.99 -17.61
C ARG B 233 49.00 -77.61 -16.15
N ALA B 234 47.78 -77.16 -15.81
CA ALA B 234 47.53 -76.51 -14.53
C ALA B 234 46.30 -77.08 -13.79
N PRO B 235 46.30 -78.40 -13.42
CA PRO B 235 45.26 -78.95 -12.53
C PRO B 235 45.37 -78.45 -11.10
N GLU B 236 46.49 -77.79 -10.76
CA GLU B 236 46.73 -77.13 -9.47
C GLU B 236 45.77 -75.96 -9.22
N CYS B 237 45.15 -75.44 -10.28
CA CYS B 237 44.14 -74.39 -10.18
C CYS B 237 42.74 -74.99 -10.38
N PRO B 238 41.87 -75.04 -9.32
CA PRO B 238 40.48 -75.46 -9.47
C PRO B 238 39.72 -74.58 -10.47
N ASP B 239 40.04 -73.29 -10.53
CA ASP B 239 39.35 -72.34 -11.39
C ASP B 239 39.61 -72.63 -12.87
N ILE B 240 40.80 -73.15 -13.22
CA ILE B 240 41.09 -73.64 -14.57
C ILE B 240 40.19 -74.82 -14.89
N LEU B 241 40.09 -75.80 -13.97
CA LEU B 241 39.24 -76.97 -14.17
C LEU B 241 37.77 -76.56 -14.31
N ARG B 242 37.31 -75.55 -13.55
CA ARG B 242 35.98 -74.97 -13.66
C ARG B 242 35.76 -74.39 -15.06
N HIS B 243 36.66 -73.49 -15.51
CA HIS B 243 36.50 -72.82 -16.79
C HIS B 243 36.66 -73.78 -17.97
N ALA B 244 37.47 -74.84 -17.79
CA ALA B 244 37.56 -75.93 -18.75
C ALA B 244 36.23 -76.70 -18.85
N ALA B 245 35.74 -77.20 -17.71
CA ALA B 245 34.50 -77.96 -17.64
C ALA B 245 33.32 -77.13 -18.15
N LEU B 246 33.29 -75.84 -17.78
CA LEU B 246 32.39 -74.81 -18.32
C LEU B 246 32.45 -74.74 -19.85
N ALA B 247 33.67 -74.57 -20.41
CA ALA B 247 33.85 -74.46 -21.85
C ALA B 247 33.32 -75.70 -22.56
N LEU B 248 33.62 -76.89 -22.02
CA LEU B 248 33.16 -78.16 -22.54
C LEU B 248 31.63 -78.28 -22.44
N ALA B 249 31.05 -77.97 -21.28
CA ALA B 249 29.60 -77.98 -21.10
C ALA B 249 28.92 -77.05 -22.12
N ASN B 250 29.41 -75.81 -22.20
CA ASN B 250 28.88 -74.79 -23.09
C ASN B 250 28.96 -75.25 -24.54
N ILE B 251 30.14 -75.63 -25.02
CA ILE B 251 30.30 -75.99 -26.42
C ILE B 251 29.42 -77.19 -26.79
N LEU B 252 29.38 -78.23 -25.92
CA LEU B 252 28.53 -79.39 -26.17
C LEU B 252 27.05 -79.01 -26.23
N LEU B 253 26.61 -78.13 -25.32
CA LEU B 253 25.24 -77.66 -25.26
C LEU B 253 24.89 -76.77 -26.46
N TYR B 254 25.89 -76.07 -27.02
CA TYR B 254 25.73 -75.16 -28.14
C TYR B 254 26.40 -75.66 -29.43
N THR B 255 26.31 -76.97 -29.73
CA THR B 255 26.86 -77.53 -30.96
C THR B 255 25.94 -78.60 -31.57
N CYS B 256 26.01 -78.76 -32.91
CA CYS B 256 25.37 -79.83 -33.68
C CYS B 256 25.97 -81.21 -33.42
N PHE B 257 25.38 -82.26 -34.03
CA PHE B 257 25.84 -83.64 -33.91
C PHE B 257 27.29 -83.80 -34.38
N GLU B 258 27.60 -83.22 -35.55
CA GLU B 258 28.91 -83.35 -36.18
C GLU B 258 29.99 -82.72 -35.30
N GLY B 259 29.74 -81.50 -34.80
CA GLY B 259 30.65 -80.82 -33.90
C GLY B 259 30.83 -81.55 -32.57
N LYS B 260 29.73 -82.07 -31.99
CA LYS B 260 29.77 -82.94 -30.81
C LYS B 260 30.70 -84.13 -31.05
N LYS B 261 30.54 -84.81 -32.19
CA LYS B 261 31.41 -85.91 -32.61
C LYS B 261 32.88 -85.51 -32.66
N LYS B 262 33.19 -84.36 -33.29
CA LYS B 262 34.53 -83.78 -33.34
C LYS B 262 35.11 -83.52 -31.94
N ILE B 263 34.31 -82.94 -31.02
CA ILE B 263 34.69 -82.72 -29.64
C ILE B 263 35.03 -84.05 -28.96
N ILE B 264 34.18 -85.05 -29.11
CA ILE B 264 34.32 -86.37 -28.50
C ILE B 264 35.60 -87.06 -28.98
N GLN B 265 35.92 -86.93 -30.27
CA GLN B 265 37.14 -87.47 -30.88
C GLN B 265 38.43 -86.96 -30.21
N LYS B 266 38.37 -85.80 -29.53
CA LYS B 266 39.47 -85.26 -28.73
C LYS B 266 39.55 -85.91 -27.34
N LYS B 267 38.99 -87.14 -27.21
CA LYS B 267 38.92 -87.96 -26.00
C LYS B 267 38.20 -87.26 -24.85
N ILE B 268 37.21 -86.42 -25.20
CA ILE B 268 36.58 -85.54 -24.23
C ILE B 268 35.75 -86.30 -23.18
N PRO B 269 35.05 -87.44 -23.47
CA PRO B 269 34.41 -88.20 -22.38
C PRO B 269 35.40 -88.64 -21.30
N GLU B 270 36.60 -89.07 -21.70
CA GLU B 270 37.67 -89.48 -20.78
C GLU B 270 38.25 -88.27 -20.04
N TRP B 271 38.40 -87.13 -20.71
CA TRP B 271 38.77 -85.89 -20.02
C TRP B 271 37.69 -85.43 -19.03
N LEU B 272 36.42 -85.63 -19.36
CA LEU B 272 35.32 -85.34 -18.45
C LEU B 272 35.30 -86.32 -17.27
N PHE B 273 35.70 -87.58 -17.47
CA PHE B 273 35.97 -88.49 -16.36
C PHE B 273 37.04 -87.93 -15.43
N PHE B 274 38.17 -87.51 -16.02
CA PHE B 274 39.26 -86.85 -15.30
C PHE B 274 38.73 -85.67 -14.47
N LEU B 275 38.01 -84.74 -15.11
CA LEU B 275 37.45 -83.55 -14.47
C LEU B 275 36.46 -83.90 -13.36
N ALA B 276 35.52 -84.82 -13.62
CA ALA B 276 34.56 -85.29 -12.63
C ALA B 276 35.22 -86.06 -11.48
N SER B 277 36.44 -86.56 -11.68
CA SER B 277 37.24 -87.21 -10.64
C SER B 277 37.97 -86.23 -9.72
N GLN B 278 38.14 -84.96 -10.16
CA GLN B 278 38.77 -83.92 -9.35
C GLN B 278 37.79 -83.49 -8.25
N ALA B 279 38.36 -83.02 -7.13
CA ALA B 279 37.62 -82.81 -5.88
C ALA B 279 36.66 -81.61 -5.93
N ASP B 280 36.87 -80.69 -6.89
CA ASP B 280 36.07 -79.47 -7.01
C ASP B 280 34.65 -79.74 -7.52
N ASP B 281 33.66 -79.47 -6.66
CA ASP B 281 32.25 -79.66 -6.97
C ASP B 281 31.77 -78.86 -8.19
N VAL B 282 32.33 -77.67 -8.44
CA VAL B 282 31.90 -76.85 -9.58
C VAL B 282 32.39 -77.46 -10.91
N THR B 283 33.68 -77.86 -10.94
CA THR B 283 34.22 -78.66 -12.03
C THR B 283 33.38 -79.93 -12.24
N ARG B 284 33.07 -80.66 -11.16
CA ARG B 284 32.29 -81.89 -11.23
C ARG B 284 30.89 -81.61 -11.79
N TYR B 285 30.22 -80.56 -11.32
CA TYR B 285 28.92 -80.12 -11.83
C TYR B 285 28.96 -79.91 -13.34
N TYR B 286 29.89 -79.07 -13.81
CA TYR B 286 30.04 -78.82 -15.24
C TYR B 286 30.40 -80.10 -16.00
N ALA B 287 31.28 -80.95 -15.45
CA ALA B 287 31.67 -82.20 -16.07
C ALA B 287 30.47 -83.15 -16.21
N CYS B 288 29.63 -83.23 -15.17
CA CYS B 288 28.41 -84.01 -15.17
C CYS B 288 27.42 -83.50 -16.23
N ILE B 289 27.26 -82.18 -16.34
CA ILE B 289 26.43 -81.55 -17.37
C ILE B 289 26.98 -81.92 -18.76
N ALA B 290 28.27 -81.72 -18.97
CA ALA B 290 28.94 -81.99 -20.23
C ALA B 290 28.75 -83.45 -20.66
N VAL B 291 29.03 -84.40 -19.78
CA VAL B 291 28.87 -85.81 -20.13
C VAL B 291 27.40 -86.15 -20.34
N CYS B 292 26.51 -85.60 -19.51
CA CYS B 292 25.08 -85.87 -19.67
C CYS B 292 24.52 -85.26 -20.97
N THR B 293 25.14 -84.17 -21.45
CA THR B 293 24.85 -83.61 -22.77
C THR B 293 25.23 -84.62 -23.85
N ILE B 294 26.40 -85.26 -23.72
CA ILE B 294 26.87 -86.31 -24.63
C ILE B 294 25.94 -87.53 -24.54
N VAL B 295 25.62 -88.01 -23.33
CA VAL B 295 24.72 -89.13 -23.03
C VAL B 295 23.32 -88.91 -23.61
N SER B 296 22.90 -87.63 -23.74
CA SER B 296 21.62 -87.30 -24.35
C SER B 296 21.58 -87.62 -25.85
N VAL B 297 22.73 -87.94 -26.47
CA VAL B 297 22.84 -88.34 -27.88
C VAL B 297 23.12 -89.84 -27.98
N LYS B 298 22.24 -90.57 -28.68
CA LYS B 298 22.22 -92.03 -28.81
C LYS B 298 23.59 -92.65 -29.06
N GLU B 299 24.33 -92.17 -30.07
CA GLU B 299 25.57 -92.79 -30.55
C GLU B 299 26.73 -92.65 -29.55
N PHE B 300 26.58 -91.73 -28.58
CA PHE B 300 27.66 -91.34 -27.69
C PHE B 300 27.51 -91.87 -26.27
N GLU B 301 26.35 -92.47 -25.92
CA GLU B 301 26.20 -93.15 -24.63
C GLU B 301 27.30 -94.20 -24.40
N PRO B 302 27.65 -95.09 -25.38
CA PRO B 302 28.75 -96.03 -25.22
C PRO B 302 30.10 -95.37 -24.95
N LEU B 303 30.35 -94.20 -25.55
CA LEU B 303 31.58 -93.46 -25.38
C LEU B 303 31.71 -92.92 -23.94
N VAL B 304 30.60 -92.44 -23.38
CA VAL B 304 30.57 -92.04 -21.97
C VAL B 304 30.60 -93.26 -21.03
N ARG B 305 29.96 -94.37 -21.43
CA ARG B 305 30.05 -95.62 -20.68
C ARG B 305 31.50 -96.10 -20.57
N LYS B 306 32.24 -96.03 -21.69
CA LYS B 306 33.68 -96.33 -21.77
C LYS B 306 34.52 -95.35 -20.94
N SER B 307 34.07 -94.09 -20.81
CA SER B 307 34.69 -93.13 -19.92
C SER B 307 34.42 -93.40 -18.44
N ASP B 308 33.41 -94.25 -18.11
CA ASP B 308 32.93 -94.50 -16.75
C ASP B 308 32.25 -93.29 -16.08
N THR B 309 32.19 -92.11 -16.72
CA THR B 309 31.80 -90.89 -16.00
C THR B 309 30.38 -90.94 -15.42
N MET B 310 29.44 -91.62 -16.09
CA MET B 310 28.09 -91.81 -15.59
C MET B 310 28.05 -92.46 -14.20
N LYS B 311 29.04 -93.29 -13.87
CA LYS B 311 29.18 -93.95 -12.56
C LYS B 311 29.54 -92.94 -11.47
N LEU B 312 30.23 -91.85 -11.81
CA LEU B 312 30.53 -90.75 -10.89
C LEU B 312 29.34 -89.80 -10.73
N VAL B 313 28.53 -89.63 -11.81
CA VAL B 313 27.52 -88.59 -11.95
C VAL B 313 26.50 -88.63 -10.79
N GLU B 314 25.76 -89.75 -10.65
CA GLU B 314 24.69 -89.80 -9.67
C GLU B 314 25.22 -89.70 -8.24
N PRO B 315 26.30 -90.42 -7.85
CA PRO B 315 26.95 -90.21 -6.55
C PRO B 315 27.33 -88.75 -6.26
N PHE B 316 27.88 -88.04 -7.25
CA PHE B 316 28.17 -86.62 -7.13
C PHE B 316 26.90 -85.82 -6.77
N LEU B 317 25.78 -86.09 -7.43
CA LEU B 317 24.50 -85.45 -7.12
C LEU B 317 24.03 -85.84 -5.71
N GLN B 318 24.11 -87.14 -5.37
CA GLN B 318 23.62 -87.70 -4.12
C GLN B 318 24.25 -87.05 -2.88
N VAL B 319 25.53 -86.65 -2.96
CA VAL B 319 26.25 -86.05 -1.85
C VAL B 319 26.06 -84.53 -1.76
N HIS B 320 25.09 -83.96 -2.53
CA HIS B 320 24.76 -82.55 -2.53
C HIS B 320 23.25 -82.30 -2.50
N ASP B 321 22.86 -81.08 -2.13
CA ASP B 321 21.52 -80.55 -2.31
C ASP B 321 21.63 -79.39 -3.31
N PRO B 322 20.72 -79.25 -4.30
CA PRO B 322 20.79 -78.12 -5.23
C PRO B 322 20.90 -76.73 -4.60
N ALA B 323 20.21 -76.48 -3.48
CA ALA B 323 20.27 -75.18 -2.82
C ALA B 323 21.62 -74.94 -2.12
N THR B 324 22.21 -76.01 -1.52
CA THR B 324 23.53 -75.93 -0.92
C THR B 324 24.57 -75.67 -1.99
N PHE B 325 24.47 -76.39 -3.12
CA PHE B 325 25.37 -76.18 -4.24
C PHE B 325 25.18 -74.77 -4.81
N ALA B 326 23.93 -74.29 -4.91
CA ALA B 326 23.62 -72.95 -5.44
C ALA B 326 24.33 -71.88 -4.63
N ARG B 327 24.34 -72.00 -3.29
CA ARG B 327 25.00 -71.08 -2.38
C ARG B 327 26.52 -70.96 -2.62
N ASP B 328 27.17 -72.01 -3.15
CA ASP B 328 28.56 -71.96 -3.57
C ASP B 328 28.77 -71.57 -5.03
N TYR B 329 27.91 -72.15 -5.88
CA TYR B 329 27.96 -72.02 -7.33
C TYR B 329 27.49 -70.65 -7.79
N HIS B 330 26.79 -69.88 -6.99
CA HIS B 330 26.40 -68.49 -7.19
C HIS B 330 27.40 -67.66 -7.98
N LYS B 331 28.67 -67.70 -7.53
CA LYS B 331 29.86 -67.06 -8.06
C LYS B 331 30.02 -67.30 -9.55
N TYR B 332 29.51 -68.43 -10.07
CA TYR B 332 29.55 -68.89 -11.44
C TYR B 332 28.16 -68.93 -12.09
N ALA B 333 27.12 -69.02 -11.28
CA ALA B 333 25.71 -69.02 -11.70
C ALA B 333 25.30 -67.69 -12.27
N GLN B 334 25.95 -66.60 -11.82
CA GLN B 334 25.78 -65.26 -12.39
C GLN B 334 26.04 -65.32 -13.90
N GLY B 335 25.02 -65.06 -14.72
CA GLY B 335 25.15 -65.17 -16.16
C GLY B 335 24.52 -66.41 -16.80
N ASN B 336 24.01 -67.37 -16.01
CA ASN B 336 23.26 -68.51 -16.56
C ASN B 336 21.95 -67.99 -17.21
N THR B 337 21.58 -68.50 -18.41
CA THR B 337 20.68 -67.76 -19.30
C THR B 337 19.61 -68.65 -19.96
N LYS B 338 18.48 -68.05 -20.35
CA LYS B 338 17.27 -68.70 -20.78
C LYS B 338 17.53 -69.70 -21.91
N GLU B 339 18.21 -69.29 -23.00
CA GLU B 339 18.40 -70.20 -24.13
C GLU B 339 19.31 -71.38 -23.80
N TRP B 340 20.25 -71.17 -22.88
CA TRP B 340 21.12 -72.21 -22.35
C TRP B 340 20.28 -73.18 -21.50
N LEU B 341 19.29 -72.69 -20.74
CA LEU B 341 18.27 -73.51 -20.10
C LEU B 341 17.39 -74.26 -21.11
N GLU B 342 16.92 -73.60 -22.17
CA GLU B 342 16.11 -74.23 -23.21
C GLU B 342 16.84 -75.43 -23.84
N ARG B 343 18.16 -75.34 -23.95
CA ARG B 343 19.00 -76.42 -24.47
C ARG B 343 19.25 -77.54 -23.43
N LEU B 344 19.19 -77.20 -22.13
CA LEU B 344 19.31 -78.18 -21.05
C LEU B 344 18.00 -78.92 -20.79
N LEU B 345 16.85 -78.29 -21.06
CA LEU B 345 15.51 -78.84 -20.84
C LEU B 345 15.35 -80.26 -21.42
N PRO B 346 15.73 -80.55 -22.69
CA PRO B 346 15.70 -81.92 -23.23
C PRO B 346 16.35 -83.02 -22.41
N MET B 347 17.27 -82.69 -21.51
CA MET B 347 17.93 -83.67 -20.64
C MET B 347 17.01 -84.19 -19.53
N LEU B 348 15.90 -83.50 -19.26
CA LEU B 348 14.85 -83.97 -18.35
C LEU B 348 13.96 -85.06 -18.99
N GLN B 349 13.98 -85.23 -20.32
CA GLN B 349 12.98 -86.04 -21.02
C GLN B 349 13.13 -87.53 -20.68
N PRO B 350 12.01 -88.29 -20.52
CA PRO B 350 12.04 -89.74 -20.31
C PRO B 350 12.80 -90.60 -21.32
N SER B 351 13.12 -90.01 -22.49
CA SER B 351 13.96 -90.60 -23.52
C SER B 351 15.43 -90.72 -23.09
N ARG B 352 15.88 -89.83 -22.18
CA ARG B 352 17.27 -89.73 -21.75
C ARG B 352 17.55 -90.71 -20.60
N ARG B 353 18.84 -90.91 -20.33
CA ARG B 353 19.33 -91.71 -19.20
C ARG B 353 18.85 -91.14 -17.85
N ARG B 354 18.70 -92.02 -16.86
CA ARG B 354 18.52 -91.66 -15.45
C ARG B 354 19.57 -90.64 -14.97
N GLU B 355 20.85 -90.85 -15.35
CA GLU B 355 21.94 -89.95 -15.04
C GLU B 355 21.65 -88.52 -15.54
N ALA B 356 21.37 -88.40 -16.85
CA ALA B 356 21.08 -87.13 -17.50
C ALA B 356 19.86 -86.44 -16.88
N ARG B 357 18.78 -87.19 -16.65
CA ARG B 357 17.59 -86.70 -15.96
C ARG B 357 17.91 -86.21 -14.55
N SER B 358 18.77 -86.94 -13.82
CA SER B 358 19.17 -86.57 -12.47
C SER B 358 19.97 -85.26 -12.46
N VAL B 359 20.95 -85.14 -13.36
CA VAL B 359 21.76 -83.92 -13.51
C VAL B 359 20.86 -82.75 -13.87
N ALA B 360 20.02 -82.93 -14.90
CA ALA B 360 19.09 -81.91 -15.36
C ALA B 360 18.17 -81.47 -14.22
N ALA B 361 17.57 -82.42 -13.50
CA ALA B 361 16.67 -82.13 -12.39
C ALA B 361 17.38 -81.32 -11.30
N PHE B 362 18.54 -81.78 -10.84
CA PHE B 362 19.36 -81.08 -9.85
C PHE B 362 19.63 -79.63 -10.30
N HIS B 363 20.09 -79.52 -11.55
CA HIS B 363 20.40 -78.26 -12.19
C HIS B 363 19.20 -77.31 -12.23
N PHE B 364 18.04 -77.81 -12.69
CA PHE B 364 16.82 -77.02 -12.74
C PHE B 364 16.34 -76.62 -11.35
N THR B 365 16.59 -77.44 -10.32
CA THR B 365 16.34 -76.99 -8.95
C THR B 365 17.26 -75.83 -8.55
N LEU B 366 18.55 -75.91 -8.90
CA LEU B 366 19.49 -74.82 -8.69
C LEU B 366 18.99 -73.53 -9.36
N GLU B 367 18.62 -73.64 -10.65
CA GLU B 367 18.14 -72.50 -11.42
C GLU B 367 16.84 -71.94 -10.84
N ALA B 368 15.90 -72.83 -10.47
CA ALA B 368 14.69 -72.39 -9.80
C ALA B 368 15.02 -71.61 -8.53
N THR B 369 16.01 -72.07 -7.75
CA THR B 369 16.46 -71.37 -6.54
C THR B 369 16.91 -69.94 -6.87
N ILE B 370 17.81 -69.82 -7.86
CA ILE B 370 18.35 -68.55 -8.30
C ILE B 370 17.26 -67.62 -8.88
N LYS B 371 16.35 -68.20 -9.68
CA LYS B 371 15.28 -67.43 -10.28
C LYS B 371 14.20 -67.04 -9.27
N LYS B 372 14.05 -67.76 -8.16
CA LYS B 372 13.23 -67.29 -7.04
C LYS B 372 13.83 -66.02 -6.44
N GLU B 373 15.14 -66.05 -6.18
CA GLU B 373 15.86 -64.91 -5.63
C GLU B 373 15.72 -63.69 -6.55
N GLN B 374 15.90 -63.89 -7.86
CA GLN B 374 15.76 -62.85 -8.87
C GLN B 374 14.31 -62.47 -9.18
N ASN B 375 13.35 -63.23 -8.66
CA ASN B 375 11.91 -63.10 -8.96
C ASN B 375 11.63 -63.22 -10.47
N LYS B 376 12.14 -64.31 -11.07
CA LYS B 376 11.98 -64.61 -12.49
C LYS B 376 11.69 -66.09 -12.73
N LEU B 377 10.85 -66.68 -11.85
CA LEU B 377 10.41 -68.08 -11.96
C LEU B 377 9.57 -68.32 -13.21
N ASP B 378 8.97 -67.26 -13.74
CA ASP B 378 8.18 -67.23 -14.96
C ASP B 378 8.91 -67.91 -16.14
N VAL B 379 10.24 -67.82 -16.18
CA VAL B 379 11.05 -68.43 -17.23
C VAL B 379 10.71 -69.92 -17.44
N PHE B 380 10.50 -70.68 -16.35
CA PHE B 380 10.24 -72.11 -16.44
C PHE B 380 8.86 -72.41 -17.00
N GLN B 381 7.90 -71.51 -16.82
CA GLN B 381 6.60 -71.55 -17.48
C GLN B 381 6.74 -71.21 -18.97
N GLU B 382 7.53 -70.15 -19.28
CA GLU B 382 7.75 -69.69 -20.64
C GLU B 382 8.37 -70.79 -21.52
N ILE B 383 9.40 -71.48 -20.99
CA ILE B 383 10.06 -72.57 -21.70
C ILE B 383 9.32 -73.91 -21.53
N GLY B 384 8.27 -73.95 -20.70
CA GLY B 384 7.48 -75.14 -20.46
C GLY B 384 8.17 -76.22 -19.62
N ALA B 385 9.29 -75.89 -18.97
CA ALA B 385 10.09 -76.82 -18.17
C ALA B 385 9.29 -77.44 -17.01
N ILE B 386 8.28 -76.73 -16.52
CA ILE B 386 7.42 -77.16 -15.42
C ILE B 386 6.78 -78.53 -15.73
N GLN B 387 6.36 -78.73 -16.97
CA GLN B 387 5.80 -80.00 -17.43
C GLN B 387 6.82 -81.14 -17.37
N ALA B 388 8.01 -80.90 -17.89
CA ALA B 388 9.11 -81.88 -17.83
C ALA B 388 9.51 -82.21 -16.39
N LEU B 389 9.51 -81.19 -15.50
CA LEU B 389 9.74 -81.40 -14.08
C LEU B 389 8.65 -82.26 -13.45
N LYS B 390 7.37 -82.04 -13.81
CA LYS B 390 6.27 -82.89 -13.37
C LYS B 390 6.45 -84.34 -13.83
N GLU B 391 6.81 -84.54 -15.10
CA GLU B 391 7.11 -85.85 -15.67
C GLU B 391 8.23 -86.55 -14.89
N VAL B 392 9.34 -85.85 -14.62
CA VAL B 392 10.45 -86.39 -13.86
C VAL B 392 10.06 -86.67 -12.39
N ALA B 393 9.28 -85.77 -11.77
CA ALA B 393 8.77 -85.95 -10.42
C ALA B 393 7.88 -87.21 -10.31
N SER B 394 7.10 -87.52 -11.36
CA SER B 394 6.31 -88.74 -11.48
C SER B 394 7.14 -89.98 -11.87
N SER B 395 8.34 -89.80 -12.43
CA SER B 395 9.16 -90.89 -12.96
C SER B 395 9.74 -91.77 -11.85
N PRO B 396 10.13 -93.04 -12.15
CA PRO B 396 10.82 -93.89 -11.17
C PRO B 396 12.29 -93.54 -10.91
N ASP B 397 12.83 -92.51 -11.59
CA ASP B 397 14.20 -92.04 -11.35
C ASP B 397 14.27 -91.25 -10.04
N GLU B 398 14.25 -91.94 -8.89
CA GLU B 398 14.00 -91.38 -7.58
C GLU B 398 14.81 -90.10 -7.28
N VAL B 399 16.12 -90.11 -7.60
CA VAL B 399 17.01 -88.96 -7.41
C VAL B 399 16.55 -87.76 -8.25
N ALA B 400 16.36 -87.99 -9.56
CA ALA B 400 15.82 -86.98 -10.47
C ALA B 400 14.43 -86.50 -10.01
N ALA B 401 13.57 -87.44 -9.65
CA ALA B 401 12.20 -87.19 -9.21
C ALA B 401 12.17 -86.31 -7.96
N LYS B 402 13.05 -86.58 -6.99
CA LYS B 402 13.22 -85.77 -5.79
C LYS B 402 13.59 -84.34 -6.16
N PHE B 403 14.67 -84.16 -6.93
CA PHE B 403 15.12 -82.83 -7.36
C PHE B 403 14.02 -82.11 -8.16
N ALA B 404 13.32 -82.82 -9.06
CA ALA B 404 12.22 -82.25 -9.82
C ALA B 404 11.06 -81.82 -8.92
N SER B 405 10.72 -82.63 -7.92
CA SER B 405 9.72 -82.31 -6.90
C SER B 405 10.13 -81.05 -6.13
N GLU B 406 11.42 -80.98 -5.74
CA GLU B 406 11.99 -79.83 -5.06
C GLU B 406 11.91 -78.58 -5.96
N ALA B 407 12.26 -78.72 -7.24
CA ALA B 407 12.14 -77.64 -8.22
C ALA B 407 10.69 -77.13 -8.28
N LEU B 408 9.73 -78.03 -8.44
CA LEU B 408 8.30 -77.70 -8.44
C LEU B 408 7.86 -77.06 -7.13
N THR B 409 8.46 -77.47 -5.99
CA THR B 409 8.25 -76.83 -4.69
C THR B 409 8.66 -75.36 -4.73
N VAL B 410 9.81 -75.08 -5.38
CA VAL B 410 10.31 -73.73 -5.58
C VAL B 410 9.43 -72.92 -6.55
N ILE B 411 8.88 -73.58 -7.60
CA ILE B 411 8.08 -72.93 -8.64
C ILE B 411 6.88 -72.14 -8.07
N GLY B 412 6.06 -72.75 -7.19
CA GLY B 412 4.92 -72.10 -6.58
C GLY B 412 3.86 -71.59 -7.58
N GLU B 413 3.67 -70.25 -7.61
CA GLU B 413 2.58 -69.61 -8.34
C GLU B 413 3.00 -68.26 -8.95
N GLU B 414 2.37 -67.91 -10.08
CA GLU B 414 2.69 -66.71 -10.85
C GLU B 414 2.25 -65.41 -10.15
N VAL B 415 2.88 -64.30 -10.56
CA VAL B 415 2.43 -62.96 -10.21
C VAL B 415 1.16 -62.59 -10.98
N PRO B 416 0.30 -61.77 -10.36
CA PRO B 416 -0.91 -61.28 -11.01
C PRO B 416 -0.58 -60.33 -12.18
N TYR B 417 0.30 -59.37 -11.91
CA TYR B 417 0.86 -58.54 -12.97
C TYR B 417 2.34 -58.30 -12.68
N LYS B 418 3.14 -58.39 -13.73
CA LYS B 418 4.42 -57.71 -13.72
C LYS B 418 4.20 -56.31 -14.26
N LEU B 419 4.41 -55.28 -13.42
CA LEU B 419 4.15 -53.91 -13.86
C LEU B 419 5.28 -53.43 -14.77
N ALA B 420 4.90 -52.83 -15.90
CA ALA B 420 5.85 -52.16 -16.76
C ALA B 420 6.34 -50.88 -16.09
N GLN B 421 7.67 -50.69 -16.05
CA GLN B 421 8.25 -49.47 -15.51
C GLN B 421 7.80 -48.22 -16.27
N GLN B 422 7.34 -48.38 -17.50
CA GLN B 422 6.69 -47.33 -18.26
C GLN B 422 5.28 -47.10 -17.72
N VAL B 423 5.20 -46.58 -16.50
CA VAL B 423 3.92 -46.43 -15.83
C VAL B 423 2.93 -45.54 -16.57
N PRO B 424 3.32 -44.56 -17.41
CA PRO B 424 2.34 -43.83 -18.22
C PRO B 424 1.46 -44.77 -19.03
N GLY B 425 1.99 -45.92 -19.43
CA GLY B 425 1.25 -46.93 -20.17
C GLY B 425 0.22 -47.70 -19.34
N TRP B 426 0.17 -47.49 -18.03
CA TRP B 426 -0.71 -48.30 -17.19
C TRP B 426 -2.19 -48.08 -17.49
N THR B 427 -2.90 -49.20 -17.59
CA THR B 427 -4.35 -49.27 -17.60
C THR B 427 -4.92 -48.99 -16.22
N CYS B 428 -6.23 -48.77 -16.17
CA CYS B 428 -6.90 -48.67 -14.88
C CYS B 428 -6.73 -49.96 -14.07
N ALA B 429 -6.71 -51.12 -14.74
CA ALA B 429 -6.48 -52.38 -14.06
C ALA B 429 -5.13 -52.38 -13.31
N ASP B 430 -4.09 -51.85 -13.96
CA ASP B 430 -2.80 -51.72 -13.35
C ASP B 430 -2.88 -50.81 -12.12
N VAL B 431 -3.51 -49.65 -12.27
CA VAL B 431 -3.61 -48.75 -11.14
C VAL B 431 -4.33 -49.44 -9.99
N GLN B 432 -5.43 -50.13 -10.29
CA GLN B 432 -6.20 -50.82 -9.28
C GLN B 432 -5.29 -51.78 -8.52
N TYR B 433 -4.54 -52.58 -9.27
CA TYR B 433 -3.64 -53.55 -8.69
C TYR B 433 -2.59 -52.89 -7.79
N TRP B 434 -2.02 -51.79 -8.27
CA TRP B 434 -1.04 -51.04 -7.50
C TRP B 434 -1.64 -50.52 -6.20
N VAL B 435 -2.73 -49.77 -6.30
CA VAL B 435 -3.44 -49.20 -5.17
C VAL B 435 -3.76 -50.28 -4.14
N LYS B 436 -4.28 -51.42 -4.64
CA LYS B 436 -4.62 -52.54 -3.81
C LYS B 436 -3.38 -52.93 -3.00
N LYS B 437 -2.30 -53.20 -3.73
CA LYS B 437 -1.14 -53.81 -3.13
C LYS B 437 -0.39 -52.86 -2.19
N ILE B 438 -0.41 -51.57 -2.47
CA ILE B 438 0.15 -50.59 -1.55
C ILE B 438 -0.74 -50.35 -0.32
N GLY B 439 -1.88 -51.04 -0.24
CA GLY B 439 -2.66 -51.08 0.99
C GLY B 439 -3.74 -49.99 1.04
N PHE B 440 -4.37 -49.75 -0.10
CA PHE B 440 -5.48 -48.80 -0.20
C PHE B 440 -6.70 -49.45 -0.84
N GLU B 441 -6.92 -50.72 -0.49
CA GLU B 441 -7.91 -51.60 -1.09
C GLU B 441 -9.31 -50.98 -1.13
N GLU B 442 -9.70 -50.36 -0.01
CA GLU B 442 -11.04 -49.80 0.11
C GLU B 442 -11.30 -48.67 -0.88
N TYR B 443 -10.23 -48.11 -1.46
CA TYR B 443 -10.37 -47.04 -2.43
C TYR B 443 -10.39 -47.56 -3.87
N VAL B 444 -10.03 -48.83 -4.08
CA VAL B 444 -9.81 -49.35 -5.42
C VAL B 444 -11.05 -49.15 -6.29
N GLU B 445 -12.22 -49.45 -5.71
CA GLU B 445 -13.51 -49.28 -6.37
C GLU B 445 -13.67 -47.83 -6.85
N LYS B 446 -13.24 -46.87 -6.02
CA LYS B 446 -13.37 -45.46 -6.34
C LYS B 446 -12.40 -45.09 -7.44
N PHE B 447 -11.16 -45.60 -7.40
CA PHE B 447 -10.23 -45.41 -8.51
C PHE B 447 -10.81 -45.92 -9.82
N ALA B 448 -11.42 -47.12 -9.76
CA ALA B 448 -12.06 -47.73 -10.91
C ALA B 448 -13.22 -46.85 -11.41
N LYS B 449 -14.09 -46.42 -10.50
CA LYS B 449 -15.19 -45.52 -10.80
C LYS B 449 -14.69 -44.20 -11.41
N GLN B 450 -13.60 -43.68 -10.88
CA GLN B 450 -12.96 -42.48 -11.40
C GLN B 450 -12.12 -42.74 -12.66
N MET B 451 -12.01 -43.99 -13.09
CA MET B 451 -11.37 -44.37 -14.34
C MET B 451 -9.94 -43.86 -14.44
N VAL B 452 -9.20 -43.97 -13.33
CA VAL B 452 -7.83 -43.49 -13.26
C VAL B 452 -6.90 -44.42 -14.05
N ASP B 453 -5.95 -43.80 -14.77
CA ASP B 453 -4.95 -44.54 -15.54
C ASP B 453 -3.54 -44.06 -15.20
N GLY B 454 -2.54 -44.65 -15.87
CA GLY B 454 -1.13 -44.36 -15.52
C GLY B 454 -0.78 -42.86 -15.56
N ASP B 455 -1.26 -42.22 -16.62
CA ASP B 455 -1.09 -40.81 -16.84
C ASP B 455 -1.75 -40.00 -15.72
N LEU B 456 -3.00 -40.35 -15.44
CA LEU B 456 -3.74 -39.68 -14.38
C LEU B 456 -3.05 -39.84 -13.03
N LEU B 457 -2.54 -41.04 -12.73
CA LEU B 457 -1.84 -41.23 -11.46
C LEU B 457 -0.73 -40.20 -11.32
N LEU B 458 0.03 -40.04 -12.41
CA LEU B 458 1.18 -39.18 -12.36
C LEU B 458 0.82 -37.70 -12.15
N GLN B 459 -0.42 -37.33 -12.44
CA GLN B 459 -0.90 -36.00 -12.24
C GLN B 459 -1.55 -35.80 -10.88
N LEU B 460 -1.69 -36.83 -10.05
CA LEU B 460 -2.47 -36.68 -8.83
C LEU B 460 -1.90 -35.63 -7.86
N THR B 461 -2.84 -34.94 -7.19
CA THR B 461 -2.58 -34.03 -6.09
C THR B 461 -3.47 -34.43 -4.92
N GLU B 462 -3.17 -33.89 -3.74
CA GLU B 462 -3.97 -34.28 -2.58
C GLU B 462 -5.43 -33.88 -2.75
N ASN B 463 -5.69 -32.80 -3.50
CA ASN B 463 -7.04 -32.34 -3.76
C ASN B 463 -7.86 -33.43 -4.47
N ASP B 464 -7.23 -34.10 -5.42
CA ASP B 464 -7.87 -35.14 -6.19
C ASP B 464 -8.25 -36.30 -5.27
N LEU B 465 -7.35 -36.63 -4.34
CA LEU B 465 -7.64 -37.64 -3.34
C LEU B 465 -8.79 -37.18 -2.46
N LYS B 466 -8.68 -35.94 -1.94
CA LYS B 466 -9.62 -35.36 -1.01
C LYS B 466 -11.03 -35.34 -1.59
N HIS B 467 -11.15 -34.99 -2.87
CA HIS B 467 -12.43 -34.78 -3.51
C HIS B 467 -12.88 -36.00 -4.31
N ASP B 468 -12.17 -36.32 -5.39
CA ASP B 468 -12.64 -37.33 -6.33
C ASP B 468 -12.46 -38.75 -5.82
N VAL B 469 -11.41 -38.98 -5.04
CA VAL B 469 -11.29 -40.27 -4.35
C VAL B 469 -12.06 -40.23 -3.05
N GLY B 470 -12.36 -39.03 -2.51
CA GLY B 470 -13.00 -38.86 -1.21
C GLY B 470 -12.18 -39.48 -0.07
N MET B 471 -10.84 -39.41 -0.21
CA MET B 471 -9.98 -39.94 0.79
C MET B 471 -9.66 -38.86 1.83
N ILE B 472 -10.28 -38.99 3.01
CA ILE B 472 -10.52 -37.89 3.92
C ILE B 472 -9.31 -37.65 4.82
N SER B 473 -8.65 -38.71 5.26
CA SER B 473 -7.51 -38.61 6.14
C SER B 473 -6.32 -37.97 5.43
N GLY B 474 -5.88 -36.81 5.91
CA GLY B 474 -4.61 -36.23 5.51
C GLY B 474 -3.46 -37.23 5.68
N LEU B 475 -3.48 -37.98 6.76
CA LEU B 475 -2.47 -39.00 6.98
C LEU B 475 -2.50 -40.06 5.89
N HIS B 476 -3.68 -40.56 5.57
CA HIS B 476 -3.81 -41.49 4.47
C HIS B 476 -3.27 -40.86 3.19
N ARG B 477 -3.57 -39.59 2.95
CA ARG B 477 -3.03 -38.88 1.79
C ARG B 477 -1.51 -38.85 1.83
N LYS B 478 -0.90 -38.47 2.96
CA LYS B 478 0.54 -38.45 3.10
C LYS B 478 1.12 -39.80 2.69
N ARG B 479 0.59 -40.87 3.31
CA ARG B 479 1.02 -42.23 3.08
C ARG B 479 0.94 -42.55 1.59
N PHE B 480 -0.21 -42.29 1.00
CA PHE B 480 -0.44 -42.53 -0.41
C PHE B 480 0.59 -41.79 -1.27
N LEU B 481 0.75 -40.51 -1.00
CA LEU B 481 1.63 -39.67 -1.78
C LEU B 481 3.07 -40.14 -1.69
N ARG B 482 3.50 -40.60 -0.51
CA ARG B 482 4.81 -41.18 -0.36
C ARG B 482 5.03 -42.33 -1.36
N GLU B 483 4.05 -43.22 -1.47
CA GLU B 483 4.17 -44.30 -2.43
C GLU B 483 4.21 -43.77 -3.84
N LEU B 484 3.31 -42.83 -4.13
CA LEU B 484 3.27 -42.25 -5.46
C LEU B 484 4.59 -41.58 -5.83
N GLN B 485 5.19 -40.84 -4.90
CA GLN B 485 6.49 -40.22 -5.11
C GLN B 485 7.53 -41.29 -5.41
N THR B 486 7.51 -42.36 -4.60
CA THR B 486 8.44 -43.45 -4.81
C THR B 486 8.29 -43.97 -6.23
N LEU B 487 7.04 -44.25 -6.62
CA LEU B 487 6.74 -44.77 -7.94
C LEU B 487 7.20 -43.80 -9.02
N LYS B 488 6.88 -42.51 -8.85
CA LYS B 488 7.29 -41.47 -9.78
C LYS B 488 8.80 -41.50 -9.98
N VAL B 489 9.55 -41.63 -8.90
CA VAL B 489 10.99 -41.67 -9.01
C VAL B 489 11.39 -42.92 -9.79
N ALA B 490 10.79 -44.04 -9.42
CA ALA B 490 11.14 -45.35 -9.94
C ALA B 490 10.83 -45.50 -11.43
N ALA B 491 9.78 -44.87 -11.89
CA ALA B 491 9.21 -45.09 -13.23
C ALA B 491 10.19 -44.74 -14.34
N ASP B 492 10.12 -45.51 -15.43
CA ASP B 492 10.74 -45.11 -16.68
C ASP B 492 9.84 -44.12 -17.42
N TYR B 493 10.48 -43.18 -18.10
CA TYR B 493 9.79 -42.26 -18.99
C TYR B 493 10.34 -42.30 -20.40
N SER B 494 11.30 -43.19 -20.71
CA SER B 494 11.98 -43.21 -21.99
C SER B 494 11.02 -43.44 -23.16
N SER B 495 9.86 -44.04 -22.86
CA SER B 495 8.72 -44.17 -23.75
C SER B 495 8.33 -42.83 -24.40
N VAL B 496 8.59 -41.71 -23.70
CA VAL B 496 8.10 -40.40 -24.09
C VAL B 496 9.18 -39.31 -24.02
N ASP B 497 10.20 -39.54 -23.19
CA ASP B 497 11.35 -38.65 -23.07
C ASP B 497 12.32 -38.86 -24.22
N GLU B 498 12.15 -38.02 -25.25
CA GLU B 498 13.01 -38.03 -26.42
C GLU B 498 14.38 -37.49 -26.12
N SER B 499 14.65 -36.91 -24.95
CA SER B 499 15.85 -36.16 -24.64
C SER B 499 16.69 -36.79 -23.53
N ASN B 500 16.16 -37.85 -22.89
CA ASN B 500 16.75 -38.45 -21.69
C ASN B 500 16.93 -37.40 -20.58
N LEU B 501 16.00 -36.46 -20.52
CA LEU B 501 15.81 -35.55 -19.39
C LEU B 501 15.68 -36.32 -18.09
N ASP B 502 14.95 -37.44 -18.07
CA ASP B 502 14.84 -38.31 -16.92
C ASP B 502 16.23 -38.69 -16.40
N ASN B 503 17.04 -39.21 -17.32
CA ASN B 503 18.39 -39.64 -17.02
C ASN B 503 19.21 -38.46 -16.51
N PHE B 504 19.05 -37.31 -17.15
CA PHE B 504 19.74 -36.10 -16.73
C PHE B 504 19.39 -35.74 -15.28
N LEU B 505 18.09 -35.68 -14.99
CA LEU B 505 17.59 -35.35 -13.67
C LEU B 505 18.11 -36.36 -12.65
N MET B 506 18.04 -37.66 -12.96
CA MET B 506 18.55 -38.71 -12.11
C MET B 506 20.02 -38.45 -11.78
N GLY B 507 20.81 -38.15 -12.81
CA GLY B 507 22.22 -37.85 -12.67
C GLY B 507 22.46 -36.63 -11.79
N LEU B 508 21.61 -35.61 -11.96
CA LEU B 508 21.68 -34.41 -11.15
C LEU B 508 21.40 -34.75 -9.67
N SER B 509 20.27 -35.42 -9.42
CA SER B 509 19.97 -36.12 -8.17
C SER B 509 18.73 -36.99 -8.34
N PRO B 510 18.75 -38.27 -7.89
CA PRO B 510 17.71 -39.24 -8.23
C PRO B 510 16.28 -38.81 -7.93
N GLU B 511 16.07 -38.17 -6.78
CA GLU B 511 14.74 -37.75 -6.35
C GLU B 511 14.10 -36.80 -7.37
N LEU B 512 14.91 -36.03 -8.10
CA LEU B 512 14.38 -35.07 -9.06
C LEU B 512 13.59 -35.76 -10.18
N SER B 513 13.82 -37.06 -10.37
CA SER B 513 12.98 -37.91 -11.20
C SER B 513 11.49 -37.65 -10.96
N VAL B 514 11.14 -37.32 -9.71
CA VAL B 514 9.76 -37.11 -9.31
C VAL B 514 9.08 -36.07 -10.19
N TYR B 515 9.83 -35.05 -10.61
CA TYR B 515 9.26 -33.95 -11.36
C TYR B 515 9.12 -34.24 -12.86
N THR B 516 9.80 -35.29 -13.33
CA THR B 516 10.01 -35.54 -14.75
C THR B 516 8.71 -35.44 -15.52
N TYR B 517 7.73 -36.22 -15.10
CA TYR B 517 6.55 -36.35 -15.91
C TYR B 517 5.80 -35.03 -16.02
N GLN B 518 5.71 -34.30 -14.91
CA GLN B 518 5.08 -32.99 -14.93
C GLN B 518 5.77 -32.10 -15.97
N MET B 519 7.07 -31.90 -15.82
CA MET B 519 7.74 -30.96 -16.70
C MET B 519 7.70 -31.45 -18.15
N LEU B 520 7.83 -32.77 -18.35
CA LEU B 520 7.78 -33.36 -19.66
C LEU B 520 6.43 -33.09 -20.31
N THR B 521 5.35 -33.31 -19.58
CA THR B 521 4.00 -33.08 -20.09
C THR B 521 3.72 -31.59 -20.27
N ASN B 522 4.40 -30.71 -19.53
CA ASN B 522 4.33 -29.29 -19.82
C ASN B 522 5.14 -28.91 -21.07
N GLY B 523 5.84 -29.87 -21.68
CA GLY B 523 6.60 -29.63 -22.90
C GLY B 523 8.05 -29.20 -22.64
N VAL B 524 8.52 -29.30 -21.38
CA VAL B 524 9.91 -29.05 -21.09
C VAL B 524 10.77 -30.16 -21.70
N ASN B 525 11.99 -29.75 -22.12
CA ASN B 525 12.96 -30.72 -22.61
C ASN B 525 14.36 -30.31 -22.10
N ARG B 526 15.30 -31.26 -22.21
CA ARG B 526 16.64 -31.17 -21.66
C ARG B 526 17.38 -29.90 -22.08
N SER B 527 17.12 -29.38 -23.29
CA SER B 527 17.77 -28.18 -23.78
C SER B 527 17.29 -26.90 -23.07
N LEU B 528 16.02 -26.89 -22.65
CA LEU B 528 15.39 -25.67 -22.15
C LEU B 528 15.76 -25.37 -20.71
N LEU B 529 16.32 -26.34 -19.99
CA LEU B 529 16.51 -26.28 -18.56
C LEU B 529 17.32 -25.07 -18.12
N SER B 530 18.33 -24.73 -18.93
CA SER B 530 19.17 -23.55 -18.77
C SER B 530 18.37 -22.26 -18.56
N SER B 531 17.18 -22.20 -19.15
CA SER B 531 16.50 -20.96 -19.49
C SER B 531 15.38 -20.66 -18.49
N LEU B 532 15.11 -21.59 -17.57
CA LEU B 532 13.92 -21.53 -16.74
C LEU B 532 14.16 -20.56 -15.59
N THR B 533 13.13 -19.78 -15.24
CA THR B 533 13.16 -18.98 -14.03
C THR B 533 12.67 -19.83 -12.85
N ASP B 534 13.07 -19.39 -11.64
CA ASP B 534 12.62 -20.02 -10.42
C ASP B 534 11.10 -20.10 -10.39
N GLU B 535 10.43 -19.06 -10.88
CA GLU B 535 8.97 -19.00 -11.02
C GLU B 535 8.47 -20.14 -11.90
N MET B 536 9.02 -20.28 -13.11
CA MET B 536 8.59 -21.32 -14.04
C MET B 536 8.75 -22.70 -13.41
N MET B 537 9.93 -22.91 -12.81
CA MET B 537 10.22 -24.14 -12.11
C MET B 537 9.17 -24.39 -11.02
N GLN B 538 9.04 -23.44 -10.12
CA GLN B 538 8.20 -23.54 -8.94
C GLN B 538 6.77 -23.82 -9.31
N ASN B 539 6.26 -23.08 -10.31
CA ASN B 539 4.84 -22.99 -10.57
C ASN B 539 4.45 -23.96 -11.67
N ALA B 540 5.02 -23.75 -12.87
CA ALA B 540 4.62 -24.55 -14.01
C ALA B 540 5.12 -25.98 -13.83
N CYS B 541 6.38 -26.15 -13.38
CA CYS B 541 6.91 -27.47 -13.13
C CYS B 541 6.67 -27.98 -11.71
N GLY B 542 5.96 -27.16 -10.89
CA GLY B 542 5.44 -27.61 -9.60
C GLY B 542 6.53 -27.94 -8.57
N ILE B 543 7.79 -27.60 -8.84
CA ILE B 543 8.86 -27.91 -7.90
C ILE B 543 8.89 -26.86 -6.77
N THR B 544 7.92 -27.00 -5.87
CA THR B 544 7.70 -26.08 -4.77
C THR B 544 8.82 -26.14 -3.74
N ASN B 545 9.47 -27.30 -3.59
CA ASN B 545 10.64 -27.43 -2.72
C ASN B 545 11.76 -26.53 -3.23
N PRO B 546 12.13 -25.44 -2.52
CA PRO B 546 13.21 -24.57 -2.99
C PRO B 546 14.54 -25.30 -2.96
N ILE B 547 14.70 -26.30 -2.09
CA ILE B 547 15.94 -27.05 -2.04
C ILE B 547 16.18 -27.75 -3.37
N HIS B 548 15.16 -28.46 -3.86
CA HIS B 548 15.24 -29.07 -5.16
C HIS B 548 15.51 -28.03 -6.24
N ARG B 549 14.83 -26.88 -6.17
CA ARG B 549 15.08 -25.82 -7.13
C ARG B 549 16.53 -25.38 -7.09
N LEU B 550 17.08 -25.21 -5.88
CA LEU B 550 18.48 -24.87 -5.72
C LEU B 550 19.35 -25.91 -6.40
N LYS B 551 19.09 -27.20 -6.15
CA LYS B 551 19.89 -28.25 -6.78
C LYS B 551 19.96 -28.06 -8.29
N LEU B 552 18.80 -27.96 -8.96
CA LEU B 552 18.84 -27.84 -10.41
C LEU B 552 19.43 -26.49 -10.83
N THR B 553 19.24 -25.43 -10.01
CA THR B 553 19.90 -24.17 -10.25
C THR B 553 21.41 -24.37 -10.32
N GLN B 554 21.97 -25.23 -9.46
CA GLN B 554 23.39 -25.50 -9.48
C GLN B 554 23.89 -26.03 -10.81
N ALA B 555 23.09 -26.79 -11.54
CA ALA B 555 23.46 -27.15 -12.91
C ALA B 555 23.83 -25.95 -13.80
N PHE B 556 23.16 -24.84 -13.61
CA PHE B 556 23.30 -23.62 -14.40
C PHE B 556 24.24 -22.61 -13.72
N GLU B 557 24.37 -22.67 -12.38
CA GLU B 557 25.51 -22.04 -11.70
C GLU B 557 26.84 -22.60 -12.21
N THR B 558 26.89 -23.91 -12.48
CA THR B 558 28.09 -24.61 -12.91
C THR B 558 28.29 -24.61 -14.44
N ALA B 559 27.19 -24.57 -15.20
CA ALA B 559 27.21 -24.31 -16.64
C ALA B 559 27.44 -22.81 -16.92
N LYS B 560 28.67 -22.36 -16.61
CA LYS B 560 29.20 -21.04 -16.99
C LYS B 560 30.64 -21.19 -17.47
N HIS B 561 31.07 -20.30 -18.36
CA HIS B 561 32.39 -20.22 -18.97
C HIS B 561 32.93 -21.57 -19.48
N GLN B 573 36.76 -8.47 -6.06
CA GLN B 573 36.62 -7.40 -7.07
C GLN B 573 36.17 -6.09 -6.40
N ILE B 574 36.43 -5.00 -7.11
CA ILE B 574 36.25 -3.61 -6.75
C ILE B 574 35.27 -2.94 -7.73
N ASP B 575 34.59 -1.87 -7.27
CA ASP B 575 33.72 -1.12 -8.20
C ASP B 575 34.51 -0.10 -9.02
N VAL B 576 34.95 1.00 -8.37
CA VAL B 576 35.40 2.20 -9.07
C VAL B 576 36.73 2.64 -8.47
N PHE B 577 37.85 2.44 -9.16
CA PHE B 577 39.12 3.05 -8.77
C PHE B 577 39.19 4.55 -9.08
N ILE B 578 39.75 5.37 -8.16
CA ILE B 578 39.90 6.81 -8.46
C ILE B 578 41.37 7.15 -8.61
N SER B 579 41.75 7.57 -9.82
CA SER B 579 43.05 8.15 -10.12
C SER B 579 42.92 9.68 -10.09
N TYR B 580 43.91 10.34 -9.48
CA TYR B 580 43.91 11.80 -9.40
C TYR B 580 45.32 12.36 -9.20
N ARG B 581 45.50 13.66 -9.44
CA ARG B 581 46.74 14.35 -9.08
C ARG B 581 46.69 14.75 -7.62
N ARG B 582 47.64 14.25 -6.81
CA ARG B 582 47.77 14.48 -5.38
C ARG B 582 47.78 15.97 -5.00
N SER B 583 48.42 16.80 -5.84
CA SER B 583 48.64 18.21 -5.58
C SER B 583 47.38 19.07 -5.80
N THR B 584 46.41 18.60 -6.60
CA THR B 584 45.33 19.47 -7.07
C THR B 584 43.97 18.80 -7.02
N GLY B 585 43.90 17.51 -7.37
CA GLY B 585 42.66 16.76 -7.43
C GLY B 585 42.18 16.19 -6.09
N ASN B 586 42.94 16.43 -5.04
CA ASN B 586 42.82 15.80 -3.74
C ASN B 586 41.40 15.93 -3.18
N GLN B 587 40.90 17.17 -2.99
CA GLN B 587 39.61 17.38 -2.36
C GLN B 587 38.46 16.85 -3.22
N LEU B 588 38.52 17.05 -4.55
CA LEU B 588 37.49 16.61 -5.49
C LEU B 588 37.45 15.08 -5.55
N ALA B 589 38.61 14.43 -5.66
CA ALA B 589 38.73 12.97 -5.59
C ALA B 589 38.19 12.45 -4.28
N SER B 590 38.41 13.12 -3.15
CA SER B 590 37.79 12.81 -1.87
C SER B 590 36.27 12.91 -1.90
N LEU B 591 35.76 13.99 -2.49
CA LEU B 591 34.32 14.21 -2.62
C LEU B 591 33.70 13.07 -3.46
N ILE B 592 34.35 12.74 -4.58
CA ILE B 592 34.03 11.63 -5.47
C ILE B 592 34.04 10.31 -4.70
N LYS B 593 35.09 10.04 -3.94
CA LYS B 593 35.21 8.86 -3.08
C LYS B 593 34.02 8.75 -2.14
N VAL B 594 33.68 9.83 -1.44
CA VAL B 594 32.58 9.88 -0.48
C VAL B 594 31.24 9.64 -1.18
N LEU B 595 31.02 10.29 -2.33
CA LEU B 595 29.79 10.18 -3.08
C LEU B 595 29.60 8.78 -3.66
N LEU B 596 30.68 8.17 -4.13
CA LEU B 596 30.62 6.81 -4.65
C LEU B 596 30.40 5.79 -3.51
N GLN B 597 31.00 6.04 -2.34
CA GLN B 597 30.76 5.23 -1.15
C GLN B 597 29.33 5.39 -0.63
N LEU B 598 28.73 6.59 -0.78
CA LEU B 598 27.31 6.85 -0.54
C LEU B 598 26.43 6.05 -1.49
N ARG B 599 26.93 5.83 -2.71
CA ARG B 599 26.30 4.95 -3.70
C ARG B 599 26.74 3.48 -3.55
N GLY B 600 27.46 3.14 -2.48
CA GLY B 600 27.78 1.77 -2.11
C GLY B 600 29.02 1.17 -2.78
N TYR B 601 29.69 1.93 -3.63
CA TYR B 601 30.81 1.45 -4.44
C TYR B 601 32.07 1.23 -3.61
N ARG B 602 32.77 0.14 -3.84
CA ARG B 602 34.15 -0.07 -3.39
C ARG B 602 35.11 0.77 -4.22
N VAL B 603 35.67 1.84 -3.59
CA VAL B 603 36.50 2.83 -4.24
C VAL B 603 37.84 3.06 -3.53
N PHE B 604 38.84 3.45 -4.33
CA PHE B 604 40.25 3.40 -3.93
C PHE B 604 40.93 4.74 -4.24
N ILE B 605 41.76 5.20 -3.27
CA ILE B 605 42.44 6.49 -3.45
C ILE B 605 43.85 6.43 -2.82
N ASP B 606 44.89 6.81 -3.62
CA ASP B 606 46.28 6.38 -3.40
C ASP B 606 46.85 6.86 -2.06
N VAL B 607 46.42 8.02 -1.55
CA VAL B 607 46.94 8.67 -0.35
C VAL B 607 46.90 7.76 0.88
N ASP B 608 45.88 6.89 1.01
CA ASP B 608 45.79 5.91 2.07
C ASP B 608 45.85 4.44 1.63
N LYS B 609 45.67 4.15 0.34
CA LYS B 609 45.56 2.76 -0.15
C LYS B 609 46.93 2.20 -0.59
N LEU B 610 47.93 2.49 0.23
CA LEU B 610 49.33 2.11 0.17
C LEU B 610 49.78 1.89 1.62
N TYR B 611 50.64 0.85 1.85
CA TYR B 611 51.24 0.54 3.14
C TYR B 611 52.78 0.68 3.18
N ALA B 612 53.50 -0.35 3.61
CA ALA B 612 54.95 -0.39 3.54
C ALA B 612 55.39 -0.78 2.12
N GLY B 613 56.72 -0.82 1.93
CA GLY B 613 57.34 -1.22 0.67
C GLY B 613 57.39 -0.09 -0.35
N LYS B 614 57.85 -0.43 -1.56
CA LYS B 614 57.80 0.41 -2.76
C LYS B 614 56.36 0.79 -3.10
N PHE B 615 56.19 1.90 -3.81
CA PHE B 615 54.92 2.36 -4.33
C PHE B 615 54.16 1.14 -4.86
N ASP B 616 53.06 0.80 -4.18
CA ASP B 616 52.59 -0.59 -4.10
C ASP B 616 51.93 -1.08 -5.39
N SER B 617 52.36 -2.25 -5.89
CA SER B 617 51.62 -3.00 -6.93
C SER B 617 50.19 -3.35 -6.49
N SER B 618 49.92 -3.30 -5.19
CA SER B 618 48.58 -3.35 -4.60
C SER B 618 47.66 -2.27 -5.21
N LEU B 619 48.19 -1.09 -5.49
CA LEU B 619 47.42 -0.05 -6.15
C LEU B 619 46.99 -0.47 -7.55
N LEU B 620 47.90 -1.14 -8.30
CA LEU B 620 47.56 -1.65 -9.63
C LEU B 620 46.61 -2.85 -9.56
N LYS B 621 46.68 -3.67 -8.50
CA LYS B 621 45.65 -4.66 -8.18
C LYS B 621 44.30 -3.99 -7.88
N ASN B 622 44.32 -2.85 -7.22
CA ASN B 622 43.14 -2.04 -6.96
C ASN B 622 42.54 -1.53 -8.26
N ILE B 623 43.33 -1.24 -9.26
CA ILE B 623 42.86 -0.95 -10.63
C ILE B 623 42.28 -2.24 -11.23
N GLN B 624 43.02 -3.34 -11.15
CA GLN B 624 42.69 -4.58 -11.88
C GLN B 624 41.39 -5.16 -11.39
N ALA B 625 41.14 -5.08 -10.08
CA ALA B 625 39.95 -5.67 -9.47
C ALA B 625 38.69 -4.85 -9.76
N ALA B 626 38.86 -3.59 -10.20
CA ALA B 626 37.80 -2.65 -10.50
C ALA B 626 36.99 -3.06 -11.72
N LYS B 627 35.72 -2.64 -11.85
CA LYS B 627 35.06 -2.59 -13.15
C LYS B 627 35.34 -1.26 -13.85
N HIS B 628 35.43 -0.20 -13.05
CA HIS B 628 35.41 1.19 -13.50
C HIS B 628 36.63 1.92 -12.95
N PHE B 629 37.15 2.86 -13.74
CA PHE B 629 38.31 3.66 -13.35
C PHE B 629 37.99 5.12 -13.63
N ILE B 630 37.81 5.92 -12.57
CA ILE B 630 37.64 7.36 -12.67
C ILE B 630 38.99 8.08 -12.68
N LEU B 631 39.14 8.99 -13.66
CA LEU B 631 40.27 9.90 -13.66
C LEU B 631 39.83 11.33 -13.37
N VAL B 632 40.24 11.85 -12.21
CA VAL B 632 39.92 13.23 -11.82
C VAL B 632 40.91 14.16 -12.50
N LEU B 633 40.43 15.09 -13.35
CA LEU B 633 41.23 15.98 -14.17
C LEU B 633 41.10 17.43 -13.70
N THR B 634 42.06 17.89 -12.89
CA THR B 634 42.16 19.25 -12.38
C THR B 634 43.19 20.06 -13.15
N PRO B 635 43.26 21.39 -13.01
CA PRO B 635 44.21 22.18 -13.79
C PRO B 635 45.62 21.62 -13.71
N ASN B 636 46.25 21.38 -14.88
CA ASN B 636 47.64 20.93 -14.97
C ASN B 636 47.86 19.50 -14.50
N SER B 637 46.79 18.73 -14.29
CA SER B 637 46.84 17.35 -13.83
C SER B 637 47.60 16.46 -14.82
N LEU B 638 47.52 16.76 -16.12
CA LEU B 638 48.11 15.96 -17.19
C LEU B 638 49.51 16.42 -17.58
N ASP B 639 49.96 17.58 -17.06
CA ASP B 639 51.21 18.19 -17.51
C ASP B 639 52.42 17.32 -17.27
N ARG B 640 52.47 16.60 -16.14
CA ARG B 640 53.63 15.75 -15.89
C ARG B 640 53.60 14.47 -16.72
N LEU B 641 52.49 14.22 -17.42
CA LEU B 641 52.43 13.08 -18.34
C LEU B 641 53.10 13.43 -19.67
N LEU B 642 53.34 14.73 -19.93
CA LEU B 642 54.00 15.13 -21.16
C LEU B 642 55.42 14.57 -21.20
N ASN B 643 55.77 13.85 -22.29
CA ASN B 643 57.07 13.23 -22.51
C ASN B 643 57.39 12.18 -21.44
N ASP B 644 56.35 11.67 -20.76
CA ASP B 644 56.56 10.62 -19.77
C ASP B 644 56.63 9.25 -20.46
N ASP B 645 57.50 9.09 -21.47
CA ASP B 645 57.57 7.88 -22.28
C ASP B 645 58.08 6.70 -21.45
N ASN B 646 58.82 7.00 -20.37
CA ASN B 646 59.35 5.96 -19.51
C ASN B 646 58.35 5.54 -18.43
N CYS B 647 57.11 6.06 -18.51
CA CYS B 647 56.01 5.74 -17.61
C CYS B 647 56.43 5.89 -16.15
N GLU B 648 57.08 7.03 -15.82
CA GLU B 648 57.56 7.33 -14.49
C GLU B 648 56.46 7.93 -13.62
N ASP B 649 55.51 8.65 -14.25
CA ASP B 649 54.42 9.30 -13.54
C ASP B 649 53.40 8.25 -13.07
N TRP B 650 52.99 8.30 -11.80
CA TRP B 650 52.07 7.29 -11.28
C TRP B 650 50.66 7.43 -11.85
N VAL B 651 50.19 8.65 -12.15
CA VAL B 651 48.94 8.79 -12.90
C VAL B 651 49.07 8.09 -14.25
N HIS B 652 50.25 8.13 -14.90
CA HIS B 652 50.51 7.38 -16.14
C HIS B 652 50.40 5.87 -15.90
N LYS B 653 51.08 5.36 -14.87
CA LYS B 653 51.04 3.94 -14.51
C LYS B 653 49.60 3.47 -14.27
N GLU B 654 48.85 4.24 -13.48
CA GLU B 654 47.46 4.00 -13.17
C GLU B 654 46.59 3.95 -14.43
N LEU B 655 46.70 4.98 -15.29
CA LEU B 655 45.89 5.11 -16.50
C LEU B 655 46.26 4.04 -17.53
N LYS B 656 47.56 3.75 -17.67
CA LYS B 656 48.04 2.69 -18.54
C LYS B 656 47.42 1.36 -18.13
N CYS B 657 47.47 1.05 -16.82
CA CYS B 657 46.90 -0.17 -16.27
C CYS B 657 45.40 -0.26 -16.56
N ALA B 658 44.71 0.87 -16.40
CA ALA B 658 43.28 0.92 -16.65
C ALA B 658 42.98 0.55 -18.11
N PHE B 659 43.77 1.13 -19.03
CA PHE B 659 43.62 0.89 -20.46
C PHE B 659 43.97 -0.55 -20.81
N GLU B 660 45.03 -1.11 -20.21
CA GLU B 660 45.48 -2.47 -20.49
C GLU B 660 44.42 -3.49 -20.05
N HIS B 661 43.72 -3.20 -18.96
CA HIS B 661 42.73 -4.14 -18.42
C HIS B 661 41.30 -3.72 -18.82
N GLN B 662 41.18 -2.80 -19.79
CA GLN B 662 39.92 -2.43 -20.42
C GLN B 662 38.87 -2.05 -19.39
N LYS B 663 39.28 -1.19 -18.42
CA LYS B 663 38.27 -0.73 -17.46
C LYS B 663 37.29 0.25 -18.09
N ASN B 664 36.09 0.34 -17.56
CA ASN B 664 35.10 1.36 -17.93
C ASN B 664 35.59 2.75 -17.46
N ILE B 665 36.34 3.47 -18.31
CA ILE B 665 37.16 4.62 -17.92
C ILE B 665 36.44 5.96 -18.12
N ILE B 666 36.39 6.81 -17.08
CA ILE B 666 35.62 8.06 -17.06
C ILE B 666 36.54 9.20 -16.57
N PRO B 667 37.03 10.10 -17.45
CA PRO B 667 37.53 11.40 -17.00
C PRO B 667 36.44 12.27 -16.37
N ILE B 668 36.75 12.87 -15.22
CA ILE B 668 35.93 13.91 -14.62
C ILE B 668 36.73 15.22 -14.67
N PHE B 669 36.24 16.16 -15.50
CA PHE B 669 36.90 17.43 -15.76
C PHE B 669 36.48 18.45 -14.72
N ASP B 670 37.42 18.94 -13.92
CA ASP B 670 37.22 20.12 -13.10
C ASP B 670 36.85 21.33 -13.97
N THR B 671 36.12 22.30 -13.38
CA THR B 671 35.63 23.46 -14.12
C THR B 671 36.76 24.22 -14.82
N ALA B 672 37.93 24.27 -14.20
CA ALA B 672 39.08 25.01 -14.71
C ALA B 672 40.04 24.15 -15.51
N PHE B 673 39.73 22.86 -15.71
CA PHE B 673 40.62 21.95 -16.44
C PHE B 673 40.67 22.28 -17.92
N GLU B 674 41.90 22.18 -18.47
CA GLU B 674 42.13 22.28 -19.90
C GLU B 674 43.18 21.25 -20.30
N PHE B 675 42.94 20.57 -21.43
CA PHE B 675 43.93 19.67 -21.99
C PHE B 675 45.21 20.40 -22.31
N PRO B 676 46.40 19.78 -22.12
CA PRO B 676 47.67 20.39 -22.56
C PRO B 676 47.67 20.73 -24.05
N THR B 677 48.30 21.86 -24.39
CA THR B 677 48.37 22.37 -25.77
C THR B 677 49.16 21.40 -26.65
N LYS B 678 50.18 20.77 -26.07
CA LYS B 678 51.05 19.81 -26.74
C LYS B 678 50.55 18.40 -26.48
N GLU B 679 49.34 18.09 -26.94
CA GLU B 679 48.70 16.77 -26.78
C GLU B 679 49.55 15.64 -27.37
N ASP B 680 50.27 15.94 -28.47
CA ASP B 680 51.12 14.97 -29.16
C ASP B 680 52.29 14.52 -28.29
N GLN B 681 52.58 15.25 -27.21
CA GLN B 681 53.63 14.89 -26.26
C GLN B 681 53.12 13.93 -25.19
N ILE B 682 51.80 13.75 -25.06
CA ILE B 682 51.27 12.73 -24.19
C ILE B 682 51.62 11.36 -24.78
N PRO B 683 52.23 10.43 -24.01
CA PRO B 683 52.61 9.10 -24.52
C PRO B 683 51.45 8.37 -25.21
N ASN B 684 51.77 7.59 -26.26
CA ASN B 684 50.79 6.97 -27.15
C ASN B 684 49.84 6.02 -26.42
N ASP B 685 50.37 5.34 -25.42
CA ASP B 685 49.62 4.32 -24.68
C ASP B 685 48.48 4.94 -23.86
N ILE B 686 48.56 6.24 -23.55
CA ILE B 686 47.56 6.92 -22.71
C ILE B 686 46.94 8.11 -23.43
N ARG B 687 47.44 8.47 -24.62
CA ARG B 687 47.00 9.66 -25.36
C ARG B 687 45.50 9.63 -25.63
N MET B 688 44.94 8.42 -25.73
CA MET B 688 43.52 8.16 -25.97
C MET B 688 42.62 8.88 -24.97
N ILE B 689 43.12 9.19 -23.74
CA ILE B 689 42.38 9.87 -22.70
C ILE B 689 41.87 11.24 -23.14
N THR B 690 42.55 11.88 -24.10
CA THR B 690 42.16 13.15 -24.67
C THR B 690 40.89 13.05 -25.51
N LYS B 691 40.49 11.82 -25.88
CA LYS B 691 39.27 11.57 -26.64
C LYS B 691 38.13 11.04 -25.77
N TYR B 692 38.35 10.79 -24.49
CA TYR B 692 37.50 9.90 -23.71
C TYR B 692 36.19 10.53 -23.24
N ASN B 693 35.23 9.66 -22.89
CA ASN B 693 33.90 10.08 -22.45
C ASN B 693 33.94 10.43 -20.96
N GLY B 694 33.70 11.74 -20.64
CA GLY B 694 33.78 12.19 -19.27
C GLY B 694 32.69 13.18 -18.83
N VAL B 695 32.79 13.61 -17.56
CA VAL B 695 31.84 14.49 -16.89
C VAL B 695 32.53 15.80 -16.55
N LYS B 696 32.03 16.93 -17.10
CA LYS B 696 32.55 18.20 -16.62
C LYS B 696 31.90 18.51 -15.27
N TRP B 697 32.70 18.47 -14.23
CA TRP B 697 32.31 18.69 -12.87
C TRP B 697 31.96 20.13 -12.64
N VAL B 698 30.70 20.40 -12.29
CA VAL B 698 30.27 21.75 -11.94
C VAL B 698 29.77 21.74 -10.52
N HIS B 699 30.46 22.47 -9.65
CA HIS B 699 30.20 22.61 -8.21
C HIS B 699 28.70 22.86 -7.91
N ASP B 700 28.15 23.78 -8.73
CA ASP B 700 26.80 24.29 -8.67
C ASP B 700 25.78 23.21 -9.04
N TYR B 701 26.20 22.19 -9.81
CA TYR B 701 25.36 21.08 -10.25
C TYR B 701 25.93 19.76 -9.77
N GLN B 702 26.52 19.74 -8.58
CA GLN B 702 27.21 18.60 -7.98
C GLN B 702 26.39 17.29 -8.09
N ASP B 703 25.10 17.43 -7.78
CA ASP B 703 24.13 16.34 -7.74
C ASP B 703 23.90 15.73 -9.14
N ALA B 704 23.77 16.62 -10.14
CA ALA B 704 23.58 16.22 -11.54
C ALA B 704 24.87 15.62 -12.10
N CYS B 705 26.01 16.23 -11.77
CA CYS B 705 27.32 15.74 -12.19
C CYS B 705 27.52 14.31 -11.68
N MET B 706 27.20 14.09 -10.41
CA MET B 706 27.38 12.77 -9.84
C MET B 706 26.37 11.76 -10.41
N ALA B 707 25.14 12.21 -10.68
CA ALA B 707 24.16 11.40 -11.43
C ALA B 707 24.73 10.97 -12.78
N LYS B 708 25.39 11.88 -13.50
CA LYS B 708 26.02 11.60 -14.79
C LYS B 708 27.17 10.58 -14.63
N VAL B 709 27.97 10.73 -13.55
CA VAL B 709 29.04 9.78 -13.25
C VAL B 709 28.45 8.38 -13.05
N VAL B 710 27.35 8.28 -12.28
CA VAL B 710 26.64 7.02 -12.05
C VAL B 710 26.14 6.44 -13.38
N ARG B 711 25.64 7.28 -14.31
CA ARG B 711 25.16 6.84 -15.61
C ARG B 711 26.31 6.24 -16.42
N PHE B 712 27.51 6.84 -16.35
CA PHE B 712 28.67 6.33 -17.05
C PHE B 712 29.12 5.01 -16.44
N ILE B 713 28.99 4.85 -15.10
CA ILE B 713 29.32 3.63 -14.37
C ILE B 713 28.32 2.51 -14.74
N THR B 714 27.01 2.81 -14.73
CA THR B 714 25.95 1.83 -14.95
C THR B 714 25.69 1.55 -16.43
N GLY B 715 26.21 2.42 -17.33
CA GLY B 715 26.02 2.31 -18.77
C GLY B 715 24.60 2.68 -19.18
N MET C 60 -12.41 -50.82 -35.60
CA MET C 60 -11.37 -49.81 -35.19
C MET C 60 -12.04 -48.61 -34.51
N SER C 61 -11.50 -48.15 -33.37
CA SER C 61 -12.15 -47.18 -32.50
C SER C 61 -12.04 -45.73 -33.02
N ASN C 62 -12.90 -44.85 -32.48
CA ASN C 62 -12.73 -43.43 -32.68
C ASN C 62 -11.43 -42.93 -32.03
N THR C 63 -11.01 -43.51 -30.89
CA THR C 63 -9.71 -43.23 -30.30
C THR C 63 -8.62 -43.44 -31.34
N GLU C 64 -8.73 -44.53 -32.11
CA GLU C 64 -7.80 -44.81 -33.19
C GLU C 64 -7.99 -43.86 -34.37
N GLN C 65 -9.22 -43.47 -34.74
CA GLN C 65 -9.42 -42.44 -35.77
C GLN C 65 -8.66 -41.18 -35.39
N VAL C 66 -8.83 -40.75 -34.13
CA VAL C 66 -8.13 -39.61 -33.57
C VAL C 66 -6.61 -39.85 -33.62
N ALA C 67 -6.14 -41.00 -33.14
CA ALA C 67 -4.72 -41.32 -33.10
C ALA C 67 -4.13 -41.32 -34.52
N MET C 68 -4.85 -41.87 -35.48
CA MET C 68 -4.44 -41.88 -36.87
C MET C 68 -4.34 -40.47 -37.40
N MET C 69 -5.42 -39.67 -37.26
CA MET C 69 -5.46 -38.29 -37.69
C MET C 69 -4.30 -37.50 -37.07
N HIS C 70 -4.13 -37.67 -35.76
CA HIS C 70 -3.07 -37.04 -34.96
C HIS C 70 -1.71 -37.40 -35.52
N THR C 71 -1.47 -38.71 -35.67
CA THR C 71 -0.21 -39.23 -36.17
C THR C 71 0.05 -38.68 -37.56
N LEU C 72 -0.97 -38.75 -38.42
CA LEU C 72 -0.89 -38.25 -39.78
C LEU C 72 -0.45 -36.80 -39.80
N LYS C 73 -1.20 -35.91 -39.13
CA LYS C 73 -0.88 -34.50 -39.04
C LYS C 73 0.55 -34.28 -38.50
N THR C 74 0.89 -35.01 -37.43
CA THR C 74 2.17 -34.90 -36.75
C THR C 74 3.31 -35.26 -37.71
N LYS C 75 3.27 -36.49 -38.22
CA LYS C 75 4.34 -37.03 -39.03
C LYS C 75 4.38 -36.34 -40.39
N LEU C 76 3.23 -35.90 -40.91
CA LEU C 76 3.23 -35.07 -42.10
C LEU C 76 4.05 -33.80 -41.87
N SER C 77 3.75 -33.05 -40.79
CA SER C 77 4.51 -31.86 -40.43
C SER C 77 6.01 -32.15 -40.35
N LYS C 78 6.38 -33.22 -39.64
CA LYS C 78 7.75 -33.65 -39.47
C LYS C 78 8.42 -33.95 -40.83
N TYR C 79 7.80 -34.83 -41.61
CA TYR C 79 8.38 -35.31 -42.86
C TYR C 79 8.37 -34.23 -43.95
N GLN C 80 7.44 -33.26 -43.89
CA GLN C 80 7.52 -32.08 -44.74
C GLN C 80 8.83 -31.33 -44.47
N ALA C 81 9.14 -31.07 -43.20
CA ALA C 81 10.37 -30.40 -42.81
C ALA C 81 11.61 -31.19 -43.26
N MET C 82 11.61 -32.51 -42.99
CA MET C 82 12.73 -33.37 -43.37
C MET C 82 12.90 -33.42 -44.90
N MET C 83 11.78 -33.49 -45.62
CA MET C 83 11.76 -33.44 -47.07
C MET C 83 12.33 -32.12 -47.57
N ASP C 84 11.98 -30.98 -46.94
CA ASP C 84 12.56 -29.70 -47.29
C ASP C 84 14.09 -29.74 -47.17
N LYS C 85 14.62 -30.28 -46.06
CA LYS C 85 16.07 -30.44 -45.88
C LYS C 85 16.69 -31.25 -47.02
N ALA C 86 16.07 -32.37 -47.35
CA ALA C 86 16.50 -33.21 -48.47
C ALA C 86 16.42 -32.43 -49.80
N PHE C 87 15.38 -31.62 -49.98
CA PHE C 87 15.23 -30.76 -51.13
C PHE C 87 16.25 -29.62 -51.18
N GLU C 88 16.73 -29.15 -50.04
CA GLU C 88 17.84 -28.20 -50.01
C GLU C 88 19.13 -28.85 -50.58
N GLU C 89 19.36 -30.14 -50.27
CA GLU C 89 20.46 -30.89 -50.86
C GLU C 89 20.27 -31.07 -52.37
N ILE C 90 19.05 -31.38 -52.81
CA ILE C 90 18.72 -31.47 -54.23
C ILE C 90 18.93 -30.11 -54.91
N ALA C 91 18.44 -29.04 -54.30
CA ALA C 91 18.49 -27.65 -54.78
C ALA C 91 19.91 -27.08 -54.77
N LYS C 92 20.89 -27.74 -54.14
CA LYS C 92 22.31 -27.41 -54.31
C LYS C 92 22.78 -27.67 -55.75
N VAL C 93 22.13 -28.61 -56.44
CA VAL C 93 22.45 -29.05 -57.81
C VAL C 93 23.92 -29.49 -57.91
N GLU C 94 24.32 -30.31 -56.94
CA GLU C 94 25.61 -30.98 -56.90
C GLU C 94 25.37 -32.47 -56.68
N ASP C 95 26.11 -33.31 -57.43
CA ASP C 95 25.79 -34.72 -57.64
C ASP C 95 25.50 -35.47 -56.34
N ALA C 96 26.46 -35.46 -55.40
CA ALA C 96 26.36 -36.14 -54.12
C ALA C 96 25.19 -35.62 -53.27
N ASN C 97 24.91 -34.32 -53.34
CA ASN C 97 23.83 -33.68 -52.59
C ASN C 97 22.47 -34.10 -53.16
N ILE C 98 22.32 -34.14 -54.48
CA ILE C 98 21.09 -34.61 -55.10
C ILE C 98 20.90 -36.09 -54.75
N ILE C 99 21.94 -36.92 -54.90
CA ILE C 99 21.95 -38.34 -54.57
C ILE C 99 21.54 -38.56 -53.10
N GLU C 100 22.18 -37.87 -52.17
CA GLU C 100 21.91 -37.98 -50.74
C GLU C 100 20.49 -37.50 -50.40
N GLY C 101 20.09 -36.31 -50.88
CA GLY C 101 18.73 -35.80 -50.72
C GLY C 101 17.67 -36.80 -51.21
N CYS C 102 17.82 -37.27 -52.45
CA CYS C 102 16.94 -38.29 -53.01
C CYS C 102 16.96 -39.59 -52.19
N THR C 103 18.15 -40.01 -51.72
CA THR C 103 18.29 -41.17 -50.86
C THR C 103 17.47 -41.00 -49.58
N ILE C 104 17.57 -39.82 -48.94
CA ILE C 104 16.80 -39.48 -47.75
C ILE C 104 15.29 -39.51 -48.06
N VAL C 105 14.85 -38.90 -49.16
CA VAL C 105 13.45 -38.91 -49.58
C VAL C 105 12.96 -40.35 -49.78
N ARG C 106 13.78 -41.18 -50.44
CA ARG C 106 13.49 -42.59 -50.69
C ARG C 106 13.30 -43.35 -49.36
N LYS C 107 14.27 -43.22 -48.44
CA LYS C 107 14.24 -43.82 -47.11
C LYS C 107 12.98 -43.37 -46.35
N LEU C 108 12.72 -42.07 -46.34
CA LEU C 108 11.56 -41.43 -45.75
C LEU C 108 10.28 -42.05 -46.33
N MET C 109 10.12 -42.10 -47.65
CA MET C 109 8.93 -42.67 -48.30
C MET C 109 8.69 -44.14 -47.91
N ARG C 110 9.77 -44.92 -47.83
CA ARG C 110 9.69 -46.32 -47.43
C ARG C 110 9.30 -46.45 -45.95
N LYS C 111 9.94 -45.65 -45.09
CA LYS C 111 9.64 -45.56 -43.67
C LYS C 111 8.17 -45.14 -43.45
N VAL C 112 7.70 -44.17 -44.24
CA VAL C 112 6.30 -43.74 -44.30
C VAL C 112 5.41 -44.93 -44.66
N TRP C 113 5.75 -45.67 -45.73
CA TRP C 113 5.01 -46.85 -46.08
C TRP C 113 5.00 -47.92 -44.99
N ASN C 114 6.08 -48.01 -44.21
CA ASN C 114 6.21 -48.92 -43.08
C ASN C 114 5.55 -48.43 -41.79
N THR C 115 5.05 -47.19 -41.78
CA THR C 115 4.37 -46.60 -40.63
C THR C 115 3.02 -47.31 -40.48
N PRO C 116 2.64 -47.81 -39.27
CA PRO C 116 1.70 -48.91 -39.11
C PRO C 116 0.40 -48.89 -39.91
N LYS C 117 -0.31 -47.74 -39.91
CA LYS C 117 -1.58 -47.72 -40.65
C LYS C 117 -1.92 -46.40 -41.35
N VAL C 118 -1.31 -45.29 -40.94
CA VAL C 118 -1.44 -44.03 -41.68
C VAL C 118 -0.62 -43.99 -42.97
N SER C 119 0.15 -45.05 -43.25
CA SER C 119 1.14 -45.12 -44.32
C SER C 119 0.63 -44.57 -45.66
N ALA C 120 -0.53 -45.05 -46.12
CA ALA C 120 -1.07 -44.66 -47.42
C ALA C 120 -1.39 -43.17 -47.47
N ASP C 121 -2.12 -42.68 -46.47
CA ASP C 121 -2.52 -41.27 -46.39
C ASP C 121 -1.30 -40.38 -46.30
N LEU C 122 -0.33 -40.76 -45.46
CA LEU C 122 0.90 -40.00 -45.25
C LEU C 122 1.73 -39.95 -46.54
N ALA C 123 1.85 -41.08 -47.22
CA ALA C 123 2.48 -41.14 -48.54
C ALA C 123 1.76 -40.19 -49.52
N ASN C 124 0.42 -40.28 -49.59
CA ASN C 124 -0.37 -39.44 -50.48
C ASN C 124 -0.15 -37.96 -50.19
N ALA C 125 -0.27 -37.58 -48.92
CA ALA C 125 -0.08 -36.21 -48.48
C ALA C 125 1.32 -35.68 -48.83
N LEU C 126 2.35 -36.52 -48.68
CA LEU C 126 3.70 -36.15 -49.08
C LEU C 126 3.85 -36.07 -50.61
N CYS C 127 3.20 -36.96 -51.37
CA CYS C 127 3.14 -36.87 -52.83
C CYS C 127 2.48 -35.55 -53.27
N ASP C 128 1.42 -35.15 -52.58
CA ASP C 128 0.75 -33.88 -52.79
C ASP C 128 1.71 -32.73 -52.47
N TYR C 129 2.33 -32.76 -51.30
CA TYR C 129 3.30 -31.76 -50.89
C TYR C 129 4.43 -31.62 -51.92
N LEU C 130 4.95 -32.74 -52.43
CA LEU C 130 5.96 -32.73 -53.49
C LEU C 130 5.52 -31.97 -54.74
N ARG C 131 4.24 -32.15 -55.16
CA ARG C 131 3.69 -31.39 -56.27
C ARG C 131 3.54 -29.91 -55.90
N ASP C 132 2.98 -29.63 -54.71
CA ASP C 132 2.68 -28.28 -54.22
C ASP C 132 3.94 -27.44 -54.07
N ARG C 133 5.04 -28.08 -53.64
CA ARG C 133 6.36 -27.48 -53.46
C ARG C 133 7.16 -27.43 -54.77
N ASP C 134 6.61 -27.97 -55.87
CA ASP C 134 7.28 -28.18 -57.15
C ASP C 134 8.51 -29.10 -57.06
N TYR C 135 8.73 -29.71 -55.88
CA TYR C 135 9.76 -30.72 -55.64
C TYR C 135 9.66 -31.84 -56.69
N PHE C 136 8.42 -32.31 -56.95
CA PHE C 136 8.13 -33.32 -57.95
C PHE C 136 8.55 -32.89 -59.36
N ASP C 137 8.21 -31.65 -59.71
CA ASP C 137 8.54 -31.04 -61.00
C ASP C 137 10.06 -30.94 -61.20
N LYS C 138 10.75 -30.50 -60.14
CA LYS C 138 12.20 -30.40 -60.08
C LYS C 138 12.85 -31.76 -60.28
N LEU C 139 12.38 -32.79 -59.56
CA LEU C 139 12.85 -34.16 -59.76
C LEU C 139 12.69 -34.63 -61.20
N ILE C 140 11.50 -34.40 -61.80
CA ILE C 140 11.24 -34.77 -63.18
C ILE C 140 12.25 -34.12 -64.12
N LYS C 141 12.43 -32.80 -64.01
CA LYS C 141 13.37 -32.05 -64.84
C LYS C 141 14.81 -32.54 -64.65
N MET C 142 15.22 -32.72 -63.38
CA MET C 142 16.55 -33.20 -63.04
C MET C 142 16.72 -34.71 -63.29
N PHE C 143 15.70 -35.40 -63.79
CA PHE C 143 15.75 -36.77 -64.25
C PHE C 143 15.80 -36.83 -65.78
N ILE C 144 14.90 -36.11 -66.47
CA ILE C 144 14.77 -36.15 -67.94
C ILE C 144 15.83 -35.31 -68.64
N SER C 145 16.42 -34.31 -67.96
CA SER C 145 17.41 -33.41 -68.56
C SER C 145 18.65 -34.17 -69.02
N PRO C 146 19.18 -33.91 -70.24
CA PRO C 146 20.41 -34.56 -70.73
C PRO C 146 21.66 -34.27 -69.91
N ASN C 147 21.68 -33.14 -69.21
CA ASN C 147 22.73 -32.77 -68.26
C ASN C 147 22.91 -33.81 -67.12
N THR C 148 21.86 -34.58 -66.81
CA THR C 148 21.91 -35.63 -65.80
C THR C 148 22.92 -36.73 -66.14
N ALA C 149 23.35 -36.82 -67.42
CA ALA C 149 24.39 -37.74 -67.86
C ALA C 149 25.75 -37.52 -67.15
N ALA C 150 25.92 -36.36 -66.51
CA ALA C 150 27.10 -36.02 -65.73
C ALA C 150 27.39 -37.02 -64.61
N CYS C 151 26.35 -37.62 -64.04
CA CYS C 151 26.41 -38.76 -63.12
C CYS C 151 25.06 -39.50 -63.14
N ASP C 152 25.04 -40.70 -63.75
CA ASP C 152 23.82 -41.48 -63.88
C ASP C 152 23.18 -41.81 -62.52
N GLN C 153 23.98 -41.86 -61.45
CA GLN C 153 23.49 -42.09 -60.09
C GLN C 153 22.54 -40.98 -59.64
N VAL C 154 22.71 -39.75 -60.11
CA VAL C 154 21.75 -38.67 -59.90
C VAL C 154 20.38 -39.05 -60.50
N ARG C 155 20.39 -39.45 -61.78
CA ARG C 155 19.18 -39.92 -62.47
C ARG C 155 18.54 -41.10 -61.72
N MET C 156 19.37 -42.04 -61.28
CA MET C 156 18.90 -43.20 -60.52
C MET C 156 18.15 -42.79 -59.26
N GLU C 157 18.77 -41.97 -58.39
CA GLU C 157 18.14 -41.58 -57.14
C GLU C 157 16.89 -40.73 -57.38
N CYS C 158 16.94 -39.78 -58.32
CA CYS C 158 15.78 -39.02 -58.75
C CYS C 158 14.66 -39.96 -59.20
N GLY C 159 15.00 -40.93 -60.06
CA GLY C 159 14.07 -41.92 -60.58
C GLY C 159 13.44 -42.80 -59.50
N LYS C 160 14.25 -43.30 -58.54
CA LYS C 160 13.74 -44.08 -57.42
C LYS C 160 12.72 -43.28 -56.61
N VAL C 161 13.04 -42.01 -56.31
CA VAL C 161 12.12 -41.13 -55.63
C VAL C 161 10.84 -40.93 -56.45
N LEU C 162 10.98 -40.63 -57.74
CA LEU C 162 9.83 -40.50 -58.64
C LEU C 162 8.96 -41.75 -58.62
N GLU C 163 9.59 -42.95 -58.66
CA GLU C 163 8.93 -44.24 -58.48
C GLU C 163 8.09 -44.26 -57.19
N GLU C 164 8.67 -43.91 -56.03
CA GLU C 164 7.93 -43.82 -54.78
C GLU C 164 6.74 -42.85 -54.89
N CYS C 165 6.93 -41.76 -55.64
CA CYS C 165 6.01 -40.63 -55.68
C CYS C 165 5.02 -40.71 -56.84
N THR C 166 5.00 -41.82 -57.61
CA THR C 166 4.05 -42.02 -58.69
C THR C 166 2.65 -42.40 -58.19
N SER C 167 2.06 -41.54 -57.33
CA SER C 167 0.64 -41.58 -56.99
C SER C 167 -0.20 -41.32 -58.23
N SER C 168 -1.51 -41.66 -58.19
CA SER C 168 -2.44 -41.33 -59.27
C SER C 168 -2.40 -39.84 -59.65
N ALA C 169 -2.38 -38.97 -58.65
CA ALA C 169 -2.33 -37.52 -58.85
C ALA C 169 -0.98 -37.04 -59.42
N ASN C 170 0.11 -37.74 -59.07
CA ASN C 170 1.45 -37.47 -59.59
C ASN C 170 1.59 -37.92 -61.04
N LEU C 171 1.01 -39.08 -61.37
CA LEU C 171 0.94 -39.54 -62.76
C LEU C 171 0.06 -38.62 -63.58
N GLU C 172 -1.07 -38.17 -63.02
CA GLU C 172 -1.92 -37.16 -63.65
C GLU C 172 -1.16 -35.86 -63.91
N TYR C 173 -0.35 -35.41 -62.93
CA TYR C 173 0.53 -34.26 -63.10
C TYR C 173 1.50 -34.45 -64.29
N ILE C 174 2.17 -35.61 -64.34
CA ILE C 174 3.07 -36.01 -65.44
C ILE C 174 2.35 -35.90 -66.79
N VAL C 175 1.13 -36.39 -66.87
CA VAL C 175 0.28 -36.37 -68.07
C VAL C 175 -0.13 -34.93 -68.43
N ASN C 176 -0.56 -34.13 -67.43
CA ASN C 176 -0.95 -32.74 -67.61
C ASN C 176 0.20 -31.86 -68.13
N LYS C 177 1.43 -32.13 -67.66
CA LYS C 177 2.65 -31.46 -68.10
C LYS C 177 3.31 -32.13 -69.32
N SER C 178 2.71 -33.22 -69.82
CA SER C 178 3.15 -33.98 -71.00
C SER C 178 4.57 -34.55 -70.89
N TYR C 179 5.06 -34.76 -69.66
CA TYR C 179 6.38 -35.36 -69.44
C TYR C 179 6.41 -36.85 -69.78
N THR C 180 5.24 -37.47 -70.04
CA THR C 180 5.02 -38.91 -70.08
C THR C 180 6.03 -39.65 -70.97
N LYS C 181 6.12 -39.25 -72.26
CA LYS C 181 6.98 -39.94 -73.20
C LYS C 181 8.46 -39.67 -72.93
N LYS C 182 8.80 -38.46 -72.44
CA LYS C 182 10.15 -38.11 -72.02
C LYS C 182 10.63 -39.06 -70.91
N ILE C 183 9.81 -39.22 -69.87
CA ILE C 183 10.06 -40.12 -68.76
C ILE C 183 10.17 -41.57 -69.25
N MET C 184 9.24 -41.99 -70.13
CA MET C 184 9.24 -43.35 -70.71
C MET C 184 10.58 -43.63 -71.42
N ILE C 185 10.99 -42.77 -72.35
CA ILE C 185 12.24 -42.91 -73.10
C ILE C 185 13.44 -42.92 -72.16
N VAL C 186 13.46 -42.04 -71.15
CA VAL C 186 14.53 -41.99 -70.17
C VAL C 186 14.57 -43.26 -69.29
N ALA C 187 13.39 -43.84 -68.96
CA ALA C 187 13.32 -45.16 -68.37
C ALA C 187 13.90 -46.24 -69.30
N MET C 188 13.60 -46.18 -70.61
CA MET C 188 14.17 -47.11 -71.57
C MET C 188 15.70 -46.98 -71.67
N LYS C 189 16.24 -45.75 -71.45
CA LYS C 189 17.67 -45.49 -71.34
C LYS C 189 18.29 -46.03 -70.05
N LEU C 190 17.50 -46.14 -68.97
CA LEU C 190 17.93 -46.81 -67.74
C LEU C 190 17.96 -48.33 -67.95
N ASN C 191 19.09 -48.81 -68.49
CA ASN C 191 19.23 -50.21 -68.88
C ASN C 191 20.60 -50.80 -68.53
N LYS C 192 21.54 -50.00 -68.02
CA LYS C 192 22.96 -50.33 -67.92
C LYS C 192 23.28 -51.45 -66.91
N THR C 193 22.42 -51.63 -65.90
CA THR C 193 22.60 -52.59 -64.81
C THR C 193 21.23 -53.18 -64.44
N PRO C 194 21.15 -54.34 -63.73
CA PRO C 194 19.89 -54.86 -63.20
C PRO C 194 19.10 -53.86 -62.34
N ASP C 195 19.80 -52.98 -61.61
CA ASP C 195 19.16 -51.93 -60.83
C ASP C 195 18.45 -50.92 -61.75
N GLN C 196 19.16 -50.44 -62.78
CA GLN C 196 18.59 -49.55 -63.78
C GLN C 196 17.38 -50.22 -64.45
N GLN C 197 17.52 -51.48 -64.83
CA GLN C 197 16.50 -52.28 -65.48
C GLN C 197 15.25 -52.42 -64.60
N ARG C 198 15.43 -52.72 -63.31
CA ARG C 198 14.33 -52.81 -62.35
C ARG C 198 13.61 -51.46 -62.22
N LEU C 199 14.37 -50.37 -62.00
CA LEU C 199 13.82 -49.03 -61.88
C LEU C 199 13.08 -48.64 -63.17
N SER C 200 13.67 -48.94 -64.33
CA SER C 200 13.09 -48.73 -65.63
C SER C 200 11.72 -49.40 -65.72
N LEU C 201 11.67 -50.72 -65.54
CA LEU C 201 10.43 -51.48 -65.55
C LEU C 201 9.42 -50.93 -64.54
N SER C 202 9.91 -50.45 -63.38
CA SER C 202 9.07 -49.81 -62.38
C SER C 202 8.42 -48.54 -62.93
N LEU C 203 9.22 -47.58 -63.39
CA LEU C 203 8.71 -46.31 -63.90
C LEU C 203 7.75 -46.56 -65.09
N ILE C 204 8.17 -47.44 -66.01
CA ILE C 204 7.37 -47.90 -67.14
C ILE C 204 6.00 -48.42 -66.63
N GLY C 205 6.03 -49.40 -65.71
CA GLY C 205 4.83 -49.95 -65.11
C GLY C 205 3.98 -48.94 -64.34
N ASN C 206 4.62 -47.94 -63.73
CA ASN C 206 3.92 -46.87 -63.03
C ASN C 206 3.19 -45.94 -64.00
N LEU C 207 3.81 -45.58 -65.13
CA LEU C 207 3.14 -44.85 -66.19
C LEU C 207 1.88 -45.60 -66.67
N PHE C 208 2.00 -46.93 -66.76
CA PHE C 208 0.90 -47.82 -67.12
C PHE C 208 -0.20 -47.94 -66.04
N LYS C 209 -0.16 -47.15 -64.97
CA LYS C 209 -1.27 -47.04 -64.03
C LYS C 209 -2.19 -45.87 -64.37
N HIS C 210 -1.87 -45.08 -65.41
CA HIS C 210 -2.81 -44.06 -65.88
C HIS C 210 -3.78 -44.60 -66.91
N SER C 211 -4.89 -43.89 -67.17
CA SER C 211 -6.04 -44.28 -68.01
C SER C 211 -5.66 -44.79 -69.41
N ASN C 212 -6.59 -45.49 -70.07
CA ASN C 212 -6.38 -46.32 -71.27
C ASN C 212 -5.60 -45.60 -72.37
N ALA C 213 -5.97 -44.34 -72.67
CA ALA C 213 -5.37 -43.51 -73.72
C ALA C 213 -3.86 -43.34 -73.51
N VAL C 214 -3.40 -43.19 -72.26
CA VAL C 214 -2.00 -43.06 -71.91
C VAL C 214 -1.22 -44.35 -72.24
N SER C 215 -1.72 -45.51 -71.77
CA SER C 215 -1.12 -46.80 -72.09
C SER C 215 -1.07 -47.02 -73.61
N LEU C 216 -2.19 -46.76 -74.30
CA LEU C 216 -2.28 -46.90 -75.75
C LEU C 216 -1.26 -46.02 -76.48
N SER C 217 -1.12 -44.76 -76.05
CA SER C 217 -0.10 -43.84 -76.55
C SER C 217 1.32 -44.39 -76.35
N LEU C 218 1.57 -44.97 -75.18
CA LEU C 218 2.89 -45.48 -74.83
C LEU C 218 3.23 -46.80 -75.54
N ILE C 219 2.26 -47.62 -75.94
CA ILE C 219 2.49 -48.79 -76.80
C ILE C 219 3.19 -48.38 -78.10
N GLU C 220 2.95 -47.18 -78.62
CA GLU C 220 3.59 -46.68 -79.83
C GLU C 220 5.11 -46.55 -79.71
N THR C 221 5.65 -46.57 -78.48
CA THR C 221 7.10 -46.56 -78.23
C THR C 221 7.73 -47.95 -78.42
N ASP C 222 6.89 -49.00 -78.52
CA ASP C 222 7.30 -50.41 -78.55
C ASP C 222 8.10 -50.82 -77.31
N VAL C 223 7.88 -50.10 -76.20
CA VAL C 223 8.52 -50.41 -74.92
C VAL C 223 8.26 -51.86 -74.47
N ILE C 224 7.19 -52.50 -74.95
CA ILE C 224 6.90 -53.90 -74.65
C ILE C 224 8.06 -54.81 -75.06
N ASP C 225 8.66 -54.57 -76.22
CA ASP C 225 9.85 -55.29 -76.68
C ASP C 225 11.06 -55.00 -75.79
N HIS C 226 11.22 -53.75 -75.34
CA HIS C 226 12.22 -53.36 -74.35
C HIS C 226 12.00 -54.11 -73.03
N ILE C 227 10.74 -54.24 -72.57
CA ILE C 227 10.35 -54.95 -71.36
C ILE C 227 10.77 -56.41 -71.49
N ILE C 228 10.37 -57.05 -72.60
CA ILE C 228 10.68 -58.44 -72.91
C ILE C 228 12.19 -58.65 -72.85
N LEU C 229 12.94 -57.85 -73.62
CA LEU C 229 14.40 -57.90 -73.61
C LEU C 229 14.98 -57.69 -72.21
N THR C 230 14.39 -56.76 -71.43
CA THR C 230 14.89 -56.42 -70.09
C THR C 230 14.77 -57.60 -69.14
N PHE C 231 13.60 -58.26 -69.05
CA PHE C 231 13.50 -59.46 -68.22
C PHE C 231 14.31 -60.64 -68.79
N LYS C 232 14.37 -60.76 -70.10
CA LYS C 232 15.06 -61.86 -70.81
C LYS C 232 16.57 -61.80 -70.58
N ARG C 233 17.14 -60.57 -70.50
CA ARG C 233 18.52 -60.27 -70.12
C ARG C 233 18.87 -60.79 -68.71
N ALA C 234 18.00 -60.57 -67.72
CA ALA C 234 18.32 -60.66 -66.32
C ALA C 234 17.25 -61.38 -65.49
N PRO C 235 16.85 -62.63 -65.79
CA PRO C 235 15.94 -63.41 -64.93
C PRO C 235 16.57 -63.82 -63.60
N GLU C 236 17.90 -63.64 -63.47
CA GLU C 236 18.65 -63.79 -62.23
C GLU C 236 18.22 -62.81 -61.13
N CYS C 237 17.52 -61.73 -61.49
CA CYS C 237 16.93 -60.80 -60.54
C CYS C 237 15.42 -61.04 -60.44
N PRO C 238 14.89 -61.57 -59.30
CA PRO C 238 13.45 -61.70 -59.10
C PRO C 238 12.72 -60.36 -59.19
N ASP C 239 13.37 -59.28 -58.74
CA ASP C 239 12.76 -57.96 -58.73
C ASP C 239 12.51 -57.43 -60.15
N ILE C 240 13.39 -57.77 -61.11
CA ILE C 240 13.16 -57.49 -62.52
C ILE C 240 11.90 -58.22 -63.00
N LEU C 241 11.81 -59.52 -62.70
CA LEU C 241 10.66 -60.32 -63.11
C LEU C 241 9.36 -59.78 -62.48
N ARG C 242 9.42 -59.32 -61.21
CA ARG C 242 8.31 -58.67 -60.53
C ARG C 242 7.90 -57.40 -61.27
N HIS C 243 8.84 -56.48 -61.53
CA HIS C 243 8.53 -55.21 -62.17
C HIS C 243 8.09 -55.39 -63.62
N ALA C 244 8.59 -56.43 -64.30
CA ALA C 244 8.11 -56.81 -65.62
C ALA C 244 6.65 -57.27 -65.55
N ALA C 245 6.37 -58.28 -64.72
CA ALA C 245 5.04 -58.83 -64.57
C ALA C 245 4.05 -57.75 -64.10
N LEU C 246 4.48 -56.88 -63.19
CA LEU C 246 3.79 -55.67 -62.76
C LEU C 246 3.46 -54.75 -63.95
N ALA C 247 4.45 -54.41 -64.77
CA ALA C 247 4.27 -53.54 -65.93
C ALA C 247 3.24 -54.13 -66.89
N LEU C 248 3.32 -55.45 -67.13
CA LEU C 248 2.39 -56.19 -67.98
C LEU C 248 0.97 -56.20 -67.37
N ALA C 249 0.86 -56.51 -66.07
CA ALA C 249 -0.42 -56.45 -65.36
C ALA C 249 -1.06 -55.07 -65.47
N ASN C 250 -0.28 -54.04 -65.15
CA ASN C 250 -0.71 -52.64 -65.19
C ASN C 250 -1.19 -52.26 -66.59
N ILE C 251 -0.35 -52.43 -67.60
CA ILE C 251 -0.70 -52.03 -68.95
C ILE C 251 -1.95 -52.75 -69.44
N LEU C 252 -2.06 -54.06 -69.22
CA LEU C 252 -3.24 -54.85 -69.60
C LEU C 252 -4.49 -54.33 -68.88
N LEU C 253 -4.38 -54.04 -67.59
CA LEU C 253 -5.47 -53.53 -66.76
C LEU C 253 -5.88 -52.11 -67.18
N TYR C 254 -4.92 -51.33 -67.71
CA TYR C 254 -5.12 -49.94 -68.11
C TYR C 254 -4.95 -49.73 -69.60
N THR C 255 -5.54 -50.63 -70.42
CA THR C 255 -5.57 -50.45 -71.88
C THR C 255 -6.91 -50.92 -72.47
N CYS C 256 -7.28 -50.34 -73.63
CA CYS C 256 -8.42 -50.74 -74.46
C CYS C 256 -8.20 -52.08 -75.16
N PHE C 257 -9.22 -52.57 -75.89
CA PHE C 257 -9.16 -53.83 -76.64
C PHE C 257 -8.02 -53.84 -77.68
N GLU C 258 -7.92 -52.74 -78.45
CA GLU C 258 -6.93 -52.61 -79.53
C GLU C 258 -5.51 -52.67 -78.96
N GLY C 259 -5.26 -51.92 -77.89
CA GLY C 259 -3.96 -51.91 -77.23
C GLY C 259 -3.63 -53.26 -76.60
N LYS C 260 -4.62 -53.93 -75.96
CA LYS C 260 -4.49 -55.29 -75.44
C LYS C 260 -4.06 -56.24 -76.56
N LYS C 261 -4.71 -56.16 -77.73
CA LYS C 261 -4.36 -56.94 -78.91
C LYS C 261 -2.89 -56.69 -79.34
N LYS C 262 -2.47 -55.42 -79.41
CA LYS C 262 -1.09 -55.03 -79.69
C LYS C 262 -0.08 -55.62 -78.68
N ILE C 263 -0.41 -55.58 -77.37
CA ILE C 263 0.40 -56.19 -76.32
C ILE C 263 0.53 -57.70 -76.56
N ILE C 264 -0.60 -58.37 -76.82
CA ILE C 264 -0.67 -59.81 -77.03
C ILE C 264 0.19 -60.24 -78.23
N GLN C 265 0.17 -59.45 -79.31
CA GLN C 265 0.98 -59.67 -80.51
C GLN C 265 2.48 -59.75 -80.24
N LYS C 266 2.94 -59.17 -79.13
CA LYS C 266 4.33 -59.26 -78.66
C LYS C 266 4.60 -60.59 -77.92
N LYS C 267 3.79 -61.63 -78.21
CA LYS C 267 3.82 -62.97 -77.64
C LYS C 267 3.68 -62.97 -76.11
N ILE C 268 2.91 -62.01 -75.60
CA ILE C 268 2.84 -61.76 -74.17
C ILE C 268 2.18 -62.90 -73.40
N PRO C 269 1.15 -63.64 -73.90
CA PRO C 269 0.66 -64.84 -73.21
C PRO C 269 1.76 -65.86 -72.91
N GLU C 270 2.65 -66.10 -73.90
CA GLU C 270 3.78 -67.02 -73.75
C GLU C 270 4.83 -66.46 -72.78
N TRP C 271 5.09 -65.16 -72.81
CA TRP C 271 5.94 -64.54 -71.80
C TRP C 271 5.33 -64.62 -70.40
N LEU C 272 4.01 -64.50 -70.29
CA LEU C 272 3.32 -64.67 -69.02
C LEU C 272 3.34 -66.12 -68.54
N PHE C 273 3.32 -67.10 -69.46
CA PHE C 273 3.61 -68.48 -69.12
C PHE C 273 5.01 -68.59 -68.49
N PHE C 274 6.02 -68.03 -69.18
CA PHE C 274 7.39 -67.98 -68.69
C PHE C 274 7.43 -67.41 -67.26
N LEU C 275 6.85 -66.21 -67.06
CA LEU C 275 6.83 -65.52 -65.77
C LEU C 275 6.11 -66.32 -64.68
N ALA C 276 4.93 -66.88 -64.99
CA ALA C 276 4.18 -67.72 -64.07
C ALA C 276 4.90 -69.06 -63.76
N SER C 277 5.82 -69.47 -64.63
CA SER C 277 6.68 -70.64 -64.42
C SER C 277 7.92 -70.34 -63.56
N GLN C 278 8.31 -69.06 -63.42
CA GLN C 278 9.47 -68.69 -62.61
C GLN C 278 9.15 -68.87 -61.13
N ALA C 279 10.17 -69.13 -60.30
CA ALA C 279 9.98 -69.58 -58.92
C ALA C 279 9.47 -68.48 -57.98
N ASP C 280 9.61 -67.20 -58.38
CA ASP C 280 9.13 -66.08 -57.58
C ASP C 280 7.61 -65.94 -57.59
N ASP C 281 6.98 -66.16 -56.44
CA ASP C 281 5.54 -66.09 -56.23
C ASP C 281 4.97 -64.69 -56.50
N VAL C 282 5.74 -63.61 -56.31
CA VAL C 282 5.23 -62.26 -56.61
C VAL C 282 5.17 -62.02 -58.13
N THR C 283 6.20 -62.43 -58.87
CA THR C 283 6.18 -62.51 -60.33
C THR C 283 5.00 -63.37 -60.79
N ARG C 284 4.82 -64.55 -60.20
CA ARG C 284 3.72 -65.43 -60.56
C ARG C 284 2.37 -64.77 -60.31
N TYR C 285 2.17 -64.13 -59.15
CA TYR C 285 0.98 -63.35 -58.83
C TYR C 285 0.66 -62.33 -59.92
N TYR C 286 1.62 -61.46 -60.24
CA TYR C 286 1.47 -60.46 -61.29
C TYR C 286 1.19 -61.12 -62.65
N ALA C 287 1.90 -62.21 -62.98
CA ALA C 287 1.72 -62.94 -64.22
C ALA C 287 0.32 -63.53 -64.33
N CYS C 288 -0.18 -64.10 -63.22
CA CYS C 288 -1.54 -64.64 -63.13
C CYS C 288 -2.57 -63.53 -63.32
N ILE C 289 -2.37 -62.36 -62.70
CA ILE C 289 -3.24 -61.19 -62.88
C ILE C 289 -3.24 -60.78 -64.35
N ALA C 290 -2.05 -60.59 -64.92
CA ALA C 290 -1.86 -60.14 -66.30
C ALA C 290 -2.56 -61.09 -67.26
N VAL C 291 -2.29 -62.41 -67.15
CA VAL C 291 -2.87 -63.36 -68.07
C VAL C 291 -4.37 -63.45 -67.84
N CYS C 292 -4.83 -63.42 -66.59
CA CYS C 292 -6.26 -63.47 -66.34
C CYS C 292 -6.98 -62.20 -66.78
N THR C 293 -6.29 -61.06 -66.88
CA THR C 293 -6.79 -59.86 -67.54
C THR C 293 -7.03 -60.15 -69.02
N ILE C 294 -6.10 -60.84 -69.69
CA ILE C 294 -6.27 -61.30 -71.07
C ILE C 294 -7.42 -62.31 -71.18
N VAL C 295 -7.47 -63.33 -70.32
CA VAL C 295 -8.54 -64.34 -70.26
C VAL C 295 -9.92 -63.73 -70.03
N SER C 296 -9.99 -62.56 -69.37
CA SER C 296 -11.22 -61.84 -69.14
C SER C 296 -11.80 -61.25 -70.43
N VAL C 297 -11.04 -61.28 -71.55
CA VAL C 297 -11.52 -60.96 -72.90
C VAL C 297 -11.70 -62.25 -73.70
N LYS C 298 -12.92 -62.52 -74.17
CA LYS C 298 -13.32 -63.80 -74.79
C LYS C 298 -12.37 -64.22 -75.92
N GLU C 299 -12.06 -63.29 -76.85
CA GLU C 299 -11.30 -63.57 -78.06
C GLU C 299 -9.83 -63.89 -77.80
N PHE C 300 -9.34 -63.65 -76.59
CA PHE C 300 -7.96 -63.90 -76.20
C PHE C 300 -7.80 -65.12 -75.27
N GLU C 301 -8.91 -65.71 -74.80
CA GLU C 301 -8.89 -66.97 -74.05
C GLU C 301 -8.12 -68.05 -74.81
N PRO C 302 -8.34 -68.31 -76.13
CA PRO C 302 -7.56 -69.27 -76.89
C PRO C 302 -6.07 -68.99 -76.91
N LEU C 303 -5.68 -67.71 -76.92
CA LEU C 303 -4.27 -67.31 -76.91
C LEU C 303 -3.60 -67.64 -75.58
N VAL C 304 -4.32 -67.46 -74.46
CA VAL C 304 -3.83 -67.90 -73.16
C VAL C 304 -3.89 -69.42 -73.02
N ARG C 305 -4.89 -70.08 -73.61
CA ARG C 305 -4.96 -71.54 -73.65
C ARG C 305 -3.73 -72.12 -74.37
N LYS C 306 -3.35 -71.52 -75.51
CA LYS C 306 -2.15 -71.84 -76.27
C LYS C 306 -0.87 -71.56 -75.48
N SER C 307 -0.88 -70.54 -74.58
CA SER C 307 0.22 -70.29 -73.67
C SER C 307 0.31 -71.32 -72.53
N ASP C 308 -0.76 -72.11 -72.30
CA ASP C 308 -0.90 -73.02 -71.17
C ASP C 308 -1.01 -72.34 -69.79
N THR C 309 -0.92 -70.99 -69.71
CA THR C 309 -0.75 -70.34 -68.41
C THR C 309 -1.91 -70.58 -67.43
N MET C 310 -3.14 -70.72 -67.94
CA MET C 310 -4.31 -71.05 -67.13
C MET C 310 -4.13 -72.32 -66.29
N LYS C 311 -3.35 -73.28 -66.80
CA LYS C 311 -3.06 -74.55 -66.11
C LYS C 311 -2.19 -74.33 -64.87
N LEU C 312 -1.36 -73.27 -64.87
CA LEU C 312 -0.55 -72.87 -63.73
C LEU C 312 -1.36 -72.11 -62.68
N VAL C 313 -2.40 -71.37 -63.09
CA VAL C 313 -3.11 -70.37 -62.29
C VAL C 313 -3.63 -70.95 -60.97
N GLU C 314 -4.56 -71.91 -61.05
CA GLU C 314 -5.20 -72.39 -59.83
C GLU C 314 -4.20 -73.10 -58.90
N PRO C 315 -3.30 -74.00 -59.40
CA PRO C 315 -2.22 -74.54 -58.58
C PRO C 315 -1.36 -73.50 -57.87
N PHE C 316 -1.01 -72.41 -58.55
CA PHE C 316 -0.29 -71.30 -57.93
C PHE C 316 -1.08 -70.71 -56.75
N LEU C 317 -2.39 -70.47 -56.95
CA LEU C 317 -3.24 -69.90 -55.92
C LEU C 317 -3.39 -70.87 -54.74
N GLN C 318 -3.64 -72.16 -55.04
CA GLN C 318 -3.95 -73.19 -54.04
C GLN C 318 -2.81 -73.38 -53.04
N VAL C 319 -1.53 -73.19 -53.47
CA VAL C 319 -0.38 -73.36 -52.61
C VAL C 319 -0.03 -72.12 -51.78
N HIS C 320 -0.93 -71.10 -51.77
CA HIS C 320 -0.76 -69.86 -51.02
C HIS C 320 -2.02 -69.46 -50.25
N ASP C 321 -1.84 -68.62 -49.23
CA ASP C 321 -2.92 -67.91 -48.54
C ASP C 321 -2.82 -66.43 -48.87
N PRO C 322 -3.89 -65.72 -49.28
CA PRO C 322 -3.81 -64.28 -49.54
C PRO C 322 -3.19 -63.46 -48.42
N ALA C 323 -3.42 -63.79 -47.15
CA ALA C 323 -2.89 -63.06 -46.01
C ALA C 323 -1.40 -63.37 -45.79
N THR C 324 -0.94 -64.63 -46.00
CA THR C 324 0.50 -64.90 -45.97
C THR C 324 1.21 -64.18 -47.12
N PHE C 325 0.60 -64.25 -48.30
CA PHE C 325 1.00 -63.53 -49.49
C PHE C 325 0.98 -62.04 -49.23
N ALA C 326 0.00 -61.47 -48.54
CA ALA C 326 -0.03 -60.04 -48.19
C ALA C 326 1.21 -59.65 -47.42
N ARG C 327 1.62 -60.46 -46.43
CA ARG C 327 2.82 -60.21 -45.64
C ARG C 327 4.10 -60.28 -46.46
N ASP C 328 4.11 -61.14 -47.51
CA ASP C 328 5.23 -61.26 -48.43
C ASP C 328 5.26 -60.08 -49.43
N TYR C 329 4.07 -59.72 -49.90
CA TYR C 329 3.80 -58.79 -50.97
C TYR C 329 3.83 -57.35 -50.50
N HIS C 330 3.80 -57.11 -49.16
CA HIS C 330 3.78 -55.78 -48.54
C HIS C 330 4.63 -54.74 -49.29
N LYS C 331 5.91 -55.08 -49.58
CA LYS C 331 6.90 -54.27 -50.26
C LYS C 331 6.36 -53.67 -51.57
N TYR C 332 5.39 -54.35 -52.19
CA TYR C 332 4.82 -54.08 -53.50
C TYR C 332 3.33 -53.74 -53.41
N ALA C 333 2.68 -54.09 -52.30
CA ALA C 333 1.27 -53.75 -52.02
C ALA C 333 1.05 -52.22 -51.87
N GLN C 334 2.12 -51.57 -51.36
CA GLN C 334 2.23 -50.15 -51.14
C GLN C 334 1.87 -49.41 -52.44
N GLY C 335 0.78 -48.62 -52.34
CA GLY C 335 0.31 -47.78 -53.43
C GLY C 335 -0.80 -48.41 -54.28
N ASN C 336 -1.27 -49.64 -53.94
CA ASN C 336 -2.43 -50.21 -54.58
C ASN C 336 -3.68 -49.34 -54.30
N THR C 337 -4.49 -49.07 -55.34
CA THR C 337 -5.42 -47.94 -55.33
C THR C 337 -6.81 -48.36 -55.84
N LYS C 338 -7.84 -47.60 -55.40
CA LYS C 338 -9.24 -47.81 -55.72
C LYS C 338 -9.46 -47.98 -57.23
N GLU C 339 -8.90 -47.12 -58.06
CA GLU C 339 -9.12 -47.14 -59.50
C GLU C 339 -8.64 -48.45 -60.14
N TRP C 340 -7.50 -48.93 -59.62
CA TRP C 340 -6.87 -50.16 -60.05
C TRP C 340 -7.70 -51.35 -59.58
N LEU C 341 -8.29 -51.27 -58.39
CA LEU C 341 -9.30 -52.23 -57.91
C LEU C 341 -10.57 -52.22 -58.77
N GLU C 342 -11.10 -51.04 -59.13
CA GLU C 342 -12.29 -50.92 -59.98
C GLU C 342 -12.13 -51.69 -61.29
N ARG C 343 -10.91 -51.68 -61.84
CA ARG C 343 -10.56 -52.36 -63.08
C ARG C 343 -10.35 -53.86 -62.88
N LEU C 344 -9.96 -54.28 -61.66
CA LEU C 344 -9.82 -55.69 -61.30
C LEU C 344 -11.18 -56.35 -60.97
N LEU C 345 -12.13 -55.57 -60.46
CA LEU C 345 -13.46 -56.04 -60.06
C LEU C 345 -14.15 -56.85 -61.16
N PRO C 346 -14.21 -56.44 -62.45
CA PRO C 346 -14.75 -57.27 -63.54
C PRO C 346 -14.26 -58.71 -63.64
N MET C 347 -13.06 -59.00 -63.12
CA MET C 347 -12.51 -60.35 -63.18
C MET C 347 -13.17 -61.31 -62.18
N LEU C 348 -13.88 -60.77 -61.17
CA LEU C 348 -14.70 -61.55 -60.24
C LEU C 348 -16.02 -61.99 -60.89
N GLN C 349 -16.45 -61.40 -62.01
CA GLN C 349 -17.81 -61.59 -62.50
C GLN C 349 -18.07 -63.03 -62.96
N PRO C 350 -19.26 -63.64 -62.67
CA PRO C 350 -19.60 -65.00 -63.09
C PRO C 350 -19.54 -65.31 -64.58
N SER C 351 -19.45 -64.29 -65.42
CA SER C 351 -19.20 -64.36 -66.86
C SER C 351 -17.77 -64.83 -67.20
N ARG C 352 -16.81 -64.56 -66.31
CA ARG C 352 -15.38 -64.80 -66.54
C ARG C 352 -15.02 -66.27 -66.22
N ARG C 353 -13.83 -66.69 -66.69
CA ARG C 353 -13.26 -67.99 -66.38
C ARG C 353 -13.07 -68.23 -64.88
N ARG C 354 -13.16 -69.51 -64.45
CA ARG C 354 -12.80 -69.95 -63.12
C ARG C 354 -11.41 -69.45 -62.69
N GLU C 355 -10.43 -69.53 -63.60
CA GLU C 355 -9.06 -69.07 -63.34
C GLU C 355 -9.07 -67.58 -62.97
N ALA C 356 -9.67 -66.74 -63.84
CA ALA C 356 -9.75 -65.30 -63.62
C ALA C 356 -10.47 -64.95 -62.32
N ARG C 357 -11.62 -65.60 -62.06
CA ARG C 357 -12.35 -65.44 -60.81
C ARG C 357 -11.53 -65.86 -59.60
N SER C 358 -10.75 -66.94 -59.71
CA SER C 358 -9.89 -67.43 -58.63
C SER C 358 -8.78 -66.43 -58.31
N VAL C 359 -8.10 -65.91 -59.36
CA VAL C 359 -7.06 -64.89 -59.21
C VAL C 359 -7.65 -63.64 -58.56
N ALA C 360 -8.76 -63.15 -59.14
CA ALA C 360 -9.45 -61.96 -58.66
C ALA C 360 -9.84 -62.14 -57.20
N ALA C 361 -10.46 -63.27 -56.85
CA ALA C 361 -10.90 -63.55 -55.49
C ALA C 361 -9.73 -63.54 -54.53
N PHE C 362 -8.65 -64.29 -54.83
CA PHE C 362 -7.43 -64.32 -54.02
C PHE C 362 -6.90 -62.90 -53.80
N HIS C 363 -6.80 -62.15 -54.90
CA HIS C 363 -6.34 -60.78 -54.91
C HIS C 363 -7.22 -59.87 -54.04
N PHE C 364 -8.54 -59.93 -54.18
CA PHE C 364 -9.46 -59.15 -53.36
C PHE C 364 -9.39 -59.56 -51.89
N THR C 365 -9.09 -60.82 -51.57
CA THR C 365 -8.83 -61.20 -50.17
C THR C 365 -7.57 -60.52 -49.65
N LEU C 366 -6.49 -60.53 -50.46
CA LEU C 366 -5.24 -59.86 -50.14
C LEU C 366 -5.50 -58.35 -49.88
N GLU C 367 -6.22 -57.70 -50.80
CA GLU C 367 -6.56 -56.29 -50.70
C GLU C 367 -7.45 -56.02 -49.49
N ALA C 368 -8.47 -56.84 -49.24
CA ALA C 368 -9.28 -56.74 -48.03
C ALA C 368 -8.38 -56.78 -46.79
N THR C 369 -7.38 -57.68 -46.76
CA THR C 369 -6.44 -57.80 -45.66
C THR C 369 -5.71 -56.47 -45.44
N ILE C 370 -5.13 -55.92 -46.53
CA ILE C 370 -4.41 -54.65 -46.49
C ILE C 370 -5.33 -53.48 -46.09
N LYS C 371 -6.54 -53.44 -46.63
CA LYS C 371 -7.49 -52.36 -46.37
C LYS C 371 -8.09 -52.47 -44.97
N LYS C 372 -8.11 -53.64 -44.35
CA LYS C 372 -8.41 -53.76 -42.93
C LYS C 372 -7.36 -53.04 -42.09
N GLU C 373 -6.09 -53.32 -42.39
CA GLU C 373 -4.96 -52.72 -41.69
C GLU C 373 -5.01 -51.20 -41.82
N GLN C 374 -5.24 -50.71 -43.06
CA GLN C 374 -5.35 -49.29 -43.37
C GLN C 374 -6.67 -48.66 -42.90
N ASN C 375 -7.62 -49.46 -42.42
CA ASN C 375 -8.97 -49.03 -42.03
C ASN C 375 -9.71 -48.35 -43.20
N LYS C 376 -9.73 -49.01 -44.37
CA LYS C 376 -10.36 -48.52 -45.59
C LYS C 376 -11.13 -49.64 -46.31
N LEU C 377 -11.79 -50.52 -45.55
CA LEU C 377 -12.61 -51.59 -46.09
C LEU C 377 -13.84 -51.06 -46.84
N ASP C 378 -14.25 -49.83 -46.52
CA ASP C 378 -15.33 -49.10 -47.16
C ASP C 378 -15.19 -49.08 -48.69
N VAL C 379 -13.96 -49.09 -49.22
CA VAL C 379 -13.69 -49.11 -50.66
C VAL C 379 -14.49 -50.21 -51.38
N PHE C 380 -14.58 -51.41 -50.80
CA PHE C 380 -15.25 -52.54 -51.45
C PHE C 380 -16.76 -52.36 -51.50
N GLN C 381 -17.32 -51.62 -50.53
CA GLN C 381 -18.72 -51.17 -50.57
C GLN C 381 -18.91 -50.08 -51.63
N GLU C 382 -17.99 -49.10 -51.68
CA GLU C 382 -18.05 -47.98 -52.60
C GLU C 382 -18.05 -48.46 -54.07
N ILE C 383 -17.15 -49.41 -54.39
CA ILE C 383 -17.06 -49.96 -55.74
C ILE C 383 -18.07 -51.10 -55.96
N GLY C 384 -18.81 -51.52 -54.92
CA GLY C 384 -19.80 -52.58 -54.98
C GLY C 384 -19.23 -53.99 -55.14
N ALA C 385 -17.93 -54.16 -54.90
CA ALA C 385 -17.23 -55.45 -55.03
C ALA C 385 -17.81 -56.53 -54.12
N ILE C 386 -18.41 -56.13 -53.00
CA ILE C 386 -19.03 -57.03 -52.03
C ILE C 386 -20.05 -57.94 -52.70
N GLN C 387 -20.85 -57.39 -53.63
CA GLN C 387 -21.84 -58.14 -54.37
C GLN C 387 -21.19 -59.23 -55.25
N ALA C 388 -20.16 -58.85 -56.02
CA ALA C 388 -19.42 -59.79 -56.85
C ALA C 388 -18.73 -60.88 -56.02
N LEU C 389 -18.19 -60.51 -54.84
CA LEU C 389 -17.63 -61.48 -53.90
C LEU C 389 -18.70 -62.44 -53.40
N LYS C 390 -19.91 -61.96 -53.08
CA LYS C 390 -21.03 -62.82 -52.69
C LYS C 390 -21.39 -63.79 -53.81
N GLU C 391 -21.49 -63.31 -55.05
CA GLU C 391 -21.72 -64.13 -56.24
C GLU C 391 -20.67 -65.23 -56.38
N VAL C 392 -19.39 -64.87 -56.25
CA VAL C 392 -18.29 -65.83 -56.33
C VAL C 392 -18.32 -66.81 -55.16
N ALA C 393 -18.61 -66.33 -53.94
CA ALA C 393 -18.75 -67.17 -52.76
C ALA C 393 -19.87 -68.21 -52.93
N SER C 394 -20.97 -67.84 -53.61
CA SER C 394 -22.07 -68.73 -53.97
C SER C 394 -21.76 -69.63 -55.18
N SER C 395 -20.75 -69.28 -56.00
CA SER C 395 -20.44 -69.98 -57.25
C SER C 395 -19.83 -71.37 -56.98
N PRO C 396 -19.90 -72.32 -57.96
CA PRO C 396 -19.23 -73.61 -57.83
C PRO C 396 -17.70 -73.58 -58.01
N ASP C 397 -17.11 -72.40 -58.29
CA ASP C 397 -15.68 -72.22 -58.44
C ASP C 397 -15.00 -72.27 -57.07
N GLU C 398 -14.83 -73.47 -56.50
CA GLU C 398 -14.55 -73.67 -55.09
C GLU C 398 -13.39 -72.81 -54.56
N VAL C 399 -12.28 -72.75 -55.31
CA VAL C 399 -11.10 -71.95 -54.98
C VAL C 399 -11.46 -70.47 -54.88
N ALA C 400 -12.08 -69.92 -55.94
CA ALA C 400 -12.55 -68.55 -55.97
C ALA C 400 -13.56 -68.29 -54.85
N ALA C 401 -14.52 -69.21 -54.69
CA ALA C 401 -15.58 -69.13 -53.69
C ALA C 401 -15.01 -69.06 -52.27
N LYS C 402 -13.99 -69.88 -51.98
CA LYS C 402 -13.29 -69.88 -50.70
C LYS C 402 -12.66 -68.51 -50.46
N PHE C 403 -11.82 -68.04 -51.39
CA PHE C 403 -11.17 -66.74 -51.28
C PHE C 403 -12.19 -65.60 -51.15
N ALA C 404 -13.28 -65.64 -51.92
CA ALA C 404 -14.34 -64.65 -51.84
C ALA C 404 -15.03 -64.65 -50.48
N SER C 405 -15.30 -65.86 -49.94
CA SER C 405 -15.85 -66.03 -48.60
C SER C 405 -14.90 -65.44 -47.55
N GLU C 406 -13.61 -65.73 -47.69
CA GLU C 406 -12.56 -65.20 -46.83
C GLU C 406 -12.49 -63.67 -46.92
N ALA C 407 -12.57 -63.13 -48.14
CA ALA C 407 -12.59 -61.68 -48.37
C ALA C 407 -13.77 -61.05 -47.63
N LEU C 408 -14.99 -61.61 -47.82
CA LEU C 408 -16.18 -61.15 -47.13
C LEU C 408 -16.04 -61.27 -45.60
N THR C 409 -15.34 -62.32 -45.12
CA THR C 409 -15.01 -62.48 -43.71
C THR C 409 -14.17 -61.30 -43.20
N VAL C 410 -13.21 -60.85 -44.02
CA VAL C 410 -12.37 -59.69 -43.72
C VAL C 410 -13.18 -58.39 -43.79
N ILE C 411 -14.13 -58.28 -44.72
CA ILE C 411 -14.98 -57.09 -44.91
C ILE C 411 -15.74 -56.69 -43.64
N GLY C 412 -16.47 -57.63 -43.04
CA GLY C 412 -17.29 -57.36 -41.84
C GLY C 412 -18.36 -56.28 -42.00
N GLU C 413 -18.20 -55.14 -41.31
CA GLU C 413 -19.22 -54.11 -41.16
C GLU C 413 -18.62 -52.69 -41.15
N GLU C 414 -19.44 -51.70 -41.55
CA GLU C 414 -19.07 -50.30 -41.68
C GLU C 414 -18.74 -49.61 -40.34
N VAL C 415 -17.98 -48.52 -40.43
CA VAL C 415 -17.91 -47.54 -39.34
C VAL C 415 -19.21 -46.71 -39.29
N PRO C 416 -19.59 -46.28 -38.08
CA PRO C 416 -20.74 -45.39 -37.89
C PRO C 416 -20.48 -44.01 -38.50
N TYR C 417 -19.33 -43.44 -38.17
CA TYR C 417 -18.87 -42.21 -38.81
C TYR C 417 -17.37 -42.30 -39.04
N LYS C 418 -16.96 -41.88 -40.24
CA LYS C 418 -15.60 -41.41 -40.42
C LYS C 418 -15.60 -39.91 -40.11
N LEU C 419 -14.91 -39.50 -39.05
CA LEU C 419 -14.94 -38.09 -38.65
C LEU C 419 -14.01 -37.28 -39.57
N ALA C 420 -14.53 -36.14 -40.04
CA ALA C 420 -13.71 -35.17 -40.74
C ALA C 420 -12.74 -34.52 -39.75
N GLN C 421 -11.45 -34.48 -40.14
CA GLN C 421 -10.42 -33.80 -39.36
C GLN C 421 -10.73 -32.31 -39.21
N GLN C 422 -11.56 -31.74 -40.07
CA GLN C 422 -12.09 -30.39 -39.91
C GLN C 422 -13.17 -30.38 -38.82
N VAL C 423 -12.75 -30.63 -37.58
CA VAL C 423 -13.67 -30.81 -36.49
C VAL C 423 -14.54 -29.58 -36.22
N PRO C 424 -14.16 -28.33 -36.54
CA PRO C 424 -15.10 -27.22 -36.38
C PRO C 424 -16.41 -27.47 -37.12
N GLY C 425 -16.34 -28.22 -38.24
CA GLY C 425 -17.52 -28.55 -39.01
C GLY C 425 -18.42 -29.62 -38.37
N TRP C 426 -18.03 -30.18 -37.22
CA TRP C 426 -18.83 -31.23 -36.63
C TRP C 426 -20.21 -30.76 -36.19
N THR C 427 -21.20 -31.58 -36.51
CA THR C 427 -22.56 -31.50 -35.97
C THR C 427 -22.58 -31.99 -34.53
N CYS C 428 -23.68 -31.70 -33.85
CA CYS C 428 -23.90 -32.27 -32.53
C CYS C 428 -23.88 -33.81 -32.58
N ALA C 429 -24.39 -34.41 -33.66
CA ALA C 429 -24.34 -35.85 -33.81
C ALA C 429 -22.90 -36.37 -33.77
N ASP C 430 -21.99 -35.66 -34.44
CA ASP C 430 -20.58 -36.01 -34.41
C ASP C 430 -20.04 -35.92 -32.99
N VAL C 431 -20.33 -34.82 -32.30
CA VAL C 431 -19.84 -34.67 -30.95
C VAL C 431 -20.37 -35.82 -30.08
N GLN C 432 -21.65 -36.14 -30.21
CA GLN C 432 -22.26 -37.22 -29.45
C GLN C 432 -21.48 -38.51 -29.69
N TYR C 433 -21.21 -38.82 -30.96
CA TYR C 433 -20.47 -40.00 -31.33
C TYR C 433 -19.07 -40.03 -30.69
N TRP C 434 -18.39 -38.89 -30.75
CA TRP C 434 -17.07 -38.75 -30.16
C TRP C 434 -17.11 -38.98 -28.65
N VAL C 435 -17.95 -38.23 -27.95
CA VAL C 435 -18.14 -38.33 -26.51
C VAL C 435 -18.44 -39.76 -26.11
N LYS C 436 -19.35 -40.40 -26.85
CA LYS C 436 -19.72 -41.77 -26.61
C LYS C 436 -18.46 -42.62 -26.64
N LYS C 437 -17.73 -42.52 -27.75
CA LYS C 437 -16.65 -43.44 -28.01
C LYS C 437 -15.44 -43.22 -27.10
N ILE C 438 -15.21 -41.98 -26.67
CA ILE C 438 -14.18 -41.72 -25.68
C ILE C 438 -14.60 -42.14 -24.26
N GLY C 439 -15.81 -42.68 -24.10
CA GLY C 439 -16.22 -43.35 -22.88
C GLY C 439 -16.91 -42.42 -21.90
N PHE C 440 -17.75 -41.53 -22.44
CA PHE C 440 -18.53 -40.60 -21.63
C PHE C 440 -20.02 -40.69 -22.00
N GLU C 441 -20.46 -41.92 -22.27
CA GLU C 441 -21.78 -42.23 -22.81
C GLU C 441 -22.91 -41.62 -22.00
N GLU C 442 -22.80 -41.69 -20.67
CA GLU C 442 -23.85 -41.21 -19.79
C GLU C 442 -24.06 -39.71 -19.90
N TYR C 443 -23.09 -39.00 -20.47
CA TYR C 443 -23.18 -37.55 -20.63
C TYR C 443 -23.72 -37.17 -22.00
N VAL C 444 -23.77 -38.11 -22.94
CA VAL C 444 -24.09 -37.81 -24.33
C VAL C 444 -25.42 -37.08 -24.43
N GLU C 445 -26.42 -37.56 -23.67
CA GLU C 445 -27.73 -36.93 -23.60
C GLU C 445 -27.62 -35.46 -23.21
N LYS C 446 -26.72 -35.17 -22.25
CA LYS C 446 -26.55 -33.82 -21.78
C LYS C 446 -25.84 -32.97 -22.81
N PHE C 447 -24.83 -33.51 -23.50
CA PHE C 447 -24.23 -32.81 -24.63
C PHE C 447 -25.26 -32.47 -25.70
N ALA C 448 -26.14 -33.43 -26.00
CA ALA C 448 -27.22 -33.25 -26.96
C ALA C 448 -28.17 -32.15 -26.49
N LYS C 449 -28.60 -32.22 -25.23
CA LYS C 449 -29.46 -31.22 -24.61
C LYS C 449 -28.81 -29.84 -24.64
N GLN C 450 -27.51 -29.79 -24.38
CA GLN C 450 -26.74 -28.56 -24.44
C GLN C 450 -26.38 -28.14 -25.88
N MET C 451 -26.73 -28.95 -26.87
CA MET C 451 -26.58 -28.63 -28.27
C MET C 451 -25.14 -28.26 -28.63
N VAL C 452 -24.18 -29.04 -28.10
CA VAL C 452 -22.77 -28.83 -28.37
C VAL C 452 -22.42 -29.24 -29.81
N ASP C 453 -21.59 -28.43 -30.46
CA ASP C 453 -21.18 -28.67 -31.85
C ASP C 453 -19.66 -28.56 -31.95
N GLY C 454 -19.17 -28.77 -33.17
CA GLY C 454 -17.78 -28.76 -33.51
C GLY C 454 -17.01 -27.52 -33.11
N ASP C 455 -17.64 -26.36 -33.20
CA ASP C 455 -17.03 -25.14 -32.72
C ASP C 455 -17.04 -25.13 -31.20
N LEU C 456 -18.21 -25.38 -30.61
CA LEU C 456 -18.41 -25.32 -29.19
C LEU C 456 -17.47 -26.23 -28.42
N LEU C 457 -17.21 -27.44 -28.92
CA LEU C 457 -16.22 -28.30 -28.30
C LEU C 457 -14.90 -27.57 -28.09
N LEU C 458 -14.48 -26.89 -29.12
CA LEU C 458 -13.17 -26.28 -29.11
C LEU C 458 -13.09 -25.10 -28.15
N GLN C 459 -14.24 -24.55 -27.75
CA GLN C 459 -14.24 -23.55 -26.69
C GLN C 459 -14.27 -24.13 -25.27
N LEU C 460 -14.49 -25.43 -25.09
CA LEU C 460 -14.84 -25.92 -23.77
C LEU C 460 -13.75 -25.68 -22.71
N THR C 461 -14.24 -25.41 -21.48
CA THR C 461 -13.43 -25.26 -20.27
C THR C 461 -14.01 -26.17 -19.20
N GLU C 462 -13.22 -26.39 -18.14
CA GLU C 462 -13.71 -27.29 -17.11
C GLU C 462 -15.00 -26.78 -16.48
N ASN C 463 -15.17 -25.45 -16.43
CA ASN C 463 -16.37 -24.83 -15.88
C ASN C 463 -17.61 -25.29 -16.63
N ASP C 464 -17.49 -25.37 -17.96
CA ASP C 464 -18.60 -25.77 -18.79
C ASP C 464 -19.00 -27.20 -18.48
N LEU C 465 -18.00 -28.05 -18.27
CA LEU C 465 -18.25 -29.43 -17.87
C LEU C 465 -18.91 -29.44 -16.49
N LYS C 466 -18.30 -28.72 -15.55
CA LYS C 466 -18.70 -28.68 -14.15
C LYS C 466 -20.15 -28.25 -14.02
N HIS C 467 -20.56 -27.24 -14.80
CA HIS C 467 -21.86 -26.61 -14.67
C HIS C 467 -22.84 -27.12 -15.70
N ASP C 468 -22.61 -26.84 -16.99
CA ASP C 468 -23.61 -27.13 -18.02
C ASP C 468 -23.71 -28.61 -18.36
N VAL C 469 -22.59 -29.32 -18.29
CA VAL C 469 -22.62 -30.78 -18.40
C VAL C 469 -22.89 -31.41 -17.03
N GLY C 470 -22.73 -30.65 -15.95
CA GLY C 470 -22.97 -31.12 -14.59
C GLY C 470 -21.99 -32.21 -14.17
N MET C 471 -20.78 -32.16 -14.72
CA MET C 471 -19.90 -33.31 -14.69
C MET C 471 -18.93 -33.11 -13.52
N ILE C 472 -19.19 -33.85 -12.44
CA ILE C 472 -18.76 -33.45 -11.09
C ILE C 472 -17.31 -33.83 -10.80
N SER C 473 -16.88 -35.01 -11.29
CA SER C 473 -15.53 -35.48 -10.98
C SER C 473 -14.49 -34.64 -11.71
N GLY C 474 -13.61 -33.98 -10.94
CA GLY C 474 -12.43 -33.37 -11.47
C GLY C 474 -11.60 -34.35 -12.30
N LEU C 475 -11.49 -35.58 -11.81
CA LEU C 475 -10.77 -36.61 -12.54
C LEU C 475 -11.41 -36.88 -13.89
N HIS C 476 -12.72 -37.06 -13.89
CA HIS C 476 -13.42 -37.21 -15.16
C HIS C 476 -13.16 -36.02 -16.06
N ARG C 477 -13.17 -34.81 -15.51
CA ARG C 477 -12.85 -33.62 -16.28
C ARG C 477 -11.45 -33.71 -16.87
N LYS C 478 -10.44 -34.05 -16.04
CA LYS C 478 -9.06 -34.20 -16.52
C LYS C 478 -9.04 -35.14 -17.71
N ARG C 479 -9.62 -36.33 -17.53
CA ARG C 479 -9.68 -37.36 -18.54
C ARG C 479 -10.29 -36.81 -19.82
N PHE C 480 -11.45 -36.19 -19.69
CA PHE C 480 -12.14 -35.62 -20.81
C PHE C 480 -11.28 -34.60 -21.55
N LEU C 481 -10.71 -33.68 -20.78
CA LEU C 481 -9.91 -32.60 -21.33
C LEU C 481 -8.67 -33.14 -22.05
N ARG C 482 -8.06 -34.20 -21.52
CA ARG C 482 -6.96 -34.86 -22.19
C ARG C 482 -7.36 -35.27 -23.60
N GLU C 483 -8.54 -35.89 -23.74
CA GLU C 483 -8.99 -36.28 -25.06
C GLU C 483 -9.22 -35.07 -25.93
N LEU C 484 -9.88 -34.05 -25.34
CA LEU C 484 -10.16 -32.84 -26.09
C LEU C 484 -8.88 -32.17 -26.57
N GLN C 485 -7.85 -32.11 -25.72
CA GLN C 485 -6.55 -31.56 -26.09
C GLN C 485 -5.96 -32.36 -27.24
N THR C 486 -6.03 -33.69 -27.12
CA THR C 486 -5.54 -34.57 -28.17
C THR C 486 -6.22 -34.20 -29.48
N LEU C 487 -7.55 -34.13 -29.43
CA LEU C 487 -8.36 -33.83 -30.59
C LEU C 487 -7.98 -32.47 -31.16
N LYS C 488 -7.88 -31.46 -30.29
CA LYS C 488 -7.50 -30.11 -30.68
C LYS C 488 -6.18 -30.13 -31.45
N VAL C 489 -5.21 -30.89 -30.93
CA VAL C 489 -3.93 -30.96 -31.61
C VAL C 489 -4.13 -31.61 -32.97
N ALA C 490 -4.87 -32.71 -32.99
CA ALA C 490 -5.05 -33.56 -34.15
C ALA C 490 -5.81 -32.88 -35.29
N ALA C 491 -6.75 -32.00 -34.93
CA ALA C 491 -7.71 -31.44 -35.88
C ALA C 491 -7.03 -30.61 -36.96
N ASP C 492 -7.62 -30.65 -38.16
CA ASP C 492 -7.30 -29.69 -39.20
C ASP C 492 -8.04 -28.37 -38.94
N TYR C 493 -7.34 -27.27 -39.28
CA TYR C 493 -7.96 -25.96 -39.27
C TYR C 493 -7.87 -25.26 -40.60
N SER C 494 -7.39 -25.94 -41.66
CA SER C 494 -7.26 -25.32 -42.98
C SER C 494 -8.61 -24.86 -43.54
N SER C 495 -9.69 -25.45 -43.04
CA SER C 495 -11.07 -25.02 -43.25
C SER C 495 -11.26 -23.52 -43.00
N VAL C 496 -10.45 -22.94 -42.11
CA VAL C 496 -10.64 -21.57 -41.61
C VAL C 496 -9.32 -20.77 -41.61
N ASP C 497 -8.20 -21.46 -41.48
CA ASP C 497 -6.89 -20.82 -41.41
C ASP C 497 -6.37 -20.41 -42.77
N GLU C 498 -6.64 -19.15 -43.11
CA GLU C 498 -6.14 -18.49 -44.31
C GLU C 498 -4.60 -18.41 -44.34
N SER C 499 -3.99 -18.38 -43.17
CA SER C 499 -2.59 -17.98 -42.99
C SER C 499 -1.65 -19.17 -42.81
N ASN C 500 -2.19 -20.39 -42.70
CA ASN C 500 -1.45 -21.58 -42.32
C ASN C 500 -0.69 -21.40 -40.99
N LEU C 501 -1.30 -20.63 -40.10
CA LEU C 501 -0.90 -20.51 -38.71
C LEU C 501 -0.82 -21.88 -38.04
N ASP C 502 -1.77 -22.77 -38.32
CA ASP C 502 -1.78 -24.14 -37.79
C ASP C 502 -0.46 -24.81 -38.11
N ASN C 503 -0.12 -24.79 -39.41
CA ASN C 503 1.08 -25.38 -39.93
C ASN C 503 2.30 -24.74 -39.24
N PHE C 504 2.28 -23.42 -39.13
CA PHE C 504 3.35 -22.70 -38.47
C PHE C 504 3.55 -23.18 -37.03
N LEU C 505 2.46 -23.22 -36.27
CA LEU C 505 2.49 -23.65 -34.88
C LEU C 505 2.99 -25.07 -34.77
N MET C 506 2.49 -25.98 -35.63
CA MET C 506 2.95 -27.36 -35.66
C MET C 506 4.46 -27.40 -35.85
N GLY C 507 4.96 -26.64 -36.83
CA GLY C 507 6.37 -26.55 -37.12
C GLY C 507 7.18 -26.03 -35.92
N LEU C 508 6.62 -25.03 -35.22
CA LEU C 508 7.24 -24.46 -34.04
C LEU C 508 7.32 -25.54 -32.95
N SER C 509 6.19 -26.18 -32.63
CA SER C 509 6.10 -27.42 -31.87
C SER C 509 4.68 -27.98 -31.95
N PRO C 510 4.50 -29.29 -32.20
CA PRO C 510 3.18 -29.85 -32.53
C PRO C 510 2.08 -29.56 -31.52
N GLU C 511 2.40 -29.65 -30.23
CA GLU C 511 1.41 -29.44 -29.18
C GLU C 511 0.77 -28.05 -29.27
N LEU C 512 1.51 -27.07 -29.79
CA LEU C 512 1.00 -25.71 -29.87
C LEU C 512 -0.22 -25.61 -30.78
N SER C 513 -0.44 -26.62 -31.64
CA SER C 513 -1.68 -26.81 -32.37
C SER C 513 -2.91 -26.59 -31.46
N VAL C 514 -2.77 -26.96 -30.19
CA VAL C 514 -3.85 -26.88 -29.22
C VAL C 514 -4.42 -25.46 -29.14
N TYR C 515 -3.57 -24.45 -29.30
CA TYR C 515 -3.99 -23.07 -29.15
C TYR C 515 -4.62 -22.49 -30.42
N THR C 516 -4.43 -23.17 -31.55
CA THR C 516 -4.71 -22.62 -32.87
C THR C 516 -6.10 -22.01 -32.91
N TYR C 517 -7.09 -22.84 -32.57
CA TYR C 517 -8.45 -22.44 -32.80
C TYR C 517 -8.81 -21.24 -31.95
N GLN C 518 -8.37 -21.22 -30.69
CA GLN C 518 -8.62 -20.08 -29.83
C GLN C 518 -8.06 -18.81 -30.48
N MET C 519 -6.77 -18.80 -30.79
CA MET C 519 -6.19 -17.56 -31.27
C MET C 519 -6.78 -17.19 -32.64
N LEU C 520 -7.05 -18.20 -33.47
CA LEU C 520 -7.66 -17.97 -34.77
C LEU C 520 -9.02 -17.31 -34.61
N THR C 521 -9.86 -17.83 -33.71
CA THR C 521 -11.17 -17.26 -33.46
C THR C 521 -11.08 -15.90 -32.77
N ASN C 522 -10.00 -15.62 -32.05
CA ASN C 522 -9.75 -14.28 -31.57
C ASN C 522 -9.29 -13.33 -32.67
N GLY C 523 -9.11 -13.84 -33.89
CA GLY C 523 -8.73 -13.02 -35.05
C GLY C 523 -7.21 -12.91 -35.25
N VAL C 524 -6.43 -13.71 -34.52
CA VAL C 524 -5.01 -13.80 -34.76
C VAL C 524 -4.73 -14.45 -36.12
N ASN C 525 -3.65 -14.00 -36.77
CA ASN C 525 -3.16 -14.62 -37.99
C ASN C 525 -1.63 -14.62 -38.00
N ARG C 526 -1.02 -15.38 -38.90
CA ARG C 526 0.42 -15.63 -38.96
C ARG C 526 1.28 -14.35 -38.92
N SER C 527 0.76 -13.28 -39.56
CA SER C 527 1.49 -12.02 -39.64
C SER C 527 1.55 -11.27 -38.30
N LEU C 528 0.52 -11.45 -37.46
CA LEU C 528 0.40 -10.68 -36.23
C LEU C 528 1.29 -11.21 -35.12
N LEU C 529 1.76 -12.49 -35.26
CA LEU C 529 2.30 -13.21 -34.13
C LEU C 529 3.51 -12.51 -33.51
N SER C 530 4.32 -11.88 -34.37
CA SER C 530 5.47 -11.09 -34.01
C SER C 530 5.16 -10.05 -32.92
N SER C 531 3.92 -9.57 -32.90
CA SER C 531 3.55 -8.34 -32.25
C SER C 531 2.89 -8.58 -30.90
N LEU C 532 2.65 -9.85 -30.56
CA LEU C 532 1.95 -10.21 -29.33
C LEU C 532 2.85 -10.04 -28.11
N THR C 533 2.30 -9.48 -27.03
CA THR C 533 2.94 -9.49 -25.73
C THR C 533 2.60 -10.79 -24.99
N ASP C 534 3.43 -11.12 -23.99
CA ASP C 534 3.19 -12.26 -23.14
C ASP C 534 1.78 -12.21 -22.55
N GLU C 535 1.34 -11.01 -22.17
CA GLU C 535 0.00 -10.74 -21.68
C GLU C 535 -1.05 -11.16 -22.71
N MET C 536 -0.93 -10.67 -23.95
CA MET C 536 -1.89 -10.97 -25.00
C MET C 536 -1.96 -12.47 -25.24
N MET C 537 -0.79 -13.10 -25.32
CA MET C 537 -0.70 -14.54 -25.48
C MET C 537 -1.42 -15.24 -24.34
N GLN C 538 -1.01 -14.94 -23.10
CA GLN C 538 -1.54 -15.61 -21.93
C GLN C 538 -3.06 -15.44 -21.82
N ASN C 539 -3.54 -14.22 -22.04
CA ASN C 539 -4.88 -13.82 -21.67
C ASN C 539 -5.85 -13.94 -22.82
N ALA C 540 -5.56 -13.32 -23.96
CA ALA C 540 -6.42 -13.49 -25.12
C ALA C 540 -6.34 -14.93 -25.62
N CYS C 541 -5.13 -15.41 -25.85
CA CYS C 541 -4.93 -16.71 -26.52
C CYS C 541 -4.83 -17.88 -25.55
N GLY C 542 -4.99 -17.62 -24.27
CA GLY C 542 -5.22 -18.61 -23.22
C GLY C 542 -4.04 -19.55 -22.99
N ILE C 543 -2.87 -19.18 -23.50
CA ILE C 543 -1.66 -19.95 -23.34
C ILE C 543 -1.06 -19.65 -21.97
N THR C 544 -1.71 -20.21 -20.94
CA THR C 544 -1.33 -20.02 -19.55
C THR C 544 -0.01 -20.70 -19.22
N ASN C 545 0.32 -21.80 -19.92
CA ASN C 545 1.59 -22.47 -19.77
C ASN C 545 2.71 -21.52 -20.18
N PRO C 546 3.55 -21.02 -19.24
CA PRO C 546 4.64 -20.12 -19.62
C PRO C 546 5.67 -20.84 -20.47
N ILE C 547 5.81 -22.16 -20.33
CA ILE C 547 6.75 -22.91 -21.14
C ILE C 547 6.39 -22.77 -22.61
N HIS C 548 5.13 -23.02 -22.93
CA HIS C 548 4.66 -22.82 -24.29
C HIS C 548 4.87 -21.38 -24.74
N ARG C 549 4.58 -20.41 -23.86
CA ARG C 549 4.81 -19.02 -24.21
C ARG C 549 6.28 -18.79 -24.52
N LEU C 550 7.17 -19.35 -23.70
CA LEU C 550 8.60 -19.26 -23.93
C LEU C 550 8.94 -19.82 -25.31
N LYS C 551 8.42 -21.00 -25.66
CA LYS C 551 8.70 -21.58 -26.96
C LYS C 551 8.41 -20.58 -28.09
N LEU C 552 7.19 -20.04 -28.13
CA LEU C 552 6.87 -19.13 -29.22
C LEU C 552 7.66 -17.81 -29.08
N THR C 553 7.98 -17.41 -27.85
CA THR C 553 8.88 -16.28 -27.65
C THR C 553 10.20 -16.52 -28.36
N GLN C 554 10.73 -17.75 -28.31
CA GLN C 554 11.97 -18.06 -29.01
C GLN C 554 11.85 -17.84 -30.53
N ALA C 555 10.70 -18.18 -31.08
CA ALA C 555 10.44 -18.05 -32.49
C ALA C 555 10.47 -16.56 -32.85
N PHE C 556 9.81 -15.69 -32.07
CA PHE C 556 9.81 -14.27 -32.36
C PHE C 556 11.07 -13.54 -31.94
N GLU C 557 11.81 -14.10 -30.99
CA GLU C 557 13.15 -13.65 -30.67
C GLU C 557 14.07 -13.90 -31.86
N THR C 558 13.89 -15.03 -32.55
CA THR C 558 14.64 -15.39 -33.74
C THR C 558 14.03 -14.85 -35.05
N ALA C 559 12.92 -14.11 -34.96
CA ALA C 559 12.39 -13.29 -36.05
C ALA C 559 13.21 -12.04 -36.29
N LYS C 560 14.55 -12.14 -36.25
CA LYS C 560 15.50 -11.09 -36.60
C LYS C 560 16.71 -11.72 -37.30
N HIS C 561 17.43 -10.94 -38.10
CA HIS C 561 18.63 -11.32 -38.85
C HIS C 561 18.48 -12.64 -39.64
N GLN C 573 12.69 4.06 -33.02
CA GLN C 573 13.67 4.59 -34.01
C GLN C 573 14.02 6.04 -33.67
N ILE C 574 15.30 6.43 -33.83
CA ILE C 574 15.70 7.83 -33.94
C ILE C 574 15.11 8.40 -35.23
N ASP C 575 14.51 9.59 -35.13
CA ASP C 575 14.02 10.31 -36.29
C ASP C 575 15.17 11.09 -36.93
N VAL C 576 15.84 11.91 -36.13
CA VAL C 576 16.79 12.93 -36.53
C VAL C 576 18.03 12.82 -35.64
N PHE C 577 19.26 13.02 -36.16
CA PHE C 577 20.42 13.40 -35.36
C PHE C 577 20.78 14.86 -35.63
N ILE C 578 21.02 15.69 -34.60
CA ILE C 578 21.63 16.99 -34.73
C ILE C 578 23.15 16.89 -34.48
N SER C 579 23.90 17.13 -35.59
CA SER C 579 25.27 17.58 -35.52
C SER C 579 25.35 19.09 -35.35
N TYR C 580 26.22 19.54 -34.45
CA TYR C 580 26.42 20.97 -34.19
C TYR C 580 27.82 21.20 -33.61
N ARG C 581 28.25 22.46 -33.66
CA ARG C 581 29.47 22.89 -33.00
C ARG C 581 29.20 23.14 -31.53
N ARG C 582 29.86 22.38 -30.62
CA ARG C 582 29.68 22.46 -29.17
C ARG C 582 29.94 23.87 -28.61
N SER C 583 30.84 24.64 -29.22
CA SER C 583 31.23 25.97 -28.78
C SER C 583 30.18 27.05 -29.11
N THR C 584 29.35 26.85 -30.15
CA THR C 584 28.59 27.94 -30.76
C THR C 584 27.16 27.57 -31.12
N GLY C 585 26.87 26.31 -31.40
CA GLY C 585 25.56 25.86 -31.80
C GLY C 585 24.76 25.14 -30.72
N ASN C 586 25.29 25.08 -29.48
CA ASN C 586 24.66 24.34 -28.39
C ASN C 586 23.19 24.74 -28.19
N GLN C 587 22.92 26.04 -28.01
CA GLN C 587 21.59 26.51 -27.65
C GLN C 587 20.61 26.30 -28.79
N LEU C 588 21.03 26.55 -30.04
CA LEU C 588 20.23 26.39 -31.24
C LEU C 588 19.94 24.91 -31.51
N ALA C 589 20.92 24.04 -31.42
CA ALA C 589 20.73 22.58 -31.53
C ALA C 589 19.70 22.08 -30.51
N SER C 590 19.83 22.57 -29.26
CA SER C 590 18.88 22.23 -28.21
C SER C 590 17.50 22.81 -28.51
N LEU C 591 17.44 24.07 -28.97
CA LEU C 591 16.21 24.74 -29.31
C LEU C 591 15.48 23.97 -30.42
N ILE C 592 16.21 23.49 -31.44
CA ILE C 592 15.69 22.61 -32.48
C ILE C 592 15.14 21.33 -31.86
N LYS C 593 15.98 20.66 -31.06
CA LYS C 593 15.63 19.42 -30.36
C LYS C 593 14.39 19.57 -29.50
N VAL C 594 14.12 20.74 -28.90
CA VAL C 594 13.24 21.10 -27.82
C VAL C 594 11.94 21.78 -28.26
N LEU C 595 12.00 22.51 -29.36
CA LEU C 595 10.86 22.73 -30.29
C LEU C 595 10.34 21.40 -30.82
N LEU C 596 11.24 20.50 -31.17
CA LEU C 596 10.84 19.12 -31.50
C LEU C 596 10.78 18.34 -30.20
N GLN C 597 10.49 18.93 -29.01
CA GLN C 597 9.84 18.29 -27.86
C GLN C 597 8.44 18.90 -27.63
N LEU C 598 8.22 20.19 -28.00
CA LEU C 598 6.84 20.71 -28.09
C LEU C 598 6.04 20.04 -29.22
N ARG C 599 6.56 20.01 -30.46
CA ARG C 599 6.23 18.98 -31.45
C ARG C 599 7.07 17.81 -31.00
N GLY C 600 6.60 16.55 -31.03
CA GLY C 600 7.42 15.42 -30.56
C GLY C 600 8.27 14.78 -31.66
N TYR C 601 9.63 14.81 -31.55
CA TYR C 601 10.47 14.14 -32.53
C TYR C 601 11.78 13.63 -31.95
N ARG C 602 12.17 12.39 -32.30
CA ARG C 602 13.28 11.71 -31.64
C ARG C 602 14.60 12.24 -32.22
N VAL C 603 15.03 13.38 -31.67
CA VAL C 603 16.02 14.25 -32.28
C VAL C 603 17.24 14.20 -31.36
N PHE C 604 18.15 13.28 -31.72
CA PHE C 604 19.48 13.12 -31.14
C PHE C 604 20.37 14.34 -31.30
N ILE C 605 21.41 14.37 -30.46
CA ILE C 605 22.34 15.49 -30.36
C ILE C 605 23.70 14.99 -29.89
N ASP C 606 24.78 15.71 -30.19
CA ASP C 606 26.15 15.34 -29.81
C ASP C 606 26.35 15.11 -28.30
N VAL C 607 25.77 16.01 -27.48
CA VAL C 607 25.84 15.93 -26.01
C VAL C 607 25.13 14.68 -25.49
N ASP C 608 25.52 14.16 -24.31
CA ASP C 608 24.86 13.11 -23.57
C ASP C 608 25.19 11.68 -24.01
N LYS C 609 25.60 11.45 -25.27
CA LYS C 609 25.52 10.12 -25.89
C LYS C 609 26.84 9.35 -25.89
N LEU C 610 27.61 9.50 -24.81
CA LEU C 610 28.99 9.00 -24.67
C LEU C 610 29.26 8.50 -23.24
N TYR C 611 29.63 7.19 -23.09
CA TYR C 611 29.82 6.57 -21.76
C TYR C 611 31.17 5.90 -21.61
N ALA C 612 32.02 6.32 -20.64
CA ALA C 612 33.09 5.54 -20.02
C ALA C 612 34.02 4.79 -20.99
N GLY C 613 34.38 5.45 -22.11
CA GLY C 613 34.96 4.77 -23.27
C GLY C 613 35.86 5.68 -24.12
N LYS C 614 36.76 5.08 -24.92
CA LYS C 614 37.87 5.76 -25.57
C LYS C 614 37.42 6.97 -26.40
N PHE C 615 36.34 6.83 -27.14
CA PHE C 615 35.35 7.85 -27.47
C PHE C 615 34.18 7.00 -27.92
N ASP C 616 33.07 6.98 -27.14
CA ASP C 616 32.02 5.99 -27.34
C ASP C 616 31.51 6.04 -28.77
N SER C 617 31.38 7.26 -29.31
CA SER C 617 30.86 7.60 -30.62
C SER C 617 29.48 6.96 -30.86
N SER C 618 28.75 6.63 -29.78
CA SER C 618 27.39 6.09 -29.87
C SER C 618 26.49 6.95 -30.79
N LEU C 619 26.78 8.27 -30.83
CA LEU C 619 26.44 9.20 -31.89
C LEU C 619 26.39 8.64 -33.29
N LEU C 620 27.38 7.90 -33.77
CA LEU C 620 27.38 7.31 -35.09
C LEU C 620 26.39 6.14 -35.23
N LYS C 621 26.26 5.34 -34.19
CA LYS C 621 25.22 4.28 -34.16
C LYS C 621 23.81 4.91 -34.20
N ASN C 622 23.66 6.05 -33.50
CA ASN C 622 22.45 6.84 -33.42
C ASN C 622 22.20 7.56 -34.73
N ILE C 623 23.26 8.08 -35.42
CA ILE C 623 23.14 8.54 -36.80
C ILE C 623 22.68 7.44 -37.74
N GLN C 624 23.19 6.21 -37.60
CA GLN C 624 22.79 5.09 -38.43
C GLN C 624 21.31 4.77 -38.22
N ALA C 625 20.84 4.88 -36.97
CA ALA C 625 19.47 4.60 -36.63
C ALA C 625 18.52 5.72 -37.08
N ALA C 626 19.03 6.95 -37.17
CA ALA C 626 18.28 8.12 -37.64
C ALA C 626 17.88 7.94 -39.11
N LYS C 627 16.75 8.49 -39.52
CA LYS C 627 16.44 8.70 -40.94
C LYS C 627 17.10 10.00 -41.44
N HIS C 628 17.10 11.02 -40.58
CA HIS C 628 17.40 12.39 -40.96
C HIS C 628 18.55 12.91 -40.11
N PHE C 629 19.38 13.75 -40.74
CA PHE C 629 20.55 14.32 -40.08
C PHE C 629 20.57 15.81 -40.27
N ILE C 630 20.28 16.56 -39.20
CA ILE C 630 20.40 18.01 -39.17
C ILE C 630 21.85 18.38 -38.79
N LEU C 631 22.41 19.31 -39.60
CA LEU C 631 23.64 19.98 -39.28
C LEU C 631 23.38 21.44 -38.95
N VAL C 632 23.58 21.84 -37.69
CA VAL C 632 23.46 23.23 -37.27
C VAL C 632 24.73 23.97 -37.67
N LEU C 633 24.60 25.00 -38.53
CA LEU C 633 25.72 25.77 -39.06
C LEU C 633 25.71 27.21 -38.56
N THR C 634 26.32 27.45 -37.41
CA THR C 634 26.57 28.74 -36.82
C THR C 634 27.79 29.35 -37.50
N PRO C 635 28.09 30.67 -37.25
CA PRO C 635 29.48 31.16 -37.23
C PRO C 635 30.40 30.15 -36.56
N ASN C 636 31.61 29.99 -37.13
CA ASN C 636 32.70 29.15 -36.65
C ASN C 636 32.35 27.66 -36.73
N SER C 637 31.27 27.26 -37.43
CA SER C 637 30.81 25.88 -37.43
C SER C 637 31.79 24.99 -38.19
N LEU C 638 32.15 25.37 -39.43
CA LEU C 638 32.86 24.51 -40.35
C LEU C 638 34.40 24.67 -40.29
N ASP C 639 34.88 25.64 -39.55
CA ASP C 639 36.26 26.11 -39.63
C ASP C 639 37.26 24.99 -39.28
N ARG C 640 36.96 24.20 -38.24
CA ARG C 640 37.92 23.18 -37.88
C ARG C 640 37.77 21.92 -38.72
N LEU C 641 36.72 21.86 -39.57
CA LEU C 641 36.57 20.73 -40.47
C LEU C 641 37.50 20.82 -41.68
N LEU C 642 38.12 21.96 -41.89
CA LEU C 642 39.12 22.16 -42.93
C LEU C 642 40.31 21.24 -42.69
N ASN C 643 40.65 20.45 -43.76
CA ASN C 643 41.72 19.47 -43.76
C ASN C 643 41.52 18.37 -42.72
N ASP C 644 40.32 18.23 -42.16
CA ASP C 644 40.05 17.19 -41.15
C ASP C 644 39.74 15.88 -41.83
N ASP C 645 40.54 15.40 -42.79
CA ASP C 645 40.23 14.19 -43.56
C ASP C 645 40.15 12.91 -42.71
N ASN C 646 40.70 12.97 -41.53
CA ASN C 646 40.67 11.93 -40.53
C ASN C 646 39.28 11.79 -39.83
N CYS C 647 38.47 12.82 -40.00
CA CYS C 647 37.29 13.00 -39.16
C CYS C 647 37.61 12.97 -37.68
N GLU C 648 38.68 13.74 -37.30
CA GLU C 648 39.03 13.91 -35.88
C GLU C 648 38.16 14.96 -35.17
N ASP C 649 37.58 15.93 -35.92
CA ASP C 649 36.34 16.61 -35.47
C ASP C 649 35.24 15.55 -35.52
N TRP C 650 34.53 15.40 -34.37
CA TRP C 650 33.34 14.55 -34.34
C TRP C 650 32.18 15.12 -35.14
N VAL C 651 32.05 16.42 -35.32
CA VAL C 651 31.18 17.02 -36.31
C VAL C 651 31.45 16.41 -37.71
N HIS C 652 32.74 16.18 -38.07
CA HIS C 652 33.12 15.54 -39.31
C HIS C 652 32.71 14.09 -39.26
N LYS C 653 33.09 13.31 -38.21
CA LYS C 653 32.76 11.88 -38.14
C LYS C 653 31.25 11.64 -38.25
N GLU C 654 30.45 12.48 -37.58
CA GLU C 654 29.03 12.60 -37.71
C GLU C 654 28.59 12.83 -39.14
N LEU C 655 29.11 13.88 -39.79
CA LEU C 655 28.67 14.29 -41.13
C LEU C 655 29.05 13.23 -42.18
N LYS C 656 30.29 12.67 -42.03
CA LYS C 656 30.79 11.61 -42.88
C LYS C 656 29.87 10.41 -42.80
N CYS C 657 29.51 10.01 -41.58
CA CYS C 657 28.63 8.88 -41.31
C CYS C 657 27.27 9.12 -41.94
N ALA C 658 26.75 10.35 -41.83
CA ALA C 658 25.46 10.69 -42.41
C ALA C 658 25.51 10.50 -43.92
N PHE C 659 26.59 10.97 -44.56
CA PHE C 659 26.77 10.83 -45.99
C PHE C 659 26.92 9.37 -46.41
N GLU C 660 27.68 8.58 -45.63
CA GLU C 660 27.93 7.18 -45.94
C GLU C 660 26.64 6.35 -45.88
N HIS C 661 25.74 6.71 -44.95
CA HIS C 661 24.50 5.96 -44.76
C HIS C 661 23.31 6.66 -45.43
N GLN C 662 23.61 7.64 -46.31
CA GLN C 662 22.63 8.31 -47.15
C GLN C 662 21.45 8.84 -46.34
N LYS C 663 21.78 9.54 -45.25
CA LYS C 663 20.74 10.16 -44.44
C LYS C 663 20.17 11.38 -45.18
N ASN C 664 18.93 11.71 -44.88
CA ASN C 664 18.28 12.91 -45.38
C ASN C 664 18.90 14.14 -44.69
N ILE C 665 19.86 14.81 -45.37
CA ILE C 665 20.76 15.73 -44.67
C ILE C 665 20.32 17.19 -44.82
N ILE C 666 20.18 17.88 -43.66
CA ILE C 666 19.47 19.16 -43.55
C ILE C 666 20.38 20.13 -42.79
N PRO C 667 21.29 20.83 -43.51
CA PRO C 667 21.98 21.98 -42.92
C PRO C 667 21.03 23.10 -42.53
N ILE C 668 21.14 23.60 -41.29
CA ILE C 668 20.40 24.73 -40.83
C ILE C 668 21.38 25.88 -40.64
N PHE C 669 21.27 26.87 -41.54
CA PHE C 669 22.19 28.02 -41.56
C PHE C 669 21.71 29.04 -40.55
N ASP C 670 22.55 29.35 -39.57
CA ASP C 670 22.28 30.39 -38.60
C ASP C 670 21.96 31.73 -39.27
N THR C 671 21.27 32.63 -38.62
CA THR C 671 21.02 33.99 -39.13
C THR C 671 22.31 34.71 -39.56
N ALA C 672 23.42 34.47 -38.86
CA ALA C 672 24.71 35.08 -39.14
C ALA C 672 25.63 34.22 -40.01
N PHE C 673 25.16 33.06 -40.45
CA PHE C 673 25.98 32.11 -41.22
C PHE C 673 26.23 32.62 -42.63
N GLU C 674 27.46 32.36 -43.14
CA GLU C 674 27.75 32.47 -44.57
C GLU C 674 28.44 31.22 -45.11
N PHE C 675 28.04 30.79 -46.30
CA PHE C 675 28.65 29.60 -46.92
C PHE C 675 30.17 29.87 -47.18
N PRO C 676 31.09 29.13 -46.48
CA PRO C 676 32.43 29.64 -46.24
C PRO C 676 33.23 29.78 -47.54
N THR C 677 34.14 30.77 -47.57
CA THR C 677 35.39 30.77 -48.34
C THR C 677 36.25 29.64 -47.80
N LYS C 678 37.31 29.18 -48.51
CA LYS C 678 38.05 27.95 -48.29
C LYS C 678 37.27 26.63 -48.24
N GLU C 679 36.06 26.57 -48.82
CA GLU C 679 35.24 25.35 -48.82
C GLU C 679 35.96 24.19 -49.53
N ASP C 680 36.84 24.45 -50.49
CA ASP C 680 37.61 23.42 -51.20
C ASP C 680 38.58 22.69 -50.25
N GLN C 681 38.88 23.30 -49.09
CA GLN C 681 39.73 22.67 -48.09
C GLN C 681 38.96 21.79 -47.12
N ILE C 682 37.62 21.79 -47.22
CA ILE C 682 36.79 20.79 -46.53
C ILE C 682 37.11 19.43 -47.17
N PRO C 683 37.39 18.39 -46.35
CA PRO C 683 37.72 17.04 -46.83
C PRO C 683 36.76 16.52 -47.87
N ASN C 684 37.20 15.73 -48.84
CA ASN C 684 36.46 15.34 -50.05
C ASN C 684 35.12 14.64 -49.71
N ASP C 685 35.16 13.81 -48.63
CA ASP C 685 34.01 13.06 -48.21
C ASP C 685 32.87 13.95 -47.72
N ILE C 686 33.17 15.18 -47.28
CA ILE C 686 32.19 16.07 -46.69
C ILE C 686 32.13 17.44 -47.37
N ARG C 687 32.95 17.66 -48.38
CA ARG C 687 33.08 18.96 -49.08
C ARG C 687 31.73 19.47 -49.60
N MET C 688 30.85 18.55 -49.93
CA MET C 688 29.51 18.79 -50.44
C MET C 688 28.70 19.72 -49.51
N ILE C 689 29.02 19.80 -48.22
CA ILE C 689 28.13 20.36 -47.19
C ILE C 689 27.85 21.85 -47.43
N THR C 690 28.79 22.56 -48.04
CA THR C 690 28.58 23.96 -48.38
C THR C 690 27.73 24.14 -49.64
N LYS C 691 27.71 23.15 -50.52
CA LYS C 691 26.95 23.09 -51.77
C LYS C 691 25.70 22.20 -51.57
N TYR C 692 25.05 22.42 -50.41
CA TYR C 692 23.91 21.62 -49.94
C TYR C 692 22.67 22.49 -49.69
N ASN C 693 21.48 21.87 -49.80
CA ASN C 693 20.21 22.52 -49.52
C ASN C 693 19.99 22.64 -48.01
N GLY C 694 19.80 23.85 -47.47
CA GLY C 694 19.57 24.02 -46.05
C GLY C 694 18.65 25.19 -45.68
N VAL C 695 18.06 25.06 -44.46
CA VAL C 695 17.08 26.02 -43.97
C VAL C 695 17.79 27.16 -43.26
N LYS C 696 17.81 28.33 -43.89
CA LYS C 696 18.39 29.50 -43.21
C LYS C 696 17.49 29.99 -42.09
N TRP C 697 18.09 30.39 -40.92
CA TRP C 697 17.40 30.67 -39.68
C TRP C 697 17.11 32.15 -39.45
N VAL C 698 15.99 32.44 -38.78
CA VAL C 698 15.67 33.72 -38.16
C VAL C 698 15.11 33.47 -36.75
N HIS C 699 15.68 34.19 -35.79
CA HIS C 699 15.30 34.14 -34.38
C HIS C 699 13.96 34.84 -34.19
N ASP C 700 13.79 35.96 -34.85
CA ASP C 700 12.76 36.98 -34.78
C ASP C 700 11.39 36.38 -35.13
N TYR C 701 11.34 35.32 -35.95
CA TYR C 701 10.12 34.53 -36.11
C TYR C 701 10.41 33.07 -35.92
N GLN C 702 11.06 32.77 -34.81
CA GLN C 702 11.36 31.41 -34.35
C GLN C 702 10.12 30.51 -34.40
N ASP C 703 8.94 31.02 -34.06
CA ASP C 703 7.72 30.23 -34.07
C ASP C 703 7.24 29.89 -35.46
N ALA C 704 7.91 30.24 -36.57
CA ALA C 704 7.69 29.74 -37.91
C ALA C 704 8.96 29.29 -38.66
N CYS C 705 10.14 29.77 -38.21
CA CYS C 705 11.39 29.40 -38.85
C CYS C 705 11.63 27.88 -38.90
N MET C 706 11.25 27.18 -37.87
CA MET C 706 11.18 25.75 -37.75
C MET C 706 10.45 25.02 -38.90
N ALA C 707 9.34 25.55 -39.38
CA ALA C 707 8.47 24.87 -40.32
C ALA C 707 9.20 24.30 -41.54
N LYS C 708 10.12 25.06 -42.11
CA LYS C 708 10.97 24.67 -43.22
C LYS C 708 11.86 23.46 -42.89
N VAL C 709 12.37 23.37 -41.67
CA VAL C 709 13.11 22.17 -41.22
C VAL C 709 12.24 20.92 -41.33
N VAL C 710 11.00 21.01 -40.87
CA VAL C 710 10.02 19.91 -40.91
C VAL C 710 9.71 19.55 -42.36
N ARG C 711 9.59 20.52 -43.28
CA ARG C 711 9.37 20.22 -44.70
C ARG C 711 10.57 19.49 -45.29
N PHE C 712 11.80 19.86 -44.90
CA PHE C 712 12.98 19.14 -45.36
C PHE C 712 13.02 17.71 -44.81
N ILE C 713 12.52 17.49 -43.57
CA ILE C 713 12.41 16.17 -42.96
C ILE C 713 11.34 15.32 -43.71
N THR C 714 10.15 15.91 -43.95
CA THR C 714 8.97 15.19 -44.40
C THR C 714 8.90 15.07 -45.92
N GLY C 715 9.63 15.91 -46.67
CA GLY C 715 9.81 15.81 -48.11
C GLY C 715 8.56 15.98 -48.95
N MET D 60 -35.77 -22.38 -47.46
CA MET D 60 -34.49 -21.76 -47.01
C MET D 60 -34.69 -21.18 -45.59
N SER D 61 -33.69 -21.41 -44.73
CA SER D 61 -33.77 -21.03 -43.31
C SER D 61 -33.46 -19.55 -43.08
N ASN D 62 -33.83 -19.03 -41.90
CA ASN D 62 -33.33 -17.74 -41.44
C ASN D 62 -31.82 -17.76 -41.25
N THR D 63 -31.24 -18.89 -40.81
CA THR D 63 -29.79 -19.06 -40.75
C THR D 63 -29.19 -18.77 -42.14
N GLU D 64 -29.85 -19.26 -43.20
CA GLU D 64 -29.44 -18.97 -44.56
C GLU D 64 -29.72 -17.52 -44.96
N GLN D 65 -30.83 -16.90 -44.53
CA GLN D 65 -31.04 -15.47 -44.75
C GLN D 65 -29.88 -14.68 -44.20
N VAL D 66 -29.51 -14.99 -42.95
CA VAL D 66 -28.37 -14.38 -42.27
C VAL D 66 -27.09 -14.67 -43.06
N ALA D 67 -26.84 -15.93 -43.42
CA ALA D 67 -25.63 -16.32 -44.13
C ALA D 67 -25.53 -15.60 -45.47
N MET D 68 -26.64 -15.47 -46.18
CA MET D 68 -26.69 -14.76 -47.45
C MET D 68 -26.38 -13.29 -47.22
N MET D 69 -27.10 -12.64 -46.31
CA MET D 69 -26.89 -11.24 -45.97
C MET D 69 -25.42 -11.00 -45.58
N HIS D 70 -24.90 -11.86 -44.71
CA HIS D 70 -23.54 -11.83 -44.23
C HIS D 70 -22.55 -11.94 -45.38
N THR D 71 -22.73 -12.96 -46.21
CA THR D 71 -21.88 -13.22 -47.35
C THR D 71 -21.93 -12.02 -48.30
N LEU D 72 -23.15 -11.54 -48.59
CA LEU D 72 -23.36 -10.39 -49.45
C LEU D 72 -22.56 -9.19 -48.93
N LYS D 73 -22.80 -8.77 -47.68
CA LYS D 73 -22.08 -7.65 -47.09
C LYS D 73 -20.57 -7.86 -47.13
N THR D 74 -20.12 -9.08 -46.78
CA THR D 74 -18.71 -9.45 -46.74
C THR D 74 -18.07 -9.30 -48.12
N LYS D 75 -18.61 -10.04 -49.09
CA LYS D 75 -18.03 -10.10 -50.43
C LYS D 75 -18.24 -8.79 -51.16
N LEU D 76 -19.32 -8.06 -50.88
CA LEU D 76 -19.47 -6.71 -51.38
C LEU D 76 -18.31 -5.83 -50.94
N SER D 77 -18.02 -5.79 -49.62
CA SER D 77 -16.89 -5.05 -49.09
C SER D 77 -15.59 -5.42 -49.80
N LYS D 78 -15.34 -6.73 -49.91
CA LYS D 78 -14.15 -7.26 -50.58
C LYS D 78 -14.06 -6.82 -52.05
N TYR D 79 -15.12 -7.07 -52.82
CA TYR D 79 -15.13 -6.82 -54.25
C TYR D 79 -15.20 -5.32 -54.56
N GLN D 80 -15.74 -4.49 -53.66
CA GLN D 80 -15.63 -3.03 -53.77
C GLN D 80 -14.16 -2.64 -53.77
N ALA D 81 -13.39 -3.15 -52.79
CA ALA D 81 -11.97 -2.86 -52.70
C ALA D 81 -11.21 -3.36 -53.94
N MET D 82 -11.48 -4.59 -54.37
CA MET D 82 -10.84 -5.15 -55.55
C MET D 82 -11.19 -4.37 -56.82
N MET D 83 -12.47 -3.98 -56.94
CA MET D 83 -12.93 -3.12 -58.02
C MET D 83 -12.21 -1.77 -57.99
N ASP D 84 -12.00 -1.17 -56.81
CA ASP D 84 -11.22 0.05 -56.69
C ASP D 84 -9.82 -0.15 -57.26
N LYS D 85 -9.12 -1.25 -56.91
CA LYS D 85 -7.80 -1.56 -57.46
C LYS D 85 -7.82 -1.63 -58.98
N ALA D 86 -8.81 -2.33 -59.52
CA ALA D 86 -9.01 -2.41 -60.96
C ALA D 86 -9.28 -1.02 -61.58
N PHE D 87 -10.05 -0.18 -60.87
CA PHE D 87 -10.32 1.19 -61.28
C PHE D 87 -9.10 2.10 -61.17
N GLU D 88 -8.17 1.81 -60.26
CA GLU D 88 -6.89 2.50 -60.22
C GLU D 88 -6.08 2.21 -61.48
N GLU D 89 -6.12 0.97 -62.00
CA GLU D 89 -5.53 0.64 -63.29
C GLU D 89 -6.21 1.37 -64.45
N ILE D 90 -7.55 1.42 -64.43
CA ILE D 90 -8.32 2.14 -65.44
C ILE D 90 -7.98 3.64 -65.39
N ALA D 91 -7.93 4.21 -64.18
CA ALA D 91 -7.67 5.62 -63.92
C ALA D 91 -6.25 6.08 -64.32
N LYS D 92 -5.34 5.16 -64.62
CA LYS D 92 -4.03 5.49 -65.20
C LYS D 92 -4.19 6.05 -66.62
N VAL D 93 -5.30 5.68 -67.30
CA VAL D 93 -5.60 6.02 -68.69
C VAL D 93 -4.44 5.62 -69.61
N GLU D 94 -3.97 4.37 -69.41
CA GLU D 94 -2.95 3.72 -70.19
C GLU D 94 -3.49 2.36 -70.65
N ASP D 95 -3.24 2.03 -71.92
CA ASP D 95 -4.02 1.03 -72.68
C ASP D 95 -4.09 -0.30 -71.92
N ALA D 96 -2.91 -0.88 -71.60
CA ALA D 96 -2.79 -2.16 -70.93
C ALA D 96 -3.42 -2.15 -69.54
N ASN D 97 -3.32 -1.03 -68.83
CA ASN D 97 -3.87 -0.85 -67.48
C ASN D 97 -5.41 -0.82 -67.53
N ILE D 98 -5.99 -0.09 -68.50
CA ILE D 98 -7.43 -0.09 -68.68
C ILE D 98 -7.91 -1.49 -69.04
N ILE D 99 -7.23 -2.13 -70.02
CA ILE D 99 -7.51 -3.50 -70.47
C ILE D 99 -7.49 -4.48 -69.29
N GLU D 100 -6.39 -4.47 -68.50
CA GLU D 100 -6.21 -5.35 -67.37
C GLU D 100 -7.23 -5.08 -66.27
N GLY D 101 -7.40 -3.81 -65.87
CA GLY D 101 -8.42 -3.41 -64.90
C GLY D 101 -9.81 -3.90 -65.30
N CYS D 102 -10.23 -3.59 -66.53
CA CYS D 102 -11.52 -4.05 -67.05
C CYS D 102 -11.60 -5.58 -67.10
N THR D 103 -10.50 -6.26 -67.46
CA THR D 103 -10.42 -7.72 -67.45
C THR D 103 -10.69 -8.25 -66.04
N ILE D 104 -10.05 -7.65 -65.03
CA ILE D 104 -10.25 -8.00 -63.62
C ILE D 104 -11.71 -7.77 -63.22
N VAL D 105 -12.29 -6.60 -63.56
CA VAL D 105 -13.69 -6.30 -63.26
C VAL D 105 -14.61 -7.33 -63.91
N ARG D 106 -14.33 -7.69 -65.17
CA ARG D 106 -15.08 -8.69 -65.92
C ARG D 106 -15.04 -10.04 -65.21
N LYS D 107 -13.83 -10.52 -64.87
CA LYS D 107 -13.62 -11.77 -64.15
C LYS D 107 -14.37 -11.76 -62.82
N LEU D 108 -14.21 -10.67 -62.05
CA LEU D 108 -14.88 -10.42 -60.78
C LEU D 108 -16.40 -10.52 -60.97
N MET D 109 -16.99 -9.78 -61.93
CA MET D 109 -18.43 -9.79 -62.17
C MET D 109 -18.96 -11.19 -62.51
N ARG D 110 -18.19 -11.96 -63.30
CA ARG D 110 -18.57 -13.32 -63.67
C ARG D 110 -18.46 -14.25 -62.46
N LYS D 111 -17.37 -14.14 -61.69
CA LYS D 111 -17.17 -14.87 -60.45
C LYS D 111 -18.29 -14.56 -59.45
N VAL D 112 -18.69 -13.29 -59.35
CA VAL D 112 -19.82 -12.83 -58.57
C VAL D 112 -21.10 -13.53 -59.03
N TRP D 113 -21.36 -13.52 -60.35
CA TRP D 113 -22.49 -14.22 -60.88
C TRP D 113 -22.49 -15.72 -60.61
N ASN D 114 -21.28 -16.31 -60.55
CA ASN D 114 -21.08 -17.73 -60.29
C ASN D 114 -21.07 -18.05 -58.78
N THR D 115 -21.17 -17.03 -57.90
CA THR D 115 -21.22 -17.22 -56.46
C THR D 115 -22.61 -17.75 -56.16
N PRO D 116 -22.78 -18.96 -55.57
CA PRO D 116 -24.02 -19.74 -55.72
C PRO D 116 -25.34 -19.04 -55.37
N LYS D 117 -25.36 -18.31 -54.22
CA LYS D 117 -26.60 -17.82 -53.68
C LYS D 117 -26.77 -16.32 -53.96
N VAL D 118 -25.82 -15.53 -53.49
CA VAL D 118 -25.94 -14.08 -53.39
C VAL D 118 -25.70 -13.38 -54.72
N SER D 119 -25.39 -14.14 -55.79
CA SER D 119 -24.89 -13.64 -57.07
C SER D 119 -25.63 -12.41 -57.58
N ALA D 120 -26.97 -12.49 -57.67
CA ALA D 120 -27.76 -11.41 -58.25
C ALA D 120 -27.66 -10.13 -57.43
N ASP D 121 -27.85 -10.25 -56.11
CA ASP D 121 -27.77 -9.10 -55.21
C ASP D 121 -26.39 -8.47 -55.24
N LEU D 122 -25.35 -9.32 -55.20
CA LEU D 122 -23.97 -8.87 -55.19
C LEU D 122 -23.60 -8.17 -56.49
N ALA D 123 -24.05 -8.74 -57.62
CA ALA D 123 -23.91 -8.08 -58.92
C ALA D 123 -24.61 -6.72 -58.93
N ASN D 124 -25.87 -6.67 -58.45
CA ASN D 124 -26.65 -5.43 -58.41
C ASN D 124 -25.93 -4.38 -57.56
N ALA D 125 -25.52 -4.76 -56.34
CA ALA D 125 -24.83 -3.87 -55.42
C ALA D 125 -23.54 -3.33 -56.03
N LEU D 126 -22.79 -4.17 -56.76
CA LEU D 126 -21.60 -3.72 -57.47
C LEU D 126 -21.93 -2.81 -58.65
N CYS D 127 -23.02 -3.10 -59.40
CA CYS D 127 -23.52 -2.20 -60.44
C CYS D 127 -23.87 -0.83 -59.87
N ASP D 128 -24.50 -0.81 -58.69
CA ASP D 128 -24.81 0.40 -57.95
C ASP D 128 -23.52 1.12 -57.56
N TYR D 129 -22.58 0.40 -56.93
CA TYR D 129 -21.30 0.93 -56.53
C TYR D 129 -20.56 1.55 -57.73
N LEU D 130 -20.57 0.88 -58.89
CA LEU D 130 -19.98 1.42 -60.11
C LEU D 130 -20.58 2.77 -60.50
N ARG D 131 -21.90 2.94 -60.38
CA ARG D 131 -22.55 4.23 -60.63
C ARG D 131 -22.14 5.26 -59.57
N ASP D 132 -22.20 4.86 -58.28
CA ASP D 132 -21.91 5.72 -57.14
C ASP D 132 -20.48 6.26 -57.16
N ARG D 133 -19.54 5.40 -57.59
CA ARG D 133 -18.12 5.72 -57.74
C ARG D 133 -17.80 6.44 -59.06
N ASP D 134 -18.80 6.63 -59.93
CA ASP D 134 -18.67 7.13 -61.29
C ASP D 134 -17.78 6.24 -62.18
N TYR D 135 -17.38 5.06 -61.67
CA TYR D 135 -16.68 4.02 -62.41
C TYR D 135 -17.44 3.65 -63.69
N PHE D 136 -18.78 3.53 -63.59
CA PHE D 136 -19.66 3.26 -64.71
C PHE D 136 -19.60 4.36 -65.77
N ASP D 137 -19.64 5.61 -65.31
CA ASP D 137 -19.54 6.80 -66.16
C ASP D 137 -18.21 6.85 -66.91
N LYS D 138 -17.13 6.56 -66.18
CA LYS D 138 -15.77 6.46 -66.72
C LYS D 138 -15.69 5.38 -67.79
N LEU D 139 -16.21 4.17 -67.51
CA LEU D 139 -16.27 3.09 -68.50
C LEU D 139 -17.02 3.54 -69.78
N ILE D 140 -18.18 4.19 -69.62
CA ILE D 140 -18.96 4.68 -70.74
C ILE D 140 -18.12 5.64 -71.60
N LYS D 141 -17.51 6.65 -70.96
CA LYS D 141 -16.67 7.64 -71.62
C LYS D 141 -15.48 6.98 -72.32
N MET D 142 -14.79 6.07 -71.63
CA MET D 142 -13.63 5.33 -72.16
C MET D 142 -14.05 4.21 -73.14
N PHE D 143 -15.35 4.07 -73.41
CA PHE D 143 -15.89 3.24 -74.49
C PHE D 143 -16.24 4.12 -75.71
N ILE D 144 -17.04 5.18 -75.49
CA ILE D 144 -17.61 6.00 -76.55
C ILE D 144 -16.62 7.03 -77.11
N SER D 145 -15.60 7.43 -76.34
CA SER D 145 -14.70 8.54 -76.70
C SER D 145 -13.89 8.14 -77.92
N PRO D 146 -13.70 9.02 -78.94
CA PRO D 146 -12.88 8.74 -80.12
C PRO D 146 -11.41 8.46 -79.82
N ASN D 147 -10.89 8.99 -78.70
CA ASN D 147 -9.54 8.71 -78.22
C ASN D 147 -9.29 7.21 -77.97
N THR D 148 -10.36 6.45 -77.69
CA THR D 148 -10.27 5.00 -77.46
C THR D 148 -9.76 4.24 -78.70
N ALA D 149 -9.82 4.87 -79.88
CA ALA D 149 -9.28 4.31 -81.11
C ALA D 149 -7.78 4.07 -81.07
N ALA D 150 -7.08 4.66 -80.09
CA ALA D 150 -5.67 4.39 -79.81
C ALA D 150 -5.41 2.90 -79.49
N CYS D 151 -6.42 2.23 -78.89
CA CYS D 151 -6.41 0.77 -78.74
C CYS D 151 -7.84 0.23 -78.61
N ASP D 152 -8.36 -0.41 -79.65
CA ASP D 152 -9.72 -0.93 -79.66
C ASP D 152 -9.95 -1.98 -78.57
N GLN D 153 -8.90 -2.66 -78.12
CA GLN D 153 -8.98 -3.61 -77.01
C GLN D 153 -9.39 -2.92 -75.70
N VAL D 154 -9.06 -1.64 -75.50
CA VAL D 154 -9.58 -0.83 -74.41
C VAL D 154 -11.11 -0.75 -74.52
N ARG D 155 -11.63 -0.37 -75.68
CA ARG D 155 -13.06 -0.31 -75.91
C ARG D 155 -13.72 -1.67 -75.68
N MET D 156 -13.08 -2.75 -76.15
CA MET D 156 -13.55 -4.11 -75.95
C MET D 156 -13.73 -4.44 -74.46
N GLU D 157 -12.66 -4.27 -73.65
CA GLU D 157 -12.73 -4.60 -72.24
C GLU D 157 -13.70 -3.71 -71.48
N CYS D 158 -13.70 -2.39 -71.76
CA CYS D 158 -14.70 -1.47 -71.23
C CYS D 158 -16.11 -1.96 -71.56
N GLY D 159 -16.35 -2.30 -72.84
CA GLY D 159 -17.62 -2.80 -73.33
C GLY D 159 -18.07 -4.09 -72.66
N LYS D 160 -17.16 -5.07 -72.49
CA LYS D 160 -17.48 -6.33 -71.81
C LYS D 160 -17.94 -6.06 -70.38
N VAL D 161 -17.20 -5.18 -69.67
CA VAL D 161 -17.57 -4.78 -68.33
C VAL D 161 -18.94 -4.11 -68.34
N LEU D 162 -19.17 -3.14 -69.24
CA LEU D 162 -20.45 -2.47 -69.40
C LEU D 162 -21.57 -3.49 -69.62
N GLU D 163 -21.34 -4.48 -70.48
CA GLU D 163 -22.23 -5.61 -70.71
C GLU D 163 -22.60 -6.30 -69.38
N GLU D 164 -21.60 -6.68 -68.56
CA GLU D 164 -21.84 -7.25 -67.23
C GLU D 164 -22.69 -6.33 -66.36
N CYS D 165 -22.46 -5.02 -66.48
CA CYS D 165 -22.99 -4.00 -65.59
C CYS D 165 -24.31 -3.38 -66.08
N THR D 166 -24.87 -3.87 -67.21
CA THR D 166 -26.12 -3.37 -67.76
C THR D 166 -27.36 -3.82 -66.97
N SER D 167 -27.38 -3.53 -65.65
CA SER D 167 -28.58 -3.62 -64.82
C SER D 167 -29.64 -2.64 -65.33
N SER D 168 -30.91 -2.83 -64.91
CA SER D 168 -31.98 -1.89 -65.21
C SER D 168 -31.63 -0.45 -64.82
N ALA D 169 -31.04 -0.27 -63.63
CA ALA D 169 -30.62 1.03 -63.13
C ALA D 169 -29.45 1.62 -63.93
N ASN D 170 -28.56 0.76 -64.43
CA ASN D 170 -27.43 1.17 -65.25
C ASN D 170 -27.88 1.58 -66.66
N LEU D 171 -28.84 0.84 -67.23
CA LEU D 171 -29.46 1.20 -68.50
C LEU D 171 -30.24 2.51 -68.35
N GLU D 172 -30.96 2.67 -67.24
CA GLU D 172 -31.65 3.92 -66.90
C GLU D 172 -30.67 5.08 -66.78
N TYR D 173 -29.52 4.86 -66.14
CA TYR D 173 -28.44 5.85 -66.09
C TYR D 173 -27.99 6.28 -67.49
N ILE D 174 -27.72 5.30 -68.37
CA ILE D 174 -27.35 5.52 -69.76
C ILE D 174 -28.38 6.41 -70.47
N VAL D 175 -29.68 6.12 -70.26
CA VAL D 175 -30.80 6.86 -70.82
C VAL D 175 -30.89 8.28 -70.25
N ASN D 176 -30.76 8.41 -68.92
CA ASN D 176 -30.79 9.69 -68.21
C ASN D 176 -29.67 10.64 -68.65
N LYS D 177 -28.49 10.09 -68.93
CA LYS D 177 -27.33 10.81 -69.42
C LYS D 177 -27.28 10.91 -70.95
N SER D 178 -28.27 10.32 -71.64
CA SER D 178 -28.45 10.33 -73.09
C SER D 178 -27.28 9.70 -73.86
N TYR D 179 -26.50 8.81 -73.22
CA TYR D 179 -25.42 8.10 -73.87
C TYR D 179 -25.94 7.01 -74.82
N THR D 180 -27.26 6.75 -74.85
CA THR D 180 -27.86 5.58 -75.49
C THR D 180 -27.43 5.40 -76.95
N LYS D 181 -27.64 6.43 -77.78
CA LYS D 181 -27.34 6.36 -79.20
C LYS D 181 -25.82 6.36 -79.46
N LYS D 182 -25.03 7.07 -78.62
CA LYS D 182 -23.58 7.03 -78.68
C LYS D 182 -23.06 5.61 -78.49
N ILE D 183 -23.53 4.94 -77.43
CA ILE D 183 -23.20 3.55 -77.12
C ILE D 183 -23.64 2.63 -78.26
N MET D 184 -24.87 2.82 -78.76
CA MET D 184 -25.40 2.03 -79.86
C MET D 184 -24.47 2.10 -81.09
N ILE D 185 -24.15 3.32 -81.55
CA ILE D 185 -23.31 3.54 -82.73
C ILE D 185 -21.93 2.95 -82.50
N VAL D 186 -21.36 3.13 -81.30
CA VAL D 186 -20.04 2.61 -80.96
C VAL D 186 -20.04 1.08 -80.89
N ALA D 187 -21.13 0.47 -80.40
CA ALA D 187 -21.36 -0.98 -80.56
C ALA D 187 -21.43 -1.39 -82.03
N MET D 188 -22.11 -0.63 -82.89
CA MET D 188 -22.15 -0.93 -84.32
C MET D 188 -20.76 -0.80 -84.96
N LYS D 189 -19.87 0.07 -84.44
CA LYS D 189 -18.47 0.19 -84.83
C LYS D 189 -17.63 -1.00 -84.36
N LEU D 190 -18.02 -1.66 -83.24
CA LEU D 190 -17.44 -2.93 -82.84
C LEU D 190 -17.92 -4.06 -83.76
N ASN D 191 -17.21 -4.22 -84.88
CA ASN D 191 -17.62 -5.16 -85.92
C ASN D 191 -16.44 -5.94 -86.54
N LYS D 192 -15.19 -5.63 -86.16
CA LYS D 192 -13.97 -6.05 -86.86
C LYS D 192 -13.67 -7.54 -86.78
N THR D 193 -14.18 -8.20 -85.72
CA THR D 193 -13.95 -9.61 -85.44
C THR D 193 -15.24 -10.23 -84.85
N PRO D 194 -15.41 -11.58 -84.86
CA PRO D 194 -16.53 -12.22 -84.17
C PRO D 194 -16.67 -11.85 -82.69
N ASP D 195 -15.56 -11.57 -81.99
CA ASP D 195 -15.58 -11.10 -80.61
C ASP D 195 -16.25 -9.72 -80.52
N GLN D 196 -15.80 -8.78 -81.38
CA GLN D 196 -16.40 -7.45 -81.48
C GLN D 196 -17.90 -7.55 -81.77
N GLN D 197 -18.25 -8.39 -82.75
CA GLN D 197 -19.60 -8.63 -83.20
C GLN D 197 -20.47 -9.19 -82.07
N ARG D 198 -19.97 -10.17 -81.31
CA ARG D 198 -20.69 -10.73 -80.17
C ARG D 198 -20.93 -9.65 -79.11
N LEU D 199 -19.87 -8.92 -78.73
CA LEU D 199 -19.98 -7.85 -77.75
C LEU D 199 -20.98 -6.77 -78.23
N SER D 200 -20.88 -6.41 -79.50
CA SER D 200 -21.78 -5.48 -80.15
C SER D 200 -23.23 -5.91 -79.97
N LEU D 201 -23.58 -7.10 -80.47
CA LEU D 201 -24.91 -7.70 -80.33
C LEU D 201 -25.33 -7.78 -78.87
N SER D 202 -24.39 -8.02 -77.95
CA SER D 202 -24.66 -8.02 -76.51
C SER D 202 -25.10 -6.64 -76.03
N LEU D 203 -24.27 -5.61 -76.25
CA LEU D 203 -24.58 -4.27 -75.80
C LEU D 203 -25.88 -3.77 -76.43
N ILE D 204 -26.04 -4.00 -77.74
CA ILE D 204 -27.26 -3.75 -78.50
C ILE D 204 -28.47 -4.41 -77.80
N GLY D 205 -28.40 -5.73 -77.58
CA GLY D 205 -29.45 -6.47 -76.89
C GLY D 205 -29.72 -6.00 -75.47
N ASN D 206 -28.68 -5.52 -74.77
CA ASN D 206 -28.82 -4.99 -73.43
C ASN D 206 -29.54 -3.64 -73.43
N LEU D 207 -29.23 -2.75 -74.39
CA LEU D 207 -29.97 -1.51 -74.58
C LEU D 207 -31.45 -1.80 -74.84
N PHE D 208 -31.74 -2.87 -75.59
CA PHE D 208 -33.09 -3.33 -75.86
C PHE D 208 -33.80 -3.95 -74.64
N LYS D 209 -33.22 -3.89 -73.44
CA LYS D 209 -33.93 -4.24 -72.21
C LYS D 209 -34.55 -3.01 -71.54
N HIS D 210 -34.35 -1.81 -72.09
CA HIS D 210 -35.05 -0.62 -71.60
C HIS D 210 -36.39 -0.43 -72.31
N SER D 211 -37.28 0.39 -71.72
CA SER D 211 -38.70 0.56 -72.06
C SER D 211 -38.98 0.85 -73.55
N ASN D 212 -40.25 0.65 -73.97
CA ASN D 212 -40.73 0.75 -75.35
C ASN D 212 -40.16 1.94 -76.13
N ALA D 213 -40.20 3.15 -75.55
CA ALA D 213 -39.78 4.38 -76.22
C ALA D 213 -38.31 4.33 -76.66
N VAL D 214 -37.45 3.75 -75.79
CA VAL D 214 -36.03 3.61 -76.06
C VAL D 214 -35.80 2.64 -77.20
N SER D 215 -36.42 1.44 -77.14
CA SER D 215 -36.34 0.46 -78.22
C SER D 215 -36.80 1.05 -79.55
N LEU D 216 -37.95 1.73 -79.56
CA LEU D 216 -38.50 2.37 -80.76
C LEU D 216 -37.55 3.42 -81.32
N SER D 217 -36.98 4.26 -80.45
CA SER D 217 -35.96 5.25 -80.82
C SER D 217 -34.74 4.58 -81.47
N LEU D 218 -34.32 3.43 -80.93
CA LEU D 218 -33.18 2.69 -81.47
C LEU D 218 -33.50 1.97 -82.78
N ILE D 219 -34.77 1.60 -83.05
CA ILE D 219 -35.19 1.09 -84.37
C ILE D 219 -34.85 2.09 -85.47
N GLU D 220 -34.92 3.39 -85.18
CA GLU D 220 -34.63 4.46 -86.14
C GLU D 220 -33.17 4.44 -86.62
N THR D 221 -32.28 3.73 -85.91
CA THR D 221 -30.88 3.55 -86.32
C THR D 221 -30.73 2.49 -87.42
N ASP D 222 -31.78 1.68 -87.67
CA ASP D 222 -31.76 0.53 -88.56
C ASP D 222 -30.72 -0.53 -88.14
N VAL D 223 -30.38 -0.54 -86.84
CA VAL D 223 -29.46 -1.54 -86.29
C VAL D 223 -29.92 -2.97 -86.55
N ILE D 224 -31.20 -3.19 -86.77
CA ILE D 224 -31.75 -4.51 -87.13
C ILE D 224 -31.04 -5.09 -88.36
N ASP D 225 -30.83 -4.27 -89.39
CA ASP D 225 -30.10 -4.66 -90.59
C ASP D 225 -28.63 -4.95 -90.27
N HIS D 226 -28.01 -4.15 -89.39
CA HIS D 226 -26.67 -4.40 -88.87
C HIS D 226 -26.58 -5.73 -88.12
N ILE D 227 -27.60 -6.05 -87.30
CA ILE D 227 -27.72 -7.32 -86.56
C ILE D 227 -27.78 -8.47 -87.57
N ILE D 228 -28.67 -8.36 -88.56
CA ILE D 228 -28.87 -9.36 -89.61
C ILE D 228 -27.54 -9.61 -90.32
N LEU D 229 -26.90 -8.55 -90.80
CA LEU D 229 -25.60 -8.64 -91.43
C LEU D 229 -24.55 -9.28 -90.51
N THR D 230 -24.57 -8.96 -89.21
CA THR D 230 -23.62 -9.48 -88.24
C THR D 230 -23.73 -11.01 -88.10
N PHE D 231 -24.95 -11.53 -87.85
CA PHE D 231 -25.12 -12.98 -87.74
C PHE D 231 -24.93 -13.69 -89.10
N LYS D 232 -25.32 -13.02 -90.19
CA LYS D 232 -25.13 -13.51 -91.55
C LYS D 232 -23.64 -13.65 -91.91
N ARG D 233 -22.80 -12.72 -91.41
CA ARG D 233 -21.35 -12.73 -91.58
C ARG D 233 -20.70 -13.91 -90.83
N ALA D 234 -21.13 -14.14 -89.57
CA ALA D 234 -20.42 -15.04 -88.67
C ALA D 234 -21.36 -16.04 -87.96
N PRO D 235 -22.12 -16.89 -88.71
CA PRO D 235 -22.95 -17.92 -88.08
C PRO D 235 -22.13 -19.07 -87.49
N GLU D 236 -20.83 -19.11 -87.84
CA GLU D 236 -19.84 -20.04 -87.32
C GLU D 236 -19.58 -19.84 -85.81
N CYS D 237 -19.99 -18.68 -85.26
CA CYS D 237 -19.97 -18.44 -83.82
C CYS D 237 -21.38 -18.62 -83.22
N PRO D 238 -21.63 -19.66 -82.38
CA PRO D 238 -22.91 -19.82 -81.71
C PRO D 238 -23.22 -18.63 -80.81
N ASP D 239 -22.20 -18.00 -80.20
CA ASP D 239 -22.38 -16.90 -79.29
C ASP D 239 -22.92 -15.65 -80.01
N ILE D 240 -22.54 -15.44 -81.28
CA ILE D 240 -23.13 -14.40 -82.13
C ILE D 240 -24.61 -14.68 -82.33
N LEU D 241 -24.96 -15.93 -82.69
CA LEU D 241 -26.35 -16.32 -82.91
C LEU D 241 -27.17 -16.14 -81.62
N ARG D 242 -26.59 -16.46 -80.45
CA ARG D 242 -27.18 -16.22 -79.14
C ARG D 242 -27.46 -14.74 -78.92
N HIS D 243 -26.43 -13.89 -79.07
CA HIS D 243 -26.57 -12.46 -78.82
C HIS D 243 -27.49 -11.77 -79.84
N ALA D 244 -27.53 -12.30 -81.07
CA ALA D 244 -28.50 -11.87 -82.08
C ALA D 244 -29.93 -12.22 -81.64
N ALA D 245 -30.18 -13.50 -81.37
CA ALA D 245 -31.49 -13.98 -80.96
C ALA D 245 -31.95 -13.29 -79.67
N LEU D 246 -31.03 -13.09 -78.72
CA LEU D 246 -31.20 -12.25 -77.52
C LEU D 246 -31.65 -10.84 -77.88
N ALA D 247 -30.92 -10.15 -78.77
CA ALA D 247 -31.24 -8.79 -79.16
C ALA D 247 -32.65 -8.71 -79.76
N LEU D 248 -32.99 -9.68 -80.62
CA LEU D 248 -34.31 -9.78 -81.24
C LEU D 248 -35.40 -10.06 -80.20
N ALA D 249 -35.17 -11.03 -79.30
CA ALA D 249 -36.10 -11.34 -78.22
C ALA D 249 -36.36 -10.09 -77.36
N ASN D 250 -35.27 -9.44 -76.92
CA ASN D 250 -35.31 -8.27 -76.07
C ASN D 250 -36.07 -7.13 -76.75
N ILE D 251 -35.67 -6.75 -77.98
CA ILE D 251 -36.30 -5.62 -78.64
C ILE D 251 -37.79 -5.89 -78.88
N LEU D 252 -38.16 -7.10 -79.33
CA LEU D 252 -39.56 -7.45 -79.53
C LEU D 252 -40.35 -7.38 -78.23
N LEU D 253 -39.77 -7.87 -77.13
CA LEU D 253 -40.38 -7.86 -75.81
C LEU D 253 -40.51 -6.43 -75.25
N TYR D 254 -39.59 -5.54 -75.64
CA TYR D 254 -39.55 -4.16 -75.19
C TYR D 254 -39.89 -3.15 -76.30
N THR D 255 -40.87 -3.46 -77.16
CA THR D 255 -41.32 -2.55 -78.21
C THR D 255 -42.84 -2.63 -78.41
N CYS D 256 -43.42 -1.49 -78.85
CA CYS D 256 -44.83 -1.34 -79.24
C CYS D 256 -45.17 -2.09 -80.54
N PHE D 257 -46.46 -2.07 -80.93
CA PHE D 257 -46.96 -2.71 -82.13
C PHE D 257 -46.26 -2.17 -83.40
N GLU D 258 -46.13 -0.84 -83.49
CA GLU D 258 -45.55 -0.18 -84.65
C GLU D 258 -44.08 -0.57 -84.83
N GLY D 259 -43.32 -0.53 -83.74
CA GLY D 259 -41.92 -0.97 -83.75
C GLY D 259 -41.75 -2.45 -84.07
N LYS D 260 -42.61 -3.32 -83.51
CA LYS D 260 -42.68 -4.74 -83.85
C LYS D 260 -42.88 -4.92 -85.36
N LYS D 261 -43.85 -4.18 -85.94
CA LYS D 261 -44.09 -4.16 -87.38
C LYS D 261 -42.85 -3.77 -88.18
N LYS D 262 -42.14 -2.70 -87.77
CA LYS D 262 -40.88 -2.27 -88.35
C LYS D 262 -39.80 -3.35 -88.29
N ILE D 263 -39.66 -4.04 -87.14
CA ILE D 263 -38.75 -5.16 -86.96
C ILE D 263 -39.09 -6.28 -87.95
N ILE D 264 -40.37 -6.66 -88.03
CA ILE D 264 -40.87 -7.73 -88.88
C ILE D 264 -40.58 -7.44 -90.36
N GLN D 265 -40.74 -6.18 -90.79
CA GLN D 265 -40.43 -5.73 -92.14
C GLN D 265 -38.98 -6.01 -92.58
N LYS D 266 -38.06 -6.18 -91.62
CA LYS D 266 -36.68 -6.58 -91.86
C LYS D 266 -36.55 -8.10 -92.06
N LYS D 267 -37.65 -8.78 -92.44
CA LYS D 267 -37.78 -10.23 -92.64
C LYS D 267 -37.42 -11.02 -91.39
N ILE D 268 -37.72 -10.46 -90.22
CA ILE D 268 -37.26 -11.02 -88.95
C ILE D 268 -37.94 -12.36 -88.62
N PRO D 269 -39.23 -12.63 -88.94
CA PRO D 269 -39.78 -13.98 -88.78
C PRO D 269 -38.97 -15.05 -89.52
N GLU D 270 -38.51 -14.76 -90.74
CA GLU D 270 -37.71 -15.66 -91.55
C GLU D 270 -36.29 -15.79 -90.97
N TRP D 271 -35.70 -14.70 -90.46
CA TRP D 271 -34.45 -14.79 -89.73
C TRP D 271 -34.58 -15.58 -88.43
N LEU D 272 -35.72 -15.48 -87.76
CA LEU D 272 -35.98 -16.28 -86.57
C LEU D 272 -36.20 -17.75 -86.91
N PHE D 273 -36.77 -18.05 -88.09
CA PHE D 273 -36.75 -19.41 -88.62
C PHE D 273 -35.32 -19.92 -88.77
N PHE D 274 -34.47 -19.14 -89.43
CA PHE D 274 -33.05 -19.42 -89.59
C PHE D 274 -32.41 -19.73 -88.22
N LEU D 275 -32.55 -18.81 -87.26
CA LEU D 275 -32.00 -18.94 -85.92
C LEU D 275 -32.53 -20.17 -85.17
N ALA D 276 -33.85 -20.40 -85.19
CA ALA D 276 -34.47 -21.56 -84.57
C ALA D 276 -34.10 -22.88 -85.28
N SER D 277 -33.61 -22.81 -86.52
CA SER D 277 -33.10 -23.96 -87.27
C SER D 277 -31.64 -24.31 -86.93
N GLN D 278 -30.89 -23.39 -86.29
CA GLN D 278 -29.52 -23.65 -85.88
C GLN D 278 -29.48 -24.66 -84.73
N ALA D 279 -28.37 -25.40 -84.62
CA ALA D 279 -28.20 -26.47 -83.64
C ALA D 279 -28.08 -25.99 -82.20
N ASP D 280 -27.76 -24.69 -82.00
CA ASP D 280 -27.60 -24.12 -80.66
C ASP D 280 -28.93 -23.91 -79.95
N ASP D 281 -29.13 -24.65 -78.85
CA ASP D 281 -30.35 -24.58 -78.05
C ASP D 281 -30.60 -23.20 -77.45
N VAL D 282 -29.55 -22.43 -77.13
CA VAL D 282 -29.73 -21.10 -76.54
C VAL D 282 -30.24 -20.10 -77.59
N THR D 283 -29.62 -20.13 -78.78
CA THR D 283 -30.13 -19.42 -79.96
C THR D 283 -31.58 -19.82 -80.23
N ARG D 284 -31.88 -21.13 -80.24
CA ARG D 284 -33.23 -21.63 -80.49
C ARG D 284 -34.21 -21.12 -79.43
N TYR D 285 -33.84 -21.17 -78.15
CA TYR D 285 -34.63 -20.64 -77.04
C TYR D 285 -35.01 -19.18 -77.28
N TYR D 286 -34.00 -18.33 -77.51
CA TYR D 286 -34.24 -16.91 -77.79
C TYR D 286 -35.06 -16.71 -79.05
N ALA D 287 -34.80 -17.49 -80.11
CA ALA D 287 -35.55 -17.40 -81.36
C ALA D 287 -37.02 -17.78 -81.15
N CYS D 288 -37.28 -18.84 -80.36
CA CYS D 288 -38.62 -19.26 -79.97
C CYS D 288 -39.34 -18.18 -79.17
N ILE D 289 -38.65 -17.55 -78.22
CA ILE D 289 -39.19 -16.42 -77.44
C ILE D 289 -39.55 -15.26 -78.39
N ALA D 290 -38.61 -14.87 -79.25
CA ALA D 290 -38.79 -13.78 -80.19
C ALA D 290 -40.01 -14.03 -81.10
N VAL D 291 -40.09 -15.21 -81.73
CA VAL D 291 -41.23 -15.49 -82.61
C VAL D 291 -42.51 -15.59 -81.80
N CYS D 292 -42.48 -16.19 -80.61
CA CYS D 292 -43.67 -16.30 -79.79
C CYS D 292 -44.15 -14.93 -79.27
N THR D 293 -43.22 -13.97 -79.13
CA THR D 293 -43.55 -12.58 -78.87
C THR D 293 -44.33 -11.99 -80.06
N ILE D 294 -43.88 -12.27 -81.28
CA ILE D 294 -44.57 -11.88 -82.51
C ILE D 294 -45.94 -12.55 -82.63
N VAL D 295 -46.00 -13.89 -82.42
CA VAL D 295 -47.19 -14.73 -82.44
C VAL D 295 -48.23 -14.28 -81.41
N SER D 296 -47.79 -13.64 -80.31
CA SER D 296 -48.67 -13.07 -79.31
C SER D 296 -49.47 -11.87 -79.84
N VAL D 297 -49.14 -11.36 -81.04
CA VAL D 297 -49.83 -10.26 -81.71
C VAL D 297 -50.67 -10.79 -82.88
N LYS D 298 -51.98 -10.48 -82.84
CA LYS D 298 -53.02 -10.78 -83.81
C LYS D 298 -52.55 -10.73 -85.27
N GLU D 299 -51.98 -9.60 -85.72
CA GLU D 299 -51.68 -9.36 -87.14
C GLU D 299 -50.55 -10.26 -87.66
N PHE D 300 -49.71 -10.76 -86.73
CA PHE D 300 -48.39 -11.29 -87.06
C PHE D 300 -48.29 -12.82 -86.98
N GLU D 301 -49.30 -13.50 -86.44
CA GLU D 301 -49.36 -14.97 -86.49
C GLU D 301 -49.20 -15.50 -87.92
N PRO D 302 -49.90 -14.97 -88.96
CA PRO D 302 -49.71 -15.41 -90.34
C PRO D 302 -48.29 -15.21 -90.85
N LEU D 303 -47.61 -14.15 -90.40
CA LEU D 303 -46.23 -13.86 -90.81
C LEU D 303 -45.27 -14.89 -90.23
N VAL D 304 -45.49 -15.31 -88.97
CA VAL D 304 -44.71 -16.40 -88.39
C VAL D 304 -45.11 -17.76 -88.97
N ARG D 305 -46.38 -17.96 -89.32
CA ARG D 305 -46.83 -19.15 -90.03
C ARG D 305 -46.10 -19.29 -91.38
N LYS D 306 -45.98 -18.18 -92.13
CA LYS D 306 -45.23 -18.08 -93.37
C LYS D 306 -43.73 -18.32 -93.15
N SER D 307 -43.19 -17.95 -91.98
CA SER D 307 -41.81 -18.28 -91.61
C SER D 307 -41.63 -19.76 -91.26
N ASP D 308 -42.72 -20.51 -91.03
CA ASP D 308 -42.72 -21.88 -90.51
C ASP D 308 -42.20 -22.04 -89.08
N THR D 309 -41.73 -20.97 -88.41
CA THR D 309 -41.00 -21.13 -87.15
C THR D 309 -41.81 -21.80 -86.03
N MET D 310 -43.13 -21.57 -85.99
CA MET D 310 -44.01 -22.21 -85.02
C MET D 310 -43.94 -23.74 -85.06
N LYS D 311 -43.64 -24.32 -86.23
CA LYS D 311 -43.49 -25.77 -86.42
C LYS D 311 -42.26 -26.33 -85.69
N LEU D 312 -41.21 -25.48 -85.52
CA LEU D 312 -40.02 -25.82 -84.77
C LEU D 312 -40.22 -25.73 -83.26
N VAL D 313 -41.11 -24.82 -82.79
CA VAL D 313 -41.24 -24.39 -81.40
C VAL D 313 -41.46 -25.59 -80.46
N GLU D 314 -42.60 -26.29 -80.63
CA GLU D 314 -42.97 -27.33 -79.69
C GLU D 314 -41.97 -28.49 -79.72
N PRO D 315 -41.51 -29.00 -80.89
CA PRO D 315 -40.42 -29.98 -80.94
C PRO D 315 -39.15 -29.56 -80.19
N PHE D 316 -38.74 -28.30 -80.34
CA PHE D 316 -37.60 -27.76 -79.59
C PHE D 316 -37.82 -27.87 -78.08
N LEU D 317 -39.01 -27.50 -77.60
CA LEU D 317 -39.36 -27.63 -76.19
C LEU D 317 -39.39 -29.09 -75.75
N GLN D 318 -40.01 -29.96 -76.56
CA GLN D 318 -40.22 -31.38 -76.25
C GLN D 318 -38.92 -32.13 -75.97
N VAL D 319 -37.84 -31.77 -76.69
CA VAL D 319 -36.53 -32.42 -76.55
C VAL D 319 -35.69 -31.85 -75.41
N HIS D 320 -36.28 -31.00 -74.54
CA HIS D 320 -35.63 -30.41 -73.38
C HIS D 320 -36.50 -30.47 -72.13
N ASP D 321 -35.85 -30.38 -70.96
CA ASP D 321 -36.49 -30.06 -69.69
C ASP D 321 -35.98 -28.69 -69.26
N PRO D 322 -36.82 -27.79 -68.70
CA PRO D 322 -36.36 -26.49 -68.20
C PRO D 322 -35.10 -26.50 -67.34
N ALA D 323 -34.97 -27.50 -66.44
CA ALA D 323 -33.80 -27.60 -65.57
C ALA D 323 -32.53 -28.02 -66.33
N THR D 324 -32.66 -28.94 -67.31
CA THR D 324 -31.56 -29.35 -68.15
C THR D 324 -31.09 -28.16 -68.99
N PHE D 325 -32.03 -27.39 -69.56
CA PHE D 325 -31.68 -26.19 -70.29
C PHE D 325 -31.01 -25.16 -69.35
N ALA D 326 -31.58 -24.99 -68.15
CA ALA D 326 -31.13 -23.98 -67.20
C ALA D 326 -29.66 -24.14 -66.87
N ARG D 327 -29.19 -25.37 -66.63
CA ARG D 327 -27.82 -25.68 -66.29
C ARG D 327 -26.83 -25.31 -67.41
N ASP D 328 -27.28 -25.35 -68.68
CA ASP D 328 -26.51 -24.89 -69.82
C ASP D 328 -26.59 -23.39 -70.02
N TYR D 329 -27.82 -22.88 -69.89
CA TYR D 329 -28.21 -21.50 -70.19
C TYR D 329 -27.78 -20.51 -69.09
N HIS D 330 -27.43 -20.99 -67.89
CA HIS D 330 -27.23 -20.11 -66.75
C HIS D 330 -26.33 -18.91 -67.00
N LYS D 331 -25.22 -19.12 -67.73
CA LYS D 331 -24.24 -18.14 -68.23
C LYS D 331 -24.91 -16.93 -68.90
N TYR D 332 -26.10 -17.14 -69.50
CA TYR D 332 -26.90 -16.13 -70.19
C TYR D 332 -28.11 -15.68 -69.36
N ALA D 333 -28.61 -16.59 -68.50
CA ALA D 333 -29.75 -16.33 -67.64
C ALA D 333 -29.40 -15.34 -66.52
N GLN D 334 -28.12 -15.31 -66.12
CA GLN D 334 -27.57 -14.33 -65.17
C GLN D 334 -27.95 -12.91 -65.65
N GLY D 335 -28.77 -12.24 -64.86
CA GLY D 335 -29.24 -10.90 -65.17
C GLY D 335 -30.71 -10.79 -65.59
N ASN D 336 -31.42 -11.93 -65.76
CA ASN D 336 -32.83 -11.90 -66.10
C ASN D 336 -33.64 -11.26 -64.99
N THR D 337 -34.63 -10.40 -65.33
CA THR D 337 -35.16 -9.40 -64.41
C THR D 337 -36.69 -9.28 -64.43
N LYS D 338 -37.27 -8.78 -63.33
CA LYS D 338 -38.69 -8.74 -63.04
C LYS D 338 -39.49 -8.12 -64.19
N GLU D 339 -39.10 -6.93 -64.68
CA GLU D 339 -39.89 -6.25 -65.71
C GLU D 339 -39.91 -7.03 -67.03
N TRP D 340 -38.80 -7.71 -67.32
CA TRP D 340 -38.66 -8.56 -68.49
C TRP D 340 -39.55 -9.81 -68.33
N LEU D 341 -39.67 -10.34 -67.10
CA LEU D 341 -40.68 -11.35 -66.76
C LEU D 341 -42.12 -10.83 -66.90
N GLU D 342 -42.41 -9.62 -66.40
CA GLU D 342 -43.74 -9.00 -66.50
C GLU D 342 -44.18 -8.91 -67.96
N ARG D 343 -43.23 -8.66 -68.88
CA ARG D 343 -43.49 -8.58 -70.31
C ARG D 343 -43.64 -9.95 -70.96
N LEU D 344 -43.03 -11.00 -70.39
CA LEU D 344 -43.16 -12.37 -70.86
C LEU D 344 -44.47 -13.03 -70.37
N LEU D 345 -44.98 -12.59 -69.21
CA LEU D 345 -46.18 -13.12 -68.59
C LEU D 345 -47.38 -13.18 -69.56
N PRO D 346 -47.73 -12.13 -70.34
CA PRO D 346 -48.77 -12.20 -71.36
C PRO D 346 -48.74 -13.37 -72.34
N MET D 347 -47.55 -13.97 -72.55
CA MET D 347 -47.42 -15.11 -73.45
C MET D 347 -47.99 -16.40 -72.86
N LEU D 348 -48.23 -16.46 -71.54
CA LEU D 348 -48.93 -17.56 -70.88
C LEU D 348 -50.45 -17.50 -71.11
N GLN D 349 -51.01 -16.36 -71.56
CA GLN D 349 -52.46 -16.16 -71.52
C GLN D 349 -53.20 -17.08 -72.49
N PRO D 350 -54.40 -17.62 -72.12
CA PRO D 350 -55.24 -18.43 -73.01
C PRO D 350 -55.62 -17.82 -74.36
N SER D 351 -55.42 -16.52 -74.53
CA SER D 351 -55.58 -15.79 -75.79
C SER D 351 -54.50 -16.15 -76.82
N ARG D 352 -53.32 -16.57 -76.34
CA ARG D 352 -52.15 -16.82 -77.17
C ARG D 352 -52.15 -18.24 -77.74
N ARG D 353 -51.31 -18.47 -78.76
CA ARG D 353 -51.08 -19.79 -79.35
C ARG D 353 -50.54 -20.79 -78.32
N ARG D 354 -50.84 -22.08 -78.54
CA ARG D 354 -50.22 -23.20 -77.84
C ARG D 354 -48.69 -23.11 -77.81
N GLU D 355 -48.07 -22.77 -78.96
CA GLU D 355 -46.63 -22.55 -79.07
C GLU D 355 -46.14 -21.51 -78.05
N ALA D 356 -46.74 -20.31 -78.08
CA ALA D 356 -46.39 -19.19 -77.21
C ALA D 356 -46.55 -19.56 -75.75
N ARG D 357 -47.70 -20.18 -75.39
CA ARG D 357 -47.96 -20.68 -74.05
C ARG D 357 -46.92 -21.71 -73.61
N SER D 358 -46.52 -22.62 -74.54
CA SER D 358 -45.53 -23.65 -74.25
C SER D 358 -44.16 -23.04 -73.97
N VAL D 359 -43.72 -22.09 -74.81
CA VAL D 359 -42.46 -21.37 -74.64
C VAL D 359 -42.47 -20.63 -73.32
N ALA D 360 -43.54 -19.85 -73.08
CA ALA D 360 -43.69 -19.07 -71.86
C ALA D 360 -43.64 -19.98 -70.63
N ALA D 361 -44.40 -21.08 -70.65
CA ALA D 361 -44.44 -22.02 -69.55
C ALA D 361 -43.06 -22.61 -69.26
N PHE D 362 -42.38 -23.14 -70.29
CA PHE D 362 -41.02 -23.68 -70.18
C PHE D 362 -40.08 -22.64 -69.56
N HIS D 363 -40.15 -21.42 -70.10
CA HIS D 363 -39.33 -20.30 -69.67
C HIS D 363 -39.59 -19.96 -68.20
N PHE D 364 -40.87 -19.84 -67.79
CA PHE D 364 -41.21 -19.57 -66.40
C PHE D 364 -40.78 -20.71 -65.48
N THR D 365 -40.75 -21.96 -65.95
CA THR D 365 -40.15 -23.03 -65.18
C THR D 365 -38.65 -22.84 -64.98
N LEU D 366 -37.95 -22.46 -66.05
CA LEU D 366 -36.53 -22.11 -65.98
C LEU D 366 -36.29 -21.02 -64.94
N GLU D 367 -37.06 -19.91 -65.06
CA GLU D 367 -36.95 -18.79 -64.15
C GLU D 367 -37.28 -19.18 -62.72
N ALA D 368 -38.36 -19.95 -62.51
CA ALA D 368 -38.68 -20.48 -61.20
C ALA D 368 -37.50 -21.27 -60.63
N THR D 369 -36.84 -22.08 -61.45
CA THR D 369 -35.65 -22.84 -61.04
C THR D 369 -34.57 -21.90 -60.52
N ILE D 370 -34.23 -20.88 -61.32
CA ILE D 370 -33.20 -19.91 -60.97
C ILE D 370 -33.58 -19.08 -59.74
N LYS D 371 -34.85 -18.67 -59.66
CA LYS D 371 -35.34 -17.87 -58.54
C LYS D 371 -35.49 -18.71 -57.27
N LYS D 372 -35.62 -20.03 -57.34
CA LYS D 372 -35.49 -20.88 -56.18
C LYS D 372 -34.06 -20.81 -55.63
N GLU D 373 -33.07 -20.95 -56.51
CA GLU D 373 -31.67 -20.89 -56.14
C GLU D 373 -31.34 -19.54 -55.48
N GLN D 374 -31.82 -18.44 -56.10
CA GLN D 374 -31.64 -17.09 -55.59
C GLN D 374 -32.53 -16.77 -54.38
N ASN D 375 -33.47 -17.63 -54.04
CA ASN D 375 -34.49 -17.42 -53.02
C ASN D 375 -35.33 -16.15 -53.27
N LYS D 376 -35.86 -16.04 -54.50
CA LYS D 376 -36.67 -14.90 -54.94
C LYS D 376 -37.90 -15.37 -55.74
N LEU D 377 -38.52 -16.47 -55.30
CA LEU D 377 -39.73 -17.02 -55.90
C LEU D 377 -40.92 -16.08 -55.75
N ASP D 378 -40.85 -15.19 -54.74
CA ASP D 378 -41.83 -14.15 -54.46
C ASP D 378 -42.17 -13.31 -55.70
N VAL D 379 -41.21 -13.13 -56.62
CA VAL D 379 -41.41 -12.39 -57.86
C VAL D 379 -42.65 -12.84 -58.62
N PHE D 380 -42.89 -14.15 -58.71
CA PHE D 380 -44.01 -14.70 -59.48
C PHE D 380 -45.36 -14.43 -58.81
N GLN D 381 -45.38 -14.27 -57.48
CA GLN D 381 -46.53 -13.78 -56.74
C GLN D 381 -46.74 -12.28 -56.96
N GLU D 382 -45.63 -11.51 -56.90
CA GLU D 382 -45.66 -10.07 -57.06
C GLU D 382 -46.22 -9.66 -58.43
N ILE D 383 -45.76 -10.32 -59.51
CA ILE D 383 -46.22 -10.04 -60.86
C ILE D 383 -47.51 -10.81 -61.18
N GLY D 384 -47.98 -11.69 -60.28
CA GLY D 384 -49.20 -12.47 -60.45
C GLY D 384 -49.09 -13.59 -61.48
N ALA D 385 -47.86 -13.95 -61.91
CA ALA D 385 -47.59 -15.03 -62.85
C ALA D 385 -48.13 -16.39 -62.38
N ILE D 386 -48.21 -16.57 -61.02
CA ILE D 386 -48.73 -17.81 -60.44
C ILE D 386 -50.14 -18.14 -60.97
N GLN D 387 -50.99 -17.12 -61.11
CA GLN D 387 -52.34 -17.28 -61.63
C GLN D 387 -52.32 -17.74 -63.09
N ALA D 388 -51.51 -17.10 -63.94
CA ALA D 388 -51.39 -17.49 -65.34
C ALA D 388 -50.80 -18.89 -65.49
N LEU D 389 -49.87 -19.29 -64.62
CA LEU D 389 -49.35 -20.65 -64.57
C LEU D 389 -50.45 -21.64 -64.19
N LYS D 390 -51.31 -21.31 -63.22
CA LYS D 390 -52.46 -22.13 -62.86
C LYS D 390 -53.42 -22.29 -64.06
N GLU D 391 -53.73 -21.20 -64.76
CA GLU D 391 -54.53 -21.21 -65.97
C GLU D 391 -53.93 -22.14 -67.04
N VAL D 392 -52.63 -22.03 -67.30
CA VAL D 392 -51.94 -22.88 -68.26
C VAL D 392 -51.90 -24.33 -67.79
N ALA D 393 -51.65 -24.58 -66.50
CA ALA D 393 -51.68 -25.92 -65.91
C ALA D 393 -53.06 -26.58 -66.07
N SER D 394 -54.14 -25.81 -65.97
CA SER D 394 -55.51 -26.25 -66.25
C SER D 394 -55.85 -26.35 -67.74
N SER D 395 -55.09 -25.71 -68.62
CA SER D 395 -55.38 -25.64 -70.05
C SER D 395 -55.15 -26.99 -70.75
N PRO D 396 -55.79 -27.22 -71.93
CA PRO D 396 -55.52 -28.42 -72.72
C PRO D 396 -54.18 -28.44 -73.47
N ASP D 397 -53.39 -27.36 -73.36
CA ASP D 397 -52.06 -27.27 -73.98
C ASP D 397 -51.06 -28.14 -73.20
N GLU D 398 -51.11 -29.47 -73.39
CA GLU D 398 -50.48 -30.43 -72.48
C GLU D 398 -49.01 -30.12 -72.14
N VAL D 399 -48.22 -29.77 -73.14
CA VAL D 399 -46.81 -29.39 -73.00
C VAL D 399 -46.66 -28.16 -72.10
N ALA D 400 -47.38 -27.08 -72.44
CA ALA D 400 -47.43 -25.86 -71.63
C ALA D 400 -47.94 -26.17 -70.22
N ALA D 401 -49.02 -26.95 -70.12
CA ALA D 401 -49.66 -27.31 -68.86
C ALA D 401 -48.69 -28.08 -67.95
N LYS D 402 -47.92 -29.02 -68.52
CA LYS D 402 -46.87 -29.75 -67.81
C LYS D 402 -45.83 -28.79 -67.25
N PHE D 403 -45.22 -27.96 -68.10
CA PHE D 403 -44.23 -26.98 -67.66
C PHE D 403 -44.80 -26.02 -66.61
N ALA D 404 -46.04 -25.56 -66.79
CA ALA D 404 -46.71 -24.69 -65.82
C ALA D 404 -46.91 -25.39 -64.47
N SER D 405 -47.34 -26.66 -64.51
CA SER D 405 -47.47 -27.52 -63.33
C SER D 405 -46.12 -27.67 -62.63
N GLU D 406 -45.06 -27.92 -63.41
CA GLU D 406 -43.69 -28.02 -62.91
C GLU D 406 -43.25 -26.70 -62.27
N ALA D 407 -43.54 -25.57 -62.93
CA ALA D 407 -43.25 -24.25 -62.38
C ALA D 407 -43.94 -24.06 -61.02
N LEU D 408 -45.24 -24.36 -60.95
CA LEU D 408 -46.01 -24.30 -59.71
C LEU D 408 -45.45 -25.26 -58.65
N THR D 409 -44.92 -26.42 -59.07
CA THR D 409 -44.22 -27.36 -58.20
C THR D 409 -42.99 -26.71 -57.57
N VAL D 410 -42.24 -25.93 -58.37
CA VAL D 410 -41.09 -25.17 -57.91
C VAL D 410 -41.50 -24.01 -57.00
N ILE D 411 -42.65 -23.35 -57.26
CA ILE D 411 -43.14 -22.21 -56.49
C ILE D 411 -43.31 -22.55 -55.00
N GLY D 412 -43.98 -23.67 -54.67
CA GLY D 412 -44.06 -24.17 -53.30
C GLY D 412 -44.84 -23.25 -52.36
N GLU D 413 -44.13 -22.63 -51.39
CA GLU D 413 -44.70 -21.79 -50.35
C GLU D 413 -43.83 -20.56 -50.06
N GLU D 414 -44.45 -19.50 -49.51
CA GLU D 414 -43.84 -18.23 -49.16
C GLU D 414 -42.83 -18.34 -48.00
N VAL D 415 -41.94 -17.36 -47.89
CA VAL D 415 -41.23 -17.10 -46.64
C VAL D 415 -42.15 -16.44 -45.63
N PRO D 416 -41.96 -16.72 -44.34
CA PRO D 416 -42.74 -16.05 -43.29
C PRO D 416 -42.37 -14.57 -43.18
N TYR D 417 -41.06 -14.31 -43.11
CA TYR D 417 -40.52 -12.95 -43.20
C TYR D 417 -39.25 -13.00 -44.04
N LYS D 418 -39.13 -12.01 -44.93
CA LYS D 418 -37.81 -11.64 -45.40
C LYS D 418 -37.29 -10.56 -44.46
N LEU D 419 -36.20 -10.87 -43.72
CA LEU D 419 -35.71 -9.91 -42.74
C LEU D 419 -34.94 -8.79 -43.43
N ALA D 420 -35.24 -7.55 -43.03
CA ALA D 420 -34.45 -6.41 -43.45
C ALA D 420 -33.08 -6.46 -42.78
N GLN D 421 -32.01 -6.30 -43.59
CA GLN D 421 -30.66 -6.24 -43.09
C GLN D 421 -30.45 -5.05 -42.15
N GLN D 422 -31.32 -4.04 -42.21
CA GLN D 422 -31.37 -2.97 -41.23
C GLN D 422 -32.01 -3.48 -39.93
N VAL D 423 -31.31 -4.39 -39.26
CA VAL D 423 -31.88 -5.09 -38.12
C VAL D 423 -32.25 -4.17 -36.98
N PRO D 424 -31.67 -2.97 -36.75
CA PRO D 424 -32.16 -2.09 -35.69
C PRO D 424 -33.65 -1.78 -35.88
N GLY D 425 -34.13 -1.79 -37.13
CA GLY D 425 -35.54 -1.57 -37.41
C GLY D 425 -36.46 -2.75 -37.06
N TRP D 426 -35.91 -3.87 -36.60
CA TRP D 426 -36.74 -5.03 -36.30
C TRP D 426 -37.74 -4.78 -35.17
N THR D 427 -38.97 -5.20 -35.40
CA THR D 427 -40.02 -5.34 -34.41
C THR D 427 -39.75 -6.52 -33.50
N CYS D 428 -40.48 -6.60 -32.38
CA CYS D 428 -40.41 -7.78 -31.55
C CYS D 428 -40.82 -9.04 -32.33
N ALA D 429 -41.79 -8.90 -33.24
CA ALA D 429 -42.19 -10.02 -34.07
C ALA D 429 -41.01 -10.59 -34.89
N ASP D 430 -40.21 -9.68 -35.44
CA ASP D 430 -39.02 -10.08 -36.16
C ASP D 430 -38.05 -10.82 -35.24
N VAL D 431 -37.79 -10.27 -34.06
CA VAL D 431 -36.88 -10.92 -33.15
C VAL D 431 -37.40 -12.31 -32.80
N GLN D 432 -38.70 -12.42 -32.52
CA GLN D 432 -39.30 -13.69 -32.18
C GLN D 432 -39.03 -14.69 -33.30
N TYR D 433 -39.28 -14.28 -34.54
CA TYR D 433 -39.05 -15.12 -35.69
C TYR D 433 -37.60 -15.58 -35.80
N TRP D 434 -36.68 -14.64 -35.59
CA TRP D 434 -35.25 -14.93 -35.63
C TRP D 434 -34.88 -15.96 -34.56
N VAL D 435 -35.20 -15.65 -33.30
CA VAL D 435 -34.93 -16.50 -32.15
C VAL D 435 -35.47 -17.90 -32.40
N LYS D 436 -36.73 -17.97 -32.88
CA LYS D 436 -37.38 -19.23 -33.19
C LYS D 436 -36.49 -20.00 -34.15
N LYS D 437 -36.16 -19.37 -35.26
CA LYS D 437 -35.53 -20.06 -36.36
C LYS D 437 -34.09 -20.46 -36.06
N ILE D 438 -33.37 -19.66 -35.25
CA ILE D 438 -32.05 -20.06 -34.80
C ILE D 438 -32.09 -21.15 -33.73
N GLY D 439 -33.29 -21.61 -33.34
CA GLY D 439 -33.43 -22.81 -32.54
C GLY D 439 -33.49 -22.53 -31.04
N PHE D 440 -34.17 -21.44 -30.68
CA PHE D 440 -34.35 -21.06 -29.29
C PHE D 440 -35.84 -20.83 -29.01
N GLU D 441 -36.69 -21.68 -29.61
CA GLU D 441 -38.14 -21.57 -29.63
C GLU D 441 -38.73 -21.43 -28.23
N GLU D 442 -38.20 -22.22 -27.29
CA GLU D 442 -38.73 -22.22 -25.93
C GLU D 442 -38.59 -20.88 -25.23
N TYR D 443 -37.71 -20.02 -25.75
CA TYR D 443 -37.48 -18.70 -25.15
C TYR D 443 -38.36 -17.62 -25.79
N VAL D 444 -38.99 -17.92 -26.92
CA VAL D 444 -39.64 -16.90 -27.75
C VAL D 444 -40.67 -16.14 -26.94
N GLU D 445 -41.47 -16.89 -26.17
CA GLU D 445 -42.47 -16.29 -25.29
C GLU D 445 -41.84 -15.27 -24.33
N LYS D 446 -40.65 -15.60 -23.83
CA LYS D 446 -39.96 -14.73 -22.90
C LYS D 446 -39.43 -13.49 -23.61
N PHE D 447 -38.88 -13.65 -24.82
CA PHE D 447 -38.52 -12.51 -25.64
C PHE D 447 -39.70 -11.57 -25.89
N ALA D 448 -40.86 -12.16 -26.20
CA ALA D 448 -42.09 -11.43 -26.40
C ALA D 448 -42.49 -10.68 -25.13
N LYS D 449 -42.50 -11.40 -24.00
CA LYS D 449 -42.81 -10.84 -22.69
C LYS D 449 -41.85 -9.70 -22.34
N GLN D 450 -40.57 -9.88 -22.67
CA GLN D 450 -39.57 -8.87 -22.44
C GLN D 450 -39.57 -7.77 -23.51
N MET D 451 -40.41 -7.89 -24.53
CA MET D 451 -40.62 -6.87 -25.55
C MET D 451 -39.30 -6.46 -26.22
N VAL D 452 -38.48 -7.47 -26.55
CA VAL D 452 -37.19 -7.24 -27.17
C VAL D 452 -37.38 -6.80 -28.63
N ASP D 453 -36.59 -5.82 -29.08
CA ASP D 453 -36.69 -5.29 -30.43
C ASP D 453 -35.30 -5.25 -31.08
N GLY D 454 -35.26 -4.77 -32.32
CA GLY D 454 -34.10 -4.67 -33.14
C GLY D 454 -32.94 -3.93 -32.51
N ASP D 455 -33.20 -2.88 -31.76
CA ASP D 455 -32.17 -2.19 -31.02
C ASP D 455 -31.73 -3.04 -29.84
N LEU D 456 -32.70 -3.49 -29.04
CA LEU D 456 -32.44 -4.21 -27.83
C LEU D 456 -31.61 -5.46 -28.05
N LEU D 457 -31.87 -6.21 -29.14
CA LEU D 457 -31.04 -7.34 -29.48
C LEU D 457 -29.57 -6.97 -29.48
N LEU D 458 -29.28 -5.86 -30.12
CA LEU D 458 -27.89 -5.49 -30.35
C LEU D 458 -27.20 -5.07 -29.05
N GLN D 459 -27.96 -4.75 -28.01
CA GLN D 459 -27.36 -4.53 -26.70
C GLN D 459 -27.14 -5.82 -25.88
N LEU D 460 -27.70 -6.95 -26.29
CA LEU D 460 -27.78 -8.07 -25.36
C LEU D 460 -26.41 -8.58 -24.88
N THR D 461 -26.24 -8.66 -23.57
CA THR D 461 -25.12 -9.32 -22.91
C THR D 461 -25.60 -10.63 -22.33
N GLU D 462 -24.66 -11.49 -21.94
CA GLU D 462 -25.06 -12.77 -21.41
C GLU D 462 -25.87 -12.61 -20.12
N ASN D 463 -25.62 -11.54 -19.36
CA ASN D 463 -26.38 -11.24 -18.16
C ASN D 463 -27.86 -11.10 -18.45
N ASP D 464 -28.17 -10.42 -19.54
CA ASP D 464 -29.54 -10.20 -19.94
C ASP D 464 -30.23 -11.52 -20.24
N LEU D 465 -29.50 -12.41 -20.92
CA LEU D 465 -29.99 -13.75 -21.16
C LEU D 465 -30.19 -14.48 -19.84
N LYS D 466 -29.15 -14.46 -19.00
CA LYS D 466 -29.08 -15.17 -17.74
C LYS D 466 -30.24 -14.79 -16.84
N HIS D 467 -30.55 -13.49 -16.77
CA HIS D 467 -31.54 -12.96 -15.85
C HIS D 467 -32.90 -12.75 -16.50
N ASP D 468 -32.99 -11.82 -17.46
CA ASP D 468 -34.30 -11.43 -17.99
C ASP D 468 -34.89 -12.47 -18.94
N VAL D 469 -34.04 -13.17 -19.69
CA VAL D 469 -34.50 -14.31 -20.45
C VAL D 469 -34.48 -15.59 -19.62
N GLY D 470 -33.83 -15.56 -18.45
CA GLY D 470 -33.76 -16.69 -17.52
C GLY D 470 -32.98 -17.87 -18.10
N MET D 471 -32.01 -17.58 -18.94
CA MET D 471 -31.46 -18.58 -19.85
C MET D 471 -30.18 -19.12 -19.22
N ILE D 472 -30.30 -20.31 -18.61
CA ILE D 472 -29.39 -20.78 -17.57
C ILE D 472 -28.13 -21.41 -18.17
N SER D 473 -28.29 -22.15 -19.28
CA SER D 473 -27.16 -22.85 -19.88
C SER D 473 -26.15 -21.90 -20.48
N GLY D 474 -24.96 -21.84 -19.89
CA GLY D 474 -23.88 -21.04 -20.45
C GLY D 474 -23.58 -21.48 -21.89
N LEU D 475 -23.63 -22.78 -22.16
CA LEU D 475 -23.44 -23.28 -23.50
C LEU D 475 -24.48 -22.72 -24.45
N HIS D 476 -25.75 -22.79 -24.05
CA HIS D 476 -26.79 -22.18 -24.86
C HIS D 476 -26.50 -20.70 -25.06
N ARG D 477 -26.04 -19.99 -24.04
CA ARG D 477 -25.66 -18.60 -24.16
C ARG D 477 -24.54 -18.43 -25.20
N LYS D 478 -23.48 -19.24 -25.11
CA LYS D 478 -22.40 -19.18 -26.08
C LYS D 478 -22.96 -19.30 -27.50
N ARG D 479 -23.75 -20.36 -27.72
CA ARG D 479 -24.38 -20.64 -28.99
C ARG D 479 -25.19 -19.45 -29.47
N PHE D 480 -26.04 -18.94 -28.61
CA PHE D 480 -26.88 -17.79 -28.91
C PHE D 480 -26.03 -16.59 -29.33
N LEU D 481 -25.02 -16.29 -28.52
CA LEU D 481 -24.18 -15.14 -28.75
C LEU D 481 -23.42 -15.27 -30.06
N ARG D 482 -22.98 -16.47 -30.42
CA ARG D 482 -22.38 -16.71 -31.71
C ARG D 482 -23.31 -16.27 -32.83
N GLU D 483 -24.58 -16.64 -32.75
CA GLU D 483 -25.54 -16.24 -33.77
C GLU D 483 -25.70 -14.72 -33.75
N LEU D 484 -25.83 -14.14 -32.56
CA LEU D 484 -25.99 -12.72 -32.43
C LEU D 484 -24.79 -11.98 -33.03
N GLN D 485 -23.58 -12.45 -32.77
CA GLN D 485 -22.36 -11.88 -33.35
C GLN D 485 -22.42 -11.96 -34.86
N THR D 486 -22.81 -13.13 -35.37
CA THR D 486 -22.95 -13.32 -36.80
C THR D 486 -23.88 -12.27 -37.37
N LEU D 487 -25.05 -12.14 -36.73
CA LEU D 487 -26.06 -11.20 -37.14
C LEU D 487 -25.52 -9.78 -37.10
N LYS D 488 -24.87 -9.41 -35.99
CA LYS D 488 -24.25 -8.11 -35.82
C LYS D 488 -23.31 -7.81 -36.97
N VAL D 489 -22.49 -8.78 -37.34
CA VAL D 489 -21.56 -8.58 -38.43
C VAL D 489 -22.33 -8.35 -39.71
N ALA D 490 -23.33 -9.21 -39.94
CA ALA D 490 -24.10 -9.26 -41.16
C ALA D 490 -24.94 -8.01 -41.41
N ALA D 491 -25.43 -7.40 -40.33
CA ALA D 491 -26.42 -6.33 -40.39
C ALA D 491 -25.91 -5.09 -41.14
N ASP D 492 -26.84 -4.46 -41.88
CA ASP D 492 -26.61 -3.12 -42.36
C ASP D 492 -26.91 -2.12 -41.24
N TYR D 493 -26.16 -1.03 -41.23
CA TYR D 493 -26.35 0.07 -40.32
C TYR D 493 -26.52 1.39 -41.08
N SER D 494 -26.58 1.37 -42.41
CA SER D 494 -26.63 2.61 -43.20
C SER D 494 -27.85 3.47 -42.88
N SER D 495 -28.90 2.83 -42.34
CA SER D 495 -30.07 3.45 -41.75
C SER D 495 -29.72 4.55 -40.77
N VAL D 496 -28.55 4.43 -40.10
CA VAL D 496 -28.17 5.28 -38.98
C VAL D 496 -26.72 5.79 -39.10
N ASP D 497 -25.87 5.03 -39.78
CA ASP D 497 -24.46 5.39 -39.92
C ASP D 497 -24.26 6.42 -41.02
N GLU D 498 -24.28 7.69 -40.61
CA GLU D 498 -24.02 8.84 -41.46
C GLU D 498 -22.59 8.83 -42.00
N SER D 499 -21.67 8.21 -41.25
CA SER D 499 -20.24 8.33 -41.48
C SER D 499 -19.66 7.17 -42.29
N ASN D 500 -20.47 6.13 -42.54
CA ASN D 500 -20.03 4.87 -43.13
C ASN D 500 -18.87 4.25 -42.36
N LEU D 501 -18.90 4.47 -41.04
CA LEU D 501 -18.05 3.79 -40.08
C LEU D 501 -18.13 2.27 -40.23
N ASP D 502 -19.35 1.74 -40.44
CA ASP D 502 -19.55 0.32 -40.70
C ASP D 502 -18.66 -0.15 -41.84
N ASN D 503 -18.77 0.57 -42.96
CA ASN D 503 -18.02 0.27 -44.16
C ASN D 503 -16.52 0.33 -43.87
N PHE D 504 -16.12 1.37 -43.13
CA PHE D 504 -14.73 1.54 -42.74
C PHE D 504 -14.24 0.32 -41.95
N LEU D 505 -14.99 -0.05 -40.92
CA LEU D 505 -14.64 -1.18 -40.06
C LEU D 505 -14.57 -2.46 -40.87
N MET D 506 -15.56 -2.70 -41.74
CA MET D 506 -15.58 -3.86 -42.61
C MET D 506 -14.29 -3.92 -43.42
N GLY D 507 -13.93 -2.78 -44.03
CA GLY D 507 -12.74 -2.68 -44.85
C GLY D 507 -11.48 -2.96 -44.02
N LEU D 508 -11.46 -2.47 -42.78
CA LEU D 508 -10.35 -2.70 -41.87
C LEU D 508 -10.24 -4.21 -41.56
N SER D 509 -11.35 -4.81 -41.12
CA SER D 509 -11.56 -6.25 -41.07
C SER D 509 -13.01 -6.57 -40.78
N PRO D 510 -13.64 -7.51 -41.52
CA PRO D 510 -15.10 -7.69 -41.48
C PRO D 510 -15.70 -7.93 -40.10
N GLU D 511 -15.02 -8.72 -39.27
CA GLU D 511 -15.53 -9.05 -37.94
C GLU D 511 -15.74 -7.80 -37.11
N LEU D 512 -14.96 -6.74 -37.34
CA LEU D 512 -15.05 -5.53 -36.55
C LEU D 512 -16.42 -4.87 -36.70
N SER D 513 -17.17 -5.21 -37.75
CA SER D 513 -18.58 -4.88 -37.89
C SER D 513 -19.34 -5.12 -36.59
N VAL D 514 -18.92 -6.14 -35.84
CA VAL D 514 -19.59 -6.53 -34.60
C VAL D 514 -19.70 -5.36 -33.63
N TYR D 515 -18.68 -4.48 -33.62
CA TYR D 515 -18.63 -3.39 -32.67
C TYR D 515 -19.43 -2.17 -33.12
N THR D 516 -19.81 -2.13 -34.40
CA THR D 516 -20.35 -0.94 -35.04
C THR D 516 -21.46 -0.35 -34.18
N TYR D 517 -22.46 -1.17 -33.87
CA TYR D 517 -23.65 -0.59 -33.29
C TYR D 517 -23.38 -0.01 -31.92
N GLN D 518 -22.56 -0.70 -31.13
CA GLN D 518 -22.19 -0.20 -29.82
C GLN D 518 -21.54 1.17 -29.97
N MET D 519 -20.46 1.26 -30.75
CA MET D 519 -19.74 2.52 -30.81
C MET D 519 -20.61 3.61 -31.45
N LEU D 520 -21.41 3.23 -32.45
CA LEU D 520 -22.30 4.16 -33.10
C LEU D 520 -23.30 4.74 -32.10
N THR D 521 -23.91 3.88 -31.28
CA THR D 521 -24.87 4.32 -30.27
C THR D 521 -24.19 5.09 -29.14
N ASN D 522 -22.90 4.84 -28.90
CA ASN D 522 -22.14 5.70 -28.01
C ASN D 522 -21.80 7.06 -28.62
N GLY D 523 -22.15 7.27 -29.89
CA GLY D 523 -21.93 8.54 -30.57
C GLY D 523 -20.59 8.63 -31.29
N VAL D 524 -19.89 7.50 -31.42
CA VAL D 524 -18.68 7.45 -32.24
C VAL D 524 -19.05 7.60 -33.71
N ASN D 525 -18.15 8.22 -34.47
CA ASN D 525 -18.25 8.36 -35.92
C ASN D 525 -16.87 8.25 -36.54
N ARG D 526 -16.79 8.13 -37.87
CA ARG D 526 -15.58 7.84 -38.64
C ARG D 526 -14.45 8.85 -38.34
N SER D 527 -14.79 10.11 -38.06
CA SER D 527 -13.80 11.13 -37.78
C SER D 527 -13.16 10.96 -36.40
N LEU D 528 -13.94 10.46 -35.41
CA LEU D 528 -13.51 10.45 -34.04
C LEU D 528 -12.49 9.37 -33.71
N LEU D 529 -12.39 8.36 -34.57
CA LEU D 529 -11.64 7.15 -34.36
C LEU D 529 -10.18 7.44 -34.03
N SER D 530 -9.62 8.46 -34.71
CA SER D 530 -8.27 8.93 -34.51
C SER D 530 -7.95 9.18 -33.02
N SER D 531 -8.98 9.58 -32.25
CA SER D 531 -8.78 10.23 -30.98
C SER D 531 -9.02 9.29 -29.80
N LEU D 532 -9.42 8.06 -30.09
CA LEU D 532 -9.76 7.08 -29.06
C LEU D 532 -8.51 6.51 -28.39
N THR D 533 -8.54 6.39 -27.06
CA THR D 533 -7.54 5.64 -26.32
C THR D 533 -7.97 4.17 -26.25
N ASP D 534 -6.99 3.30 -25.99
CA ASP D 534 -7.26 1.89 -25.79
C ASP D 534 -8.33 1.68 -24.72
N GLU D 535 -8.27 2.50 -23.66
CA GLU D 535 -9.26 2.52 -22.59
C GLU D 535 -10.66 2.82 -23.15
N MET D 536 -10.81 3.90 -23.90
CA MET D 536 -12.10 4.28 -24.47
C MET D 536 -12.65 3.16 -25.34
N MET D 537 -11.80 2.62 -26.19
CA MET D 537 -12.16 1.51 -27.05
C MET D 537 -12.64 0.33 -26.21
N GLN D 538 -11.80 -0.12 -25.27
CA GLN D 538 -12.08 -1.29 -24.46
C GLN D 538 -13.38 -1.11 -23.66
N ASN D 539 -13.55 0.06 -23.06
CA ASN D 539 -14.55 0.28 -22.03
C ASN D 539 -15.84 0.85 -22.59
N ALA D 540 -15.76 1.99 -23.27
CA ALA D 540 -16.95 2.58 -23.87
C ALA D 540 -17.42 1.69 -25.02
N CYS D 541 -16.53 1.32 -25.92
CA CYS D 541 -16.90 0.59 -27.13
C CYS D 541 -16.85 -0.93 -26.95
N GLY D 542 -16.53 -1.40 -25.76
CA GLY D 542 -16.67 -2.79 -25.35
C GLY D 542 -15.79 -3.77 -26.11
N ILE D 543 -14.78 -3.26 -26.84
CA ILE D 543 -13.88 -4.10 -27.61
C ILE D 543 -12.79 -4.64 -26.66
N THR D 544 -13.21 -5.64 -25.87
CA THR D 544 -12.37 -6.27 -24.86
C THR D 544 -11.25 -7.09 -25.49
N ASN D 545 -11.48 -7.63 -26.70
CA ASN D 545 -10.45 -8.35 -27.43
C ASN D 545 -9.30 -7.40 -27.76
N PRO D 546 -8.10 -7.55 -27.15
CA PRO D 546 -6.99 -6.66 -27.46
C PRO D 546 -6.53 -6.85 -28.90
N ILE D 547 -6.72 -8.03 -29.48
CA ILE D 547 -6.31 -8.26 -30.85
C ILE D 547 -7.08 -7.32 -31.77
N HIS D 548 -8.41 -7.29 -31.61
CA HIS D 548 -9.22 -6.36 -32.37
C HIS D 548 -8.78 -4.92 -32.11
N ARG D 549 -8.51 -4.57 -30.85
CA ARG D 549 -8.04 -3.23 -30.53
C ARG D 549 -6.75 -2.94 -31.29
N LEU D 550 -5.82 -3.90 -31.30
CA LEU D 550 -4.58 -3.75 -32.04
C LEU D 550 -4.87 -3.48 -33.51
N LYS D 551 -5.77 -4.27 -34.12
CA LYS D 551 -6.09 -4.08 -35.52
C LYS D 551 -6.49 -2.63 -35.79
N LEU D 552 -7.47 -2.10 -35.05
CA LEU D 552 -7.90 -0.73 -35.31
C LEU D 552 -6.79 0.27 -34.94
N THR D 553 -5.98 -0.06 -33.93
CA THR D 553 -4.82 0.76 -33.62
C THR D 553 -3.94 0.89 -34.84
N GLN D 554 -3.75 -0.20 -35.62
CA GLN D 554 -2.93 -0.15 -36.82
C GLN D 554 -3.38 0.91 -37.81
N ALA D 555 -4.69 1.15 -37.91
CA ALA D 555 -5.17 2.19 -38.78
C ALA D 555 -4.62 3.57 -38.39
N PHE D 556 -4.74 3.93 -37.13
CA PHE D 556 -4.36 5.27 -36.66
C PHE D 556 -2.86 5.35 -36.38
N GLU D 557 -2.22 4.20 -36.14
CA GLU D 557 -0.78 4.07 -36.06
C GLU D 557 -0.18 4.38 -37.43
N THR D 558 -0.84 3.96 -38.51
CA THR D 558 -0.36 4.19 -39.87
C THR D 558 -0.94 5.44 -40.52
N ALA D 559 -2.00 6.06 -39.95
CA ALA D 559 -2.65 7.22 -40.53
C ALA D 559 -1.86 8.50 -40.31
N LYS D 560 -0.53 8.42 -40.35
CA LYS D 560 0.37 9.58 -40.27
C LYS D 560 1.52 9.41 -41.26
N HIS D 561 1.91 10.54 -41.88
CA HIS D 561 2.83 10.64 -43.03
C HIS D 561 2.53 9.62 -44.15
N GLN D 573 4.92 19.52 -64.41
CA GLN D 573 5.37 20.48 -65.46
C GLN D 573 5.47 21.89 -64.90
N ILE D 574 6.39 22.68 -65.46
CA ILE D 574 6.63 24.08 -65.15
C ILE D 574 6.36 24.92 -66.40
N ASP D 575 5.71 26.09 -66.26
CA ASP D 575 5.60 27.02 -67.37
C ASP D 575 6.88 27.84 -67.53
N VAL D 576 7.25 28.52 -66.45
CA VAL D 576 8.41 29.38 -66.37
C VAL D 576 9.27 28.97 -65.15
N PHE D 577 10.57 28.78 -65.36
CA PHE D 577 11.53 28.82 -64.30
C PHE D 577 12.25 30.17 -64.28
N ILE D 578 12.41 30.74 -63.06
CA ILE D 578 13.10 32.01 -62.88
C ILE D 578 14.47 31.79 -62.25
N SER D 579 15.51 32.13 -63.04
CA SER D 579 16.89 32.19 -62.58
C SER D 579 17.22 33.63 -62.21
N TYR D 580 17.93 33.81 -61.10
CA TYR D 580 18.28 35.13 -60.58
C TYR D 580 19.46 35.03 -59.64
N ARG D 581 20.23 36.14 -59.52
CA ARG D 581 21.21 36.29 -58.45
C ARG D 581 20.48 36.54 -57.12
N ARG D 582 20.78 35.69 -56.14
CA ARG D 582 20.13 35.66 -54.83
C ARG D 582 20.12 37.03 -54.11
N SER D 583 21.25 37.75 -54.19
CA SER D 583 21.40 38.97 -53.40
C SER D 583 20.81 40.20 -54.11
N THR D 584 20.69 40.15 -55.47
CA THR D 584 20.35 41.35 -56.22
C THR D 584 19.03 41.25 -57.03
N GLY D 585 18.61 40.02 -57.32
CA GLY D 585 17.34 39.82 -57.99
C GLY D 585 16.26 39.25 -57.11
N ASN D 586 16.47 39.05 -55.81
CA ASN D 586 15.50 38.35 -54.95
C ASN D 586 14.05 38.89 -55.07
N GLN D 587 13.89 40.20 -54.81
CA GLN D 587 12.58 40.84 -54.75
C GLN D 587 11.96 40.88 -56.14
N LEU D 588 12.74 41.22 -57.18
CA LEU D 588 12.24 41.29 -58.55
C LEU D 588 11.84 39.91 -59.08
N ALA D 589 12.66 38.89 -58.86
CA ALA D 589 12.36 37.50 -59.21
C ALA D 589 11.06 37.04 -58.55
N SER D 590 10.87 37.39 -57.27
CA SER D 590 9.62 37.10 -56.57
C SER D 590 8.45 37.87 -57.17
N LEU D 591 8.63 39.15 -57.50
CA LEU D 591 7.59 39.97 -58.11
C LEU D 591 7.17 39.36 -59.45
N ILE D 592 8.15 38.94 -60.27
CA ILE D 592 7.95 38.27 -61.54
C ILE D 592 7.18 36.96 -61.34
N LYS D 593 7.61 36.14 -60.37
CA LYS D 593 6.93 34.91 -59.99
C LYS D 593 5.46 35.17 -59.68
N VAL D 594 5.18 36.15 -58.83
CA VAL D 594 3.82 36.50 -58.38
C VAL D 594 2.98 36.99 -59.56
N LEU D 595 3.56 37.86 -60.42
CA LEU D 595 2.86 38.43 -61.55
C LEU D 595 2.53 37.37 -62.60
N LEU D 596 3.45 36.42 -62.85
CA LEU D 596 3.18 35.35 -63.78
C LEU D 596 2.19 34.34 -63.22
N GLN D 597 2.22 34.09 -61.92
CA GLN D 597 1.20 33.30 -61.23
C GLN D 597 -0.18 33.99 -61.26
N LEU D 598 -0.21 35.34 -61.18
CA LEU D 598 -1.41 36.13 -61.37
C LEU D 598 -1.93 36.02 -62.82
N ARG D 599 -0.98 35.85 -63.78
CA ARG D 599 -1.30 35.55 -65.17
C ARG D 599 -1.48 34.04 -65.42
N GLY D 600 -1.56 33.24 -64.36
CA GLY D 600 -1.96 31.84 -64.45
C GLY D 600 -0.83 30.84 -64.69
N TYR D 601 0.37 31.35 -65.06
CA TYR D 601 1.54 30.54 -65.31
C TYR D 601 2.13 29.95 -64.03
N ARG D 602 2.43 28.65 -64.13
CA ARG D 602 2.93 27.81 -63.06
C ARG D 602 4.43 28.09 -63.06
N VAL D 603 4.78 29.06 -62.20
CA VAL D 603 6.12 29.64 -62.20
C VAL D 603 6.91 29.20 -60.97
N PHE D 604 8.18 28.78 -61.20
CA PHE D 604 8.97 28.16 -60.17
C PHE D 604 10.33 28.83 -60.00
N ILE D 605 10.91 28.70 -58.79
CA ILE D 605 12.05 29.51 -58.37
C ILE D 605 12.98 28.70 -57.47
N ASP D 606 14.25 29.08 -57.43
CA ASP D 606 15.32 28.62 -56.54
C ASP D 606 14.89 28.39 -55.09
N VAL D 607 14.12 29.31 -54.52
CA VAL D 607 13.62 29.25 -53.14
C VAL D 607 12.87 27.96 -52.80
N ASP D 608 12.17 27.35 -53.77
CA ASP D 608 11.13 26.35 -53.53
C ASP D 608 11.45 24.87 -53.80
N LYS D 609 11.74 24.50 -55.06
CA LYS D 609 11.62 23.11 -55.52
C LYS D 609 12.94 22.33 -55.45
N LEU D 610 13.42 22.23 -54.20
CA LEU D 610 14.59 21.44 -53.81
C LEU D 610 14.24 20.54 -52.62
N TYR D 611 14.75 19.29 -52.60
CA TYR D 611 14.21 18.19 -51.78
C TYR D 611 15.21 17.57 -50.80
N ALA D 612 15.88 18.45 -50.06
CA ALA D 612 16.68 18.17 -48.87
C ALA D 612 17.81 17.17 -49.07
N GLY D 613 18.29 16.87 -50.29
CA GLY D 613 19.63 16.32 -50.51
C GLY D 613 20.68 17.43 -50.66
N LYS D 614 21.81 17.08 -51.31
CA LYS D 614 22.81 18.02 -51.81
C LYS D 614 22.21 18.96 -52.83
N PHE D 615 22.82 20.15 -53.02
CA PHE D 615 22.40 21.12 -54.01
C PHE D 615 22.69 20.54 -55.40
N ASP D 616 21.66 19.99 -56.05
CA ASP D 616 21.82 18.91 -57.03
C ASP D 616 20.79 19.01 -58.15
N SER D 617 20.57 17.94 -58.92
CA SER D 617 20.04 17.98 -60.28
C SER D 617 18.62 18.57 -60.32
N SER D 618 17.91 18.62 -59.17
CA SER D 618 16.49 18.95 -59.16
C SER D 618 16.19 20.32 -59.81
N LEU D 619 17.08 21.28 -59.56
CA LEU D 619 16.86 22.61 -60.12
C LEU D 619 16.94 22.61 -61.65
N LEU D 620 17.87 21.81 -62.18
CA LEU D 620 18.05 21.68 -63.62
C LEU D 620 16.95 20.78 -64.21
N LYS D 621 16.42 19.78 -63.48
CA LYS D 621 15.24 19.05 -63.90
C LYS D 621 14.01 19.95 -63.96
N ASN D 622 13.89 20.89 -63.04
CA ASN D 622 12.84 21.92 -63.05
C ASN D 622 12.94 22.78 -64.32
N ILE D 623 14.18 23.12 -64.71
CA ILE D 623 14.43 23.84 -65.97
C ILE D 623 14.09 22.95 -67.15
N GLN D 624 14.39 21.67 -67.11
CA GLN D 624 14.08 20.76 -68.21
C GLN D 624 12.55 20.66 -68.39
N ALA D 625 11.82 20.66 -67.26
CA ALA D 625 10.36 20.56 -67.30
C ALA D 625 9.71 21.89 -67.75
N ALA D 626 10.40 23.01 -67.48
CA ALA D 626 9.97 24.33 -67.89
C ALA D 626 9.87 24.46 -69.41
N LYS D 627 8.89 25.25 -69.87
CA LYS D 627 8.79 25.60 -71.29
C LYS D 627 9.71 26.79 -71.60
N HIS D 628 9.74 27.74 -70.66
CA HIS D 628 10.36 29.04 -70.81
C HIS D 628 11.30 29.24 -69.62
N PHE D 629 12.36 30.02 -69.84
CA PHE D 629 13.35 30.30 -68.82
C PHE D 629 13.56 31.81 -68.71
N ILE D 630 13.16 32.36 -67.54
CA ILE D 630 13.39 33.78 -67.27
C ILE D 630 14.72 33.94 -66.54
N LEU D 631 15.57 34.85 -67.02
CA LEU D 631 16.74 35.28 -66.27
C LEU D 631 16.54 36.72 -65.78
N VAL D 632 16.47 36.90 -64.47
CA VAL D 632 16.26 38.19 -63.85
C VAL D 632 17.65 38.83 -63.78
N LEU D 633 17.94 39.41 -64.94
CA LEU D 633 19.25 39.97 -65.30
C LEU D 633 19.37 41.33 -64.60
N THR D 634 19.57 41.17 -63.31
CA THR D 634 19.88 42.18 -62.32
C THR D 634 21.40 42.34 -62.17
N PRO D 635 21.85 43.49 -61.58
CA PRO D 635 23.27 43.74 -61.39
C PRO D 635 23.98 42.51 -60.80
N ASN D 636 25.17 42.19 -61.32
CA ASN D 636 26.06 41.18 -60.73
C ASN D 636 25.48 39.74 -60.77
N SER D 637 24.58 39.55 -61.75
CA SER D 637 24.15 38.19 -62.16
C SER D 637 25.11 37.52 -63.16
N LEU D 638 25.16 38.01 -64.41
CA LEU D 638 26.13 37.46 -65.38
C LEU D 638 27.58 37.83 -65.04
N ASP D 639 27.78 38.83 -64.16
CA ASP D 639 29.12 39.16 -63.67
C ASP D 639 29.74 38.01 -62.89
N ARG D 640 28.97 37.27 -62.12
CA ARG D 640 29.51 36.16 -61.37
C ARG D 640 29.90 34.96 -62.26
N LEU D 641 29.41 34.99 -63.50
CA LEU D 641 29.68 33.94 -64.46
C LEU D 641 31.01 34.22 -65.15
N LEU D 642 31.59 35.42 -65.00
CA LEU D 642 32.90 35.72 -65.60
C LEU D 642 33.96 34.76 -65.04
N ASN D 643 34.68 34.12 -65.97
CA ASN D 643 35.76 33.16 -65.75
C ASN D 643 35.25 31.93 -65.03
N ASP D 644 33.94 31.69 -65.03
CA ASP D 644 33.36 30.51 -64.43
C ASP D 644 33.41 29.34 -65.41
N ASP D 645 34.61 29.01 -65.93
CA ASP D 645 34.76 28.02 -66.99
C ASP D 645 34.43 26.61 -66.46
N ASN D 646 34.58 26.42 -65.15
CA ASN D 646 34.31 25.13 -64.53
C ASN D 646 32.84 24.98 -64.15
N CYS D 647 32.00 25.94 -64.57
CA CYS D 647 30.55 25.93 -64.36
C CYS D 647 30.21 25.68 -62.88
N GLU D 648 30.84 26.43 -61.99
CA GLU D 648 30.68 26.34 -60.55
C GLU D 648 29.46 27.17 -60.10
N ASP D 649 29.17 28.26 -60.81
CA ASP D 649 28.09 29.16 -60.48
C ASP D 649 26.75 28.51 -60.81
N TRP D 650 25.78 28.55 -59.87
CA TRP D 650 24.49 27.94 -60.11
C TRP D 650 23.67 28.66 -61.19
N VAL D 651 23.76 29.99 -61.28
CA VAL D 651 23.15 30.70 -62.42
C VAL D 651 23.78 30.21 -63.72
N HIS D 652 25.09 29.88 -63.74
CA HIS D 652 25.73 29.27 -64.92
C HIS D 652 25.13 27.90 -65.24
N LYS D 653 24.99 27.03 -64.22
CA LYS D 653 24.40 25.70 -64.38
C LYS D 653 22.98 25.80 -64.92
N GLU D 654 22.17 26.69 -64.34
CA GLU D 654 20.80 26.97 -64.75
C GLU D 654 20.75 27.43 -66.22
N LEU D 655 21.56 28.43 -66.59
CA LEU D 655 21.55 29.02 -67.92
C LEU D 655 22.08 28.03 -68.96
N LYS D 656 23.15 27.29 -68.61
CA LYS D 656 23.70 26.25 -69.46
C LYS D 656 22.63 25.21 -69.79
N CYS D 657 21.90 24.75 -68.75
CA CYS D 657 20.83 23.77 -68.89
C CYS D 657 19.74 24.31 -69.81
N ALA D 658 19.38 25.60 -69.63
CA ALA D 658 18.36 26.22 -70.46
C ALA D 658 18.78 26.20 -71.93
N PHE D 659 20.06 26.53 -72.19
CA PHE D 659 20.60 26.53 -73.55
C PHE D 659 20.64 25.12 -74.13
N GLU D 660 21.05 24.13 -73.33
CA GLU D 660 21.17 22.74 -73.78
C GLU D 660 19.80 22.17 -74.17
N HIS D 661 18.75 22.57 -73.44
CA HIS D 661 17.42 22.02 -73.68
C HIS D 661 16.56 23.00 -74.49
N GLN D 662 17.21 24.01 -75.10
CA GLN D 662 16.58 24.94 -76.04
C GLN D 662 15.31 25.58 -75.45
N LYS D 663 15.42 26.04 -74.20
CA LYS D 663 14.33 26.73 -73.54
C LYS D 663 14.18 28.13 -74.15
N ASN D 664 12.96 28.66 -74.09
CA ASN D 664 12.62 29.96 -74.63
C ASN D 664 13.16 31.03 -73.68
N ILE D 665 14.44 31.37 -73.79
CA ILE D 665 15.18 32.15 -72.79
C ILE D 665 14.89 33.66 -72.91
N ILE D 666 14.52 34.29 -71.77
CA ILE D 666 14.22 35.71 -71.70
C ILE D 666 15.03 36.38 -70.59
N PRO D 667 16.08 37.20 -70.88
CA PRO D 667 16.61 38.11 -69.87
C PRO D 667 15.62 39.24 -69.55
N ILE D 668 15.54 39.58 -68.26
CA ILE D 668 14.77 40.72 -67.78
C ILE D 668 15.78 41.65 -67.13
N PHE D 669 16.05 42.78 -67.79
CA PHE D 669 17.07 43.74 -67.38
C PHE D 669 16.50 44.66 -66.30
N ASP D 670 17.08 44.56 -65.07
CA ASP D 670 16.79 45.55 -64.05
C ASP D 670 17.20 46.94 -64.52
N THR D 671 16.54 48.02 -63.98
CA THR D 671 16.83 49.37 -64.44
C THR D 671 18.33 49.74 -64.33
N ALA D 672 18.99 49.21 -63.30
CA ALA D 672 20.39 49.54 -63.02
C ALA D 672 21.36 48.52 -63.62
N PHE D 673 20.86 47.48 -64.30
CA PHE D 673 21.71 46.48 -64.92
C PHE D 673 22.45 47.04 -66.12
N GLU D 674 23.71 46.62 -66.26
CA GLU D 674 24.54 46.75 -67.44
C GLU D 674 25.31 45.44 -67.65
N PHE D 675 25.49 45.03 -68.91
CA PHE D 675 26.35 43.88 -69.22
C PHE D 675 27.78 44.17 -68.76
N PRO D 676 28.50 43.17 -68.19
CA PRO D 676 29.89 43.37 -67.75
C PRO D 676 30.82 43.81 -68.88
N THR D 677 31.83 44.61 -68.55
CA THR D 677 32.79 45.19 -69.49
C THR D 677 33.62 44.08 -70.14
N LYS D 678 33.93 43.04 -69.36
CA LYS D 678 34.76 41.92 -69.84
C LYS D 678 33.86 40.79 -70.32
N GLU D 679 33.04 41.05 -71.35
CA GLU D 679 32.11 40.09 -71.94
C GLU D 679 32.81 38.80 -72.41
N ASP D 680 34.05 38.95 -72.91
CA ASP D 680 34.83 37.82 -73.43
C ASP D 680 35.19 36.83 -72.32
N GLN D 681 35.06 37.24 -71.06
CA GLN D 681 35.31 36.37 -69.91
C GLN D 681 34.07 35.58 -69.52
N ILE D 682 32.88 35.90 -70.07
CA ILE D 682 31.73 35.03 -69.89
C ILE D 682 32.00 33.73 -70.65
N PRO D 683 31.86 32.53 -70.03
CA PRO D 683 32.12 31.25 -70.70
C PRO D 683 31.33 31.10 -72.01
N ASN D 684 31.93 30.41 -73.00
CA ASN D 684 31.41 30.33 -74.38
C ASN D 684 30.02 29.70 -74.44
N ASP D 685 29.77 28.74 -73.56
CA ASP D 685 28.53 27.99 -73.56
C ASP D 685 27.33 28.87 -73.17
N ILE D 686 27.56 30.00 -72.49
CA ILE D 686 26.49 30.87 -72.01
C ILE D 686 26.64 32.30 -72.54
N ARG D 687 27.76 32.60 -73.23
CA ARG D 687 28.10 33.96 -73.67
C ARG D 687 26.98 34.58 -74.52
N MET D 688 26.25 33.73 -75.24
CA MET D 688 25.17 34.12 -76.13
C MET D 688 24.11 34.98 -75.42
N ILE D 689 23.99 34.85 -74.08
CA ILE D 689 23.00 35.57 -73.27
C ILE D 689 23.17 37.09 -73.39
N THR D 690 24.40 37.57 -73.68
CA THR D 690 24.62 38.99 -73.85
C THR D 690 23.99 39.56 -75.13
N LYS D 691 23.65 38.64 -76.06
CA LYS D 691 23.03 39.01 -77.33
C LYS D 691 21.52 38.75 -77.36
N TYR D 692 20.91 38.33 -76.26
CA TYR D 692 19.57 37.80 -76.22
C TYR D 692 18.47 38.85 -76.25
N ASN D 693 17.23 38.38 -76.49
CA ASN D 693 16.03 39.22 -76.49
C ASN D 693 15.37 39.24 -75.10
N GLY D 694 15.35 40.45 -74.49
CA GLY D 694 14.84 40.63 -73.14
C GLY D 694 14.00 41.88 -72.91
N VAL D 695 13.54 42.03 -71.66
CA VAL D 695 12.63 43.08 -71.22
C VAL D 695 13.33 43.99 -70.24
N LYS D 696 13.48 45.29 -70.53
CA LYS D 696 13.97 46.18 -69.50
C LYS D 696 12.85 46.46 -68.50
N TRP D 697 13.04 45.97 -67.28
CA TRP D 697 12.07 46.10 -66.21
C TRP D 697 12.06 47.56 -65.74
N VAL D 698 10.91 48.22 -65.88
CA VAL D 698 10.75 49.55 -65.30
C VAL D 698 9.57 49.50 -64.34
N HIS D 699 9.88 49.75 -63.06
CA HIS D 699 8.95 49.74 -61.95
C HIS D 699 7.73 50.64 -62.22
N ASP D 700 7.93 51.76 -62.90
CA ASP D 700 6.90 52.72 -63.27
C ASP D 700 5.88 52.10 -64.26
N TYR D 701 6.39 51.19 -65.12
CA TYR D 701 5.66 50.64 -66.25
C TYR D 701 5.55 49.12 -66.11
N GLN D 702 5.42 48.61 -64.87
CA GLN D 702 5.52 47.18 -64.62
C GLN D 702 4.34 46.47 -65.23
N ASP D 703 3.20 47.12 -65.53
CA ASP D 703 2.11 46.49 -66.26
C ASP D 703 2.54 46.14 -67.69
N ALA D 704 3.15 47.13 -68.34
CA ALA D 704 3.60 47.05 -69.73
C ALA D 704 4.79 46.10 -69.84
N CYS D 705 5.73 46.18 -68.89
CA CYS D 705 6.88 45.29 -68.85
C CYS D 705 6.43 43.83 -68.77
N MET D 706 5.45 43.56 -67.89
CA MET D 706 4.94 42.21 -67.74
C MET D 706 4.14 41.78 -68.98
N ALA D 707 3.40 42.69 -69.58
CA ALA D 707 2.76 42.43 -70.89
C ALA D 707 3.81 41.99 -71.94
N LYS D 708 4.97 42.67 -71.98
CA LYS D 708 6.07 42.31 -72.86
C LYS D 708 6.63 40.93 -72.54
N VAL D 709 6.78 40.61 -71.23
CA VAL D 709 7.26 39.31 -70.79
C VAL D 709 6.30 38.23 -71.29
N VAL D 710 4.99 38.45 -71.13
CA VAL D 710 3.96 37.51 -71.59
C VAL D 710 4.01 37.35 -73.10
N ARG D 711 4.30 38.41 -73.86
CA ARG D 711 4.48 38.36 -75.31
C ARG D 711 5.66 37.46 -75.69
N PHE D 712 6.75 37.55 -74.94
CA PHE D 712 7.92 36.70 -75.17
C PHE D 712 7.60 35.24 -74.83
N ILE D 713 6.77 35.01 -73.81
CA ILE D 713 6.31 33.69 -73.39
C ILE D 713 5.37 33.08 -74.44
N THR D 714 4.40 33.85 -74.94
CA THR D 714 3.40 33.39 -75.90
C THR D 714 3.91 33.39 -77.35
N GLY D 715 5.02 34.09 -77.63
CA GLY D 715 5.60 34.24 -78.95
C GLY D 715 4.77 35.17 -79.83
N MET E 60 -53.14 8.94 -33.59
CA MET E 60 -51.66 9.19 -33.56
C MET E 60 -51.14 9.05 -32.11
N SER E 61 -50.00 8.34 -31.97
CA SER E 61 -49.53 7.94 -30.63
C SER E 61 -48.79 9.07 -29.90
N ASN E 62 -48.62 8.93 -28.59
CA ASN E 62 -47.67 9.74 -27.83
C ASN E 62 -46.24 9.53 -28.29
N THR E 63 -45.87 8.31 -28.69
CA THR E 63 -44.57 8.04 -29.30
C THR E 63 -44.39 8.96 -30.51
N GLU E 64 -45.44 9.14 -31.31
CA GLU E 64 -45.42 10.07 -32.43
C GLU E 64 -45.41 11.53 -31.98
N GLN E 65 -46.13 11.91 -30.90
CA GLN E 65 -46.02 13.26 -30.36
C GLN E 65 -44.57 13.56 -29.99
N VAL E 66 -43.93 12.61 -29.31
CA VAL E 66 -42.53 12.69 -28.93
C VAL E 66 -41.67 12.77 -30.19
N ALA E 67 -41.89 11.87 -31.16
CA ALA E 67 -41.09 11.85 -32.38
C ALA E 67 -41.20 13.17 -33.14
N MET E 68 -42.41 13.72 -33.20
CA MET E 68 -42.64 15.01 -33.84
C MET E 68 -41.91 16.11 -33.09
N MET E 69 -42.12 16.21 -31.80
CA MET E 69 -41.46 17.20 -30.94
C MET E 69 -39.95 17.11 -31.09
N HIS E 70 -39.43 15.88 -31.01
CA HIS E 70 -38.03 15.56 -31.18
C HIS E 70 -37.50 16.04 -32.53
N THR E 71 -38.19 15.64 -33.59
CA THR E 71 -37.83 16.00 -34.95
C THR E 71 -37.86 17.51 -35.10
N LEU E 72 -38.93 18.15 -34.61
CA LEU E 72 -39.10 19.59 -34.64
C LEU E 72 -37.88 20.27 -33.99
N LYS E 73 -37.60 19.97 -32.73
CA LYS E 73 -36.46 20.52 -32.01
C LYS E 73 -35.15 20.28 -32.77
N THR E 74 -34.96 19.06 -33.25
CA THR E 74 -33.76 18.64 -33.97
C THR E 74 -33.57 19.47 -35.24
N LYS E 75 -34.56 19.42 -36.13
CA LYS E 75 -34.50 20.07 -37.43
C LYS E 75 -34.54 21.59 -37.28
N LEU E 76 -35.23 22.11 -36.27
CA LEU E 76 -35.14 23.52 -35.93
C LEU E 76 -33.68 23.92 -35.65
N SER E 77 -33.00 23.20 -34.74
CA SER E 77 -31.60 23.44 -34.45
C SER E 77 -30.75 23.44 -35.73
N LYS E 78 -30.93 22.40 -36.55
CA LYS E 78 -30.22 22.26 -37.81
C LYS E 78 -30.47 23.44 -38.76
N TYR E 79 -31.75 23.74 -39.02
CA TYR E 79 -32.14 24.74 -39.99
C TYR E 79 -31.86 26.15 -39.50
N GLN E 80 -31.85 26.39 -38.17
CA GLN E 80 -31.35 27.65 -37.63
C GLN E 80 -29.90 27.87 -38.06
N ALA E 81 -29.05 26.85 -37.87
CA ALA E 81 -27.65 26.93 -38.25
C ALA E 81 -27.48 27.14 -39.76
N MET E 82 -28.22 26.37 -40.57
CA MET E 82 -28.16 26.49 -42.02
C MET E 82 -28.66 27.86 -42.49
N MET E 83 -29.73 28.35 -41.87
CA MET E 83 -30.25 29.69 -42.12
C MET E 83 -29.20 30.75 -41.77
N ASP E 84 -28.48 30.59 -40.65
CA ASP E 84 -27.37 31.48 -40.32
C ASP E 84 -26.33 31.52 -41.45
N LYS E 85 -25.92 30.35 -41.97
CA LYS E 85 -24.99 30.27 -43.08
C LYS E 85 -25.50 31.03 -44.31
N ALA E 86 -26.77 30.83 -44.65
CA ALA E 86 -27.41 31.56 -45.73
C ALA E 86 -27.44 33.07 -45.46
N PHE E 87 -27.67 33.45 -44.19
CA PHE E 87 -27.64 34.85 -43.78
C PHE E 87 -26.24 35.45 -43.79
N GLU E 88 -25.20 34.64 -43.59
CA GLU E 88 -23.82 35.08 -43.77
C GLU E 88 -23.57 35.44 -45.23
N GLU E 89 -24.13 34.68 -46.19
CA GLU E 89 -24.08 35.05 -47.61
C GLU E 89 -24.84 36.35 -47.90
N ILE E 90 -26.03 36.49 -47.32
CA ILE E 90 -26.83 37.71 -47.46
C ILE E 90 -26.08 38.92 -46.89
N ALA E 91 -25.48 38.75 -45.68
CA ALA E 91 -24.77 39.79 -44.96
C ALA E 91 -23.48 40.27 -45.65
N LYS E 92 -22.99 39.55 -46.68
CA LYS E 92 -21.90 40.03 -47.52
C LYS E 92 -22.33 41.26 -48.34
N VAL E 93 -23.65 41.39 -48.60
CA VAL E 93 -24.25 42.46 -49.40
C VAL E 93 -23.59 42.50 -50.79
N GLU E 94 -23.47 41.32 -51.40
CA GLU E 94 -23.03 41.14 -52.78
C GLU E 94 -24.08 40.31 -53.53
N ASP E 95 -24.40 40.69 -54.77
CA ASP E 95 -25.58 40.25 -55.49
C ASP E 95 -25.77 38.74 -55.45
N ALA E 96 -24.78 38.00 -55.96
CA ALA E 96 -24.82 36.55 -56.07
C ALA E 96 -24.95 35.87 -54.71
N ASN E 97 -24.31 36.44 -53.67
CA ASN E 97 -24.33 35.91 -52.31
C ASN E 97 -25.71 36.09 -51.68
N ILE E 98 -26.33 37.27 -51.86
CA ILE E 98 -27.69 37.50 -51.40
C ILE E 98 -28.65 36.55 -52.12
N ILE E 99 -28.54 36.47 -53.46
CA ILE E 99 -29.34 35.60 -54.30
C ILE E 99 -29.22 34.15 -53.86
N GLU E 100 -27.99 33.64 -53.70
CA GLU E 100 -27.73 32.27 -53.29
C GLU E 100 -28.23 31.99 -51.88
N GLY E 101 -27.89 32.86 -50.91
CA GLY E 101 -28.39 32.76 -49.54
C GLY E 101 -29.92 32.69 -49.49
N CYS E 102 -30.59 33.65 -50.14
CA CYS E 102 -32.04 33.66 -50.24
C CYS E 102 -32.58 32.41 -50.95
N THR E 103 -31.90 31.94 -52.01
CA THR E 103 -32.25 30.70 -52.70
C THR E 103 -32.22 29.52 -51.74
N ILE E 104 -31.14 29.42 -50.93
CA ILE E 104 -30.99 28.38 -49.92
C ILE E 104 -32.12 28.47 -48.90
N VAL E 105 -32.41 29.68 -48.37
CA VAL E 105 -33.48 29.88 -47.40
C VAL E 105 -34.82 29.44 -48.00
N ARG E 106 -35.07 29.84 -49.27
CA ARG E 106 -36.28 29.48 -49.99
C ARG E 106 -36.43 27.96 -50.12
N LYS E 107 -35.38 27.28 -50.60
CA LYS E 107 -35.34 25.83 -50.74
C LYS E 107 -35.58 25.15 -49.40
N LEU E 108 -34.88 25.60 -48.36
CA LEU E 108 -35.00 25.14 -47.00
C LEU E 108 -36.45 25.29 -46.52
N MET E 109 -37.06 26.47 -46.65
CA MET E 109 -38.44 26.74 -46.22
C MET E 109 -39.44 25.83 -46.95
N ARG E 110 -39.24 25.59 -48.23
CA ARG E 110 -40.09 24.68 -49.01
C ARG E 110 -39.90 23.23 -48.57
N LYS E 111 -38.65 22.79 -48.38
CA LYS E 111 -38.33 21.47 -47.86
C LYS E 111 -38.93 21.27 -46.46
N VAL E 112 -38.85 22.31 -45.61
CA VAL E 112 -39.52 22.39 -44.32
C VAL E 112 -41.02 22.19 -44.48
N TRP E 113 -41.66 22.95 -45.38
CA TRP E 113 -43.08 22.77 -45.67
C TRP E 113 -43.41 21.35 -46.21
N ASN E 114 -42.47 20.70 -46.88
CA ASN E 114 -42.61 19.34 -47.37
C ASN E 114 -42.29 18.26 -46.30
N THR E 115 -41.82 18.67 -45.11
CA THR E 115 -41.46 17.76 -44.04
C THR E 115 -42.75 17.16 -43.46
N PRO E 116 -42.85 15.80 -43.35
CA PRO E 116 -44.14 15.11 -43.33
C PRO E 116 -45.21 15.62 -42.37
N LYS E 117 -44.83 15.87 -41.10
CA LYS E 117 -45.79 16.20 -40.06
C LYS E 117 -45.50 17.57 -39.40
N VAL E 118 -44.23 17.83 -39.11
CA VAL E 118 -43.84 18.99 -38.31
C VAL E 118 -43.76 20.28 -39.13
N SER E 119 -44.01 20.18 -40.46
CA SER E 119 -43.84 21.25 -41.44
C SER E 119 -44.30 22.62 -40.97
N ALA E 120 -45.56 22.72 -40.51
CA ALA E 120 -46.15 23.99 -40.11
C ALA E 120 -45.42 24.61 -38.92
N ASP E 121 -45.21 23.81 -37.86
CA ASP E 121 -44.53 24.28 -36.66
C ASP E 121 -43.10 24.72 -36.98
N LEU E 122 -42.40 23.90 -37.78
CA LEU E 122 -41.02 24.16 -38.13
C LEU E 122 -40.90 25.44 -38.98
N ALA E 123 -41.82 25.61 -39.95
CA ALA E 123 -41.92 26.84 -40.72
C ALA E 123 -42.17 28.04 -39.78
N ASN E 124 -43.14 27.93 -38.87
CA ASN E 124 -43.47 28.99 -37.94
C ASN E 124 -42.26 29.36 -37.07
N ALA E 125 -41.61 28.35 -36.49
CA ALA E 125 -40.43 28.55 -35.65
C ALA E 125 -39.29 29.21 -36.43
N LEU E 126 -39.10 28.87 -37.70
CA LEU E 126 -38.12 29.55 -38.54
C LEU E 126 -38.54 30.99 -38.88
N CYS E 127 -39.84 31.23 -39.13
CA CYS E 127 -40.36 32.58 -39.29
C CYS E 127 -40.11 33.44 -38.04
N ASP E 128 -40.30 32.85 -36.86
CA ASP E 128 -39.98 33.47 -35.59
C ASP E 128 -38.48 33.76 -35.49
N TYR E 129 -37.66 32.74 -35.75
CA TYR E 129 -36.21 32.88 -35.72
C TYR E 129 -35.73 33.99 -36.65
N LEU E 130 -36.30 34.08 -37.86
CA LEU E 130 -36.01 35.17 -38.79
C LEU E 130 -36.27 36.55 -38.19
N ARG E 131 -37.37 36.72 -37.45
CA ARG E 131 -37.66 37.98 -36.76
C ARG E 131 -36.67 38.20 -35.61
N ASP E 132 -36.44 37.16 -34.80
CA ASP E 132 -35.60 37.19 -33.61
C ASP E 132 -34.14 37.54 -33.96
N ARG E 133 -33.66 37.03 -35.09
CA ARG E 133 -32.34 37.27 -35.64
C ARG E 133 -32.23 38.58 -36.45
N ASP E 134 -33.37 39.29 -36.63
CA ASP E 134 -33.53 40.43 -37.52
C ASP E 134 -33.22 40.11 -38.99
N TYR E 135 -33.05 38.82 -39.31
CA TYR E 135 -32.94 38.32 -40.67
C TYR E 135 -34.13 38.78 -41.54
N PHE E 136 -35.34 38.73 -40.96
CA PHE E 136 -36.56 39.21 -41.58
C PHE E 136 -36.51 40.70 -41.90
N ASP E 137 -36.03 41.49 -40.93
CA ASP E 137 -35.86 42.93 -41.06
C ASP E 137 -34.87 43.28 -42.19
N LYS E 138 -33.75 42.55 -42.22
CA LYS E 138 -32.72 42.65 -43.24
C LYS E 138 -33.30 42.34 -44.63
N LEU E 139 -34.04 41.23 -44.76
CA LEU E 139 -34.73 40.88 -46.01
C LEU E 139 -35.67 42.01 -46.47
N ILE E 140 -36.47 42.56 -45.55
CA ILE E 140 -37.39 43.67 -45.86
C ILE E 140 -36.61 44.86 -46.41
N LYS E 141 -35.56 45.30 -45.70
CA LYS E 141 -34.72 46.41 -46.11
C LYS E 141 -34.05 46.14 -47.46
N MET E 142 -33.49 44.96 -47.65
CA MET E 142 -32.84 44.53 -48.89
C MET E 142 -33.84 44.21 -50.01
N PHE E 143 -35.15 44.30 -49.73
CA PHE E 143 -36.22 44.25 -50.73
C PHE E 143 -36.68 45.68 -51.11
N ILE E 144 -36.99 46.51 -50.11
CA ILE E 144 -37.58 47.84 -50.30
C ILE E 144 -36.54 48.89 -50.71
N SER E 145 -35.26 48.67 -50.42
CA SER E 145 -34.21 49.67 -50.64
C SER E 145 -34.08 49.98 -52.14
N PRO E 146 -33.99 51.29 -52.54
CA PRO E 146 -33.83 51.67 -53.93
C PRO E 146 -32.51 51.23 -54.56
N ASN E 147 -31.48 51.04 -53.73
CA ASN E 147 -30.18 50.52 -54.16
C ASN E 147 -30.27 49.12 -54.77
N THR E 148 -31.31 48.36 -54.38
CA THR E 148 -31.54 47.01 -54.91
C THR E 148 -31.81 47.02 -56.41
N ALA E 149 -32.15 48.17 -57.00
CA ALA E 149 -32.31 48.33 -58.44
C ALA E 149 -31.04 48.00 -59.24
N ALA E 150 -29.87 47.95 -58.57
CA ALA E 150 -28.62 47.48 -59.14
C ALA E 150 -28.71 46.03 -59.64
N CYS E 151 -29.55 45.21 -58.97
CA CYS E 151 -29.86 43.85 -59.39
C CYS E 151 -31.23 43.42 -58.86
N ASP E 152 -32.25 43.47 -59.74
CA ASP E 152 -33.61 43.15 -59.34
C ASP E 152 -33.75 41.69 -58.88
N GLN E 153 -32.84 40.80 -59.33
CA GLN E 153 -32.82 39.41 -58.89
C GLN E 153 -32.55 39.29 -57.38
N VAL E 154 -31.79 40.23 -56.79
CA VAL E 154 -31.65 40.32 -55.34
C VAL E 154 -33.01 40.56 -54.69
N ARG E 155 -33.74 41.57 -55.17
CA ARG E 155 -35.08 41.89 -54.67
C ARG E 155 -36.01 40.69 -54.84
N MET E 156 -35.94 40.00 -55.98
CA MET E 156 -36.71 38.80 -56.25
C MET E 156 -36.47 37.72 -55.20
N GLU E 157 -35.21 37.31 -54.97
CA GLU E 157 -34.91 36.27 -54.01
C GLU E 157 -35.28 36.68 -52.57
N CYS E 158 -34.97 37.92 -52.17
CA CYS E 158 -35.42 38.48 -50.90
C CYS E 158 -36.95 38.37 -50.77
N GLY E 159 -37.68 38.80 -51.82
CA GLY E 159 -39.13 38.76 -51.89
C GLY E 159 -39.69 37.34 -51.80
N LYS E 160 -39.11 36.38 -52.53
CA LYS E 160 -39.52 34.98 -52.46
C LYS E 160 -39.38 34.43 -51.05
N VAL E 161 -38.26 34.72 -50.39
CA VAL E 161 -38.05 34.35 -48.99
C VAL E 161 -39.11 34.99 -48.09
N LEU E 162 -39.33 36.30 -48.25
CA LEU E 162 -40.37 37.01 -47.51
C LEU E 162 -41.75 36.35 -47.71
N GLU E 163 -42.08 35.97 -48.96
CA GLU E 163 -43.25 35.18 -49.29
C GLU E 163 -43.33 33.88 -48.46
N GLU E 164 -42.25 33.08 -48.42
CA GLU E 164 -42.19 31.88 -47.59
C GLU E 164 -42.45 32.21 -46.11
N CYS E 165 -41.97 33.39 -45.67
CA CYS E 165 -41.82 33.73 -44.26
C CYS E 165 -42.89 34.65 -43.71
N THR E 166 -43.83 35.13 -44.50
CA THR E 166 -44.95 35.99 -44.12
C THR E 166 -46.03 35.22 -43.36
N SER E 167 -45.65 34.66 -42.22
CA SER E 167 -46.56 34.21 -41.15
C SER E 167 -47.42 35.37 -40.64
N SER E 168 -48.49 35.09 -39.91
CA SER E 168 -49.29 36.09 -39.19
C SER E 168 -48.43 37.05 -38.35
N ALA E 169 -47.47 36.50 -37.59
CA ALA E 169 -46.56 37.28 -36.76
C ALA E 169 -45.57 38.11 -37.58
N ASN E 170 -45.17 37.61 -38.75
CA ASN E 170 -44.31 38.32 -39.69
C ASN E 170 -45.05 39.48 -40.38
N LEU E 171 -46.31 39.26 -40.75
CA LEU E 171 -47.18 40.30 -41.27
C LEU E 171 -47.44 41.36 -40.21
N GLU E 172 -47.70 40.93 -38.96
CA GLU E 172 -47.82 41.82 -37.81
C GLU E 172 -46.54 42.65 -37.62
N TYR E 173 -45.37 42.03 -37.74
CA TYR E 173 -44.09 42.74 -37.69
C TYR E 173 -44.01 43.84 -38.76
N ILE E 174 -44.33 43.49 -40.01
CA ILE E 174 -44.38 44.41 -41.14
C ILE E 174 -45.27 45.63 -40.82
N VAL E 175 -46.46 45.37 -40.25
CA VAL E 175 -47.44 46.37 -39.88
C VAL E 175 -46.94 47.24 -38.72
N ASN E 176 -46.37 46.61 -37.68
CA ASN E 176 -45.81 47.28 -36.50
C ASN E 176 -44.66 48.23 -36.86
N LYS E 177 -43.83 47.83 -37.84
CA LYS E 177 -42.72 48.63 -38.35
C LYS E 177 -43.14 49.56 -39.51
N SER E 178 -44.42 49.51 -39.91
CA SER E 178 -45.04 50.35 -40.95
C SER E 178 -44.40 50.18 -42.33
N TYR E 179 -43.76 49.03 -42.59
CA TYR E 179 -43.19 48.73 -43.90
C TYR E 179 -44.26 48.45 -44.96
N THR E 180 -45.54 48.33 -44.56
CA THR E 180 -46.63 47.76 -45.35
C THR E 180 -46.76 48.40 -46.74
N LYS E 181 -46.91 49.73 -46.79
CA LYS E 181 -47.11 50.44 -48.06
C LYS E 181 -45.83 50.47 -48.90
N LYS E 182 -44.66 50.54 -48.26
CA LYS E 182 -43.36 50.45 -48.92
C LYS E 182 -43.23 49.12 -49.68
N ILE E 183 -43.52 48.00 -48.98
CA ILE E 183 -43.54 46.66 -49.55
C ILE E 183 -44.56 46.57 -50.67
N MET E 184 -45.78 47.11 -50.46
CA MET E 184 -46.84 47.11 -51.47
C MET E 184 -46.36 47.77 -52.76
N ILE E 185 -45.86 49.01 -52.68
CA ILE E 185 -45.38 49.77 -53.83
C ILE E 185 -44.25 49.03 -54.54
N VAL E 186 -43.31 48.47 -53.75
CA VAL E 186 -42.18 47.71 -54.30
C VAL E 186 -42.65 46.40 -54.97
N ALA E 187 -43.68 45.73 -54.42
CA ALA E 187 -44.36 44.65 -55.10
C ALA E 187 -45.01 45.12 -56.41
N MET E 188 -45.65 46.29 -56.43
CA MET E 188 -46.22 46.84 -57.66
C MET E 188 -45.13 47.16 -58.69
N LYS E 189 -43.90 47.51 -58.26
CA LYS E 189 -42.73 47.67 -59.11
C LYS E 189 -42.19 46.35 -59.64
N LEU E 190 -42.40 45.24 -58.92
CA LEU E 190 -42.11 43.89 -59.42
C LEU E 190 -43.17 43.49 -60.45
N ASN E 191 -42.93 43.90 -61.72
CA ASN E 191 -43.88 43.71 -62.79
C ASN E 191 -43.24 43.30 -64.12
N LYS E 192 -41.90 43.25 -64.19
CA LYS E 192 -41.13 43.19 -65.45
C LYS E 192 -41.27 41.86 -66.20
N THR E 193 -41.59 40.78 -65.47
CA THR E 193 -41.70 39.42 -66.00
C THR E 193 -42.86 38.71 -65.31
N PRO E 194 -43.40 37.58 -65.87
CA PRO E 194 -44.39 36.77 -65.17
C PRO E 194 -43.97 36.30 -63.77
N ASP E 195 -42.67 36.05 -63.57
CA ASP E 195 -42.12 35.70 -62.26
C ASP E 195 -42.28 36.86 -61.27
N GLN E 196 -41.88 38.07 -61.69
CA GLN E 196 -42.05 39.28 -60.90
C GLN E 196 -43.52 39.48 -60.54
N GLN E 197 -44.38 39.34 -61.55
CA GLN E 197 -45.82 39.52 -61.44
C GLN E 197 -46.43 38.51 -60.45
N ARG E 198 -46.03 37.24 -60.53
CA ARG E 198 -46.49 36.21 -59.60
C ARG E 198 -46.05 36.53 -58.18
N LEU E 199 -44.76 36.83 -57.99
CA LEU E 199 -44.23 37.18 -56.67
C LEU E 199 -44.94 38.42 -56.11
N SER E 200 -45.14 39.43 -56.96
CA SER E 200 -45.87 40.64 -56.65
C SER E 200 -47.27 40.31 -56.09
N LEU E 201 -48.09 39.62 -56.90
CA LEU E 201 -49.42 39.18 -56.50
C LEU E 201 -49.38 38.33 -55.24
N SER E 202 -48.32 37.53 -55.05
CA SER E 202 -48.11 36.76 -53.83
C SER E 202 -47.96 37.67 -52.61
N LEU E 203 -46.97 38.57 -52.64
CA LEU E 203 -46.69 39.47 -51.53
C LEU E 203 -47.92 40.35 -51.24
N ILE E 204 -48.55 40.89 -52.29
CA ILE E 204 -49.82 41.61 -52.24
C ILE E 204 -50.88 40.77 -51.51
N GLY E 205 -51.13 39.54 -51.97
CA GLY E 205 -52.08 38.63 -51.34
C GLY E 205 -51.72 38.26 -49.91
N ASN E 206 -50.42 38.19 -49.58
CA ASN E 206 -49.97 37.93 -48.23
C ASN E 206 -50.26 39.12 -47.30
N LEU E 207 -50.01 40.35 -47.76
CA LEU E 207 -50.38 41.55 -47.01
C LEU E 207 -51.89 41.56 -46.74
N PHE E 208 -52.69 41.10 -47.72
CA PHE E 208 -54.14 40.97 -47.58
C PHE E 208 -54.58 39.84 -46.62
N LYS E 209 -53.66 39.19 -45.90
CA LYS E 209 -54.03 38.27 -44.83
C LYS E 209 -54.00 38.95 -43.47
N HIS E 210 -53.63 40.25 -43.40
CA HIS E 210 -53.75 41.01 -42.16
C HIS E 210 -55.14 41.65 -42.06
N SER E 211 -55.53 42.02 -40.82
CA SER E 211 -56.85 42.51 -40.42
C SER E 211 -57.43 43.65 -41.29
N ASN E 212 -58.75 43.86 -41.19
CA ASN E 212 -59.59 44.67 -42.07
C ASN E 212 -58.98 46.05 -42.39
N ALA E 213 -58.50 46.77 -41.36
CA ALA E 213 -57.92 48.11 -41.48
C ALA E 213 -56.74 48.15 -42.45
N VAL E 214 -55.88 47.12 -42.42
CA VAL E 214 -54.72 47.00 -43.29
C VAL E 214 -55.17 46.82 -44.75
N SER E 215 -56.07 45.88 -45.01
CA SER E 215 -56.64 45.67 -46.35
C SER E 215 -57.27 46.95 -46.88
N LEU E 216 -58.10 47.62 -46.07
CA LEU E 216 -58.75 48.88 -46.44
C LEU E 216 -57.74 49.96 -46.79
N SER E 217 -56.69 50.11 -45.96
CA SER E 217 -55.57 51.03 -46.20
C SER E 217 -54.87 50.72 -47.53
N LEU E 218 -54.71 49.43 -47.86
CA LEU E 218 -54.08 49.02 -49.11
C LEU E 218 -54.99 49.22 -50.33
N ILE E 219 -56.33 49.20 -50.17
CA ILE E 219 -57.25 49.58 -51.25
C ILE E 219 -56.95 51.00 -51.75
N GLU E 220 -56.52 51.90 -50.86
CA GLU E 220 -56.20 53.28 -51.19
C GLU E 220 -55.04 53.39 -52.19
N THR E 221 -54.25 52.32 -52.37
CA THR E 221 -53.17 52.29 -53.35
C THR E 221 -53.69 52.01 -54.78
N ASP E 222 -54.95 51.60 -54.91
CA ASP E 222 -55.56 51.13 -56.17
C ASP E 222 -54.83 49.92 -56.76
N VAL E 223 -54.14 49.15 -55.91
CA VAL E 223 -53.51 47.89 -56.27
C VAL E 223 -54.47 46.91 -56.97
N ILE E 224 -55.79 47.04 -56.75
CA ILE E 224 -56.77 46.17 -57.39
C ILE E 224 -56.67 46.30 -58.91
N ASP E 225 -56.53 47.54 -59.41
CA ASP E 225 -56.34 47.80 -60.84
C ASP E 225 -55.01 47.24 -61.34
N HIS E 226 -53.94 47.35 -60.52
CA HIS E 226 -52.66 46.73 -60.79
C HIS E 226 -52.78 45.21 -60.89
N ILE E 227 -53.55 44.58 -59.98
CA ILE E 227 -53.83 43.14 -59.97
C ILE E 227 -54.51 42.75 -61.29
N ILE E 228 -55.60 43.47 -61.61
CA ILE E 228 -56.39 43.25 -62.82
C ILE E 228 -55.47 43.33 -64.05
N LEU E 229 -54.73 44.42 -64.19
CA LEU E 229 -53.78 44.60 -65.27
C LEU E 229 -52.72 43.48 -65.30
N THR E 230 -52.24 43.02 -64.13
CA THR E 230 -51.22 41.99 -64.03
C THR E 230 -51.71 40.65 -64.60
N PHE E 231 -52.89 40.17 -64.15
CA PHE E 231 -53.40 38.93 -64.69
C PHE E 231 -53.88 39.07 -66.14
N LYS E 232 -54.39 40.25 -66.50
CA LYS E 232 -54.78 40.58 -67.88
C LYS E 232 -53.58 40.55 -68.84
N ARG E 233 -52.42 40.99 -68.37
CA ARG E 233 -51.15 40.98 -69.13
C ARG E 233 -50.66 39.55 -69.37
N ALA E 234 -50.69 38.70 -68.32
CA ALA E 234 -50.02 37.40 -68.36
C ALA E 234 -50.91 36.26 -67.85
N PRO E 235 -52.11 36.01 -68.48
CA PRO E 235 -52.94 34.84 -68.09
C PRO E 235 -52.32 33.52 -68.56
N GLU E 236 -51.29 33.59 -69.41
CA GLU E 236 -50.49 32.47 -69.90
C GLU E 236 -49.74 31.75 -68.75
N CYS E 237 -49.60 32.41 -67.58
CA CYS E 237 -49.12 31.79 -66.37
C CYS E 237 -50.30 31.45 -65.42
N PRO E 238 -50.60 30.15 -65.18
CA PRO E 238 -51.62 29.75 -64.21
C PRO E 238 -51.30 30.28 -62.81
N ASP E 239 -50.01 30.36 -62.46
CA ASP E 239 -49.57 30.79 -61.14
C ASP E 239 -49.90 32.27 -60.88
N ILE E 240 -49.87 33.11 -61.93
CA ILE E 240 -50.36 34.49 -61.86
C ILE E 240 -51.85 34.49 -61.53
N LEU E 241 -52.64 33.71 -62.26
CA LEU E 241 -54.08 33.62 -62.02
C LEU E 241 -54.37 33.13 -60.59
N ARG E 242 -53.58 32.15 -60.09
CA ARG E 242 -53.64 31.67 -58.71
C ARG E 242 -53.39 32.81 -57.73
N HIS E 243 -52.27 33.52 -57.86
CA HIS E 243 -51.90 34.57 -56.93
C HIS E 243 -52.83 35.78 -57.01
N ALA E 244 -53.41 36.03 -58.19
CA ALA E 244 -54.47 37.02 -58.37
C ALA E 244 -55.74 36.60 -57.60
N ALA E 245 -56.26 35.40 -57.89
CA ALA E 245 -57.46 34.88 -57.26
C ALA E 245 -57.27 34.79 -55.74
N LEU E 246 -56.07 34.36 -55.29
CA LEU E 246 -55.62 34.38 -53.90
C LEU E 246 -55.71 35.79 -53.32
N ALA E 247 -55.13 36.80 -53.99
CA ALA E 247 -55.13 38.18 -53.50
C ALA E 247 -56.57 38.67 -53.32
N LEU E 248 -57.44 38.38 -54.30
CA LEU E 248 -58.85 38.74 -54.26
C LEU E 248 -59.60 38.02 -53.14
N ALA E 249 -59.39 36.70 -53.00
CA ALA E 249 -59.96 35.91 -51.91
C ALA E 249 -59.55 36.48 -50.56
N ASN E 250 -58.25 36.67 -50.37
CA ASN E 250 -57.67 37.18 -49.14
C ASN E 250 -58.24 38.56 -48.80
N ILE E 251 -58.15 39.52 -49.73
CA ILE E 251 -58.60 40.87 -49.43
C ILE E 251 -60.09 40.88 -49.09
N LEU E 252 -60.93 40.18 -49.86
CA LEU E 252 -62.36 40.09 -49.58
C LEU E 252 -62.64 39.48 -48.21
N LEU E 253 -61.91 38.43 -47.85
CA LEU E 253 -62.04 37.74 -46.57
C LEU E 253 -61.56 38.62 -45.41
N TYR E 254 -60.59 39.51 -45.69
CA TYR E 254 -59.98 40.41 -44.71
C TYR E 254 -60.31 41.88 -44.96
N THR E 255 -61.58 42.20 -45.28
CA THR E 255 -62.02 43.58 -45.47
C THR E 255 -63.43 43.81 -44.93
N CYS E 256 -63.71 45.06 -44.51
CA CYS E 256 -65.04 45.56 -44.11
C CYS E 256 -66.00 45.69 -45.31
N PHE E 257 -67.27 46.05 -45.03
CA PHE E 257 -68.31 46.23 -46.05
C PHE E 257 -67.91 47.29 -47.08
N GLU E 258 -67.41 48.44 -46.60
CA GLU E 258 -67.05 49.57 -47.45
C GLU E 258 -65.92 49.19 -48.42
N GLY E 259 -64.88 48.55 -47.89
CA GLY E 259 -63.77 48.07 -48.71
C GLY E 259 -64.19 47.00 -49.71
N LYS E 260 -65.04 46.04 -49.29
CA LYS E 260 -65.65 45.05 -50.17
C LYS E 260 -66.38 45.74 -51.34
N LYS E 261 -67.18 46.76 -51.03
CA LYS E 261 -67.87 47.58 -52.03
C LYS E 261 -66.89 48.22 -53.03
N LYS E 262 -65.82 48.85 -52.52
CA LYS E 262 -64.74 49.40 -53.33
C LYS E 262 -64.07 48.37 -54.25
N ILE E 263 -63.79 47.16 -53.73
CA ILE E 263 -63.24 46.05 -54.51
C ILE E 263 -64.20 45.68 -55.64
N ILE E 264 -65.50 45.52 -55.31
CA ILE E 264 -66.53 45.11 -56.26
C ILE E 264 -66.67 46.13 -57.40
N GLN E 265 -66.57 47.44 -57.08
CA GLN E 265 -66.62 48.52 -58.06
C GLN E 265 -65.54 48.40 -59.15
N LYS E 266 -64.44 47.68 -58.88
CA LYS E 266 -63.38 47.41 -59.85
C LYS E 266 -63.74 46.23 -60.77
N LYS E 267 -65.06 45.98 -60.96
CA LYS E 267 -65.66 44.90 -61.76
C LYS E 267 -65.20 43.51 -61.30
N ILE E 268 -64.94 43.37 -60.01
CA ILE E 268 -64.29 42.16 -59.48
C ILE E 268 -65.18 40.92 -59.58
N PRO E 269 -66.53 40.96 -59.42
CA PRO E 269 -67.37 39.79 -59.71
C PRO E 269 -67.18 39.25 -61.12
N GLU E 270 -67.07 40.13 -62.11
CA GLU E 270 -66.88 39.78 -63.51
C GLU E 270 -65.45 39.24 -63.73
N TRP E 271 -64.44 39.83 -63.07
CA TRP E 271 -63.10 39.26 -63.09
C TRP E 271 -63.04 37.89 -62.41
N LEU E 272 -63.81 37.68 -61.36
CA LEU E 272 -63.88 36.37 -60.71
C LEU E 272 -64.61 35.35 -61.59
N PHE E 273 -65.61 35.78 -62.39
CA PHE E 273 -66.16 34.95 -63.45
C PHE E 273 -65.07 34.52 -64.44
N PHE E 274 -64.30 35.49 -64.93
CA PHE E 274 -63.16 35.27 -65.81
C PHE E 274 -62.22 34.23 -65.20
N LEU E 275 -61.75 34.45 -63.97
CA LEU E 275 -60.84 33.56 -63.24
C LEU E 275 -61.41 32.15 -63.06
N ALA E 276 -62.68 32.03 -62.63
CA ALA E 276 -63.35 30.74 -62.50
C ALA E 276 -63.57 30.01 -63.85
N SER E 277 -63.57 30.78 -64.94
CA SER E 277 -63.67 30.26 -66.30
C SER E 277 -62.32 29.82 -66.88
N GLN E 278 -61.19 30.21 -66.27
CA GLN E 278 -59.87 29.67 -66.63
C GLN E 278 -59.77 28.23 -66.11
N ALA E 279 -58.95 27.40 -66.79
CA ALA E 279 -58.98 25.95 -66.59
C ALA E 279 -58.32 25.52 -65.26
N ASP E 280 -57.54 26.40 -64.62
CA ASP E 280 -56.82 26.09 -63.39
C ASP E 280 -57.73 26.00 -62.17
N ASP E 281 -57.84 24.81 -61.60
CA ASP E 281 -58.64 24.47 -60.43
C ASP E 281 -58.22 25.27 -59.19
N VAL E 282 -56.94 25.64 -59.03
CA VAL E 282 -56.52 26.41 -57.87
C VAL E 282 -56.98 27.87 -57.97
N THR E 283 -56.83 28.47 -59.16
CA THR E 283 -57.43 29.75 -59.50
C THR E 283 -58.95 29.70 -59.26
N ARG E 284 -59.63 28.65 -59.75
CA ARG E 284 -61.06 28.50 -59.57
C ARG E 284 -61.43 28.40 -58.11
N TYR E 285 -60.71 27.61 -57.31
CA TYR E 285 -60.91 27.50 -55.87
C TYR E 285 -60.87 28.89 -55.19
N TYR E 286 -59.79 29.64 -55.41
CA TYR E 286 -59.70 30.99 -54.87
C TYR E 286 -60.80 31.93 -55.40
N ALA E 287 -61.12 31.82 -56.68
CA ALA E 287 -62.18 32.62 -57.31
C ALA E 287 -63.56 32.30 -56.69
N CYS E 288 -63.82 31.01 -56.46
CA CYS E 288 -65.04 30.53 -55.79
C CYS E 288 -65.12 31.05 -54.37
N ILE E 289 -64.01 31.02 -53.61
CA ILE E 289 -63.94 31.61 -52.27
C ILE E 289 -64.27 33.11 -52.33
N ALA E 290 -63.59 33.84 -53.24
CA ALA E 290 -63.76 35.26 -53.39
C ALA E 290 -65.22 35.62 -53.69
N VAL E 291 -65.83 34.97 -54.70
CA VAL E 291 -67.21 35.28 -55.05
C VAL E 291 -68.15 34.85 -53.92
N CYS E 292 -67.89 33.70 -53.29
CA CYS E 292 -68.76 33.26 -52.21
C CYS E 292 -68.65 34.14 -50.98
N THR E 293 -67.49 34.81 -50.79
CA THR E 293 -67.33 35.86 -49.78
C THR E 293 -68.23 37.05 -50.10
N ILE E 294 -68.29 37.44 -51.38
CA ILE E 294 -69.17 38.50 -51.87
C ILE E 294 -70.65 38.10 -51.71
N VAL E 295 -71.01 36.88 -52.13
CA VAL E 295 -72.34 36.27 -51.98
C VAL E 295 -72.78 36.19 -50.51
N SER E 296 -71.83 36.10 -49.59
CA SER E 296 -72.09 36.11 -48.17
C SER E 296 -72.64 37.46 -47.66
N VAL E 297 -72.56 38.51 -48.49
CA VAL E 297 -73.03 39.85 -48.19
C VAL E 297 -74.32 40.14 -48.98
N LYS E 298 -75.39 40.49 -48.22
CA LYS E 298 -76.72 40.83 -48.66
C LYS E 298 -76.79 41.62 -49.96
N GLU E 299 -76.10 42.77 -50.03
CA GLU E 299 -76.25 43.71 -51.15
C GLU E 299 -75.66 43.17 -52.47
N PHE E 300 -74.74 42.19 -52.36
CA PHE E 300 -73.81 41.85 -53.43
C PHE E 300 -74.11 40.52 -54.12
N GLU E 301 -75.05 39.74 -53.62
CA GLU E 301 -75.57 38.54 -54.29
C GLU E 301 -76.02 38.87 -55.73
N PRO E 302 -76.82 39.94 -55.99
CA PRO E 302 -77.18 40.34 -57.36
C PRO E 302 -75.99 40.63 -58.26
N LEU E 303 -74.92 41.21 -57.70
CA LEU E 303 -73.71 41.53 -58.46
C LEU E 303 -72.97 40.25 -58.89
N VAL E 304 -72.92 39.24 -58.01
CA VAL E 304 -72.38 37.94 -58.38
C VAL E 304 -73.34 37.17 -59.32
N ARG E 305 -74.65 37.33 -59.15
CA ARG E 305 -75.63 36.76 -60.07
C ARG E 305 -75.43 37.32 -61.50
N LYS E 306 -75.22 38.64 -61.60
CA LYS E 306 -74.88 39.33 -62.84
C LYS E 306 -73.54 38.87 -63.41
N SER E 307 -72.58 38.48 -62.57
CA SER E 307 -71.33 37.88 -62.99
C SER E 307 -71.49 36.45 -63.50
N ASP E 308 -72.63 35.79 -63.21
CA ASP E 308 -72.87 34.36 -63.47
C ASP E 308 -71.98 33.40 -62.65
N THR E 309 -71.04 33.88 -61.82
CA THR E 309 -70.01 32.99 -61.27
C THR E 309 -70.56 31.87 -60.38
N MET E 310 -71.67 32.12 -59.66
CA MET E 310 -72.34 31.11 -58.85
C MET E 310 -72.76 29.88 -59.65
N LYS E 311 -73.05 30.05 -60.94
CA LYS E 311 -73.42 28.97 -61.87
C LYS E 311 -72.22 28.05 -62.17
N LEU E 312 -71.00 28.59 -62.10
CA LEU E 312 -69.76 27.81 -62.23
C LEU E 312 -69.40 27.12 -60.92
N VAL E 313 -69.73 27.74 -59.76
CA VAL E 313 -69.23 27.37 -58.44
C VAL E 313 -69.54 25.90 -58.10
N GLU E 314 -70.83 25.54 -58.03
CA GLU E 314 -71.19 24.19 -57.57
C GLU E 314 -70.68 23.11 -58.54
N PRO E 315 -70.84 23.25 -59.89
CA PRO E 315 -70.19 22.35 -60.85
C PRO E 315 -68.70 22.17 -60.67
N PHE E 316 -67.96 23.26 -60.41
CA PHE E 316 -66.53 23.20 -60.11
C PHE E 316 -66.27 22.32 -58.88
N LEU E 317 -67.07 22.46 -57.81
CA LEU E 317 -66.92 21.61 -56.64
C LEU E 317 -67.27 20.16 -56.95
N GLN E 318 -68.37 19.93 -57.70
CA GLN E 318 -68.90 18.62 -58.04
C GLN E 318 -67.88 17.74 -58.77
N VAL E 319 -67.04 18.34 -59.63
CA VAL E 319 -66.04 17.62 -60.43
C VAL E 319 -64.72 17.39 -59.68
N HIS E 320 -64.69 17.65 -58.35
CA HIS E 320 -63.52 17.45 -57.50
C HIS E 320 -63.88 16.75 -56.18
N ASP E 321 -62.85 16.19 -55.52
CA ASP E 321 -62.87 15.84 -54.12
C ASP E 321 -61.94 16.78 -53.37
N PRO E 322 -62.30 17.23 -52.12
CA PRO E 322 -61.35 17.99 -51.28
C PRO E 322 -59.97 17.34 -51.14
N ALA E 323 -59.91 16.00 -51.02
CA ALA E 323 -58.65 15.32 -50.82
C ALA E 323 -57.84 15.24 -52.11
N THR E 324 -58.50 15.01 -53.27
CA THR E 324 -57.78 15.03 -54.55
C THR E 324 -57.25 16.42 -54.84
N PHE E 325 -58.05 17.44 -54.59
CA PHE E 325 -57.63 18.84 -54.64
C PHE E 325 -56.45 19.13 -53.70
N ALA E 326 -56.52 18.59 -52.48
CA ALA E 326 -55.53 18.87 -51.43
C ALA E 326 -54.13 18.52 -51.87
N ARG E 327 -53.92 17.39 -52.52
CA ARG E 327 -52.61 16.90 -52.96
C ARG E 327 -51.95 17.83 -53.99
N ASP E 328 -52.74 18.56 -54.80
CA ASP E 328 -52.27 19.57 -55.71
C ASP E 328 -52.16 20.95 -55.09
N TYR E 329 -53.16 21.28 -54.27
CA TYR E 329 -53.27 22.55 -53.59
C TYR E 329 -52.25 22.73 -52.44
N HIS E 330 -51.63 21.64 -51.98
CA HIS E 330 -50.69 21.62 -50.87
C HIS E 330 -49.68 22.77 -50.88
N LYS E 331 -49.06 23.04 -52.04
CA LYS E 331 -48.07 24.11 -52.26
C LYS E 331 -48.61 25.49 -51.85
N TYR E 332 -49.94 25.66 -51.87
CA TYR E 332 -50.67 26.88 -51.54
C TYR E 332 -51.40 26.76 -50.19
N ALA E 333 -51.69 25.52 -49.77
CA ALA E 333 -52.28 25.21 -48.46
C ALA E 333 -51.27 25.47 -47.34
N GLN E 334 -49.96 25.38 -47.64
CA GLN E 334 -48.88 25.80 -46.75
C GLN E 334 -49.11 27.25 -46.31
N GLY E 335 -49.34 27.45 -44.99
CA GLY E 335 -49.64 28.78 -44.46
C GLY E 335 -51.11 29.19 -44.34
N ASN E 336 -52.04 28.31 -44.70
CA ASN E 336 -53.47 28.48 -44.36
C ASN E 336 -53.61 28.40 -42.83
N THR E 337 -54.40 29.31 -42.23
CA THR E 337 -54.25 29.64 -40.79
C THR E 337 -55.59 29.83 -40.08
N LYS E 338 -55.61 29.64 -38.75
CA LYS E 338 -56.81 29.64 -37.91
C LYS E 338 -57.68 30.89 -38.13
N GLU E 339 -57.11 32.07 -38.13
CA GLU E 339 -57.86 33.31 -38.28
C GLU E 339 -58.57 33.43 -39.63
N TRP E 340 -57.90 32.90 -40.66
CA TRP E 340 -58.41 32.85 -42.02
C TRP E 340 -59.54 31.81 -42.08
N LEU E 341 -59.42 30.67 -41.36
CA LEU E 341 -60.52 29.74 -41.15
C LEU E 341 -61.70 30.38 -40.41
N GLU E 342 -61.45 31.12 -39.32
CA GLU E 342 -62.50 31.80 -38.54
C GLU E 342 -63.36 32.71 -39.45
N ARG E 343 -62.72 33.35 -40.42
CA ARG E 343 -63.38 34.22 -41.38
C ARG E 343 -64.12 33.46 -42.47
N LEU E 344 -63.68 32.24 -42.79
CA LEU E 344 -64.35 31.35 -43.75
C LEU E 344 -65.55 30.62 -43.14
N LEU E 345 -65.52 30.36 -41.82
CA LEU E 345 -66.58 29.67 -41.08
C LEU E 345 -67.98 30.24 -41.36
N PRO E 346 -68.22 31.58 -41.31
CA PRO E 346 -69.50 32.17 -41.68
C PRO E 346 -70.11 31.76 -43.01
N MET E 347 -69.29 31.30 -43.97
CA MET E 347 -69.77 30.85 -45.27
C MET E 347 -70.51 29.50 -45.21
N LEU E 348 -70.35 28.74 -44.11
CA LEU E 348 -71.13 27.52 -43.85
C LEU E 348 -72.57 27.84 -43.38
N GLN E 349 -72.87 29.07 -42.95
CA GLN E 349 -74.11 29.35 -42.23
C GLN E 349 -75.33 29.24 -43.13
N PRO E 350 -76.49 28.70 -42.65
CA PRO E 350 -77.75 28.65 -43.41
C PRO E 350 -78.29 29.95 -43.99
N SER E 351 -77.76 31.10 -43.52
CA SER E 351 -78.04 32.43 -44.04
C SER E 351 -77.45 32.65 -45.43
N ARG E 352 -76.36 31.93 -45.77
CA ARG E 352 -75.63 32.07 -47.02
C ARG E 352 -76.25 31.20 -48.11
N ARG E 353 -75.86 31.44 -49.37
CA ARG E 353 -76.24 30.61 -50.51
C ARG E 353 -75.76 29.16 -50.35
N ARG E 354 -76.50 28.19 -50.93
CA ARG E 354 -76.05 26.82 -51.14
C ARG E 354 -74.65 26.75 -51.77
N GLU E 355 -74.37 27.59 -52.77
CA GLU E 355 -73.07 27.72 -53.41
C GLU E 355 -71.96 28.00 -52.37
N ALA E 356 -72.13 29.08 -51.59
CA ALA E 356 -71.19 29.48 -50.54
C ALA E 356 -71.00 28.39 -49.50
N ARG E 357 -72.09 27.79 -49.03
CA ARG E 357 -72.08 26.64 -48.12
C ARG E 357 -71.32 25.45 -48.70
N SER E 358 -71.51 25.18 -50.00
CA SER E 358 -70.82 24.11 -50.71
C SER E 358 -69.32 24.37 -50.79
N VAL E 359 -68.91 25.59 -51.16
CA VAL E 359 -67.51 26.02 -51.20
C VAL E 359 -66.87 25.87 -49.82
N ALA E 360 -67.54 26.44 -48.81
CA ALA E 360 -67.09 26.40 -47.44
C ALA E 360 -66.92 24.95 -46.97
N ALA E 361 -67.93 24.11 -47.20
CA ALA E 361 -67.91 22.71 -46.81
C ALA E 361 -66.73 21.97 -47.46
N PHE E 362 -66.59 22.08 -48.80
CA PHE E 362 -65.48 21.50 -49.55
C PHE E 362 -64.14 21.92 -48.95
N HIS E 363 -64.01 23.24 -48.73
CA HIS E 363 -62.82 23.86 -48.19
C HIS E 363 -62.49 23.31 -46.80
N PHE E 364 -63.49 23.25 -45.89
CA PHE E 364 -63.27 22.73 -44.56
C PHE E 364 -62.91 21.24 -44.58
N THR E 365 -63.43 20.47 -45.56
CA THR E 365 -62.98 19.10 -45.73
C THR E 365 -61.51 19.04 -46.12
N LEU E 366 -61.11 19.88 -47.08
CA LEU E 366 -59.73 20.00 -47.55
C LEU E 366 -58.82 20.32 -46.34
N GLU E 367 -59.19 21.35 -45.55
CA GLU E 367 -58.44 21.75 -44.38
C GLU E 367 -58.39 20.64 -43.33
N ALA E 368 -59.52 19.99 -43.06
CA ALA E 368 -59.55 18.86 -42.16
C ALA E 368 -58.57 17.78 -42.60
N THR E 369 -58.50 17.51 -43.92
CA THR E 369 -57.57 16.55 -44.49
C THR E 369 -56.12 16.90 -44.11
N ILE E 370 -55.73 18.15 -44.35
CA ILE E 370 -54.39 18.65 -44.05
C ILE E 370 -54.12 18.64 -42.53
N LYS E 371 -55.10 19.12 -41.74
CA LYS E 371 -54.95 19.21 -40.30
C LYS E 371 -54.94 17.83 -39.61
N LYS E 372 -55.50 16.78 -40.25
CA LYS E 372 -55.27 15.42 -39.80
C LYS E 372 -53.79 15.03 -39.86
N GLU E 373 -53.17 15.30 -41.00
CA GLU E 373 -51.77 15.01 -41.25
C GLU E 373 -50.89 15.76 -40.25
N GLN E 374 -51.19 17.04 -40.02
CA GLN E 374 -50.49 17.89 -39.06
C GLN E 374 -50.80 17.55 -37.60
N ASN E 375 -51.85 16.72 -37.34
CA ASN E 375 -52.40 16.47 -36.03
C ASN E 375 -52.84 17.78 -35.32
N LYS E 376 -53.66 18.56 -36.04
CA LYS E 376 -54.20 19.83 -35.55
C LYS E 376 -55.69 19.97 -35.88
N LEU E 377 -56.43 18.86 -35.80
CA LEU E 377 -57.88 18.85 -36.02
C LEU E 377 -58.62 19.64 -34.94
N ASP E 378 -57.98 19.80 -33.77
CA ASP E 378 -58.45 20.60 -32.64
C ASP E 378 -58.92 21.99 -33.05
N VAL E 379 -58.28 22.59 -34.09
CA VAL E 379 -58.63 23.91 -34.59
C VAL E 379 -60.14 24.05 -34.86
N PHE E 380 -60.76 23.03 -35.46
CA PHE E 380 -62.17 23.09 -35.84
C PHE E 380 -63.10 23.04 -34.63
N GLN E 381 -62.65 22.43 -33.53
CA GLN E 381 -63.31 22.50 -32.24
C GLN E 381 -63.13 23.88 -31.59
N GLU E 382 -61.91 24.40 -31.65
CA GLU E 382 -61.56 25.70 -31.08
C GLU E 382 -62.38 26.83 -31.70
N ILE E 383 -62.51 26.83 -33.02
CA ILE E 383 -63.30 27.83 -33.76
C ILE E 383 -64.79 27.46 -33.80
N GLY E 384 -65.17 26.28 -33.29
CA GLY E 384 -66.55 25.81 -33.25
C GLY E 384 -67.14 25.41 -34.60
N ALA E 385 -66.30 25.26 -35.63
CA ALA E 385 -66.73 24.92 -37.00
C ALA E 385 -67.47 23.58 -37.06
N ILE E 386 -67.18 22.68 -36.12
CA ILE E 386 -67.80 21.35 -36.04
C ILE E 386 -69.33 21.47 -35.99
N GLN E 387 -69.84 22.45 -35.24
CA GLN E 387 -71.28 22.70 -35.14
C GLN E 387 -71.88 23.11 -36.50
N ALA E 388 -71.23 24.06 -37.17
CA ALA E 388 -71.65 24.51 -38.49
C ALA E 388 -71.57 23.39 -39.53
N LEU E 389 -70.56 22.53 -39.44
CA LEU E 389 -70.44 21.33 -40.28
C LEU E 389 -71.60 20.37 -40.01
N LYS E 390 -71.98 20.16 -38.75
CA LYS E 390 -73.15 19.34 -38.41
C LYS E 390 -74.44 19.92 -39.01
N GLU E 391 -74.64 21.24 -38.88
CA GLU E 391 -75.75 21.95 -39.49
C GLU E 391 -75.80 21.74 -41.02
N VAL E 392 -74.65 21.90 -41.70
CA VAL E 392 -74.55 21.71 -43.14
C VAL E 392 -74.76 20.23 -43.51
N ALA E 393 -74.21 19.29 -42.73
CA ALA E 393 -74.42 17.86 -42.93
C ALA E 393 -75.90 17.48 -42.83
N SER E 394 -76.66 18.13 -41.93
CA SER E 394 -78.10 17.99 -41.79
C SER E 394 -78.91 18.76 -42.85
N SER E 395 -78.30 19.74 -43.53
CA SER E 395 -78.99 20.60 -44.48
C SER E 395 -79.36 19.86 -45.78
N PRO E 396 -80.36 20.34 -46.56
CA PRO E 396 -80.68 19.77 -47.87
C PRO E 396 -79.69 20.09 -49.00
N ASP E 397 -78.63 20.85 -48.71
CA ASP E 397 -77.61 21.24 -49.67
C ASP E 397 -76.68 20.04 -49.94
N GLU E 398 -77.12 19.04 -50.71
CA GLU E 398 -76.53 17.70 -50.74
C GLU E 398 -75.00 17.70 -50.91
N VAL E 399 -74.48 18.53 -51.83
CA VAL E 399 -73.05 18.70 -52.10
C VAL E 399 -72.32 19.18 -50.83
N ALA E 400 -72.79 20.30 -50.26
CA ALA E 400 -72.27 20.85 -49.02
C ALA E 400 -72.38 19.83 -47.88
N ALA E 401 -73.56 19.20 -47.75
CA ALA E 401 -73.86 18.23 -46.71
C ALA E 401 -72.92 17.02 -46.77
N LYS E 402 -72.64 16.52 -47.99
CA LYS E 402 -71.69 15.45 -48.23
C LYS E 402 -70.30 15.85 -47.73
N PHE E 403 -69.78 16.98 -48.22
CA PHE E 403 -68.47 17.48 -47.82
C PHE E 403 -68.40 17.72 -46.31
N ALA E 404 -69.45 18.28 -45.71
CA ALA E 404 -69.51 18.51 -44.27
C ALA E 404 -69.49 17.19 -43.49
N SER E 405 -70.25 16.18 -43.97
CA SER E 405 -70.24 14.84 -43.41
C SER E 405 -68.85 14.22 -43.49
N GLU E 406 -68.19 14.37 -44.65
CA GLU E 406 -66.83 13.91 -44.88
C GLU E 406 -65.86 14.62 -43.94
N ALA E 407 -65.99 15.95 -43.78
CA ALA E 407 -65.18 16.72 -42.84
C ALA E 407 -65.33 16.18 -41.42
N LEU E 408 -66.58 15.99 -40.97
CA LEU E 408 -66.87 15.41 -39.65
C LEU E 408 -66.30 14.00 -39.52
N THR E 409 -66.28 13.22 -40.62
CA THR E 409 -65.66 11.91 -40.68
C THR E 409 -64.16 12.00 -40.39
N VAL E 410 -63.51 13.03 -40.97
CA VAL E 410 -62.10 13.32 -40.78
C VAL E 410 -61.82 13.84 -39.38
N ILE E 411 -62.75 14.62 -38.76
CA ILE E 411 -62.62 15.14 -37.40
C ILE E 411 -62.42 14.00 -36.38
N GLY E 412 -63.26 12.92 -36.46
CA GLY E 412 -63.13 11.77 -35.58
C GLY E 412 -63.28 12.09 -34.08
N GLU E 413 -62.17 11.89 -33.33
CA GLU E 413 -62.09 12.23 -31.91
C GLU E 413 -60.76 12.90 -31.54
N GLU E 414 -60.78 13.68 -30.45
CA GLU E 414 -59.66 14.45 -29.93
C GLU E 414 -58.53 13.56 -29.38
N VAL E 415 -57.33 14.16 -29.28
CA VAL E 415 -56.28 13.62 -28.43
C VAL E 415 -56.61 13.87 -26.95
N PRO E 416 -56.18 12.94 -26.09
CA PRO E 416 -56.38 13.06 -24.65
C PRO E 416 -55.55 14.20 -24.07
N TYR E 417 -54.26 14.25 -24.45
CA TYR E 417 -53.42 15.39 -24.13
C TYR E 417 -52.53 15.72 -25.33
N LYS E 418 -52.40 17.02 -25.61
CA LYS E 418 -51.23 17.47 -26.35
C LYS E 418 -50.14 17.79 -25.33
N LEU E 419 -49.03 17.05 -25.34
CA LEU E 419 -47.99 17.27 -24.35
C LEU E 419 -47.17 18.51 -24.69
N ALA E 420 -46.97 19.36 -23.69
CA ALA E 420 -46.07 20.50 -23.81
C ALA E 420 -44.63 19.99 -23.83
N GLN E 421 -43.84 20.48 -24.80
CA GLN E 421 -42.42 20.20 -24.85
C GLN E 421 -41.67 20.64 -23.61
N GLN E 422 -42.22 21.59 -22.86
CA GLN E 422 -41.73 21.96 -21.54
C GLN E 422 -42.08 20.87 -20.52
N VAL E 423 -41.47 19.69 -20.69
CA VAL E 423 -41.80 18.55 -19.88
C VAL E 423 -41.56 18.75 -18.39
N PRO E 424 -40.64 19.62 -17.91
CA PRO E 424 -40.55 19.90 -16.48
C PRO E 424 -41.88 20.33 -15.89
N GLY E 425 -42.72 20.98 -16.69
CA GLY E 425 -44.05 21.39 -16.27
C GLY E 425 -45.06 20.25 -16.14
N TRP E 426 -44.71 19.03 -16.52
CA TRP E 426 -45.68 17.94 -16.52
C TRP E 426 -46.15 17.57 -15.11
N THR E 427 -47.47 17.43 -15.01
CA THR E 427 -48.16 16.86 -13.87
C THR E 427 -47.98 15.35 -13.82
N CYS E 428 -48.35 14.75 -12.68
CA CYS E 428 -48.38 13.31 -12.62
C CYS E 428 -49.33 12.70 -13.64
N ALA E 429 -50.43 13.39 -13.92
CA ALA E 429 -51.37 12.95 -14.95
C ALA E 429 -50.68 12.82 -16.32
N ASP E 430 -49.86 13.81 -16.65
CA ASP E 430 -49.10 13.76 -17.89
C ASP E 430 -48.16 12.57 -17.90
N VAL E 431 -47.41 12.38 -16.80
CA VAL E 431 -46.49 11.26 -16.77
C VAL E 431 -47.25 9.95 -16.95
N GLN E 432 -48.38 9.81 -16.25
CA GLN E 432 -49.19 8.60 -16.34
C GLN E 432 -49.56 8.35 -17.79
N TYR E 433 -50.05 9.40 -18.46
CA TYR E 433 -50.45 9.30 -19.85
C TYR E 433 -49.28 8.87 -20.74
N TRP E 434 -48.11 9.47 -20.53
CA TRP E 434 -46.92 9.14 -21.29
C TRP E 434 -46.54 7.67 -21.09
N VAL E 435 -46.35 7.27 -19.83
CA VAL E 435 -45.98 5.92 -19.45
C VAL E 435 -46.95 4.93 -20.07
N LYS E 436 -48.25 5.22 -19.94
CA LYS E 436 -49.29 4.36 -20.49
C LYS E 436 -49.02 4.16 -21.97
N LYS E 437 -48.89 5.29 -22.69
CA LYS E 437 -48.87 5.24 -24.13
C LYS E 437 -47.59 4.65 -24.69
N ILE E 438 -46.47 4.83 -23.99
CA ILE E 438 -45.23 4.17 -24.39
C ILE E 438 -45.22 2.68 -24.02
N GLY E 439 -46.30 2.17 -23.44
CA GLY E 439 -46.50 0.73 -23.31
C GLY E 439 -45.98 0.18 -21.97
N PHE E 440 -46.20 0.95 -20.91
CA PHE E 440 -45.83 0.55 -19.56
C PHE E 440 -47.04 0.69 -18.62
N GLU E 441 -48.22 0.38 -19.15
CA GLU E 441 -49.51 0.52 -18.50
C GLU E 441 -49.55 -0.08 -17.11
N GLU E 442 -48.96 -1.28 -17.00
CA GLU E 442 -48.81 -2.11 -15.81
C GLU E 442 -48.27 -1.30 -14.63
N TYR E 443 -47.44 -0.28 -14.93
CA TYR E 443 -46.72 0.46 -13.92
C TYR E 443 -47.45 1.73 -13.52
N VAL E 444 -48.45 2.16 -14.32
CA VAL E 444 -48.98 3.52 -14.24
C VAL E 444 -49.49 3.82 -12.83
N GLU E 445 -50.20 2.86 -12.24
CA GLU E 445 -50.71 2.97 -10.89
C GLU E 445 -49.58 3.23 -9.89
N LYS E 446 -48.41 2.62 -10.11
CA LYS E 446 -47.29 2.84 -9.22
C LYS E 446 -46.71 4.23 -9.41
N PHE E 447 -46.60 4.70 -10.65
CA PHE E 447 -46.21 6.08 -10.91
C PHE E 447 -47.15 7.07 -10.21
N ALA E 448 -48.46 6.80 -10.29
CA ALA E 448 -49.47 7.61 -9.66
C ALA E 448 -49.29 7.59 -8.14
N LYS E 449 -49.15 6.40 -7.57
CA LYS E 449 -48.91 6.20 -6.15
C LYS E 449 -47.65 6.92 -5.69
N GLN E 450 -46.60 6.86 -6.52
CA GLN E 450 -45.35 7.54 -6.24
C GLN E 450 -45.38 9.01 -6.57
N MET E 451 -46.49 9.52 -7.14
CA MET E 451 -46.68 10.94 -7.42
C MET E 451 -45.52 11.52 -8.25
N VAL E 452 -45.12 10.77 -9.27
CA VAL E 452 -44.04 11.19 -10.15
C VAL E 452 -44.50 12.32 -11.06
N ASP E 453 -43.63 13.31 -11.27
CA ASP E 453 -43.95 14.47 -12.08
C ASP E 453 -42.85 14.71 -13.12
N GLY E 454 -43.02 15.76 -13.94
CA GLY E 454 -42.10 16.00 -15.07
C GLY E 454 -40.61 16.06 -14.65
N ASP E 455 -40.41 16.79 -13.55
CA ASP E 455 -39.11 16.96 -12.95
C ASP E 455 -38.56 15.63 -12.47
N LEU E 456 -39.37 14.90 -11.72
CA LEU E 456 -38.98 13.61 -11.20
C LEU E 456 -38.65 12.62 -12.32
N LEU E 457 -39.40 12.64 -13.42
CA LEU E 457 -39.03 11.79 -14.56
C LEU E 457 -37.61 12.07 -14.98
N LEU E 458 -37.28 13.34 -15.08
CA LEU E 458 -35.98 13.73 -15.61
C LEU E 458 -34.86 13.37 -14.61
N GLN E 459 -35.17 13.11 -13.34
CA GLN E 459 -34.17 12.57 -12.44
C GLN E 459 -33.99 11.05 -12.50
N LEU E 460 -34.87 10.31 -13.18
CA LEU E 460 -34.90 8.87 -12.96
C LEU E 460 -33.61 8.14 -13.28
N THR E 461 -33.36 7.09 -12.47
CA THR E 461 -32.30 6.11 -12.66
C THR E 461 -32.92 4.72 -12.63
N GLU E 462 -32.16 3.72 -13.09
CA GLU E 462 -32.75 2.40 -13.12
C GLU E 462 -33.08 1.90 -11.72
N ASN E 463 -32.35 2.37 -10.71
CA ASN E 463 -32.62 2.02 -9.31
C ASN E 463 -34.03 2.42 -8.91
N ASP E 464 -34.44 3.61 -9.34
CA ASP E 464 -35.76 4.11 -9.02
C ASP E 464 -36.83 3.22 -9.63
N LEU E 465 -36.58 2.78 -10.87
CA LEU E 465 -37.47 1.84 -11.51
C LEU E 465 -37.48 0.53 -10.76
N LYS E 466 -36.29 0.00 -10.48
CA LYS E 466 -36.06 -1.29 -9.85
C LYS E 466 -36.77 -1.38 -8.51
N HIS E 467 -36.68 -0.30 -7.72
CA HIS E 467 -37.18 -0.30 -6.36
C HIS E 467 -38.57 0.34 -6.25
N ASP E 468 -38.67 1.65 -6.53
CA ASP E 468 -39.91 2.36 -6.24
C ASP E 468 -41.01 2.07 -7.27
N VAL E 469 -40.62 1.84 -8.52
CA VAL E 469 -41.58 1.37 -9.52
C VAL E 469 -41.68 -0.16 -9.48
N GLY E 470 -40.74 -0.83 -8.81
CA GLY E 470 -40.73 -2.28 -8.67
C GLY E 470 -40.51 -3.01 -9.99
N MET E 471 -39.78 -2.37 -10.89
CA MET E 471 -39.80 -2.77 -12.30
C MET E 471 -38.60 -3.69 -12.52
N ILE E 472 -38.87 -5.00 -12.56
CA ILE E 472 -37.88 -6.03 -12.27
C ILE E 472 -37.04 -6.36 -13.50
N SER E 473 -37.66 -6.37 -14.69
CA SER E 473 -36.97 -6.68 -15.91
C SER E 473 -35.96 -5.60 -16.27
N GLY E 474 -34.67 -5.96 -16.26
CA GLY E 474 -33.64 -5.09 -16.79
C GLY E 474 -33.95 -4.69 -18.24
N LEU E 475 -34.46 -5.63 -19.03
CA LEU E 475 -34.85 -5.33 -20.39
C LEU E 475 -35.94 -4.28 -20.43
N HIS E 476 -36.99 -4.44 -19.61
CA HIS E 476 -38.01 -3.43 -19.54
C HIS E 476 -37.37 -2.08 -19.14
N ARG E 477 -36.43 -2.09 -18.19
CA ARG E 477 -35.73 -0.87 -17.81
C ARG E 477 -34.99 -0.27 -19.00
N LYS E 478 -34.23 -1.07 -19.75
CA LYS E 478 -33.51 -0.59 -20.92
C LYS E 478 -34.48 0.12 -21.86
N ARG E 479 -35.56 -0.59 -22.20
CA ARG E 479 -36.58 -0.11 -23.11
C ARG E 479 -37.12 1.23 -22.60
N PHE E 480 -37.51 1.26 -21.34
CA PHE E 480 -38.04 2.46 -20.72
C PHE E 480 -37.06 3.62 -20.82
N LEU E 481 -35.81 3.36 -20.44
CA LEU E 481 -34.79 4.39 -20.41
C LEU E 481 -34.53 4.94 -21.80
N ARG E 482 -34.56 4.08 -22.82
CA ARG E 482 -34.45 4.54 -24.19
C ARG E 482 -35.51 5.60 -24.50
N GLU E 483 -36.76 5.33 -24.12
CA GLU E 483 -37.80 6.31 -24.35
C GLU E 483 -37.56 7.57 -23.55
N LEU E 484 -37.18 7.40 -22.30
CA LEU E 484 -36.89 8.55 -21.45
C LEU E 484 -35.76 9.40 -22.03
N GLN E 485 -34.70 8.76 -22.53
CA GLN E 485 -33.60 9.46 -23.17
C GLN E 485 -34.12 10.23 -24.38
N THR E 486 -34.95 9.57 -25.19
CA THR E 486 -35.53 10.20 -26.35
C THR E 486 -36.27 11.46 -25.91
N LEU E 487 -37.13 11.30 -24.90
CA LEU E 487 -37.92 12.39 -24.37
C LEU E 487 -37.01 13.51 -23.85
N LYS E 488 -36.00 13.16 -23.08
CA LYS E 488 -35.02 14.10 -22.56
C LYS E 488 -34.41 14.93 -23.70
N VAL E 489 -34.04 14.26 -24.78
CA VAL E 489 -33.47 14.95 -25.90
C VAL E 489 -34.49 15.90 -26.49
N ALA E 490 -35.70 15.39 -26.68
CA ALA E 490 -36.80 16.06 -27.35
C ALA E 490 -37.27 17.31 -26.60
N ALA E 491 -37.23 17.27 -25.26
CA ALA E 491 -37.84 18.27 -24.41
C ALA E 491 -37.26 19.66 -24.61
N ASP E 492 -38.12 20.66 -24.52
CA ASP E 492 -37.68 22.04 -24.36
C ASP E 492 -37.34 22.28 -22.89
N TYR E 493 -36.31 23.10 -22.68
CA TYR E 493 -35.95 23.56 -21.35
C TYR E 493 -35.97 25.08 -21.23
N SER E 494 -36.37 25.80 -22.28
CA SER E 494 -36.27 27.26 -22.30
C SER E 494 -37.13 27.90 -21.21
N SER E 495 -38.12 27.16 -20.70
CA SER E 495 -38.88 27.46 -19.49
C SER E 495 -37.97 27.85 -18.31
N VAL E 496 -36.75 27.30 -18.27
CA VAL E 496 -35.85 27.40 -17.13
C VAL E 496 -34.42 27.78 -17.55
N ASP E 497 -34.03 27.41 -18.77
CA ASP E 497 -32.73 27.73 -19.34
C ASP E 497 -32.69 29.17 -19.83
N GLU E 498 -32.18 30.03 -18.94
CA GLU E 498 -31.93 31.43 -19.21
C GLU E 498 -30.95 31.67 -20.37
N SER E 499 -30.05 30.74 -20.59
CA SER E 499 -28.86 30.97 -21.42
C SER E 499 -28.90 30.26 -22.76
N ASN E 500 -29.97 29.48 -23.00
CA ASN E 500 -30.06 28.61 -24.19
C ASN E 500 -28.89 27.65 -24.26
N LEU E 501 -28.40 27.23 -23.09
CA LEU E 501 -27.50 26.09 -22.94
C LEU E 501 -28.01 24.86 -23.69
N ASP E 502 -29.31 24.57 -23.60
CA ASP E 502 -29.96 23.56 -24.39
C ASP E 502 -29.62 23.69 -25.89
N ASN E 503 -29.86 24.87 -26.40
CA ASN E 503 -29.61 25.15 -27.82
C ASN E 503 -28.13 25.00 -28.11
N PHE E 504 -27.27 25.45 -27.21
CA PHE E 504 -25.83 25.30 -27.34
C PHE E 504 -25.44 23.82 -27.48
N LEU E 505 -25.93 23.01 -26.53
CA LEU E 505 -25.67 21.58 -26.51
C LEU E 505 -26.18 20.93 -27.78
N MET E 506 -27.40 21.26 -28.20
CA MET E 506 -28.00 20.76 -29.44
C MET E 506 -27.06 21.06 -30.61
N GLY E 507 -26.60 22.30 -30.69
CA GLY E 507 -25.70 22.75 -31.74
C GLY E 507 -24.38 21.98 -31.71
N LEU E 508 -23.87 21.73 -30.50
CA LEU E 508 -22.66 20.95 -30.32
C LEU E 508 -22.87 19.52 -30.84
N SER E 509 -23.93 18.84 -30.35
CA SER E 509 -24.49 17.63 -30.92
C SER E 509 -25.83 17.32 -30.27
N PRO E 510 -26.89 16.98 -31.05
CA PRO E 510 -28.25 16.90 -30.52
C PRO E 510 -28.45 16.00 -29.31
N GLU E 511 -27.80 14.84 -29.30
CA GLU E 511 -27.96 13.88 -28.22
C GLU E 511 -27.54 14.48 -26.88
N LEU E 512 -26.61 15.44 -26.89
CA LEU E 512 -26.12 16.03 -25.65
C LEU E 512 -27.22 16.76 -24.91
N SER E 513 -28.32 17.11 -25.60
CA SER E 513 -29.56 17.57 -24.99
C SER E 513 -29.92 16.72 -23.76
N VAL E 514 -29.59 15.42 -23.82
CA VAL E 514 -29.93 14.49 -22.76
C VAL E 514 -29.41 14.96 -21.40
N TYR E 515 -28.24 15.59 -21.40
CA TYR E 515 -27.60 16.00 -20.16
C TYR E 515 -28.13 17.31 -19.60
N THR E 516 -28.84 18.08 -20.44
CA THR E 516 -29.18 19.47 -20.16
C THR E 516 -29.79 19.59 -18.78
N TYR E 517 -30.84 18.83 -18.53
CA TYR E 517 -31.61 19.07 -17.34
C TYR E 517 -30.80 18.80 -16.09
N GLN E 518 -30.01 17.72 -16.10
CA GLN E 518 -29.15 17.42 -14.99
C GLN E 518 -28.23 18.59 -14.70
N MET E 519 -27.44 19.00 -15.70
CA MET E 519 -26.45 20.02 -15.44
C MET E 519 -27.13 21.35 -15.09
N LEU E 520 -28.26 21.65 -15.74
CA LEU E 520 -29.02 22.84 -15.46
C LEU E 520 -29.48 22.87 -14.01
N THR E 521 -30.04 21.76 -13.54
CA THR E 521 -30.51 21.66 -12.16
C THR E 521 -29.35 21.64 -11.18
N ASN E 522 -28.16 21.20 -11.60
CA ASN E 522 -26.97 21.38 -10.78
C ASN E 522 -26.47 22.82 -10.76
N GLY E 523 -27.10 23.72 -11.53
CA GLY E 523 -26.74 25.13 -11.56
C GLY E 523 -25.70 25.47 -12.61
N VAL E 524 -25.40 24.55 -13.52
CA VAL E 524 -24.53 24.84 -14.66
C VAL E 524 -25.24 25.78 -15.62
N ASN E 525 -24.46 26.65 -16.25
CA ASN E 525 -24.95 27.57 -17.26
C ASN E 525 -23.88 27.73 -18.35
N ARG E 526 -24.29 28.32 -19.49
CA ARG E 526 -23.51 28.44 -20.70
C ARG E 526 -22.17 29.13 -20.49
N SER E 527 -22.07 30.04 -19.52
CA SER E 527 -20.81 30.73 -19.21
C SER E 527 -19.80 29.82 -18.52
N LEU E 528 -20.28 28.88 -17.70
CA LEU E 528 -19.42 28.12 -16.81
C LEU E 528 -18.66 26.99 -17.52
N LEU E 529 -19.10 26.60 -18.70
CA LEU E 529 -18.82 25.27 -19.25
C LEU E 529 -17.31 25.04 -19.41
N SER E 530 -16.58 26.08 -19.83
CA SER E 530 -15.15 26.01 -20.00
C SER E 530 -14.41 25.61 -18.73
N SER E 531 -15.02 25.90 -17.58
CA SER E 531 -14.37 25.76 -16.29
C SER E 531 -14.57 24.38 -15.64
N LEU E 532 -15.38 23.53 -16.27
CA LEU E 532 -15.64 22.19 -15.80
C LEU E 532 -14.46 21.26 -16.06
N THR E 533 -14.12 20.44 -15.05
CA THR E 533 -13.18 19.34 -15.23
C THR E 533 -13.93 18.11 -15.72
N ASP E 534 -13.17 17.16 -16.30
CA ASP E 534 -13.75 15.89 -16.72
C ASP E 534 -14.46 15.21 -15.55
N GLU E 535 -13.90 15.32 -14.35
CA GLU E 535 -14.49 14.82 -13.12
C GLU E 535 -15.87 15.46 -12.89
N MET E 536 -15.94 16.80 -12.91
CA MET E 536 -17.20 17.50 -12.67
C MET E 536 -18.26 17.06 -13.69
N MET E 537 -17.84 17.03 -14.95
CA MET E 537 -18.69 16.57 -16.03
C MET E 537 -19.19 15.15 -15.76
N GLN E 538 -18.26 14.24 -15.56
CA GLN E 538 -18.53 12.82 -15.39
C GLN E 538 -19.46 12.57 -14.23
N ASN E 539 -19.20 13.23 -13.10
CA ASN E 539 -19.76 12.87 -11.82
C ASN E 539 -20.97 13.75 -11.53
N ALA E 540 -20.71 15.05 -11.38
CA ALA E 540 -21.77 15.98 -10.99
C ALA E 540 -22.80 16.10 -12.13
N CYS E 541 -22.32 16.21 -13.37
CA CYS E 541 -23.19 16.29 -14.52
C CYS E 541 -23.55 14.93 -15.12
N GLY E 542 -23.02 13.84 -14.51
CA GLY E 542 -23.44 12.48 -14.81
C GLY E 542 -23.10 12.03 -16.22
N ILE E 543 -22.27 12.78 -16.96
CA ILE E 543 -21.95 12.38 -18.32
C ILE E 543 -20.84 11.31 -18.31
N THR E 544 -21.26 10.10 -17.97
CA THR E 544 -20.36 8.96 -17.80
C THR E 544 -19.76 8.50 -19.13
N ASN E 545 -20.47 8.70 -20.23
CA ASN E 545 -19.94 8.41 -21.55
C ASN E 545 -18.73 9.29 -21.85
N PRO E 546 -17.49 8.76 -21.90
CA PRO E 546 -16.32 9.59 -22.16
C PRO E 546 -16.37 10.17 -23.57
N ILE E 547 -17.05 9.49 -24.51
CA ILE E 547 -17.15 10.00 -25.87
C ILE E 547 -17.87 11.34 -25.86
N HIS E 548 -19.02 11.38 -25.19
CA HIS E 548 -19.75 12.62 -25.04
C HIS E 548 -18.90 13.67 -24.33
N ARG E 549 -18.16 13.27 -23.28
CA ARG E 549 -17.29 14.21 -22.61
C ARG E 549 -16.25 14.76 -23.57
N LEU E 550 -15.67 13.89 -24.39
CA LEU E 550 -14.72 14.34 -25.40
C LEU E 550 -15.37 15.37 -26.31
N LYS E 551 -16.58 15.08 -26.81
CA LYS E 551 -17.26 16.02 -27.70
C LYS E 551 -17.33 17.40 -27.06
N LEU E 552 -17.87 17.51 -25.84
CA LEU E 552 -18.00 18.82 -25.24
C LEU E 552 -16.62 19.41 -24.92
N THR E 553 -15.63 18.56 -24.60
CA THR E 553 -14.26 19.03 -24.45
C THR E 553 -13.80 19.75 -25.71
N GLN E 554 -14.16 19.23 -26.89
CA GLN E 554 -13.80 19.86 -28.14
C GLN E 554 -14.28 21.29 -28.26
N ALA E 555 -15.44 21.62 -27.70
CA ALA E 555 -15.87 23.02 -27.63
C ALA E 555 -14.82 23.97 -27.00
N PHE E 556 -14.16 23.47 -25.98
CA PHE E 556 -13.20 24.20 -25.17
C PHE E 556 -11.78 24.06 -25.71
N GLU E 557 -11.47 22.94 -26.41
CA GLU E 557 -10.29 22.90 -27.28
C GLU E 557 -10.36 23.98 -28.38
N THR E 558 -11.56 24.19 -28.94
CA THR E 558 -11.82 25.12 -30.02
C THR E 558 -12.25 26.51 -29.50
N ALA E 559 -12.23 26.75 -28.20
CA ALA E 559 -12.42 28.05 -27.58
C ALA E 559 -11.22 28.98 -27.76
N LYS E 560 -10.40 28.80 -28.81
CA LYS E 560 -9.19 29.60 -29.01
C LYS E 560 -9.04 30.04 -30.47
N HIS E 561 -8.70 31.31 -30.66
CA HIS E 561 -8.44 31.96 -31.94
C HIS E 561 -9.48 31.69 -33.05
N GLN E 573 -11.93 54.51 -50.52
CA GLN E 573 -11.24 53.98 -49.30
C GLN E 573 -9.84 53.47 -49.69
N ILE E 574 -8.81 53.80 -48.85
CA ILE E 574 -7.51 53.17 -48.94
C ILE E 574 -7.26 52.45 -47.61
N ASP E 575 -6.85 51.18 -47.68
CA ASP E 575 -6.30 50.48 -46.53
C ASP E 575 -4.84 50.87 -46.32
N VAL E 576 -3.98 50.78 -47.35
CA VAL E 576 -2.54 50.91 -47.17
C VAL E 576 -1.94 51.93 -48.14
N PHE E 577 -1.07 52.85 -47.69
CA PHE E 577 -0.14 53.51 -48.58
C PHE E 577 1.28 53.02 -48.33
N ILE E 578 2.10 52.84 -49.40
CA ILE E 578 3.48 52.40 -49.29
C ILE E 578 4.44 53.53 -49.66
N SER E 579 5.16 54.02 -48.66
CA SER E 579 6.30 54.94 -48.82
C SER E 579 7.58 54.12 -48.79
N TYR E 580 8.52 54.48 -49.64
CA TYR E 580 9.78 53.78 -49.90
C TYR E 580 10.73 54.70 -50.67
N ARG E 581 12.02 54.33 -50.67
CA ARG E 581 13.02 55.02 -51.46
C ARG E 581 12.99 54.45 -52.87
N ARG E 582 12.74 55.32 -53.87
CA ARG E 582 12.70 55.02 -55.29
C ARG E 582 13.97 54.35 -55.81
N SER E 583 15.15 54.69 -55.27
CA SER E 583 16.43 54.20 -55.71
C SER E 583 16.72 52.75 -55.30
N THR E 584 16.10 52.26 -54.19
CA THR E 584 16.41 50.89 -53.77
C THR E 584 15.21 50.03 -53.42
N GLY E 585 14.13 50.65 -52.94
CA GLY E 585 12.97 49.93 -52.43
C GLY E 585 11.87 49.66 -53.46
N ASN E 586 12.14 50.03 -54.70
CA ASN E 586 11.22 49.88 -55.82
C ASN E 586 10.61 48.48 -55.91
N GLN E 587 11.43 47.47 -56.15
CA GLN E 587 10.96 46.12 -56.49
C GLN E 587 10.20 45.48 -55.29
N LEU E 588 10.64 45.80 -54.08
CA LEU E 588 10.08 45.25 -52.87
C LEU E 588 8.80 45.94 -52.48
N ALA E 589 8.76 47.28 -52.54
CA ALA E 589 7.50 48.05 -52.42
C ALA E 589 6.43 47.56 -53.40
N SER E 590 6.82 47.28 -54.64
CA SER E 590 5.92 46.71 -55.63
C SER E 590 5.45 45.30 -55.25
N LEU E 591 6.36 44.47 -54.77
CA LEU E 591 6.03 43.13 -54.32
C LEU E 591 5.01 43.18 -53.16
N ILE E 592 5.26 44.08 -52.19
CA ILE E 592 4.37 44.37 -51.07
C ILE E 592 3.00 44.83 -51.60
N LYS E 593 2.98 45.81 -52.51
CA LYS E 593 1.75 46.39 -53.01
C LYS E 593 0.89 45.34 -53.68
N VAL E 594 1.50 44.56 -54.57
CA VAL E 594 0.82 43.49 -55.31
C VAL E 594 0.32 42.40 -54.36
N LEU E 595 1.14 41.99 -53.38
CA LEU E 595 0.73 40.95 -52.43
C LEU E 595 -0.42 41.42 -51.54
N LEU E 596 -0.40 42.69 -51.11
CA LEU E 596 -1.46 43.22 -50.26
C LEU E 596 -2.78 43.42 -51.03
N GLN E 597 -2.70 43.75 -52.34
CA GLN E 597 -3.88 43.68 -53.19
C GLN E 597 -4.39 42.22 -53.37
N LEU E 598 -3.46 41.25 -53.44
CA LEU E 598 -3.73 39.84 -53.42
C LEU E 598 -4.32 39.37 -52.09
N ARG E 599 -4.15 40.12 -51.03
CA ARG E 599 -4.77 39.92 -49.73
C ARG E 599 -6.00 40.80 -49.51
N GLY E 600 -6.49 41.40 -50.59
CA GLY E 600 -7.76 42.13 -50.61
C GLY E 600 -7.67 43.60 -50.16
N TYR E 601 -6.49 44.03 -49.71
CA TYR E 601 -6.29 45.39 -49.21
C TYR E 601 -6.23 46.37 -50.37
N ARG E 602 -6.92 47.52 -50.15
CA ARG E 602 -6.91 48.65 -51.04
C ARG E 602 -5.59 49.39 -50.87
N VAL E 603 -4.58 48.94 -51.62
CA VAL E 603 -3.20 49.32 -51.36
C VAL E 603 -2.71 50.21 -52.50
N PHE E 604 -2.02 51.29 -52.09
CA PHE E 604 -1.39 52.24 -53.00
C PHE E 604 0.07 52.41 -52.63
N ILE E 605 0.82 52.97 -53.58
CA ILE E 605 2.26 53.15 -53.61
C ILE E 605 2.51 54.39 -54.48
N ASP E 606 3.68 55.02 -54.36
CA ASP E 606 4.15 56.09 -55.24
C ASP E 606 3.76 55.91 -56.73
N VAL E 607 4.17 54.79 -57.32
CA VAL E 607 3.93 54.42 -58.72
C VAL E 607 2.44 54.48 -59.11
N ASP E 608 1.54 54.06 -58.20
CA ASP E 608 0.12 54.06 -58.44
C ASP E 608 -0.56 55.42 -58.29
N LYS E 609 0.15 56.43 -57.76
CA LYS E 609 -0.41 57.76 -57.57
C LYS E 609 0.27 58.87 -58.36
N LEU E 610 1.55 58.74 -58.75
CA LEU E 610 2.25 59.81 -59.44
C LEU E 610 2.64 59.50 -60.88
N TYR E 611 1.64 59.69 -61.73
CA TYR E 611 1.73 59.58 -63.21
C TYR E 611 1.13 60.81 -63.89
N ALA E 612 1.85 61.33 -64.91
CA ALA E 612 1.45 62.47 -65.74
C ALA E 612 1.00 63.72 -64.96
N GLY E 613 1.69 64.02 -63.84
CA GLY E 613 1.48 65.25 -63.11
C GLY E 613 2.56 65.56 -62.06
N LYS E 614 2.31 66.65 -61.31
CA LYS E 614 3.18 67.15 -60.26
C LYS E 614 3.18 66.18 -59.08
N PHE E 615 4.25 66.26 -58.27
CA PHE E 615 4.25 65.76 -56.89
C PHE E 615 3.40 66.67 -55.99
N ASP E 616 2.08 66.57 -56.19
CA ASP E 616 1.04 67.43 -55.65
C ASP E 616 0.61 66.98 -54.25
N SER E 617 -0.12 67.84 -53.54
CA SER E 617 -0.80 67.59 -52.29
C SER E 617 -1.73 66.36 -52.33
N SER E 618 -2.07 65.90 -53.53
CA SER E 618 -2.77 64.66 -53.83
C SER E 618 -2.06 63.46 -53.21
N LEU E 619 -0.70 63.36 -53.26
CA LEU E 619 -0.06 62.21 -52.62
C LEU E 619 -0.33 62.18 -51.09
N LEU E 620 -0.34 63.36 -50.47
CA LEU E 620 -0.65 63.48 -49.05
C LEU E 620 -2.14 63.21 -48.76
N LYS E 621 -3.04 63.54 -49.68
CA LYS E 621 -4.45 63.18 -49.60
C LYS E 621 -4.63 61.67 -49.64
N ASN E 622 -3.84 60.96 -50.47
CA ASN E 622 -3.84 59.50 -50.51
C ASN E 622 -3.39 58.89 -49.17
N ILE E 623 -2.40 59.54 -48.54
CA ILE E 623 -1.94 59.16 -47.20
C ILE E 623 -3.07 59.42 -46.19
N GLN E 624 -3.75 60.55 -46.30
CA GLN E 624 -4.83 60.91 -45.39
C GLN E 624 -5.99 59.93 -45.52
N ALA E 625 -6.25 59.46 -46.75
CA ALA E 625 -7.32 58.52 -47.04
C ALA E 625 -6.97 57.10 -46.58
N ALA E 626 -5.66 56.77 -46.54
CA ALA E 626 -5.19 55.50 -45.99
C ALA E 626 -5.53 55.30 -44.52
N LYS E 627 -5.77 54.07 -44.09
CA LYS E 627 -5.83 53.75 -42.66
C LYS E 627 -4.43 53.49 -42.10
N HIS E 628 -3.64 52.81 -42.91
CA HIS E 628 -2.34 52.25 -42.56
C HIS E 628 -1.31 52.82 -43.56
N PHE E 629 -0.10 52.99 -43.05
CA PHE E 629 1.01 53.54 -43.76
C PHE E 629 2.20 52.57 -43.59
N ILE E 630 2.70 52.04 -44.71
CA ILE E 630 3.99 51.39 -44.73
C ILE E 630 5.09 52.41 -44.99
N LEU E 631 6.17 52.38 -44.16
CA LEU E 631 7.47 52.81 -44.65
C LEU E 631 8.36 51.57 -44.87
N VAL E 632 8.71 51.31 -46.13
CA VAL E 632 9.81 50.40 -46.43
C VAL E 632 11.15 51.06 -46.08
N LEU E 633 11.69 50.65 -44.97
CA LEU E 633 13.03 51.05 -44.51
C LEU E 633 13.95 50.11 -45.30
N THR E 634 14.54 50.71 -46.36
CA THR E 634 15.30 50.02 -47.36
C THR E 634 16.80 50.07 -46.94
N PRO E 635 17.69 49.28 -47.64
CA PRO E 635 19.09 49.69 -47.78
C PRO E 635 19.09 51.18 -48.23
N ASN E 636 19.69 51.98 -47.38
CA ASN E 636 20.10 53.35 -47.70
C ASN E 636 18.91 54.30 -47.79
N SER E 637 17.73 53.90 -47.31
CA SER E 637 16.53 54.73 -47.38
C SER E 637 16.64 56.03 -46.58
N LEU E 638 17.08 55.96 -45.31
CA LEU E 638 16.79 57.02 -44.33
C LEU E 638 17.89 58.09 -44.27
N ASP E 639 18.99 57.88 -45.01
CA ASP E 639 20.15 58.75 -45.04
C ASP E 639 19.79 60.16 -45.48
N ARG E 640 18.90 60.31 -46.49
CA ARG E 640 18.59 61.66 -46.93
C ARG E 640 17.64 62.37 -45.97
N LEU E 641 17.13 61.66 -44.96
CA LEU E 641 16.32 62.30 -43.93
C LEU E 641 17.22 62.97 -42.90
N LEU E 642 18.52 62.63 -42.87
CA LEU E 642 19.44 63.26 -41.93
C LEU E 642 19.54 64.76 -42.23
N ASN E 643 19.32 65.60 -41.20
CA ASN E 643 19.38 67.06 -41.26
C ASN E 643 18.33 67.62 -42.24
N ASP E 644 17.28 66.82 -42.52
CA ASP E 644 16.21 67.29 -43.39
C ASP E 644 15.20 68.12 -42.58
N ASP E 645 15.66 69.15 -41.85
CA ASP E 645 14.82 69.93 -40.96
C ASP E 645 13.79 70.75 -41.73
N ASN E 646 14.11 71.05 -43.00
CA ASN E 646 13.22 71.83 -43.84
C ASN E 646 12.19 70.95 -44.56
N CYS E 647 12.15 69.65 -44.21
CA CYS E 647 11.20 68.67 -44.71
C CYS E 647 11.17 68.69 -46.24
N GLU E 648 12.37 68.64 -46.87
CA GLU E 648 12.54 68.66 -48.31
C GLU E 648 12.38 67.27 -48.90
N ASP E 649 12.76 66.24 -48.13
CA ASP E 649 12.70 64.86 -48.59
C ASP E 649 11.25 64.38 -48.63
N TRP E 650 10.84 63.74 -49.74
CA TRP E 650 9.47 63.29 -49.86
C TRP E 650 9.13 62.12 -48.92
N VAL E 651 10.07 61.22 -48.65
CA VAL E 651 9.85 60.22 -47.59
C VAL E 651 9.58 60.93 -46.26
N HIS E 652 10.26 62.07 -45.98
CA HIS E 652 9.98 62.87 -44.78
C HIS E 652 8.55 63.44 -44.81
N LYS E 653 8.16 64.06 -45.93
CA LYS E 653 6.82 64.63 -46.09
C LYS E 653 5.75 63.57 -45.89
N GLU E 654 5.93 62.40 -46.51
CA GLU E 654 5.02 61.25 -46.42
C GLU E 654 4.91 60.79 -44.96
N LEU E 655 6.06 60.55 -44.30
CA LEU E 655 6.09 60.04 -42.93
C LEU E 655 5.55 61.05 -41.94
N LYS E 656 5.89 62.33 -42.11
CA LYS E 656 5.36 63.41 -41.28
C LYS E 656 3.84 63.44 -41.37
N CYS E 657 3.29 63.35 -42.59
CA CYS E 657 1.85 63.34 -42.82
C CYS E 657 1.20 62.14 -42.13
N ALA E 658 1.85 60.97 -42.22
CA ALA E 658 1.35 59.78 -41.58
C ALA E 658 1.26 59.97 -40.06
N PHE E 659 2.30 60.57 -39.46
CA PHE E 659 2.35 60.84 -38.04
C PHE E 659 1.30 61.87 -37.64
N GLU E 660 1.12 62.94 -38.44
CA GLU E 660 0.17 64.00 -38.15
C GLU E 660 -1.26 63.48 -38.15
N HIS E 661 -1.55 62.51 -39.04
CA HIS E 661 -2.91 62.00 -39.17
C HIS E 661 -3.06 60.66 -38.45
N GLN E 662 -2.09 60.31 -37.59
CA GLN E 662 -2.13 59.14 -36.71
C GLN E 662 -2.45 57.86 -37.48
N LYS E 663 -1.77 57.67 -38.62
CA LYS E 663 -1.93 56.44 -39.38
C LYS E 663 -1.25 55.28 -38.65
N ASN E 664 -1.77 54.08 -38.88
CA ASN E 664 -1.17 52.87 -38.34
C ASN E 664 0.14 52.57 -39.08
N ILE E 665 1.27 53.01 -38.48
CA ILE E 665 2.55 53.07 -39.18
C ILE E 665 3.33 51.75 -39.02
N ILE E 666 3.83 51.22 -40.17
CA ILE E 666 4.43 49.91 -40.32
C ILE E 666 5.81 50.11 -40.98
N PRO E 667 6.86 50.34 -40.16
CA PRO E 667 8.24 50.25 -40.69
C PRO E 667 8.59 48.83 -41.11
N ILE E 668 9.16 48.68 -42.32
CA ILE E 668 9.55 47.37 -42.83
C ILE E 668 11.06 47.37 -42.97
N PHE E 669 11.77 46.56 -42.19
CA PHE E 669 13.23 46.50 -42.18
C PHE E 669 13.76 45.60 -43.31
N ASP E 670 14.28 46.19 -44.41
CA ASP E 670 14.49 45.39 -45.60
C ASP E 670 15.65 44.42 -45.39
N THR E 671 15.74 43.36 -46.20
CA THR E 671 17.03 42.79 -46.65
C THR E 671 17.92 43.95 -47.17
N ALA E 672 19.04 44.13 -46.47
CA ALA E 672 20.07 45.14 -46.72
C ALA E 672 19.80 46.51 -46.11
N PHE E 673 18.65 46.68 -45.45
CA PHE E 673 18.37 47.91 -44.69
C PHE E 673 19.26 47.98 -43.43
N GLU E 674 19.52 49.20 -42.99
CA GLU E 674 19.96 49.60 -41.65
C GLU E 674 19.38 50.97 -41.26
N PHE E 675 19.15 51.26 -39.95
CA PHE E 675 18.97 52.60 -39.46
C PHE E 675 20.29 53.36 -39.39
N PRO E 676 20.29 54.72 -39.62
CA PRO E 676 21.52 55.51 -39.55
C PRO E 676 22.15 55.48 -38.15
N THR E 677 23.49 55.59 -38.12
CA THR E 677 24.26 55.71 -36.89
C THR E 677 23.93 57.04 -36.19
N LYS E 678 23.69 58.08 -36.98
CA LYS E 678 23.44 59.42 -36.47
C LYS E 678 21.94 59.67 -36.36
N GLU E 679 21.23 58.88 -35.56
CA GLU E 679 19.78 58.97 -35.37
C GLU E 679 19.34 60.35 -34.86
N ASP E 680 20.19 61.02 -34.07
CA ASP E 680 19.92 62.34 -33.51
C ASP E 680 19.79 63.40 -34.62
N GLN E 681 20.32 63.09 -35.81
CA GLN E 681 20.23 63.99 -36.96
C GLN E 681 18.94 63.81 -37.74
N ILE E 682 18.19 62.71 -37.51
CA ILE E 682 16.87 62.58 -38.10
C ILE E 682 15.96 63.60 -37.42
N PRO E 683 15.20 64.43 -38.19
CA PRO E 683 14.32 65.44 -37.60
C PRO E 683 13.36 64.86 -36.54
N ASN E 684 13.07 65.68 -35.50
CA ASN E 684 12.35 65.28 -34.30
C ASN E 684 10.94 64.75 -34.63
N ASP E 685 10.32 65.36 -35.65
CA ASP E 685 8.94 65.05 -36.01
C ASP E 685 8.81 63.63 -36.57
N ILE E 686 9.90 63.02 -37.06
CA ILE E 686 9.85 61.71 -37.70
C ILE E 686 10.80 60.71 -37.04
N ARG E 687 11.68 61.17 -36.11
CA ARG E 687 12.73 60.33 -35.55
C ARG E 687 12.18 59.05 -34.90
N MET E 688 10.97 59.17 -34.38
CA MET E 688 10.26 58.13 -33.65
C MET E 688 10.14 56.84 -34.47
N ILE E 689 10.21 56.90 -35.81
CA ILE E 689 10.21 55.74 -36.70
C ILE E 689 11.32 54.72 -36.35
N THR E 690 12.45 55.19 -35.79
CA THR E 690 13.55 54.32 -35.43
C THR E 690 13.24 53.52 -34.18
N LYS E 691 12.19 53.89 -33.43
CA LYS E 691 11.77 53.31 -32.15
C LYS E 691 10.38 52.67 -32.24
N TYR E 692 10.01 52.18 -33.43
CA TYR E 692 8.67 51.70 -33.77
C TYR E 692 8.69 50.21 -34.21
N ASN E 693 7.56 49.54 -34.02
CA ASN E 693 7.39 48.12 -34.28
C ASN E 693 7.24 47.82 -35.77
N GLY E 694 8.11 46.98 -36.34
CA GLY E 694 8.13 46.77 -37.79
C GLY E 694 8.34 45.32 -38.24
N VAL E 695 8.22 45.14 -39.55
CA VAL E 695 8.26 43.89 -40.29
C VAL E 695 9.73 43.63 -40.61
N LYS E 696 10.23 42.51 -40.09
CA LYS E 696 11.46 41.92 -40.60
C LYS E 696 11.19 41.46 -42.04
N TRP E 697 11.97 42.08 -42.96
CA TRP E 697 11.97 41.54 -44.31
C TRP E 697 13.07 40.51 -44.54
N VAL E 698 12.73 39.39 -45.18
CA VAL E 698 13.65 38.41 -45.74
C VAL E 698 13.10 37.93 -47.08
N HIS E 699 13.96 37.68 -48.09
CA HIS E 699 13.55 36.98 -49.29
C HIS E 699 12.87 35.62 -49.07
N ASP E 700 13.60 34.66 -48.46
CA ASP E 700 13.12 33.28 -48.36
C ASP E 700 12.01 33.17 -47.31
N TYR E 701 11.98 34.10 -46.33
CA TYR E 701 11.04 34.13 -45.22
C TYR E 701 9.87 35.15 -45.32
N GLN E 702 9.72 35.65 -46.54
CA GLN E 702 8.72 36.52 -47.10
C GLN E 702 7.35 36.22 -46.56
N ASP E 703 6.94 34.95 -46.44
CA ASP E 703 5.60 34.59 -45.96
C ASP E 703 5.38 34.97 -44.49
N ALA E 704 6.41 34.77 -43.66
CA ALA E 704 6.39 35.17 -42.24
C ALA E 704 6.49 36.69 -42.13
N CYS E 705 7.33 37.30 -42.95
CA CYS E 705 7.47 38.76 -43.00
C CYS E 705 6.12 39.40 -43.35
N MET E 706 5.44 38.84 -44.33
CA MET E 706 4.12 39.29 -44.78
C MET E 706 3.08 39.03 -43.68
N ALA E 707 3.15 37.91 -42.97
CA ALA E 707 2.30 37.67 -41.80
C ALA E 707 2.49 38.79 -40.75
N LYS E 708 3.74 39.21 -40.53
CA LYS E 708 4.06 40.34 -39.66
C LYS E 708 3.46 41.66 -40.19
N VAL E 709 3.45 41.89 -41.51
CA VAL E 709 2.72 43.03 -42.07
C VAL E 709 1.22 42.94 -41.69
N VAL E 710 0.63 41.80 -42.00
CA VAL E 710 -0.82 41.58 -41.96
C VAL E 710 -1.36 41.72 -40.55
N ARG E 711 -0.63 41.19 -39.56
CA ARG E 711 -1.03 41.27 -38.14
C ARG E 711 -1.02 42.73 -37.69
N PHE E 712 -0.03 43.52 -38.14
CA PHE E 712 0.03 44.92 -37.79
C PHE E 712 -1.10 45.70 -38.45
N ILE E 713 -1.50 45.30 -39.67
CA ILE E 713 -2.63 45.89 -40.39
C ILE E 713 -3.96 45.57 -39.71
N THR E 714 -4.17 44.29 -39.32
CA THR E 714 -5.41 43.81 -38.74
C THR E 714 -5.52 44.09 -37.22
N GLY E 715 -4.40 44.43 -36.57
CA GLY E 715 -4.36 44.89 -35.19
C GLY E 715 -4.07 43.79 -34.18
N MET F 60 -55.99 29.69 -1.02
CA MET F 60 -54.58 29.71 -1.53
C MET F 60 -53.71 28.74 -0.73
N SER F 61 -52.90 27.91 -1.40
CA SER F 61 -52.17 26.82 -0.77
C SER F 61 -50.91 27.29 -0.02
N ASN F 62 -50.42 26.41 0.88
CA ASN F 62 -49.11 26.61 1.47
C ASN F 62 -48.01 26.54 0.42
N THR F 63 -48.16 25.71 -0.61
CA THR F 63 -47.24 25.69 -1.75
C THR F 63 -47.12 27.10 -2.33
N GLU F 64 -48.25 27.80 -2.44
CA GLU F 64 -48.27 29.18 -2.89
C GLU F 64 -47.70 30.13 -1.86
N GLN F 65 -47.94 29.93 -0.55
CA GLN F 65 -47.29 30.74 0.48
C GLN F 65 -45.77 30.66 0.31
N VAL F 66 -45.27 29.43 0.16
CA VAL F 66 -43.86 29.17 -0.08
C VAL F 66 -43.42 29.84 -1.38
N ALA F 67 -44.16 29.64 -2.48
CA ALA F 67 -43.79 30.22 -3.76
C ALA F 67 -43.74 31.74 -3.69
N MET F 68 -44.71 32.35 -3.00
CA MET F 68 -44.74 33.79 -2.82
C MET F 68 -43.54 34.23 -2.00
N MET F 69 -43.31 33.63 -0.84
CA MET F 69 -42.18 33.95 0.02
C MET F 69 -40.88 33.81 -0.74
N HIS F 70 -40.73 32.69 -1.46
CA HIS F 70 -39.58 32.39 -2.29
C HIS F 70 -39.35 33.47 -3.34
N THR F 71 -40.41 33.77 -4.09
CA THR F 71 -40.37 34.77 -5.15
C THR F 71 -40.01 36.13 -4.53
N LEU F 72 -40.67 36.49 -3.44
CA LEU F 72 -40.43 37.72 -2.73
C LEU F 72 -38.93 37.84 -2.37
N LYS F 73 -38.39 36.88 -1.62
CA LYS F 73 -36.99 36.87 -1.23
C LYS F 73 -36.07 36.96 -2.46
N THR F 74 -36.38 36.17 -3.49
CA THR F 74 -35.61 36.08 -4.72
C THR F 74 -35.56 37.44 -5.42
N LYS F 75 -36.73 37.96 -5.77
CA LYS F 75 -36.85 39.18 -6.55
C LYS F 75 -36.43 40.39 -5.72
N LEU F 76 -36.64 40.35 -4.40
CA LEU F 76 -36.08 41.37 -3.52
C LEU F 76 -34.57 41.43 -3.67
N SER F 77 -33.89 40.30 -3.52
CA SER F 77 -32.44 40.20 -3.70
C SER F 77 -32.01 40.78 -5.05
N LYS F 78 -32.68 40.35 -6.12
CA LYS F 78 -32.42 40.83 -7.47
C LYS F 78 -32.59 42.35 -7.61
N TYR F 79 -33.75 42.85 -7.22
CA TYR F 79 -34.11 44.25 -7.38
C TYR F 79 -33.33 45.16 -6.44
N GLN F 80 -32.88 44.66 -5.28
CA GLN F 80 -31.94 45.38 -4.44
C GLN F 80 -30.65 45.66 -5.22
N ALA F 81 -30.09 44.62 -5.85
CA ALA F 81 -28.89 44.75 -6.66
C ALA F 81 -29.10 45.73 -7.84
N MET F 82 -30.20 45.58 -8.56
CA MET F 82 -30.53 46.44 -9.68
C MET F 82 -30.73 47.89 -9.24
N MET F 83 -31.41 48.08 -8.11
CA MET F 83 -31.58 49.38 -7.49
C MET F 83 -30.22 49.99 -7.11
N ASP F 84 -29.29 49.19 -6.57
CA ASP F 84 -27.93 49.65 -6.30
C ASP F 84 -27.27 50.19 -7.58
N LYS F 85 -27.36 49.45 -8.69
CA LYS F 85 -26.82 49.89 -9.97
C LYS F 85 -27.41 51.25 -10.39
N ALA F 86 -28.74 51.38 -10.28
CA ALA F 86 -29.41 52.63 -10.58
C ALA F 86 -28.96 53.75 -9.62
N PHE F 87 -28.73 53.41 -8.34
CA PHE F 87 -28.23 54.35 -7.36
C PHE F 87 -26.76 54.73 -7.59
N GLU F 88 -25.97 53.86 -8.20
CA GLU F 88 -24.63 54.21 -8.63
C GLU F 88 -24.67 55.30 -9.72
N GLU F 89 -25.65 55.23 -10.64
CA GLU F 89 -25.89 56.30 -11.61
C GLU F 89 -26.33 57.60 -10.95
N ILE F 90 -27.25 57.50 -9.98
CA ILE F 90 -27.72 58.65 -9.22
C ILE F 90 -26.54 59.29 -8.45
N ALA F 91 -25.72 58.46 -7.79
CA ALA F 91 -24.58 58.87 -6.99
C ALA F 91 -23.45 59.55 -7.78
N LYS F 92 -23.47 59.48 -9.11
CA LYS F 92 -22.56 60.25 -9.96
C LYS F 92 -22.86 61.75 -9.86
N VAL F 93 -24.11 62.10 -9.51
CA VAL F 93 -24.62 63.48 -9.43
C VAL F 93 -24.40 64.21 -10.75
N GLU F 94 -24.74 63.52 -11.85
CA GLU F 94 -24.71 64.02 -13.21
C GLU F 94 -26.07 63.78 -13.86
N ASP F 95 -26.58 64.81 -14.57
CA ASP F 95 -28.01 64.95 -14.86
C ASP F 95 -28.60 63.70 -15.50
N ALA F 96 -28.01 63.26 -16.63
CA ALA F 96 -28.46 62.11 -17.39
C ALA F 96 -28.40 60.82 -16.58
N ASN F 97 -27.39 60.67 -15.71
CA ASN F 97 -27.18 59.50 -14.87
C ASN F 97 -28.25 59.43 -13.78
N ILE F 98 -28.56 60.58 -13.14
CA ILE F 98 -29.64 60.64 -12.16
C ILE F 98 -30.97 60.31 -12.84
N ILE F 99 -31.24 60.96 -13.99
CA ILE F 99 -32.44 60.76 -14.79
C ILE F 99 -32.60 59.28 -15.18
N GLU F 100 -31.55 58.66 -15.73
CA GLU F 100 -31.56 57.27 -16.15
C GLU F 100 -31.72 56.33 -14.97
N GLY F 101 -30.92 56.50 -13.91
CA GLY F 101 -31.07 55.72 -12.67
C GLY F 101 -32.49 55.78 -12.11
N CYS F 102 -33.02 56.99 -11.93
CA CYS F 102 -34.39 57.18 -11.48
C CYS F 102 -35.41 56.55 -12.44
N THR F 103 -35.18 56.66 -13.76
CA THR F 103 -36.03 56.03 -14.77
C THR F 103 -36.05 54.51 -14.57
N ILE F 104 -34.87 53.91 -14.37
CA ILE F 104 -34.75 52.48 -14.10
C ILE F 104 -35.48 52.10 -12.82
N VAL F 105 -35.29 52.87 -11.72
CA VAL F 105 -35.98 52.63 -10.46
C VAL F 105 -37.50 52.71 -10.66
N ARG F 106 -37.97 53.72 -11.40
CA ARG F 106 -39.38 53.91 -11.71
C ARG F 106 -39.94 52.68 -12.46
N LYS F 107 -39.28 52.27 -13.54
CA LYS F 107 -39.64 51.10 -14.34
C LYS F 107 -39.69 49.84 -13.46
N LEU F 108 -38.64 49.64 -12.67
CA LEU F 108 -38.51 48.55 -11.71
C LEU F 108 -39.68 48.57 -10.73
N MET F 109 -39.98 49.70 -10.08
CA MET F 109 -41.08 49.83 -9.11
C MET F 109 -42.44 49.49 -9.76
N ARG F 110 -42.67 49.91 -11.00
CA ARG F 110 -43.89 49.60 -11.73
C ARG F 110 -43.96 48.11 -12.09
N LYS F 111 -42.85 47.55 -12.58
CA LYS F 111 -42.71 46.11 -12.83
C LYS F 111 -42.96 45.29 -11.56
N VAL F 112 -42.41 45.75 -10.44
CA VAL F 112 -42.65 45.22 -9.10
C VAL F 112 -44.15 45.27 -8.77
N TRP F 113 -44.79 46.41 -8.96
CA TRP F 113 -46.24 46.52 -8.76
C TRP F 113 -47.04 45.60 -9.68
N ASN F 114 -46.53 45.30 -10.88
CA ASN F 114 -47.12 44.38 -11.83
C ASN F 114 -46.78 42.91 -11.57
N THR F 115 -45.94 42.61 -10.56
CA THR F 115 -45.56 41.26 -10.19
C THR F 115 -46.80 40.54 -9.61
N PRO F 116 -47.13 39.31 -10.10
CA PRO F 116 -48.43 38.69 -9.94
C PRO F 116 -49.10 38.72 -8.57
N LYS F 117 -48.33 38.40 -7.51
CA LYS F 117 -48.91 38.31 -6.17
C LYS F 117 -48.17 39.19 -5.15
N VAL F 118 -46.84 39.06 -5.17
CA VAL F 118 -46.00 39.62 -4.10
C VAL F 118 -45.74 41.12 -4.27
N SER F 119 -46.33 41.74 -5.29
CA SER F 119 -46.17 43.13 -5.68
C SER F 119 -46.10 44.10 -4.50
N ALA F 120 -47.12 44.10 -3.64
CA ALA F 120 -47.21 45.01 -2.51
C ALA F 120 -46.05 44.83 -1.52
N ASP F 121 -45.80 43.60 -1.11
CA ASP F 121 -44.73 43.27 -0.17
C ASP F 121 -43.37 43.65 -0.75
N LEU F 122 -43.16 43.33 -2.02
CA LEU F 122 -41.91 43.59 -2.73
C LEU F 122 -41.68 45.10 -2.86
N ALA F 123 -42.73 45.85 -3.21
CA ALA F 123 -42.70 47.30 -3.21
C ALA F 123 -42.33 47.83 -1.83
N ASN F 124 -43.01 47.35 -0.78
CA ASN F 124 -42.76 47.78 0.60
C ASN F 124 -41.32 47.51 1.00
N ALA F 125 -40.84 46.30 0.77
CA ALA F 125 -39.47 45.90 1.09
C ALA F 125 -38.43 46.76 0.36
N LEU F 126 -38.71 47.12 -0.90
CA LEU F 126 -37.83 48.04 -1.63
C LEU F 126 -37.91 49.48 -1.10
N CYS F 127 -39.12 49.93 -0.70
CA CYS F 127 -39.27 51.21 -0.03
C CYS F 127 -38.48 51.28 1.27
N ASP F 128 -38.48 50.17 2.02
CA ASP F 128 -37.67 50.00 3.22
C ASP F 128 -36.19 50.06 2.86
N TYR F 129 -35.77 49.26 1.90
CA TYR F 129 -34.39 49.19 1.46
C TYR F 129 -33.89 50.58 1.02
N LEU F 130 -34.72 51.35 0.30
CA LEU F 130 -34.40 52.74 -0.05
C LEU F 130 -34.08 53.60 1.17
N ARG F 131 -34.83 53.47 2.26
CA ARG F 131 -34.56 54.18 3.52
C ARG F 131 -33.28 53.64 4.17
N ASP F 132 -33.15 52.31 4.23
CA ASP F 132 -32.03 51.60 4.86
C ASP F 132 -30.68 51.96 4.20
N ARG F 133 -30.70 52.10 2.87
CA ARG F 133 -29.57 52.48 2.03
C ARG F 133 -29.34 53.99 1.97
N ASP F 134 -30.24 54.78 2.59
CA ASP F 134 -30.32 56.25 2.48
C ASP F 134 -30.53 56.74 1.04
N TYR F 135 -30.81 55.82 0.12
CA TYR F 135 -31.23 56.10 -1.26
C TYR F 135 -32.43 57.06 -1.27
N PHE F 136 -33.41 56.82 -0.37
CA PHE F 136 -34.59 57.66 -0.19
C PHE F 136 -34.20 59.09 0.24
N ASP F 137 -33.27 59.20 1.18
CA ASP F 137 -32.76 60.47 1.68
C ASP F 137 -32.07 61.27 0.57
N LYS F 138 -31.24 60.56 -0.22
CA LYS F 138 -30.56 61.11 -1.38
C LYS F 138 -31.57 61.63 -2.41
N LEU F 139 -32.59 60.83 -2.76
CA LEU F 139 -33.65 61.25 -3.66
C LEU F 139 -34.34 62.53 -3.16
N ILE F 140 -34.69 62.58 -1.85
CA ILE F 140 -35.33 63.74 -1.26
C ILE F 140 -34.46 64.98 -1.44
N LYS F 141 -33.18 64.90 -1.05
CA LYS F 141 -32.22 65.99 -1.17
C LYS F 141 -32.04 66.43 -2.62
N MET F 142 -31.88 65.47 -3.54
CA MET F 142 -31.73 65.72 -4.97
C MET F 142 -33.04 66.11 -5.65
N PHE F 143 -34.15 66.14 -4.91
CA PHE F 143 -35.42 66.71 -5.35
C PHE F 143 -35.60 68.15 -4.84
N ILE F 144 -35.42 68.35 -3.52
CA ILE F 144 -35.68 69.63 -2.86
C ILE F 144 -34.57 70.66 -3.07
N SER F 145 -33.34 70.22 -3.43
CA SER F 145 -32.20 71.11 -3.55
C SER F 145 -32.43 72.16 -4.65
N PRO F 146 -32.12 73.46 -4.39
CA PRO F 146 -32.26 74.52 -5.39
C PRO F 146 -31.33 74.36 -6.60
N ASN F 147 -30.21 73.67 -6.43
CA ASN F 147 -29.25 73.35 -7.47
C ASN F 147 -29.88 72.52 -8.60
N THR F 148 -30.95 71.75 -8.27
CA THR F 148 -31.66 70.91 -9.22
C THR F 148 -32.34 71.73 -10.31
N ALA F 149 -32.50 73.05 -10.11
CA ALA F 149 -33.03 73.96 -11.13
C ALA F 149 -32.16 74.01 -12.40
N ALA F 150 -30.91 73.51 -12.33
CA ALA F 150 -30.03 73.31 -13.48
C ALA F 150 -30.66 72.37 -14.53
N CYS F 151 -31.47 71.41 -14.07
CA CYS F 151 -32.26 70.53 -14.93
C CYS F 151 -33.48 69.99 -14.17
N ASP F 152 -34.66 70.58 -14.44
CA ASP F 152 -35.88 70.17 -13.74
C ASP F 152 -36.24 68.72 -14.02
N GLN F 153 -35.78 68.13 -15.14
CA GLN F 153 -36.00 66.72 -15.43
C GLN F 153 -35.34 65.80 -14.40
N VAL F 154 -34.22 66.22 -13.78
CA VAL F 154 -33.64 65.52 -12.64
C VAL F 154 -34.66 65.48 -11.48
N ARG F 155 -35.20 66.63 -11.12
CA ARG F 155 -36.20 66.75 -10.07
C ARG F 155 -37.43 65.90 -10.42
N MET F 156 -37.87 65.93 -11.67
CA MET F 156 -38.99 65.13 -12.15
C MET F 156 -38.75 63.63 -11.92
N GLU F 157 -37.64 63.07 -12.40
CA GLU F 157 -37.37 61.66 -12.23
C GLU F 157 -37.20 61.27 -10.76
N CYS F 158 -36.47 62.08 -9.97
CA CYS F 158 -36.40 61.91 -8.52
C CYS F 158 -37.80 61.87 -7.89
N GLY F 159 -38.63 62.85 -8.25
CA GLY F 159 -40.00 62.99 -7.78
C GLY F 159 -40.89 61.81 -8.15
N LYS F 160 -40.82 61.34 -9.40
CA LYS F 160 -41.58 60.17 -9.85
C LYS F 160 -41.20 58.94 -9.01
N VAL F 161 -39.90 58.72 -8.79
CA VAL F 161 -39.42 57.65 -7.94
C VAL F 161 -39.95 57.82 -6.52
N LEU F 162 -39.84 59.02 -5.94
CA LEU F 162 -40.38 59.31 -4.61
C LEU F 162 -41.88 59.00 -4.55
N GLU F 163 -42.65 59.38 -5.59
CA GLU F 163 -44.04 59.02 -5.76
C GLU F 163 -44.24 57.50 -5.67
N GLU F 164 -43.48 56.69 -6.42
CA GLU F 164 -43.55 55.23 -6.31
C GLU F 164 -43.27 54.76 -4.87
N CYS F 165 -42.32 55.44 -4.21
CA CYS F 165 -41.68 54.96 -2.99
C CYS F 165 -42.29 55.53 -1.71
N THR F 166 -43.31 56.35 -1.84
CA THR F 166 -44.03 56.97 -0.71
C THR F 166 -45.00 55.99 -0.05
N SER F 167 -44.45 54.89 0.48
CA SER F 167 -45.09 54.04 1.48
C SER F 167 -45.45 54.83 2.74
N SER F 168 -46.31 54.29 3.59
CA SER F 168 -46.60 54.84 4.92
C SER F 168 -45.32 55.14 5.73
N ALA F 169 -44.39 54.19 5.74
CA ALA F 169 -43.10 54.33 6.44
C ALA F 169 -42.20 55.39 5.80
N ASN F 170 -42.27 55.55 4.48
CA ASN F 170 -41.55 56.56 3.73
C ASN F 170 -42.10 57.96 3.97
N LEU F 171 -43.43 58.09 4.03
CA LEU F 171 -44.08 59.33 4.42
C LEU F 171 -43.76 59.68 5.87
N GLU F 172 -43.77 58.68 6.76
CA GLU F 172 -43.34 58.82 8.14
C GLU F 172 -41.88 59.29 8.23
N TYR F 173 -40.99 58.73 7.41
CA TYR F 173 -39.60 59.18 7.30
C TYR F 173 -39.52 60.65 6.95
N ILE F 174 -40.26 61.07 5.91
CA ILE F 174 -40.36 62.46 5.47
C ILE F 174 -40.76 63.38 6.63
N VAL F 175 -41.77 62.95 7.40
CA VAL F 175 -42.29 63.67 8.56
C VAL F 175 -41.27 63.72 9.70
N ASN F 176 -40.63 62.59 10.01
CA ASN F 176 -39.61 62.46 11.05
C ASN F 176 -38.39 63.36 10.78
N LYS F 177 -38.00 63.47 9.50
CA LYS F 177 -36.90 64.33 9.05
C LYS F 177 -37.35 65.76 8.73
N SER F 178 -38.66 66.06 8.88
CA SER F 178 -39.28 67.37 8.68
C SER F 178 -39.11 67.92 7.26
N TYR F 179 -38.91 67.04 6.26
CA TYR F 179 -38.82 67.45 4.86
C TYR F 179 -40.17 67.91 4.29
N THR F 180 -41.27 67.69 5.03
CA THR F 180 -42.66 67.74 4.57
C THR F 180 -42.98 69.02 3.81
N LYS F 181 -42.78 70.18 4.46
CA LYS F 181 -43.13 71.47 3.86
C LYS F 181 -42.18 71.85 2.72
N LYS F 182 -40.91 71.46 2.81
CA LYS F 182 -39.93 71.65 1.74
C LYS F 182 -40.39 70.94 0.46
N ILE F 183 -40.75 69.64 0.60
CA ILE F 183 -41.29 68.82 -0.48
C ILE F 183 -42.59 69.44 -1.03
N MET F 184 -43.50 69.86 -0.13
CA MET F 184 -44.77 70.48 -0.51
C MET F 184 -44.54 71.70 -1.40
N ILE F 185 -43.72 72.66 -0.94
CA ILE F 185 -43.43 73.89 -1.66
C ILE F 185 -42.78 73.57 -3.01
N VAL F 186 -41.84 72.61 -3.03
CA VAL F 186 -41.17 72.20 -4.25
C VAL F 186 -42.14 71.50 -5.23
N ALA F 187 -43.11 70.73 -4.71
CA ALA F 187 -44.23 70.23 -5.51
C ALA F 187 -45.07 71.37 -6.07
N MET F 188 -45.36 72.41 -5.27
CA MET F 188 -46.08 73.59 -5.76
C MET F 188 -45.29 74.32 -6.87
N LYS F 189 -43.95 74.29 -6.82
CA LYS F 189 -43.07 74.81 -7.85
C LYS F 189 -43.07 73.94 -9.12
N LEU F 190 -43.34 72.64 -8.99
CA LEU F 190 -43.56 71.75 -10.13
C LEU F 190 -44.93 72.05 -10.76
N ASN F 191 -44.95 73.04 -11.65
CA ASN F 191 -46.19 73.54 -12.24
C ASN F 191 -46.06 73.87 -13.74
N LYS F 192 -44.84 73.77 -14.31
CA LYS F 192 -44.50 74.35 -15.62
C LYS F 192 -45.16 73.64 -16.81
N THR F 193 -45.53 72.35 -16.62
CA THR F 193 -46.14 71.52 -17.64
C THR F 193 -47.20 70.61 -17.00
N PRO F 194 -48.15 70.03 -17.78
CA PRO F 194 -49.10 69.04 -17.26
C PRO F 194 -48.43 67.86 -16.53
N ASP F 195 -47.23 67.44 -16.98
CA ASP F 195 -46.46 66.40 -16.31
C ASP F 195 -46.03 66.84 -14.90
N GLN F 196 -45.46 68.06 -14.80
CA GLN F 196 -45.07 68.65 -13.53
C GLN F 196 -46.29 68.74 -12.61
N GLN F 197 -47.41 69.23 -13.15
CA GLN F 197 -48.66 69.42 -12.45
C GLN F 197 -49.21 68.09 -11.92
N ARG F 198 -49.21 67.04 -12.75
CA ARG F 198 -49.65 65.71 -12.34
C ARG F 198 -48.76 65.18 -11.20
N LEU F 199 -47.44 65.22 -11.39
CA LEU F 199 -46.49 64.77 -10.36
C LEU F 199 -46.67 65.55 -9.06
N SER F 200 -46.83 66.88 -9.19
CA SER F 200 -47.09 67.79 -8.08
C SER F 200 -48.31 67.32 -7.29
N LEU F 201 -49.48 67.25 -7.95
CA LEU F 201 -50.72 66.78 -7.36
C LEU F 201 -50.56 65.37 -6.75
N SER F 202 -49.73 64.53 -7.38
CA SER F 202 -49.42 63.21 -6.84
C SER F 202 -48.69 63.30 -5.50
N LEU F 203 -47.55 63.99 -5.47
CA LEU F 203 -46.74 64.11 -4.26
C LEU F 203 -47.57 64.79 -3.15
N ILE F 204 -48.28 65.86 -3.50
CA ILE F 204 -49.23 66.56 -2.64
C ILE F 204 -50.24 65.56 -2.05
N GLY F 205 -50.94 64.81 -2.91
CA GLY F 205 -51.91 63.80 -2.49
C GLY F 205 -51.29 62.68 -1.63
N ASN F 206 -50.03 62.32 -1.91
CA ASN F 206 -49.32 61.33 -1.14
C ASN F 206 -48.98 61.83 0.29
N LEU F 207 -48.54 63.10 0.40
CA LEU F 207 -48.34 63.73 1.70
C LEU F 207 -49.65 63.73 2.50
N PHE F 208 -50.78 63.95 1.82
CA PHE F 208 -52.12 63.90 2.41
C PHE F 208 -52.58 62.49 2.83
N LYS F 209 -51.72 61.47 2.74
CA LYS F 209 -52.02 60.15 3.33
C LYS F 209 -51.27 59.94 4.63
N HIS F 210 -50.60 60.96 5.16
CA HIS F 210 -50.17 60.94 6.57
C HIS F 210 -51.27 61.53 7.45
N SER F 211 -51.19 61.22 8.76
CA SER F 211 -52.21 61.50 9.79
C SER F 211 -52.65 62.98 9.86
N ASN F 212 -53.79 63.22 10.54
CA ASN F 212 -54.55 64.47 10.59
C ASN F 212 -53.68 65.71 10.77
N ALA F 213 -52.76 65.69 11.74
CA ALA F 213 -51.90 66.83 12.09
C ALA F 213 -51.06 67.31 10.90
N VAL F 214 -50.54 66.34 10.12
CA VAL F 214 -49.72 66.63 8.94
C VAL F 214 -50.57 67.30 7.86
N SER F 215 -51.72 66.73 7.53
CA SER F 215 -52.66 67.32 6.58
C SER F 215 -53.05 68.73 6.98
N LEU F 216 -53.42 68.94 8.26
CA LEU F 216 -53.79 70.24 8.79
C LEU F 216 -52.65 71.25 8.67
N SER F 217 -51.43 70.84 9.02
CA SER F 217 -50.21 71.64 8.84
C SER F 217 -49.99 72.03 7.37
N LEU F 218 -50.28 71.12 6.44
CA LEU F 218 -50.14 71.40 5.02
C LEU F 218 -51.27 72.32 4.48
N ILE F 219 -52.46 72.32 5.09
CA ILE F 219 -53.51 73.28 4.76
C ILE F 219 -53.01 74.72 4.94
N GLU F 220 -52.11 74.96 5.90
CA GLU F 220 -51.52 76.27 6.16
C GLU F 220 -50.73 76.83 4.96
N THR F 221 -50.37 75.96 3.99
CA THR F 221 -49.70 76.38 2.75
C THR F 221 -50.70 76.97 1.73
N ASP F 222 -52.00 76.77 1.94
CA ASP F 222 -53.07 77.08 0.99
C ASP F 222 -52.92 76.38 -0.37
N VAL F 223 -52.23 75.23 -0.35
CA VAL F 223 -52.05 74.41 -1.54
C VAL F 223 -53.36 74.02 -2.20
N ILE F 224 -54.48 74.02 -1.47
CA ILE F 224 -55.82 73.76 -2.02
C ILE F 224 -56.12 74.70 -3.21
N ASP F 225 -55.80 76.00 -3.07
CA ASP F 225 -55.94 76.96 -4.15
C ASP F 225 -55.02 76.66 -5.33
N HIS F 226 -53.78 76.24 -5.03
CA HIS F 226 -52.83 75.76 -6.03
C HIS F 226 -53.37 74.53 -6.77
N ILE F 227 -53.99 73.58 -6.05
CA ILE F 227 -54.61 72.38 -6.61
C ILE F 227 -55.73 72.79 -7.58
N ILE F 228 -56.62 73.66 -7.10
CA ILE F 228 -57.75 74.18 -7.87
C ILE F 228 -57.23 74.82 -9.16
N LEU F 229 -56.30 75.76 -9.03
CA LEU F 229 -55.68 76.41 -10.18
C LEU F 229 -55.00 75.41 -11.11
N THR F 230 -54.35 74.36 -10.57
CA THR F 230 -53.66 73.36 -11.37
C THR F 230 -54.62 72.57 -12.27
N PHE F 231 -55.71 72.03 -11.73
CA PHE F 231 -56.67 71.31 -12.56
C PHE F 231 -57.44 72.26 -13.48
N LYS F 232 -57.70 73.51 -13.02
CA LYS F 232 -58.36 74.54 -13.80
C LYS F 232 -57.52 74.96 -15.01
N ARG F 233 -56.18 74.96 -14.86
CA ARG F 233 -55.21 75.23 -15.93
C ARG F 233 -55.22 74.12 -16.98
N ALA F 234 -55.27 72.85 -16.55
CA ALA F 234 -55.12 71.68 -17.39
C ALA F 234 -56.28 70.66 -17.18
N PRO F 235 -57.53 71.01 -17.57
CA PRO F 235 -58.65 70.07 -17.51
C PRO F 235 -58.55 68.98 -18.59
N GLU F 236 -57.64 69.18 -19.57
CA GLU F 236 -57.51 68.30 -20.73
C GLU F 236 -57.00 66.88 -20.36
N CYS F 237 -56.38 66.77 -19.19
CA CYS F 237 -55.65 65.60 -18.76
C CYS F 237 -56.44 64.84 -17.69
N PRO F 238 -56.94 63.62 -17.97
CA PRO F 238 -57.57 62.78 -16.93
C PRO F 238 -56.65 62.52 -15.76
N ASP F 239 -55.35 62.37 -16.00
CA ASP F 239 -54.38 62.07 -14.92
C ASP F 239 -54.25 63.23 -13.93
N ILE F 240 -54.35 64.47 -14.41
CA ILE F 240 -54.38 65.64 -13.53
C ILE F 240 -55.63 65.61 -12.67
N LEU F 241 -56.79 65.38 -13.33
CA LEU F 241 -58.07 65.34 -12.66
C LEU F 241 -58.10 64.21 -11.60
N ARG F 242 -57.49 63.05 -11.92
CA ARG F 242 -57.30 61.92 -11.01
C ARG F 242 -56.47 62.35 -9.82
N HIS F 243 -55.26 62.90 -10.04
CA HIS F 243 -54.38 63.27 -8.94
C HIS F 243 -54.94 64.42 -8.09
N ALA F 244 -55.73 65.30 -8.70
CA ALA F 244 -56.49 66.32 -7.99
C ALA F 244 -57.55 65.68 -7.08
N ALA F 245 -58.44 64.88 -7.68
CA ALA F 245 -59.52 64.21 -6.96
C ALA F 245 -58.96 63.29 -5.87
N LEU F 246 -57.87 62.59 -6.15
CA LEU F 246 -57.04 61.83 -5.21
C LEU F 246 -56.58 62.70 -4.04
N ALA F 247 -55.94 63.85 -4.33
CA ALA F 247 -55.43 64.75 -3.30
C ALA F 247 -56.57 65.22 -2.39
N LEU F 248 -57.72 65.57 -2.99
CA LEU F 248 -58.91 66.00 -2.26
C LEU F 248 -59.48 64.86 -1.41
N ALA F 249 -59.64 63.66 -1.99
CA ALA F 249 -60.10 62.49 -1.27
C ALA F 249 -59.19 62.19 -0.07
N ASN F 250 -57.87 62.15 -0.33
CA ASN F 250 -56.85 61.85 0.66
C ASN F 250 -56.90 62.89 1.79
N ILE F 251 -56.81 64.18 1.48
CA ILE F 251 -56.77 65.20 2.51
C ILE F 251 -58.04 65.17 3.36
N LEU F 252 -59.23 65.06 2.73
CA LEU F 252 -60.48 64.97 3.46
C LEU F 252 -60.51 63.75 4.38
N LEU F 253 -60.03 62.60 3.90
CA LEU F 253 -59.97 61.36 4.64
C LEU F 253 -58.94 61.42 5.79
N TYR F 254 -57.89 62.24 5.61
CA TYR F 254 -56.79 62.37 6.55
C TYR F 254 -56.74 63.76 7.21
N THR F 255 -57.91 64.34 7.56
CA THR F 255 -57.97 65.62 8.26
C THR F 255 -59.07 65.64 9.31
N CYS F 256 -58.90 66.48 10.36
CA CYS F 256 -59.90 66.80 11.38
C CYS F 256 -61.08 67.62 10.85
N PHE F 257 -62.09 67.85 11.70
CA PHE F 257 -63.29 68.62 11.36
C PHE F 257 -62.96 70.05 10.90
N GLU F 258 -62.07 70.71 11.63
CA GLU F 258 -61.64 72.09 11.37
C GLU F 258 -60.99 72.21 9.99
N GLY F 259 -60.04 71.31 9.70
CA GLY F 259 -59.38 71.26 8.40
C GLY F 259 -60.34 70.92 7.26
N LYS F 260 -61.26 69.96 7.47
CA LYS F 260 -62.33 69.64 6.54
C LYS F 260 -63.14 70.91 6.21
N LYS F 261 -63.54 71.66 7.24
CA LYS F 261 -64.24 72.94 7.09
C LYS F 261 -63.46 73.94 6.23
N LYS F 262 -62.15 74.10 6.51
CA LYS F 262 -61.24 74.93 5.72
C LYS F 262 -61.17 74.49 4.25
N ILE F 263 -61.07 73.18 3.99
CA ILE F 263 -61.06 72.62 2.63
C ILE F 263 -62.38 72.97 1.92
N ILE F 264 -63.52 72.76 2.60
CA ILE F 264 -64.84 73.00 2.03
C ILE F 264 -65.02 74.48 1.65
N GLN F 265 -64.52 75.40 2.49
CA GLN F 265 -64.55 76.83 2.24
C GLN F 265 -63.87 77.26 0.92
N LYS F 266 -62.97 76.42 0.39
CA LYS F 266 -62.32 76.63 -0.91
C LYS F 266 -63.22 76.18 -2.07
N LYS F 267 -64.55 76.17 -1.85
CA LYS F 267 -65.60 75.75 -2.78
C LYS F 267 -65.41 74.30 -3.27
N ILE F 268 -64.85 73.46 -2.40
CA ILE F 268 -64.43 72.12 -2.80
C ILE F 268 -65.63 71.21 -3.15
N PRO F 269 -66.81 71.28 -2.48
CA PRO F 269 -67.98 70.53 -2.96
C PRO F 269 -68.34 70.83 -4.43
N GLU F 270 -68.27 72.09 -4.84
CA GLU F 270 -68.56 72.54 -6.19
C GLU F 270 -67.45 72.07 -7.16
N TRP F 271 -66.18 72.11 -6.73
CA TRP F 271 -65.10 71.52 -7.52
C TRP F 271 -65.26 70.00 -7.66
N LEU F 272 -65.74 69.33 -6.62
CA LEU F 272 -66.02 67.90 -6.67
C LEU F 272 -67.23 67.59 -7.55
N PHE F 273 -68.23 68.49 -7.63
CA PHE F 273 -69.27 68.42 -8.64
C PHE F 273 -68.67 68.44 -10.05
N PHE F 274 -67.79 69.44 -10.30
CA PHE F 274 -67.06 69.56 -11.55
C PHE F 274 -66.34 68.25 -11.89
N LEU F 275 -65.53 67.73 -10.95
CA LEU F 275 -64.75 66.51 -11.12
C LEU F 275 -65.64 65.27 -11.37
N ALA F 276 -66.70 65.11 -10.57
CA ALA F 276 -67.64 64.01 -10.73
C ALA F 276 -68.47 64.12 -12.02
N SER F 277 -68.54 65.33 -12.62
CA SER F 277 -69.17 65.56 -13.92
C SER F 277 -68.27 65.20 -15.12
N GLN F 278 -66.96 65.05 -14.91
CA GLN F 278 -66.03 64.66 -15.97
C GLN F 278 -66.25 63.20 -16.37
N ALA F 279 -65.92 62.87 -17.62
CA ALA F 279 -66.12 61.55 -18.20
C ALA F 279 -65.21 60.46 -17.60
N ASP F 280 -64.09 60.86 -16.95
CA ASP F 280 -63.12 59.92 -16.40
C ASP F 280 -63.65 59.23 -15.13
N ASP F 281 -63.83 57.91 -15.22
CA ASP F 281 -64.34 57.11 -14.10
C ASP F 281 -63.42 57.14 -12.87
N VAL F 282 -62.10 57.28 -13.05
CA VAL F 282 -61.19 57.30 -11.91
C VAL F 282 -61.28 58.62 -11.15
N THR F 283 -61.30 59.74 -11.88
CA THR F 283 -61.65 61.05 -11.32
C THR F 283 -62.99 61.01 -10.62
N ARG F 284 -64.02 60.44 -11.26
CA ARG F 284 -65.35 60.33 -10.68
C ARG F 284 -65.32 59.52 -9.40
N TYR F 285 -64.64 58.37 -9.38
CA TYR F 285 -64.46 57.55 -8.20
C TYR F 285 -63.88 58.34 -7.02
N TYR F 286 -62.74 59.00 -7.25
CA TYR F 286 -62.12 59.82 -6.24
C TYR F 286 -63.03 60.99 -5.81
N ALA F 287 -63.72 61.63 -6.76
CA ALA F 287 -64.63 62.74 -6.48
C ALA F 287 -65.81 62.27 -5.62
N CYS F 288 -66.37 61.09 -5.94
CA CYS F 288 -67.45 60.48 -5.19
C CYS F 288 -66.99 60.15 -3.76
N ILE F 289 -65.78 59.59 -3.60
CA ILE F 289 -65.19 59.34 -2.29
C ILE F 289 -65.03 60.64 -1.51
N ALA F 290 -64.43 61.67 -2.13
CA ALA F 290 -64.21 62.96 -1.51
C ALA F 290 -65.52 63.57 -1.01
N VAL F 291 -66.55 63.65 -1.89
CA VAL F 291 -67.81 64.23 -1.46
C VAL F 291 -68.48 63.36 -0.41
N CYS F 292 -68.42 62.03 -0.56
CA CYS F 292 -69.03 61.16 0.42
C CYS F 292 -68.31 61.20 1.76
N THR F 293 -67.01 61.53 1.78
CA THR F 293 -66.27 61.83 3.00
C THR F 293 -66.87 63.05 3.69
N ILE F 294 -67.17 64.11 2.90
CA ILE F 294 -67.82 65.31 3.40
C ILE F 294 -69.24 65.01 3.90
N VAL F 295 -70.03 64.29 3.10
CA VAL F 295 -71.41 63.86 3.37
C VAL F 295 -71.48 62.98 4.63
N SER F 296 -70.42 62.26 4.94
CA SER F 296 -70.32 61.46 6.16
C SER F 296 -70.28 62.32 7.43
N VAL F 297 -70.10 63.64 7.30
CA VAL F 297 -70.07 64.60 8.40
C VAL F 297 -71.36 65.42 8.40
N LYS F 298 -72.09 65.37 9.53
CA LYS F 298 -73.43 65.93 9.73
C LYS F 298 -73.57 67.36 9.18
N GLU F 299 -72.66 68.27 9.60
CA GLU F 299 -72.78 69.70 9.32
C GLU F 299 -72.54 70.05 7.84
N PHE F 300 -71.93 69.12 7.10
CA PHE F 300 -71.44 69.39 5.74
C PHE F 300 -72.27 68.75 4.63
N GLU F 301 -73.27 67.91 4.98
CA GLU F 301 -74.23 67.39 4.00
C GLU F 301 -74.87 68.51 3.18
N PRO F 302 -75.39 69.64 3.76
CA PRO F 302 -75.95 70.74 2.96
C PRO F 302 -74.92 71.41 2.05
N LEU F 303 -73.64 71.45 2.44
CA LEU F 303 -72.57 72.02 1.64
C LEU F 303 -72.32 71.19 0.38
N VAL F 304 -72.43 69.85 0.47
CA VAL F 304 -72.47 69.03 -0.75
C VAL F 304 -73.83 69.15 -1.46
N ARG F 305 -74.95 69.14 -0.75
CA ARG F 305 -76.29 69.12 -1.33
C ARG F 305 -76.64 70.36 -2.09
N LYS F 306 -76.08 71.53 -1.77
CA LYS F 306 -75.96 72.72 -2.61
C LYS F 306 -75.52 72.46 -4.05
N SER F 307 -74.80 71.34 -4.26
CA SER F 307 -74.42 70.80 -5.57
C SER F 307 -75.17 69.48 -5.91
N ASP F 308 -75.35 69.14 -7.19
CA ASP F 308 -75.89 67.85 -7.65
C ASP F 308 -74.97 66.65 -7.39
N THR F 309 -73.86 66.79 -6.67
CA THR F 309 -72.84 65.73 -6.64
C THR F 309 -73.34 64.40 -6.06
N MET F 310 -74.15 64.45 -4.99
CA MET F 310 -74.67 63.18 -4.44
C MET F 310 -75.61 62.49 -5.43
N LYS F 311 -76.26 63.28 -6.27
CA LYS F 311 -77.16 62.85 -7.34
C LYS F 311 -76.39 62.17 -8.46
N LEU F 312 -75.13 62.52 -8.68
CA LEU F 312 -74.23 61.85 -9.63
C LEU F 312 -73.68 60.53 -9.04
N VAL F 313 -73.44 60.51 -7.71
CA VAL F 313 -72.66 59.49 -7.01
C VAL F 313 -73.21 58.08 -7.27
N GLU F 314 -74.46 57.83 -6.83
CA GLU F 314 -74.97 56.48 -6.88
C GLU F 314 -75.14 55.99 -8.32
N PRO F 315 -75.69 56.78 -9.27
CA PRO F 315 -75.68 56.43 -10.70
C PRO F 315 -74.29 56.08 -11.25
N PHE F 316 -73.26 56.83 -10.89
CA PHE F 316 -71.88 56.51 -11.26
C PHE F 316 -71.48 55.11 -10.76
N LEU F 317 -71.82 54.75 -9.52
CA LEU F 317 -71.57 53.41 -9.02
C LEU F 317 -72.39 52.35 -9.77
N GLN F 318 -73.68 52.64 -10.01
CA GLN F 318 -74.64 51.74 -10.64
C GLN F 318 -74.20 51.29 -12.03
N VAL F 319 -73.53 52.16 -12.80
CA VAL F 319 -73.08 51.86 -14.16
C VAL F 319 -71.71 51.17 -14.20
N HIS F 320 -71.21 50.70 -13.05
CA HIS F 320 -69.94 49.98 -12.92
C HIS F 320 -70.06 48.73 -12.03
N ASP F 321 -69.06 47.84 -12.14
CA ASP F 321 -68.85 46.74 -11.22
C ASP F 321 -67.53 47.01 -10.49
N PRO F 322 -67.44 46.84 -9.15
CA PRO F 322 -66.16 46.98 -8.45
C PRO F 322 -64.98 46.20 -9.03
N ALA F 323 -65.20 44.98 -9.52
CA ALA F 323 -64.13 44.17 -10.09
C ALA F 323 -63.69 44.70 -11.46
N THR F 324 -64.64 45.19 -12.29
CA THR F 324 -64.29 45.83 -13.56
C THR F 324 -63.50 47.11 -13.33
N PHE F 325 -63.96 47.90 -12.35
CA PHE F 325 -63.30 49.12 -11.97
C PHE F 325 -61.94 48.79 -11.36
N ALA F 326 -61.77 47.71 -10.60
CA ALA F 326 -60.47 47.26 -10.10
C ALA F 326 -59.45 47.11 -11.22
N ARG F 327 -59.86 46.42 -12.31
CA ARG F 327 -59.01 46.19 -13.47
C ARG F 327 -58.66 47.49 -14.20
N ASP F 328 -59.57 48.48 -14.18
CA ASP F 328 -59.37 49.79 -14.76
C ASP F 328 -58.42 50.65 -13.89
N TYR F 329 -58.66 50.57 -12.58
CA TYR F 329 -58.08 51.41 -11.53
C TYR F 329 -56.71 50.89 -11.13
N HIS F 330 -56.34 49.66 -11.49
CA HIS F 330 -55.09 48.99 -11.12
C HIS F 330 -53.88 49.92 -10.96
N LYS F 331 -53.61 50.74 -11.99
CA LYS F 331 -52.49 51.69 -12.04
C LYS F 331 -52.41 52.58 -10.80
N TYR F 332 -53.59 52.85 -10.19
CA TYR F 332 -53.82 53.74 -9.07
C TYR F 332 -54.20 52.94 -7.80
N ALA F 333 -54.62 51.68 -7.95
CA ALA F 333 -54.92 50.74 -6.87
C ALA F 333 -53.68 50.34 -6.12
N GLN F 334 -52.54 50.33 -6.78
CA GLN F 334 -51.21 50.13 -6.18
C GLN F 334 -51.01 51.10 -5.01
N GLY F 335 -50.63 50.56 -3.83
CA GLY F 335 -50.25 51.39 -2.68
C GLY F 335 -51.35 51.69 -1.66
N ASN F 336 -52.55 51.17 -1.88
CA ASN F 336 -53.74 51.36 -1.08
C ASN F 336 -53.51 50.77 0.31
N THR F 337 -53.39 51.65 1.34
CA THR F 337 -53.01 51.21 2.69
C THR F 337 -54.23 50.78 3.51
N LYS F 338 -53.98 49.83 4.45
CA LYS F 338 -54.82 49.52 5.61
C LYS F 338 -55.32 50.78 6.31
N GLU F 339 -54.46 51.76 6.61
CA GLU F 339 -54.85 52.95 7.34
C GLU F 339 -55.90 53.79 6.61
N TRP F 340 -55.79 53.83 5.29
CA TRP F 340 -56.69 54.51 4.38
C TRP F 340 -58.02 53.74 4.35
N LEU F 341 -58.00 52.40 4.41
CA LEU F 341 -59.19 51.58 4.61
C LEU F 341 -59.84 51.85 5.98
N GLU F 342 -59.04 51.89 7.07
CA GLU F 342 -59.54 52.13 8.42
C GLU F 342 -60.32 53.44 8.48
N ARG F 343 -59.86 54.46 7.73
CA ARG F 343 -60.50 55.76 7.67
C ARG F 343 -61.76 55.77 6.79
N LEU F 344 -61.83 54.88 5.79
CA LEU F 344 -62.99 54.72 4.93
C LEU F 344 -64.11 53.90 5.57
N LEU F 345 -63.75 52.99 6.50
CA LEU F 345 -64.69 52.12 7.17
C LEU F 345 -65.94 52.84 7.72
N PRO F 346 -65.82 53.97 8.48
CA PRO F 346 -67.00 54.71 8.96
C PRO F 346 -68.04 55.11 7.93
N MET F 347 -67.67 55.16 6.64
CA MET F 347 -68.60 55.53 5.58
C MET F 347 -69.61 54.41 5.27
N LEU F 348 -69.35 53.16 5.72
CA LEU F 348 -70.32 52.08 5.66
C LEU F 348 -71.44 52.19 6.70
N GLN F 349 -71.27 53.01 7.75
CA GLN F 349 -72.15 52.95 8.92
C GLN F 349 -73.56 53.43 8.59
N PRO F 350 -74.64 52.79 9.13
CA PRO F 350 -76.03 53.24 8.94
C PRO F 350 -76.35 54.68 9.33
N SER F 351 -75.44 55.33 10.07
CA SER F 351 -75.50 56.74 10.43
C SER F 351 -75.28 57.66 9.22
N ARG F 352 -74.53 57.18 8.22
CA ARG F 352 -74.15 57.94 7.02
C ARG F 352 -75.25 57.86 5.95
N ARG F 353 -75.15 58.71 4.93
CA ARG F 353 -76.05 58.70 3.78
C ARG F 353 -75.96 57.38 3.00
N ARG F 354 -77.07 56.99 2.35
CA ARG F 354 -77.12 55.92 1.36
C ARG F 354 -76.01 56.07 0.29
N GLU F 355 -75.78 57.29 -0.20
CA GLU F 355 -74.71 57.59 -1.15
C GLU F 355 -73.34 57.15 -0.60
N ALA F 356 -72.99 57.64 0.60
CA ALA F 356 -71.71 57.33 1.25
C ALA F 356 -71.58 55.81 1.49
N ARG F 357 -72.63 55.16 1.99
CA ARG F 357 -72.68 53.72 2.18
C ARG F 357 -72.49 52.96 0.85
N SER F 358 -73.10 53.46 -0.24
CA SER F 358 -72.97 52.87 -1.57
C SER F 358 -71.54 52.97 -2.07
N VAL F 359 -70.91 54.16 -1.96
CA VAL F 359 -69.53 54.40 -2.35
C VAL F 359 -68.61 53.49 -1.55
N ALA F 360 -68.78 53.50 -0.22
CA ALA F 360 -67.97 52.70 0.69
C ALA F 360 -68.10 51.22 0.34
N ALA F 361 -69.32 50.72 0.15
CA ALA F 361 -69.56 49.33 -0.19
C ALA F 361 -68.88 48.94 -1.50
N PHE F 362 -69.09 49.72 -2.58
CA PHE F 362 -68.45 49.51 -3.86
C PHE F 362 -66.93 49.45 -3.71
N HIS F 363 -66.40 50.44 -2.99
CA HIS F 363 -64.97 50.59 -2.73
C HIS F 363 -64.42 49.37 -2.00
N PHE F 364 -65.09 48.94 -0.91
CA PHE F 364 -64.64 47.78 -0.16
C PHE F 364 -64.72 46.51 -0.99
N THR F 365 -65.69 46.39 -1.91
CA THR F 365 -65.69 45.27 -2.85
C THR F 365 -64.47 45.30 -3.76
N LEU F 366 -64.15 46.49 -4.30
CA LEU F 366 -63.00 46.70 -5.15
C LEU F 366 -61.72 46.29 -4.40
N GLU F 367 -61.56 46.79 -3.16
CA GLU F 367 -60.40 46.47 -2.34
C GLU F 367 -60.34 44.99 -1.99
N ALA F 368 -61.48 44.39 -1.62
CA ALA F 368 -61.55 42.95 -1.40
C ALA F 368 -61.07 42.18 -2.62
N THR F 369 -61.44 42.62 -3.82
CA THR F 369 -60.98 42.02 -5.08
C THR F 369 -59.46 42.01 -5.15
N ILE F 370 -58.84 43.18 -4.94
CA ILE F 370 -57.39 43.34 -4.97
C ILE F 370 -56.70 42.57 -3.85
N LYS F 371 -57.27 42.60 -2.64
CA LYS F 371 -56.69 41.92 -1.50
C LYS F 371 -56.85 40.39 -1.59
N LYS F 372 -57.81 39.87 -2.36
CA LYS F 372 -57.84 38.47 -2.72
C LYS F 372 -56.61 38.09 -3.54
N GLU F 373 -56.35 38.88 -4.58
CA GLU F 373 -55.22 38.67 -5.48
C GLU F 373 -53.91 38.73 -4.71
N GLN F 374 -53.76 39.73 -3.83
CA GLN F 374 -52.60 39.92 -2.97
C GLN F 374 -52.54 38.94 -1.80
N ASN F 375 -53.58 38.13 -1.59
CA ASN F 375 -53.73 37.21 -0.47
C ASN F 375 -53.63 37.91 0.89
N LYS F 376 -54.39 39.01 1.05
CA LYS F 376 -54.39 39.81 2.28
C LYS F 376 -55.82 40.24 2.65
N LEU F 377 -56.79 39.33 2.49
CA LEU F 377 -58.18 39.55 2.86
C LEU F 377 -58.34 39.71 4.38
N ASP F 378 -57.38 39.19 5.14
CA ASP F 378 -57.29 39.29 6.60
C ASP F 378 -57.47 40.74 7.09
N VAL F 379 -57.02 41.73 6.30
CA VAL F 379 -57.14 43.14 6.62
C VAL F 379 -58.57 43.52 7.05
N PHE F 380 -59.59 43.01 6.35
CA PHE F 380 -60.98 43.37 6.61
C PHE F 380 -61.49 42.78 7.93
N GLN F 381 -60.93 41.63 8.35
CA GLN F 381 -61.15 41.09 9.68
C GLN F 381 -60.42 41.92 10.74
N GLU F 382 -59.16 42.29 10.47
CA GLU F 382 -58.34 43.06 11.39
C GLU F 382 -58.98 44.40 11.73
N ILE F 383 -59.47 45.13 10.71
CA ILE F 383 -60.13 46.42 10.89
C ILE F 383 -61.62 46.26 11.25
N GLY F 384 -62.15 45.02 11.25
CA GLY F 384 -63.53 44.72 11.59
C GLY F 384 -64.56 45.15 10.54
N ALA F 385 -64.11 45.49 9.32
CA ALA F 385 -64.96 45.94 8.22
C ALA F 385 -66.05 44.93 7.84
N ILE F 386 -65.78 43.65 8.07
CA ILE F 386 -66.68 42.54 7.77
C ILE F 386 -68.05 42.76 8.45
N GLN F 387 -68.05 43.25 9.69
CA GLN F 387 -69.26 43.56 10.43
C GLN F 387 -70.06 44.68 9.75
N ALA F 388 -69.40 45.78 9.39
CA ALA F 388 -70.04 46.90 8.71
C ALA F 388 -70.56 46.49 7.33
N LEU F 389 -69.84 45.61 6.61
CA LEU F 389 -70.32 45.02 5.37
C LEU F 389 -71.59 44.18 5.59
N LYS F 390 -71.64 43.38 6.68
CA LYS F 390 -72.83 42.62 7.04
C LYS F 390 -74.02 43.55 7.32
N GLU F 391 -73.79 44.63 8.09
CA GLU F 391 -74.79 45.66 8.36
C GLU F 391 -75.33 46.26 7.06
N VAL F 392 -74.45 46.66 6.13
CA VAL F 392 -74.85 47.22 4.85
C VAL F 392 -75.56 46.18 3.98
N ALA F 393 -75.08 44.93 3.97
CA ALA F 393 -75.72 43.83 3.24
C ALA F 393 -77.15 43.58 3.75
N SER F 394 -77.39 43.73 5.06
CA SER F 394 -78.71 43.68 5.68
C SER F 394 -79.55 44.94 5.49
N SER F 395 -78.94 46.08 5.14
CA SER F 395 -79.61 47.36 5.05
C SER F 395 -80.54 47.43 3.84
N PRO F 396 -81.55 48.35 3.84
CA PRO F 396 -82.40 48.57 2.67
C PRO F 396 -81.76 49.36 1.52
N ASP F 397 -80.49 49.78 1.67
CA ASP F 397 -79.76 50.47 0.62
C ASP F 397 -79.31 49.49 -0.47
N GLU F 398 -80.22 48.99 -1.31
CA GLU F 398 -80.07 47.86 -2.18
C GLU F 398 -78.73 47.83 -2.94
N VAL F 399 -78.32 48.97 -3.53
CA VAL F 399 -77.05 49.10 -4.25
C VAL F 399 -75.85 48.85 -3.32
N ALA F 400 -75.80 49.56 -2.20
CA ALA F 400 -74.78 49.37 -1.16
C ALA F 400 -74.81 47.92 -0.65
N ALA F 401 -76.02 47.40 -0.36
CA ALA F 401 -76.24 46.06 0.16
C ALA F 401 -75.72 44.99 -0.81
N LYS F 402 -75.97 45.17 -2.11
CA LYS F 402 -75.45 44.30 -3.16
C LYS F 402 -73.93 44.29 -3.14
N PHE F 403 -73.29 45.46 -3.24
CA PHE F 403 -71.84 45.58 -3.20
C PHE F 403 -71.26 44.97 -1.90
N ALA F 404 -71.90 45.22 -0.74
CA ALA F 404 -71.47 44.66 0.52
C ALA F 404 -71.58 43.13 0.55
N SER F 405 -72.67 42.59 -0.01
CA SER F 405 -72.88 41.15 -0.19
C SER F 405 -71.79 40.56 -1.09
N GLU F 406 -71.48 41.25 -2.19
CA GLU F 406 -70.42 40.87 -3.10
C GLU F 406 -69.06 40.89 -2.40
N ALA F 407 -68.78 41.94 -1.61
CA ALA F 407 -67.56 42.03 -0.81
C ALA F 407 -67.45 40.81 0.13
N LEU F 408 -68.51 40.52 0.88
CA LEU F 408 -68.58 39.36 1.77
C LEU F 408 -68.42 38.04 1.00
N THR F 409 -68.90 37.98 -0.25
CA THR F 409 -68.70 36.85 -1.15
C THR F 409 -67.21 36.66 -1.43
N VAL F 410 -66.48 37.77 -1.64
CA VAL F 410 -65.04 37.77 -1.85
C VAL F 410 -64.28 37.40 -0.57
N ILE F 411 -64.77 37.82 0.62
CA ILE F 411 -64.13 37.59 1.91
C ILE F 411 -63.87 36.09 2.19
N GLY F 412 -64.87 35.22 2.00
CA GLY F 412 -64.75 33.79 2.23
C GLY F 412 -64.34 33.39 3.66
N GLU F 413 -63.15 32.78 3.78
CA GLU F 413 -62.65 32.20 5.02
C GLU F 413 -61.12 32.36 5.14
N GLU F 414 -60.63 32.40 6.39
CA GLU F 414 -59.23 32.61 6.73
C GLU F 414 -58.33 31.43 6.33
N VAL F 415 -57.03 31.70 6.20
CA VAL F 415 -55.99 30.68 6.23
C VAL F 415 -55.80 30.18 7.67
N PRO F 416 -55.44 28.91 7.80
CA PRO F 416 -55.14 28.26 9.06
C PRO F 416 -53.88 28.86 9.70
N TYR F 417 -52.81 28.99 8.93
CA TYR F 417 -51.62 29.70 9.34
C TYR F 417 -51.09 30.53 8.18
N LYS F 418 -50.70 31.77 8.50
CA LYS F 418 -49.74 32.47 7.68
C LYS F 418 -48.36 32.11 8.22
N LEU F 419 -47.54 31.41 7.40
CA LEU F 419 -46.26 30.96 7.91
C LEU F 419 -45.25 32.11 7.92
N ALA F 420 -44.54 32.23 9.05
CA ALA F 420 -43.43 33.16 9.14
C ALA F 420 -42.27 32.64 8.31
N GLN F 421 -41.69 33.52 7.47
CA GLN F 421 -40.50 33.20 6.71
C GLN F 421 -39.32 32.81 7.58
N GLN F 422 -39.33 33.23 8.85
CA GLN F 422 -38.38 32.76 9.86
C GLN F 422 -38.68 31.31 10.26
N VAL F 423 -38.51 30.38 9.30
CA VAL F 423 -38.94 29.02 9.52
C VAL F 423 -38.21 28.34 10.67
N PRO F 424 -36.97 28.70 11.09
CA PRO F 424 -36.39 28.09 12.28
C PRO F 424 -37.31 28.22 13.50
N GLY F 425 -38.09 29.31 13.55
CA GLY F 425 -39.01 29.53 14.64
C GLY F 425 -40.27 28.67 14.59
N TRP F 426 -40.45 27.83 13.56
CA TRP F 426 -41.65 27.04 13.46
C TRP F 426 -41.79 26.01 14.59
N THR F 427 -43.00 25.95 15.13
CA THR F 427 -43.46 24.92 16.02
C THR F 427 -43.70 23.62 15.27
N CYS F 428 -43.86 22.51 16.01
CA CYS F 428 -44.26 21.28 15.38
C CYS F 428 -45.61 21.42 14.66
N ALA F 429 -46.52 22.23 15.21
CA ALA F 429 -47.79 22.49 14.56
C ALA F 429 -47.60 23.08 13.15
N ASP F 430 -46.67 24.02 13.04
CA ASP F 430 -46.35 24.61 11.75
C ASP F 430 -45.81 23.55 10.80
N VAL F 431 -44.86 22.73 11.27
CA VAL F 431 -44.31 21.70 10.41
C VAL F 431 -45.43 20.77 9.96
N GLN F 432 -46.30 20.36 10.87
CA GLN F 432 -47.41 19.49 10.54
C GLN F 432 -48.23 20.09 9.41
N TYR F 433 -48.58 21.37 9.58
CA TYR F 433 -49.36 22.08 8.58
C TYR F 433 -48.66 22.11 7.22
N TRP F 434 -47.36 22.38 7.23
CA TRP F 434 -46.56 22.40 6.01
C TRP F 434 -46.57 21.04 5.32
N VAL F 435 -46.17 20.01 6.06
CA VAL F 435 -46.11 18.63 5.59
C VAL F 435 -47.46 18.22 5.00
N LYS F 436 -48.54 18.55 5.73
CA LYS F 436 -49.88 18.25 5.28
C LYS F 436 -50.08 18.86 3.90
N LYS F 437 -49.84 20.17 3.82
CA LYS F 437 -50.20 20.92 2.65
C LYS F 437 -49.33 20.59 1.43
N ILE F 438 -48.07 20.24 1.65
CA ILE F 438 -47.23 19.77 0.55
C ILE F 438 -47.57 18.34 0.12
N GLY F 439 -48.56 17.70 0.76
CA GLY F 439 -49.14 16.46 0.27
C GLY F 439 -48.46 15.23 0.86
N PHE F 440 -48.12 15.31 2.15
CA PHE F 440 -47.50 14.20 2.86
C PHE F 440 -48.30 13.89 4.14
N GLU F 441 -49.63 13.96 4.02
CA GLU F 441 -50.57 13.90 5.13
C GLU F 441 -50.38 12.65 5.98
N GLU F 442 -50.16 11.51 5.32
CA GLU F 442 -50.03 10.24 6.03
C GLU F 442 -48.83 10.20 6.96
N TYR F 443 -47.89 11.12 6.78
CA TYR F 443 -46.69 11.17 7.63
C TYR F 443 -46.87 12.15 8.79
N VAL F 444 -47.89 13.00 8.75
CA VAL F 444 -48.00 14.12 9.69
C VAL F 444 -47.98 13.62 11.13
N GLU F 445 -48.74 12.55 11.38
CA GLU F 445 -48.77 11.97 12.72
C GLU F 445 -47.39 11.51 13.15
N LYS F 446 -46.59 11.00 12.22
CA LYS F 446 -45.24 10.57 12.53
C LYS F 446 -44.33 11.76 12.80
N PHE F 447 -44.45 12.84 12.04
CA PHE F 447 -43.75 14.07 12.35
C PHE F 447 -44.09 14.58 13.75
N ALA F 448 -45.38 14.53 14.10
CA ALA F 448 -45.84 14.91 15.42
C ALA F 448 -45.23 14.02 16.51
N LYS F 449 -45.30 12.70 16.29
CA LYS F 449 -44.71 11.71 17.18
C LYS F 449 -43.21 11.92 17.33
N GLN F 450 -42.54 12.25 16.24
CA GLN F 450 -41.12 12.54 16.22
C GLN F 450 -40.80 13.96 16.72
N MET F 451 -41.82 14.76 17.03
CA MET F 451 -41.67 16.07 17.65
C MET F 451 -40.75 16.98 16.84
N VAL F 452 -40.92 16.97 15.53
CA VAL F 452 -40.10 17.77 14.62
C VAL F 452 -40.45 19.25 14.74
N ASP F 453 -39.45 20.13 14.69
CA ASP F 453 -39.68 21.58 14.67
C ASP F 453 -38.93 22.26 13.53
N GLY F 454 -39.04 23.60 13.46
CA GLY F 454 -38.45 24.38 12.36
C GLY F 454 -36.95 24.09 12.10
N ASP F 455 -36.24 24.08 13.23
CA ASP F 455 -34.82 23.81 13.25
C ASP F 455 -34.53 22.41 12.75
N LEU F 456 -35.27 21.44 13.29
CA LEU F 456 -35.10 20.06 12.89
C LEU F 456 -35.38 19.87 11.41
N LEU F 457 -36.42 20.52 10.88
CA LEU F 457 -36.71 20.38 9.46
C LEU F 457 -35.49 20.74 8.64
N LEU F 458 -34.85 21.84 9.02
CA LEU F 458 -33.75 22.35 8.24
C LEU F 458 -32.52 21.41 8.27
N GLN F 459 -32.46 20.54 9.26
CA GLN F 459 -31.39 19.58 9.37
C GLN F 459 -31.71 18.28 8.64
N LEU F 460 -32.93 18.07 8.13
CA LEU F 460 -33.29 16.74 7.65
C LEU F 460 -32.42 16.22 6.53
N THR F 461 -32.23 14.88 6.57
CA THR F 461 -31.57 14.10 5.52
C THR F 461 -32.48 12.94 5.14
N GLU F 462 -32.19 12.32 4.00
CA GLU F 462 -33.07 11.25 3.56
C GLU F 462 -33.07 10.10 4.57
N ASN F 463 -31.97 9.90 5.30
CA ASN F 463 -31.87 8.87 6.34
C ASN F 463 -32.95 9.07 7.40
N ASP F 464 -33.16 10.33 7.79
CA ASP F 464 -34.13 10.65 8.80
C ASP F 464 -35.53 10.29 8.33
N LEU F 465 -35.80 10.57 7.06
CA LEU F 465 -37.05 10.18 6.44
C LEU F 465 -37.16 8.65 6.40
N LYS F 466 -36.12 8.00 5.91
CA LYS F 466 -36.03 6.57 5.71
C LYS F 466 -36.29 5.81 7.00
N HIS F 467 -35.72 6.30 8.10
CA HIS F 467 -35.76 5.62 9.38
C HIS F 467 -36.84 6.17 10.30
N ASP F 468 -36.69 7.43 10.75
CA ASP F 468 -37.54 7.96 11.79
C ASP F 468 -38.94 8.33 11.29
N VAL F 469 -39.02 8.77 10.02
CA VAL F 469 -40.33 8.94 9.42
C VAL F 469 -40.82 7.62 8.84
N GLY F 470 -39.90 6.67 8.55
CA GLY F 470 -40.25 5.47 7.79
C GLY F 470 -40.87 5.76 6.42
N MET F 471 -40.35 6.84 5.76
CA MET F 471 -40.69 7.09 4.40
C MET F 471 -39.85 6.25 3.44
N ILE F 472 -40.43 5.16 2.94
CA ILE F 472 -39.70 4.06 2.34
C ILE F 472 -39.36 4.35 0.87
N SER F 473 -40.30 4.99 0.16
CA SER F 473 -40.10 5.36 -1.23
C SER F 473 -39.02 6.42 -1.37
N GLY F 474 -37.93 6.05 -2.08
CA GLY F 474 -36.94 7.01 -2.50
C GLY F 474 -37.59 8.15 -3.28
N LEU F 475 -38.55 7.82 -4.14
CA LEU F 475 -39.26 8.83 -4.90
C LEU F 475 -39.98 9.80 -3.97
N HIS F 476 -40.72 9.28 -3.00
CA HIS F 476 -41.33 10.15 -2.01
C HIS F 476 -40.28 11.03 -1.35
N ARG F 477 -39.13 10.45 -1.01
CA ARG F 477 -38.05 11.24 -0.42
C ARG F 477 -37.59 12.35 -1.37
N LYS F 478 -37.33 12.02 -2.65
CA LYS F 478 -36.92 13.00 -3.64
C LYS F 478 -37.91 14.16 -3.64
N ARG F 479 -39.20 13.82 -3.80
CA ARG F 479 -40.27 14.79 -3.86
C ARG F 479 -40.24 15.67 -2.62
N PHE F 480 -40.19 15.05 -1.45
CA PHE F 480 -40.15 15.76 -0.20
C PHE F 480 -38.98 16.72 -0.15
N LEU F 481 -37.79 16.21 -0.47
CA LEU F 481 -36.58 16.98 -0.40
C LEU F 481 -36.62 18.17 -1.33
N ARG F 482 -37.20 18.01 -2.53
CA ARG F 482 -37.39 19.12 -3.43
C ARG F 482 -38.16 20.26 -2.74
N GLU F 483 -39.25 19.92 -2.06
CA GLU F 483 -40.04 20.93 -1.37
C GLU F 483 -39.20 21.55 -0.24
N LEU F 484 -38.50 20.70 0.51
CA LEU F 484 -37.67 21.19 1.59
C LEU F 484 -36.58 22.11 1.07
N GLN F 485 -35.94 21.79 -0.03
CA GLN F 485 -34.94 22.64 -0.68
C GLN F 485 -35.58 23.98 -1.04
N THR F 486 -36.77 23.92 -1.64
CA THR F 486 -37.48 25.13 -2.00
C THR F 486 -37.67 25.99 -0.75
N LEU F 487 -38.17 25.37 0.31
CA LEU F 487 -38.41 26.04 1.57
C LEU F 487 -37.11 26.63 2.12
N LYS F 488 -36.05 25.84 2.14
CA LYS F 488 -34.73 26.28 2.58
C LYS F 488 -34.28 27.53 1.84
N VAL F 489 -34.48 27.54 0.52
CA VAL F 489 -34.11 28.70 -0.26
C VAL F 489 -34.95 29.88 0.17
N ALA F 490 -36.26 29.64 0.29
CA ALA F 490 -37.26 30.67 0.54
C ALA F 490 -37.11 31.32 1.91
N ALA F 491 -36.69 30.55 2.91
CA ALA F 491 -36.72 30.96 4.30
C ALA F 491 -35.85 32.18 4.58
N ASP F 492 -36.33 33.04 5.49
CA ASP F 492 -35.48 34.04 6.10
C ASP F 492 -34.68 33.41 7.23
N TYR F 493 -33.45 33.88 7.40
CA TYR F 493 -32.62 33.49 8.51
C TYR F 493 -32.16 34.68 9.35
N SER F 494 -32.62 35.91 9.02
CA SER F 494 -32.13 37.12 9.67
C SER F 494 -32.44 37.12 11.17
N SER F 495 -33.40 36.31 11.61
CA SER F 495 -33.65 35.96 13.00
C SER F 495 -32.39 35.56 13.76
N VAL F 496 -31.40 34.98 13.04
CA VAL F 496 -30.20 34.38 13.63
C VAL F 496 -28.92 34.82 12.90
N ASP F 497 -29.03 35.16 11.62
CA ASP F 497 -27.92 35.62 10.81
C ASP F 497 -27.63 37.10 11.09
N GLU F 498 -26.69 37.32 12.00
CA GLU F 498 -26.18 38.63 12.37
C GLU F 498 -25.51 39.34 11.16
N SER F 499 -24.95 38.54 10.25
CA SER F 499 -24.01 39.05 9.27
C SER F 499 -24.61 39.22 7.87
N ASN F 500 -25.86 38.81 7.74
CA ASN F 500 -26.57 38.77 6.43
C ASN F 500 -25.81 37.92 5.43
N LEU F 501 -25.16 36.87 5.94
CA LEU F 501 -24.63 35.76 5.16
C LEU F 501 -25.66 35.22 4.17
N ASP F 502 -26.92 35.06 4.62
CA ASP F 502 -28.02 34.71 3.74
C ASP F 502 -28.09 35.60 2.51
N ASN F 503 -28.12 36.91 2.78
CA ASN F 503 -28.19 37.92 1.75
C ASN F 503 -26.98 37.80 0.83
N PHE F 504 -25.80 37.60 1.42
CA PHE F 504 -24.58 37.44 0.67
C PHE F 504 -24.68 36.26 -0.30
N LEU F 505 -25.08 35.10 0.24
CA LEU F 505 -25.23 33.88 -0.54
C LEU F 505 -26.25 34.09 -1.65
N MET F 506 -27.40 34.69 -1.33
CA MET F 506 -28.42 34.99 -2.31
C MET F 506 -27.82 35.81 -3.46
N GLY F 507 -27.08 36.87 -3.10
CA GLY F 507 -26.43 37.73 -4.07
C GLY F 507 -25.42 36.97 -4.94
N LEU F 508 -24.69 36.05 -4.31
CA LEU F 508 -23.73 35.21 -5.01
C LEU F 508 -24.47 34.31 -6.01
N SER F 509 -25.49 33.57 -5.53
CA SER F 509 -26.51 32.92 -6.34
C SER F 509 -27.64 32.41 -5.45
N PRO F 510 -28.92 32.64 -5.81
CA PRO F 510 -30.04 32.42 -4.88
C PRO F 510 -30.12 31.03 -4.27
N GLU F 511 -29.87 30.00 -5.07
CA GLU F 511 -29.95 28.61 -4.62
C GLU F 511 -29.01 28.36 -3.44
N LEU F 512 -27.89 29.08 -3.36
CA LEU F 512 -26.93 28.87 -2.30
C LEU F 512 -27.52 29.16 -0.92
N SER F 513 -28.64 29.90 -0.87
CA SER F 513 -29.47 30.03 0.31
C SER F 513 -29.67 28.68 1.02
N VAL F 514 -29.73 27.61 0.23
CA VAL F 514 -29.97 26.26 0.73
C VAL F 514 -28.97 25.89 1.81
N TYR F 515 -27.73 26.35 1.68
CA TYR F 515 -26.67 25.96 2.59
C TYR F 515 -26.65 26.78 3.87
N THR F 516 -27.34 27.92 3.86
CA THR F 516 -27.20 28.95 4.88
C THR F 516 -27.29 28.35 6.27
N TYR F 517 -28.38 27.65 6.52
CA TYR F 517 -28.67 27.26 7.87
C TYR F 517 -27.63 26.29 8.40
N GLN F 518 -27.21 25.34 7.54
CA GLN F 518 -26.18 24.40 7.93
C GLN F 518 -24.92 25.16 8.35
N MET F 519 -24.39 26.00 7.45
CA MET F 519 -23.12 26.62 7.76
C MET F 519 -23.28 27.59 8.95
N LEU F 520 -24.42 28.28 9.03
CA LEU F 520 -24.69 29.18 10.12
C LEU F 520 -24.69 28.43 11.45
N THR F 521 -25.37 27.29 11.51
CA THR F 521 -25.42 26.48 12.71
C THR F 521 -24.07 25.83 13.02
N ASN F 522 -23.23 25.62 12.00
CA ASN F 522 -21.85 25.22 12.27
C ASN F 522 -20.99 26.37 12.79
N GLY F 523 -21.55 27.59 12.87
CA GLY F 523 -20.84 28.74 13.38
C GLY F 523 -20.08 29.53 12.30
N VAL F 524 -20.32 29.22 11.02
CA VAL F 524 -19.78 30.02 9.94
C VAL F 524 -20.43 31.39 9.93
N ASN F 525 -19.65 32.41 9.54
CA ASN F 525 -20.15 33.77 9.38
C ASN F 525 -19.45 34.40 8.16
N ARG F 526 -20.02 35.52 7.71
CA ARG F 526 -19.65 36.23 6.50
C ARG F 526 -18.16 36.53 6.41
N SER F 527 -17.50 36.79 7.54
CA SER F 527 -16.07 37.08 7.56
C SER F 527 -15.20 35.85 7.24
N LEU F 528 -15.66 34.67 7.59
CA LEU F 528 -14.84 33.46 7.54
C LEU F 528 -14.77 32.89 6.13
N LEU F 529 -15.69 33.28 5.25
CA LEU F 529 -15.93 32.56 4.00
C LEU F 529 -14.70 32.51 3.10
N SER F 530 -13.92 33.59 3.13
CA SER F 530 -12.62 33.74 2.48
C SER F 530 -11.69 32.54 2.74
N SER F 531 -11.83 31.94 3.92
CA SER F 531 -10.77 31.16 4.56
C SER F 531 -11.03 29.67 4.43
N LEU F 532 -12.20 29.29 3.88
CA LEU F 532 -12.62 27.88 3.88
C LEU F 532 -11.87 27.09 2.81
N THR F 533 -11.50 25.86 3.18
CA THR F 533 -11.00 24.91 2.19
C THR F 533 -12.17 24.17 1.54
N ASP F 534 -11.91 23.61 0.35
CA ASP F 534 -12.90 22.80 -0.34
C ASP F 534 -13.44 21.71 0.57
N GLU F 535 -12.55 21.11 1.37
CA GLU F 535 -12.90 20.11 2.37
C GLU F 535 -13.92 20.66 3.37
N MET F 536 -13.62 21.81 3.99
CA MET F 536 -14.50 22.40 4.98
C MET F 536 -15.88 22.68 4.38
N MET F 537 -15.85 23.28 3.19
CA MET F 537 -17.06 23.55 2.45
C MET F 537 -17.85 22.25 2.22
N GLN F 538 -17.21 21.30 1.58
CA GLN F 538 -17.82 20.05 1.15
C GLN F 538 -18.42 19.30 2.31
N ASN F 539 -17.65 19.21 3.40
CA ASN F 539 -17.91 18.23 4.45
C ASN F 539 -18.65 18.93 5.59
N ALA F 540 -18.00 19.93 6.20
CA ALA F 540 -18.61 20.57 7.36
C ALA F 540 -19.85 21.36 6.94
N CYS F 541 -19.74 22.12 5.84
CA CYS F 541 -20.85 22.88 5.33
C CYS F 541 -21.74 22.11 4.35
N GLY F 542 -21.38 20.82 4.09
CA GLY F 542 -22.23 19.89 3.37
C GLY F 542 -22.48 20.28 1.92
N ILE F 543 -21.71 21.23 1.36
CA ILE F 543 -21.90 21.61 -0.02
C ILE F 543 -21.20 20.61 -0.95
N THR F 544 -21.82 19.43 -1.08
CA THR F 544 -21.28 18.31 -1.82
C THR F 544 -21.25 18.58 -3.32
N ASN F 545 -22.17 19.41 -3.82
CA ASN F 545 -22.17 19.83 -5.21
C ASN F 545 -20.89 20.62 -5.51
N PRO F 546 -19.93 20.07 -6.31
CA PRO F 546 -18.71 20.81 -6.61
C PRO F 546 -19.02 22.06 -7.43
N ILE F 547 -20.10 22.06 -8.20
CA ILE F 547 -20.46 23.23 -8.99
C ILE F 547 -20.73 24.42 -8.06
N HIS F 548 -21.56 24.19 -7.04
CA HIS F 548 -21.80 25.22 -6.05
C HIS F 548 -20.49 25.63 -5.37
N ARG F 549 -19.63 24.67 -5.04
CA ARG F 549 -18.33 24.99 -4.44
C ARG F 549 -17.54 25.88 -5.39
N LEU F 550 -17.53 25.55 -6.68
CA LEU F 550 -16.87 26.37 -7.68
C LEU F 550 -17.43 27.78 -7.66
N LYS F 551 -18.75 27.94 -7.64
CA LYS F 551 -19.35 29.26 -7.59
C LYS F 551 -18.76 30.10 -6.45
N LEU F 552 -18.80 29.58 -5.22
CA LEU F 552 -18.28 30.38 -4.12
C LEU F 552 -16.75 30.51 -4.21
N THR F 553 -16.06 29.53 -4.79
CA THR F 553 -14.65 29.67 -5.09
C THR F 553 -14.42 30.90 -5.96
N GLN F 554 -15.27 31.14 -6.96
CA GLN F 554 -15.13 32.32 -7.82
C GLN F 554 -15.27 33.62 -7.00
N ALA F 555 -16.15 33.59 -6.01
CA ALA F 555 -16.38 34.75 -5.16
C ALA F 555 -15.11 35.03 -4.37
N PHE F 556 -14.48 34.01 -3.75
CA PHE F 556 -13.25 34.24 -3.00
C PHE F 556 -12.01 34.42 -3.86
N GLU F 557 -12.06 33.95 -5.10
CA GLU F 557 -11.05 34.31 -6.11
C GLU F 557 -11.11 35.83 -6.37
N THR F 558 -12.32 36.30 -6.64
CA THR F 558 -12.59 37.71 -6.97
C THR F 558 -12.72 38.62 -5.72
N ALA F 559 -12.53 38.03 -4.51
CA ALA F 559 -12.23 38.79 -3.30
C ALA F 559 -10.85 39.50 -3.35
N LYS F 560 -9.91 38.94 -4.12
CA LYS F 560 -8.72 39.62 -4.64
C LYS F 560 -9.07 40.36 -5.92
N HIS F 561 -8.22 41.31 -6.35
CA HIS F 561 -8.26 41.98 -7.65
C HIS F 561 -9.65 42.58 -7.99
N GLN F 573 -2.43 35.21 -20.29
CA GLN F 573 -1.45 35.96 -19.46
C GLN F 573 -0.03 35.43 -19.75
N ILE F 574 0.96 36.35 -19.81
CA ILE F 574 2.37 35.98 -19.69
C ILE F 574 2.75 35.87 -18.21
N ASP F 575 3.22 34.67 -17.80
CA ASP F 575 3.65 34.47 -16.42
C ASP F 575 5.11 34.90 -16.25
N VAL F 576 5.96 34.39 -17.17
CA VAL F 576 7.37 34.74 -17.20
C VAL F 576 7.73 35.58 -18.43
N PHE F 577 8.30 36.74 -18.17
CA PHE F 577 8.92 37.55 -19.21
C PHE F 577 10.41 37.15 -19.36
N ILE F 578 10.89 37.08 -20.62
CA ILE F 578 12.32 36.91 -20.90
C ILE F 578 12.87 38.22 -21.47
N SER F 579 13.75 38.85 -20.69
CA SER F 579 14.63 39.92 -21.12
C SER F 579 15.97 39.37 -21.55
N TYR F 580 16.50 39.87 -22.68
CA TYR F 580 17.83 39.52 -23.15
C TYR F 580 18.29 40.59 -24.14
N ARG F 581 19.61 40.68 -24.32
CA ARG F 581 20.24 41.31 -25.48
C ARG F 581 20.06 40.41 -26.73
N ARG F 582 19.40 40.96 -27.77
CA ARG F 582 18.75 40.16 -28.82
C ARG F 582 19.66 39.11 -29.50
N SER F 583 20.88 39.56 -29.80
CA SER F 583 21.86 38.82 -30.59
C SER F 583 22.64 37.76 -29.79
N THR F 584 22.54 37.76 -28.45
CA THR F 584 23.26 36.78 -27.64
C THR F 584 22.39 36.03 -26.61
N GLY F 585 21.24 36.64 -26.18
CA GLY F 585 20.28 35.78 -25.46
C GLY F 585 19.65 34.81 -26.46
N ASN F 586 19.14 35.33 -27.58
CA ASN F 586 19.07 34.62 -28.88
C ASN F 586 18.43 33.23 -28.73
N GLN F 587 19.07 32.23 -29.30
CA GLN F 587 18.82 30.81 -29.26
C GLN F 587 18.56 30.27 -27.85
N LEU F 588 19.35 30.74 -26.85
CA LEU F 588 19.12 30.36 -25.46
C LEU F 588 17.82 30.99 -24.95
N ALA F 589 17.61 32.27 -25.19
CA ALA F 589 16.42 33.00 -24.79
C ALA F 589 15.13 32.32 -25.32
N SER F 590 15.18 31.95 -26.59
CA SER F 590 14.18 31.17 -27.28
C SER F 590 13.93 29.80 -26.62
N LEU F 591 15.03 29.08 -26.37
CA LEU F 591 15.00 27.75 -25.77
C LEU F 591 14.39 27.83 -24.38
N ILE F 592 14.71 28.88 -23.59
CA ILE F 592 14.10 29.20 -22.31
C ILE F 592 12.59 29.33 -22.42
N LYS F 593 12.10 30.10 -23.40
CA LYS F 593 10.66 30.13 -23.71
C LYS F 593 10.12 28.72 -23.94
N VAL F 594 10.81 27.94 -24.78
CA VAL F 594 10.32 26.62 -25.18
C VAL F 594 10.26 25.65 -23.98
N LEU F 595 11.32 25.66 -23.18
CA LEU F 595 11.47 24.79 -22.03
C LEU F 595 10.49 25.18 -20.94
N LEU F 596 10.23 26.46 -20.75
CA LEU F 596 9.24 26.89 -19.76
C LEU F 596 7.82 26.62 -20.23
N GLN F 597 7.56 26.72 -21.54
CA GLN F 597 6.29 26.31 -22.15
C GLN F 597 6.08 24.80 -22.04
N LEU F 598 7.17 24.01 -22.12
CA LEU F 598 7.18 22.57 -21.85
C LEU F 598 6.86 22.30 -20.37
N ARG F 599 7.35 23.18 -19.47
CA ARG F 599 7.08 23.15 -18.05
C ARG F 599 5.77 23.89 -17.67
N GLY F 600 4.95 24.23 -18.67
CA GLY F 600 3.58 24.68 -18.46
C GLY F 600 3.41 26.19 -18.23
N TYR F 601 4.53 26.92 -18.03
CA TYR F 601 4.49 28.38 -17.90
C TYR F 601 4.22 29.03 -19.27
N ARG F 602 3.28 30.00 -19.31
CA ARG F 602 3.08 30.82 -20.48
C ARG F 602 4.18 31.88 -20.52
N VAL F 603 5.27 31.47 -21.18
CA VAL F 603 6.48 32.27 -21.25
C VAL F 603 6.63 32.84 -22.66
N PHE F 604 6.89 34.16 -22.72
CA PHE F 604 6.94 34.94 -23.94
C PHE F 604 8.23 35.76 -23.93
N ILE F 605 8.57 36.31 -25.12
CA ILE F 605 9.87 36.90 -25.36
C ILE F 605 9.73 38.15 -26.23
N ASP F 606 10.71 39.05 -26.16
CA ASP F 606 10.79 40.30 -26.91
C ASP F 606 10.38 40.22 -28.40
N VAL F 607 10.85 39.19 -29.10
CA VAL F 607 10.44 38.78 -30.45
C VAL F 607 8.91 38.71 -30.65
N ASP F 608 8.16 38.26 -29.66
CA ASP F 608 6.76 37.88 -29.83
C ASP F 608 5.79 39.08 -29.71
N LYS F 609 6.07 40.03 -28.80
CA LYS F 609 5.05 40.90 -28.23
C LYS F 609 5.33 42.38 -28.62
N LEU F 610 5.45 42.60 -29.93
CA LEU F 610 5.59 43.96 -30.50
C LEU F 610 4.61 44.14 -31.67
N TYR F 611 3.72 45.16 -31.62
CA TYR F 611 2.61 45.33 -32.54
C TYR F 611 2.36 46.83 -32.79
N ALA F 612 2.06 47.25 -34.04
CA ALA F 612 1.11 48.31 -34.39
C ALA F 612 1.23 49.62 -33.60
N GLY F 613 2.48 50.07 -33.38
CA GLY F 613 2.79 51.12 -32.42
C GLY F 613 4.25 51.13 -31.95
N LYS F 614 4.52 51.98 -30.97
CA LYS F 614 5.87 52.22 -30.47
C LYS F 614 6.36 51.01 -29.69
N PHE F 615 7.70 50.82 -29.65
CA PHE F 615 8.40 49.67 -29.11
C PHE F 615 8.15 49.47 -27.62
N ASP F 616 8.44 50.48 -26.79
CA ASP F 616 8.15 50.49 -25.37
C ASP F 616 6.71 50.02 -25.06
N SER F 617 5.77 50.64 -25.78
CA SER F 617 4.34 50.61 -25.54
C SER F 617 3.78 49.23 -25.79
N SER F 618 4.58 48.27 -26.31
CA SER F 618 4.21 46.86 -26.48
C SER F 618 5.18 45.93 -25.73
N LEU F 619 6.44 46.34 -25.64
CA LEU F 619 7.49 45.62 -24.93
C LEU F 619 7.08 45.45 -23.43
N LEU F 620 6.80 46.57 -22.77
CA LEU F 620 6.95 46.66 -21.31
C LEU F 620 5.72 46.06 -20.62
N LYS F 621 4.54 46.20 -21.23
CA LYS F 621 3.24 45.83 -20.67
C LYS F 621 3.18 44.36 -20.26
N ASN F 622 3.86 43.49 -20.97
CA ASN F 622 4.08 42.09 -20.68
C ASN F 622 4.68 41.87 -19.28
N ILE F 623 5.64 42.74 -18.90
CA ILE F 623 6.34 42.65 -17.64
C ILE F 623 5.39 42.85 -16.47
N GLN F 624 4.50 43.87 -16.57
CA GLN F 624 3.60 44.21 -15.47
C GLN F 624 2.62 43.06 -15.22
N ALA F 625 2.18 42.41 -16.29
CA ALA F 625 1.21 41.33 -16.18
C ALA F 625 1.90 40.05 -15.75
N ALA F 626 3.17 39.86 -16.13
CA ALA F 626 4.01 38.74 -15.66
C ALA F 626 4.26 38.89 -14.16
N LYS F 627 4.37 37.74 -13.46
CA LYS F 627 4.87 37.80 -12.08
C LYS F 627 6.39 37.64 -12.09
N HIS F 628 6.91 36.88 -13.06
CA HIS F 628 8.31 36.44 -13.04
C HIS F 628 9.09 37.02 -14.24
N PHE F 629 10.34 37.40 -13.98
CA PHE F 629 11.14 38.09 -14.99
C PHE F 629 12.50 37.44 -15.07
N ILE F 630 12.75 36.69 -16.15
CA ILE F 630 14.08 36.11 -16.41
C ILE F 630 14.88 37.12 -17.26
N LEU F 631 16.13 37.36 -16.85
CA LEU F 631 17.12 38.00 -17.68
C LEU F 631 18.16 36.95 -18.12
N VAL F 632 18.23 36.72 -19.45
CA VAL F 632 19.40 36.02 -19.98
C VAL F 632 20.68 36.88 -19.98
N LEU F 633 21.63 36.53 -19.10
CA LEU F 633 22.88 37.19 -18.97
C LEU F 633 23.95 36.53 -19.84
N THR F 634 24.53 37.31 -20.75
CA THR F 634 25.21 36.84 -21.94
C THR F 634 26.31 37.85 -22.31
N PRO F 635 27.19 37.54 -23.28
CA PRO F 635 28.18 38.48 -23.76
C PRO F 635 27.78 39.89 -24.18
N ASN F 636 26.51 40.26 -24.40
CA ASN F 636 26.18 41.67 -24.45
C ASN F 636 24.89 42.06 -23.74
N SER F 637 24.47 41.16 -22.81
CA SER F 637 23.36 41.40 -21.89
C SER F 637 23.32 42.76 -21.17
N LEU F 638 24.34 43.03 -20.35
CA LEU F 638 24.42 44.23 -19.54
C LEU F 638 25.22 45.35 -20.23
N ASP F 639 25.83 45.07 -21.39
CA ASP F 639 26.84 45.93 -21.99
C ASP F 639 26.26 47.32 -22.32
N ARG F 640 25.13 47.26 -23.04
CA ARG F 640 24.55 48.50 -23.54
C ARG F 640 23.79 49.25 -22.46
N LEU F 641 23.68 48.69 -21.26
CA LEU F 641 23.18 49.37 -20.09
C LEU F 641 24.22 50.32 -19.50
N LEU F 642 25.49 50.13 -19.82
CA LEU F 642 26.57 50.92 -19.22
C LEU F 642 26.43 52.38 -19.66
N ASN F 643 26.44 53.31 -18.71
CA ASN F 643 26.26 54.76 -18.92
C ASN F 643 24.91 55.09 -19.54
N ASP F 644 23.96 54.16 -19.48
CA ASP F 644 22.63 54.38 -20.05
C ASP F 644 21.75 55.11 -19.04
N ASP F 645 22.21 56.28 -18.56
CA ASP F 645 21.49 57.04 -17.53
C ASP F 645 20.15 57.56 -18.05
N ASN F 646 20.04 57.71 -19.38
CA ASN F 646 18.83 58.20 -20.01
C ASN F 646 17.81 57.09 -20.26
N CYS F 647 18.12 55.87 -19.78
CA CYS F 647 17.28 54.68 -19.93
C CYS F 647 16.84 54.48 -21.38
N GLU F 648 17.78 54.53 -22.30
CA GLU F 648 17.55 54.42 -23.75
C GLU F 648 17.54 52.94 -24.15
N ASP F 649 18.33 52.12 -23.46
CA ASP F 649 18.48 50.69 -23.77
C ASP F 649 17.20 49.93 -23.37
N TRP F 650 16.70 49.09 -24.25
CA TRP F 650 15.48 48.34 -24.01
C TRP F 650 15.60 47.35 -22.87
N VAL F 651 16.75 46.65 -22.77
CA VAL F 651 16.98 45.79 -21.61
C VAL F 651 16.94 46.62 -20.32
N HIS F 652 17.41 47.87 -20.35
CA HIS F 652 17.31 48.80 -19.21
C HIS F 652 15.84 49.10 -18.88
N LYS F 653 15.05 49.47 -19.88
CA LYS F 653 13.62 49.76 -19.69
C LYS F 653 12.88 48.55 -19.12
N GLU F 654 13.14 47.36 -19.68
CA GLU F 654 12.58 46.10 -19.22
C GLU F 654 12.95 45.82 -17.76
N LEU F 655 14.24 45.90 -17.42
CA LEU F 655 14.74 45.57 -16.09
C LEU F 655 14.28 46.60 -15.07
N LYS F 656 14.28 47.90 -15.44
CA LYS F 656 13.77 48.96 -14.60
C LYS F 656 12.31 48.70 -14.25
N CYS F 657 11.49 48.35 -15.26
CA CYS F 657 10.08 48.04 -15.07
C CYS F 657 9.91 46.86 -14.11
N ALA F 658 10.75 45.84 -14.29
CA ALA F 658 10.69 44.65 -13.44
C ALA F 658 10.95 45.04 -11.98
N PHE F 659 11.97 45.88 -11.76
CA PHE F 659 12.33 46.36 -10.42
C PHE F 659 11.23 47.22 -9.83
N GLU F 660 10.63 48.11 -10.63
CA GLU F 660 9.58 49.02 -10.17
C GLU F 660 8.34 48.25 -9.73
N HIS F 661 8.04 47.15 -10.41
CA HIS F 661 6.84 46.37 -10.12
C HIS F 661 7.17 45.14 -9.26
N GLN F 662 8.39 45.10 -8.70
CA GLN F 662 8.83 44.08 -7.75
C GLN F 662 8.60 42.66 -8.30
N LYS F 663 8.99 42.44 -9.54
CA LYS F 663 9.03 41.10 -10.11
C LYS F 663 10.16 40.29 -9.45
N ASN F 664 9.97 38.97 -9.37
CA ASN F 664 10.93 38.13 -8.65
C ASN F 664 12.09 37.83 -9.58
N ILE F 665 13.00 38.74 -9.83
CA ILE F 665 13.89 38.75 -11.00
C ILE F 665 15.08 37.79 -10.82
N ILE F 666 15.31 36.95 -11.84
CA ILE F 666 16.28 35.86 -11.83
C ILE F 666 17.18 35.96 -13.06
N PRO F 667 18.45 36.43 -12.94
CA PRO F 667 19.41 36.32 -14.01
C PRO F 667 19.79 34.88 -14.32
N ILE F 668 19.96 34.57 -15.60
CA ILE F 668 20.47 33.29 -16.06
C ILE F 668 21.79 33.52 -16.75
N PHE F 669 22.90 33.14 -16.12
CA PHE F 669 24.25 33.36 -16.58
C PHE F 669 24.62 32.32 -17.63
N ASP F 670 24.92 32.79 -18.85
CA ASP F 670 25.45 31.96 -19.91
C ASP F 670 26.71 31.20 -19.45
N THR F 671 27.02 30.09 -20.10
CA THR F 671 28.15 29.23 -19.77
C THR F 671 29.47 29.98 -19.71
N ALA F 672 29.66 31.06 -20.51
CA ALA F 672 30.87 31.90 -20.51
C ALA F 672 30.59 33.38 -20.06
N PHE F 673 29.53 33.57 -19.29
CA PHE F 673 29.09 34.89 -18.87
C PHE F 673 30.05 35.55 -17.88
N GLU F 674 30.23 36.89 -18.06
CA GLU F 674 30.86 37.73 -17.05
C GLU F 674 30.06 39.01 -16.83
N PHE F 675 29.90 39.41 -15.57
CA PHE F 675 29.35 40.73 -15.23
C PHE F 675 30.35 41.78 -15.72
N PRO F 676 29.89 43.02 -16.07
CA PRO F 676 30.80 44.17 -16.23
C PRO F 676 31.56 44.44 -14.93
N THR F 677 32.91 44.44 -15.01
CA THR F 677 33.79 44.84 -13.91
C THR F 677 33.58 46.30 -13.54
N LYS F 678 33.26 47.12 -14.55
CA LYS F 678 32.84 48.52 -14.38
C LYS F 678 31.32 48.56 -14.19
N GLU F 679 30.90 47.77 -13.16
CA GLU F 679 29.55 47.73 -12.62
C GLU F 679 29.09 49.12 -12.16
N ASP F 680 30.00 49.98 -11.69
CA ASP F 680 29.70 51.34 -11.23
C ASP F 680 29.16 52.20 -12.37
N GLN F 681 29.39 51.80 -13.62
CA GLN F 681 28.86 52.50 -14.78
C GLN F 681 27.43 52.05 -15.14
N ILE F 682 26.99 50.93 -14.59
CA ILE F 682 25.59 50.52 -14.73
C ILE F 682 24.74 51.50 -13.92
N PRO F 683 23.67 52.09 -14.51
CA PRO F 683 22.79 53.02 -13.81
C PRO F 683 22.27 52.48 -12.47
N ASN F 684 22.09 53.37 -11.48
CA ASN F 684 21.80 53.03 -10.09
C ASN F 684 20.49 52.24 -9.95
N ASP F 685 19.52 52.59 -10.80
CA ASP F 685 18.18 52.00 -10.72
C ASP F 685 18.19 50.51 -11.09
N ILE F 686 19.21 50.06 -11.82
CA ILE F 686 19.28 48.67 -12.29
C ILE F 686 20.57 47.97 -11.82
N ARG F 687 21.49 48.71 -11.19
CA ARG F 687 22.81 48.20 -10.80
C ARG F 687 22.69 46.98 -9.88
N MET F 688 21.59 46.93 -9.11
CA MET F 688 21.33 45.86 -8.16
C MET F 688 21.36 44.48 -8.81
N ILE F 689 21.12 44.38 -10.13
CA ILE F 689 21.09 43.13 -10.87
C ILE F 689 22.39 42.33 -10.74
N THR F 690 23.53 43.01 -10.52
CA THR F 690 24.80 42.26 -10.33
C THR F 690 24.85 41.51 -8.99
N LYS F 691 23.93 41.83 -8.10
CA LYS F 691 23.78 41.25 -6.76
C LYS F 691 22.39 40.53 -6.68
N TYR F 692 22.13 39.68 -7.68
CA TYR F 692 20.83 38.98 -7.82
C TYR F 692 20.93 37.47 -7.81
N ASN F 693 19.85 36.78 -7.43
CA ASN F 693 19.81 35.32 -7.46
C ASN F 693 19.61 34.82 -8.90
N GLY F 694 20.68 34.13 -9.42
CA GLY F 694 20.59 33.58 -10.76
C GLY F 694 21.07 32.12 -10.94
N VAL F 695 20.90 31.63 -12.17
CA VAL F 695 21.21 30.27 -12.56
C VAL F 695 22.33 30.28 -13.61
N LYS F 696 23.48 29.66 -13.33
CA LYS F 696 24.44 29.48 -14.40
C LYS F 696 23.96 28.38 -15.33
N TRP F 697 23.65 28.77 -16.57
CA TRP F 697 23.38 27.85 -17.65
C TRP F 697 24.63 27.04 -18.03
N VAL F 698 24.55 25.73 -17.86
CA VAL F 698 25.50 24.82 -18.49
C VAL F 698 24.70 23.87 -19.38
N HIS F 699 25.01 23.95 -20.68
CA HIS F 699 24.28 23.24 -21.74
C HIS F 699 24.17 21.73 -21.47
N ASP F 700 25.24 21.16 -20.88
CA ASP F 700 25.30 19.73 -20.58
C ASP F 700 24.32 19.32 -19.48
N TYR F 701 23.94 20.29 -18.63
CA TYR F 701 23.02 20.07 -17.51
C TYR F 701 21.77 20.94 -17.68
N GLN F 702 21.33 21.12 -18.92
CA GLN F 702 20.19 21.96 -19.30
C GLN F 702 18.96 21.66 -18.43
N ASP F 703 18.71 20.36 -18.18
CA ASP F 703 17.54 19.89 -17.45
C ASP F 703 17.60 20.28 -15.98
N ALA F 704 18.80 20.16 -15.39
CA ALA F 704 19.04 20.57 -14.00
C ALA F 704 18.99 22.09 -13.87
N CYS F 705 19.59 22.80 -14.84
CA CYS F 705 19.55 24.26 -14.88
C CYS F 705 18.11 24.75 -14.91
N MET F 706 17.29 24.14 -15.77
CA MET F 706 15.89 24.52 -15.88
C MET F 706 15.10 24.16 -14.63
N ALA F 707 15.41 23.01 -14.00
CA ALA F 707 14.86 22.67 -12.69
C ALA F 707 15.17 23.75 -11.66
N LYS F 708 16.40 24.27 -11.66
CA LYS F 708 16.83 25.37 -10.79
C LYS F 708 16.07 26.63 -11.08
N VAL F 709 15.85 26.95 -12.37
CA VAL F 709 15.06 28.11 -12.78
C VAL F 709 13.65 28.01 -12.21
N VAL F 710 13.03 26.82 -12.33
CA VAL F 710 11.70 26.55 -11.79
C VAL F 710 11.70 26.75 -10.26
N ARG F 711 12.76 26.33 -9.55
CA ARG F 711 12.87 26.47 -8.12
C ARG F 711 12.92 27.94 -7.74
N PHE F 712 13.66 28.76 -8.51
CA PHE F 712 13.72 30.19 -8.25
C PHE F 712 12.36 30.85 -8.50
N ILE F 713 11.62 30.37 -9.50
CA ILE F 713 10.30 30.89 -9.86
C ILE F 713 9.27 30.52 -8.79
N THR F 714 9.25 29.25 -8.38
CA THR F 714 8.28 28.73 -7.40
C THR F 714 8.65 29.03 -5.94
N GLY F 715 9.90 29.44 -5.69
CA GLY F 715 10.34 30.02 -4.42
C GLY F 715 11.71 30.65 -4.49
N MET G 60 -43.09 29.29 35.21
CA MET G 60 -41.93 29.48 34.26
C MET G 60 -41.16 28.17 34.10
N SER G 61 -40.84 27.79 32.85
CA SER G 61 -40.32 26.47 32.53
C SER G 61 -38.83 26.30 32.84
N ASN G 62 -38.38 25.05 32.92
CA ASN G 62 -36.96 24.75 32.95
C ASN G 62 -36.27 25.19 31.66
N THR G 63 -36.96 25.09 30.50
CA THR G 63 -36.44 25.64 29.25
C THR G 63 -36.09 27.12 29.45
N GLU G 64 -36.96 27.85 30.14
CA GLU G 64 -36.70 29.24 30.48
C GLU G 64 -35.60 29.40 31.53
N GLN G 65 -35.51 28.52 32.54
CA GLN G 65 -34.38 28.55 33.48
C GLN G 65 -33.06 28.46 32.70
N VAL G 66 -33.01 27.49 31.78
CA VAL G 66 -31.86 27.30 30.90
C VAL G 66 -31.64 28.56 30.05
N ALA G 67 -32.70 29.06 29.40
CA ALA G 67 -32.59 30.22 28.53
C ALA G 67 -32.10 31.44 29.31
N MET G 68 -32.59 31.64 30.54
CA MET G 68 -32.16 32.71 31.39
C MET G 68 -30.69 32.57 31.74
N MET G 69 -30.31 31.39 32.26
CA MET G 69 -28.92 31.10 32.61
C MET G 69 -28.01 31.34 31.40
N HIS G 70 -28.42 30.78 30.25
CA HIS G 70 -27.72 30.90 28.98
C HIS G 70 -27.53 32.35 28.60
N THR G 71 -28.63 33.10 28.60
CA THR G 71 -28.64 34.50 28.22
C THR G 71 -27.73 35.27 29.17
N LEU G 72 -27.89 35.02 30.48
CA LEU G 72 -27.10 35.66 31.51
C LEU G 72 -25.60 35.45 31.23
N LYS G 73 -25.16 34.19 31.16
CA LYS G 73 -23.78 33.87 30.88
C LYS G 73 -23.28 34.52 29.60
N THR G 74 -24.09 34.43 28.53
CA THR G 74 -23.76 34.95 27.22
C THR G 74 -23.56 36.47 27.27
N LYS G 75 -24.60 37.19 27.71
CA LYS G 75 -24.59 38.64 27.70
C LYS G 75 -23.63 39.18 28.73
N LEU G 76 -23.43 38.47 29.86
CA LEU G 76 -22.39 38.82 30.79
C LEU G 76 -21.03 38.83 30.10
N SER G 77 -20.67 37.72 29.43
CA SER G 77 -19.42 37.62 28.68
C SER G 77 -19.26 38.79 27.69
N LYS G 78 -20.32 39.04 26.91
CA LYS G 78 -20.34 40.12 25.94
C LYS G 78 -20.12 41.50 26.58
N TYR G 79 -20.93 41.82 27.59
CA TYR G 79 -20.92 43.13 28.21
C TYR G 79 -19.69 43.34 29.07
N GLN G 80 -19.07 42.27 29.60
CA GLN G 80 -17.76 42.36 30.24
C GLN G 80 -16.74 42.90 29.24
N ALA G 81 -16.69 42.29 28.04
CA ALA G 81 -15.78 42.72 26.98
C ALA G 81 -16.05 44.17 26.56
N MET G 82 -17.32 44.51 26.34
CA MET G 82 -17.69 45.87 25.94
C MET G 82 -17.36 46.89 27.03
N MET G 83 -17.61 46.51 28.30
CA MET G 83 -17.23 47.31 29.44
C MET G 83 -15.72 47.53 29.49
N ASP G 84 -14.92 46.47 29.21
CA ASP G 84 -13.47 46.62 29.14
C ASP G 84 -13.09 47.69 28.10
N LYS G 85 -13.67 47.63 26.89
CA LYS G 85 -13.45 48.64 25.85
C LYS G 85 -13.74 50.05 26.34
N ALA G 86 -14.90 50.21 26.98
CA ALA G 86 -15.28 51.49 27.57
C ALA G 86 -14.29 51.90 28.67
N PHE G 87 -13.80 50.94 29.46
CA PHE G 87 -12.79 51.19 30.48
C PHE G 87 -11.42 51.53 29.89
N GLU G 88 -11.09 51.07 28.68
CA GLU G 88 -9.90 51.54 27.99
C GLU G 88 -9.99 53.05 27.68
N GLU G 89 -11.20 53.52 27.29
CA GLU G 89 -11.44 54.94 27.07
C GLU G 89 -11.35 55.72 28.40
N ILE G 90 -11.88 55.17 29.49
CA ILE G 90 -11.71 55.73 30.83
C ILE G 90 -10.23 55.80 31.20
N ALA G 91 -9.53 54.69 31.04
CA ALA G 91 -8.13 54.47 31.42
C ALA G 91 -7.16 55.30 30.55
N LYS G 92 -7.61 55.90 29.44
CA LYS G 92 -6.84 56.90 28.71
C LYS G 92 -6.61 58.17 29.56
N VAL G 93 -7.51 58.44 30.52
CA VAL G 93 -7.51 59.62 31.37
C VAL G 93 -7.47 60.91 30.52
N GLU G 94 -8.35 60.94 29.52
CA GLU G 94 -8.60 62.12 28.70
C GLU G 94 -10.10 62.41 28.70
N ASP G 95 -10.48 63.67 28.85
CA ASP G 95 -11.83 64.10 29.25
C ASP G 95 -12.93 63.43 28.39
N ALA G 96 -12.86 63.62 27.06
CA ALA G 96 -13.82 63.10 26.12
C ALA G 96 -13.87 61.57 26.13
N ASN G 97 -12.72 60.90 26.32
CA ASN G 97 -12.63 59.45 26.37
C ASN G 97 -13.27 58.90 27.65
N ILE G 98 -13.04 59.53 28.80
CA ILE G 98 -13.70 59.15 30.04
C ILE G 98 -15.22 59.37 29.89
N ILE G 99 -15.65 60.53 29.39
CA ILE G 99 -17.03 60.88 29.12
C ILE G 99 -17.69 59.83 28.20
N GLU G 100 -17.06 59.52 27.07
CA GLU G 100 -17.57 58.56 26.10
C GLU G 100 -17.63 57.14 26.68
N GLY G 101 -16.53 56.67 27.31
CA GLY G 101 -16.51 55.38 27.99
C GLY G 101 -17.62 55.26 29.03
N CYS G 102 -17.73 56.24 29.93
CA CYS G 102 -18.80 56.28 30.92
C CYS G 102 -20.19 56.33 30.26
N THR G 103 -20.34 57.09 29.17
CA THR G 103 -21.57 57.14 28.40
C THR G 103 -21.95 55.74 27.87
N ILE G 104 -20.97 55.02 27.31
CA ILE G 104 -21.16 53.66 26.84
C ILE G 104 -21.55 52.73 27.99
N VAL G 105 -20.84 52.80 29.13
CA VAL G 105 -21.16 52.00 30.31
C VAL G 105 -22.57 52.30 30.79
N ARG G 106 -22.96 53.58 30.83
CA ARG G 106 -24.29 54.03 31.23
C ARG G 106 -25.36 53.42 30.32
N LYS G 107 -25.19 53.57 28.99
CA LYS G 107 -26.09 53.01 27.98
C LYS G 107 -26.23 51.49 28.16
N LEU G 108 -25.08 50.81 28.28
CA LEU G 108 -24.98 49.39 28.51
C LEU G 108 -25.75 49.00 29.77
N MET G 109 -25.49 49.66 30.92
CA MET G 109 -26.16 49.36 32.19
C MET G 109 -27.68 49.53 32.09
N ARG G 110 -28.15 50.56 31.39
CA ARG G 110 -29.57 50.81 31.20
C ARG G 110 -30.18 49.76 30.28
N LYS G 111 -29.50 49.43 29.18
CA LYS G 111 -29.91 48.36 28.27
C LYS G 111 -29.99 47.02 29.02
N VAL G 112 -29.00 46.74 29.87
CA VAL G 112 -28.97 45.60 30.78
C VAL G 112 -30.20 45.62 31.69
N TRP G 113 -30.48 46.75 32.35
CA TRP G 113 -31.66 46.85 33.18
C TRP G 113 -32.97 46.69 32.40
N ASN G 114 -32.98 47.06 31.11
CA ASN G 114 -34.12 46.89 30.23
C ASN G 114 -34.22 45.49 29.60
N THR G 115 -33.23 44.61 29.86
CA THR G 115 -33.23 43.25 29.32
C THR G 115 -34.34 42.43 29.97
N PRO G 116 -35.13 41.65 29.19
CA PRO G 116 -36.43 41.11 29.59
C PRO G 116 -36.61 40.54 30.98
N LYS G 117 -35.69 39.68 31.44
CA LYS G 117 -35.87 39.13 32.80
C LYS G 117 -34.58 38.87 33.58
N VAL G 118 -33.49 38.62 32.86
CA VAL G 118 -32.18 38.48 33.51
C VAL G 118 -31.56 39.82 33.91
N SER G 119 -32.25 40.94 33.65
CA SER G 119 -31.80 42.30 33.91
C SER G 119 -31.10 42.48 35.27
N ALA G 120 -31.79 42.08 36.36
CA ALA G 120 -31.29 42.26 37.70
C ALA G 120 -29.98 41.48 37.94
N ASP G 121 -29.96 40.21 37.58
CA ASP G 121 -28.81 39.34 37.75
C ASP G 121 -27.63 39.86 36.92
N LEU G 122 -27.91 40.25 35.67
CA LEU G 122 -26.90 40.73 34.75
C LEU G 122 -26.31 42.05 35.25
N ALA G 123 -27.16 42.97 35.73
CA ALA G 123 -26.72 44.18 36.39
C ALA G 123 -25.82 43.87 37.59
N ASN G 124 -26.27 42.96 38.47
CA ASN G 124 -25.52 42.57 39.65
C ASN G 124 -24.16 42.00 39.27
N ALA G 125 -24.12 41.05 38.33
CA ALA G 125 -22.90 40.43 37.86
C ALA G 125 -21.93 41.46 37.27
N LEU G 126 -22.44 42.45 36.52
CA LEU G 126 -21.61 43.51 36.01
C LEU G 126 -21.12 44.46 37.12
N CYS G 127 -21.96 44.74 38.12
CA CYS G 127 -21.55 45.49 39.30
C CYS G 127 -20.44 44.78 40.06
N ASP G 128 -20.53 43.45 40.17
CA ASP G 128 -19.48 42.61 40.74
C ASP G 128 -18.22 42.70 39.89
N TYR G 129 -18.35 42.50 38.58
CA TYR G 129 -17.22 42.59 37.65
C TYR G 129 -16.53 43.95 37.76
N LEU G 130 -17.29 45.06 37.86
CA LEU G 130 -16.72 46.38 38.09
C LEU G 130 -15.86 46.46 39.36
N ARG G 131 -16.28 45.83 40.45
CA ARG G 131 -15.48 45.75 41.66
C ARG G 131 -14.24 44.85 41.45
N ASP G 132 -14.45 43.68 40.84
CA ASP G 132 -13.43 42.67 40.58
C ASP G 132 -12.29 43.20 39.69
N ARG G 133 -12.66 44.04 38.70
CA ARG G 133 -11.75 44.69 37.76
C ARG G 133 -11.15 45.98 38.34
N ASP G 134 -11.57 46.40 39.55
CA ASP G 134 -11.27 47.68 40.17
C ASP G 134 -11.78 48.89 39.36
N TYR G 135 -12.55 48.63 38.28
CA TYR G 135 -13.24 49.62 37.48
C TYR G 135 -14.08 50.55 38.36
N PHE G 136 -14.81 49.96 39.33
CA PHE G 136 -15.63 50.68 40.30
C PHE G 136 -14.79 51.63 41.15
N ASP G 137 -13.64 51.13 41.64
CA ASP G 137 -12.70 51.88 42.45
C ASP G 137 -12.13 53.08 41.68
N LYS G 138 -11.75 52.81 40.42
CA LYS G 138 -11.24 53.81 39.50
C LYS G 138 -12.29 54.90 39.25
N LEU G 139 -13.53 54.51 38.96
CA LEU G 139 -14.65 55.46 38.80
C LEU G 139 -14.82 56.34 40.03
N ILE G 140 -14.80 55.73 41.24
CA ILE G 140 -14.93 56.47 42.50
C ILE G 140 -13.82 57.52 42.62
N LYS G 141 -12.57 57.11 42.42
CA LYS G 141 -11.41 58.00 42.50
C LYS G 141 -11.51 59.12 41.47
N MET G 142 -11.83 58.77 40.22
CA MET G 142 -11.97 59.71 39.12
C MET G 142 -13.26 60.54 39.20
N PHE G 143 -14.10 60.29 40.21
CA PHE G 143 -15.26 61.11 40.55
C PHE G 143 -14.94 62.05 41.70
N ILE G 144 -14.39 61.53 42.80
CA ILE G 144 -14.14 62.30 44.03
C ILE G 144 -12.89 63.19 43.95
N SER G 145 -11.95 62.88 43.04
CA SER G 145 -10.71 63.63 42.88
C SER G 145 -10.96 65.09 42.54
N PRO G 146 -10.28 66.07 43.21
CA PRO G 146 -10.49 67.51 42.95
C PRO G 146 -10.06 67.93 41.53
N ASN G 147 -9.10 67.19 40.95
CA ASN G 147 -8.64 67.36 39.58
C ASN G 147 -9.77 67.23 38.55
N THR G 148 -10.85 66.51 38.88
CA THR G 148 -12.02 66.36 38.01
C THR G 148 -12.70 67.70 37.70
N ALA G 149 -12.42 68.75 38.48
CA ALA G 149 -12.90 70.11 38.22
C ALA G 149 -12.42 70.67 36.88
N ALA G 150 -11.39 70.06 36.27
CA ALA G 150 -10.92 70.37 34.93
C ALA G 150 -12.02 70.18 33.88
N CYS G 151 -12.93 69.22 34.12
CA CYS G 151 -14.14 69.06 33.32
C CYS G 151 -15.24 68.38 34.13
N ASP G 152 -16.25 69.16 34.55
CA ASP G 152 -17.35 68.69 35.37
C ASP G 152 -18.14 67.57 34.68
N GLN G 153 -18.16 67.57 33.34
CA GLN G 153 -18.85 66.53 32.56
C GLN G 153 -18.22 65.15 32.78
N VAL G 154 -16.89 65.09 33.05
CA VAL G 154 -16.24 63.85 33.46
C VAL G 154 -16.85 63.36 34.77
N ARG G 155 -16.94 64.23 35.78
CA ARG G 155 -17.57 63.90 37.05
C ARG G 155 -19.01 63.44 36.86
N MET G 156 -19.76 64.14 36.01
CA MET G 156 -21.14 63.79 35.69
C MET G 156 -21.25 62.36 35.14
N GLU G 157 -20.50 62.03 34.08
CA GLU G 157 -20.59 60.71 33.48
C GLU G 157 -20.11 59.62 34.43
N CYS G 158 -18.99 59.85 35.15
CA CYS G 158 -18.55 58.95 36.20
C CYS G 158 -19.65 58.71 37.24
N GLY G 159 -20.27 59.81 37.71
CA GLY G 159 -21.35 59.79 38.68
C GLY G 159 -22.58 59.02 38.20
N LYS G 160 -23.01 59.25 36.94
CA LYS G 160 -24.14 58.54 36.37
C LYS G 160 -23.88 57.04 36.35
N VAL G 161 -22.68 56.64 35.92
CA VAL G 161 -22.28 55.24 35.92
C VAL G 161 -22.30 54.68 37.35
N LEU G 162 -21.68 55.41 38.31
CA LEU G 162 -21.70 55.01 39.71
C LEU G 162 -23.12 54.82 40.22
N GLU G 163 -24.04 55.75 39.87
CA GLU G 163 -25.47 55.64 40.13
C GLU G 163 -26.03 54.31 39.62
N GLU G 164 -25.79 53.96 38.35
CA GLU G 164 -26.22 52.67 37.81
C GLU G 164 -25.65 51.49 38.60
N CYS G 165 -24.41 51.65 39.08
CA CYS G 165 -23.63 50.58 39.67
C CYS G 165 -23.74 50.50 41.20
N THR G 166 -24.59 51.34 41.81
CA THR G 166 -24.80 51.33 43.26
C THR G 166 -25.65 50.14 43.73
N SER G 167 -25.21 48.91 43.42
CA SER G 167 -25.72 47.68 44.03
C SER G 167 -25.48 47.69 45.54
N SER G 168 -26.18 46.83 46.29
CA SER G 168 -25.93 46.66 47.72
C SER G 168 -24.46 46.36 48.02
N ALA G 169 -23.85 45.47 47.22
CA ALA G 169 -22.45 45.10 47.36
C ALA G 169 -21.50 46.23 46.99
N ASN G 170 -21.88 47.09 46.03
CA ASN G 170 -21.12 48.27 45.64
C ASN G 170 -21.18 49.37 46.69
N LEU G 171 -22.35 49.56 47.30
CA LEU G 171 -22.49 50.48 48.44
C LEU G 171 -21.69 49.95 49.63
N GLU G 172 -21.74 48.64 49.89
CA GLU G 172 -20.91 47.99 50.89
C GLU G 172 -19.43 48.19 50.63
N TYR G 173 -19.00 48.07 49.38
CA TYR G 173 -17.62 48.37 48.97
C TYR G 173 -17.23 49.82 49.32
N ILE G 174 -18.09 50.79 48.95
CA ILE G 174 -17.93 52.20 49.26
C ILE G 174 -17.72 52.41 50.77
N VAL G 175 -18.54 51.73 51.59
CA VAL G 175 -18.50 51.78 53.05
C VAL G 175 -17.21 51.15 53.59
N ASN G 176 -16.84 49.97 53.07
CA ASN G 176 -15.64 49.23 53.45
C ASN G 176 -14.35 50.04 53.17
N LYS G 177 -14.34 50.78 52.05
CA LYS G 177 -13.24 51.67 51.65
C LYS G 177 -13.37 53.08 52.23
N SER G 178 -14.45 53.35 52.98
CA SER G 178 -14.75 54.62 53.65
C SER G 178 -14.86 55.82 52.70
N TYR G 179 -15.19 55.58 51.43
CA TYR G 179 -15.41 56.65 50.45
C TYR G 179 -16.72 57.42 50.71
N THR G 180 -17.56 56.94 51.63
CA THR G 180 -18.98 57.31 51.78
C THR G 180 -19.19 58.82 51.86
N LYS G 181 -18.55 59.46 52.85
CA LYS G 181 -18.71 60.89 53.10
C LYS G 181 -18.07 61.73 51.99
N LYS G 182 -16.95 61.26 51.40
CA LYS G 182 -16.32 61.91 50.25
C LYS G 182 -17.29 61.98 49.08
N ILE G 183 -17.90 60.85 48.74
CA ILE G 183 -18.92 60.75 47.69
C ILE G 183 -20.13 61.64 48.02
N MET G 184 -20.60 61.60 49.27
CA MET G 184 -21.72 62.44 49.73
C MET G 184 -21.43 63.93 49.48
N ILE G 185 -20.30 64.43 49.97
CA ILE G 185 -19.88 65.83 49.82
C ILE G 185 -19.74 66.18 48.34
N VAL G 186 -19.16 65.30 47.53
CA VAL G 186 -19.00 65.51 46.10
C VAL G 186 -20.36 65.52 45.37
N ALA G 187 -21.33 64.69 45.83
CA ALA G 187 -22.72 64.81 45.39
C ALA G 187 -23.32 66.16 45.79
N MET G 188 -23.05 66.66 47.00
CA MET G 188 -23.49 67.98 47.41
C MET G 188 -22.87 69.09 46.56
N LYS G 189 -21.65 68.90 46.04
CA LYS G 189 -20.98 69.78 45.09
C LYS G 189 -21.61 69.72 43.69
N LEU G 190 -22.21 68.58 43.32
CA LEU G 190 -23.01 68.47 42.10
C LEU G 190 -24.34 69.19 42.27
N ASN G 191 -24.32 70.51 42.02
CA ASN G 191 -25.47 71.37 42.27
C ASN G 191 -25.71 72.42 41.17
N LYS G 192 -24.81 72.51 40.17
CA LYS G 192 -24.72 73.65 39.24
C LYS G 192 -25.90 73.75 38.26
N THR G 193 -26.55 72.61 37.97
CA THR G 193 -27.66 72.50 37.02
C THR G 193 -28.68 71.49 37.55
N PRO G 194 -29.94 71.47 37.04
CA PRO G 194 -30.91 70.43 37.38
C PRO G 194 -30.42 69.00 37.14
N ASP G 195 -29.59 68.79 36.14
CA ASP G 195 -28.97 67.49 35.87
C ASP G 195 -28.03 67.09 37.02
N GLN G 196 -27.14 68.00 37.43
CA GLN G 196 -26.25 67.80 38.56
C GLN G 196 -27.06 67.50 39.83
N GLN G 197 -28.11 68.29 40.05
CA GLN G 197 -29.00 68.20 41.20
C GLN G 197 -29.72 66.85 41.24
N ARG G 198 -30.24 66.38 40.09
CA ARG G 198 -30.88 65.08 40.00
C ARG G 198 -29.89 63.95 40.32
N LEU G 199 -28.72 63.98 39.67
CA LEU G 199 -27.67 63.00 39.91
C LEU G 199 -27.24 63.00 41.37
N SER G 200 -27.06 64.21 41.94
CA SER G 200 -26.72 64.42 43.33
C SER G 200 -27.72 63.72 44.23
N LEU G 201 -29.01 64.09 44.13
CA LEU G 201 -30.09 63.48 44.90
C LEU G 201 -30.14 61.96 44.70
N SER G 202 -29.81 61.50 43.48
CA SER G 202 -29.72 60.07 43.20
C SER G 202 -28.62 59.39 44.02
N LEU G 203 -27.37 59.88 43.88
CA LEU G 203 -26.24 59.30 44.59
C LEU G 203 -26.45 59.37 46.10
N ILE G 204 -26.92 60.52 46.59
CA ILE G 204 -27.32 60.74 47.97
C ILE G 204 -28.32 59.68 48.41
N GLY G 205 -29.44 59.56 47.68
CA GLY G 205 -30.46 58.55 47.95
C GLY G 205 -29.95 57.11 47.88
N ASN G 206 -29.00 56.85 47.00
CA ASN G 206 -28.38 55.52 46.85
C ASN G 206 -27.50 55.19 48.06
N LEU G 207 -26.71 56.15 48.54
CA LEU G 207 -25.94 55.98 49.79
C LEU G 207 -26.88 55.65 50.96
N PHE G 208 -28.06 56.28 50.99
CA PHE G 208 -29.12 56.02 51.96
C PHE G 208 -29.80 54.66 51.80
N LYS G 209 -29.32 53.78 50.92
CA LYS G 209 -29.77 52.38 50.89
C LYS G 209 -28.85 51.47 51.71
N HIS G 210 -27.79 52.01 52.32
CA HIS G 210 -27.00 51.23 53.27
C HIS G 210 -27.52 51.36 54.69
N SER G 211 -27.11 50.45 55.59
CA SER G 211 -27.61 50.22 56.95
C SER G 211 -27.67 51.49 57.83
N ASN G 212 -28.45 51.41 58.92
CA ASN G 212 -28.81 52.50 59.83
C ASN G 212 -27.63 53.40 60.22
N ALA G 213 -26.51 52.80 60.63
CA ALA G 213 -25.33 53.50 61.10
C ALA G 213 -24.76 54.45 60.03
N VAL G 214 -24.76 54.00 58.77
CA VAL G 214 -24.27 54.77 57.63
C VAL G 214 -25.18 55.98 57.38
N SER G 215 -26.51 55.75 57.30
CA SER G 215 -27.48 56.83 57.16
C SER G 215 -27.34 57.87 58.27
N LEU G 216 -27.26 57.42 59.53
CA LEU G 216 -27.10 58.29 60.69
C LEU G 216 -25.80 59.11 60.60
N SER G 217 -24.69 58.47 60.22
CA SER G 217 -23.40 59.13 59.96
C SER G 217 -23.52 60.22 58.87
N LEU G 218 -24.30 59.93 57.81
CA LEU G 218 -24.51 60.88 56.73
C LEU G 218 -25.44 62.03 57.12
N ILE G 219 -26.36 61.85 58.08
CA ILE G 219 -27.14 62.95 58.64
C ILE G 219 -26.24 64.07 59.18
N GLU G 220 -25.06 63.73 59.71
CA GLU G 220 -24.09 64.69 60.21
C GLU G 220 -23.58 65.68 59.15
N THR G 221 -23.78 65.38 57.85
CA THR G 221 -23.44 66.29 56.76
C THR G 221 -24.49 67.40 56.58
N ASP G 222 -25.67 67.27 57.21
CA ASP G 222 -26.84 68.12 57.00
C ASP G 222 -27.31 68.14 55.55
N VAL G 223 -27.04 67.06 54.82
CA VAL G 223 -27.47 66.90 53.44
C VAL G 223 -28.99 67.03 53.28
N ILE G 224 -29.77 66.80 54.33
CA ILE G 224 -31.22 66.97 54.30
C ILE G 224 -31.59 68.40 53.89
N ASP G 225 -30.89 69.41 54.45
CA ASP G 225 -31.07 70.80 54.07
C ASP G 225 -30.64 71.05 52.63
N HIS G 226 -29.56 70.41 52.17
CA HIS G 226 -29.14 70.42 50.78
C HIS G 226 -30.20 69.83 49.85
N ILE G 227 -30.83 68.73 50.25
CA ILE G 227 -31.94 68.07 49.55
C ILE G 227 -33.12 69.05 49.41
N ILE G 228 -33.52 69.63 50.54
CA ILE G 228 -34.62 70.60 50.61
C ILE G 228 -34.34 71.76 49.66
N LEU G 229 -33.17 72.39 49.80
CA LEU G 229 -32.73 73.45 48.91
C LEU G 229 -32.71 73.02 47.45
N THR G 230 -32.30 71.77 47.15
CA THR G 230 -32.22 71.25 45.78
C THR G 230 -33.61 71.17 45.13
N PHE G 231 -34.59 70.55 45.78
CA PHE G 231 -35.94 70.51 45.22
C PHE G 231 -36.61 71.89 45.21
N LYS G 232 -36.31 72.73 46.21
CA LYS G 232 -36.80 74.09 46.31
C LYS G 232 -36.26 74.97 45.17
N ARG G 233 -35.01 74.74 44.74
CA ARG G 233 -34.36 75.41 43.61
C ARG G 233 -35.00 75.04 42.28
N ALA G 234 -35.26 73.73 42.07
CA ALA G 234 -35.65 73.23 40.75
C ALA G 234 -36.84 72.27 40.83
N PRO G 235 -38.03 72.72 41.34
CA PRO G 235 -39.21 71.85 41.36
C PRO G 235 -39.83 71.66 39.96
N GLU G 236 -39.36 72.45 39.00
CA GLU G 236 -39.71 72.40 37.58
C GLU G 236 -39.26 71.09 36.92
N CYS G 237 -38.33 70.36 37.56
CA CYS G 237 -37.93 69.03 37.14
C CYS G 237 -38.62 67.95 37.99
N PRO G 238 -39.54 67.14 37.40
CA PRO G 238 -40.16 66.01 38.12
C PRO G 238 -39.10 65.01 38.61
N ASP G 239 -38.02 64.83 37.85
CA ASP G 239 -36.99 63.86 38.19
C ASP G 239 -36.22 64.26 39.46
N ILE G 240 -36.06 65.57 39.71
CA ILE G 240 -35.53 66.09 40.96
C ILE G 240 -36.47 65.72 42.11
N LEU G 241 -37.77 65.95 41.95
CA LEU G 241 -38.78 65.62 42.96
C LEU G 241 -38.78 64.11 43.25
N ARG G 242 -38.63 63.28 42.20
CA ARG G 242 -38.48 61.83 42.32
C ARG G 242 -37.26 61.47 43.15
N HIS G 243 -36.08 61.97 42.77
CA HIS G 243 -34.84 61.63 43.47
C HIS G 243 -34.79 62.20 44.89
N ALA G 244 -35.47 63.32 45.13
CA ALA G 244 -35.66 63.86 46.47
C ALA G 244 -36.53 62.91 47.30
N ALA G 245 -37.74 62.60 46.81
CA ALA G 245 -38.67 61.72 47.50
C ALA G 245 -38.06 60.33 47.74
N LEU G 246 -37.33 59.81 46.73
CA LEU G 246 -36.48 58.63 46.83
C LEU G 246 -35.47 58.73 47.98
N ALA G 247 -34.68 59.80 48.02
CA ALA G 247 -33.66 60.01 49.05
C ALA G 247 -34.28 60.01 50.44
N LEU G 248 -35.43 60.70 50.58
CA LEU G 248 -36.17 60.76 51.83
C LEU G 248 -36.75 59.40 52.21
N ALA G 249 -37.37 58.68 51.27
CA ALA G 249 -37.88 57.34 51.49
C ALA G 249 -36.76 56.41 51.96
N ASN G 250 -35.64 56.41 51.23
CA ASN G 250 -34.48 55.57 51.51
C ASN G 250 -33.93 55.87 52.90
N ILE G 251 -33.60 57.14 53.18
CA ILE G 251 -32.99 57.48 54.47
C ILE G 251 -33.92 57.11 55.64
N LEU G 252 -35.22 57.42 55.53
CA LEU G 252 -36.19 57.08 56.57
C LEU G 252 -36.26 55.56 56.77
N LEU G 253 -36.27 54.80 55.68
CA LEU G 253 -36.33 53.34 55.70
C LEU G 253 -35.04 52.73 56.28
N TYR G 254 -33.92 53.42 56.09
CA TYR G 254 -32.59 52.98 56.51
C TYR G 254 -32.00 53.82 57.64
N THR G 255 -32.81 54.24 58.63
CA THR G 255 -32.32 54.99 59.78
C THR G 255 -33.00 54.57 61.08
N CYS G 256 -32.31 54.73 62.22
CA CYS G 256 -32.82 54.57 63.57
C CYS G 256 -33.84 55.65 63.97
N PHE G 257 -34.44 55.50 65.17
CA PHE G 257 -35.41 56.45 65.72
C PHE G 257 -34.83 57.87 65.85
N GLU G 258 -33.62 57.96 66.38
CA GLU G 258 -32.93 59.23 66.61
C GLU G 258 -32.70 60.00 65.31
N GLY G 259 -32.16 59.29 64.30
CA GLY G 259 -31.94 59.85 62.98
C GLY G 259 -33.24 60.26 62.28
N LYS G 260 -34.29 59.41 62.39
CA LYS G 260 -35.63 59.73 61.90
C LYS G 260 -36.12 61.04 62.52
N LYS G 261 -35.98 61.19 63.85
CA LYS G 261 -36.32 62.41 64.57
C LYS G 261 -35.57 63.64 64.02
N LYS G 262 -34.24 63.51 63.82
CA LYS G 262 -33.42 64.55 63.20
C LYS G 262 -33.89 64.94 61.79
N ILE G 263 -34.25 63.95 60.96
CA ILE G 263 -34.80 64.17 59.62
C ILE G 263 -36.12 64.96 59.73
N ILE G 264 -37.02 64.53 60.62
CA ILE G 264 -38.33 65.14 60.82
C ILE G 264 -38.20 66.59 61.25
N GLN G 265 -37.23 66.91 62.12
CA GLN G 265 -36.94 68.26 62.58
C GLN G 265 -36.63 69.24 61.43
N LYS G 266 -36.20 68.73 60.26
CA LYS G 266 -35.98 69.52 59.05
C LYS G 266 -37.29 69.79 58.30
N LYS G 267 -38.44 69.72 59.02
CA LYS G 267 -39.81 69.90 58.51
C LYS G 267 -40.16 68.91 57.40
N ILE G 268 -39.59 67.71 57.48
CA ILE G 268 -39.69 66.73 56.39
C ILE G 268 -41.11 66.20 56.19
N PRO G 269 -41.97 65.99 57.22
CA PRO G 269 -43.38 65.67 56.97
C PRO G 269 -44.09 66.70 56.10
N GLU G 270 -43.84 67.98 56.31
CA GLU G 270 -44.42 69.09 55.55
C GLU G 270 -43.82 69.13 54.15
N TRP G 271 -42.51 68.86 53.99
CA TRP G 271 -41.93 68.71 52.65
C TRP G 271 -42.49 67.49 51.92
N LEU G 272 -42.78 66.41 52.64
CA LEU G 272 -43.43 65.24 52.05
C LEU G 272 -44.89 65.51 51.69
N PHE G 273 -45.58 66.38 52.43
CA PHE G 273 -46.87 66.93 52.00
C PHE G 273 -46.73 67.64 50.65
N PHE G 274 -45.75 68.56 50.56
CA PHE G 274 -45.42 69.27 49.34
C PHE G 274 -45.19 68.28 48.18
N LEU G 275 -44.31 67.29 48.37
CA LEU G 275 -43.98 66.27 47.38
C LEU G 275 -45.20 65.43 46.96
N ALA G 276 -45.98 64.96 47.94
CA ALA G 276 -47.20 64.20 47.70
C ALA G 276 -48.31 65.05 47.04
N SER G 277 -48.20 66.39 47.11
CA SER G 277 -49.10 67.32 46.44
C SER G 277 -48.74 67.57 44.97
N GLN G 278 -47.53 67.18 44.52
CA GLN G 278 -47.10 67.34 43.14
C GLN G 278 -47.91 66.43 42.21
N ALA G 279 -47.99 66.77 40.93
CA ALA G 279 -48.62 66.00 39.87
C ALA G 279 -47.94 64.63 39.59
N ASP G 280 -46.66 64.50 39.93
CA ASP G 280 -45.89 63.32 39.57
C ASP G 280 -46.19 62.13 40.47
N ASP G 281 -46.78 61.06 39.90
CA ASP G 281 -47.12 59.85 40.64
C ASP G 281 -45.90 59.15 41.26
N VAL G 282 -44.72 59.23 40.64
CA VAL G 282 -43.53 58.57 41.17
C VAL G 282 -43.01 59.31 42.41
N THR G 283 -42.94 60.65 42.35
CA THR G 283 -42.71 61.49 43.51
C THR G 283 -43.74 61.20 44.60
N ARG G 284 -45.02 61.14 44.26
CA ARG G 284 -46.09 60.88 45.21
C ARG G 284 -45.92 59.51 45.86
N TYR G 285 -45.62 58.47 45.07
CA TYR G 285 -45.35 57.12 45.56
C TYR G 285 -44.24 57.13 46.62
N TYR G 286 -43.07 57.70 46.27
CA TYR G 286 -41.98 57.81 47.21
C TYR G 286 -42.33 58.65 48.44
N ALA G 287 -43.06 59.76 48.25
CA ALA G 287 -43.51 60.63 49.34
C ALA G 287 -44.45 59.88 50.30
N CYS G 288 -45.38 59.10 49.74
CA CYS G 288 -46.30 58.26 50.50
C CYS G 288 -45.53 57.20 51.30
N ILE G 289 -44.52 56.55 50.68
CA ILE G 289 -43.65 55.60 51.38
C ILE G 289 -42.91 56.29 52.51
N ALA G 290 -42.28 57.43 52.23
CA ALA G 290 -41.52 58.20 53.21
C ALA G 290 -42.39 58.57 54.41
N VAL G 291 -43.57 59.16 54.18
CA VAL G 291 -44.43 59.55 55.30
C VAL G 291 -44.95 58.31 56.02
N CYS G 292 -45.30 57.25 55.29
CA CYS G 292 -45.79 56.04 55.93
C CYS G 292 -44.70 55.32 56.73
N THR G 293 -43.43 55.50 56.35
CA THR G 293 -42.28 55.08 57.15
C THR G 293 -42.27 55.84 58.48
N ILE G 294 -42.49 57.15 58.44
CA ILE G 294 -42.60 57.99 59.63
C ILE G 294 -43.81 57.58 60.49
N VAL G 295 -44.99 57.43 59.86
CA VAL G 295 -46.27 57.04 60.46
C VAL G 295 -46.17 55.66 61.13
N SER G 296 -45.29 54.79 60.63
CA SER G 296 -45.04 53.49 61.24
C SER G 296 -44.39 53.58 62.61
N VAL G 297 -43.92 54.78 63.02
CA VAL G 297 -43.41 55.09 64.35
C VAL G 297 -44.44 55.93 65.12
N LYS G 298 -44.90 55.43 66.26
CA LYS G 298 -46.05 55.97 67.02
C LYS G 298 -45.93 57.48 67.28
N GLU G 299 -44.78 57.92 67.78
CA GLU G 299 -44.51 59.28 68.24
C GLU G 299 -44.47 60.30 67.11
N PHE G 300 -44.39 59.84 65.84
CA PHE G 300 -44.32 60.72 64.70
C PHE G 300 -45.63 60.78 63.88
N GLU G 301 -46.61 59.91 64.21
CA GLU G 301 -47.94 59.97 63.61
C GLU G 301 -48.55 61.36 63.72
N PRO G 302 -48.56 62.04 64.91
CA PRO G 302 -49.09 63.40 65.03
C PRO G 302 -48.40 64.41 64.13
N LEU G 303 -47.08 64.26 63.90
CA LEU G 303 -46.32 65.17 63.05
C LEU G 303 -46.73 65.02 61.59
N VAL G 304 -46.99 63.78 61.14
CA VAL G 304 -47.51 63.55 59.80
C VAL G 304 -49.00 63.96 59.71
N ARG G 305 -49.78 63.78 60.79
CA ARG G 305 -51.16 64.25 60.84
C ARG G 305 -51.21 65.78 60.66
N LYS G 306 -50.31 66.51 61.34
CA LYS G 306 -50.11 67.95 61.20
C LYS G 306 -49.65 68.35 59.80
N SER G 307 -48.89 67.48 59.12
CA SER G 307 -48.52 67.68 57.72
C SER G 307 -49.69 67.44 56.76
N ASP G 308 -50.78 66.81 57.22
CA ASP G 308 -51.92 66.39 56.41
C ASP G 308 -51.61 65.26 55.41
N THR G 309 -50.35 64.81 55.28
CA THR G 309 -49.99 63.94 54.16
C THR G 309 -50.75 62.60 54.12
N MET G 310 -51.08 62.04 55.29
CA MET G 310 -51.87 60.82 55.38
C MET G 310 -53.22 60.93 54.65
N LYS G 311 -53.80 62.13 54.60
CA LYS G 311 -55.06 62.41 53.92
C LYS G 311 -54.92 62.32 52.40
N LEU G 312 -53.71 62.58 51.86
CA LEU G 312 -53.39 62.41 50.45
C LEU G 312 -53.10 60.95 50.11
N VAL G 313 -52.50 60.19 51.06
CA VAL G 313 -51.91 58.88 50.85
C VAL G 313 -52.91 57.89 50.23
N GLU G 314 -54.01 57.59 50.96
CA GLU G 314 -54.92 56.55 50.51
C GLU G 314 -55.60 56.93 49.20
N PRO G 315 -56.12 58.17 49.01
CA PRO G 315 -56.63 58.62 47.71
C PRO G 315 -55.62 58.47 46.56
N PHE G 316 -54.34 58.78 46.79
CA PHE G 316 -53.29 58.57 45.80
C PHE G 316 -53.21 57.08 45.39
N LEU G 317 -53.26 56.16 46.36
CA LEU G 317 -53.29 54.73 46.08
C LEU G 317 -54.56 54.33 45.34
N GLN G 318 -55.72 54.83 45.78
CA GLN G 318 -57.04 54.50 45.26
C GLN G 318 -57.18 54.78 43.76
N VAL G 319 -56.54 55.86 43.28
CA VAL G 319 -56.60 56.27 41.87
C VAL G 319 -55.56 55.55 40.99
N HIS G 320 -54.89 54.51 41.51
CA HIS G 320 -53.89 53.71 40.80
C HIS G 320 -54.07 52.21 41.05
N ASP G 321 -53.40 51.42 40.25
CA ASP G 321 -53.30 49.97 40.37
C ASP G 321 -51.80 49.64 40.36
N PRO G 322 -51.30 48.77 41.28
CA PRO G 322 -49.86 48.52 41.36
C PRO G 322 -49.18 48.09 40.06
N ALA G 323 -49.85 47.24 39.27
CA ALA G 323 -49.29 46.75 38.01
C ALA G 323 -49.29 47.84 36.93
N THR G 324 -50.28 48.72 36.90
CA THR G 324 -50.29 49.87 36.00
C THR G 324 -49.16 50.83 36.37
N PHE G 325 -49.03 51.11 37.67
CA PHE G 325 -47.99 51.98 38.18
C PHE G 325 -46.61 51.36 37.91
N ALA G 326 -46.48 50.00 38.00
CA ALA G 326 -45.27 49.31 37.63
C ALA G 326 -44.71 49.72 36.25
N ARG G 327 -45.56 49.81 35.24
CA ARG G 327 -45.19 50.20 33.89
C ARG G 327 -44.65 51.63 33.78
N ASP G 328 -45.13 52.52 34.64
CA ASP G 328 -44.66 53.90 34.74
C ASP G 328 -43.34 53.95 35.55
N TYR G 329 -43.34 53.19 36.66
CA TYR G 329 -42.33 53.21 37.67
C TYR G 329 -41.07 52.42 37.27
N HIS G 330 -41.15 51.55 36.27
CA HIS G 330 -40.11 50.60 35.87
C HIS G 330 -38.69 51.15 35.91
N LYS G 331 -38.48 52.34 35.32
CA LYS G 331 -37.20 53.05 35.26
C LYS G 331 -36.56 53.24 36.64
N TYR G 332 -37.40 53.30 37.69
CA TYR G 332 -37.04 53.52 39.08
C TYR G 332 -37.22 52.25 39.91
N ALA G 333 -38.02 51.28 39.41
CA ALA G 333 -38.18 49.94 39.98
C ALA G 333 -36.90 49.15 39.85
N GLN G 334 -36.18 49.37 38.73
CA GLN G 334 -34.85 48.79 38.48
C GLN G 334 -33.92 49.08 39.66
N GLY G 335 -33.41 48.02 40.29
CA GLY G 335 -32.54 48.18 41.46
C GLY G 335 -33.20 48.01 42.82
N ASN G 336 -34.55 47.85 42.87
CA ASN G 336 -35.23 47.59 44.13
C ASN G 336 -34.81 46.23 44.70
N THR G 337 -34.59 46.11 46.01
CA THR G 337 -33.82 45.02 46.62
C THR G 337 -34.45 44.39 47.86
N LYS G 338 -34.06 43.14 48.16
CA LYS G 338 -34.57 42.30 49.23
C LYS G 338 -34.54 43.03 50.58
N GLU G 339 -33.41 43.61 50.98
CA GLU G 339 -33.31 44.24 52.30
C GLU G 339 -34.21 45.48 52.42
N TRP G 340 -34.44 46.17 51.31
CA TRP G 340 -35.36 47.30 51.24
C TRP G 340 -36.80 46.78 51.39
N LEU G 341 -37.13 45.59 50.79
CA LEU G 341 -38.38 44.91 51.09
C LEU G 341 -38.51 44.49 52.56
N GLU G 342 -37.44 43.90 53.15
CA GLU G 342 -37.45 43.46 54.54
C GLU G 342 -37.79 44.63 55.49
N ARG G 343 -37.30 45.84 55.14
CA ARG G 343 -37.55 47.04 55.92
C ARG G 343 -38.95 47.61 55.70
N LEU G 344 -39.54 47.37 54.52
CA LEU G 344 -40.91 47.78 54.20
C LEU G 344 -41.96 46.83 54.79
N LEU G 345 -41.62 45.56 54.97
CA LEU G 345 -42.50 44.52 55.50
C LEU G 345 -43.21 44.96 56.80
N PRO G 346 -42.52 45.50 57.84
CA PRO G 346 -43.20 45.99 59.04
C PRO G 346 -44.35 46.98 58.85
N MET G 347 -44.40 47.68 57.70
CA MET G 347 -45.45 48.63 57.39
C MET G 347 -46.78 47.95 57.05
N LEU G 348 -46.77 46.63 56.74
CA LEU G 348 -47.98 45.83 56.58
C LEU G 348 -48.64 45.47 57.91
N GLN G 349 -47.93 45.60 59.06
CA GLN G 349 -48.39 45.01 60.31
C GLN G 349 -49.64 45.72 60.84
N PRO G 350 -50.63 44.98 61.42
CA PRO G 350 -51.81 45.57 62.05
C PRO G 350 -51.59 46.63 63.15
N SER G 351 -50.35 46.71 63.65
CA SER G 351 -49.89 47.74 64.59
C SER G 351 -49.80 49.13 63.95
N ARG G 352 -49.59 49.18 62.62
CA ARG G 352 -49.37 50.41 61.86
C ARG G 352 -50.71 51.03 61.44
N ARG G 353 -50.69 52.29 60.96
CA ARG G 353 -51.85 52.93 60.37
C ARG G 353 -52.40 52.19 59.14
N ARG G 354 -53.70 52.30 58.91
CA ARG G 354 -54.34 51.92 57.65
C ARG G 354 -53.63 52.49 56.42
N GLU G 355 -53.23 53.77 56.47
CA GLU G 355 -52.45 54.42 55.43
C GLU G 355 -51.16 53.65 55.11
N ALA G 356 -50.34 53.40 56.15
CA ALA G 356 -49.07 52.69 56.02
C ALA G 356 -49.29 51.27 55.47
N ARG G 357 -50.28 50.54 56.00
CA ARG G 357 -50.67 49.22 55.53
C ARG G 357 -51.09 49.26 54.06
N SER G 358 -51.85 50.30 53.65
CA SER G 358 -52.29 50.48 52.28
C SER G 358 -51.11 50.71 51.33
N VAL G 359 -50.18 51.61 51.71
CA VAL G 359 -48.96 51.89 50.95
C VAL G 359 -48.13 50.62 50.81
N ALA G 360 -47.88 49.95 51.94
CA ALA G 360 -47.10 48.72 51.99
C ALA G 360 -47.74 47.67 51.09
N ALA G 361 -49.05 47.45 51.20
CA ALA G 361 -49.76 46.47 50.40
C ALA G 361 -49.63 46.77 48.91
N PHE G 362 -49.93 48.01 48.49
CA PHE G 362 -49.78 48.46 47.11
C PHE G 362 -48.37 48.18 46.60
N HIS G 363 -47.39 48.59 47.40
CA HIS G 363 -45.95 48.43 47.13
C HIS G 363 -45.61 46.96 46.93
N PHE G 364 -46.02 46.08 47.86
CA PHE G 364 -45.74 44.67 47.76
C PHE G 364 -46.42 44.04 46.54
N THR G 365 -47.60 44.54 46.14
CA THR G 365 -48.19 44.07 44.90
C THR G 365 -47.34 44.46 43.68
N LEU G 366 -46.87 45.72 43.66
CA LEU G 366 -45.99 46.23 42.63
C LEU G 366 -44.73 45.36 42.53
N GLU G 367 -44.08 45.12 43.68
CA GLU G 367 -42.88 44.29 43.75
C GLU G 367 -43.14 42.87 43.35
N ALA G 368 -44.23 42.28 43.81
CA ALA G 368 -44.65 40.95 43.36
C ALA G 368 -44.76 40.89 41.86
N THR G 369 -45.34 41.93 41.24
CA THR G 369 -45.45 42.02 39.78
C THR G 369 -44.08 41.92 39.12
N ILE G 370 -43.14 42.74 39.57
CA ILE G 370 -41.77 42.79 39.06
C ILE G 370 -41.02 41.48 39.33
N LYS G 371 -41.17 40.91 40.53
CA LYS G 371 -40.51 39.68 40.90
C LYS G 371 -41.09 38.45 40.18
N LYS G 372 -42.35 38.51 39.74
CA LYS G 372 -42.88 37.50 38.84
C LYS G 372 -42.15 37.53 37.50
N GLU G 373 -41.99 38.72 36.94
CA GLU G 373 -41.27 38.93 35.68
C GLU G 373 -39.82 38.43 35.80
N GLN G 374 -39.15 38.75 36.90
CA GLN G 374 -37.80 38.30 37.21
C GLN G 374 -37.69 36.82 37.58
N ASN G 375 -38.84 36.15 37.80
CA ASN G 375 -38.92 34.79 38.35
C ASN G 375 -38.23 34.66 39.70
N LYS G 376 -38.53 35.58 40.64
CA LYS G 376 -37.94 35.64 41.97
C LYS G 376 -39.00 35.98 43.04
N LEU G 377 -40.20 35.39 42.89
CA LEU G 377 -41.28 35.51 43.86
C LEU G 377 -40.92 34.88 45.20
N ASP G 378 -39.94 33.96 45.19
CA ASP G 378 -39.40 33.29 46.37
C ASP G 378 -39.05 34.27 47.49
N VAL G 379 -38.59 35.49 47.13
CA VAL G 379 -38.21 36.51 48.11
C VAL G 379 -39.29 36.73 49.17
N PHE G 380 -40.58 36.75 48.78
CA PHE G 380 -41.66 37.04 49.71
C PHE G 380 -41.90 35.89 50.68
N GLN G 381 -41.58 34.65 50.28
CA GLN G 381 -41.55 33.51 51.17
C GLN G 381 -40.33 33.58 52.11
N GLU G 382 -39.15 33.93 51.56
CA GLU G 382 -37.91 34.02 52.30
C GLU G 382 -38.02 35.03 53.46
N ILE G 383 -38.58 36.22 53.17
CA ILE G 383 -38.75 37.25 54.18
C ILE G 383 -40.05 37.06 54.98
N GLY G 384 -40.88 36.07 54.62
CA GLY G 384 -42.13 35.75 55.30
C GLY G 384 -43.26 36.77 55.08
N ALA G 385 -43.10 37.67 54.09
CA ALA G 385 -44.08 38.71 53.76
C ALA G 385 -45.48 38.16 53.43
N ILE G 386 -45.52 36.93 52.92
CA ILE G 386 -46.76 36.24 52.55
C ILE G 386 -47.74 36.19 53.72
N GLN G 387 -47.23 35.93 54.94
CA GLN G 387 -48.04 35.91 56.15
C GLN G 387 -48.65 37.29 56.43
N ALA G 388 -47.83 38.35 56.39
CA ALA G 388 -48.31 39.71 56.61
C ALA G 388 -49.32 40.14 55.54
N LEU G 389 -49.12 39.71 54.28
CA LEU G 389 -50.08 39.93 53.21
C LEU G 389 -51.41 39.21 53.51
N LYS G 390 -51.36 37.98 54.01
CA LYS G 390 -52.56 37.25 54.43
C LYS G 390 -53.30 37.99 55.55
N GLU G 391 -52.57 38.46 56.57
CA GLU G 391 -53.12 39.27 57.65
C GLU G 391 -53.82 40.52 57.11
N VAL G 392 -53.16 41.27 56.20
CA VAL G 392 -53.74 42.47 55.61
C VAL G 392 -54.94 42.12 54.72
N ALA G 393 -54.86 41.04 53.94
CA ALA G 393 -55.97 40.56 53.10
C ALA G 393 -57.20 40.21 53.95
N SER G 394 -57.00 39.66 55.16
CA SER G 394 -58.04 39.39 56.15
C SER G 394 -58.51 40.64 56.91
N SER G 395 -57.71 41.72 56.93
CA SER G 395 -57.98 42.92 57.71
C SER G 395 -59.17 43.72 57.15
N PRO G 396 -59.83 44.57 57.97
CA PRO G 396 -60.89 45.46 57.47
C PRO G 396 -60.41 46.68 56.66
N ASP G 397 -59.09 46.83 56.48
CA ASP G 397 -58.53 47.92 55.69
C ASP G 397 -58.70 47.64 54.21
N GLU G 398 -59.91 47.82 53.66
CA GLU G 398 -60.32 47.35 52.36
C GLU G 398 -59.30 47.62 51.23
N VAL G 399 -58.75 48.84 51.17
CA VAL G 399 -57.74 49.24 50.18
C VAL G 399 -56.48 48.36 50.30
N ALA G 400 -55.91 48.29 51.52
CA ALA G 400 -54.76 47.46 51.82
C ALA G 400 -55.08 45.99 51.56
N ALA G 401 -56.25 45.53 52.03
CA ALA G 401 -56.69 44.14 51.91
C ALA G 401 -56.82 43.73 50.43
N LYS G 402 -57.36 44.62 49.58
CA LYS G 402 -57.45 44.39 48.14
C LYS G 402 -56.06 44.22 47.55
N PHE G 403 -55.16 45.19 47.76
CA PHE G 403 -53.79 45.10 47.25
C PHE G 403 -53.07 43.86 47.77
N ALA G 404 -53.24 43.52 49.06
CA ALA G 404 -52.64 42.32 49.64
C ALA G 404 -53.18 41.04 49.00
N SER G 405 -54.50 40.99 48.75
CA SER G 405 -55.15 39.90 48.04
C SER G 405 -54.59 39.76 46.62
N GLU G 406 -54.44 40.91 45.94
CA GLU G 406 -53.85 40.97 44.60
C GLU G 406 -52.39 40.47 44.63
N ALA G 407 -51.61 40.91 45.63
CA ALA G 407 -50.24 40.45 45.83
C ALA G 407 -50.20 38.91 45.98
N LEU G 408 -51.04 38.37 46.87
CA LEU G 408 -51.18 36.94 47.07
C LEU G 408 -51.63 36.22 45.79
N THR G 409 -52.46 36.87 44.97
CA THR G 409 -52.86 36.37 43.65
C THR G 409 -51.63 36.22 42.73
N VAL G 410 -50.71 37.20 42.79
CA VAL G 410 -49.46 37.18 42.06
C VAL G 410 -48.50 36.11 42.61
N ILE G 411 -48.48 35.89 43.94
CA ILE G 411 -47.58 34.95 44.60
C ILE G 411 -47.65 33.51 44.03
N GLY G 412 -48.86 32.96 43.85
CA GLY G 412 -49.06 31.67 43.23
C GLY G 412 -48.40 30.50 43.96
N GLU G 413 -47.41 29.86 43.30
CA GLU G 413 -46.77 28.63 43.76
C GLU G 413 -45.28 28.60 43.42
N GLU G 414 -44.51 27.84 44.22
CA GLU G 414 -43.06 27.70 44.08
C GLU G 414 -42.65 26.94 42.81
N VAL G 415 -41.38 27.14 42.41
CA VAL G 415 -40.71 26.22 41.49
C VAL G 415 -40.35 24.92 42.21
N PRO G 416 -40.35 23.81 41.47
CA PRO G 416 -39.94 22.51 42.01
C PRO G 416 -38.44 22.49 42.33
N TYR G 417 -37.63 22.93 41.36
CA TYR G 417 -36.22 23.15 41.60
C TYR G 417 -35.80 24.44 40.90
N LYS G 418 -34.99 25.23 41.60
CA LYS G 418 -34.14 26.19 40.93
C LYS G 418 -32.83 25.47 40.63
N LEU G 419 -32.51 25.27 39.34
CA LEU G 419 -31.30 24.53 39.00
C LEU G 419 -30.07 25.41 39.19
N ALA G 420 -29.06 24.83 39.85
CA ALA G 420 -27.76 25.47 39.91
C ALA G 420 -27.09 25.42 38.54
N GLN G 421 -26.59 26.57 38.09
CA GLN G 421 -25.84 26.66 36.84
C GLN G 421 -24.57 25.80 36.88
N GLN G 422 -24.08 25.45 38.07
CA GLN G 422 -23.03 24.46 38.25
C GLN G 422 -23.59 23.05 38.01
N VAL G 423 -23.97 22.77 36.76
CA VAL G 423 -24.64 21.54 36.44
C VAL G 423 -23.81 20.30 36.74
N PRO G 424 -22.46 20.29 36.77
CA PRO G 424 -21.74 19.10 37.21
C PRO G 424 -22.19 18.63 38.58
N GLY G 425 -22.62 19.57 39.44
CA GLY G 425 -23.09 19.24 40.77
C GLY G 425 -24.50 18.63 40.81
N TRP G 426 -25.17 18.49 39.66
CA TRP G 426 -26.52 17.96 39.65
C TRP G 426 -26.57 16.50 40.13
N THR G 427 -27.55 16.26 41.00
CA THR G 427 -28.00 14.94 41.39
C THR G 427 -28.80 14.28 40.27
N CYS G 428 -29.02 12.98 40.40
CA CYS G 428 -29.92 12.31 39.48
C CYS G 428 -31.33 12.92 39.52
N ALA G 429 -31.77 13.37 40.69
CA ALA G 429 -33.06 14.04 40.80
C ALA G 429 -33.14 15.28 39.90
N ASP G 430 -32.06 16.06 39.89
CA ASP G 430 -31.97 17.21 39.02
C ASP G 430 -32.06 16.81 37.55
N VAL G 431 -31.29 15.79 37.17
CA VAL G 431 -31.32 15.35 35.78
C VAL G 431 -32.74 14.91 35.42
N GLN G 432 -33.38 14.14 36.31
CA GLN G 432 -34.73 13.66 36.07
C GLN G 432 -35.64 14.85 35.79
N TYR G 433 -35.57 15.86 36.66
CA TYR G 433 -36.38 17.04 36.54
C TYR G 433 -36.15 17.75 35.20
N TRP G 434 -34.88 17.89 34.82
CA TRP G 434 -34.52 18.51 33.56
C TRP G 434 -35.09 17.74 32.37
N VAL G 435 -34.78 16.44 32.30
CA VAL G 435 -35.24 15.55 31.26
C VAL G 435 -36.76 15.62 31.13
N LYS G 436 -37.45 15.57 32.27
CA LYS G 436 -38.89 15.65 32.33
C LYS G 436 -39.33 16.92 31.61
N LYS G 437 -38.77 18.04 32.07
CA LYS G 437 -39.27 19.33 31.65
C LYS G 437 -38.94 19.65 30.20
N ILE G 438 -37.81 19.15 29.70
CA ILE G 438 -37.51 19.29 28.28
C ILE G 438 -38.32 18.34 27.40
N GLY G 439 -39.19 17.54 28.00
CA GLY G 439 -40.21 16.80 27.26
C GLY G 439 -39.76 15.39 26.87
N PHE G 440 -39.05 14.74 27.80
CA PHE G 440 -38.58 13.37 27.60
C PHE G 440 -39.01 12.50 28.78
N GLU G 441 -40.24 12.73 29.25
CA GLU G 441 -40.79 12.16 30.48
C GLU G 441 -40.71 10.64 30.49
N GLU G 442 -41.03 10.01 29.34
CA GLU G 442 -41.07 8.56 29.26
C GLU G 442 -39.70 7.93 29.49
N TYR G 443 -38.63 8.72 29.37
CA TYR G 443 -37.29 8.22 29.57
C TYR G 443 -36.79 8.43 30.99
N VAL G 444 -37.49 9.25 31.79
CA VAL G 444 -37.00 9.67 33.09
C VAL G 444 -36.70 8.46 33.97
N GLU G 445 -37.60 7.48 33.96
CA GLU G 445 -37.42 6.23 34.68
C GLU G 445 -36.10 5.55 34.30
N LYS G 446 -35.77 5.60 33.01
CA LYS G 446 -34.57 4.96 32.51
C LYS G 446 -33.34 5.76 32.93
N PHE G 447 -33.40 7.10 32.89
CA PHE G 447 -32.34 7.91 33.44
C PHE G 447 -32.09 7.60 34.91
N ALA G 448 -33.17 7.46 35.68
CA ALA G 448 -33.11 7.11 37.08
C ALA G 448 -32.47 5.73 37.27
N LYS G 449 -32.95 4.74 36.51
CA LYS G 449 -32.40 3.39 36.52
C LYS G 449 -30.91 3.39 36.15
N GLN G 450 -30.54 4.21 35.17
CA GLN G 450 -29.16 4.37 34.76
C GLN G 450 -28.35 5.27 35.69
N MET G 451 -28.98 5.86 36.70
CA MET G 451 -28.32 6.64 37.73
C MET G 451 -27.47 7.77 37.14
N VAL G 452 -28.04 8.46 36.14
CA VAL G 452 -27.35 9.56 35.48
C VAL G 452 -27.29 10.77 36.41
N ASP G 453 -26.14 11.44 36.41
CA ASP G 453 -25.92 12.62 37.24
C ASP G 453 -25.35 13.75 36.39
N GLY G 454 -25.09 14.91 37.02
CA GLY G 454 -24.64 16.10 36.28
C GLY G 454 -23.43 15.87 35.36
N ASP G 455 -22.45 15.20 35.97
CA ASP G 455 -21.23 14.83 35.31
C ASP G 455 -21.51 13.90 34.12
N LEU G 456 -22.30 12.87 34.39
CA LEU G 456 -22.65 11.91 33.36
C LEU G 456 -23.38 12.58 32.20
N LEU G 457 -24.31 13.49 32.50
CA LEU G 457 -25.03 14.18 31.42
C LEU G 457 -24.05 14.82 30.47
N LEU G 458 -23.04 15.48 31.06
CA LEU G 458 -22.12 16.25 30.26
C LEU G 458 -21.25 15.38 29.35
N GLN G 459 -21.15 14.10 29.67
CA GLN G 459 -20.40 13.15 28.87
C GLN G 459 -21.25 12.48 27.82
N LEU G 460 -22.58 12.68 27.79
CA LEU G 460 -23.41 11.87 26.93
C LEU G 460 -23.10 11.98 25.45
N THR G 461 -23.29 10.84 24.76
CA THR G 461 -23.22 10.71 23.30
C THR G 461 -24.49 10.03 22.81
N GLU G 462 -24.74 10.11 21.50
CA GLU G 462 -25.98 9.53 21.02
C GLU G 462 -26.03 8.02 21.27
N ASN G 463 -24.87 7.37 21.29
CA ASN G 463 -24.75 5.95 21.56
C ASN G 463 -25.35 5.59 22.92
N ASP G 464 -25.05 6.44 23.90
CA ASP G 464 -25.53 6.22 25.26
C ASP G 464 -27.04 6.29 25.29
N LEU G 465 -27.61 7.24 24.56
CA LEU G 465 -29.04 7.36 24.42
C LEU G 465 -29.60 6.12 23.72
N LYS G 466 -28.98 5.77 22.59
CA LYS G 466 -29.40 4.70 21.70
C LYS G 466 -29.46 3.37 22.46
N HIS G 467 -28.44 3.12 23.29
CA HIS G 467 -28.27 1.83 23.94
C HIS G 467 -28.78 1.87 25.39
N ASP G 468 -28.14 2.64 26.26
CA ASP G 468 -28.43 2.56 27.68
C ASP G 468 -29.74 3.24 28.06
N VAL G 469 -30.09 4.31 27.35
CA VAL G 469 -31.42 4.89 27.51
C VAL G 469 -32.42 4.21 26.59
N GLY G 470 -31.95 3.43 25.61
CA GLY G 470 -32.80 2.70 24.67
C GLY G 470 -33.62 3.63 23.78
N MET G 471 -33.09 4.82 23.51
CA MET G 471 -33.88 5.90 22.95
C MET G 471 -33.70 5.88 21.43
N ILE G 472 -34.73 5.36 20.73
CA ILE G 472 -34.57 4.76 19.41
C ILE G 472 -34.57 5.80 18.29
N SER G 473 -35.41 6.84 18.42
CA SER G 473 -35.53 7.83 17.35
C SER G 473 -34.28 8.68 17.27
N GLY G 474 -33.58 8.62 16.14
CA GLY G 474 -32.53 9.57 15.82
C GLY G 474 -32.99 11.01 15.98
N LEU G 475 -34.20 11.29 15.53
CA LEU G 475 -34.77 12.62 15.66
C LEU G 475 -34.90 13.01 17.12
N HIS G 476 -35.47 12.13 17.94
CA HIS G 476 -35.52 12.39 19.36
C HIS G 476 -34.13 12.65 19.91
N ARG G 477 -33.14 11.86 19.48
CA ARG G 477 -31.76 12.09 19.90
C ARG G 477 -31.28 13.47 19.49
N LYS G 478 -31.48 13.86 18.22
CA LYS G 478 -31.09 15.18 17.75
C LYS G 478 -31.66 16.25 18.67
N ARG G 479 -32.98 16.19 18.88
CA ARG G 479 -33.72 17.12 19.71
C ARG G 479 -33.10 17.18 21.10
N PHE G 480 -32.92 16.02 21.72
CA PHE G 480 -32.33 15.91 23.03
C PHE G 480 -30.96 16.57 23.09
N LEU G 481 -30.11 16.20 22.13
CA LEU G 481 -28.74 16.67 22.10
C LEU G 481 -28.69 18.18 21.91
N ARG G 482 -29.59 18.75 21.11
CA ARG G 482 -29.70 20.18 21.00
C ARG G 482 -29.89 20.83 22.36
N GLU G 483 -30.79 20.29 23.17
CA GLU G 483 -31.01 20.83 24.50
C GLU G 483 -29.76 20.66 25.35
N LEU G 484 -29.16 19.49 25.28
CA LEU G 484 -27.96 19.23 26.05
C LEU G 484 -26.83 20.18 25.65
N GLN G 485 -26.66 20.44 24.35
CA GLN G 485 -25.68 21.41 23.89
C GLN G 485 -25.99 22.78 24.46
N THR G 486 -27.26 23.17 24.42
CA THR G 486 -27.68 24.45 24.96
C THR G 486 -27.27 24.52 26.43
N LEU G 487 -27.60 23.46 27.18
CA LEU G 487 -27.30 23.38 28.60
C LEU G 487 -25.80 23.46 28.82
N LYS G 488 -25.03 22.68 28.05
CA LYS G 488 -23.57 22.69 28.12
C LYS G 488 -23.03 24.11 27.94
N VAL G 489 -23.56 24.83 26.97
CA VAL G 489 -23.12 26.19 26.75
C VAL G 489 -23.45 27.04 27.97
N ALA G 490 -24.69 26.89 28.44
CA ALA G 490 -25.26 27.70 29.49
C ALA G 490 -24.56 27.51 30.85
N ALA G 491 -24.11 26.30 31.11
CA ALA G 491 -23.62 25.87 32.40
C ALA G 491 -22.41 26.69 32.88
N ASP G 492 -22.35 26.93 34.19
CA ASP G 492 -21.14 27.37 34.84
C ASP G 492 -20.22 26.17 35.08
N TYR G 493 -18.93 26.42 34.97
CA TYR G 493 -17.90 25.46 35.29
C TYR G 493 -16.94 25.97 36.35
N SER G 494 -17.16 27.17 36.90
CA SER G 494 -16.23 27.78 37.85
C SER G 494 -16.04 26.94 39.11
N SER G 495 -17.02 26.07 39.39
CA SER G 495 -16.94 25.00 40.39
C SER G 495 -15.66 24.18 40.27
N VAL G 496 -15.12 24.06 39.05
CA VAL G 496 -14.03 23.14 38.73
C VAL G 496 -12.93 23.82 37.91
N ASP G 497 -13.28 24.83 37.12
CA ASP G 497 -12.36 25.53 36.25
C ASP G 497 -11.56 26.55 37.03
N GLU G 498 -10.38 26.13 37.51
CA GLU G 498 -9.42 26.99 38.19
C GLU G 498 -8.85 28.05 37.24
N SER G 499 -8.82 27.73 35.96
CA SER G 499 -8.08 28.50 34.96
C SER G 499 -8.94 29.56 34.27
N ASN G 500 -10.26 29.52 34.49
CA ASN G 500 -11.23 30.33 33.75
C ASN G 500 -11.10 30.12 32.23
N LEU G 501 -10.76 28.89 31.86
CA LEU G 501 -10.84 28.38 30.51
C LEU G 501 -12.23 28.60 29.92
N ASP G 502 -13.29 28.37 30.70
CA ASP G 502 -14.67 28.60 30.28
C ASP G 502 -14.81 30.04 29.77
N ASN G 503 -14.39 30.97 30.62
CA ASN G 503 -14.44 32.38 30.33
C ASN G 503 -13.66 32.68 29.04
N PHE G 504 -12.47 32.08 28.94
CA PHE G 504 -11.64 32.25 27.77
C PHE G 504 -12.37 31.80 26.50
N LEU G 505 -12.90 30.57 26.54
CA LEU G 505 -13.62 29.98 25.42
C LEU G 505 -14.82 30.84 25.05
N MET G 506 -15.60 31.29 26.05
CA MET G 506 -16.73 32.16 25.82
C MET G 506 -16.29 33.42 25.06
N GLY G 507 -15.21 34.04 25.54
CA GLY G 507 -14.65 35.22 24.91
C GLY G 507 -14.22 34.96 23.47
N LEU G 508 -13.61 33.79 23.24
CA LEU G 508 -13.20 33.37 21.91
C LEU G 508 -14.42 33.24 21.00
N SER G 509 -15.42 32.46 21.44
CA SER G 509 -16.78 32.45 20.90
C SER G 509 -17.70 31.64 21.82
N PRO G 510 -18.90 32.16 22.16
CA PRO G 510 -19.72 31.57 23.22
C PRO G 510 -20.04 30.08 23.07
N GLU G 511 -20.32 29.64 21.85
CA GLU G 511 -20.69 28.25 21.60
C GLU G 511 -19.56 27.31 22.03
N LEU G 512 -18.31 27.75 21.99
CA LEU G 512 -17.18 26.91 22.35
C LEU G 512 -17.26 26.45 23.80
N SER G 513 -18.04 27.14 24.64
CA SER G 513 -18.43 26.68 25.96
C SER G 513 -18.81 25.19 25.95
N VAL G 514 -19.42 24.74 24.84
CA VAL G 514 -19.89 23.38 24.71
C VAL G 514 -18.78 22.37 24.98
N TYR G 515 -17.56 22.71 24.58
CA TYR G 515 -16.44 21.77 24.70
C TYR G 515 -15.81 21.77 26.09
N THR G 516 -16.12 22.78 26.90
CA THR G 516 -15.41 23.06 28.13
C THR G 516 -15.25 21.81 28.97
N TYR G 517 -16.36 21.16 29.27
CA TYR G 517 -16.30 20.11 30.25
C TYR G 517 -15.46 18.94 29.78
N GLN G 518 -15.59 18.59 28.50
CA GLN G 518 -14.79 17.53 27.93
C GLN G 518 -13.31 17.86 28.11
N MET G 519 -12.87 19.01 27.59
CA MET G 519 -11.45 19.29 27.62
C MET G 519 -10.96 19.46 29.07
N LEU G 520 -11.79 20.06 29.92
CA LEU G 520 -11.47 20.24 31.31
C LEU G 520 -11.24 18.89 31.99
N THR G 521 -12.17 17.95 31.77
CA THR G 521 -12.06 16.62 32.34
C THR G 521 -10.91 15.82 31.72
N ASN G 522 -10.51 16.14 30.49
CA ASN G 522 -9.30 15.58 29.94
C ASN G 522 -8.03 16.21 30.54
N GLY G 523 -8.18 17.21 31.42
CA GLY G 523 -7.07 17.85 32.09
C GLY G 523 -6.49 19.05 31.34
N VAL G 524 -7.19 19.52 30.30
CA VAL G 524 -6.82 20.76 29.62
C VAL G 524 -7.09 21.94 30.56
N ASN G 525 -6.26 22.97 30.44
CA ASN G 525 -6.41 24.23 31.13
C ASN G 525 -6.01 25.39 30.22
N ARG G 526 -6.36 26.61 30.62
CA ARG G 526 -6.20 27.83 29.81
C ARG G 526 -4.77 28.03 29.31
N SER G 527 -3.76 27.59 30.07
CA SER G 527 -2.37 27.72 29.65
C SER G 527 -1.98 26.76 28.51
N LEU G 528 -2.59 25.59 28.48
CA LEU G 528 -2.16 24.51 27.59
C LEU G 528 -2.61 24.68 26.15
N LEU G 529 -3.59 25.54 25.93
CA LEU G 529 -4.32 25.68 24.68
C LEU G 529 -3.39 25.95 23.51
N SER G 530 -2.33 26.75 23.75
CA SER G 530 -1.27 27.07 22.81
C SER G 530 -0.71 25.81 22.12
N SER G 531 -0.72 24.69 22.84
CA SER G 531 0.17 23.57 22.59
C SER G 531 -0.55 22.44 21.86
N LEU G 532 -1.85 22.56 21.67
CA LEU G 532 -2.68 21.48 21.14
C LEU G 532 -2.52 21.40 19.62
N THR G 533 -2.45 20.16 19.11
CA THR G 533 -2.56 19.93 17.67
C THR G 533 -4.03 19.79 17.28
N ASP G 534 -4.30 20.00 15.99
CA ASP G 534 -5.63 19.81 15.45
C ASP G 534 -6.16 18.42 15.79
N GLU G 535 -5.29 17.42 15.75
CA GLU G 535 -5.58 16.05 16.14
C GLU G 535 -6.07 15.99 17.59
N MET G 536 -5.29 16.55 18.53
CA MET G 536 -5.64 16.52 19.93
C MET G 536 -6.99 17.19 20.16
N MET G 537 -7.16 18.36 19.55
CA MET G 537 -8.42 19.08 19.61
C MET G 537 -9.56 18.20 19.09
N GLN G 538 -9.43 17.73 17.86
CA GLN G 538 -10.45 16.98 17.16
C GLN G 538 -10.86 15.76 17.93
N ASN G 539 -9.86 15.01 18.43
CA ASN G 539 -10.07 13.66 18.91
C ASN G 539 -10.25 13.67 20.42
N ALA G 540 -9.19 14.11 21.13
CA ALA G 540 -9.22 14.04 22.59
C ALA G 540 -10.25 15.03 23.14
N CYS G 541 -10.28 16.26 22.58
CA CYS G 541 -11.27 17.22 22.99
C CYS G 541 -12.56 17.16 22.18
N GLY G 542 -12.67 16.23 21.24
CA GLY G 542 -13.91 15.93 20.57
C GLY G 542 -14.47 17.08 19.70
N ILE G 543 -13.67 18.11 19.43
CA ILE G 543 -14.13 19.23 18.62
C ILE G 543 -14.02 18.86 17.13
N THR G 544 -14.97 18.02 16.70
CA THR G 544 -15.00 17.48 15.35
C THR G 544 -15.33 18.55 14.32
N ASN G 545 -16.07 19.58 14.70
CA ASN G 545 -16.35 20.72 13.84
C ASN G 545 -15.04 21.43 13.48
N PRO G 546 -14.55 21.35 12.21
CA PRO G 546 -13.30 22.02 11.86
C PRO G 546 -13.45 23.53 11.95
N ILE G 547 -14.67 24.06 11.78
CA ILE G 547 -14.88 25.49 11.87
C ILE G 547 -14.51 25.97 13.27
N HIS G 548 -15.06 25.30 14.28
CA HIS G 548 -14.71 25.61 15.65
C HIS G 548 -13.21 25.47 15.88
N ARG G 549 -12.60 24.40 15.33
CA ARG G 549 -11.16 24.23 15.46
C ARG G 549 -10.44 25.40 14.84
N LEU G 550 -10.86 25.84 13.66
CA LEU G 550 -10.28 26.98 13.00
C LEU G 550 -10.36 28.20 13.90
N LYS G 551 -11.54 28.46 14.49
CA LYS G 551 -11.70 29.61 15.37
C LYS G 551 -10.60 29.62 16.44
N LEU G 552 -10.49 28.53 17.21
CA LEU G 552 -9.50 28.52 18.27
C LEU G 552 -8.08 28.53 17.71
N THR G 553 -7.87 27.94 16.53
CA THR G 553 -6.59 28.04 15.85
C THR G 553 -6.23 29.51 15.64
N GLN G 554 -7.20 30.36 15.27
CA GLN G 554 -6.93 31.77 15.07
C GLN G 554 -6.42 32.45 16.33
N ALA G 555 -6.92 32.02 17.49
CA ALA G 555 -6.40 32.53 18.75
C ALA G 555 -4.92 32.25 18.86
N PHE G 556 -4.46 31.04 18.50
CA PHE G 556 -3.06 30.68 18.61
C PHE G 556 -2.20 31.18 17.46
N GLU G 557 -2.81 31.38 16.30
CA GLU G 557 -2.19 32.10 15.19
C GLU G 557 -1.85 33.53 15.60
N THR G 558 -2.75 34.16 16.39
CA THR G 558 -2.62 35.54 16.81
C THR G 558 -1.99 35.67 18.20
N ALA G 559 -1.75 34.56 18.93
CA ALA G 559 -1.10 34.58 20.25
C ALA G 559 0.39 34.96 20.17
N LYS G 560 1.04 34.65 19.04
CA LYS G 560 2.34 35.23 18.69
C LYS G 560 2.14 36.60 18.06
N HIS G 561 3.04 37.53 18.38
CA HIS G 561 3.01 38.95 17.98
C HIS G 561 1.63 39.64 18.23
N GLN G 573 15.94 23.57 11.52
CA GLN G 573 17.13 24.40 11.91
C GLN G 573 18.39 23.84 11.26
N ILE G 574 19.27 24.71 10.75
CA ILE G 574 20.61 24.39 10.33
C ILE G 574 21.51 24.16 11.55
N ASP G 575 22.33 23.12 11.51
CA ASP G 575 23.40 22.94 12.50
C ASP G 575 24.61 23.78 12.13
N VAL G 576 25.08 23.61 10.88
CA VAL G 576 26.34 24.23 10.47
C VAL G 576 26.16 25.04 9.18
N PHE G 577 26.57 26.32 9.21
CA PHE G 577 26.75 27.08 7.98
C PHE G 577 28.23 27.01 7.56
N ILE G 578 28.49 26.79 6.28
CA ILE G 578 29.84 26.85 5.70
C ILE G 578 29.96 28.10 4.83
N SER G 579 30.87 29.01 5.27
CA SER G 579 31.39 30.08 4.46
C SER G 579 32.65 29.66 3.75
N TYR G 580 32.79 30.03 2.47
CA TYR G 580 33.96 29.63 1.69
C TYR G 580 34.19 30.61 0.53
N ARG G 581 35.38 30.50 -0.08
CA ARG G 581 35.63 31.13 -1.36
C ARG G 581 35.02 30.35 -2.49
N ARG G 582 34.14 30.98 -3.27
CA ARG G 582 33.45 30.36 -4.42
C ARG G 582 34.44 29.89 -5.48
N SER G 583 35.58 30.54 -5.64
CA SER G 583 36.60 30.28 -6.64
C SER G 583 37.52 29.11 -6.25
N THR G 584 37.73 28.83 -4.94
CA THR G 584 38.74 27.86 -4.55
C THR G 584 38.35 26.97 -3.38
N GLY G 585 37.63 27.56 -2.41
CA GLY G 585 37.13 26.82 -1.24
C GLY G 585 35.99 25.86 -1.59
N ASN G 586 35.41 26.00 -2.78
CA ASN G 586 34.46 25.09 -3.39
C ASN G 586 34.71 23.60 -3.13
N GLN G 587 35.97 23.14 -3.38
CA GLN G 587 36.36 21.79 -3.00
C GLN G 587 36.17 21.45 -1.53
N LEU G 588 36.89 22.14 -0.66
CA LEU G 588 36.96 21.84 0.78
C LEU G 588 35.61 22.05 1.49
N ALA G 589 34.89 23.08 1.11
CA ALA G 589 33.65 23.48 1.73
C ALA G 589 32.58 22.46 1.42
N SER G 590 32.38 22.12 0.13
CA SER G 590 31.35 21.13 -0.21
C SER G 590 31.75 19.73 0.25
N LEU G 591 33.02 19.36 0.18
CA LEU G 591 33.55 18.15 0.81
C LEU G 591 33.17 18.07 2.28
N ILE G 592 33.41 19.12 3.06
CA ILE G 592 32.97 19.26 4.47
C ILE G 592 31.45 19.11 4.55
N LYS G 593 30.69 19.77 3.65
CA LYS G 593 29.25 19.63 3.62
C LYS G 593 28.81 18.15 3.55
N VAL G 594 29.38 17.42 2.58
CA VAL G 594 29.07 16.04 2.31
C VAL G 594 29.51 15.14 3.46
N LEU G 595 30.72 15.38 4.00
CA LEU G 595 31.26 14.62 5.12
C LEU G 595 30.41 14.79 6.39
N LEU G 596 29.94 16.00 6.65
CA LEU G 596 29.08 16.28 7.79
C LEU G 596 27.69 15.70 7.60
N GLN G 597 27.17 15.68 6.38
CA GLN G 597 25.94 14.97 6.04
C GLN G 597 25.98 13.45 6.36
N LEU G 598 27.14 12.89 6.63
CA LEU G 598 27.32 11.52 7.08
C LEU G 598 26.92 11.39 8.55
N ARG G 599 27.33 12.36 9.38
CA ARG G 599 27.30 12.28 10.84
C ARG G 599 25.98 12.81 11.44
N GLY G 600 25.01 13.16 10.58
CA GLY G 600 23.67 13.57 10.98
C GLY G 600 23.51 15.07 11.26
N TYR G 601 24.51 15.89 10.90
CA TYR G 601 24.39 17.33 10.98
C TYR G 601 23.65 17.89 9.75
N ARG G 602 22.80 18.90 10.00
CA ARG G 602 22.24 19.75 8.96
C ARG G 602 23.27 20.79 8.51
N VAL G 603 24.00 20.56 7.41
CA VAL G 603 25.09 21.45 7.02
C VAL G 603 24.74 22.16 5.72
N PHE G 604 24.87 23.50 5.71
CA PHE G 604 24.42 24.32 4.60
C PHE G 604 25.50 25.32 4.18
N ILE G 605 25.46 25.75 2.93
CA ILE G 605 26.52 26.38 2.17
C ILE G 605 25.84 26.88 0.86
N ASP G 606 26.42 27.94 0.24
CA ASP G 606 25.89 28.45 -1.03
C ASP G 606 26.43 27.67 -2.22
N VAL G 607 26.34 26.32 -2.19
CA VAL G 607 26.46 25.38 -3.30
C VAL G 607 25.05 24.89 -3.59
N ASP G 608 24.60 25.12 -4.83
CA ASP G 608 23.34 24.66 -5.39
C ASP G 608 22.05 25.23 -4.79
N LYS G 609 22.12 26.31 -3.97
CA LYS G 609 20.98 26.86 -3.26
C LYS G 609 20.94 28.41 -3.25
N LEU G 610 20.04 29.13 -4.00
CA LEU G 610 19.78 30.55 -3.95
C LEU G 610 18.33 30.89 -4.37
N TYR G 611 17.66 31.87 -3.69
CA TYR G 611 16.24 32.14 -3.89
C TYR G 611 15.79 33.56 -3.63
N ALA G 612 14.53 33.78 -3.99
CA ALA G 612 13.76 35.03 -3.85
C ALA G 612 14.43 36.24 -4.52
N GLY G 613 15.02 36.04 -5.72
CA GLY G 613 15.21 37.12 -6.70
C GLY G 613 16.35 38.07 -6.38
N LYS G 614 16.05 39.19 -5.67
CA LYS G 614 17.12 40.02 -5.10
C LYS G 614 17.97 39.16 -4.14
N PHE G 615 19.30 39.35 -4.21
CA PHE G 615 20.20 38.28 -3.75
C PHE G 615 19.80 37.77 -2.36
N ASP G 616 19.76 36.44 -2.23
CA ASP G 616 19.11 35.77 -1.13
C ASP G 616 19.78 36.08 0.23
N SER G 617 19.07 36.90 1.04
CA SER G 617 19.41 37.21 2.41
C SER G 617 19.46 35.97 3.29
N SER G 618 18.96 34.80 2.82
CA SER G 618 19.26 33.47 3.36
C SER G 618 20.75 33.26 3.67
N LEU G 619 21.65 33.90 2.93
CA LEU G 619 23.06 33.86 3.20
C LEU G 619 23.44 34.34 4.59
N LEU G 620 22.61 35.20 5.26
CA LEU G 620 22.76 35.62 6.64
C LEU G 620 21.70 34.99 7.60
N LYS G 621 20.48 34.73 7.07
CA LYS G 621 19.42 34.13 7.87
C LYS G 621 19.76 32.70 8.24
N ASN G 622 20.32 31.96 7.31
CA ASN G 622 20.82 30.59 7.47
C ASN G 622 21.95 30.59 8.51
N ILE G 623 22.82 31.63 8.53
CA ILE G 623 23.81 31.78 9.58
C ILE G 623 23.14 32.04 10.91
N GLN G 624 22.09 32.87 10.96
CA GLN G 624 21.42 33.15 12.24
C GLN G 624 20.77 31.88 12.81
N ALA G 625 20.23 31.03 11.90
CA ALA G 625 19.58 29.80 12.32
C ALA G 625 20.59 28.73 12.73
N ALA G 626 21.80 28.79 12.14
CA ALA G 626 22.89 27.84 12.41
C ALA G 626 23.40 28.01 13.84
N LYS G 627 23.82 26.91 14.45
CA LYS G 627 24.51 26.95 15.74
C LYS G 627 26.00 27.18 15.53
N HIS G 628 26.54 26.58 14.46
CA HIS G 628 27.97 26.59 14.16
C HIS G 628 28.25 27.23 12.81
N PHE G 629 29.41 27.92 12.74
CA PHE G 629 29.84 28.57 11.53
C PHE G 629 31.24 28.11 11.15
N ILE G 630 31.33 27.34 10.06
CA ILE G 630 32.61 26.91 9.51
C ILE G 630 33.06 27.92 8.46
N LEU G 631 34.31 28.38 8.58
CA LEU G 631 34.93 29.17 7.53
C LEU G 631 36.05 28.37 6.86
N VAL G 632 35.87 28.01 5.57
CA VAL G 632 36.89 27.40 4.76
C VAL G 632 37.91 28.47 4.36
N LEU G 633 39.18 28.12 4.64
CA LEU G 633 40.29 29.02 4.34
C LEU G 633 41.24 28.38 3.36
N THR G 634 41.07 28.68 2.07
CA THR G 634 41.95 28.22 0.99
C THR G 634 42.87 29.35 0.55
N PRO G 635 43.93 29.08 -0.23
CA PRO G 635 44.89 30.13 -0.60
C PRO G 635 44.18 31.38 -1.13
N ASN G 636 44.50 32.56 -0.55
CA ASN G 636 44.00 33.85 -1.01
C ASN G 636 42.51 34.06 -0.75
N SER G 637 41.89 33.20 0.08
CA SER G 637 40.49 33.27 0.41
C SER G 637 40.12 34.58 1.11
N LEU G 638 41.06 35.14 1.90
CA LEU G 638 40.84 36.33 2.70
C LEU G 638 41.26 37.61 1.99
N ASP G 639 41.92 37.51 0.82
CA ASP G 639 42.52 38.67 0.16
C ASP G 639 41.49 39.72 -0.21
N ARG G 640 40.29 39.31 -0.66
CA ARG G 640 39.29 40.30 -1.03
C ARG G 640 38.64 40.96 0.21
N LEU G 641 38.94 40.45 1.40
CA LEU G 641 38.47 41.09 2.62
C LEU G 641 39.37 42.28 2.98
N LEU G 642 40.56 42.37 2.38
CA LEU G 642 41.45 43.49 2.65
C LEU G 642 40.80 44.80 2.19
N ASN G 643 40.72 45.79 3.09
CA ASN G 643 40.13 47.10 2.85
C ASN G 643 38.65 47.01 2.46
N ASP G 644 38.01 45.89 2.83
CA ASP G 644 36.58 45.75 2.59
C ASP G 644 35.77 46.44 3.68
N ASP G 645 36.04 47.72 3.96
CA ASP G 645 35.44 48.45 5.08
C ASP G 645 33.93 48.65 4.84
N ASN G 646 33.53 48.64 3.55
CA ASN G 646 32.13 48.84 3.20
C ASN G 646 31.36 47.53 3.22
N CYS G 647 32.00 46.45 3.70
CA CYS G 647 31.41 45.12 3.86
C CYS G 647 30.72 44.66 2.56
N GLU G 648 31.43 44.81 1.42
CA GLU G 648 30.93 44.45 0.10
C GLU G 648 31.12 42.96 -0.16
N ASP G 649 32.18 42.38 0.40
CA ASP G 649 32.51 40.97 0.20
C ASP G 649 31.51 40.08 0.95
N TRP G 650 30.97 39.05 0.28
CA TRP G 650 29.97 38.22 0.95
C TRP G 650 30.56 37.32 2.04
N VAL G 651 31.81 36.85 1.90
CA VAL G 651 32.47 36.19 3.02
C VAL G 651 32.56 37.16 4.21
N HIS G 652 32.77 38.48 3.98
CA HIS G 652 32.74 39.48 5.04
C HIS G 652 31.35 39.57 5.69
N LYS G 653 30.28 39.69 4.86
CA LYS G 653 28.93 39.74 5.37
C LYS G 653 28.58 38.50 6.20
N GLU G 654 28.92 37.33 5.69
CA GLU G 654 28.74 36.04 6.37
C GLU G 654 29.46 36.02 7.72
N LEU G 655 30.75 36.37 7.73
CA LEU G 655 31.59 36.31 8.93
C LEU G 655 31.15 37.36 9.95
N LYS G 656 30.82 38.57 9.48
CA LYS G 656 30.30 39.64 10.33
C LYS G 656 29.03 39.16 11.03
N CYS G 657 28.10 38.56 10.28
CA CYS G 657 26.85 38.03 10.80
C CYS G 657 27.12 36.96 11.87
N ALA G 658 28.10 36.09 11.60
CA ALA G 658 28.47 35.04 12.54
C ALA G 658 28.94 35.66 13.85
N PHE G 659 29.79 36.70 13.76
CA PHE G 659 30.32 37.39 14.93
C PHE G 659 29.20 38.11 15.69
N GLU G 660 28.27 38.77 14.96
CA GLU G 660 27.19 39.53 15.58
C GLU G 660 26.25 38.61 16.36
N HIS G 661 26.04 37.39 15.85
CA HIS G 661 25.10 36.46 16.48
C HIS G 661 25.85 35.42 17.32
N GLN G 662 27.14 35.67 17.60
CA GLN G 662 27.96 34.87 18.51
C GLN G 662 27.92 33.38 18.16
N LYS G 663 28.07 33.08 16.87
CA LYS G 663 28.12 31.72 16.39
C LYS G 663 29.46 31.10 16.78
N ASN G 664 29.47 29.78 16.95
CA ASN G 664 30.62 29.00 17.34
C ASN G 664 31.53 28.87 16.11
N ILE G 665 32.37 29.89 15.85
CA ILE G 665 33.09 30.07 14.59
C ILE G 665 34.36 29.19 14.55
N ILE G 666 34.53 28.41 13.46
CA ILE G 666 35.66 27.52 13.24
C ILE G 666 36.32 27.79 11.88
N PRO G 667 37.51 28.43 11.80
CA PRO G 667 38.29 28.37 10.56
C PRO G 667 38.83 26.97 10.28
N ILE G 668 38.75 26.55 9.02
CA ILE G 668 39.34 25.30 8.55
C ILE G 668 40.37 25.67 7.49
N PHE G 669 41.66 25.53 7.86
CA PHE G 669 42.77 25.94 7.03
C PHE G 669 43.12 24.84 6.04
N ASP G 670 42.94 25.08 4.75
CA ASP G 670 43.53 24.26 3.70
C ASP G 670 45.07 24.21 3.85
N THR G 671 45.69 23.10 3.39
CA THR G 671 47.11 22.86 3.60
C THR G 671 48.00 24.01 3.12
N ALA G 672 47.60 24.69 2.03
CA ALA G 672 48.39 25.75 1.43
C ALA G 672 47.99 27.14 1.92
N PHE G 673 47.03 27.24 2.86
CA PHE G 673 46.52 28.52 3.32
C PHE G 673 47.55 29.30 4.14
N GLU G 674 47.59 30.62 3.90
CA GLU G 674 48.37 31.55 4.69
C GLU G 674 47.58 32.82 4.89
N PHE G 675 47.61 33.35 6.13
CA PHE G 675 47.00 34.63 6.41
C PHE G 675 47.61 35.74 5.57
N PRO G 676 46.83 36.72 5.10
CA PRO G 676 47.39 37.90 4.41
C PRO G 676 48.45 38.62 5.25
N THR G 677 49.51 39.11 4.56
CA THR G 677 50.65 39.77 5.19
C THR G 677 50.19 41.09 5.84
N LYS G 678 49.23 41.76 5.21
CA LYS G 678 48.68 43.03 5.66
C LYS G 678 47.41 42.76 6.48
N GLU G 679 47.55 42.06 7.60
CA GLU G 679 46.45 41.71 8.50
C GLU G 679 45.69 42.96 9.01
N ASP G 680 46.41 44.07 9.20
CA ASP G 680 45.85 45.33 9.69
C ASP G 680 44.85 45.92 8.70
N GLN G 681 44.88 45.45 7.43
CA GLN G 681 43.94 45.91 6.42
C GLN G 681 42.63 45.10 6.45
N ILE G 682 42.60 43.96 7.17
CA ILE G 682 41.33 43.28 7.38
C ILE G 682 40.45 44.14 8.27
N PRO G 683 39.18 44.42 7.89
CA PRO G 683 38.28 45.26 8.69
C PRO G 683 38.17 44.81 10.16
N ASN G 684 38.04 45.78 11.08
CA ASN G 684 38.10 45.56 12.52
C ASN G 684 37.04 44.58 13.02
N ASP G 685 35.87 44.63 12.40
CA ASP G 685 34.72 43.82 12.81
C ASP G 685 34.96 42.33 12.57
N ILE G 686 35.87 41.97 11.68
CA ILE G 686 36.12 40.58 11.33
C ILE G 686 37.59 40.18 11.56
N ARG G 687 38.46 41.15 11.89
CA ARG G 687 39.90 40.94 12.03
C ARG G 687 40.23 39.83 13.03
N MET G 688 39.34 39.66 14.02
CA MET G 688 39.47 38.66 15.08
C MET G 688 39.65 37.24 14.53
N ILE G 689 39.19 36.98 13.29
CA ILE G 689 39.31 35.67 12.64
C ILE G 689 40.77 35.21 12.51
N THR G 690 41.71 36.15 12.45
CA THR G 690 43.13 35.86 12.38
C THR G 690 43.67 35.28 13.68
N LYS G 691 42.90 35.42 14.79
CA LYS G 691 43.28 34.90 16.09
C LYS G 691 42.52 33.63 16.45
N TYR G 692 41.65 33.10 15.58
CA TYR G 692 40.65 32.12 15.94
C TYR G 692 41.16 30.68 16.02
N ASN G 693 40.33 29.82 16.63
CA ASN G 693 40.63 28.39 16.83
C ASN G 693 40.06 27.54 15.68
N GLY G 694 40.98 26.91 14.92
CA GLY G 694 40.61 26.20 13.71
C GLY G 694 41.35 24.86 13.48
N VAL G 695 40.99 24.22 12.37
CA VAL G 695 41.48 22.90 11.99
C VAL G 695 42.31 23.00 10.73
N LYS G 696 43.60 22.61 10.78
CA LYS G 696 44.34 22.52 9.54
C LYS G 696 43.93 21.23 8.82
N TRP G 697 43.26 21.41 7.70
CA TRP G 697 42.77 20.33 6.88
C TRP G 697 43.92 19.63 6.20
N VAL G 698 44.12 18.34 6.50
CA VAL G 698 45.11 17.54 5.80
C VAL G 698 44.40 16.38 5.12
N HIS G 699 44.45 16.36 3.79
CA HIS G 699 43.82 15.35 2.94
C HIS G 699 44.18 13.92 3.36
N ASP G 700 45.40 13.71 3.79
CA ASP G 700 45.95 12.44 4.25
C ASP G 700 45.23 11.94 5.53
N TYR G 701 44.73 12.89 6.33
CA TYR G 701 44.17 12.66 7.66
C TYR G 701 42.76 13.22 7.70
N GLN G 702 42.02 13.12 6.58
CA GLN G 702 40.67 13.69 6.45
C GLN G 702 39.75 13.28 7.61
N ASP G 703 39.85 12.00 8.02
CA ASP G 703 39.02 11.42 9.06
C ASP G 703 39.31 12.06 10.43
N ALA G 704 40.61 12.27 10.73
CA ALA G 704 41.04 12.90 11.97
C ALA G 704 40.71 14.39 11.96
N CYS G 705 40.91 15.06 10.81
CA CYS G 705 40.57 16.46 10.65
C CYS G 705 39.07 16.67 10.91
N MET G 706 38.24 15.80 10.33
CA MET G 706 36.80 15.87 10.50
C MET G 706 36.41 15.57 11.96
N ALA G 707 37.08 14.60 12.60
CA ALA G 707 36.89 14.35 14.02
C ALA G 707 37.18 15.61 14.85
N LYS G 708 38.26 16.34 14.51
CA LYS G 708 38.60 17.60 15.17
C LYS G 708 37.51 18.67 14.94
N VAL G 709 36.98 18.75 13.72
CA VAL G 709 35.90 19.66 13.39
C VAL G 709 34.67 19.35 14.28
N VAL G 710 34.31 18.06 14.39
CA VAL G 710 33.22 17.59 15.24
C VAL G 710 33.47 17.95 16.71
N ARG G 711 34.72 17.85 17.19
CA ARG G 711 35.09 18.23 18.54
C ARG G 711 34.85 19.72 18.78
N PHE G 712 35.16 20.57 17.79
CA PHE G 712 34.93 22.00 17.90
C PHE G 712 33.42 22.29 17.89
N ILE G 713 32.64 21.51 17.14
CA ILE G 713 31.19 21.60 17.05
C ILE G 713 30.54 21.17 18.37
N THR G 714 30.98 20.04 18.95
CA THR G 714 30.39 19.46 20.16
C THR G 714 30.94 20.10 21.45
N GLY G 715 32.07 20.82 21.34
CA GLY G 715 32.75 21.45 22.47
C GLY G 715 33.46 20.41 23.35
N MET H 60 -20.59 7.94 58.58
CA MET H 60 -19.70 8.44 57.45
C MET H 60 -19.67 7.35 56.37
N SER H 61 -19.83 7.75 55.09
CA SER H 61 -19.84 6.79 53.98
C SER H 61 -18.44 6.32 53.56
N ASN H 62 -18.35 5.21 52.83
CA ASN H 62 -17.11 4.85 52.15
C ASN H 62 -16.74 5.89 51.08
N THR H 63 -17.73 6.50 50.40
CA THR H 63 -17.48 7.62 49.50
C THR H 63 -16.72 8.71 50.24
N GLU H 64 -17.11 8.99 51.49
CA GLU H 64 -16.41 9.94 52.33
C GLU H 64 -15.04 9.42 52.79
N GLN H 65 -14.88 8.12 53.10
CA GLN H 65 -13.57 7.56 53.39
C GLN H 65 -12.62 7.82 52.22
N VAL H 66 -13.10 7.53 51.00
CA VAL H 66 -12.38 7.79 49.77
C VAL H 66 -12.10 9.27 49.64
N ALA H 67 -13.11 10.13 49.81
CA ALA H 67 -12.94 11.57 49.66
C ALA H 67 -11.91 12.11 50.66
N MET H 68 -11.95 11.62 51.90
CA MET H 68 -10.99 12.01 52.91
C MET H 68 -9.58 11.57 52.52
N MET H 69 -9.42 10.28 52.20
CA MET H 69 -8.15 9.74 51.77
C MET H 69 -7.59 10.53 50.58
N HIS H 70 -8.46 10.77 49.58
CA HIS H 70 -8.16 11.53 48.38
C HIS H 70 -7.68 12.93 48.72
N THR H 71 -8.49 13.63 49.53
CA THR H 71 -8.20 14.98 49.95
C THR H 71 -6.87 15.01 50.68
N LEU H 72 -6.71 14.08 51.63
CA LEU H 72 -5.50 13.96 52.43
C LEU H 72 -4.28 13.83 51.51
N LYS H 73 -4.25 12.82 50.65
CA LYS H 73 -3.16 12.61 49.72
C LYS H 73 -2.91 13.84 48.85
N THR H 74 -3.99 14.43 48.31
CA THR H 74 -3.92 15.58 47.44
C THR H 74 -3.28 16.77 48.14
N LYS H 75 -3.89 17.19 49.26
CA LYS H 75 -3.47 18.37 49.97
C LYS H 75 -2.12 18.15 50.66
N LEU H 76 -1.83 16.91 51.08
CA LEU H 76 -0.50 16.59 51.54
C LEU H 76 0.54 16.88 50.47
N SER H 77 0.35 16.34 49.25
CA SER H 77 1.24 16.60 48.13
C SER H 77 1.44 18.10 47.90
N LYS H 78 0.31 18.84 47.85
CA LYS H 78 0.32 20.28 47.66
C LYS H 78 1.10 21.01 48.75
N TYR H 79 0.75 20.76 50.00
CA TYR H 79 1.32 21.46 51.15
C TYR H 79 2.77 21.05 51.41
N GLN H 80 3.16 19.83 51.03
CA GLN H 80 4.58 19.45 51.03
C GLN H 80 5.37 20.39 50.12
N ALA H 81 4.88 20.58 48.88
CA ALA H 81 5.53 21.48 47.93
C ALA H 81 5.57 22.93 48.45
N MET H 82 4.45 23.42 48.97
CA MET H 82 4.37 24.78 49.51
C MET H 82 5.29 24.95 50.72
N MET H 83 5.33 23.94 51.59
CA MET H 83 6.26 23.91 52.70
C MET H 83 7.71 23.93 52.23
N ASP H 84 8.05 23.19 51.17
CA ASP H 84 9.38 23.26 50.57
C ASP H 84 9.72 24.70 50.15
N LYS H 85 8.80 25.40 49.46
CA LYS H 85 9.00 26.79 49.09
C LYS H 85 9.29 27.68 50.30
N ALA H 86 8.49 27.51 51.35
CA ALA H 86 8.71 28.22 52.60
C ALA H 86 10.07 27.86 53.24
N PHE H 87 10.46 26.59 53.13
CA PHE H 87 11.77 26.13 53.59
C PHE H 87 12.93 26.63 52.74
N GLU H 88 12.71 26.92 51.47
CA GLU H 88 13.69 27.60 50.64
C GLU H 88 13.95 29.02 51.16
N GLU H 89 12.91 29.73 51.61
CA GLU H 89 13.07 31.01 52.29
C GLU H 89 13.84 30.89 53.61
N ILE H 90 13.50 29.87 54.41
CA ILE H 90 14.20 29.60 55.66
C ILE H 90 15.68 29.27 55.39
N ALA H 91 15.94 28.43 54.38
CA ALA H 91 17.27 27.96 54.00
C ALA H 91 18.19 29.06 53.46
N LYS H 92 17.66 30.26 53.15
CA LYS H 92 18.47 31.42 52.83
C LYS H 92 19.28 31.89 54.05
N VAL H 93 18.77 31.59 55.26
CA VAL H 93 19.31 32.02 56.55
C VAL H 93 19.48 33.55 56.58
N GLU H 94 18.41 34.24 56.13
CA GLU H 94 18.28 35.70 56.18
C GLU H 94 16.97 36.01 56.93
N ASP H 95 17.04 36.96 57.91
CA ASP H 95 16.03 37.14 58.94
C ASP H 95 14.60 37.20 58.39
N ALA H 96 14.35 38.13 57.46
CA ALA H 96 13.03 38.34 56.86
C ALA H 96 12.53 37.09 56.11
N ASN H 97 13.44 36.36 55.45
CA ASN H 97 13.13 35.14 54.70
C ASN H 97 12.74 34.00 55.65
N ILE H 98 13.48 33.84 56.77
CA ILE H 98 13.12 32.86 57.78
C ILE H 98 11.75 33.21 58.38
N ILE H 99 11.57 34.48 58.76
CA ILE H 99 10.32 35.02 59.32
C ILE H 99 9.15 34.75 58.36
N GLU H 100 9.30 35.12 57.07
CA GLU H 100 8.27 34.94 56.06
C GLU H 100 7.98 33.46 55.80
N GLY H 101 9.03 32.64 55.59
CA GLY H 101 8.89 31.20 55.43
C GLY H 101 8.13 30.57 56.60
N CYS H 102 8.58 30.84 57.84
CA CYS H 102 7.92 30.35 59.04
C CYS H 102 6.48 30.87 59.14
N THR H 103 6.24 32.14 58.77
CA THR H 103 4.89 32.71 58.73
C THR H 103 4.00 31.92 57.78
N ILE H 104 4.50 31.60 56.58
CA ILE H 104 3.80 30.79 55.60
C ILE H 104 3.51 29.40 56.15
N VAL H 105 4.51 28.73 56.75
CA VAL H 105 4.34 27.41 57.36
C VAL H 105 3.28 27.47 58.46
N ARG H 106 3.32 28.50 59.31
CA ARG H 106 2.37 28.72 60.39
C ARG H 106 0.94 28.85 59.82
N LYS H 107 0.75 29.74 58.83
CA LYS H 107 -0.52 29.94 58.15
C LYS H 107 -1.04 28.64 57.55
N LEU H 108 -0.17 27.93 56.82
CA LEU H 108 -0.42 26.63 56.21
C LEU H 108 -0.89 25.64 57.30
N MET H 109 -0.13 25.47 58.40
CA MET H 109 -0.48 24.54 59.47
C MET H 109 -1.84 24.85 60.09
N ARG H 110 -2.16 26.15 60.28
CA ARG H 110 -3.44 26.57 60.83
C ARG H 110 -4.57 26.32 59.83
N LYS H 111 -4.35 26.65 58.55
CA LYS H 111 -5.28 26.36 57.46
C LYS H 111 -5.53 24.86 57.35
N VAL H 112 -4.48 24.05 57.47
CA VAL H 112 -4.55 22.60 57.56
C VAL H 112 -5.43 22.18 58.72
N TRP H 113 -5.19 22.72 59.92
CA TRP H 113 -6.03 22.43 61.07
C TRP H 113 -7.50 22.86 60.88
N ASN H 114 -7.73 23.91 60.09
CA ASN H 114 -9.06 24.41 59.74
C ASN H 114 -9.70 23.65 58.56
N THR H 115 -8.98 22.73 57.92
CA THR H 115 -9.49 21.95 56.79
C THR H 115 -10.53 20.97 57.31
N PRO H 116 -11.72 20.83 56.68
CA PRO H 116 -12.93 20.31 57.30
C PRO H 116 -12.84 19.09 58.20
N LYS H 117 -12.16 18.01 57.75
CA LYS H 117 -12.06 16.83 58.61
C LYS H 117 -10.79 16.02 58.50
N VAL H 118 -10.02 16.17 57.41
CA VAL H 118 -8.70 15.54 57.33
C VAL H 118 -7.63 16.27 58.16
N SER H 119 -8.01 17.39 58.80
CA SER H 119 -7.13 18.32 59.49
C SER H 119 -6.05 17.65 60.33
N ALA H 120 -6.45 16.77 61.25
CA ALA H 120 -5.54 16.12 62.18
C ALA H 120 -4.51 15.25 61.46
N ASP H 121 -4.98 14.40 60.55
CA ASP H 121 -4.12 13.50 59.78
C ASP H 121 -3.15 14.30 58.92
N LEU H 122 -3.66 15.33 58.25
CA LEU H 122 -2.88 16.19 57.37
C LEU H 122 -1.81 16.94 58.15
N ALA H 123 -2.18 17.47 59.32
CA ALA H 123 -1.23 18.08 60.26
C ALA H 123 -0.15 17.06 60.66
N ASN H 124 -0.56 15.86 61.07
CA ASN H 124 0.36 14.80 61.47
C ASN H 124 1.32 14.44 60.35
N ALA H 125 0.79 14.20 59.16
CA ALA H 125 1.58 13.87 57.98
C ALA H 125 2.60 14.96 57.65
N LEU H 126 2.20 16.23 57.79
CA LEU H 126 3.13 17.34 57.60
C LEU H 126 4.15 17.43 58.74
N CYS H 127 3.76 17.15 59.98
CA CYS H 127 4.70 17.04 61.10
C CYS H 127 5.75 15.94 60.86
N ASP H 128 5.31 14.82 60.30
CA ASP H 128 6.18 13.73 59.87
C ASP H 128 7.12 14.21 58.78
N TYR H 129 6.56 14.82 57.72
CA TYR H 129 7.33 15.34 56.61
C TYR H 129 8.38 16.34 57.10
N LEU H 130 8.03 17.23 58.04
CA LEU H 130 8.97 18.16 58.66
C LEU H 130 10.16 17.44 59.30
N ARG H 131 9.94 16.32 60.00
CA ARG H 131 11.01 15.52 60.55
C ARG H 131 11.83 14.85 59.44
N ASP H 132 11.13 14.25 58.46
CA ASP H 132 11.73 13.52 57.34
C ASP H 132 12.64 14.40 56.48
N ARG H 133 12.22 15.67 56.29
CA ARG H 133 12.94 16.69 55.54
C ARG H 133 14.00 17.40 56.39
N ASP H 134 14.11 17.06 57.70
CA ASP H 134 14.92 17.75 58.70
C ASP H 134 14.54 19.23 58.88
N TYR H 135 13.43 19.67 58.25
CA TYR H 135 12.83 20.98 58.42
C TYR H 135 12.58 21.27 59.91
N PHE H 136 12.06 20.28 60.63
CA PHE H 136 11.81 20.35 62.07
C PHE H 136 13.11 20.59 62.86
N ASP H 137 14.16 19.85 62.50
CA ASP H 137 15.48 19.95 63.10
C ASP H 137 16.08 21.35 62.90
N LYS H 138 15.96 21.85 61.65
CA LYS H 138 16.38 23.19 61.26
C LYS H 138 15.64 24.25 62.08
N LEU H 139 14.32 24.16 62.18
CA LEU H 139 13.52 25.04 63.01
C LEU H 139 14.00 25.07 64.46
N ILE H 140 14.24 23.87 65.04
CA ILE H 140 14.73 23.75 66.41
C ILE H 140 16.05 24.50 66.57
N LYS H 141 17.03 24.22 65.69
CA LYS H 141 18.34 24.87 65.72
C LYS H 141 18.22 26.39 65.55
N MET H 142 17.41 26.84 64.58
CA MET H 142 17.18 28.25 64.30
C MET H 142 16.25 28.91 65.33
N PHE H 143 15.78 28.16 66.33
CA PHE H 143 15.08 28.68 67.50
C PHE H 143 16.04 28.78 68.70
N ILE H 144 16.75 27.67 69.01
CA ILE H 144 17.56 27.55 70.22
C ILE H 144 18.92 28.25 70.11
N SER H 145 19.41 28.48 68.86
CA SER H 145 20.76 29.02 68.67
C SER H 145 20.85 30.44 69.27
N PRO H 146 21.96 30.78 69.98
CA PRO H 146 22.21 32.15 70.45
C PRO H 146 22.33 33.19 69.33
N ASN H 147 22.72 32.76 68.14
CA ASN H 147 22.80 33.63 66.95
C ASN H 147 21.43 34.23 66.57
N THR H 148 20.33 33.55 66.96
CA THR H 148 18.98 34.00 66.68
C THR H 148 18.66 35.33 67.39
N ALA H 149 19.46 35.70 68.40
CA ALA H 149 19.33 37.00 69.08
C ALA H 149 19.53 38.21 68.14
N ALA H 150 20.11 37.97 66.94
CA ALA H 150 20.19 38.96 65.87
C ALA H 150 18.81 39.48 65.43
N CYS H 151 17.77 38.64 65.55
CA CYS H 151 16.38 39.08 65.46
C CYS H 151 15.45 38.11 66.17
N ASP H 152 14.93 38.48 67.35
CA ASP H 152 14.06 37.59 68.12
C ASP H 152 12.78 37.21 67.36
N GLN H 153 12.35 38.01 66.38
CA GLN H 153 11.21 37.67 65.51
C GLN H 153 11.46 36.39 64.70
N VAL H 154 12.73 36.10 64.35
CA VAL H 154 13.10 34.81 63.76
C VAL H 154 12.77 33.67 64.73
N ARG H 155 13.23 33.80 65.98
CA ARG H 155 12.95 32.82 67.02
C ARG H 155 11.44 32.67 67.23
N MET H 156 10.71 33.78 67.25
CA MET H 156 9.26 33.80 67.40
C MET H 156 8.58 32.97 66.30
N GLU H 157 8.85 33.27 65.03
CA GLU H 157 8.20 32.56 63.93
C GLU H 157 8.60 31.07 63.89
N CYS H 158 9.90 30.77 64.10
CA CYS H 158 10.35 29.39 64.26
C CYS H 158 9.57 28.69 65.38
N GLY H 159 9.48 29.34 66.53
CA GLY H 159 8.78 28.84 67.72
C GLY H 159 7.29 28.62 67.48
N LYS H 160 6.60 29.56 66.82
CA LYS H 160 5.18 29.40 66.49
C LYS H 160 4.98 28.17 65.61
N VAL H 161 5.83 28.00 64.58
CA VAL H 161 5.78 26.82 63.74
C VAL H 161 6.02 25.55 64.57
N LEU H 162 7.06 25.55 65.41
CA LEU H 162 7.34 24.43 66.31
C LEU H 162 6.14 24.10 67.18
N GLU H 163 5.48 25.13 67.74
CA GLU H 163 4.21 25.02 68.47
C GLU H 163 3.17 24.27 67.65
N GLU H 164 2.91 24.66 66.39
CA GLU H 164 2.00 23.93 65.51
C GLU H 164 2.41 22.48 65.33
N CYS H 165 3.73 22.25 65.26
CA CYS H 165 4.33 20.99 64.86
C CYS H 165 4.65 20.06 66.04
N THR H 166 4.30 20.46 67.28
CA THR H 166 4.53 19.64 68.46
C THR H 166 3.55 18.46 68.59
N SER H 167 3.50 17.61 67.55
CA SER H 167 2.88 16.29 67.61
C SER H 167 3.61 15.42 68.64
N SER H 168 2.97 14.31 69.08
CA SER H 168 3.62 13.34 69.96
C SER H 168 4.97 12.86 69.41
N ALA H 169 5.02 12.55 68.11
CA ALA H 169 6.23 12.10 67.44
C ALA H 169 7.30 13.19 67.35
N ASN H 170 6.88 14.46 67.22
CA ASN H 170 7.77 15.61 67.18
C ASN H 170 8.35 15.92 68.57
N LEU H 171 7.53 15.79 69.62
CA LEU H 171 7.99 15.89 70.99
C LEU H 171 8.95 14.75 71.32
N GLU H 172 8.63 13.54 70.87
CA GLU H 172 9.51 12.38 70.98
C GLU H 172 10.85 12.62 70.27
N TYR H 173 10.82 13.22 69.07
CA TYR H 173 12.03 13.62 68.36
C TYR H 173 12.88 14.58 69.20
N ILE H 174 12.26 15.63 69.75
CA ILE H 174 12.89 16.59 70.65
C ILE H 174 13.60 15.88 71.81
N VAL H 175 12.91 14.92 72.43
CA VAL H 175 13.41 14.11 73.55
C VAL H 175 14.58 13.20 73.11
N ASN H 176 14.43 12.52 71.97
CA ASN H 176 15.43 11.61 71.40
C ASN H 176 16.73 12.36 71.05
N LYS H 177 16.61 13.59 70.56
CA LYS H 177 17.74 14.48 70.25
C LYS H 177 18.21 15.31 71.44
N SER H 178 17.53 15.18 72.60
CA SER H 178 17.84 15.84 73.86
C SER H 178 17.79 17.38 73.78
N TYR H 179 17.03 17.93 72.82
CA TYR H 179 16.82 19.36 72.72
C TYR H 179 15.94 19.93 73.84
N THR H 180 15.34 19.06 74.67
CA THR H 180 14.26 19.38 75.60
C THR H 180 14.60 20.57 76.52
N LYS H 181 15.72 20.48 77.25
CA LYS H 181 16.11 21.52 78.19
C LYS H 181 16.58 22.80 77.49
N LYS H 182 17.21 22.67 76.32
CA LYS H 182 17.60 23.81 75.48
C LYS H 182 16.36 24.62 75.07
N ILE H 183 15.34 23.94 74.56
CA ILE H 183 14.04 24.51 74.20
C ILE H 183 13.38 25.14 75.41
N MET H 184 13.37 24.44 76.56
CA MET H 184 12.79 24.93 77.80
C MET H 184 13.41 26.27 78.20
N ILE H 185 14.74 26.32 78.32
CA ILE H 185 15.46 27.52 78.73
C ILE H 185 15.20 28.66 77.74
N VAL H 186 15.22 28.35 76.43
CA VAL H 186 14.95 29.34 75.40
C VAL H 186 13.50 29.84 75.43
N ALA H 187 12.54 28.98 75.77
CA ALA H 187 11.17 29.39 76.09
C ALA H 187 11.13 30.32 77.32
N MET H 188 11.90 30.00 78.38
CA MET H 188 12.01 30.88 79.53
C MET H 188 12.62 32.24 79.17
N LYS H 189 13.51 32.30 78.18
CA LYS H 189 14.06 33.54 77.63
C LYS H 189 13.05 34.31 76.79
N LEU H 190 12.06 33.62 76.18
CA LEU H 190 10.95 34.28 75.50
C LEU H 190 9.98 34.86 76.53
N ASN H 191 10.28 36.08 76.99
CA ASN H 191 9.54 36.72 78.06
C ASN H 191 9.30 38.22 77.83
N LYS H 192 9.88 38.80 76.76
CA LYS H 192 10.03 40.26 76.58
C LYS H 192 8.70 40.98 76.31
N THR H 193 7.72 40.26 75.75
CA THR H 193 6.41 40.78 75.37
C THR H 193 5.32 39.75 75.68
N PRO H 194 4.02 40.13 75.77
CA PRO H 194 2.94 39.16 75.90
C PRO H 194 2.91 38.07 74.82
N ASP H 195 3.35 38.40 73.59
CA ASP H 195 3.47 37.43 72.52
C ASP H 195 4.53 36.38 72.86
N GLN H 196 5.74 36.83 73.27
CA GLN H 196 6.81 35.95 73.71
C GLN H 196 6.34 35.06 74.85
N GLN H 197 5.67 35.67 75.84
CA GLN H 197 5.15 35.00 77.01
C GLN H 197 4.13 33.92 76.65
N ARG H 198 3.19 34.23 75.75
CA ARG H 198 2.21 33.27 75.27
C ARG H 198 2.89 32.09 74.56
N LEU H 199 3.79 32.40 73.62
CA LEU H 199 4.54 31.37 72.90
C LEU H 199 5.35 30.50 73.84
N SER H 200 6.02 31.14 74.80
CA SER H 200 6.78 30.50 75.86
C SER H 200 5.90 29.46 76.59
N LEU H 201 4.81 29.94 77.21
CA LEU H 201 3.85 29.09 77.89
C LEU H 201 3.30 27.99 77.00
N SER H 202 3.12 28.28 75.70
CA SER H 202 2.71 27.29 74.73
C SER H 202 3.75 26.17 74.59
N LEU H 203 4.98 26.52 74.24
CA LEU H 203 6.04 25.55 74.03
C LEU H 203 6.28 24.74 75.30
N ILE H 204 6.33 25.43 76.46
CA ILE H 204 6.39 24.84 77.79
C ILE H 204 5.26 23.81 77.98
N GLY H 205 4.01 24.23 77.77
CA GLY H 205 2.85 23.34 77.85
C GLY H 205 2.88 22.18 76.86
N ASN H 206 3.45 22.40 75.68
CA ASN H 206 3.60 21.36 74.68
C ASN H 206 4.64 20.31 75.10
N LEU H 207 5.78 20.74 75.67
CA LEU H 207 6.76 19.82 76.25
C LEU H 207 6.11 18.96 77.35
N PHE H 208 5.20 19.57 78.14
CA PHE H 208 4.44 18.89 79.17
C PHE H 208 3.36 17.92 78.62
N LYS H 209 3.31 17.68 77.30
CA LYS H 209 2.48 16.61 76.75
C LYS H 209 3.27 15.31 76.55
N HIS H 210 4.58 15.31 76.85
CA HIS H 210 5.35 14.06 76.83
C HIS H 210 5.29 13.37 78.19
N SER H 211 5.67 12.08 78.23
CA SER H 211 5.55 11.15 79.35
C SER H 211 6.10 11.67 80.69
N ASN H 212 5.69 11.04 81.80
CA ASN H 212 5.90 11.45 83.19
C ASN H 212 7.34 11.91 83.48
N ALA H 213 8.34 11.13 83.04
CA ALA H 213 9.75 11.40 83.28
C ALA H 213 10.19 12.77 82.73
N VAL H 214 9.67 13.15 81.55
CA VAL H 214 9.97 14.42 80.92
C VAL H 214 9.42 15.58 81.75
N SER H 215 8.13 15.52 82.12
CA SER H 215 7.51 16.52 82.97
C SER H 215 8.27 16.68 84.28
N LEU H 216 8.58 15.54 84.95
CA LEU H 216 9.31 15.54 86.19
C LEU H 216 10.69 16.19 86.06
N SER H 217 11.42 15.84 85.00
CA SER H 217 12.72 16.42 84.67
C SER H 217 12.60 17.94 84.46
N LEU H 218 11.51 18.40 83.82
CA LEU H 218 11.31 19.82 83.60
C LEU H 218 10.89 20.56 84.86
N ILE H 219 10.26 19.91 85.86
CA ILE H 219 10.04 20.52 87.17
C ILE H 219 11.36 21.00 87.79
N GLU H 220 12.45 20.28 87.56
CA GLU H 220 13.77 20.58 88.12
C GLU H 220 14.32 21.90 87.56
N THR H 221 13.74 22.44 86.47
CA THR H 221 14.13 23.74 85.93
C THR H 221 13.50 24.89 86.70
N ASP H 222 12.52 24.61 87.57
CA ASP H 222 11.70 25.60 88.27
C ASP H 222 10.92 26.49 87.31
N VAL H 223 10.66 26.00 86.09
CA VAL H 223 9.81 26.68 85.10
C VAL H 223 8.42 27.02 85.67
N ILE H 224 7.94 26.30 86.71
CA ILE H 224 6.65 26.59 87.33
C ILE H 224 6.63 28.03 87.86
N ASP H 225 7.71 28.47 88.50
CA ASP H 225 7.87 29.84 88.98
C ASP H 225 7.91 30.83 87.82
N HIS H 226 8.58 30.48 86.71
CA HIS H 226 8.56 31.24 85.48
C HIS H 226 7.15 31.40 84.91
N ILE H 227 6.36 30.29 84.92
CA ILE H 227 4.98 30.26 84.48
C ILE H 227 4.15 31.24 85.34
N ILE H 228 4.27 31.10 86.67
CA ILE H 228 3.55 31.90 87.64
C ILE H 228 3.87 33.37 87.39
N LEU H 229 5.16 33.73 87.35
CA LEU H 229 5.58 35.09 87.06
C LEU H 229 5.04 35.59 85.71
N THR H 230 5.01 34.72 84.69
CA THR H 230 4.54 35.09 83.35
C THR H 230 3.06 35.48 83.36
N PHE H 231 2.18 34.64 83.92
CA PHE H 231 0.76 35.00 83.98
C PHE H 231 0.50 36.15 84.97
N LYS H 232 1.29 36.23 86.05
CA LYS H 232 1.20 37.29 87.04
C LYS H 232 1.58 38.66 86.45
N ARG H 233 2.56 38.66 85.52
CA ARG H 233 2.96 39.84 84.75
C ARG H 233 1.85 40.32 83.83
N ALA H 234 1.17 39.39 83.13
CA ALA H 234 0.29 39.70 82.03
C ALA H 234 -1.10 39.02 82.14
N PRO H 235 -1.91 39.33 83.18
CA PRO H 235 -3.33 38.93 83.22
C PRO H 235 -4.19 39.63 82.19
N GLU H 236 -3.65 40.70 81.57
CA GLU H 236 -4.31 41.49 80.53
C GLU H 236 -4.57 40.66 79.25
N CYS H 237 -3.82 39.55 79.08
CA CYS H 237 -3.94 38.71 77.90
C CYS H 237 -4.65 37.41 78.27
N PRO H 238 -5.90 37.15 77.78
CA PRO H 238 -6.58 35.86 77.99
C PRO H 238 -5.76 34.69 77.46
N ASP H 239 -5.04 34.88 76.35
CA ASP H 239 -4.27 33.83 75.71
C ASP H 239 -3.09 33.38 76.58
N ILE H 240 -2.50 34.29 77.36
CA ILE H 240 -1.50 33.94 78.37
C ILE H 240 -2.13 33.06 79.44
N LEU H 241 -3.30 33.45 79.97
CA LEU H 241 -4.00 32.68 80.98
C LEU H 241 -4.37 31.29 80.43
N ARG H 242 -4.77 31.19 79.16
CA ARG H 242 -5.03 29.93 78.46
C ARG H 242 -3.77 29.05 78.44
N HIS H 243 -2.66 29.59 77.93
CA HIS H 243 -1.43 28.82 77.79
C HIS H 243 -0.82 28.45 79.15
N ALA H 244 -1.03 29.29 80.16
CA ALA H 244 -0.67 28.98 81.55
C ALA H 244 -1.51 27.81 82.07
N ALA H 245 -2.85 27.94 82.02
CA ALA H 245 -3.77 26.92 82.50
C ALA H 245 -3.54 25.60 81.75
N LEU H 246 -3.32 25.67 80.43
CA LEU H 246 -2.87 24.59 79.56
C LEU H 246 -1.60 23.91 80.10
N ALA H 247 -0.55 24.70 80.34
CA ALA H 247 0.73 24.18 80.82
C ALA H 247 0.54 23.43 82.14
N LEU H 248 -0.25 24.02 83.06
CA LEU H 248 -0.55 23.43 84.35
C LEU H 248 -1.37 22.14 84.20
N ALA H 249 -2.43 22.17 83.37
CA ALA H 249 -3.24 20.99 83.08
C ALA H 249 -2.36 19.87 82.51
N ASN H 250 -1.56 20.19 81.49
CA ASN H 250 -0.69 19.24 80.81
C ASN H 250 0.31 18.64 81.80
N ILE H 251 1.07 19.47 82.52
CA ILE H 251 2.10 18.95 83.43
C ILE H 251 1.47 18.07 84.51
N LEU H 252 0.35 18.49 85.12
CA LEU H 252 -0.34 17.69 86.13
C LEU H 252 -0.81 16.36 85.56
N LEU H 253 -1.36 16.37 84.34
CA LEU H 253 -1.84 15.18 83.66
C LEU H 253 -0.71 14.25 83.26
N TYR H 254 0.48 14.81 83.01
CA TYR H 254 1.67 14.07 82.62
C TYR H 254 2.75 14.03 83.72
N THR H 255 2.36 13.90 84.99
CA THR H 255 3.29 13.82 86.11
C THR H 255 2.85 12.81 87.17
N CYS H 256 3.84 12.20 87.86
CA CYS H 256 3.67 11.32 89.01
C CYS H 256 3.18 12.05 90.27
N PHE H 257 2.92 11.29 91.36
CA PHE H 257 2.47 11.84 92.65
C PHE H 257 3.47 12.86 93.20
N GLU H 258 4.77 12.49 93.18
CA GLU H 258 5.84 13.29 93.76
C GLU H 258 5.95 14.64 93.03
N GLY H 259 5.96 14.59 91.69
CA GLY H 259 5.97 15.79 90.87
C GLY H 259 4.74 16.66 91.04
N LYS H 260 3.54 16.05 91.12
CA LYS H 260 2.29 16.74 91.43
C LYS H 260 2.43 17.49 92.76
N LYS H 261 2.95 16.82 93.81
CA LYS H 261 3.23 17.44 95.10
C LYS H 261 4.17 18.66 94.97
N LYS H 262 5.28 18.52 94.22
CA LYS H 262 6.22 19.61 93.91
C LYS H 262 5.54 20.78 93.20
N ILE H 263 4.68 20.50 92.21
CA ILE H 263 3.89 21.51 91.50
C ILE H 263 2.98 22.25 92.49
N ILE H 264 2.26 21.51 93.35
CA ILE H 264 1.33 22.06 94.33
C ILE H 264 2.05 22.97 95.32
N GLN H 265 3.26 22.62 95.75
CA GLN H 265 4.10 23.41 96.64
C GLN H 265 4.39 24.82 96.09
N LYS H 266 4.30 25.02 94.77
CA LYS H 266 4.42 26.32 94.11
C LYS H 266 3.11 27.12 94.20
N LYS H 267 2.24 26.80 95.18
CA LYS H 267 0.91 27.38 95.42
C LYS H 267 -0.03 27.24 94.21
N ILE H 268 0.14 26.16 93.47
CA ILE H 268 -0.55 26.01 92.18
C ILE H 268 -2.06 25.83 92.34
N PRO H 269 -2.61 25.14 93.38
CA PRO H 269 -4.06 25.14 93.61
C PRO H 269 -4.65 26.54 93.73
N GLU H 270 -3.96 27.44 94.42
CA GLU H 270 -4.36 28.84 94.62
C GLU H 270 -4.22 29.62 93.31
N TRP H 271 -3.17 29.38 92.53
CA TRP H 271 -3.08 29.96 91.19
C TRP H 271 -4.18 29.44 90.25
N LEU H 272 -4.55 28.17 90.39
CA LEU H 272 -5.66 27.59 89.63
C LEU H 272 -7.00 28.13 90.10
N PHE H 273 -7.16 28.49 91.38
CA PHE H 273 -8.30 29.30 91.85
C PHE H 273 -8.36 30.62 91.11
N PHE H 274 -7.23 31.34 91.08
CA PHE H 274 -7.11 32.59 90.35
C PHE H 274 -7.56 32.40 88.89
N LEU H 275 -6.97 31.42 88.19
CA LEU H 275 -7.26 31.13 86.79
C LEU H 275 -8.73 30.74 86.56
N ALA H 276 -9.29 29.86 87.40
CA ALA H 276 -10.69 29.46 87.34
C ALA H 276 -11.65 30.62 87.67
N SER H 277 -11.16 31.64 88.37
CA SER H 277 -11.91 32.87 88.69
C SER H 277 -11.88 33.89 87.54
N GLN H 278 -10.94 33.77 86.59
CA GLN H 278 -10.87 34.67 85.43
C GLN H 278 -12.03 34.39 84.48
N ALA H 279 -12.44 35.42 83.72
CA ALA H 279 -13.66 35.39 82.93
C ALA H 279 -13.56 34.49 81.68
N ASP H 280 -12.33 34.16 81.25
CA ASP H 280 -12.10 33.34 80.07
C ASP H 280 -12.46 31.86 80.30
N ASP H 281 -13.47 31.39 79.57
CA ASP H 281 -13.95 30.01 79.63
C ASP H 281 -12.89 28.96 79.27
N VAL H 282 -11.94 29.27 78.38
CA VAL H 282 -10.90 28.32 77.99
C VAL H 282 -9.87 28.17 79.11
N THR H 283 -9.43 29.29 79.70
CA THR H 283 -8.64 29.30 80.93
C THR H 283 -9.36 28.53 82.03
N ARG H 284 -10.66 28.80 82.24
CA ARG H 284 -11.45 28.13 83.27
C ARG H 284 -11.51 26.63 83.03
N TYR H 285 -11.77 26.21 81.78
CA TYR H 285 -11.77 24.80 81.38
C TYR H 285 -10.45 24.12 81.77
N TYR H 286 -9.32 24.67 81.33
CA TYR H 286 -8.01 24.13 81.66
C TYR H 286 -7.76 24.15 83.17
N ALA H 287 -8.15 25.23 83.87
CA ALA H 287 -7.97 25.35 85.31
C ALA H 287 -8.79 24.29 86.05
N CYS H 288 -10.04 24.05 85.61
CA CYS H 288 -10.91 23.02 86.14
C CYS H 288 -10.30 21.63 85.92
N ILE H 289 -9.76 21.36 84.72
CA ILE H 289 -9.06 20.10 84.43
C ILE H 289 -7.87 19.94 85.35
N ALA H 290 -7.02 20.98 85.46
CA ALA H 290 -5.83 20.95 86.30
C ALA H 290 -6.18 20.63 87.76
N VAL H 291 -7.13 21.37 88.33
CA VAL H 291 -7.49 21.11 89.73
C VAL H 291 -8.17 19.76 89.87
N CYS H 292 -9.01 19.37 88.93
CA CYS H 292 -9.66 18.06 88.99
C CYS H 292 -8.67 16.91 88.83
N THR H 293 -7.56 17.14 88.12
CA THR H 293 -6.44 16.22 88.06
C THR H 293 -5.83 16.05 89.46
N ILE H 294 -5.64 17.17 90.18
CA ILE H 294 -5.15 17.16 91.56
C ILE H 294 -6.15 16.46 92.49
N VAL H 295 -7.45 16.82 92.40
CA VAL H 295 -8.58 16.28 93.15
C VAL H 295 -8.74 14.78 92.93
N SER H 296 -8.30 14.27 91.79
CA SER H 296 -8.30 12.83 91.50
C SER H 296 -7.33 12.04 92.41
N VAL H 297 -6.44 12.74 93.14
CA VAL H 297 -5.57 12.18 94.17
C VAL H 297 -6.06 12.57 95.56
N LYS H 298 -6.37 11.59 96.40
CA LYS H 298 -6.92 11.77 97.76
C LYS H 298 -6.17 12.84 98.59
N GLU H 299 -4.84 12.71 98.67
CA GLU H 299 -4.00 13.53 99.54
C GLU H 299 -3.90 14.99 99.09
N PHE H 300 -4.34 15.30 97.87
CA PHE H 300 -4.36 16.65 97.36
C PHE H 300 -5.76 17.29 97.31
N GLU H 301 -6.83 16.49 97.52
CA GLU H 301 -8.19 17.01 97.62
C GLU H 301 -8.28 18.15 98.66
N PRO H 302 -7.73 17.99 99.91
CA PRO H 302 -7.71 19.07 100.90
C PRO H 302 -6.99 20.33 100.44
N LEU H 303 -5.93 20.19 99.63
CA LEU H 303 -5.17 21.32 99.11
C LEU H 303 -6.00 22.13 98.10
N VAL H 304 -6.77 21.43 97.24
CA VAL H 304 -7.69 22.11 96.36
C VAL H 304 -8.90 22.67 97.11
N ARG H 305 -9.37 21.98 98.17
CA ARG H 305 -10.42 22.50 99.05
C ARG H 305 -9.97 23.84 99.68
N LYS H 306 -8.75 23.86 100.20
CA LYS H 306 -8.16 25.02 100.91
C LYS H 306 -7.90 26.17 99.96
N SER H 307 -7.59 25.88 98.71
CA SER H 307 -7.46 26.93 97.66
C SER H 307 -8.82 27.39 97.15
N ASP H 308 -9.96 26.83 97.60
CA ASP H 308 -11.30 27.22 97.22
C ASP H 308 -11.66 26.98 95.74
N THR H 309 -10.77 26.35 94.97
CA THR H 309 -10.98 26.12 93.55
C THR H 309 -12.18 25.19 93.30
N MET H 310 -12.34 24.12 94.12
CA MET H 310 -13.19 22.98 93.73
C MET H 310 -14.66 23.41 93.51
N LYS H 311 -15.12 24.36 94.33
CA LYS H 311 -16.51 24.81 94.41
C LYS H 311 -16.94 25.58 93.15
N LEU H 312 -16.00 26.16 92.42
CA LEU H 312 -16.16 26.84 91.15
C LEU H 312 -16.45 25.88 89.98
N VAL H 313 -16.00 24.64 90.05
CA VAL H 313 -15.96 23.65 88.96
C VAL H 313 -17.35 23.44 88.35
N GLU H 314 -18.30 22.93 89.13
CA GLU H 314 -19.59 22.55 88.58
C GLU H 314 -20.38 23.79 88.11
N PRO H 315 -20.42 24.93 88.83
CA PRO H 315 -20.96 26.18 88.31
C PRO H 315 -20.37 26.61 86.97
N PHE H 316 -19.06 26.50 86.78
CA PHE H 316 -18.45 26.74 85.47
C PHE H 316 -19.05 25.83 84.37
N LEU H 317 -19.16 24.52 84.67
CA LEU H 317 -19.66 23.54 83.72
C LEU H 317 -21.12 23.78 83.39
N GLN H 318 -21.96 24.07 84.41
CA GLN H 318 -23.41 24.19 84.28
C GLN H 318 -23.84 25.24 83.24
N VAL H 319 -23.08 26.35 83.09
CA VAL H 319 -23.40 27.42 82.16
C VAL H 319 -22.86 27.18 80.74
N HIS H 320 -22.38 25.95 80.46
CA HIS H 320 -21.84 25.58 79.16
C HIS H 320 -22.36 24.22 78.67
N ASP H 321 -22.44 24.13 77.33
CA ASP H 321 -22.70 22.87 76.66
C ASP H 321 -21.43 22.44 75.92
N PRO H 322 -20.97 21.17 76.07
CA PRO H 322 -19.73 20.72 75.45
C PRO H 322 -19.58 20.99 73.98
N ALA H 323 -20.65 20.89 73.18
CA ALA H 323 -20.57 21.17 71.75
C ALA H 323 -20.40 22.67 71.45
N THR H 324 -21.04 23.55 72.23
CA THR H 324 -20.85 24.99 72.12
C THR H 324 -19.41 25.36 72.48
N PHE H 325 -18.92 24.77 73.59
CA PHE H 325 -17.55 24.96 74.02
C PHE H 325 -16.60 24.40 72.96
N ALA H 326 -16.89 23.27 72.32
CA ALA H 326 -16.08 22.71 71.24
C ALA H 326 -15.87 23.73 70.11
N ARG H 327 -16.97 24.38 69.71
CA ARG H 327 -16.96 25.38 68.65
C ARG H 327 -16.16 26.63 69.05
N ASP H 328 -16.10 26.94 70.34
CA ASP H 328 -15.28 28.03 70.88
C ASP H 328 -13.79 27.61 70.96
N TYR H 329 -13.57 26.39 71.45
CA TYR H 329 -12.30 25.82 71.86
C TYR H 329 -11.51 25.30 70.67
N HIS H 330 -12.13 25.09 69.50
CA HIS H 330 -11.50 24.52 68.30
C HIS H 330 -10.03 24.92 68.10
N LYS H 331 -9.74 26.23 68.14
CA LYS H 331 -8.41 26.80 67.98
C LYS H 331 -7.33 26.14 68.85
N TYR H 332 -7.78 25.64 70.02
CA TYR H 332 -6.96 25.01 71.05
C TYR H 332 -7.17 23.50 71.10
N ALA H 333 -8.34 23.03 70.62
CA ALA H 333 -8.66 21.61 70.51
C ALA H 333 -7.82 20.92 69.44
N GLN H 334 -7.34 21.67 68.45
CA GLN H 334 -6.31 21.24 67.51
C GLN H 334 -5.11 20.62 68.24
N GLY H 335 -4.93 19.29 68.08
CA GLY H 335 -3.85 18.57 68.73
C GLY H 335 -4.17 17.93 70.10
N ASN H 336 -5.43 18.01 70.59
CA ASN H 336 -5.90 17.15 71.66
C ASN H 336 -5.86 15.68 71.18
N THR H 337 -5.30 14.76 72.00
CA THR H 337 -4.72 13.51 71.48
C THR H 337 -5.01 12.31 72.38
N LYS H 338 -5.02 11.09 71.80
CA LYS H 338 -5.42 9.85 72.43
C LYS H 338 -4.75 9.62 73.78
N GLU H 339 -3.44 9.77 73.87
CA GLU H 339 -2.69 9.49 75.09
C GLU H 339 -3.08 10.43 76.24
N TRP H 340 -3.35 11.67 75.87
CA TRP H 340 -3.79 12.72 76.78
C TRP H 340 -5.23 12.43 77.22
N LEU H 341 -6.08 11.88 76.34
CA LEU H 341 -7.39 11.33 76.70
C LEU H 341 -7.27 10.13 77.64
N GLU H 342 -6.36 9.18 77.37
CA GLU H 342 -6.13 8.01 78.22
C GLU H 342 -5.83 8.42 79.67
N ARG H 343 -5.11 9.52 79.84
CA ARG H 343 -4.76 10.08 81.15
C ARG H 343 -5.92 10.83 81.79
N LEU H 344 -6.84 11.39 80.99
CA LEU H 344 -8.05 12.05 81.47
C LEU H 344 -9.16 11.05 81.86
N LEU H 345 -9.19 9.87 81.22
CA LEU H 345 -10.19 8.83 81.44
C LEU H 345 -10.35 8.48 82.93
N PRO H 346 -9.29 8.24 83.74
CA PRO H 346 -9.42 8.03 85.18
C PRO H 346 -10.24 9.03 85.99
N MET H 347 -10.41 10.26 85.46
CA MET H 347 -11.20 11.28 86.15
C MET H 347 -12.72 11.01 86.06
N LEU H 348 -13.16 10.14 85.14
CA LEU H 348 -14.54 9.65 85.07
C LEU H 348 -14.86 8.63 86.15
N GLN H 349 -13.86 8.02 86.81
CA GLN H 349 -14.08 6.86 87.66
C GLN H 349 -14.91 7.18 88.90
N PRO H 350 -15.86 6.30 89.32
CA PRO H 350 -16.65 6.50 90.55
C PRO H 350 -15.88 6.71 91.86
N SER H 351 -14.57 6.42 91.85
CA SER H 351 -13.64 6.71 92.94
C SER H 351 -13.38 8.22 93.11
N ARG H 352 -13.51 9.00 92.04
CA ARG H 352 -13.17 10.42 92.01
C ARG H 352 -14.34 11.27 92.49
N ARG H 353 -14.05 12.55 92.80
CA ARG H 353 -15.06 13.55 93.14
C ARG H 353 -16.09 13.76 92.02
N ARG H 354 -17.33 14.13 92.41
CA ARG H 354 -18.36 14.60 91.50
C ARG H 354 -17.85 15.71 90.56
N GLU H 355 -17.07 16.66 91.08
CA GLU H 355 -16.44 17.73 90.31
C GLU H 355 -15.58 17.15 89.19
N ALA H 356 -14.62 16.28 89.54
CA ALA H 356 -13.72 15.64 88.59
C ALA H 356 -14.47 14.84 87.53
N ARG H 357 -15.46 14.04 87.96
CA ARG H 357 -16.34 13.30 87.06
C ARG H 357 -17.12 14.22 86.13
N SER H 358 -17.59 15.38 86.64
CA SER H 358 -18.32 16.36 85.85
C SER H 358 -17.43 16.98 84.77
N VAL H 359 -16.21 17.40 85.15
CA VAL H 359 -15.22 17.95 84.22
C VAL H 359 -14.88 16.91 83.16
N ALA H 360 -14.54 15.69 83.59
CA ALA H 360 -14.17 14.61 82.70
C ALA H 360 -15.31 14.32 81.72
N ALA H 361 -16.55 14.20 82.23
CA ALA H 361 -17.71 13.93 81.40
C ALA H 361 -17.91 15.02 80.36
N PHE H 362 -17.94 16.30 80.78
CA PHE H 362 -18.05 17.44 79.88
C PHE H 362 -16.99 17.38 78.78
N HIS H 363 -15.73 17.15 79.22
CA HIS H 363 -14.58 17.08 78.35
C HIS H 363 -14.72 15.94 77.34
N PHE H 364 -15.10 14.73 77.77
CA PHE H 364 -15.30 13.61 76.88
C PHE H 364 -16.45 13.85 75.90
N THR H 365 -17.49 14.60 76.31
CA THR H 365 -18.52 15.00 75.36
C THR H 365 -17.97 15.94 74.29
N LEU H 366 -17.16 16.92 74.71
CA LEU H 366 -16.49 17.86 73.83
C LEU H 366 -15.63 17.09 72.82
N GLU H 367 -14.79 16.16 73.32
CA GLU H 367 -13.92 15.33 72.49
C GLU H 367 -14.74 14.44 71.55
N ALA H 368 -15.80 13.80 72.05
CA ALA H 368 -16.69 13.02 71.20
C ALA H 368 -17.24 13.89 70.06
N THR H 369 -17.62 15.14 70.35
CA THR H 369 -18.07 16.09 69.34
C THR H 369 -17.03 16.27 68.23
N ILE H 370 -15.79 16.58 68.64
CA ILE H 370 -14.67 16.81 67.74
C ILE H 370 -14.31 15.53 66.97
N LYS H 371 -14.30 14.40 67.64
CA LYS H 371 -13.94 13.12 67.05
C LYS H 371 -15.06 12.62 66.12
N LYS H 372 -16.31 13.05 66.28
CA LYS H 372 -17.33 12.83 65.27
C LYS H 372 -16.98 13.55 63.98
N GLU H 373 -16.64 14.83 64.10
CA GLU H 373 -16.27 15.67 62.96
C GLU H 373 -15.06 15.06 62.22
N GLN H 374 -14.04 14.67 62.97
CA GLN H 374 -12.82 14.05 62.46
C GLN H 374 -13.01 12.59 62.08
N ASN H 375 -14.17 11.99 62.35
CA ASN H 375 -14.48 10.59 62.10
C ASN H 375 -13.50 9.63 62.80
N LYS H 376 -13.29 9.85 64.10
CA LYS H 376 -12.38 9.05 64.93
C LYS H 376 -12.99 8.69 66.29
N LEU H 377 -14.30 8.41 66.31
CA LEU H 377 -15.02 8.05 67.53
C LEU H 377 -14.57 6.71 68.09
N ASP H 378 -13.99 5.86 67.23
CA ASP H 378 -13.37 4.59 67.59
C ASP H 378 -12.39 4.72 68.77
N VAL H 379 -11.73 5.85 68.92
CA VAL H 379 -10.80 6.10 70.02
C VAL H 379 -11.40 5.77 71.39
N PHE H 380 -12.68 6.13 71.63
CA PHE H 380 -13.31 5.93 72.92
C PHE H 380 -13.60 4.46 73.20
N GLN H 381 -13.80 3.65 72.14
CA GLN H 381 -13.88 2.20 72.23
C GLN H 381 -12.49 1.61 72.49
N GLU H 382 -11.47 2.10 71.78
CA GLU H 382 -10.09 1.62 71.89
C GLU H 382 -9.56 1.79 73.32
N ILE H 383 -9.78 2.98 73.91
CA ILE H 383 -9.33 3.26 75.28
C ILE H 383 -10.34 2.77 76.32
N GLY H 384 -11.51 2.25 75.89
CA GLY H 384 -12.54 1.72 76.77
C GLY H 384 -13.31 2.78 77.56
N ALA H 385 -13.19 4.06 77.18
CA ALA H 385 -13.86 5.18 77.84
C ALA H 385 -15.39 5.04 77.88
N ILE H 386 -15.95 4.34 76.90
CA ILE H 386 -17.38 4.10 76.76
C ILE H 386 -17.96 3.47 78.04
N GLN H 387 -17.22 2.53 78.65
CA GLN H 387 -17.63 1.89 79.90
C GLN H 387 -17.71 2.91 81.04
N ALA H 388 -16.66 3.73 81.21
CA ALA H 388 -16.63 4.74 82.25
C ALA H 388 -17.72 5.80 82.03
N LEU H 389 -18.00 6.16 80.76
CA LEU H 389 -19.12 7.03 80.42
C LEU H 389 -20.47 6.42 80.81
N LYS H 390 -20.66 5.11 80.56
CA LYS H 390 -21.86 4.40 80.99
C LYS H 390 -22.02 4.43 82.51
N GLU H 391 -20.93 4.16 83.25
CA GLU H 391 -20.91 4.26 84.70
C GLU H 391 -21.32 5.66 85.19
N VAL H 392 -20.73 6.71 84.60
CA VAL H 392 -21.07 8.08 84.97
C VAL H 392 -22.51 8.43 84.58
N ALA H 393 -22.97 8.00 83.40
CA ALA H 393 -24.33 8.21 82.95
C ALA H 393 -25.36 7.56 83.88
N SER H 394 -25.02 6.39 84.45
CA SER H 394 -25.82 5.72 85.47
C SER H 394 -25.67 6.31 86.87
N SER H 395 -24.61 7.09 87.14
CA SER H 395 -24.30 7.63 88.46
C SER H 395 -25.29 8.71 88.88
N PRO H 396 -25.44 8.99 90.21
CA PRO H 396 -26.26 10.11 90.68
C PRO H 396 -25.67 11.51 90.48
N ASP H 397 -24.45 11.61 89.93
CA ASP H 397 -23.76 12.88 89.68
C ASP H 397 -24.38 13.59 88.47
N GLU H 398 -25.54 14.21 88.66
CA GLU H 398 -26.47 14.58 87.56
C GLU H 398 -25.78 15.32 86.42
N VAL H 399 -24.92 16.32 86.74
CA VAL H 399 -24.18 17.09 85.73
C VAL H 399 -23.27 16.18 84.89
N ALA H 400 -22.42 15.39 85.59
CA ALA H 400 -21.56 14.41 84.95
C ALA H 400 -22.37 13.39 84.15
N ALA H 401 -23.45 12.87 84.75
CA ALA H 401 -24.31 11.85 84.16
C ALA H 401 -24.96 12.37 82.87
N LYS H 402 -25.42 13.62 82.86
CA LYS H 402 -25.97 14.29 81.68
C LYS H 402 -24.93 14.33 80.57
N PHE H 403 -23.75 14.92 80.85
CA PHE H 403 -22.67 14.99 79.88
C PHE H 403 -22.25 13.61 79.38
N ALA H 404 -22.15 12.62 80.27
CA ALA H 404 -21.80 11.25 79.89
C ALA H 404 -22.86 10.62 78.98
N SER H 405 -24.15 10.86 79.30
CA SER H 405 -25.27 10.43 78.47
C SER H 405 -25.19 11.08 77.08
N GLU H 406 -24.89 12.38 77.04
CA GLU H 406 -24.70 13.14 75.82
C GLU H 406 -23.52 12.60 75.01
N ALA H 407 -22.40 12.31 75.69
CA ALA H 407 -21.23 11.70 75.06
C ALA H 407 -21.61 10.36 74.40
N LEU H 408 -22.29 9.48 75.15
CA LEU H 408 -22.78 8.21 74.64
C LEU H 408 -23.76 8.39 73.49
N THR H 409 -24.55 9.47 73.51
CA THR H 409 -25.44 9.85 72.40
C THR H 409 -24.62 10.13 71.14
N VAL H 410 -23.48 10.82 71.30
CA VAL H 410 -22.56 11.12 70.22
C VAL H 410 -21.84 9.85 69.72
N ILE H 411 -21.51 8.90 70.64
CA ILE H 411 -20.78 7.68 70.32
C ILE H 411 -21.43 6.84 69.21
N GLY H 412 -22.75 6.57 69.29
CA GLY H 412 -23.46 5.79 68.29
C GLY H 412 -22.92 4.37 68.05
N GLU H 413 -22.39 4.13 66.83
CA GLU H 413 -21.98 2.80 66.36
C GLU H 413 -20.74 2.87 65.46
N GLU H 414 -19.99 1.76 65.40
CA GLU H 414 -18.76 1.60 64.64
C GLU H 414 -18.96 1.66 63.12
N VAL H 415 -17.87 1.95 62.40
CA VAL H 415 -17.77 1.64 60.97
C VAL H 415 -17.59 0.14 60.75
N PRO H 416 -18.13 -0.37 59.64
CA PRO H 416 -17.97 -1.78 59.26
C PRO H 416 -16.51 -2.08 58.89
N TYR H 417 -15.93 -1.23 58.03
CA TYR H 417 -14.50 -1.30 57.80
C TYR H 417 -13.95 0.12 57.67
N LYS H 418 -12.79 0.33 58.30
CA LYS H 418 -11.92 1.40 57.88
C LYS H 418 -11.02 0.86 56.78
N LEU H 419 -11.15 1.41 55.56
CA LEU H 419 -10.33 0.92 54.45
C LEU H 419 -8.92 1.47 54.56
N ALA H 420 -7.94 0.56 54.40
CA ALA H 420 -6.55 0.97 54.26
C ALA H 420 -6.36 1.65 52.90
N GLN H 421 -5.73 2.82 52.91
CA GLN H 421 -5.39 3.53 51.69
C GLN H 421 -4.43 2.73 50.80
N GLN H 422 -3.74 1.75 51.37
CA GLN H 422 -2.99 0.75 50.61
C GLN H 422 -3.95 -0.25 49.96
N VAL H 423 -4.73 0.23 49.00
CA VAL H 423 -5.79 -0.57 48.43
C VAL H 423 -5.29 -1.84 47.74
N PRO H 424 -4.04 -1.96 47.23
CA PRO H 424 -3.59 -3.26 46.71
C PRO H 424 -3.72 -4.36 47.77
N GLY H 425 -3.61 -4.01 49.04
CA GLY H 425 -3.78 -4.96 50.13
C GLY H 425 -5.22 -5.40 50.39
N TRP H 426 -6.20 -4.84 49.67
CA TRP H 426 -7.59 -5.19 49.92
C TRP H 426 -7.90 -6.65 49.61
N THR H 427 -8.61 -7.27 50.54
CA THR H 427 -9.26 -8.57 50.39
C THR H 427 -10.49 -8.43 49.51
N CYS H 428 -11.02 -9.58 49.08
CA CYS H 428 -12.29 -9.56 48.39
C CYS H 428 -13.41 -8.95 49.25
N ALA H 429 -13.36 -9.20 50.57
CA ALA H 429 -14.33 -8.61 51.48
C ALA H 429 -14.32 -7.07 51.39
N ASP H 430 -13.11 -6.50 51.34
CA ASP H 430 -12.98 -5.06 51.20
C ASP H 430 -13.59 -4.60 49.88
N VAL H 431 -13.26 -5.28 48.78
CA VAL H 431 -13.82 -4.88 47.51
C VAL H 431 -15.34 -4.94 47.56
N GLN H 432 -15.89 -6.02 48.12
CA GLN H 432 -17.32 -6.19 48.23
C GLN H 432 -17.92 -4.99 48.96
N TYR H 433 -17.32 -4.64 50.09
CA TYR H 433 -17.77 -3.51 50.88
C TYR H 433 -17.74 -2.20 50.10
N TRP H 434 -16.66 -1.97 49.36
CA TRP H 434 -16.53 -0.79 48.52
C TRP H 434 -17.61 -0.74 47.45
N VAL H 435 -17.71 -1.79 46.65
CA VAL H 435 -18.69 -1.94 45.59
C VAL H 435 -20.10 -1.70 46.14
N LYS H 436 -20.39 -2.32 47.29
CA LYS H 436 -21.67 -2.17 47.94
C LYS H 436 -21.93 -0.68 48.18
N LYS H 437 -20.97 -0.04 48.84
CA LYS H 437 -21.17 1.32 49.31
C LYS H 437 -21.21 2.35 48.20
N ILE H 438 -20.49 2.12 47.10
CA ILE H 438 -20.59 2.98 45.93
C ILE H 438 -21.88 2.73 45.14
N GLY H 439 -22.73 1.80 45.58
CA GLY H 439 -24.08 1.66 45.06
C GLY H 439 -24.18 0.67 43.91
N PHE H 440 -23.42 -0.42 44.02
CA PHE H 440 -23.43 -1.48 43.01
C PHE H 440 -23.69 -2.83 43.69
N GLU H 441 -24.58 -2.82 44.68
CA GLU H 441 -24.90 -3.94 45.56
C GLU H 441 -25.24 -5.21 44.79
N GLU H 442 -26.03 -5.07 43.74
CA GLU H 442 -26.50 -6.19 42.94
C GLU H 442 -25.34 -6.95 42.28
N TYR H 443 -24.18 -6.32 42.17
CA TYR H 443 -23.02 -6.94 41.56
C TYR H 443 -22.11 -7.60 42.58
N VAL H 444 -22.30 -7.31 43.86
CA VAL H 444 -21.36 -7.73 44.91
C VAL H 444 -21.16 -9.23 44.89
N GLU H 445 -22.26 -9.97 44.74
CA GLU H 445 -22.24 -11.42 44.63
C GLU H 445 -21.29 -11.87 43.50
N LYS H 446 -21.35 -11.15 42.38
CA LYS H 446 -20.57 -11.47 41.21
C LYS H 446 -19.11 -11.15 41.46
N PHE H 447 -18.80 -10.02 42.11
CA PHE H 447 -17.44 -9.72 42.52
C PHE H 447 -16.88 -10.81 43.42
N ALA H 448 -17.69 -11.27 44.38
CA ALA H 448 -17.33 -12.35 45.28
C ALA H 448 -17.06 -13.63 44.49
N LYS H 449 -17.98 -14.00 43.60
CA LYS H 449 -17.85 -15.16 42.74
C LYS H 449 -16.59 -15.07 41.87
N GLN H 450 -16.30 -13.88 41.37
CA GLN H 450 -15.11 -13.61 40.59
C GLN H 450 -13.85 -13.39 41.44
N MET H 451 -13.97 -13.48 42.76
CA MET H 451 -12.83 -13.51 43.67
C MET H 451 -11.94 -12.25 43.51
N VAL H 452 -12.57 -11.08 43.31
CA VAL H 452 -11.83 -9.88 42.98
C VAL H 452 -11.16 -9.33 44.24
N ASP H 453 -9.91 -8.85 44.10
CA ASP H 453 -9.15 -8.32 45.21
C ASP H 453 -8.58 -6.96 44.87
N GLY H 454 -7.83 -6.35 45.81
CA GLY H 454 -7.30 -4.99 45.64
C GLY H 454 -6.56 -4.76 44.30
N ASP H 455 -5.68 -5.72 44.04
CA ASP H 455 -4.87 -5.74 42.85
C ASP H 455 -5.75 -5.86 41.63
N LEU H 456 -6.66 -6.82 41.64
CA LEU H 456 -7.55 -7.03 40.51
C LEU H 456 -8.42 -5.80 40.24
N LEU H 457 -8.89 -5.11 41.28
CA LEU H 457 -9.64 -3.89 41.03
C LEU H 457 -8.81 -2.93 40.20
N LEU H 458 -7.56 -2.78 40.58
CA LEU H 458 -6.72 -1.79 39.97
C LEU H 458 -6.36 -2.18 38.53
N GLN H 459 -6.53 -3.47 38.15
CA GLN H 459 -6.39 -3.84 36.76
C GLN H 459 -7.65 -3.56 35.90
N LEU H 460 -8.81 -3.28 36.50
CA LEU H 460 -10.04 -3.41 35.75
C LEU H 460 -10.14 -2.51 34.52
N THR H 461 -10.79 -3.09 33.49
CA THR H 461 -11.17 -2.41 32.27
C THR H 461 -12.67 -2.60 32.05
N GLU H 462 -13.25 -1.80 31.16
CA GLU H 462 -14.68 -1.93 30.96
C GLU H 462 -15.05 -3.32 30.43
N ASN H 463 -14.13 -3.95 29.68
CA ASN H 463 -14.35 -5.29 29.18
C ASN H 463 -14.59 -6.29 30.27
N ASP H 464 -13.83 -6.16 31.35
CA ASP H 464 -13.95 -7.04 32.49
C ASP H 464 -15.33 -6.91 33.11
N LEU H 465 -15.80 -5.67 33.22
CA LEU H 465 -17.15 -5.42 33.70
C LEU H 465 -18.16 -6.02 32.73
N LYS H 466 -18.01 -5.70 31.45
CA LYS H 466 -18.91 -6.08 30.38
C LYS H 466 -19.10 -7.58 30.32
N HIS H 467 -17.99 -8.33 30.48
CA HIS H 467 -17.99 -9.78 30.30
C HIS H 467 -18.03 -10.51 31.62
N ASP H 468 -16.99 -10.39 32.46
CA ASP H 468 -16.89 -11.22 33.64
C ASP H 468 -17.86 -10.78 34.76
N VAL H 469 -18.10 -9.49 34.86
CA VAL H 469 -19.15 -9.03 35.76
C VAL H 469 -20.50 -9.05 35.05
N GLY H 470 -20.54 -9.15 33.72
CA GLY H 470 -21.77 -9.14 32.94
C GLY H 470 -22.52 -7.82 33.02
N MET H 471 -21.78 -6.74 33.19
CA MET H 471 -22.36 -5.48 33.61
C MET H 471 -22.66 -4.65 32.36
N ILE H 472 -23.94 -4.63 31.97
CA ILE H 472 -24.37 -4.33 30.61
C ILE H 472 -24.43 -2.82 30.37
N SER H 473 -24.90 -2.06 31.37
CA SER H 473 -25.09 -0.62 31.20
C SER H 473 -23.77 0.11 31.05
N GLY H 474 -23.50 0.64 29.86
CA GLY H 474 -22.33 1.47 29.64
C GLY H 474 -22.31 2.64 30.62
N LEU H 475 -23.48 3.23 30.89
CA LEU H 475 -23.57 4.31 31.85
C LEU H 475 -23.15 3.85 33.23
N HIS H 476 -23.68 2.71 33.67
CA HIS H 476 -23.23 2.16 34.94
C HIS H 476 -21.73 1.95 34.92
N ARG H 477 -21.18 1.46 33.82
CA ARG H 477 -19.73 1.29 33.69
C ARG H 477 -19.02 2.62 33.84
N LYS H 478 -19.46 3.68 33.13
CA LYS H 478 -18.86 5.00 33.25
C LYS H 478 -18.82 5.42 34.72
N ARG H 479 -19.98 5.35 35.37
CA ARG H 479 -20.15 5.71 36.76
C ARG H 479 -19.16 4.94 37.63
N PHE H 480 -19.13 3.63 37.46
CA PHE H 480 -18.24 2.76 38.21
C PHE H 480 -16.79 3.16 38.01
N LEU H 481 -16.40 3.33 36.76
CA LEU H 481 -15.03 3.66 36.42
C LEU H 481 -14.62 5.00 37.00
N ARG H 482 -15.52 5.98 37.02
CA ARG H 482 -15.28 7.25 37.68
C ARG H 482 -14.86 7.01 39.13
N GLU H 483 -15.61 6.18 39.85
CA GLU H 483 -15.27 5.91 41.24
C GLU H 483 -13.91 5.20 41.32
N LEU H 484 -13.71 4.22 40.45
CA LEU H 484 -12.46 3.50 40.44
C LEU H 484 -11.28 4.42 40.15
N GLN H 485 -11.42 5.36 39.22
CA GLN H 485 -10.40 6.35 38.93
C GLN H 485 -10.14 7.19 40.15
N THR H 486 -11.21 7.64 40.81
CA THR H 486 -11.08 8.41 42.02
C THR H 486 -10.26 7.63 43.03
N LEU H 487 -10.63 6.37 43.24
CA LEU H 487 -9.96 5.50 44.19
C LEU H 487 -8.50 5.33 43.80
N LYS H 488 -8.24 5.05 42.52
CA LYS H 488 -6.88 4.92 42.01
C LYS H 488 -6.05 6.15 42.34
N VAL H 489 -6.63 7.33 42.14
CA VAL H 489 -5.91 8.54 42.45
C VAL H 489 -5.63 8.60 43.93
N ALA H 490 -6.65 8.31 44.73
CA ALA H 490 -6.66 8.45 46.17
C ALA H 490 -5.68 7.50 46.85
N ALA H 491 -5.52 6.29 46.30
CA ALA H 491 -4.83 5.20 46.94
C ALA H 491 -3.36 5.51 47.22
N ASP H 492 -2.88 4.99 48.36
CA ASP H 492 -1.45 4.92 48.60
C ASP H 492 -0.87 3.71 47.87
N TYR H 493 0.35 3.86 47.39
CA TYR H 493 1.11 2.81 46.77
C TYR H 493 2.44 2.57 47.49
N SER H 494 2.73 3.27 48.59
CA SER H 494 4.04 3.22 49.22
C SER H 494 4.40 1.81 49.70
N SER H 495 3.37 0.99 49.92
CA SER H 495 3.47 -0.44 50.18
C SER H 495 4.35 -1.16 49.14
N VAL H 496 4.40 -0.63 47.92
CA VAL H 496 5.03 -1.30 46.77
C VAL H 496 5.94 -0.36 45.97
N ASP H 497 5.66 0.94 46.02
CA ASP H 497 6.46 1.95 45.32
C ASP H 497 7.72 2.29 46.11
N GLU H 498 8.79 1.57 45.76
CA GLU H 498 10.13 1.76 46.28
C GLU H 498 10.69 3.13 45.89
N SER H 499 10.21 3.69 44.77
CA SER H 499 10.84 4.80 44.10
C SER H 499 10.15 6.14 44.35
N ASN H 500 9.00 6.11 45.05
CA ASN H 500 8.14 7.28 45.23
C ASN H 500 7.72 7.89 43.88
N LEU H 501 7.57 7.04 42.88
CA LEU H 501 6.95 7.35 41.62
C LEU H 501 5.57 7.97 41.81
N ASP H 502 4.78 7.43 42.75
CA ASP H 502 3.47 7.96 43.07
C ASP H 502 3.58 9.45 43.42
N ASN H 503 4.49 9.74 44.35
CA ASN H 503 4.75 11.08 44.81
C ASN H 503 5.16 11.95 43.63
N PHE H 504 6.05 11.42 42.79
CA PHE H 504 6.51 12.14 41.61
C PHE H 504 5.34 12.54 40.72
N LEU H 505 4.51 11.53 40.37
CA LEU H 505 3.37 11.73 39.51
C LEU H 505 2.40 12.73 40.12
N MET H 506 2.11 12.61 41.42
CA MET H 506 1.25 13.54 42.11
C MET H 506 1.78 14.96 41.96
N GLY H 507 3.09 15.13 42.20
CA GLY H 507 3.75 16.42 42.06
C GLY H 507 3.65 16.97 40.64
N LEU H 508 3.80 16.07 39.65
CA LEU H 508 3.68 16.45 38.25
C LEU H 508 2.26 16.94 37.96
N SER H 509 1.25 16.12 38.32
CA SER H 509 -0.15 16.51 38.43
C SER H 509 -0.95 15.40 39.11
N PRO H 510 -1.82 15.71 40.09
CA PRO H 510 -2.43 14.69 40.95
C PRO H 510 -3.16 13.57 40.22
N GLU H 511 -3.89 13.91 39.16
CA GLU H 511 -4.66 12.91 38.42
C GLU H 511 -3.77 11.81 37.87
N LEU H 512 -2.50 12.12 37.57
CA LEU H 512 -1.60 11.14 37.00
C LEU H 512 -1.36 9.97 37.94
N SER H 513 -1.65 10.13 39.23
CA SER H 513 -1.75 9.05 40.20
C SER H 513 -2.50 7.85 39.63
N VAL H 514 -3.48 8.12 38.78
CA VAL H 514 -4.34 7.10 38.20
C VAL H 514 -3.50 6.03 37.48
N TYR H 515 -2.39 6.43 36.86
CA TYR H 515 -1.59 5.52 36.08
C TYR H 515 -0.61 4.70 36.91
N THR H 516 -0.39 5.13 38.17
CA THR H 516 0.71 4.64 38.99
C THR H 516 0.74 3.13 39.00
N TYR H 517 -0.38 2.52 39.36
CA TYR H 517 -0.34 1.10 39.62
C TYR H 517 -0.03 0.32 38.36
N GLN H 518 -0.62 0.72 37.23
CA GLN H 518 -0.33 0.09 35.97
C GLN H 518 1.17 0.15 35.68
N MET H 519 1.73 1.34 35.65
CA MET H 519 3.13 1.46 35.25
C MET H 519 4.04 0.77 36.28
N LEU H 520 3.69 0.87 37.56
CA LEU H 520 4.43 0.22 38.61
C LEU H 520 4.45 -1.30 38.41
N THR H 521 3.29 -1.87 38.14
CA THR H 521 3.18 -3.31 37.91
C THR H 521 3.83 -3.72 36.58
N ASN H 522 3.93 -2.81 35.62
CA ASN H 522 4.74 -3.06 34.45
C ASN H 522 6.24 -2.97 34.73
N GLY H 523 6.63 -2.62 35.95
CA GLY H 523 8.03 -2.55 36.35
C GLY H 523 8.68 -1.19 36.12
N VAL H 524 7.87 -0.16 35.82
CA VAL H 524 8.37 1.20 35.72
C VAL H 524 8.77 1.70 37.11
N ASN H 525 9.80 2.55 37.14
CA ASN H 525 10.22 3.23 38.36
C ASN H 525 10.62 4.67 38.04
N ARG H 526 10.77 5.51 39.08
CA ARG H 526 10.99 6.95 38.97
C ARG H 526 12.17 7.30 38.07
N SER H 527 13.21 6.47 38.03
CA SER H 527 14.39 6.72 37.21
C SER H 527 14.12 6.51 35.72
N LEU H 528 13.24 5.56 35.38
CA LEU H 528 13.08 5.11 34.00
C LEU H 528 12.25 6.06 33.16
N LEU H 529 11.50 6.95 33.79
CA LEU H 529 10.47 7.75 33.16
C LEU H 529 11.03 8.59 32.02
N SER H 530 12.22 9.11 32.20
CA SER H 530 12.95 9.89 31.21
C SER H 530 13.10 9.15 29.88
N SER H 531 13.12 7.82 29.94
CA SER H 531 13.53 6.98 28.81
C SER H 531 12.35 6.55 27.93
N LEU H 532 11.12 6.84 28.38
CA LEU H 532 9.93 6.32 27.72
C LEU H 532 9.61 7.12 26.45
N THR H 533 9.23 6.41 25.39
CA THR H 533 8.62 7.02 24.21
C THR H 533 7.11 7.16 24.42
N ASP H 534 6.50 8.06 23.62
CA ASP H 534 5.07 8.23 23.63
C ASP H 534 4.34 6.90 23.45
N GLU H 535 4.89 6.05 22.56
CA GLU H 535 4.40 4.71 22.31
C GLU H 535 4.43 3.87 23.60
N MET H 536 5.58 3.82 24.28
CA MET H 536 5.72 3.04 25.49
C MET H 536 4.72 3.50 26.55
N MET H 537 4.63 4.82 26.71
CA MET H 537 3.68 5.42 27.63
C MET H 537 2.26 4.98 27.28
N GLN H 538 1.86 5.25 26.03
CA GLN H 538 0.49 5.00 25.61
C GLN H 538 0.14 3.50 25.77
N ASN H 539 1.05 2.63 25.36
CA ASN H 539 0.77 1.22 25.14
C ASN H 539 1.09 0.36 26.34
N ALA H 540 2.29 0.45 26.88
CA ALA H 540 2.59 -0.27 28.11
C ALA H 540 1.75 0.31 29.25
N CYS H 541 1.85 1.62 29.45
CA CYS H 541 1.34 2.28 30.64
C CYS H 541 -0.10 2.79 30.47
N GLY H 542 -0.72 2.53 29.34
CA GLY H 542 -2.15 2.69 29.09
C GLY H 542 -2.61 4.14 29.15
N ILE H 543 -1.69 5.09 29.10
CA ILE H 543 -2.00 6.49 29.15
C ILE H 543 -2.41 6.95 27.74
N THR H 544 -3.64 6.57 27.39
CA THR H 544 -4.23 6.88 26.09
C THR H 544 -4.52 8.35 25.93
N ASN H 545 -4.79 9.06 27.05
CA ASN H 545 -4.99 10.51 27.03
C ASN H 545 -3.70 11.18 26.56
N PRO H 546 -3.66 11.79 25.34
CA PRO H 546 -2.44 12.46 24.90
C PRO H 546 -2.14 13.67 25.75
N ILE H 547 -3.15 14.29 26.36
CA ILE H 547 -2.92 15.45 27.20
C ILE H 547 -2.03 15.05 28.38
N HIS H 548 -2.40 13.97 29.06
CA HIS H 548 -1.58 13.46 30.14
C HIS H 548 -0.18 13.11 29.63
N ARG H 549 -0.09 12.47 28.46
CA ARG H 549 1.23 12.15 27.90
C ARG H 549 2.02 13.43 27.69
N LEU H 550 1.38 14.47 27.14
CA LEU H 550 2.03 15.75 26.96
C LEU H 550 2.54 16.28 28.28
N LYS H 551 1.72 16.25 29.33
CA LYS H 551 2.15 16.75 30.62
C LYS H 551 3.47 16.10 31.04
N LEU H 552 3.52 14.76 31.07
CA LEU H 552 4.75 14.14 31.52
C LEU H 552 5.88 14.34 30.50
N THR H 553 5.56 14.47 29.21
CA THR H 553 6.55 14.87 28.22
C THR H 553 7.20 16.19 28.64
N GLN H 554 6.42 17.16 29.12
CA GLN H 554 6.97 18.44 29.53
C GLN H 554 7.93 18.27 30.70
N ALA H 555 7.61 17.35 31.60
CA ALA H 555 8.42 17.12 32.78
C ALA H 555 9.79 16.58 32.32
N PHE H 556 9.83 15.60 31.39
CA PHE H 556 11.08 15.06 30.93
C PHE H 556 11.80 15.96 29.91
N GLU H 557 11.05 16.80 29.23
CA GLU H 557 11.62 17.86 28.40
C GLU H 557 12.39 18.85 29.29
N THR H 558 11.83 19.18 30.44
CA THR H 558 12.38 20.16 31.38
C THR H 558 13.30 19.53 32.42
N ALA H 559 13.41 18.19 32.44
CA ALA H 559 14.37 17.47 33.27
C ALA H 559 15.84 17.73 32.86
N LYS H 560 16.07 18.13 31.58
CA LYS H 560 17.38 18.67 31.21
C LYS H 560 17.47 20.15 31.56
N HIS H 561 18.68 20.62 31.91
CA HIS H 561 18.97 21.97 32.39
C HIS H 561 18.01 22.46 33.50
N GLN H 573 44.07 19.16 37.72
CA GLN H 573 45.19 20.11 38.02
C GLN H 573 46.38 19.85 37.10
N ILE H 574 46.95 20.92 36.51
CA ILE H 574 48.04 20.82 35.54
C ILE H 574 49.35 20.91 36.32
N ASP H 575 50.28 19.99 36.11
CA ASP H 575 51.61 20.09 36.69
C ASP H 575 52.47 20.99 35.83
N VAL H 576 52.54 20.74 34.51
CA VAL H 576 53.47 21.48 33.63
C VAL H 576 52.71 22.04 32.44
N PHE H 577 52.93 23.31 32.12
CA PHE H 577 52.57 23.89 30.83
C PHE H 577 53.84 24.02 29.98
N ILE H 578 53.77 23.63 28.70
CA ILE H 578 54.84 23.83 27.73
C ILE H 578 54.45 24.94 26.75
N SER H 579 55.23 26.04 26.77
CA SER H 579 55.25 27.03 25.72
C SER H 579 56.35 26.68 24.71
N TYR H 580 56.03 26.84 23.41
CA TYR H 580 57.00 26.65 22.35
C TYR H 580 56.61 27.42 21.09
N ARG H 581 57.58 27.59 20.19
CA ARG H 581 57.29 28.10 18.86
C ARG H 581 56.79 26.98 17.96
N ARG H 582 55.56 27.13 17.43
CA ARG H 582 54.87 26.15 16.60
C ARG H 582 55.66 25.78 15.35
N SER H 583 56.44 26.70 14.78
CA SER H 583 57.21 26.50 13.56
C SER H 583 58.44 25.62 13.74
N THR H 584 59.01 25.53 14.97
CA THR H 584 60.32 24.95 15.17
C THR H 584 60.41 24.03 16.39
N GLY H 585 59.57 24.23 17.40
CA GLY H 585 59.68 23.56 18.67
C GLY H 585 58.64 22.46 18.87
N ASN H 586 57.79 22.20 17.84
CA ASN H 586 56.71 21.23 17.95
C ASN H 586 57.20 19.86 18.41
N GLN H 587 58.21 19.29 17.73
CA GLN H 587 58.67 17.95 18.02
C GLN H 587 59.28 17.83 19.41
N LEU H 588 60.13 18.79 19.80
CA LEU H 588 60.79 18.79 21.10
C LEU H 588 59.78 18.95 22.24
N ALA H 589 58.84 19.92 22.08
CA ALA H 589 57.78 20.14 23.05
C ALA H 589 56.95 18.88 23.27
N SER H 590 56.61 18.17 22.16
CA SER H 590 55.89 16.92 22.26
C SER H 590 56.73 15.83 22.93
N LEU H 591 58.02 15.74 22.60
CA LEU H 591 58.91 14.78 23.24
C LEU H 591 58.96 15.00 24.74
N ILE H 592 59.12 16.28 25.16
CA ILE H 592 59.11 16.71 26.56
C ILE H 592 57.79 16.31 27.22
N LYS H 593 56.67 16.64 26.57
CA LYS H 593 55.33 16.28 27.05
C LYS H 593 55.23 14.78 27.32
N VAL H 594 55.64 13.96 26.35
CA VAL H 594 55.54 12.50 26.45
C VAL H 594 56.43 11.96 27.57
N LEU H 595 57.67 12.49 27.66
CA LEU H 595 58.63 12.03 28.64
C LEU H 595 58.19 12.40 30.06
N LEU H 596 57.61 13.61 30.23
CA LEU H 596 57.09 14.01 31.52
C LEU H 596 55.85 13.21 31.91
N GLN H 597 54.99 12.88 30.94
CA GLN H 597 53.82 12.03 31.21
C GLN H 597 54.24 10.60 31.58
N LEU H 598 55.37 10.09 31.01
CA LEU H 598 55.97 8.84 31.43
C LEU H 598 56.44 8.86 32.89
N ARG H 599 56.78 10.06 33.37
CA ARG H 599 57.16 10.32 34.76
C ARG H 599 55.96 10.72 35.63
N GLY H 600 54.74 10.63 35.09
CA GLY H 600 53.51 10.83 35.85
C GLY H 600 53.02 12.28 35.94
N TYR H 601 53.68 13.21 35.22
CA TYR H 601 53.27 14.62 35.27
C TYR H 601 52.07 14.83 34.33
N ARG H 602 51.11 15.65 34.80
CA ARG H 602 50.02 16.17 33.98
C ARG H 602 50.56 17.34 33.18
N VAL H 603 50.82 17.11 31.89
CA VAL H 603 51.49 18.09 31.05
C VAL H 603 50.52 18.60 30.00
N PHE H 604 50.50 19.95 29.82
CA PHE H 604 49.69 20.62 28.82
C PHE H 604 50.54 21.53 27.94
N ILE H 605 50.02 21.86 26.75
CA ILE H 605 50.82 22.43 25.66
C ILE H 605 49.94 23.38 24.84
N ASP H 606 50.56 24.35 24.15
CA ASP H 606 49.93 25.25 23.20
C ASP H 606 48.98 24.57 22.19
N VAL H 607 49.36 23.42 21.64
CA VAL H 607 48.85 22.85 20.39
C VAL H 607 47.31 22.67 20.43
N ASP H 608 46.81 21.99 21.50
CA ASP H 608 45.47 21.39 21.39
C ASP H 608 44.38 22.30 21.94
N LYS H 609 44.63 23.10 22.98
CA LYS H 609 43.62 23.61 23.90
C LYS H 609 43.04 24.97 23.48
N LEU H 610 42.67 25.05 22.19
CA LEU H 610 41.91 26.18 21.64
C LEU H 610 40.74 25.64 20.82
N TYR H 611 39.48 26.06 21.14
CA TYR H 611 38.28 25.58 20.46
C TYR H 611 37.37 26.73 20.04
N ALA H 612 36.77 26.66 18.83
CA ALA H 612 35.44 27.19 18.48
C ALA H 612 35.22 28.66 18.87
N GLY H 613 36.24 29.49 18.65
CA GLY H 613 36.36 30.81 19.26
C GLY H 613 37.69 31.49 18.88
N LYS H 614 37.82 32.79 19.24
CA LYS H 614 39.10 33.49 19.26
C LYS H 614 40.04 32.85 20.29
N PHE H 615 41.36 32.96 20.05
CA PHE H 615 42.39 32.36 20.89
C PHE H 615 42.06 32.75 22.34
N ASP H 616 41.64 31.78 23.16
CA ASP H 616 40.89 31.99 24.39
C ASP H 616 41.78 32.19 25.64
N SER H 617 41.21 32.93 26.59
CA SER H 617 41.71 33.12 27.96
C SER H 617 41.89 31.78 28.69
N SER H 618 41.30 30.70 28.19
CA SER H 618 41.45 29.34 28.65
C SER H 618 42.91 28.90 28.57
N LEU H 619 43.67 29.26 27.50
CA LEU H 619 45.09 28.90 27.50
C LEU H 619 45.85 29.54 28.68
N LEU H 620 45.52 30.79 29.01
CA LEU H 620 46.12 31.46 30.16
C LEU H 620 45.65 30.88 31.50
N LYS H 621 44.42 30.36 31.56
CA LYS H 621 43.90 29.63 32.70
C LYS H 621 44.68 28.34 32.91
N ASN H 622 45.04 27.64 31.81
CA ASN H 622 45.88 26.45 31.89
C ASN H 622 47.27 26.78 32.46
N ILE H 623 47.81 27.94 32.07
CA ILE H 623 49.07 28.44 32.61
C ILE H 623 48.90 28.76 34.11
N GLN H 624 47.77 29.40 34.47
CA GLN H 624 47.52 29.78 35.85
C GLN H 624 47.37 28.53 36.73
N ALA H 625 46.76 27.48 36.17
CA ALA H 625 46.52 26.24 36.89
C ALA H 625 47.81 25.42 37.01
N ALA H 626 48.74 25.59 36.04
CA ALA H 626 50.01 24.88 36.03
C ALA H 626 50.90 25.34 37.19
N LYS H 627 51.68 24.40 37.74
CA LYS H 627 52.66 24.76 38.77
C LYS H 627 53.97 25.16 38.11
N HIS H 628 54.31 24.51 36.99
CA HIS H 628 55.55 24.72 36.26
C HIS H 628 55.28 25.21 34.84
N PHE H 629 56.19 26.05 34.36
CA PHE H 629 56.11 26.55 33.00
C PHE H 629 57.43 26.27 32.27
N ILE H 630 57.37 25.36 31.30
CA ILE H 630 58.51 25.04 30.45
C ILE H 630 58.44 25.90 29.20
N LEU H 631 59.55 26.57 28.87
CA LEU H 631 59.68 27.29 27.61
C LEU H 631 60.71 26.60 26.72
N VAL H 632 60.25 26.01 25.62
CA VAL H 632 61.13 25.35 24.65
C VAL H 632 61.71 26.43 23.75
N LEU H 633 63.06 26.54 23.74
CA LEU H 633 63.80 27.56 23.02
C LEU H 633 64.59 26.94 21.87
N THR H 634 64.03 27.01 20.66
CA THR H 634 64.62 26.53 19.41
C THR H 634 65.18 27.69 18.60
N PRO H 635 65.98 27.45 17.55
CA PRO H 635 66.56 28.55 16.77
C PRO H 635 65.48 29.57 16.37
N ASN H 636 65.72 30.86 16.68
CA ASN H 636 64.86 31.96 16.27
C ASN H 636 63.50 31.99 16.97
N SER H 637 63.32 31.18 18.03
CA SER H 637 62.09 31.08 18.78
C SER H 637 61.71 32.43 19.43
N LEU H 638 62.72 33.23 19.83
CA LEU H 638 62.51 34.49 20.52
C LEU H 638 62.46 35.70 19.59
N ASP H 639 62.76 35.51 18.30
CA ASP H 639 62.90 36.62 17.37
C ASP H 639 61.64 37.45 17.22
N ARG H 640 60.46 36.79 17.20
CA ARG H 640 59.24 37.55 17.06
C ARG H 640 58.84 38.27 18.35
N LEU H 641 59.56 38.01 19.45
CA LEU H 641 59.33 38.75 20.69
C LEU H 641 60.04 40.10 20.64
N LEU H 642 60.98 40.28 19.70
CA LEU H 642 61.68 41.56 19.57
C LEU H 642 60.69 42.66 19.19
N ASN H 643 60.67 43.76 19.98
CA ASN H 643 59.79 44.90 19.80
C ASN H 643 58.31 44.54 19.90
N ASP H 644 58.02 43.40 20.55
CA ASP H 644 56.64 43.00 20.77
C ASP H 644 56.05 43.71 21.99
N ASP H 645 56.15 45.05 22.04
CA ASP H 645 55.74 45.82 23.22
C ASP H 645 54.22 45.76 23.42
N ASN H 646 53.49 45.49 22.34
CA ASN H 646 52.04 45.41 22.39
C ASN H 646 51.56 44.01 22.77
N CYS H 647 52.50 43.12 23.13
CA CYS H 647 52.24 41.76 23.58
C CYS H 647 51.33 41.01 22.60
N GLU H 648 51.66 41.09 21.30
CA GLU H 648 50.89 40.48 20.23
C GLU H 648 51.29 39.01 20.06
N ASP H 649 52.55 38.69 20.34
CA ASP H 649 53.08 37.34 20.17
C ASP H 649 52.53 36.43 21.28
N TRP H 650 52.03 35.24 20.90
CA TRP H 650 51.46 34.33 21.87
C TRP H 650 52.48 33.74 22.84
N VAL H 651 53.70 33.47 22.39
CA VAL H 651 54.77 33.09 23.32
C VAL H 651 54.98 34.22 24.34
N HIS H 652 54.86 35.51 23.93
CA HIS H 652 54.93 36.64 24.86
C HIS H 652 53.78 36.60 25.87
N LYS H 653 52.54 36.41 25.40
CA LYS H 653 51.37 36.32 26.28
C LYS H 653 51.51 35.18 27.29
N GLU H 654 51.95 34.01 26.82
CA GLU H 654 52.18 32.83 27.65
C GLU H 654 53.25 33.13 28.72
N LEU H 655 54.41 33.68 28.31
CA LEU H 655 55.53 33.94 29.20
C LEU H 655 55.21 35.04 30.19
N LYS H 656 54.53 36.10 29.72
CA LYS H 656 54.08 37.19 30.58
C LYS H 656 53.16 36.65 31.68
N CYS H 657 52.19 35.80 31.30
CA CYS H 657 51.27 35.18 32.25
C CYS H 657 52.03 34.34 33.28
N ALA H 658 53.03 33.59 32.81
CA ALA H 658 53.83 32.76 33.69
C ALA H 658 54.55 33.64 34.74
N PHE H 659 55.12 34.77 34.28
CA PHE H 659 55.82 35.71 35.15
C PHE H 659 54.86 36.36 36.14
N GLU H 660 53.66 36.76 35.67
CA GLU H 660 52.68 37.45 36.51
C GLU H 660 52.19 36.52 37.64
N HIS H 661 52.09 35.22 37.34
CA HIS H 661 51.56 34.28 38.32
C HIS H 661 52.69 33.49 38.99
N GLN H 662 53.94 33.97 38.83
CA GLN H 662 55.12 33.45 39.53
C GLN H 662 55.27 31.94 39.36
N LYS H 663 55.11 31.47 38.11
CA LYS H 663 55.29 30.07 37.80
C LYS H 663 56.79 29.73 37.85
N ASN H 664 57.09 28.47 38.14
CA ASN H 664 58.43 27.94 38.24
C ASN H 664 58.96 27.78 36.81
N ILE H 665 59.48 28.87 36.21
CA ILE H 665 59.79 28.97 34.78
C ILE H 665 61.13 28.31 34.44
N ILE H 666 61.13 27.41 33.43
CA ILE H 666 62.30 26.68 32.97
C ILE H 666 62.47 26.85 31.46
N PRO H 667 63.46 27.64 30.95
CA PRO H 667 63.86 27.50 29.55
C PRO H 667 64.55 26.17 29.27
N ILE H 668 64.18 25.53 28.17
CA ILE H 668 64.88 24.37 27.63
C ILE H 668 65.49 24.79 26.29
N PHE H 669 66.83 24.86 26.24
CA PHE H 669 67.58 25.34 25.10
C PHE H 669 67.87 24.19 24.16
N ASP H 670 67.35 24.26 22.93
CA ASP H 670 67.79 23.40 21.83
C ASP H 670 69.30 23.58 21.59
N THR H 671 69.96 22.52 21.06
CA THR H 671 71.40 22.57 20.85
C THR H 671 71.84 23.76 19.98
N ALA H 672 71.00 24.14 19.02
CA ALA H 672 71.30 25.20 18.06
C ALA H 672 70.75 26.56 18.50
N PHE H 673 70.12 26.65 19.69
CA PHE H 673 69.51 27.89 20.14
C PHE H 673 70.56 28.93 20.51
N GLU H 674 70.26 30.18 20.14
CA GLU H 674 71.05 31.34 20.54
C GLU H 674 70.12 32.49 20.85
N PHE H 675 70.39 33.20 21.96
CA PHE H 675 69.65 34.39 22.30
C PHE H 675 69.78 35.44 21.19
N PRO H 676 68.72 36.21 20.89
CA PRO H 676 68.84 37.34 19.95
C PRO H 676 69.93 38.35 20.35
N THR H 677 70.64 38.88 19.34
CA THR H 677 71.75 39.80 19.53
C THR H 677 71.26 41.11 20.18
N LYS H 678 70.05 41.51 19.81
CA LYS H 678 69.40 42.72 20.29
C LYS H 678 68.49 42.38 21.46
N GLU H 679 69.07 41.88 22.55
CA GLU H 679 68.36 41.50 23.77
C GLU H 679 67.54 42.66 24.37
N ASP H 680 68.05 43.89 24.22
CA ASP H 680 67.42 45.10 24.74
C ASP H 680 66.08 45.37 24.04
N GLN H 681 65.85 44.74 22.89
CA GLN H 681 64.60 44.88 22.16
C GLN H 681 63.54 43.88 22.66
N ILE H 682 63.92 42.88 23.46
CA ILE H 682 62.92 42.04 24.11
C ILE H 682 62.18 42.88 25.14
N PRO H 683 60.82 42.90 25.14
CA PRO H 683 60.04 43.69 26.09
C PRO H 683 60.43 43.45 27.55
N ASN H 684 60.38 44.51 28.38
CA ASN H 684 60.88 44.51 29.76
C ASN H 684 60.21 43.46 30.63
N ASP H 685 58.92 43.24 30.39
CA ASP H 685 58.11 42.33 31.20
C ASP H 685 58.56 40.88 31.06
N ILE H 686 59.25 40.53 29.96
CA ILE H 686 59.66 39.16 29.68
C ILE H 686 61.17 39.04 29.49
N ARG H 687 61.90 40.17 29.46
CA ARG H 687 63.34 40.22 29.18
C ARG H 687 64.12 39.35 30.15
N MET H 688 63.61 39.20 31.37
CA MET H 688 64.20 38.41 32.44
C MET H 688 64.50 36.96 32.01
N ILE H 689 63.78 36.44 31.00
CA ILE H 689 63.98 35.08 30.48
C ILE H 689 65.41 34.85 29.97
N THR H 690 66.08 35.90 29.53
CA THR H 690 67.45 35.86 29.06
C THR H 690 68.44 35.58 30.21
N LYS H 691 68.00 35.76 31.46
CA LYS H 691 68.82 35.53 32.64
C LYS H 691 68.45 34.23 33.36
N TYR H 692 67.50 33.43 32.83
CA TYR H 692 66.86 32.37 33.58
C TYR H 692 67.66 31.07 33.69
N ASN H 693 67.22 30.18 34.60
CA ASN H 693 67.80 28.87 34.81
C ASN H 693 67.11 27.80 33.95
N GLY H 694 67.88 27.20 33.01
CA GLY H 694 67.34 26.25 32.06
C GLY H 694 68.22 25.03 31.76
N VAL H 695 67.71 24.17 30.87
CA VAL H 695 68.33 22.91 30.49
C VAL H 695 68.73 22.95 29.03
N LYS H 696 70.04 22.79 28.74
CA LYS H 696 70.42 22.64 27.34
C LYS H 696 70.09 21.21 26.92
N TRP H 697 69.12 21.11 26.02
CA TRP H 697 68.64 19.84 25.50
C TRP H 697 69.71 19.27 24.58
N VAL H 698 70.22 18.08 24.94
CA VAL H 698 71.06 17.33 24.02
C VAL H 698 70.39 15.98 23.79
N HIS H 699 69.92 15.71 22.57
CA HIS H 699 69.14 14.51 22.35
C HIS H 699 69.93 13.21 22.62
N ASP H 700 71.24 13.28 22.43
CA ASP H 700 72.24 12.25 22.78
C ASP H 700 72.25 11.90 24.28
N TYR H 701 71.89 12.88 25.14
CA TYR H 701 71.81 12.72 26.57
C TYR H 701 70.39 13.04 27.06
N GLN H 702 69.38 12.63 26.25
CA GLN H 702 67.98 12.91 26.49
C GLN H 702 67.55 12.55 27.92
N ASP H 703 68.04 11.41 28.42
CA ASP H 703 67.69 10.88 29.73
C ASP H 703 68.21 11.78 30.86
N ALA H 704 69.46 12.25 30.70
CA ALA H 704 70.07 13.16 31.66
C ALA H 704 69.43 14.54 31.60
N CYS H 705 69.14 15.02 30.39
CA CYS H 705 68.47 16.29 30.18
C CYS H 705 67.11 16.29 30.88
N MET H 706 66.36 15.20 30.70
CA MET H 706 65.05 15.05 31.30
C MET H 706 65.15 14.92 32.82
N ALA H 707 66.17 14.20 33.32
CA ALA H 707 66.46 14.16 34.75
C ALA H 707 66.67 15.57 35.31
N LYS H 708 67.42 16.42 34.58
CA LYS H 708 67.65 17.81 34.96
C LYS H 708 66.34 18.62 34.97
N VAL H 709 65.49 18.40 33.96
CA VAL H 709 64.18 19.03 33.89
C VAL H 709 63.34 18.68 35.12
N VAL H 710 63.34 17.38 35.49
CA VAL H 710 62.63 16.88 36.67
C VAL H 710 63.19 17.53 37.95
N ARG H 711 64.52 17.72 38.03
CA ARG H 711 65.16 18.38 39.16
C ARG H 711 64.69 19.84 39.28
N PHE H 712 64.53 20.53 38.17
CA PHE H 712 64.03 21.89 38.17
C PHE H 712 62.56 21.93 38.59
N ILE H 713 61.77 20.91 38.21
CA ILE H 713 60.37 20.75 38.58
C ILE H 713 60.24 20.48 40.10
N THR H 714 61.04 19.53 40.61
CA THR H 714 60.96 19.07 41.99
C THR H 714 61.72 19.98 42.98
N GLY H 715 62.60 20.86 42.44
CA GLY H 715 63.43 21.76 43.23
C GLY H 715 64.56 21.01 43.95
N MET I 60 -0.32 -24.21 57.14
CA MET I 60 0.30 -23.19 56.22
C MET I 60 -0.17 -23.49 54.80
N SER I 61 -0.55 -22.44 54.03
CA SER I 61 -0.98 -22.60 52.65
C SER I 61 0.20 -22.82 51.68
N ASN I 62 -0.15 -23.38 50.50
CA ASN I 62 0.80 -23.42 49.40
C ASN I 62 1.14 -22.01 48.92
N THR I 63 0.18 -21.08 48.96
CA THR I 63 0.45 -19.67 48.69
C THR I 63 1.61 -19.19 49.57
N GLU I 64 1.60 -19.58 50.84
CA GLU I 64 2.69 -19.26 51.76
C GLU I 64 3.97 -20.05 51.45
N GLN I 65 3.88 -21.33 51.05
CA GLN I 65 5.06 -22.05 50.58
C GLN I 65 5.72 -21.29 49.43
N VAL I 66 4.92 -20.87 48.47
CA VAL I 66 5.35 -20.06 47.33
C VAL I 66 5.92 -18.75 47.83
N ALA I 67 5.22 -18.03 48.70
CA ALA I 67 5.67 -16.74 49.21
C ALA I 67 7.02 -16.87 49.92
N MET I 68 7.18 -17.94 50.71
CA MET I 68 8.42 -18.21 51.40
C MET I 68 9.54 -18.49 50.39
N MET I 69 9.31 -19.42 49.47
CA MET I 69 10.26 -19.76 48.42
C MET I 69 10.65 -18.52 47.63
N HIS I 70 9.66 -17.73 47.22
CA HIS I 70 9.81 -16.49 46.48
C HIS I 70 10.69 -15.51 47.26
N THR I 71 10.31 -15.27 48.51
CA THR I 71 11.01 -14.36 49.39
C THR I 71 12.45 -14.83 49.54
N LEU I 72 12.62 -16.12 49.82
CA LEU I 72 13.91 -16.75 49.99
C LEU I 72 14.78 -16.49 48.78
N LYS I 73 14.35 -16.90 47.57
CA LYS I 73 15.08 -16.69 46.34
C LYS I 73 15.43 -15.20 46.15
N THR I 74 14.43 -14.33 46.36
CA THR I 74 14.56 -12.90 46.17
C THR I 74 15.64 -12.33 47.10
N LYS I 75 15.43 -12.50 48.41
CA LYS I 75 16.28 -11.89 49.42
C LYS I 75 17.63 -12.58 49.45
N LEU I 76 17.70 -13.87 49.11
CA LEU I 76 18.99 -14.52 48.93
C LEU I 76 19.79 -13.81 47.86
N SER I 77 19.21 -13.60 46.66
CA SER I 77 19.87 -12.88 45.59
C SER I 77 20.38 -11.51 46.06
N LYS I 78 19.48 -10.76 46.73
CA LYS I 78 19.82 -9.44 47.26
C LYS I 78 20.98 -9.49 48.26
N TYR I 79 20.85 -10.34 49.29
CA TYR I 79 21.80 -10.39 50.38
C TYR I 79 23.12 -11.03 49.95
N GLN I 80 23.12 -11.90 48.93
CA GLN I 80 24.36 -12.38 48.32
C GLN I 80 25.14 -11.18 47.77
N ALA I 81 24.47 -10.32 46.99
CA ALA I 81 25.11 -9.14 46.43
C ALA I 81 25.63 -8.19 47.53
N MET I 82 24.80 -7.92 48.54
CA MET I 82 25.18 -7.06 49.64
C MET I 82 26.36 -7.65 50.45
N MET I 83 26.31 -8.96 50.67
CA MET I 83 27.40 -9.68 51.31
C MET I 83 28.68 -9.58 50.48
N ASP I 84 28.60 -9.69 49.16
CA ASP I 84 29.76 -9.49 48.29
C ASP I 84 30.37 -8.10 48.52
N LYS I 85 29.55 -7.05 48.55
CA LYS I 85 30.01 -5.68 48.83
C LYS I 85 30.74 -5.59 50.17
N ALA I 86 30.14 -6.18 51.20
CA ALA I 86 30.77 -6.26 52.52
C ALA I 86 32.09 -7.05 52.46
N PHE I 87 32.14 -8.12 51.66
CA PHE I 87 33.35 -8.88 51.45
C PHE I 87 34.41 -8.13 50.64
N GLU I 88 34.01 -7.19 49.76
CA GLU I 88 34.97 -6.31 49.12
C GLU I 88 35.67 -5.40 50.15
N GLU I 89 34.91 -4.93 51.17
CA GLU I 89 35.49 -4.17 52.28
C GLU I 89 36.44 -5.04 53.12
N ILE I 90 36.05 -6.30 53.40
CA ILE I 90 36.90 -7.26 54.09
C ILE I 90 38.17 -7.52 53.26
N ALA I 91 38.02 -7.76 51.97
CA ALA I 91 39.08 -8.11 51.02
C ALA I 91 40.06 -6.95 50.77
N LYS I 92 39.74 -5.71 51.20
CA LYS I 92 40.70 -4.62 51.22
C LYS I 92 41.85 -4.89 52.21
N VAL I 93 41.58 -5.71 53.23
CA VAL I 93 42.51 -6.04 54.33
C VAL I 93 43.04 -4.77 55.00
N GLU I 94 42.09 -3.86 55.30
CA GLU I 94 42.33 -2.64 56.05
C GLU I 94 41.33 -2.59 57.22
N ASP I 95 41.82 -2.20 58.41
CA ASP I 95 41.14 -2.44 59.68
C ASP I 95 39.67 -2.02 59.67
N ALA I 96 39.44 -0.72 59.37
CA ALA I 96 38.11 -0.12 59.36
C ALA I 96 37.20 -0.77 58.32
N ASN I 97 37.75 -1.17 57.16
CA ASN I 97 37.02 -1.81 56.08
C ASN I 97 36.58 -3.22 56.48
N ILE I 98 37.47 -3.99 57.11
CA ILE I 98 37.11 -5.31 57.62
C ILE I 98 36.04 -5.16 58.70
N ILE I 99 36.24 -4.24 59.66
CA ILE I 99 35.29 -3.93 60.73
C ILE I 99 33.92 -3.55 60.15
N GLU I 100 33.88 -2.62 59.20
CA GLU I 100 32.65 -2.15 58.56
C GLU I 100 31.96 -3.28 57.78
N GLY I 101 32.71 -3.99 56.92
CA GLY I 101 32.20 -5.14 56.18
C GLY I 101 31.58 -6.18 57.12
N CYS I 102 32.33 -6.61 58.14
CA CYS I 102 31.84 -7.53 59.16
C CYS I 102 30.61 -6.97 59.89
N THR I 103 30.61 -5.66 60.21
CA THR I 103 29.47 -4.99 60.84
C THR I 103 28.23 -5.11 59.94
N ILE I 104 28.38 -4.85 58.64
CA ILE I 104 27.31 -4.99 57.67
C ILE I 104 26.82 -6.44 57.60
N VAL I 105 27.73 -7.42 57.52
CA VAL I 105 27.37 -8.84 57.51
C VAL I 105 26.59 -9.21 58.78
N ARG I 106 27.06 -8.72 59.94
CA ARG I 106 26.43 -8.95 61.23
C ARG I 106 24.99 -8.40 61.24
N LYS I 107 24.83 -7.13 60.84
CA LYS I 107 23.52 -6.47 60.73
C LYS I 107 22.60 -7.24 59.79
N LEU I 108 23.11 -7.60 58.61
CA LEU I 108 22.43 -8.39 57.60
C LEU I 108 21.97 -9.72 58.21
N MET I 109 22.85 -10.49 58.86
CA MET I 109 22.51 -11.78 59.45
C MET I 109 21.39 -11.66 60.51
N ARG I 110 21.45 -10.60 61.33
CA ARG I 110 20.44 -10.35 62.34
C ARG I 110 19.11 -9.95 61.69
N LYS I 111 19.16 -9.05 60.70
CA LYS I 111 18.01 -8.64 59.90
C LYS I 111 17.37 -9.85 59.21
N VAL I 112 18.20 -10.74 58.65
CA VAL I 112 17.79 -12.02 58.09
C VAL I 112 17.06 -12.85 59.14
N TRP I 113 17.66 -13.02 60.32
CA TRP I 113 17.00 -13.72 61.41
C TRP I 113 15.66 -13.10 61.83
N ASN I 114 15.55 -11.77 61.71
CA ASN I 114 14.36 -11.02 62.05
C ASN I 114 13.34 -10.96 60.90
N THR I 115 13.64 -11.56 59.71
CA THR I 115 12.61 -11.86 58.72
C THR I 115 11.61 -12.86 59.28
N PRO I 116 10.29 -12.67 59.05
CA PRO I 116 9.22 -13.39 59.74
C PRO I 116 9.38 -14.90 59.97
N LYS I 117 9.71 -15.63 58.92
CA LYS I 117 9.74 -17.09 59.02
C LYS I 117 10.66 -17.77 58.01
N VAL I 118 10.95 -17.12 56.86
CA VAL I 118 11.99 -17.51 55.93
C VAL I 118 13.43 -17.35 56.49
N SER I 119 13.52 -16.63 57.62
CA SER I 119 14.69 -16.30 58.42
C SER I 119 15.69 -17.44 58.50
N ALA I 120 15.25 -18.63 58.99
CA ALA I 120 16.17 -19.72 59.23
C ALA I 120 16.80 -20.22 57.93
N ASP I 121 15.97 -20.47 56.91
CA ASP I 121 16.39 -20.97 55.62
C ASP I 121 17.30 -19.97 54.94
N LEU I 122 16.95 -18.68 54.99
CA LEU I 122 17.74 -17.60 54.41
C LEU I 122 19.10 -17.48 55.10
N ALA I 123 19.13 -17.56 56.43
CA ALA I 123 20.35 -17.65 57.20
C ALA I 123 21.19 -18.85 56.75
N ASN I 124 20.60 -20.04 56.66
CA ASN I 124 21.29 -21.25 56.24
C ASN I 124 21.90 -21.08 54.85
N ALA I 125 21.09 -20.62 53.89
CA ALA I 125 21.53 -20.40 52.53
C ALA I 125 22.70 -19.40 52.45
N LEU I 126 22.65 -18.34 53.27
CA LEU I 126 23.76 -17.39 53.34
C LEU I 126 24.99 -17.99 54.03
N CYS I 127 24.81 -18.82 55.07
CA CYS I 127 25.89 -19.57 55.69
C CYS I 127 26.57 -20.49 54.67
N ASP I 128 25.77 -21.14 53.82
CA ASP I 128 26.26 -21.96 52.72
C ASP I 128 27.03 -21.09 51.72
N TYR I 129 26.43 -19.99 51.27
CA TYR I 129 27.06 -19.07 50.35
C TYR I 129 28.41 -18.56 50.89
N LEU I 130 28.48 -18.24 52.19
CA LEU I 130 29.73 -17.87 52.84
C LEU I 130 30.82 -18.94 52.69
N ARG I 131 30.46 -20.22 52.85
CA ARG I 131 31.39 -21.32 52.64
C ARG I 131 31.76 -21.45 51.15
N ASP I 132 30.76 -21.40 50.28
CA ASP I 132 30.88 -21.54 48.82
C ASP I 132 31.79 -20.46 48.22
N ARG I 133 31.69 -19.24 48.73
CA ARG I 133 32.48 -18.07 48.34
C ARG I 133 33.84 -18.02 49.03
N ASP I 134 34.12 -18.96 49.95
CA ASP I 134 35.28 -18.96 50.85
C ASP I 134 35.32 -17.74 51.77
N TYR I 135 34.27 -16.92 51.78
CA TYR I 135 34.06 -15.82 52.71
C TYR I 135 34.23 -16.28 54.16
N PHE I 136 33.63 -17.45 54.48
CA PHE I 136 33.74 -18.09 55.80
C PHE I 136 35.19 -18.43 56.14
N ASP I 137 35.90 -19.02 55.17
CA ASP I 137 37.31 -19.39 55.30
C ASP I 137 38.19 -18.17 55.56
N LYS I 138 37.94 -17.10 54.80
CA LYS I 138 38.60 -15.81 54.92
C LYS I 138 38.38 -15.22 56.32
N LEU I 139 37.12 -15.19 56.79
CA LEU I 139 36.80 -14.76 58.15
C LEU I 139 37.59 -15.54 59.20
N ILE I 140 37.61 -16.89 59.08
CA ILE I 140 38.34 -17.75 60.00
C ILE I 140 39.82 -17.35 60.04
N LYS I 141 40.45 -17.27 58.87
CA LYS I 141 41.86 -16.92 58.73
C LYS I 141 42.13 -15.53 59.31
N MET I 142 41.29 -14.54 58.97
CA MET I 142 41.41 -13.17 59.45
C MET I 142 40.96 -13.01 60.91
N PHE I 143 40.49 -14.08 61.55
CA PHE I 143 40.23 -14.15 62.98
C PHE I 143 41.42 -14.77 63.71
N ILE I 144 41.88 -15.94 63.26
CA ILE I 144 42.95 -16.71 63.90
C ILE I 144 44.36 -16.15 63.66
N SER I 145 44.55 -15.36 62.60
CA SER I 145 45.84 -14.80 62.20
C SER I 145 46.45 -13.92 63.30
N PRO I 146 47.75 -14.10 63.65
CA PRO I 146 48.40 -13.34 64.72
C PRO I 146 48.54 -11.85 64.41
N ASN I 147 48.61 -11.52 63.09
CA ASN I 147 48.69 -10.15 62.62
C ASN I 147 47.46 -9.32 63.02
N THR I 148 46.32 -9.98 63.29
CA THR I 148 45.09 -9.34 63.73
C THR I 148 45.27 -8.60 65.07
N ALA I 149 46.34 -8.90 65.83
CA ALA I 149 46.69 -8.20 67.06
C ALA I 149 46.95 -6.71 66.85
N ALA I 150 47.20 -6.29 65.60
CA ALA I 150 47.32 -4.88 65.20
C ALA I 150 46.04 -4.09 65.51
N CYS I 151 44.87 -4.76 65.46
CA CYS I 151 43.60 -4.19 65.84
C CYS I 151 42.62 -5.30 66.27
N ASP I 152 42.46 -5.47 67.58
CA ASP I 152 41.62 -6.53 68.13
C ASP I 152 40.16 -6.35 67.72
N GLN I 153 39.73 -5.12 67.40
CA GLN I 153 38.37 -4.84 66.92
C GLN I 153 38.09 -5.56 65.58
N VAL I 154 39.13 -5.75 64.73
CA VAL I 154 39.01 -6.58 63.54
C VAL I 154 38.65 -8.01 63.92
N ARG I 155 39.40 -8.61 64.87
CA ARG I 155 39.14 -9.94 65.37
C ARG I 155 37.72 -10.03 65.95
N MET I 156 37.31 -9.01 66.72
CA MET I 156 35.97 -8.93 67.29
C MET I 156 34.89 -8.99 66.21
N GLU I 157 34.93 -8.10 65.21
CA GLU I 157 33.92 -8.11 64.15
C GLU I 157 33.91 -9.39 63.34
N CYS I 158 35.10 -9.90 62.97
CA CYS I 158 35.22 -11.21 62.33
C CYS I 158 34.55 -12.30 63.18
N GLY I 159 34.88 -12.31 64.48
CA GLY I 159 34.36 -13.26 65.45
C GLY I 159 32.83 -13.17 65.61
N LYS I 160 32.28 -11.96 65.73
CA LYS I 160 30.84 -11.76 65.81
C LYS I 160 30.13 -12.33 64.58
N VAL I 161 30.67 -12.06 63.39
CA VAL I 161 30.15 -12.62 62.15
C VAL I 161 30.24 -14.14 62.18
N LEU I 162 31.39 -14.70 62.54
CA LEU I 162 31.56 -16.15 62.68
C LEU I 162 30.52 -16.74 63.64
N GLU I 163 30.30 -16.07 64.78
CA GLU I 163 29.22 -16.38 65.73
C GLU I 163 27.87 -16.48 65.02
N GLU I 164 27.46 -15.46 64.24
CA GLU I 164 26.23 -15.52 63.44
C GLU I 164 26.22 -16.73 62.50
N CYS I 165 27.38 -17.03 61.92
CA CYS I 165 27.56 -18.00 60.85
C CYS I 165 27.82 -19.43 61.35
N THR I 166 27.66 -19.66 62.65
CA THR I 166 27.92 -20.99 63.25
C THR I 166 26.75 -21.95 63.03
N SER I 167 26.32 -22.13 61.76
CA SER I 167 25.39 -23.19 61.37
C SER I 167 26.01 -24.56 61.65
N SER I 168 25.20 -25.63 61.69
CA SER I 168 25.73 -26.99 61.82
C SER I 168 26.79 -27.30 60.76
N ALA I 169 26.52 -26.92 59.49
CA ALA I 169 27.42 -27.12 58.37
C ALA I 169 28.69 -26.27 58.48
N ASN I 170 28.59 -25.07 59.06
CA ASN I 170 29.73 -24.19 59.30
C ASN I 170 30.63 -24.69 60.43
N LEU I 171 30.02 -25.23 61.49
CA LEU I 171 30.77 -25.89 62.56
C LEU I 171 31.45 -27.15 62.03
N GLU I 172 30.72 -27.94 61.20
CA GLU I 172 31.28 -29.07 60.49
C GLU I 172 32.46 -28.66 59.61
N TYR I 173 32.35 -27.55 58.87
CA TYR I 173 33.44 -27.02 58.06
C TYR I 173 34.67 -26.71 58.91
N ILE I 174 34.48 -26.02 60.05
CA ILE I 174 35.54 -25.72 61.01
C ILE I 174 36.27 -26.99 61.44
N VAL I 175 35.50 -28.04 61.77
CA VAL I 175 36.00 -29.35 62.17
C VAL I 175 36.73 -30.06 61.02
N ASN I 176 36.14 -30.04 59.82
CA ASN I 176 36.68 -30.65 58.59
C ASN I 176 38.04 -30.03 58.22
N LYS I 177 38.18 -28.71 58.40
CA LYS I 177 39.41 -27.97 58.15
C LYS I 177 40.34 -27.94 59.37
N SER I 178 39.93 -28.54 60.49
CA SER I 178 40.68 -28.63 61.75
C SER I 178 41.05 -27.28 62.36
N TYR I 179 40.28 -26.22 62.04
CA TYR I 179 40.46 -24.91 62.64
C TYR I 179 40.04 -24.87 64.12
N THR I 180 39.42 -25.94 64.62
CA THR I 180 38.70 -26.00 65.90
C THR I 180 39.52 -25.47 67.07
N LYS I 181 40.71 -26.05 67.30
CA LYS I 181 41.56 -25.66 68.42
C LYS I 181 42.17 -24.27 68.24
N LYS I 182 42.49 -23.88 67.00
CA LYS I 182 42.97 -22.54 66.67
C LYS I 182 41.94 -21.49 67.08
N ILE I 183 40.68 -21.69 66.66
CA ILE I 183 39.55 -20.84 67.01
C ILE I 183 39.34 -20.82 68.52
N MET I 184 39.38 -21.99 69.17
CA MET I 184 39.23 -22.13 70.62
C MET I 184 40.25 -21.26 71.37
N ILE I 185 41.54 -21.42 71.06
CA ILE I 185 42.62 -20.69 71.71
C ILE I 185 42.45 -19.18 71.47
N VAL I 186 42.10 -18.80 70.23
CA VAL I 186 41.88 -17.40 69.88
C VAL I 186 40.64 -16.82 70.60
N ALA I 187 39.59 -17.62 70.80
CA ALA I 187 38.48 -17.27 71.68
C ALA I 187 38.96 -17.09 73.13
N MET I 188 39.83 -17.96 73.63
CA MET I 188 40.41 -17.80 74.96
C MET I 188 41.25 -16.51 75.08
N LYS I 189 41.88 -16.07 73.98
CA LYS I 189 42.58 -14.80 73.89
C LYS I 189 41.64 -13.59 73.86
N LEU I 190 40.40 -13.78 73.37
CA LEU I 190 39.35 -12.77 73.48
C LEU I 190 38.83 -12.69 74.93
N ASN I 191 39.54 -11.91 75.75
CA ASN I 191 39.27 -11.82 77.18
C ASN I 191 39.35 -10.39 77.74
N LYS I 192 39.77 -9.40 76.92
CA LYS I 192 40.20 -8.07 77.38
C LYS I 192 39.07 -7.21 77.94
N THR I 193 37.82 -7.47 77.50
CA THR I 193 36.63 -6.72 77.87
C THR I 193 35.46 -7.68 78.03
N PRO I 194 34.35 -7.29 78.73
CA PRO I 194 33.12 -8.11 78.77
C PRO I 194 32.57 -8.48 77.40
N ASP I 195 32.74 -7.62 76.39
CA ASP I 195 32.35 -7.92 75.02
C ASP I 195 33.17 -9.09 74.46
N GLN I 196 34.51 -9.00 74.60
CA GLN I 196 35.41 -10.07 74.20
C GLN I 196 35.04 -11.38 74.90
N GLN I 197 34.81 -11.30 76.21
CA GLN I 197 34.47 -12.41 77.07
C GLN I 197 33.16 -13.07 76.63
N ARG I 198 32.12 -12.26 76.34
CA ARG I 198 30.85 -12.77 75.83
C ARG I 198 31.02 -13.46 74.48
N LEU I 199 31.71 -12.82 73.55
CA LEU I 199 31.97 -13.37 72.23
C LEU I 199 32.76 -14.67 72.34
N SER I 200 33.78 -14.67 73.20
CA SER I 200 34.60 -15.84 73.52
C SER I 200 33.71 -17.02 73.95
N LEU I 201 32.96 -16.83 75.04
CA LEU I 201 32.02 -17.82 75.55
C LEU I 201 31.02 -18.26 74.50
N SER I 202 30.60 -17.33 73.62
CA SER I 202 29.72 -17.65 72.50
C SER I 202 30.37 -18.62 71.52
N LEU I 203 31.55 -18.25 70.98
CA LEU I 203 32.23 -19.08 70.00
C LEU I 203 32.57 -20.45 70.62
N ILE I 204 33.08 -20.45 71.85
CA ILE I 204 33.33 -21.64 72.66
C ILE I 204 32.07 -22.51 72.73
N GLY I 205 30.96 -21.93 73.19
CA GLY I 205 29.68 -22.63 73.26
C GLY I 205 29.14 -23.13 71.93
N ASN I 206 29.43 -22.40 70.86
CA ASN I 206 29.03 -22.79 69.51
C ASN I 206 29.83 -23.98 69.02
N LEU I 207 31.16 -24.00 69.27
CA LEU I 207 31.98 -25.17 68.96
C LEU I 207 31.45 -26.41 69.71
N PHE I 208 30.97 -26.23 70.94
CA PHE I 208 30.34 -27.27 71.73
C PHE I 208 28.97 -27.74 71.21
N LYS I 209 28.53 -27.29 70.03
CA LYS I 209 27.36 -27.88 69.36
C LYS I 209 27.77 -28.92 68.33
N HIS I 210 29.06 -29.23 68.18
CA HIS I 210 29.50 -30.36 67.38
C HIS I 210 29.56 -31.64 68.22
N SER I 211 29.58 -32.82 67.55
CA SER I 211 29.49 -34.16 68.13
C SER I 211 30.49 -34.45 69.26
N ASN I 212 30.20 -35.50 70.07
CA ASN I 212 30.89 -35.91 71.29
C ASN I 212 32.43 -35.79 71.22
N ALA I 213 33.03 -36.35 70.16
CA ALA I 213 34.48 -36.41 69.99
C ALA I 213 35.12 -35.01 69.99
N VAL I 214 34.45 -34.05 69.34
CA VAL I 214 34.89 -32.66 69.24
C VAL I 214 34.86 -32.00 70.62
N SER I 215 33.72 -32.10 71.32
CA SER I 215 33.58 -31.60 72.68
C SER I 215 34.65 -32.18 73.60
N LEU I 216 34.84 -33.50 73.58
CA LEU I 216 35.85 -34.19 74.38
C LEU I 216 37.26 -33.68 74.08
N SER I 217 37.60 -33.53 72.78
CA SER I 217 38.86 -32.95 72.32
C SER I 217 39.06 -31.53 72.87
N LEU I 218 37.98 -30.73 72.91
CA LEU I 218 38.05 -29.38 73.43
C LEU I 218 38.14 -29.34 74.97
N ILE I 219 37.65 -30.35 75.70
CA ILE I 219 37.88 -30.48 77.15
C ILE I 219 39.39 -30.53 77.43
N GLU I 220 40.17 -31.13 76.54
CA GLU I 220 41.63 -31.25 76.70
C GLU I 220 42.32 -29.89 76.63
N THR I 221 41.63 -28.82 76.17
CA THR I 221 42.16 -27.46 76.26
C THR I 221 42.00 -26.84 77.64
N ASP I 222 41.21 -27.47 78.51
CA ASP I 222 40.82 -27.03 79.85
C ASP I 222 40.14 -25.66 79.83
N VAL I 223 39.51 -25.34 78.68
CA VAL I 223 38.75 -24.10 78.53
C VAL I 223 37.65 -23.96 79.60
N ILE I 224 37.20 -25.04 80.21
CA ILE I 224 36.23 -25.03 81.31
C ILE I 224 36.71 -24.09 82.45
N ASP I 225 37.98 -24.16 82.81
CA ASP I 225 38.60 -23.28 83.79
C ASP I 225 38.58 -21.81 83.33
N HIS I 226 38.87 -21.60 82.05
CA HIS I 226 38.78 -20.28 81.40
C HIS I 226 37.34 -19.76 81.44
N ILE I 227 36.34 -20.62 81.18
CA ILE I 227 34.92 -20.29 81.22
C ILE I 227 34.57 -19.84 82.64
N ILE I 228 34.94 -20.66 83.64
CA ILE I 228 34.67 -20.39 85.05
C ILE I 228 35.27 -19.03 85.42
N LEU I 229 36.56 -18.83 85.15
CA LEU I 229 37.21 -17.56 85.40
C LEU I 229 36.52 -16.40 84.67
N THR I 230 36.06 -16.61 83.44
CA THR I 230 35.40 -15.56 82.65
C THR I 230 34.09 -15.09 83.29
N PHE I 231 33.19 -16.02 83.64
CA PHE I 231 31.95 -15.63 84.31
C PHE I 231 32.19 -15.12 85.74
N LYS I 232 33.20 -15.66 86.43
CA LYS I 232 33.60 -15.25 87.76
C LYS I 232 34.14 -13.83 87.78
N ARG I 233 34.85 -13.43 86.70
CA ARG I 233 35.36 -12.08 86.50
C ARG I 233 34.24 -11.07 86.29
N ALA I 234 33.26 -11.41 85.44
CA ALA I 234 32.26 -10.44 84.96
C ALA I 234 30.82 -10.97 85.05
N PRO I 235 30.32 -11.38 86.25
CA PRO I 235 28.94 -11.89 86.34
C PRO I 235 27.89 -10.78 86.23
N GLU I 236 28.35 -9.53 86.34
CA GLU I 236 27.57 -8.30 86.26
C GLU I 236 27.09 -8.07 84.83
N CYS I 237 27.60 -8.79 83.82
CA CYS I 237 27.01 -8.90 82.49
C CYS I 237 26.13 -10.16 82.39
N PRO I 238 24.77 -10.01 82.28
CA PRO I 238 23.90 -11.16 82.09
C PRO I 238 24.26 -11.97 80.84
N ASP I 239 24.73 -11.30 79.78
CA ASP I 239 25.06 -11.93 78.52
C ASP I 239 26.26 -12.88 78.65
N ILE I 240 27.23 -12.55 79.53
CA ILE I 240 28.32 -13.45 79.88
C ILE I 240 27.76 -14.70 80.57
N LEU I 241 26.88 -14.51 81.56
CA LEU I 241 26.26 -15.63 82.26
C LEU I 241 25.45 -16.51 81.29
N ARG I 242 24.74 -15.90 80.32
CA ARG I 242 24.02 -16.61 79.25
C ARG I 242 24.98 -17.45 78.44
N HIS I 243 26.05 -16.84 77.89
CA HIS I 243 26.99 -17.55 77.03
C HIS I 243 27.79 -18.62 77.78
N ALA I 244 28.03 -18.40 79.08
CA ALA I 244 28.59 -19.42 79.95
C ALA I 244 27.64 -20.61 80.11
N ALA I 245 26.41 -20.33 80.57
CA ALA I 245 25.38 -21.34 80.78
C ALA I 245 25.09 -22.10 79.49
N LEU I 246 25.04 -21.38 78.35
CA LEU I 246 24.96 -21.91 77.00
C LEU I 246 26.10 -22.89 76.71
N ALA I 247 27.36 -22.46 76.95
CA ALA I 247 28.53 -23.28 76.69
C ALA I 247 28.45 -24.59 77.48
N LEU I 248 28.07 -24.47 78.77
CA LEU I 248 27.93 -25.62 79.66
C LEU I 248 26.80 -26.54 79.21
N ALA I 249 25.62 -25.98 78.89
CA ALA I 249 24.50 -26.75 78.38
C ALA I 249 24.88 -27.51 77.11
N ASN I 250 25.48 -26.79 76.15
CA ASN I 250 25.90 -27.35 74.87
C ASN I 250 26.91 -28.46 75.07
N ILE I 251 28.01 -28.21 75.80
CA ILE I 251 29.04 -29.21 75.94
C ILE I 251 28.49 -30.46 76.64
N LEU I 252 27.70 -30.30 77.71
CA LEU I 252 27.09 -31.43 78.41
C LEU I 252 26.18 -32.25 77.46
N LEU I 253 25.38 -31.55 76.65
CA LEU I 253 24.48 -32.22 75.72
C LEU I 253 25.22 -32.91 74.56
N TYR I 254 26.40 -32.36 74.22
CA TYR I 254 27.24 -32.85 73.13
C TYR I 254 28.56 -33.51 73.62
N THR I 255 28.49 -34.29 74.71
CA THR I 255 29.64 -35.03 75.22
C THR I 255 29.28 -36.43 75.73
N CYS I 256 30.24 -37.37 75.65
CA CYS I 256 30.19 -38.70 76.23
C CYS I 256 30.22 -38.71 77.77
N PHE I 257 30.07 -39.90 78.38
CA PHE I 257 30.10 -40.07 79.84
C PHE I 257 31.40 -39.56 80.46
N GLU I 258 32.54 -39.93 79.86
CA GLU I 258 33.88 -39.59 80.34
C GLU I 258 34.06 -38.06 80.37
N GLY I 259 33.72 -37.40 79.25
CA GLY I 259 33.80 -35.96 79.17
C GLY I 259 32.85 -35.23 80.12
N LYS I 260 31.61 -35.74 80.26
CA LYS I 260 30.65 -35.27 81.25
C LYS I 260 31.27 -35.33 82.65
N LYS I 261 31.88 -36.47 83.01
CA LYS I 261 32.58 -36.65 84.28
C LYS I 261 33.68 -35.61 84.47
N LYS I 262 34.52 -35.37 83.45
CA LYS I 262 35.55 -34.33 83.47
C LYS I 262 34.98 -32.92 83.71
N ILE I 263 33.87 -32.59 83.01
CA ILE I 263 33.17 -31.31 83.19
C ILE I 263 32.67 -31.17 84.63
N ILE I 264 32.05 -32.24 85.19
CA ILE I 264 31.57 -32.27 86.56
C ILE I 264 32.72 -32.07 87.55
N GLN I 265 33.88 -32.67 87.31
CA GLN I 265 35.08 -32.57 88.14
C GLN I 265 35.58 -31.13 88.22
N LYS I 266 35.25 -30.28 87.24
CA LYS I 266 35.51 -28.83 87.32
C LYS I 266 34.52 -28.07 88.21
N LYS I 267 33.81 -28.76 89.10
CA LYS I 267 32.79 -28.24 90.03
C LYS I 267 31.65 -27.50 89.30
N ILE I 268 31.34 -28.00 88.12
CA ILE I 268 30.34 -27.41 87.26
C ILE I 268 28.92 -27.55 87.81
N PRO I 269 28.50 -28.63 88.53
CA PRO I 269 27.20 -28.64 89.21
C PRO I 269 27.01 -27.46 90.17
N GLU I 270 28.05 -27.09 90.92
CA GLU I 270 28.04 -25.97 91.85
C GLU I 270 28.00 -24.65 91.08
N TRP I 271 28.72 -24.54 89.98
CA TRP I 271 28.62 -23.38 89.09
C TRP I 271 27.24 -23.27 88.44
N LEU I 272 26.62 -24.39 88.11
CA LEU I 272 25.26 -24.39 87.59
C LEU I 272 24.24 -24.01 88.65
N PHE I 273 24.49 -24.36 89.93
CA PHE I 273 23.72 -23.82 91.03
C PHE I 273 23.82 -22.29 91.07
N PHE I 274 25.06 -21.78 91.01
CA PHE I 274 25.34 -20.35 90.95
C PHE I 274 24.55 -19.70 89.80
N LEU I 275 24.68 -20.23 88.58
CA LEU I 275 24.04 -19.71 87.38
C LEU I 275 22.50 -19.75 87.48
N ALA I 276 21.93 -20.88 87.94
CA ALA I 276 20.50 -21.01 88.16
C ALA I 276 19.98 -20.11 89.29
N SER I 277 20.87 -19.67 90.19
CA SER I 277 20.55 -18.72 91.26
C SER I 277 20.61 -17.26 90.81
N GLN I 278 21.25 -16.96 89.67
CA GLN I 278 21.29 -15.61 89.11
C GLN I 278 19.92 -15.21 88.57
N ALA I 279 19.63 -13.91 88.56
CA ALA I 279 18.30 -13.37 88.27
C ALA I 279 17.90 -13.50 86.79
N ASP I 280 18.89 -13.70 85.88
CA ASP I 280 18.62 -13.79 84.45
C ASP I 280 17.99 -15.12 84.06
N ASP I 281 16.74 -15.06 83.58
CA ASP I 281 15.97 -16.21 83.17
C ASP I 281 16.60 -17.00 82.04
N VAL I 282 17.35 -16.36 81.13
CA VAL I 282 17.98 -17.07 80.02
C VAL I 282 19.18 -17.90 80.52
N THR I 283 20.02 -17.31 81.37
CA THR I 283 21.05 -18.03 82.12
C THR I 283 20.42 -19.18 82.90
N ARG I 284 19.32 -18.94 83.63
CA ARG I 284 18.66 -19.97 84.40
C ARG I 284 18.14 -21.10 83.52
N TYR I 285 17.50 -20.78 82.40
CA TYR I 285 17.06 -21.75 81.40
C TYR I 285 18.20 -22.66 80.95
N TYR I 286 19.31 -22.07 80.48
CA TYR I 286 20.47 -22.82 80.07
C TYR I 286 21.06 -23.64 81.24
N ALA I 287 21.12 -23.07 82.46
CA ALA I 287 21.62 -23.75 83.64
C ALA I 287 20.74 -24.96 83.99
N CYS I 288 19.42 -24.79 83.91
CA CYS I 288 18.45 -25.87 84.12
C CYS I 288 18.62 -26.98 83.09
N ILE I 289 18.82 -26.64 81.81
CA ILE I 289 19.11 -27.60 80.76
C ILE I 289 20.41 -28.37 81.06
N ALA I 290 21.47 -27.62 81.34
CA ALA I 290 22.80 -28.15 81.63
C ALA I 290 22.71 -29.16 82.79
N VAL I 291 22.12 -28.74 83.94
CA VAL I 291 22.08 -29.58 85.10
C VAL I 291 21.15 -30.75 84.84
N CYS I 292 20.02 -30.56 84.14
CA CYS I 292 19.14 -31.66 83.84
C CYS I 292 19.75 -32.66 82.87
N THR I 293 20.70 -32.22 82.04
CA THR I 293 21.53 -33.12 81.23
C THR I 293 22.37 -34.01 82.15
N ILE I 294 22.97 -33.43 83.20
CA ILE I 294 23.73 -34.18 84.21
C ILE I 294 22.80 -35.13 84.99
N VAL I 295 21.65 -34.62 85.49
CA VAL I 295 20.62 -35.35 86.22
C VAL I 295 20.05 -36.53 85.41
N SER I 296 20.08 -36.44 84.08
CA SER I 296 19.64 -37.52 83.20
C SER I 296 20.55 -38.76 83.30
N VAL I 297 21.75 -38.61 83.92
CA VAL I 297 22.70 -39.70 84.14
C VAL I 297 22.70 -40.11 85.62
N LYS I 298 22.40 -41.39 85.89
CA LYS I 298 22.27 -41.97 87.23
C LYS I 298 23.41 -41.60 88.18
N GLU I 299 24.65 -41.81 87.73
CA GLU I 299 25.86 -41.69 88.56
C GLU I 299 26.16 -40.24 88.95
N PHE I 300 25.53 -39.26 88.28
CA PHE I 300 25.75 -37.86 88.53
C PHE I 300 24.56 -37.19 89.26
N GLU I 301 23.42 -37.89 89.41
CA GLU I 301 22.30 -37.39 90.19
C GLU I 301 22.73 -36.95 91.61
N PRO I 302 23.52 -37.77 92.38
CA PRO I 302 24.01 -37.35 93.69
C PRO I 302 24.86 -36.08 93.66
N LEU I 303 25.64 -35.88 92.59
CA LEU I 303 26.49 -34.71 92.43
C LEU I 303 25.64 -33.45 92.21
N VAL I 304 24.56 -33.55 91.44
CA VAL I 304 23.60 -32.45 91.31
C VAL I 304 22.78 -32.25 92.58
N ARG I 305 22.44 -33.34 93.30
CA ARG I 305 21.77 -33.25 94.59
C ARG I 305 22.62 -32.46 95.59
N LYS I 306 23.94 -32.75 95.63
CA LYS I 306 24.93 -32.04 96.41
C LYS I 306 25.08 -30.57 95.99
N SER I 307 24.87 -30.26 94.69
CA SER I 307 24.84 -28.90 94.19
C SER I 307 23.54 -28.16 94.58
N ASP I 308 22.50 -28.88 95.03
CA ASP I 308 21.16 -28.34 95.29
C ASP I 308 20.40 -27.87 94.04
N THR I 309 21.01 -27.88 92.83
CA THR I 309 20.42 -27.15 91.70
C THR I 309 19.02 -27.63 91.30
N MET I 310 18.72 -28.93 91.48
CA MET I 310 17.41 -29.50 91.22
C MET I 310 16.28 -28.76 91.96
N LYS I 311 16.57 -28.19 93.15
CA LYS I 311 15.62 -27.43 93.94
C LYS I 311 15.20 -26.12 93.25
N LEU I 312 16.09 -25.55 92.43
CA LEU I 312 15.81 -24.37 91.62
C LEU I 312 14.97 -24.68 90.38
N VAL I 313 15.13 -25.87 89.80
CA VAL I 313 14.65 -26.25 88.47
C VAL I 313 13.14 -26.04 88.33
N GLU I 314 12.33 -26.78 89.11
CA GLU I 314 10.89 -26.72 88.94
C GLU I 314 10.32 -25.33 89.23
N PRO I 315 10.72 -24.63 90.33
CA PRO I 315 10.35 -23.24 90.55
C PRO I 315 10.66 -22.31 89.37
N PHE I 316 11.85 -22.45 88.77
CA PHE I 316 12.21 -21.69 87.59
C PHE I 316 11.20 -21.91 86.44
N LEU I 317 10.87 -23.20 86.18
CA LEU I 317 9.92 -23.55 85.14
C LEU I 317 8.53 -23.04 85.44
N GLN I 318 8.06 -23.19 86.68
CA GLN I 318 6.68 -22.89 87.07
C GLN I 318 6.34 -21.41 86.85
N VAL I 319 7.33 -20.51 87.02
CA VAL I 319 7.15 -19.07 86.85
C VAL I 319 7.27 -18.59 85.39
N HIS I 320 7.35 -19.52 84.42
CA HIS I 320 7.46 -19.21 83.00
C HIS I 320 6.52 -20.04 82.11
N ASP I 321 6.12 -19.41 81.00
CA ASP I 321 5.35 -20.09 79.97
C ASP I 321 6.20 -20.18 78.69
N PRO I 322 6.38 -21.37 78.06
CA PRO I 322 7.26 -21.50 76.92
C PRO I 322 7.04 -20.52 75.79
N ALA I 323 5.80 -20.10 75.49
CA ALA I 323 5.56 -19.11 74.43
C ALA I 323 6.05 -17.69 74.80
N THR I 324 5.85 -17.31 76.07
CA THR I 324 6.36 -16.05 76.60
C THR I 324 7.88 -16.04 76.59
N PHE I 325 8.44 -17.16 77.05
CA PHE I 325 9.87 -17.38 77.09
C PHE I 325 10.44 -17.40 75.68
N ALA I 326 9.74 -17.95 74.68
CA ALA I 326 10.15 -17.90 73.28
C ALA I 326 10.39 -16.45 72.81
N ARG I 327 9.45 -15.56 73.13
CA ARG I 327 9.53 -14.14 72.78
C ARG I 327 10.68 -13.43 73.51
N ASP I 328 10.99 -13.87 74.73
CA ASP I 328 12.11 -13.37 75.52
C ASP I 328 13.46 -13.87 74.97
N TYR I 329 13.46 -15.14 74.59
CA TYR I 329 14.60 -15.93 74.15
C TYR I 329 14.92 -15.64 72.68
N HIS I 330 14.02 -14.98 71.90
CA HIS I 330 14.18 -14.75 70.47
C HIS I 330 15.64 -14.54 69.99
N LYS I 331 16.37 -13.61 70.63
CA LYS I 331 17.76 -13.26 70.37
C LYS I 331 18.69 -14.48 70.31
N TYR I 332 18.31 -15.56 71.01
CA TYR I 332 19.05 -16.79 71.26
C TYR I 332 18.32 -18.00 70.66
N ALA I 333 17.04 -17.84 70.29
CA ALA I 333 16.23 -18.89 69.66
C ALA I 333 16.71 -19.23 68.25
N GLN I 334 17.29 -18.23 67.59
CA GLN I 334 17.89 -18.26 66.29
C GLN I 334 18.89 -19.42 66.21
N GLY I 335 18.62 -20.38 65.30
CA GLY I 335 19.65 -21.34 64.91
C GLY I 335 19.60 -22.72 65.57
N ASN I 336 18.60 -22.94 66.42
CA ASN I 336 18.44 -24.18 67.17
C ASN I 336 18.13 -25.30 66.17
N THR I 337 18.73 -26.51 66.36
CA THR I 337 18.77 -27.55 65.34
C THR I 337 18.14 -28.89 65.79
N LYS I 338 17.64 -29.65 64.81
CA LYS I 338 17.23 -31.05 64.90
C LYS I 338 18.25 -31.91 65.67
N GLU I 339 19.54 -31.78 65.40
CA GLU I 339 20.56 -32.56 66.05
C GLU I 339 20.63 -32.33 67.57
N TRP I 340 20.40 -31.09 67.97
CA TRP I 340 20.27 -30.67 69.36
C TRP I 340 19.00 -31.23 69.97
N LEU I 341 17.88 -31.21 69.22
CA LEU I 341 16.61 -31.82 69.64
C LEU I 341 16.71 -33.35 69.83
N GLU I 342 17.38 -34.07 68.91
CA GLU I 342 17.62 -35.50 69.04
C GLU I 342 18.32 -35.84 70.37
N ARG I 343 19.25 -34.97 70.78
CA ARG I 343 19.99 -35.14 72.03
C ARG I 343 19.19 -34.72 73.25
N LEU I 344 18.22 -33.80 73.09
CA LEU I 344 17.31 -33.38 74.15
C LEU I 344 16.18 -34.39 74.40
N LEU I 345 15.76 -35.12 73.35
CA LEU I 345 14.64 -36.06 73.41
C LEU I 345 14.77 -37.06 74.57
N PRO I 346 15.93 -37.73 74.82
CA PRO I 346 16.08 -38.62 75.97
C PRO I 346 15.73 -38.05 77.35
N MET I 347 15.75 -36.73 77.50
CA MET I 347 15.42 -36.09 78.77
C MET I 347 13.91 -36.13 79.08
N LEU I 348 13.07 -36.38 78.06
CA LEU I 348 11.62 -36.61 78.24
C LEU I 348 11.33 -38.01 78.80
N GLN I 349 12.28 -38.97 78.75
CA GLN I 349 11.97 -40.37 79.01
C GLN I 349 11.60 -40.60 80.48
N PRO I 350 10.60 -41.48 80.78
CA PRO I 350 10.23 -41.85 82.15
C PRO I 350 11.33 -42.39 83.07
N SER I 351 12.47 -42.76 82.48
CA SER I 351 13.69 -43.16 83.19
C SER I 351 14.36 -41.99 83.92
N ARG I 352 14.17 -40.76 83.41
CA ARG I 352 14.81 -39.54 83.92
C ARG I 352 13.99 -38.96 85.08
N ARG I 353 14.62 -38.04 85.83
CA ARG I 353 13.96 -37.28 86.90
C ARG I 353 12.79 -36.45 86.38
N ARG I 354 11.79 -36.21 87.25
CA ARG I 354 10.74 -35.23 87.05
C ARG I 354 11.27 -33.86 86.62
N GLU I 355 12.36 -33.39 87.25
CA GLU I 355 13.02 -32.14 86.90
C GLU I 355 13.44 -32.13 85.42
N ALA I 356 14.22 -33.16 85.01
CA ALA I 356 14.71 -33.29 83.64
C ALA I 356 13.56 -33.38 82.63
N ARG I 357 12.53 -34.19 82.94
CA ARG I 357 11.32 -34.30 82.14
C ARG I 357 10.60 -32.96 82.01
N SER I 358 10.53 -32.18 83.12
CA SER I 358 9.89 -30.88 83.14
C SER I 358 10.64 -29.88 82.24
N VAL I 359 11.98 -29.82 82.37
CA VAL I 359 12.83 -28.98 81.54
C VAL I 359 12.67 -29.34 80.08
N ALA I 360 12.80 -30.64 79.77
CA ALA I 360 12.69 -31.18 78.42
C ALA I 360 11.32 -30.81 77.83
N ALA I 361 10.24 -31.05 78.59
CA ALA I 361 8.89 -30.74 78.14
C ALA I 361 8.72 -29.26 77.83
N PHE I 362 9.10 -28.37 78.77
CA PHE I 362 9.07 -26.93 78.59
C PHE I 362 9.80 -26.53 77.31
N HIS I 363 11.02 -27.07 77.17
CA HIS I 363 11.87 -26.80 76.05
C HIS I 363 11.27 -27.25 74.72
N PHE I 364 10.71 -28.47 74.68
CA PHE I 364 10.03 -28.96 73.49
C PHE I 364 8.78 -28.15 73.16
N THR I 365 8.08 -27.60 74.15
CA THR I 365 6.98 -26.69 73.88
C THR I 365 7.49 -25.40 73.21
N LEU I 366 8.59 -24.85 73.76
CA LEU I 366 9.23 -23.67 73.21
C LEU I 366 9.64 -23.92 71.75
N GLU I 367 10.31 -25.05 71.49
CA GLU I 367 10.73 -25.44 70.15
C GLU I 367 9.56 -25.68 69.23
N ALA I 368 8.52 -26.36 69.69
CA ALA I 368 7.28 -26.52 68.92
C ALA I 368 6.73 -25.14 68.51
N THR I 369 6.76 -24.17 69.42
CA THR I 369 6.34 -22.80 69.14
C THR I 369 7.17 -22.22 67.97
N ILE I 370 8.49 -22.28 68.10
CA ILE I 370 9.44 -21.79 67.11
C ILE I 370 9.30 -22.52 65.75
N LYS I 371 9.06 -23.82 65.79
CA LYS I 371 8.93 -24.62 64.59
C LYS I 371 7.55 -24.48 63.95
N LYS I 372 6.50 -24.09 64.68
CA LYS I 372 5.26 -23.65 64.08
C LYS I 372 5.49 -22.37 63.25
N GLU I 373 6.20 -21.40 63.84
CA GLU I 373 6.59 -20.17 63.18
C GLU I 373 7.36 -20.46 61.87
N GLN I 374 8.33 -21.38 61.92
CA GLN I 374 9.15 -21.76 60.79
C GLN I 374 8.40 -22.66 59.79
N ASN I 375 7.21 -23.17 60.19
CA ASN I 375 6.48 -24.22 59.48
C ASN I 375 7.33 -25.49 59.30
N LYS I 376 7.94 -25.97 60.40
CA LYS I 376 8.81 -27.13 60.42
C LYS I 376 8.52 -28.05 61.62
N LEU I 377 7.23 -28.18 61.99
CA LEU I 377 6.76 -29.05 63.04
C LEU I 377 7.03 -30.53 62.76
N ASP I 378 7.18 -30.87 61.48
CA ASP I 378 7.54 -32.19 60.96
C ASP I 378 8.72 -32.82 61.71
N VAL I 379 9.68 -31.99 62.15
CA VAL I 379 10.87 -32.44 62.89
C VAL I 379 10.50 -33.36 64.07
N PHE I 380 9.44 -33.03 64.83
CA PHE I 380 9.08 -33.80 66.01
C PHE I 380 8.50 -35.16 65.67
N GLN I 381 7.88 -35.28 64.49
CA GLN I 381 7.49 -36.57 63.92
C GLN I 381 8.70 -37.36 63.44
N GLU I 382 9.63 -36.68 62.75
CA GLU I 382 10.84 -37.29 62.20
C GLU I 382 11.69 -37.94 63.31
N ILE I 383 11.90 -37.20 64.41
CA ILE I 383 12.67 -37.69 65.55
C ILE I 383 11.82 -38.55 66.50
N GLY I 384 10.51 -38.66 66.25
CA GLY I 384 9.59 -39.45 67.06
C GLY I 384 9.27 -38.87 68.45
N ALA I 385 9.63 -37.59 68.68
CA ALA I 385 9.44 -36.92 69.97
C ALA I 385 7.98 -36.87 70.41
N ILE I 386 7.05 -36.90 69.44
CA ILE I 386 5.61 -36.86 69.69
C ILE I 386 5.20 -37.99 70.65
N GLN I 387 5.77 -39.18 70.49
CA GLN I 387 5.51 -40.31 71.36
C GLN I 387 5.95 -40.05 72.80
N ALA I 388 7.18 -39.57 72.96
CA ALA I 388 7.72 -39.22 74.28
C ALA I 388 6.91 -38.08 74.95
N LEU I 389 6.45 -37.10 74.15
CA LEU I 389 5.56 -36.06 74.64
C LEU I 389 4.22 -36.63 75.10
N LYS I 390 3.65 -37.60 74.37
CA LYS I 390 2.43 -38.29 74.79
C LYS I 390 2.63 -39.02 76.12
N GLU I 391 3.75 -39.75 76.25
CA GLU I 391 4.13 -40.43 77.49
C GLU I 391 4.23 -39.43 78.66
N VAL I 392 4.91 -38.31 78.46
CA VAL I 392 5.04 -37.28 79.49
C VAL I 392 3.69 -36.62 79.81
N ALA I 393 2.87 -36.35 78.77
CA ALA I 393 1.53 -35.80 78.95
C ALA I 393 0.63 -36.72 79.79
N SER I 394 0.78 -38.05 79.62
CA SER I 394 0.11 -39.06 80.43
C SER I 394 0.74 -39.27 81.81
N SER I 395 1.99 -38.85 82.02
CA SER I 395 2.73 -39.09 83.26
C SER I 395 2.19 -38.27 84.44
N PRO I 396 2.45 -38.68 85.70
CA PRO I 396 2.09 -37.88 86.87
C PRO I 396 2.98 -36.66 87.14
N ASP I 397 4.00 -36.42 86.30
CA ASP I 397 4.88 -35.26 86.41
C ASP I 397 4.17 -34.00 85.95
N GLU I 398 3.26 -33.44 86.78
CA GLU I 398 2.24 -32.49 86.33
C GLU I 398 2.78 -31.33 85.50
N VAL I 399 3.91 -30.72 85.92
CA VAL I 399 4.57 -29.63 85.21
C VAL I 399 5.01 -30.07 83.80
N ALA I 400 5.78 -31.18 83.74
CA ALA I 400 6.18 -31.78 82.49
C ALA I 400 4.99 -32.17 81.63
N ALA I 401 3.98 -32.81 82.24
CA ALA I 401 2.78 -33.28 81.57
C ALA I 401 2.00 -32.12 80.95
N LYS I 402 1.88 -31.00 81.67
CA LYS I 402 1.26 -29.78 81.16
C LYS I 402 1.99 -29.28 79.92
N PHE I 403 3.30 -29.06 80.04
CA PHE I 403 4.11 -28.60 78.92
C PHE I 403 4.07 -29.56 77.74
N ALA I 404 4.12 -30.87 78.00
CA ALA I 404 4.03 -31.88 76.95
C ALA I 404 2.65 -31.85 76.26
N SER I 405 1.57 -31.69 77.03
CA SER I 405 0.22 -31.52 76.50
C SER I 405 0.15 -30.26 75.62
N GLU I 406 0.73 -29.16 76.10
CA GLU I 406 0.81 -27.91 75.36
C GLU I 406 1.62 -28.08 74.06
N ALA I 407 2.76 -28.78 74.15
CA ALA I 407 3.58 -29.09 72.97
C ALA I 407 2.74 -29.87 71.93
N LEU I 408 2.06 -30.94 72.36
CA LEU I 408 1.17 -31.72 71.52
C LEU I 408 0.05 -30.88 70.93
N THR I 409 -0.45 -29.90 71.69
CA THR I 409 -1.44 -28.93 71.23
C THR I 409 -0.89 -28.12 70.04
N VAL I 410 0.40 -27.77 70.03
CA VAL I 410 1.02 -27.13 68.90
C VAL I 410 1.09 -28.00 67.61
N ILE I 411 1.29 -29.31 67.78
CA ILE I 411 1.70 -30.25 66.75
C ILE I 411 0.77 -30.29 65.55
N GLY I 412 -0.53 -30.53 65.78
CA GLY I 412 -1.53 -30.77 64.73
C GLY I 412 -1.21 -31.93 63.79
N GLU I 413 -0.94 -31.61 62.51
CA GLU I 413 -0.79 -32.57 61.41
C GLU I 413 0.23 -32.06 60.37
N GLU I 414 0.81 -32.98 59.58
CA GLU I 414 1.75 -32.75 58.51
C GLU I 414 1.17 -31.94 57.34
N VAL I 415 2.08 -31.35 56.55
CA VAL I 415 1.77 -30.88 55.21
C VAL I 415 1.59 -32.06 54.25
N PRO I 416 0.70 -31.89 53.26
CA PRO I 416 0.47 -32.89 52.23
C PRO I 416 1.70 -33.03 51.32
N TYR I 417 2.22 -31.89 50.84
CA TYR I 417 3.47 -31.86 50.13
C TYR I 417 4.26 -30.63 50.57
N LYS I 418 5.55 -30.84 50.78
CA LYS I 418 6.51 -29.74 50.71
C LYS I 418 6.96 -29.65 49.26
N LEU I 419 6.61 -28.56 48.54
CA LEU I 419 6.91 -28.50 47.13
C LEU I 419 8.39 -28.20 46.90
N ALA I 420 8.98 -28.97 45.97
CA ALA I 420 10.31 -28.67 45.48
C ALA I 420 10.30 -27.38 44.67
N GLN I 421 11.16 -26.43 45.03
CA GLN I 421 11.33 -25.18 44.31
C GLN I 421 11.76 -25.41 42.86
N GLN I 422 12.32 -26.58 42.55
CA GLN I 422 12.57 -27.04 41.19
C GLN I 422 11.27 -27.49 40.54
N VAL I 423 10.38 -26.52 40.32
CA VAL I 423 9.03 -26.82 39.87
C VAL I 423 8.98 -27.54 38.53
N PRO I 424 9.95 -27.42 37.59
CA PRO I 424 9.88 -28.24 36.38
C PRO I 424 9.78 -29.73 36.69
N GLY I 425 10.35 -30.14 37.84
CA GLY I 425 10.26 -31.52 38.28
C GLY I 425 8.88 -31.97 38.79
N TRP I 426 7.91 -31.04 38.88
CA TRP I 426 6.62 -31.39 39.45
C TRP I 426 5.86 -32.42 38.62
N THR I 427 5.31 -33.41 39.31
CA THR I 427 4.30 -34.33 38.80
C THR I 427 2.96 -33.63 38.63
N CYS I 428 2.05 -34.29 37.91
CA CYS I 428 0.68 -33.81 37.84
C CYS I 428 0.05 -33.73 39.23
N ALA I 429 0.39 -34.66 40.12
CA ALA I 429 -0.10 -34.62 41.49
C ALA I 429 0.29 -33.31 42.18
N ASP I 430 1.54 -32.87 41.98
CA ASP I 430 1.99 -31.60 42.52
C ASP I 430 1.18 -30.45 41.95
N VAL I 431 0.99 -30.44 40.64
CA VAL I 431 0.24 -29.35 40.03
C VAL I 431 -1.18 -29.34 40.61
N GLN I 432 -1.80 -30.51 40.73
CA GLN I 432 -3.15 -30.62 41.26
C GLN I 432 -3.18 -29.98 42.64
N TYR I 433 -2.22 -30.37 43.50
CA TYR I 433 -2.14 -29.85 44.84
C TYR I 433 -1.99 -28.32 44.85
N TRP I 434 -1.12 -27.80 43.99
CA TRP I 434 -0.92 -26.37 43.87
C TRP I 434 -2.20 -25.65 43.47
N VAL I 435 -2.80 -26.08 42.35
CA VAL I 435 -4.03 -25.53 41.81
C VAL I 435 -5.11 -25.53 42.88
N LYS I 436 -5.24 -26.67 43.58
CA LYS I 436 -6.21 -26.81 44.65
C LYS I 436 -5.99 -25.70 45.66
N LYS I 437 -4.76 -25.61 46.16
CA LYS I 437 -4.46 -24.75 47.28
C LYS I 437 -4.52 -23.27 46.94
N ILE I 438 -4.18 -22.91 45.71
CA ILE I 438 -4.36 -21.54 45.26
C ILE I 438 -5.83 -21.19 44.97
N GLY I 439 -6.75 -22.14 45.17
CA GLY I 439 -8.18 -21.86 45.19
C GLY I 439 -8.85 -22.03 43.82
N PHE I 440 -8.42 -23.06 43.10
CA PHE I 440 -8.98 -23.38 41.78
C PHE I 440 -9.44 -24.84 41.74
N GLU I 441 -10.00 -25.30 42.86
CA GLU I 441 -10.33 -26.70 43.13
C GLU I 441 -11.19 -27.33 42.03
N GLU I 442 -12.17 -26.58 41.57
CA GLU I 442 -13.12 -27.05 40.56
C GLU I 442 -12.45 -27.37 39.23
N TYR I 443 -11.22 -26.89 39.02
CA TYR I 443 -10.49 -27.16 37.80
C TYR I 443 -9.55 -28.36 37.94
N VAL I 444 -9.28 -28.80 39.17
CA VAL I 444 -8.21 -29.75 39.45
C VAL I 444 -8.41 -31.02 38.62
N GLU I 445 -9.64 -31.50 38.58
CA GLU I 445 -10.01 -32.67 37.79
C GLU I 445 -9.65 -32.48 36.33
N LYS I 446 -9.85 -31.27 35.81
CA LYS I 446 -9.53 -30.99 34.42
C LYS I 446 -8.02 -30.93 34.21
N PHE I 447 -7.28 -30.34 35.14
CA PHE I 447 -5.83 -30.38 35.10
C PHE I 447 -5.31 -31.82 35.08
N ALA I 448 -5.90 -32.68 35.92
CA ALA I 448 -5.57 -34.09 35.98
C ALA I 448 -5.87 -34.77 34.65
N LYS I 449 -7.08 -34.54 34.12
CA LYS I 449 -7.50 -35.06 32.83
C LYS I 449 -6.57 -34.60 31.70
N GLN I 450 -6.15 -33.33 31.76
CA GLN I 450 -5.23 -32.77 30.82
C GLN I 450 -3.77 -33.14 31.08
N MET I 451 -3.51 -33.87 32.17
CA MET I 451 -2.20 -34.43 32.49
C MET I 451 -1.11 -33.36 32.55
N VAL I 452 -1.44 -32.23 33.17
CA VAL I 452 -0.52 -31.10 33.26
C VAL I 452 0.59 -31.41 34.27
N ASP I 453 1.82 -31.04 33.94
CA ASP I 453 2.98 -31.32 34.79
C ASP I 453 3.80 -30.03 34.99
N GLY I 454 4.88 -30.17 35.75
CA GLY I 454 5.81 -29.13 36.10
C GLY I 454 6.38 -28.37 34.94
N ASP I 455 6.65 -29.02 33.82
CA ASP I 455 7.05 -28.32 32.61
C ASP I 455 5.84 -27.59 32.03
N LEU I 456 4.75 -28.34 31.82
CA LEU I 456 3.59 -27.87 31.13
C LEU I 456 2.99 -26.62 31.76
N LEU I 457 2.96 -26.54 33.10
CA LEU I 457 2.54 -25.31 33.76
C LEU I 457 3.25 -24.08 33.18
N LEU I 458 4.54 -24.22 33.02
CA LEU I 458 5.38 -23.08 32.70
C LEU I 458 5.16 -22.62 31.26
N GLN I 459 4.56 -23.45 30.41
CA GLN I 459 4.18 -22.93 29.09
C GLN I 459 2.80 -22.29 29.04
N LEU I 460 1.99 -22.38 30.09
CA LEU I 460 0.59 -22.00 29.98
C LEU I 460 0.34 -20.56 29.57
N THR I 461 -0.71 -20.38 28.76
CA THR I 461 -1.26 -19.10 28.34
C THR I 461 -2.75 -19.06 28.65
N GLU I 462 -3.35 -17.88 28.60
CA GLU I 462 -4.75 -17.79 28.92
C GLU I 462 -5.59 -18.61 27.94
N ASN I 463 -5.14 -18.78 26.70
CA ASN I 463 -5.82 -19.58 25.70
C ASN I 463 -5.98 -21.02 26.18
N ASP I 464 -4.91 -21.55 26.78
CA ASP I 464 -4.91 -22.91 27.28
C ASP I 464 -5.96 -23.07 28.37
N LEU I 465 -6.05 -22.06 29.24
CA LEU I 465 -7.07 -22.04 30.27
C LEU I 465 -8.44 -21.96 29.61
N LYS I 466 -8.62 -21.00 28.71
CA LYS I 466 -9.87 -20.69 28.04
C LYS I 466 -10.44 -21.93 27.34
N HIS I 467 -9.56 -22.67 26.66
CA HIS I 467 -9.98 -23.77 25.81
C HIS I 467 -9.84 -25.11 26.51
N ASP I 468 -8.61 -25.54 26.83
CA ASP I 468 -8.38 -26.89 27.32
C ASP I 468 -8.81 -27.07 28.77
N VAL I 469 -8.66 -26.03 29.58
CA VAL I 469 -9.19 -26.06 30.93
C VAL I 469 -10.64 -25.59 30.95
N GLY I 470 -11.12 -24.98 29.86
CA GLY I 470 -12.49 -24.48 29.76
C GLY I 470 -12.81 -23.36 30.74
N MET I 471 -11.81 -22.58 31.07
CA MET I 471 -11.85 -21.73 32.26
C MET I 471 -12.29 -20.34 31.81
N ILE I 472 -13.57 -20.03 32.04
CA ILE I 472 -14.31 -19.03 31.26
C ILE I 472 -14.05 -17.62 31.76
N SER I 473 -13.96 -17.44 33.11
CA SER I 473 -13.79 -16.11 33.65
C SER I 473 -12.42 -15.54 33.32
N GLY I 474 -12.38 -14.46 32.55
CA GLY I 474 -11.15 -13.70 32.36
C GLY I 474 -10.54 -13.29 33.70
N LEU I 475 -11.40 -12.89 34.64
CA LEU I 475 -10.92 -12.52 35.97
C LEU I 475 -10.24 -13.71 36.65
N HIS I 476 -10.89 -14.87 36.62
CA HIS I 476 -10.26 -16.06 37.15
C HIS I 476 -8.92 -16.29 36.45
N ARG I 477 -8.86 -16.12 35.12
CA ARG I 477 -7.61 -16.25 34.39
C ARG I 477 -6.56 -15.28 34.90
N LYS I 478 -6.92 -13.98 35.05
CA LYS I 478 -5.99 -13.00 35.57
C LYS I 478 -5.40 -13.47 36.89
N ARG I 479 -6.30 -13.82 37.82
CA ARG I 479 -5.95 -14.28 39.15
C ARG I 479 -5.00 -15.47 39.06
N PHE I 480 -5.37 -16.46 38.27
CA PHE I 480 -4.56 -17.65 38.09
C PHE I 480 -3.17 -17.29 37.57
N LEU I 481 -3.13 -16.48 36.52
CA LEU I 481 -1.88 -16.11 35.89
C LEU I 481 -0.98 -15.35 36.85
N ARG I 482 -1.54 -14.49 37.68
CA ARG I 482 -0.79 -13.82 38.73
C ARG I 482 -0.05 -14.85 39.59
N GLU I 483 -0.75 -15.89 40.02
CA GLU I 483 -0.11 -16.92 40.83
C GLU I 483 0.96 -17.63 40.04
N LEU I 484 0.65 -17.98 38.80
CA LEU I 484 1.61 -18.66 37.95
C LEU I 484 2.86 -17.79 37.75
N GLN I 485 2.70 -16.49 37.52
CA GLN I 485 3.82 -15.59 37.40
C GLN I 485 4.64 -15.57 38.68
N THR I 486 3.95 -15.50 39.82
CA THR I 486 4.61 -15.53 41.10
C THR I 486 5.47 -16.79 41.19
N LEU I 487 4.85 -17.94 40.88
CA LEU I 487 5.51 -19.22 40.94
C LEU I 487 6.71 -19.24 40.01
N LYS I 488 6.51 -18.78 38.76
CA LYS I 488 7.57 -18.70 37.77
C LYS I 488 8.76 -17.92 38.32
N VAL I 489 8.48 -16.80 38.96
CA VAL I 489 9.55 -15.99 39.50
C VAL I 489 10.25 -16.77 40.60
N ALA I 490 9.45 -17.38 41.48
CA ALA I 490 9.91 -18.04 42.69
C ALA I 490 10.76 -19.28 42.39
N ALA I 491 10.44 -19.99 41.30
CA ALA I 491 11.00 -21.28 40.99
C ALA I 491 12.53 -21.28 40.84
N ASP I 492 13.13 -22.37 41.31
CA ASP I 492 14.53 -22.64 41.08
C ASP I 492 14.73 -23.29 39.71
N TYR I 493 15.55 -22.64 38.81
CA TYR I 493 15.85 -23.26 37.56
C TYR I 493 17.19 -23.96 37.46
N SER I 494 17.96 -23.97 38.54
CA SER I 494 19.33 -24.53 38.54
C SER I 494 19.33 -26.01 38.19
N SER I 495 18.20 -26.68 38.38
CA SER I 495 17.91 -28.03 37.89
C SER I 495 18.26 -28.20 36.41
N VAL I 496 18.17 -27.11 35.62
CA VAL I 496 18.27 -27.15 34.17
C VAL I 496 19.21 -26.07 33.63
N ASP I 497 19.33 -24.94 34.34
CA ASP I 497 20.12 -23.80 33.91
C ASP I 497 21.59 -24.00 34.19
N GLU I 498 22.30 -24.49 33.16
CA GLU I 498 23.75 -24.63 33.16
C GLU I 498 24.46 -23.27 33.29
N SER I 499 23.82 -22.23 32.79
CA SER I 499 24.46 -20.94 32.53
C SER I 499 24.26 -19.93 33.67
N ASN I 500 23.44 -20.29 34.66
CA ASN I 500 22.99 -19.38 35.72
C ASN I 500 22.35 -18.10 35.16
N LEU I 501 21.70 -18.26 34.01
CA LEU I 501 20.82 -17.27 33.43
C LEU I 501 19.76 -16.80 34.41
N ASP I 502 19.16 -17.72 35.16
CA ASP I 502 18.18 -17.41 36.20
C ASP I 502 18.76 -16.37 37.16
N ASN I 503 19.95 -16.70 37.68
CA ASN I 503 20.65 -15.86 38.61
C ASN I 503 20.92 -14.49 37.98
N PHE I 504 21.36 -14.50 36.72
CA PHE I 504 21.63 -13.29 35.99
C PHE I 504 20.38 -12.40 35.92
N LEU I 505 19.27 -13.00 35.48
CA LEU I 505 18.01 -12.29 35.33
C LEU I 505 17.57 -11.73 36.67
N MET I 506 17.63 -12.55 37.73
CA MET I 506 17.26 -12.11 39.07
C MET I 506 18.08 -10.87 39.45
N GLY I 507 19.40 -10.96 39.24
CA GLY I 507 20.30 -9.85 39.52
C GLY I 507 19.96 -8.60 38.73
N LEU I 508 19.59 -8.79 37.46
CA LEU I 508 19.19 -7.69 36.59
C LEU I 508 17.92 -7.03 37.14
N SER I 509 16.88 -7.85 37.38
CA SER I 509 15.71 -7.50 38.18
C SER I 509 14.88 -8.74 38.45
N PRO I 510 14.42 -8.98 39.70
CA PRO I 510 13.83 -10.26 40.08
C PRO I 510 12.68 -10.76 39.21
N GLU I 511 11.79 -9.85 38.81
CA GLU I 511 10.62 -10.21 38.02
C GLU I 511 11.02 -10.88 36.71
N LEU I 512 12.20 -10.52 36.17
CA LEU I 512 12.63 -11.06 34.89
C LEU I 512 12.84 -12.57 34.95
N SER I 513 12.98 -13.13 36.17
CA SER I 513 12.90 -14.55 36.42
C SER I 513 11.74 -15.20 35.65
N VAL I 514 10.66 -14.46 35.48
CA VAL I 514 9.45 -14.94 34.82
C VAL I 514 9.77 -15.47 33.42
N TYR I 515 10.71 -14.86 32.73
CA TYR I 515 11.02 -15.23 31.36
C TYR I 515 11.96 -16.42 31.25
N THR I 516 12.63 -16.76 32.37
CA THR I 516 13.74 -17.70 32.36
C THR I 516 13.38 -18.96 31.61
N TYR I 517 12.30 -19.59 32.04
CA TYR I 517 12.05 -20.92 31.55
C TYR I 517 11.75 -20.91 30.06
N GLN I 518 10.99 -19.93 29.60
CA GLN I 518 10.70 -19.79 28.19
C GLN I 518 12.01 -19.70 27.41
N MET I 519 12.85 -18.72 27.74
CA MET I 519 14.03 -18.51 26.92
C MET I 519 14.97 -19.71 27.05
N LEU I 520 15.07 -20.28 28.25
CA LEU I 520 15.89 -21.45 28.49
C LEU I 520 15.46 -22.60 27.60
N THR I 521 14.15 -22.88 27.57
CA THR I 521 13.61 -23.95 26.75
C THR I 521 13.72 -23.63 25.26
N ASN I 522 13.76 -22.36 24.88
CA ASN I 522 14.09 -22.00 23.52
C ASN I 522 15.58 -22.17 23.20
N GLY I 523 16.40 -22.54 24.19
CA GLY I 523 17.82 -22.77 23.99
C GLY I 523 18.68 -21.53 24.20
N VAL I 524 18.10 -20.46 24.75
CA VAL I 524 18.90 -19.29 25.15
C VAL I 524 19.75 -19.66 26.36
N ASN I 525 20.92 -19.04 26.44
CA ASN I 525 21.83 -19.15 27.58
C ASN I 525 22.49 -17.80 27.85
N ARG I 526 23.15 -17.66 29.00
CA ARG I 526 23.71 -16.42 29.51
C ARG I 526 24.65 -15.73 28.51
N SER I 527 25.37 -16.49 27.68
CA SER I 527 26.27 -15.93 26.69
C SER I 527 25.53 -15.28 25.52
N LEU I 528 24.37 -15.83 25.15
CA LEU I 528 23.70 -15.46 23.90
C LEU I 528 22.95 -14.15 24.00
N LEU I 529 22.69 -13.68 25.20
CA LEU I 529 21.74 -12.59 25.44
C LEU I 529 22.15 -11.31 24.70
N SER I 530 23.45 -11.07 24.64
CA SER I 530 24.04 -9.95 23.94
C SER I 530 23.65 -9.88 22.47
N SER I 531 23.35 -11.04 21.90
CA SER I 531 23.16 -11.19 20.46
C SER I 531 21.70 -10.97 20.03
N LEU I 532 20.78 -10.90 20.99
CA LEU I 532 19.37 -10.85 20.70
C LEU I 532 18.94 -9.45 20.23
N THR I 533 18.09 -9.40 19.20
CA THR I 533 17.37 -8.20 18.83
C THR I 533 16.10 -8.07 19.66
N ASP I 534 15.57 -6.85 19.72
CA ASP I 534 14.30 -6.59 20.38
C ASP I 534 13.20 -7.52 19.86
N GLU I 535 13.22 -7.76 18.55
CA GLU I 535 12.33 -8.70 17.88
C GLU I 535 12.49 -10.10 18.46
N MET I 536 13.70 -10.63 18.51
CA MET I 536 13.96 -11.98 19.04
C MET I 536 13.47 -12.09 20.47
N MET I 537 13.79 -11.10 21.27
CA MET I 537 13.34 -11.02 22.66
C MET I 537 11.81 -11.07 22.70
N GLN I 538 11.17 -10.13 22.01
CA GLN I 538 9.74 -9.95 22.06
C GLN I 538 9.02 -11.21 21.59
N ASN I 539 9.51 -11.84 20.49
CA ASN I 539 8.84 -12.95 19.88
C ASN I 539 9.23 -14.29 20.55
N ALA I 540 10.50 -14.64 20.40
CA ALA I 540 10.97 -15.94 20.81
C ALA I 540 10.93 -16.05 22.32
N CYS I 541 11.43 -15.07 23.04
CA CYS I 541 11.40 -15.06 24.51
C CYS I 541 10.11 -14.50 25.08
N GLY I 542 9.15 -14.07 24.20
CA GLY I 542 7.82 -13.69 24.59
C GLY I 542 7.74 -12.51 25.55
N ILE I 543 8.82 -11.74 25.66
CA ILE I 543 8.89 -10.58 26.53
C ILE I 543 8.23 -9.40 25.79
N THR I 544 6.90 -9.45 25.77
CA THR I 544 6.08 -8.46 25.09
C THR I 544 6.12 -7.10 25.79
N ASN I 545 6.33 -7.10 27.11
CA ASN I 545 6.51 -5.87 27.87
C ASN I 545 7.75 -5.13 27.38
N PRO I 546 7.63 -3.97 26.69
CA PRO I 546 8.82 -3.26 26.22
C PRO I 546 9.63 -2.73 27.40
N ILE I 547 9.00 -2.47 28.55
CA ILE I 547 9.73 -2.00 29.71
C ILE I 547 10.76 -3.04 30.13
N HIS I 548 10.31 -4.29 30.27
CA HIS I 548 11.23 -5.37 30.58
C HIS I 548 12.31 -5.49 29.50
N ARG I 549 11.92 -5.37 28.21
CA ARG I 549 12.91 -5.42 27.15
C ARG I 549 13.93 -4.32 27.33
N LEU I 550 13.48 -3.10 27.64
CA LEU I 550 14.37 -1.99 27.90
C LEU I 550 15.34 -2.34 29.02
N LYS I 551 14.83 -2.89 30.15
CA LYS I 551 15.70 -3.25 31.25
C LYS I 551 16.85 -4.14 30.78
N LEU I 552 16.54 -5.25 30.10
CA LEU I 552 17.61 -6.12 29.67
C LEU I 552 18.47 -5.46 28.59
N THR I 553 17.89 -4.60 27.76
CA THR I 553 18.66 -3.80 26.84
C THR I 553 19.73 -3.00 27.58
N GLN I 554 19.40 -2.44 28.75
CA GLN I 554 20.36 -1.68 29.53
C GLN I 554 21.55 -2.54 29.96
N ALA I 555 21.31 -3.82 30.24
CA ALA I 555 22.40 -4.74 30.51
C ALA I 555 23.32 -4.82 29.31
N PHE I 556 22.82 -4.93 28.08
CA PHE I 556 23.64 -5.03 26.89
C PHE I 556 24.20 -3.71 26.41
N GLU I 557 23.57 -2.61 26.78
CA GLU I 557 24.13 -1.27 26.64
C GLU I 557 25.41 -1.17 27.49
N THR I 558 25.36 -1.75 28.70
CA THR I 558 26.39 -1.59 29.72
C THR I 558 27.40 -2.73 29.73
N ALA I 559 27.13 -3.89 29.13
CA ALA I 559 27.97 -5.08 29.13
C ALA I 559 29.09 -4.94 28.11
N LYS I 560 29.64 -3.74 27.93
CA LYS I 560 30.79 -3.46 27.05
C LYS I 560 31.76 -2.51 27.77
N HIS I 561 33.07 -2.72 27.52
CA HIS I 561 34.19 -2.12 28.23
C HIS I 561 34.05 -2.18 29.78
N GLN I 573 66.99 -8.00 21.08
CA GLN I 573 66.00 -7.87 19.98
C GLN I 573 65.98 -6.41 19.47
N ILE I 574 65.91 -6.25 18.13
CA ILE I 574 65.56 -4.98 17.49
C ILE I 574 64.30 -5.17 16.63
N ASP I 575 63.24 -4.42 16.95
CA ASP I 575 62.04 -4.36 16.11
C ASP I 575 62.27 -3.39 14.94
N VAL I 576 62.71 -2.17 15.28
CA VAL I 576 62.80 -1.04 14.37
C VAL I 576 64.20 -0.44 14.46
N PHE I 577 64.81 -0.14 13.31
CA PHE I 577 65.94 0.78 13.24
C PHE I 577 65.45 2.14 12.72
N ILE I 578 65.80 3.23 13.42
CA ILE I 578 65.56 4.59 12.95
C ILE I 578 66.83 5.21 12.35
N SER I 579 66.76 5.51 11.03
CA SER I 579 67.72 6.37 10.37
C SER I 579 67.16 7.79 10.30
N TYR I 580 68.02 8.79 10.51
CA TYR I 580 67.64 10.20 10.52
C TYR I 580 68.87 11.06 10.28
N ARG I 581 68.65 12.28 9.75
CA ARG I 581 69.75 13.25 9.64
C ARG I 581 69.97 13.92 10.99
N ARG I 582 71.18 13.79 11.56
CA ARG I 582 71.57 14.28 12.86
C ARG I 582 71.38 15.78 13.02
N SER I 583 71.53 16.57 11.94
CA SER I 583 71.42 18.02 11.96
C SER I 583 69.98 18.52 12.09
N THR I 584 68.96 17.73 11.68
CA THR I 584 67.60 18.22 11.50
C THR I 584 66.53 17.27 12.03
N GLY I 585 66.80 15.97 12.07
CA GLY I 585 65.80 14.95 12.35
C GLY I 585 65.93 14.34 13.75
N ASN I 586 66.89 14.83 14.57
CA ASN I 586 67.13 14.30 15.90
C ASN I 586 65.85 14.30 16.75
N GLN I 587 65.13 15.43 16.83
CA GLN I 587 63.97 15.54 17.69
C GLN I 587 62.84 14.61 17.26
N LEU I 588 62.53 14.56 15.97
CA LEU I 588 61.47 13.72 15.43
C LEU I 588 61.80 12.23 15.59
N ALA I 589 63.06 11.86 15.25
CA ALA I 589 63.54 10.49 15.43
C ALA I 589 63.40 10.03 16.89
N SER I 590 63.76 10.90 17.83
CA SER I 590 63.60 10.60 19.25
C SER I 590 62.14 10.51 19.65
N LEU I 591 61.29 11.41 19.15
CA LEU I 591 59.86 11.34 19.42
C LEU I 591 59.28 10.00 18.95
N ILE I 592 59.64 9.59 17.72
CA ILE I 592 59.27 8.31 17.13
C ILE I 592 59.74 7.15 18.00
N LYS I 593 61.03 7.19 18.40
CA LYS I 593 61.61 6.17 19.27
C LYS I 593 60.81 6.03 20.56
N VAL I 594 60.49 7.15 21.22
CA VAL I 594 59.76 7.20 22.48
C VAL I 594 58.34 6.66 22.32
N LEU I 595 57.65 7.06 21.25
CA LEU I 595 56.25 6.67 21.05
C LEU I 595 56.16 5.18 20.69
N LEU I 596 57.14 4.66 19.94
CA LEU I 596 57.21 3.24 19.66
C LEU I 596 57.58 2.42 20.92
N GLN I 597 58.38 2.98 21.81
CA GLN I 597 58.60 2.46 23.16
C GLN I 597 57.33 2.41 24.00
N LEU I 598 56.46 3.42 23.88
CA LEU I 598 55.12 3.37 24.51
C LEU I 598 54.26 2.25 23.93
N ARG I 599 54.57 1.80 22.74
CA ARG I 599 53.95 0.68 22.04
C ARG I 599 54.81 -0.60 22.16
N GLY I 600 55.84 -0.59 22.99
CA GLY I 600 56.58 -1.78 23.40
C GLY I 600 57.73 -2.19 22.48
N TYR I 601 57.92 -1.48 21.35
CA TYR I 601 58.89 -1.89 20.34
C TYR I 601 60.33 -1.62 20.76
N ARG I 602 61.23 -2.58 20.52
CA ARG I 602 62.67 -2.35 20.74
C ARG I 602 63.23 -1.52 19.60
N VAL I 603 63.13 -0.20 19.78
CA VAL I 603 63.40 0.74 18.69
C VAL I 603 64.74 1.42 18.96
N PHE I 604 65.77 0.81 18.38
CA PHE I 604 67.10 1.40 18.26
C PHE I 604 67.11 2.38 17.08
N ILE I 605 68.18 3.15 16.96
CA ILE I 605 68.31 4.37 16.17
C ILE I 605 69.79 4.54 15.83
N ASP I 606 70.12 5.34 14.80
CA ASP I 606 71.44 5.36 14.20
C ASP I 606 72.59 5.74 15.10
N VAL I 607 72.43 6.29 16.34
CA VAL I 607 73.47 6.47 17.32
C VAL I 607 73.10 5.79 18.66
N ASP I 608 73.70 4.63 18.91
CA ASP I 608 73.56 3.90 20.17
C ASP I 608 74.58 2.77 20.29
N LYS I 609 74.94 2.41 21.53
CA LYS I 609 75.87 1.34 21.86
C LYS I 609 77.24 1.51 21.20
N LEU I 610 77.66 2.78 20.94
CA LEU I 610 78.91 3.07 20.23
C LEU I 610 80.06 3.04 21.23
N TYR I 611 80.94 2.04 21.09
CA TYR I 611 82.01 1.74 22.03
C TYR I 611 83.22 2.65 21.84
N ALA I 612 83.24 3.34 20.69
CA ALA I 612 84.25 4.33 20.32
C ALA I 612 83.62 5.44 19.45
N GLY I 613 84.43 6.44 19.09
CA GLY I 613 83.95 7.68 18.50
C GLY I 613 83.66 7.60 17.01
N LYS I 614 83.02 6.49 16.56
CA LYS I 614 82.78 6.23 15.16
C LYS I 614 81.49 5.43 14.97
N PHE I 615 80.90 5.54 13.77
CA PHE I 615 79.88 4.62 13.27
C PHE I 615 80.52 3.27 12.92
N ASP I 616 80.69 2.45 13.97
CA ASP I 616 81.13 1.05 13.82
C ASP I 616 80.05 0.16 13.20
N SER I 617 80.44 -1.07 12.86
CA SER I 617 79.61 -2.07 12.20
C SER I 617 78.37 -2.42 13.01
N SER I 618 78.35 -2.07 14.33
CA SER I 618 77.16 -2.20 15.18
C SER I 618 75.96 -1.48 14.57
N LEU I 619 76.16 -0.38 13.83
CA LEU I 619 75.07 0.35 13.18
C LEU I 619 74.38 -0.56 12.15
N LEU I 620 75.20 -1.17 11.26
CA LEU I 620 74.63 -1.96 10.18
C LEU I 620 74.10 -3.31 10.68
N LYS I 621 74.75 -3.88 11.73
CA LYS I 621 74.23 -5.02 12.48
C LYS I 621 72.89 -4.70 13.12
N ASN I 622 72.69 -3.49 13.65
CA ASN I 622 71.41 -3.06 14.21
C ASN I 622 70.33 -3.01 13.14
N ILE I 623 70.70 -2.58 11.92
CA ILE I 623 69.79 -2.61 10.77
C ILE I 623 69.47 -4.06 10.41
N GLN I 624 70.50 -4.94 10.39
CA GLN I 624 70.29 -6.32 9.97
C GLN I 624 69.39 -7.05 10.95
N ALA I 625 69.53 -6.73 12.25
CA ALA I 625 68.76 -7.37 13.30
C ALA I 625 67.35 -6.82 13.35
N ALA I 626 67.14 -5.55 12.92
CA ALA I 626 65.82 -4.93 12.87
C ALA I 626 64.94 -5.63 11.84
N LYS I 627 63.64 -5.67 12.11
CA LYS I 627 62.63 -6.13 11.17
C LYS I 627 62.22 -4.99 10.26
N HIS I 628 62.17 -3.77 10.83
CA HIS I 628 61.61 -2.58 10.19
C HIS I 628 62.66 -1.49 10.13
N PHE I 629 62.62 -0.66 9.09
CA PHE I 629 63.55 0.43 8.94
C PHE I 629 62.80 1.74 8.72
N ILE I 630 62.83 2.63 9.72
CA ILE I 630 62.23 3.95 9.60
C ILE I 630 63.27 4.95 9.11
N LEU I 631 62.92 5.70 8.05
CA LEU I 631 63.77 6.80 7.60
C LEU I 631 63.06 8.12 7.84
N VAL I 632 63.60 8.93 8.77
CA VAL I 632 63.05 10.24 9.06
C VAL I 632 63.56 11.21 8.00
N LEU I 633 62.62 11.86 7.26
CA LEU I 633 62.92 12.75 6.15
C LEU I 633 62.53 14.18 6.50
N THR I 634 63.52 14.98 6.93
CA THR I 634 63.40 16.38 7.27
C THR I 634 63.95 17.26 6.16
N PRO I 635 63.70 18.59 6.15
CA PRO I 635 64.18 19.44 5.07
C PRO I 635 65.68 19.20 4.79
N ASN I 636 66.01 18.93 3.51
CA ASN I 636 67.39 18.79 3.05
C ASN I 636 68.08 17.53 3.57
N SER I 637 67.33 16.58 4.16
CA SER I 637 67.86 15.35 4.70
C SER I 637 68.53 14.49 3.62
N LEU I 638 68.03 14.55 2.37
CA LEU I 638 68.50 13.73 1.28
C LEU I 638 69.57 14.42 0.42
N ASP I 639 69.81 15.72 0.67
CA ASP I 639 70.69 16.51 -0.19
C ASP I 639 72.12 15.97 -0.25
N ARG I 640 72.64 15.48 0.88
CA ARG I 640 74.01 14.96 0.88
C ARG I 640 74.09 13.59 0.21
N LEU I 641 72.95 12.98 -0.10
CA LEU I 641 72.94 11.73 -0.84
C LEU I 641 73.13 11.99 -2.34
N LEU I 642 72.96 13.25 -2.78
CA LEU I 642 73.15 13.57 -4.20
C LEU I 642 74.60 13.33 -4.60
N ASN I 643 74.82 12.54 -5.66
CA ASN I 643 76.14 12.19 -6.18
C ASN I 643 77.00 11.45 -5.15
N ASP I 644 76.34 10.84 -4.15
CA ASP I 644 77.05 10.03 -3.18
C ASP I 644 77.31 8.62 -3.72
N ASP I 645 77.90 8.50 -4.92
CA ASP I 645 78.08 7.21 -5.59
C ASP I 645 79.07 6.33 -4.83
N ASN I 646 79.96 6.96 -4.04
CA ASN I 646 80.96 6.24 -3.28
C ASN I 646 80.42 5.79 -1.92
N CYS I 647 79.11 5.99 -1.69
CA CYS I 647 78.40 5.59 -0.48
C CYS I 647 79.12 6.08 0.78
N GLU I 648 79.51 7.37 0.78
CA GLU I 648 80.23 8.00 1.88
C GLU I 648 79.26 8.46 2.98
N ASP I 649 78.03 8.83 2.58
CA ASP I 649 77.03 9.34 3.51
C ASP I 649 76.48 8.19 4.37
N TRP I 650 76.41 8.40 5.68
CA TRP I 650 75.94 7.34 6.57
C TRP I 650 74.45 7.02 6.40
N VAL I 651 73.60 8.03 6.10
CA VAL I 651 72.21 7.75 5.73
C VAL I 651 72.19 6.86 4.48
N HIS I 652 73.13 7.05 3.52
CA HIS I 652 73.24 6.17 2.36
C HIS I 652 73.61 4.74 2.77
N LYS I 653 74.65 4.58 3.61
CA LYS I 653 75.06 3.27 4.10
C LYS I 653 73.91 2.54 4.81
N GLU I 654 73.21 3.27 5.70
CA GLU I 654 72.06 2.76 6.44
C GLU I 654 70.95 2.29 5.48
N LEU I 655 70.56 3.16 4.54
CA LEU I 655 69.47 2.89 3.61
C LEU I 655 69.82 1.77 2.64
N LYS I 656 71.06 1.77 2.14
CA LYS I 656 71.56 0.71 1.27
C LYS I 656 71.46 -0.65 1.99
N CYS I 657 71.91 -0.70 3.25
CA CYS I 657 71.86 -1.91 4.05
C CYS I 657 70.41 -2.38 4.23
N ALA I 658 69.51 -1.43 4.49
CA ALA I 658 68.09 -1.75 4.65
C ALA I 658 67.54 -2.39 3.37
N PHE I 659 67.88 -1.82 2.21
CA PHE I 659 67.45 -2.33 0.92
C PHE I 659 68.05 -3.71 0.64
N GLU I 660 69.34 -3.90 0.96
CA GLU I 660 70.03 -5.16 0.70
C GLU I 660 69.43 -6.30 1.53
N HIS I 661 68.98 -6.00 2.76
CA HIS I 661 68.45 -7.01 3.65
C HIS I 661 66.92 -7.00 3.66
N GLN I 662 66.32 -6.31 2.68
CA GLN I 662 64.87 -6.33 2.43
C GLN I 662 64.09 -5.97 3.70
N LYS I 663 64.53 -4.92 4.38
CA LYS I 663 63.84 -4.43 5.56
C LYS I 663 62.54 -3.73 5.14
N ASN I 664 61.56 -3.75 6.04
CA ASN I 664 60.27 -3.14 5.88
C ASN I 664 60.43 -1.62 5.99
N ILE I 665 60.79 -0.96 4.86
CA ILE I 665 61.24 0.44 4.84
C ILE I 665 60.06 1.41 4.87
N ILE I 666 60.08 2.37 5.83
CA ILE I 666 59.04 3.38 6.01
C ILE I 666 59.68 4.78 6.04
N PRO I 667 59.65 5.57 4.95
CA PRO I 667 59.95 7.00 5.04
C PRO I 667 58.88 7.75 5.85
N ILE I 668 59.32 8.59 6.78
CA ILE I 668 58.45 9.49 7.52
C ILE I 668 58.81 10.92 7.12
N PHE I 669 57.89 11.59 6.40
CA PHE I 669 58.10 12.90 5.84
C PHE I 669 57.72 13.97 6.85
N ASP I 670 58.68 14.79 7.27
CA ASP I 670 58.40 16.04 7.98
C ASP I 670 57.49 16.94 7.13
N THR I 671 56.69 17.81 7.79
CA THR I 671 55.74 18.66 7.08
C THR I 671 56.41 19.54 6.01
N ALA I 672 57.66 19.96 6.26
CA ALA I 672 58.41 20.84 5.38
C ALA I 672 59.32 20.08 4.41
N PHE I 673 59.30 18.74 4.44
CA PHE I 673 60.18 17.95 3.59
C PHE I 673 59.78 18.02 2.12
N GLU I 674 60.80 18.10 1.26
CA GLU I 674 60.63 18.02 -0.17
C GLU I 674 61.78 17.20 -0.75
N PHE I 675 61.43 16.29 -1.69
CA PHE I 675 62.44 15.53 -2.40
C PHE I 675 63.36 16.47 -3.18
N PRO I 676 64.68 16.17 -3.27
CA PRO I 676 65.58 16.96 -4.13
C PRO I 676 65.11 17.03 -5.59
N THR I 677 65.31 18.21 -6.21
CA THR I 677 64.87 18.49 -7.58
C THR I 677 65.61 17.58 -8.58
N LYS I 678 66.88 17.30 -8.27
CA LYS I 678 67.74 16.47 -9.10
C LYS I 678 67.71 15.04 -8.57
N GLU I 679 66.54 14.39 -8.61
CA GLU I 679 66.34 13.02 -8.14
C GLU I 679 67.26 12.02 -8.85
N ASP I 680 67.58 12.27 -10.12
CA ASP I 680 68.42 11.41 -10.94
C ASP I 680 69.86 11.37 -10.40
N GLN I 681 70.23 12.33 -9.54
CA GLN I 681 71.54 12.37 -8.93
C GLN I 681 71.60 11.52 -7.65
N ILE I 682 70.43 11.08 -7.13
CA ILE I 682 70.45 10.13 -6.02
C ILE I 682 70.98 8.80 -6.56
N PRO I 683 71.99 8.17 -5.91
CA PRO I 683 72.55 6.89 -6.38
C PRO I 683 71.48 5.81 -6.62
N ASN I 684 71.70 4.95 -7.64
CA ASN I 684 70.72 3.99 -8.14
C ASN I 684 70.28 2.99 -7.07
N ASP I 685 71.22 2.62 -6.21
CA ASP I 685 70.99 1.61 -5.18
C ASP I 685 69.98 2.07 -4.13
N ILE I 686 69.79 3.39 -3.98
CA ILE I 686 68.90 3.95 -2.96
C ILE I 686 67.82 4.84 -3.56
N ARG I 687 67.88 5.11 -4.89
CA ARG I 687 66.96 6.03 -5.57
C ARG I 687 65.51 5.62 -5.38
N MET I 688 65.27 4.31 -5.20
CA MET I 688 63.95 3.72 -5.00
C MET I 688 63.19 4.38 -3.84
N ILE I 689 63.91 4.98 -2.87
CA ILE I 689 63.32 5.64 -1.70
C ILE I 689 62.37 6.78 -2.11
N THR I 690 62.60 7.40 -3.26
CA THR I 690 61.76 8.45 -3.80
C THR I 690 60.39 7.93 -4.22
N LYS I 691 60.26 6.61 -4.43
CA LYS I 691 59.02 5.95 -4.87
C LYS I 691 58.59 4.90 -3.83
N TYR I 692 58.69 5.30 -2.56
CA TYR I 692 58.41 4.44 -1.40
C TYR I 692 57.27 4.95 -0.54
N ASN I 693 56.49 4.03 0.04
CA ASN I 693 55.29 4.33 0.83
C ASN I 693 55.70 4.80 2.22
N GLY I 694 55.24 5.97 2.66
CA GLY I 694 55.62 6.58 3.93
C GLY I 694 54.49 7.39 4.58
N VAL I 695 54.82 8.03 5.72
CA VAL I 695 53.89 8.76 6.57
C VAL I 695 54.27 10.23 6.58
N LYS I 696 53.37 11.11 6.12
CA LYS I 696 53.61 12.53 6.34
C LYS I 696 53.32 12.87 7.79
N TRP I 697 54.37 13.21 8.52
CA TRP I 697 54.30 13.55 9.93
C TRP I 697 53.63 14.91 10.07
N VAL I 698 52.47 14.94 10.76
CA VAL I 698 51.83 16.20 11.09
C VAL I 698 51.70 16.27 12.60
N HIS I 699 52.40 17.25 13.20
CA HIS I 699 52.48 17.38 14.64
C HIS I 699 51.11 17.44 15.32
N ASP I 700 50.15 18.09 14.65
CA ASP I 700 48.79 18.25 15.15
C ASP I 700 48.02 16.93 15.19
N TYR I 701 48.44 15.97 14.35
CA TYR I 701 47.81 14.66 14.24
C TYR I 701 48.83 13.57 14.58
N GLN I 702 49.72 13.85 15.55
CA GLN I 702 50.79 12.95 15.96
C GLN I 702 50.28 11.53 16.23
N ASP I 703 49.12 11.44 16.88
CA ASP I 703 48.51 10.17 17.29
C ASP I 703 48.08 9.33 16.06
N ALA I 704 47.49 10.02 15.06
CA ALA I 704 47.07 9.39 13.81
C ALA I 704 48.29 9.02 12.97
N CYS I 705 49.28 9.90 12.91
CA CYS I 705 50.52 9.64 12.19
C CYS I 705 51.19 8.39 12.73
N MET I 706 51.27 8.29 14.07
CA MET I 706 51.89 7.15 14.71
C MET I 706 51.05 5.88 14.49
N ALA I 707 49.71 6.00 14.52
CA ALA I 707 48.84 4.89 14.16
C ALA I 707 49.16 4.37 12.75
N LYS I 708 49.38 5.31 11.80
CA LYS I 708 49.73 4.97 10.42
C LYS I 708 51.10 4.27 10.36
N VAL I 709 52.08 4.77 11.14
CA VAL I 709 53.40 4.16 11.22
C VAL I 709 53.27 2.72 11.70
N VAL I 710 52.47 2.49 12.75
CA VAL I 710 52.25 1.16 13.32
C VAL I 710 51.58 0.25 12.29
N ARG I 711 50.65 0.78 11.49
CA ARG I 711 50.00 0.03 10.42
C ARG I 711 51.01 -0.42 9.37
N PHE I 712 51.95 0.45 9.02
CA PHE I 712 53.00 0.11 8.05
C PHE I 712 53.96 -0.92 8.63
N ILE I 713 54.21 -0.86 9.94
CA ILE I 713 55.04 -1.83 10.68
C ILE I 713 54.35 -3.21 10.72
N THR I 714 53.05 -3.24 11.06
CA THR I 714 52.28 -4.47 11.25
C THR I 714 51.74 -5.06 9.93
N GLY I 715 51.76 -4.25 8.85
CA GLY I 715 51.37 -4.65 7.51
C GLY I 715 49.88 -4.85 7.36
#